data_9LWF
#
_entry.id   9LWF
#
_cell.length_a   1.00
_cell.length_b   1.00
_cell.length_c   1.00
_cell.angle_alpha   90.00
_cell.angle_beta   90.00
_cell.angle_gamma   90.00
#
_symmetry.space_group_name_H-M   'P 1'
#
loop_
_entity.id
_entity.type
_entity.pdbx_description
1 polymer 'GATOR2 complex protein MIOS'
2 polymer 'GATOR2 complex protein WDR24'
3 polymer 'GATOR2 complex protein WDR59'
4 polymer 'Isoform B of Nucleoporin SEH1'
5 polymer 'Isoform 3 of Protein SEC13 homolog'
6 polymer 'Cytosolic arginine sensor for mTORC1 subunit 1'
7 polymer Sestrin-2
8 non-polymer 'ZINC ION'
#
loop_
_entity_poly.entity_id
_entity_poly.type
_entity_poly.pdbx_seq_one_letter_code
_entity_poly.pdbx_strand_id
1 'polypeptide(L)'
;MSGTKPDILWAPHHVDRFVVCDSELSLYHVESTVNSELKAGSLRLSEDSAATLLSINSDTPYMKCVAWYLNYDPECLLAV
GQANGRVVLTSLGQDHNSKFKDLIGKEFVPKHARQCNTLAWNPLDSNWLAAGLDKHRADFSVLIWDICSKYTPDIVPMEK
VKLSAGETETTLLVTKPLYELGQNDACLSLCWLPRDQKLLLAGMHRNLAIFDLRNTSQKMFVNTKAVQGVTVDPYFHDRV
ASFYEGQVAIWDLRKFEKPVLTLTEQPKPLTKVAWCPTRTGLLATLTRDSNIIRLYDMQHTPTPIGDETEPTIIERSVQP
CDNYIASFAWHPTSQNRMIVVTPNRTMSDFTVFERISLAWSPITSLMWACGRHLYECTEEENDNSLEKDIATKMRLRALS
RYGLDTEQVWRNHILAGNEDPQLKSLWYTLHFMKQYTEDMDQKSPGNKGSLVYAGIKSIVKSSLGMVESSRHNWSGLDKQ
SDIQNLNEERILALQLCGWIKKGTDVDVGPFLNSLVQEGEWERAAAVALFNLDIRRAIQILNEGASSEKGDLNLNVVAMA
LSGYTDEKNSLWREMCSTLRLQLNNPYLCVMFAFLTSETGSYDGVLYENKVAVRDRVAFACKFLSDTQLNRYIEKLTNEM
KEAGNLEGILLTGLTKDGVDLMESYVDRTGDVQTASYCMLQGSPLDVLKDERVQYWIENYRNLLDAWRFWHKRAEFDIHR
SKLDPSSKPLAQVFVSCNFCGKSISYSCSAVPHQGRGFSQYGVSGSPTKSKVTSCPGCRKPLPRCALCLINMGTPVSSCP
GGTKSDEKVDLSKDKKLAQFNNWFTWCHNCRHGGHAGHMLSWFRDHAECPVSACTCKCMQLDTTGNLVPAETVQP
;
A,B,K,L
2 'polypeptide(L)'
;MEKMSRVTTALGGSVLTGRTMHCHLDAPANAISVCRDAAQVVVAGRSIFKIYAIEEEQFVEKLNLRVGRKPSLNLSCADV
VWHQMDENLLATAATNGVVVTWNLGRPSRNKQDQLFTEHKRTVNKVCFHPTEAHVLLSGSQDGFMKCFDLRRKDSVSTFS
GQSESVRDVQFSIRDYFTFASTFENGNVQLWDIRRPDRCERMFTAHNGPVFCCDWHPEDRGWLATGGRDKMVKVWDMTTH
RAKEMHCVQTIASVARVKWRPECRHHLATCSMMVDHNIYVWDVRRPFVPAAMFEEHRDVTTGIAWRHPHDPSFLLSGSKD
SSLCQHLFRDASQPVERANPEGLCYGLFGDLAFAAKESLVAAESGRKPYTGDRRHPIFFKRKLDPAEPFAGLASSALSVF
ETEPGGGGMRWFVDTAERYALAGRPLAELCDHNAKVARELGRNQVAQTWTMLRIIYCSPGLVPTANLNHSVGKGGSCGLP
LMNSFNLKDMAPGLGSETRLDRSKGDARSDTVLLDSSATLITNEDNEETEGSDVPADYLLGDVEGEEDELYLLDPEHAHP
EDPECVLPQEAFPLRHEIVDTPPGPEHLQDKADSPHVSGSEADVASLAPVDSSFSLLSVSHALYDSRLPPDFFGVLVRDM
LHFYAEQGDVQMAVSVLIVLGERVRKDIDEQTQEHWYTSYIDLLQRFRLWNVSNEVVKLSTSRAVSCLNQASTTLHVNCS
HCKRPMSSRGWVCDRCHRCASMCAVCHHVVKGLFVWCQGCSHGGHLQHIMKWLEGSSHCPAGCGHLCEYS
;
C,I
3 'polypeptide(L)'
;MAARWSSENVVVEFRDSQATAMSVDCLGQHAVLSGRRFLYIVNLDAPFEGHRKISRQSKWDIGAVQWNPHDSFAHYFAAS
SNQRVDLYKWKDGSGEVGTTLQGHTRVISDLDWAVFEPDLLVTSSVDTYIYIWDIKDTRKPTVALSAVAGASQVKWNKKN
ANCLATSHDGDVRIWDKRKPSTAVEYLAAHLSKIHGLDWHPDSEHILATSSQDNSVKFWDYRQPRKYLNILPCQVPVWKA
RYTPFSNGLVTVMVPQLRRENSLLLWNVFDLNTPVHTFVGHDDVVLEFQWRKQKEGSKDYQLVTWSRDQTLRMWRVDSQM
QRLCANDILDGVDEFIESISLLPEPEKTLHTEDTDHQHTASHGEEEALKEDPPRNLLEERKSDQLGLPQTLQQEFSLINV
QIRNVNVEMDAADRSCTVSVHCSNHRVKMLVKFPAQYPNNAAPSFQFINPTTITSTMKAKLLKILKDTALQKVKRGQSCL
EPCLRQLVSCLESFVNQEDSASSNPFALPNSVTPPLPTFARVTTAYGSYQDANIPFPRTSGARFCGAGYLVYFTRPMTMH
RAVSPTEPTPRSLSALSAYHTGLIAPMKIRTEAPGNLRLYSGSPTRSEKEQVSISSFYYKERKSRRWKSKREGSDSGNRQ
IKAAGKVIIQDIACLLPVHKSLGELYILNVNDIQETCQKNAASALLVGRKDLVQVWSLATVATDLCLGPKSDPDLETPWA
RHPFGRQLLESLLAHYCRLRDVQTLAMLCSVFEAQSRPQGLPNPFGPFPNRSSNLVVSHSRYPSFTSSGSCSSMSDPGLN
TGGWNIAGREAEHLSSPWGESSPEELRFGSLTYSDPRERERDQHDKNKRLLDPANTQQFDDFKKCYGEILYRWGLREKRA
EVLKFVSCPPDPHKGIEFGVYCSHCRSEVRGTQCAICKGFTFQCAICHVAVRGSSNFCLTCGHGGHTSHMMEWFRTQEVC
PTGCGCHCLLESTF
;
D,N
4 'polypeptide(L)'
;MFVARSIAADHKDLIHDVSFDFHGRRMATCSSDQSVKVWDKSESGDWHCTASWKTHSGSVWRVTWAHPEFGQVLASCSFD
RTAAVWEEIVGESNDKLRGQSHWVKRTTLVDSRTSVTDVKFAPKHMGLMLATCSADGIVRIYEAPDVMNLSQWSLQHEIS
CKLSCSCISWNPSSSRAHSPMIAVGSDDSSPNAMAKVQIFEYNENTRKYAKAETLMTVTDPVHDIAFAPNLGRSFHILAI
ATKDVRIFTLKPVRKELTSSGGPTKFEIHIVAQFDNHNSQVWRVSWNITGTVLASSGDDGCVRLWKANYMDNWKCTGILK
GNGSPVNGSSQQGTSNPSLGSTIPSLQNSLNGSSAGRYFFTPLDSPRAGSRWSSYAQLLPPPPPPLVEHSCDADTANLQY
PHPRRRYLSRPLNPLPENEGI
;
E,F,G,O,P,Q
5 'polypeptide(L)'
;MREPVLTWCVPLELLCSHPLPLSAFLKSQVKLYTYRACAGKDEMGKMVSVINTVDTSHEDMIHDAQMDYYGTRLATCSSD
RSVKIFDVRNGGQILIADLRGHEGPVWQVAWAHPMYGNILASCSYDRKVIIWREENGTWEKSHEHAGHDSSVNSVCWAPH
DYGLILACGSSDGAISLLTYTGEGQWEVKKINNAHTIGCNAVSWAPAVVPGSLIDHPSGQKPNYIKRFASGGCDNLIKLW
KEEEDGQWKEEQKLEAHSDWVRDVAWAPSIGLPTSTIASCSQDGRVFIWTCDDASSNTWSPKLLHKFNDVVWHVSWSITA
NILAVSGGDNKVTLWKESVDGQWVCISDVNKGQGSVSASVTEGQQNEQ
;
H,R
6 'polypeptide(L)'
;MELHILEHRVRVLSVARPGLWLYTHPLIKLLFLPRRSRCKFFSLTETPEDYTLMVDEEGFKELPPSEFLQVAEATWLVLN
VSSHSGAAVQAAGVTKIARSVIAPLAEHHVSVLMLSTYQTDFILVREQDLSVVIHTLAQEFDIYREVGGEPVPVTRDDSS
NGFPRTQHGPSPTVHPIQSPQNRFCVLTLDPETLPAIATTLIDVLFYSHSTPKEAASSSPEPSSITFFAFSLIEGYISIV
MDAETQKKFPSDLLLTSSSGELWRMVRIGGQPLGFDECGIVAQIAGPLAAADISAYYISTFNFAHALVPEDGIGSVIEVL
QRRQEGLAS
;
U,V
7 'polypeptide(L)'
;MIVADSECRAELKDYLRFAPGGVGDSGPGEEQRESRARRGPRGPSAFIPVEEVLREGAESLEQHLGLEALMSSGRVDNLA
VVMGLHPDYFTSFWRLHYLLLHTDGPLASSWRHYIAIMAAARHQCSYLVGSHMAEFLQTGGDPEWLLGLHRAPEKLRKLS
EINKLLAHRPWLITKEHIQALLKTGEHTWSLAELIQALVLLTHCHSLSSFVFGCGILPEGDADGSPAPQAPTPPSEQSSP
PSRDPLNNSGGFESARDVEALMERMQQLQESLLRDEGTSQEEMESRFELEKSESLLVTPSADILEPSPHPDMLCFVEDPT
FGYEDFTRRGAQAPPTFRAQDYTWEDHGYSLIQRLYPEGGQLLDEKFQAAYSLTFNTIAMHSGVDTSVLRRAIWNYIHCV
FGIRYDDYDYGEVNQLLERNLKVYIKTVACYPEKTTRRMYNLFWRHFRHSEKVHVNLLLLEARMQAALLYALRAITRYMT
;
X,Y
#
# COMPACT_ATOMS: atom_id res chain seq x y z
N LYS A 5 -69.26 13.33 26.88
CA LYS A 5 -69.04 12.27 25.90
C LYS A 5 -67.68 12.41 25.22
N PRO A 6 -66.66 11.75 25.77
CA PRO A 6 -65.34 11.80 25.15
C PRO A 6 -65.39 11.26 23.73
N ASP A 7 -64.68 11.95 22.83
CA ASP A 7 -64.70 11.60 21.42
C ASP A 7 -63.28 11.68 20.88
N ILE A 8 -63.09 11.17 19.68
CA ILE A 8 -61.78 11.11 19.04
C ILE A 8 -61.81 11.97 17.80
N LEU A 9 -60.79 12.81 17.64
CA LEU A 9 -60.66 13.66 16.47
C LEU A 9 -59.31 13.42 15.82
N TRP A 10 -59.31 13.12 14.53
CA TRP A 10 -58.08 12.90 13.80
C TRP A 10 -57.44 14.23 13.42
N ALA A 11 -56.11 14.27 13.45
CA ALA A 11 -55.40 15.49 13.13
C ALA A 11 -55.65 15.87 11.67
N PRO A 12 -55.81 17.16 11.37
CA PRO A 12 -56.12 17.56 9.99
C PRO A 12 -55.05 17.19 8.98
N HIS A 13 -53.77 17.20 9.36
CA HIS A 13 -52.68 17.00 8.41
C HIS A 13 -51.69 15.94 8.85
N HIS A 14 -52.06 15.04 9.77
CA HIS A 14 -51.19 13.96 10.21
C HIS A 14 -51.85 12.63 9.91
N VAL A 15 -51.09 11.71 9.32
CA VAL A 15 -51.63 10.40 8.98
C VAL A 15 -51.46 9.38 10.09
N ASP A 16 -50.49 9.56 10.99
CA ASP A 16 -50.27 8.65 12.09
C ASP A 16 -50.56 9.26 13.45
N ARG A 17 -50.58 10.58 13.56
CA ARG A 17 -50.83 11.24 14.83
C ARG A 17 -52.34 11.42 15.03
N PHE A 18 -52.85 10.86 16.12
CA PHE A 18 -54.27 10.88 16.41
C PHE A 18 -54.52 11.57 17.74
N VAL A 19 -55.63 12.30 17.81
CA VAL A 19 -56.05 13.00 19.01
C VAL A 19 -57.30 12.32 19.54
N VAL A 20 -57.30 12.01 20.83
CA VAL A 20 -58.43 11.39 21.50
C VAL A 20 -58.79 12.24 22.71
N CYS A 21 -59.98 12.83 22.67
CA CYS A 21 -60.41 13.73 23.75
C CYS A 21 -60.82 12.93 24.97
N ASP A 22 -60.31 13.33 26.13
CA ASP A 22 -60.54 12.64 27.39
C ASP A 22 -60.52 13.69 28.50
N SER A 23 -60.36 13.24 29.74
CA SER A 23 -60.30 14.17 30.87
C SER A 23 -59.25 15.25 30.65
N GLU A 24 -58.08 14.88 30.14
CA GLU A 24 -57.05 15.83 29.75
C GLU A 24 -56.69 15.58 28.29
N LEU A 25 -56.47 16.66 27.55
CA LEU A 25 -56.19 16.56 26.12
C LEU A 25 -54.95 15.70 25.89
N SER A 26 -55.06 14.75 24.95
CA SER A 26 -54.01 13.77 24.73
C SER A 26 -53.82 13.56 23.24
N LEU A 27 -52.56 13.56 22.80
CA LEU A 27 -52.19 13.29 21.41
C LEU A 27 -51.22 12.12 21.37
N TYR A 28 -51.47 11.17 20.47
CA TYR A 28 -50.60 10.02 20.28
C TYR A 28 -50.27 9.86 18.81
N HIS A 29 -49.01 9.56 18.52
CA HIS A 29 -48.53 9.37 17.16
C HIS A 29 -48.07 7.92 16.98
N VAL A 30 -48.45 7.32 15.86
CA VAL A 30 -48.08 5.93 15.57
C VAL A 30 -46.61 5.85 15.15
N LEU A 43 -48.81 1.97 23.63
CA LEU A 43 -50.15 1.59 23.25
C LEU A 43 -50.14 0.70 22.01
N ARG A 44 -50.14 -0.61 22.23
CA ARG A 44 -50.09 -1.58 21.13
C ARG A 44 -51.45 -1.59 20.45
N LEU A 45 -51.58 -0.79 19.39
CA LEU A 45 -52.85 -0.71 18.67
C LEU A 45 -53.19 -2.04 18.02
N SER A 46 -52.21 -2.73 17.45
CA SER A 46 -52.42 -4.01 16.78
C SER A 46 -51.23 -4.90 17.06
N GLU A 47 -51.15 -6.02 16.32
CA GLU A 47 -50.04 -6.94 16.50
C GLU A 47 -48.71 -6.30 16.13
N ASP A 48 -48.70 -5.52 15.04
CA ASP A 48 -47.48 -4.86 14.57
C ASP A 48 -47.61 -3.34 14.56
N SER A 49 -48.52 -2.79 15.37
CA SER A 49 -48.74 -1.36 15.44
C SER A 49 -48.60 -0.88 16.88
N ALA A 50 -47.92 0.25 17.06
CA ALA A 50 -47.71 0.85 18.36
C ALA A 50 -47.98 2.35 18.28
N ALA A 51 -48.50 2.91 19.38
CA ALA A 51 -48.83 4.33 19.46
C ALA A 51 -48.01 4.97 20.57
N THR A 52 -47.43 6.14 20.28
CA THR A 52 -46.58 6.86 21.22
C THR A 52 -47.17 8.24 21.48
N LEU A 53 -47.25 8.62 22.75
CA LEU A 53 -47.76 9.93 23.11
C LEU A 53 -46.76 11.03 22.75
N LEU A 54 -47.28 12.23 22.53
CA LEU A 54 -46.48 13.39 22.19
C LEU A 54 -46.44 14.43 23.30
N SER A 55 -47.59 14.91 23.75
CA SER A 55 -47.68 15.85 24.85
C SER A 55 -49.08 15.79 25.43
N ILE A 56 -49.22 16.28 26.65
CA ILE A 56 -50.51 16.29 27.34
C ILE A 56 -50.74 17.67 27.94
N ASN A 57 -51.92 18.23 27.69
CA ASN A 57 -52.32 19.51 28.23
C ASN A 57 -53.55 19.31 29.11
N SER A 58 -53.56 19.97 30.27
CA SER A 58 -54.65 19.84 31.22
C SER A 58 -55.10 21.17 31.80
N ASP A 59 -55.05 22.25 31.02
CA ASP A 59 -55.51 23.56 31.46
C ASP A 59 -57.01 23.75 31.31
N THR A 60 -57.71 22.84 30.63
CA THR A 60 -59.12 23.01 30.32
C THR A 60 -59.98 22.22 31.29
N PRO A 61 -60.72 22.86 32.19
CA PRO A 61 -61.66 22.12 33.04
C PRO A 61 -63.07 22.10 32.49
N TYR A 62 -63.72 20.95 32.64
CA TYR A 62 -65.13 20.75 32.26
C TYR A 62 -65.34 21.03 30.77
N MET A 63 -64.71 20.21 29.94
CA MET A 63 -64.83 20.35 28.49
C MET A 63 -66.08 19.64 28.00
N LYS A 64 -66.82 20.28 27.10
CA LYS A 64 -68.04 19.72 26.51
C LYS A 64 -67.95 19.54 25.01
N CYS A 65 -67.56 20.58 24.27
CA CYS A 65 -67.44 20.52 22.82
C CYS A 65 -66.03 20.93 22.41
N VAL A 66 -65.48 20.28 21.39
CA VAL A 66 -64.11 20.53 20.96
C VAL A 66 -64.07 20.68 19.45
N ALA A 67 -62.95 21.23 18.98
CA ALA A 67 -62.69 21.41 17.55
C ALA A 67 -61.18 21.52 17.35
N TRP A 68 -60.75 21.37 16.11
CA TRP A 68 -59.34 21.48 15.76
C TRP A 68 -59.17 22.51 14.64
N TYR A 69 -58.00 23.16 14.64
CA TYR A 69 -57.72 24.19 13.65
C TYR A 69 -57.60 23.58 12.26
N LEU A 70 -58.20 24.25 11.27
CA LEU A 70 -58.21 23.72 9.91
C LEU A 70 -56.85 23.85 9.24
N ASN A 71 -56.16 24.97 9.42
CA ASN A 71 -54.90 25.20 8.75
C ASN A 71 -53.80 24.30 9.32
N TYR A 72 -52.86 23.93 8.46
CA TYR A 72 -51.72 23.13 8.90
C TYR A 72 -50.87 23.89 9.91
N ASP A 73 -50.67 25.19 9.67
CA ASP A 73 -49.99 26.04 10.63
C ASP A 73 -51.03 26.84 11.40
N PRO A 74 -51.06 26.76 12.74
CA PRO A 74 -50.20 25.97 13.62
C PRO A 74 -50.62 24.50 13.69
N GLU A 75 -49.71 23.62 14.07
CA GLU A 75 -50.00 22.19 14.17
C GLU A 75 -50.35 21.84 15.61
N CYS A 76 -51.21 20.82 15.75
CA CYS A 76 -51.69 20.35 17.06
C CYS A 76 -52.41 21.46 17.82
N LEU A 77 -52.99 22.41 17.09
CA LEU A 77 -53.74 23.51 17.67
C LEU A 77 -55.22 23.20 17.58
N LEU A 78 -55.90 23.18 18.74
CA LEU A 78 -57.31 22.84 18.81
C LEU A 78 -58.06 23.93 19.56
N ALA A 79 -59.33 24.11 19.20
CA ALA A 79 -60.21 25.06 19.86
C ALA A 79 -61.28 24.30 20.63
N VAL A 80 -61.43 24.61 21.91
CA VAL A 80 -62.25 23.82 22.81
C VAL A 80 -63.12 24.76 23.63
N GLY A 81 -64.38 24.35 23.85
CA GLY A 81 -65.29 25.11 24.68
C GLY A 81 -65.58 24.41 25.99
N GLN A 82 -65.47 25.14 27.10
CA GLN A 82 -65.67 24.55 28.42
C GLN A 82 -67.16 24.55 28.79
N ALA A 83 -67.43 24.16 30.04
CA ALA A 83 -68.80 24.11 30.52
C ALA A 83 -69.31 25.50 30.86
N ASN A 84 -68.48 26.33 31.48
CA ASN A 84 -68.89 27.70 31.76
C ASN A 84 -69.05 28.53 30.50
N GLY A 85 -68.51 28.06 29.37
CA GLY A 85 -68.65 28.74 28.08
C GLY A 85 -67.36 29.27 27.51
N ARG A 86 -66.20 28.90 28.05
CA ARG A 86 -64.94 29.49 27.63
C ARG A 86 -64.37 28.75 26.42
N VAL A 87 -64.05 29.50 25.37
CA VAL A 87 -63.45 28.97 24.15
C VAL A 87 -62.06 29.58 24.01
N VAL A 88 -61.04 28.82 24.39
CA VAL A 88 -59.66 29.29 24.36
C VAL A 88 -58.85 28.32 23.53
N LEU A 89 -58.53 28.73 22.30
CA LEU A 89 -57.77 27.87 21.40
C LEU A 89 -56.46 27.44 22.05
N THR A 90 -56.22 26.13 22.06
CA THR A 90 -55.10 25.54 22.76
C THR A 90 -54.24 24.76 21.79
N SER A 91 -52.92 24.86 21.94
CA SER A 91 -51.97 24.06 21.20
C SER A 91 -51.39 23.00 22.12
N LEU A 92 -50.96 21.88 21.54
CA LEU A 92 -50.38 20.79 22.31
C LEU A 92 -48.98 20.40 21.86
N GLY A 93 -48.57 20.76 20.65
CA GLY A 93 -47.30 20.30 20.11
C GLY A 93 -46.11 21.06 20.67
N GLN A 94 -44.93 20.59 20.28
CA GLN A 94 -43.66 21.22 20.67
C GLN A 94 -43.41 22.40 19.74
N ASP A 95 -44.03 23.53 20.07
CA ASP A 95 -43.93 24.74 19.26
C ASP A 95 -43.04 25.76 19.95
N HIS A 96 -41.97 26.17 19.27
CA HIS A 96 -41.13 27.27 19.72
C HIS A 96 -41.03 28.40 18.71
N ASN A 97 -41.74 28.33 17.58
CA ASN A 97 -41.63 29.30 16.49
C ASN A 97 -43.02 29.70 16.01
N SER A 98 -43.89 30.06 16.94
CA SER A 98 -45.28 30.36 16.62
C SER A 98 -45.39 31.57 15.69
N LYS A 99 -46.17 31.42 14.62
CA LYS A 99 -46.39 32.53 13.71
C LYS A 99 -47.13 33.66 14.41
N PHE A 100 -48.11 33.32 15.24
CA PHE A 100 -48.83 34.32 16.02
C PHE A 100 -49.30 33.64 17.30
N LYS A 101 -48.75 34.06 18.43
CA LYS A 101 -49.16 33.55 19.73
C LYS A 101 -50.21 34.42 20.41
N ASP A 102 -50.78 35.38 19.67
CA ASP A 102 -51.81 36.25 20.25
C ASP A 102 -53.03 35.47 20.70
N LEU A 103 -53.34 34.35 20.03
CA LEU A 103 -54.42 33.47 20.44
C LEU A 103 -53.95 32.34 21.35
N ILE A 104 -52.66 32.24 21.61
CA ILE A 104 -52.15 31.13 22.42
C ILE A 104 -52.66 31.27 23.85
N GLY A 105 -53.60 30.42 24.23
CA GLY A 105 -54.25 30.48 25.52
C GLY A 105 -55.32 31.55 25.62
N LYS A 106 -55.48 32.39 24.61
CA LYS A 106 -56.43 33.47 24.66
C LYS A 106 -57.86 32.96 24.60
N GLU A 107 -58.73 33.55 25.41
CA GLU A 107 -60.14 33.22 25.45
C GLU A 107 -60.93 34.24 24.64
N PHE A 108 -62.24 34.01 24.56
CA PHE A 108 -63.19 34.92 23.92
C PHE A 108 -64.51 34.78 24.69
N VAL A 109 -64.75 35.70 25.61
CA VAL A 109 -65.89 35.55 26.52
C VAL A 109 -67.19 35.88 25.80
N PRO A 110 -68.14 34.96 25.70
CA PRO A 110 -69.46 35.31 25.16
C PRO A 110 -70.25 36.16 26.15
N LYS A 111 -71.27 36.85 25.60
CA LYS A 111 -71.99 37.83 26.40
C LYS A 111 -72.95 37.18 27.40
N HIS A 112 -73.16 35.87 27.31
CA HIS A 112 -74.11 35.18 28.17
C HIS A 112 -73.47 33.95 28.81
N ALA A 113 -73.94 33.63 30.02
CA ALA A 113 -73.44 32.47 30.76
C ALA A 113 -74.17 31.22 30.29
N ARG A 114 -73.43 30.28 29.70
CA ARG A 114 -74.02 29.08 29.12
C ARG A 114 -72.91 28.07 28.87
N GLN A 115 -73.25 27.00 28.15
CA GLN A 115 -72.30 26.00 27.71
C GLN A 115 -72.44 25.82 26.21
N CYS A 116 -71.31 25.83 25.51
CA CYS A 116 -71.34 25.64 24.06
C CYS A 116 -71.73 24.22 23.72
N ASN A 117 -72.58 24.06 22.69
CA ASN A 117 -73.04 22.75 22.26
C ASN A 117 -72.14 22.20 21.15
N THR A 118 -71.97 22.95 20.06
CA THR A 118 -71.13 22.50 18.96
C THR A 118 -70.61 23.71 18.20
N LEU A 119 -69.36 23.59 17.74
CA LEU A 119 -68.71 24.65 16.98
C LEU A 119 -67.96 24.00 15.83
N ALA A 120 -67.97 24.65 14.67
CA ALA A 120 -67.30 24.10 13.51
C ALA A 120 -66.63 25.21 12.72
N TRP A 121 -65.33 25.05 12.47
CA TRP A 121 -64.61 25.99 11.61
C TRP A 121 -65.09 25.83 10.17
N ASN A 122 -65.27 26.96 9.49
CA ASN A 122 -65.82 26.93 8.14
C ASN A 122 -64.86 26.24 7.19
N PRO A 123 -65.35 25.42 6.26
CA PRO A 123 -64.43 24.73 5.34
C PRO A 123 -63.59 25.67 4.47
N LEU A 124 -64.17 26.80 4.04
CA LEU A 124 -63.46 27.68 3.11
C LEU A 124 -62.39 28.50 3.83
N ASP A 125 -62.70 29.00 5.02
CA ASP A 125 -61.83 29.94 5.72
C ASP A 125 -61.12 29.22 6.87
N SER A 126 -59.86 29.58 7.09
CA SER A 126 -59.09 28.94 8.15
C SER A 126 -59.45 29.47 9.53
N ASN A 127 -59.75 30.76 9.65
CA ASN A 127 -59.82 31.43 10.95
C ASN A 127 -61.24 31.69 11.44
N TRP A 128 -62.26 31.14 10.78
CA TRP A 128 -63.65 31.39 11.12
C TRP A 128 -64.28 30.12 11.68
N LEU A 129 -64.84 30.21 12.88
CA LEU A 129 -65.50 29.09 13.53
C LEU A 129 -66.72 29.59 14.30
N ALA A 130 -67.91 29.13 13.90
CA ALA A 130 -69.17 29.54 14.50
C ALA A 130 -69.62 28.48 15.51
N ALA A 131 -70.08 28.93 16.67
CA ALA A 131 -70.51 28.05 17.75
C ALA A 131 -71.94 28.37 18.16
N GLY A 132 -72.67 27.33 18.56
CA GLY A 132 -74.04 27.46 19.00
C GLY A 132 -74.20 27.03 20.45
N LEU A 133 -74.72 27.94 21.27
CA LEU A 133 -74.81 27.78 22.71
C LEU A 133 -76.06 27.00 23.08
N ASP A 134 -76.38 27.03 24.37
CA ASP A 134 -77.55 26.33 24.89
C ASP A 134 -78.82 27.13 24.58
N LYS A 135 -79.93 26.73 25.20
CA LYS A 135 -81.23 27.35 24.95
C LYS A 135 -81.35 28.61 25.78
N HIS A 136 -80.92 29.73 25.21
CA HIS A 136 -81.05 31.03 25.86
C HIS A 136 -82.46 31.59 25.65
N ARG A 137 -82.78 32.62 26.43
CA ARG A 137 -84.13 33.19 26.40
C ARG A 137 -84.30 34.18 25.26
N ALA A 138 -83.51 35.26 25.27
CA ALA A 138 -83.62 36.31 24.25
C ALA A 138 -82.23 36.74 23.81
N ASP A 139 -81.25 35.85 23.94
CA ASP A 139 -79.88 36.10 23.52
C ASP A 139 -79.45 35.02 22.55
N PHE A 140 -78.63 35.41 21.59
CA PHE A 140 -78.40 34.58 20.42
C PHE A 140 -77.79 33.24 20.80
N SER A 141 -77.70 32.34 19.82
CA SER A 141 -77.03 31.05 20.00
C SER A 141 -75.87 30.84 19.04
N VAL A 142 -76.06 31.04 17.74
CA VAL A 142 -75.05 30.72 16.73
C VAL A 142 -74.53 32.01 16.14
N LEU A 143 -73.23 32.25 16.30
CA LEU A 143 -72.64 33.50 15.84
C LEU A 143 -71.30 33.22 15.19
N ILE A 144 -70.89 34.12 14.29
CA ILE A 144 -69.60 34.04 13.60
C ILE A 144 -68.64 34.97 14.31
N TRP A 145 -67.61 34.40 14.93
CA TRP A 145 -66.58 35.15 15.63
C TRP A 145 -65.24 34.90 14.97
N ASP A 146 -64.55 35.98 14.60
CA ASP A 146 -63.29 35.89 13.87
C ASP A 146 -62.14 35.68 14.85
N ILE A 147 -61.26 34.72 14.52
CA ILE A 147 -60.10 34.44 15.38
C ILE A 147 -58.93 35.38 15.13
N CYS A 148 -58.96 36.12 14.01
CA CYS A 148 -57.89 37.07 13.65
C CYS A 148 -56.54 36.37 13.49
N SER A 149 -55.68 36.53 14.49
CA SER A 149 -54.35 35.92 14.44
C SER A 149 -53.88 35.50 15.83
N THR A 175 -63.74 40.36 20.33
CA THR A 175 -64.32 41.10 21.43
C THR A 175 -65.83 40.91 21.45
N LYS A 176 -66.41 40.89 20.25
CA LYS A 176 -67.80 40.56 20.00
C LYS A 176 -67.90 39.76 18.72
N PRO A 177 -68.96 38.96 18.55
CA PRO A 177 -69.11 38.20 17.31
C PRO A 177 -69.37 39.13 16.13
N LEU A 178 -69.02 38.65 14.93
CA LEU A 178 -69.22 39.47 13.73
C LEU A 178 -70.61 39.29 13.13
N TYR A 179 -71.34 38.23 13.49
CA TYR A 179 -72.69 38.03 12.97
C TYR A 179 -73.41 37.01 13.84
N GLU A 180 -74.49 37.44 14.49
CA GLU A 180 -75.28 36.58 15.36
C GLU A 180 -76.72 36.57 14.91
N LEU A 181 -77.33 35.39 14.91
CA LEU A 181 -78.72 35.21 14.51
C LEU A 181 -79.26 33.99 15.24
N GLY A 182 -80.45 33.53 14.81
CA GLY A 182 -81.05 32.35 15.40
C GLY A 182 -81.92 32.65 16.61
N GLN A 183 -82.79 33.65 16.48
CA GLN A 183 -83.71 33.98 17.56
C GLN A 183 -84.78 32.90 17.71
N ASN A 184 -85.22 32.69 18.96
CA ASN A 184 -86.23 31.68 19.27
C ASN A 184 -85.82 30.29 18.78
N ASP A 185 -84.59 29.91 19.10
CA ASP A 185 -84.07 28.60 18.72
C ASP A 185 -82.83 28.28 19.56
N ALA A 186 -82.56 26.98 19.70
CA ALA A 186 -81.37 26.49 20.37
C ALA A 186 -80.55 25.67 19.39
N CYS A 187 -79.26 26.01 19.25
CA CYS A 187 -78.40 25.38 18.26
C CYS A 187 -77.89 24.04 18.81
N LEU A 188 -78.69 23.00 18.57
CA LEU A 188 -78.26 21.65 18.91
C LEU A 188 -77.07 21.23 18.07
N SER A 189 -77.06 21.61 16.79
CA SER A 189 -75.94 21.32 15.91
C SER A 189 -75.90 22.37 14.81
N LEU A 190 -74.73 22.52 14.20
CA LEU A 190 -74.54 23.43 13.08
C LEU A 190 -73.50 22.83 12.15
N CYS A 191 -73.50 23.32 10.91
CA CYS A 191 -72.58 22.78 9.92
C CYS A 191 -72.32 23.84 8.86
N TRP A 192 -71.28 23.61 8.07
CA TRP A 192 -70.89 24.49 6.99
C TRP A 192 -71.05 23.78 5.65
N LEU A 193 -71.41 24.55 4.62
CA LEU A 193 -71.58 23.98 3.29
C LEU A 193 -70.22 23.60 2.71
N PRO A 194 -70.01 22.34 2.31
CA PRO A 194 -68.69 21.96 1.78
C PRO A 194 -68.31 22.67 0.50
N ARG A 195 -69.29 23.08 -0.31
CA ARG A 195 -68.99 23.71 -1.59
C ARG A 195 -69.29 25.21 -1.56
N ASP A 196 -70.40 25.61 -0.96
CA ASP A 196 -70.81 27.01 -0.94
C ASP A 196 -69.96 27.80 0.05
N GLN A 197 -69.48 28.95 -0.38
CA GLN A 197 -68.76 29.87 0.48
C GLN A 197 -69.69 30.81 1.26
N LYS A 198 -71.01 30.67 1.06
CA LYS A 198 -71.98 31.56 1.69
C LYS A 198 -73.21 30.81 2.19
N LEU A 199 -73.06 29.56 2.65
CA LEU A 199 -74.21 28.80 3.12
C LEU A 199 -73.83 28.03 4.38
N LEU A 200 -74.85 27.76 5.20
CA LEU A 200 -74.70 26.95 6.41
C LEU A 200 -76.06 26.43 6.84
N LEU A 201 -76.05 25.45 7.72
CA LEU A 201 -77.26 24.86 8.25
C LEU A 201 -77.15 24.71 9.76
N ALA A 202 -78.29 24.77 10.44
CA ALA A 202 -78.33 24.72 11.90
C ALA A 202 -79.44 23.79 12.34
N GLY A 203 -79.29 23.28 13.57
CA GLY A 203 -80.32 22.46 14.17
C GLY A 203 -81.00 23.15 15.34
N MET A 204 -82.25 23.55 15.14
CA MET A 204 -83.02 24.20 16.20
C MET A 204 -83.49 23.14 17.20
N HIS A 205 -84.33 23.55 18.16
CA HIS A 205 -84.77 22.62 19.20
C HIS A 205 -85.58 21.46 18.61
N ARG A 206 -86.48 21.77 17.67
CA ARG A 206 -87.32 20.73 17.07
C ARG A 206 -87.47 20.93 15.58
N ASN A 207 -86.51 21.60 14.94
CA ASN A 207 -86.60 21.87 13.52
C ASN A 207 -85.20 22.05 12.95
N LEU A 208 -85.10 21.94 11.63
CA LEU A 208 -83.85 22.12 10.91
C LEU A 208 -83.97 23.34 10.00
N ALA A 209 -82.99 24.23 10.06
CA ALA A 209 -82.97 25.45 9.26
C ALA A 209 -81.61 25.61 8.60
N ILE A 210 -81.59 26.30 7.45
CA ILE A 210 -80.37 26.53 6.67
C ILE A 210 -80.14 28.04 6.60
N PHE A 211 -78.89 28.45 6.80
CA PHE A 211 -78.51 29.86 6.83
C PHE A 211 -77.56 30.19 5.69
N ASP A 212 -77.55 31.47 5.31
CA ASP A 212 -76.75 31.97 4.20
C ASP A 212 -75.98 33.21 4.64
N LEU A 213 -74.87 33.47 3.94
CA LEU A 213 -74.03 34.62 4.29
C LEU A 213 -74.64 35.94 3.81
N ARG A 214 -75.23 35.96 2.61
CA ARG A 214 -75.78 37.21 2.07
C ARG A 214 -76.91 37.75 2.93
N ASN A 215 -77.80 36.88 3.41
CA ASN A 215 -78.97 37.30 4.17
C ASN A 215 -79.14 36.41 5.39
N THR A 216 -79.65 36.97 6.48
CA THR A 216 -79.79 36.23 7.72
C THR A 216 -81.21 35.70 7.93
N SER A 217 -82.22 36.53 7.70
CA SER A 217 -83.60 36.16 7.99
C SER A 217 -84.25 35.31 6.89
N GLN A 218 -83.57 35.11 5.76
CA GLN A 218 -84.12 34.32 4.67
C GLN A 218 -83.70 32.87 4.84
N LYS A 219 -84.67 31.97 5.05
CA LYS A 219 -84.37 30.57 5.31
C LYS A 219 -85.57 29.72 4.90
N MET A 220 -85.31 28.43 4.73
CA MET A 220 -86.34 27.44 4.41
C MET A 220 -86.42 26.47 5.58
N PHE A 221 -87.53 26.51 6.31
CA PHE A 221 -87.71 25.70 7.51
C PHE A 221 -88.53 24.46 7.17
N VAL A 222 -87.96 23.28 7.44
CA VAL A 222 -88.65 22.01 7.30
C VAL A 222 -88.51 21.27 8.61
N ASN A 223 -89.64 21.00 9.26
CA ASN A 223 -89.62 20.32 10.55
C ASN A 223 -89.26 18.85 10.37
N THR A 224 -88.57 18.30 11.37
CA THR A 224 -88.16 16.90 11.34
C THR A 224 -88.08 16.38 12.77
N LYS A 225 -88.13 15.05 12.90
CA LYS A 225 -88.04 14.41 14.21
C LYS A 225 -86.59 14.17 14.63
N ALA A 226 -85.63 14.38 13.74
CA ALA A 226 -84.22 14.18 14.06
C ALA A 226 -83.46 15.47 13.74
N VAL A 227 -82.75 15.99 14.73
CA VAL A 227 -82.05 17.26 14.57
C VAL A 227 -80.60 17.16 15.07
N GLN A 228 -80.12 15.94 15.27
CA GLN A 228 -78.79 15.71 15.79
C GLN A 228 -77.94 14.94 14.78
N GLY A 229 -76.67 15.32 14.67
CA GLY A 229 -75.76 14.69 13.74
C GLY A 229 -75.94 15.12 12.30
N VAL A 230 -76.05 16.42 12.07
CA VAL A 230 -76.19 16.95 10.72
C VAL A 230 -74.80 17.08 10.09
N THR A 231 -74.62 16.45 8.92
CA THR A 231 -73.32 16.40 8.28
C THR A 231 -73.49 16.28 6.78
N VAL A 232 -72.38 16.43 6.06
CA VAL A 232 -72.34 16.34 4.60
C VAL A 232 -71.31 15.29 4.22
N ASP A 233 -71.72 14.34 3.39
CA ASP A 233 -70.78 13.34 2.87
C ASP A 233 -69.93 13.97 1.77
N PRO A 234 -68.61 13.74 1.76
CA PRO A 234 -67.77 14.39 0.75
C PRO A 234 -68.12 14.02 -0.68
N TYR A 235 -68.58 12.79 -0.92
CA TYR A 235 -68.93 12.39 -2.28
C TYR A 235 -70.23 13.05 -2.75
N PHE A 236 -71.25 13.04 -1.90
CA PHE A 236 -72.58 13.55 -2.25
C PHE A 236 -72.87 14.77 -1.39
N HIS A 237 -72.86 15.95 -2.00
CA HIS A 237 -73.07 17.18 -1.25
C HIS A 237 -74.54 17.40 -0.90
N ASP A 238 -75.45 16.99 -1.77
CA ASP A 238 -76.87 17.26 -1.60
C ASP A 238 -77.55 16.28 -0.64
N ARG A 239 -76.80 15.59 0.19
CA ARG A 239 -77.35 14.62 1.14
C ARG A 239 -77.14 15.13 2.56
N VAL A 240 -78.14 14.90 3.42
CA VAL A 240 -78.06 15.27 4.83
C VAL A 240 -78.52 14.08 5.66
N ALA A 241 -78.16 14.14 6.95
CA ALA A 241 -78.52 13.09 7.90
C ALA A 241 -78.90 13.74 9.23
N SER A 242 -79.61 12.97 10.06
CA SER A 242 -79.95 13.40 11.40
C SER A 242 -80.34 12.16 12.21
N PHE A 243 -80.20 12.27 13.53
CA PHE A 243 -80.42 11.14 14.43
C PHE A 243 -81.50 11.49 15.45
N TYR A 244 -82.41 10.53 15.68
CA TYR A 244 -83.51 10.72 16.62
C TYR A 244 -83.55 9.53 17.57
N GLU A 245 -82.85 9.66 18.70
CA GLU A 245 -82.79 8.62 19.72
C GLU A 245 -82.41 7.27 19.10
N GLY A 246 -83.29 6.28 19.21
CA GLY A 246 -83.05 4.99 18.61
C GLY A 246 -83.29 4.90 17.13
N GLN A 247 -83.86 5.95 16.53
CA GLN A 247 -84.15 5.97 15.10
C GLN A 247 -83.18 6.90 14.38
N VAL A 248 -82.87 6.57 13.14
CA VAL A 248 -81.96 7.35 12.31
C VAL A 248 -82.66 7.68 10.99
N ALA A 249 -82.56 8.94 10.57
CA ALA A 249 -83.19 9.42 9.35
C ALA A 249 -82.13 9.91 8.38
N ILE A 250 -82.49 9.92 7.09
CA ILE A 250 -81.62 10.40 6.03
C ILE A 250 -82.42 11.33 5.14
N TRP A 251 -81.79 12.41 4.68
CA TRP A 251 -82.46 13.41 3.87
C TRP A 251 -81.58 13.80 2.69
N ASP A 252 -82.22 14.38 1.68
CA ASP A 252 -81.55 14.92 0.51
C ASP A 252 -81.78 16.44 0.47
N LEU A 253 -80.71 17.17 0.16
CA LEU A 253 -80.80 18.63 0.21
C LEU A 253 -81.74 19.17 -0.87
N ARG A 254 -81.77 18.53 -2.04
CA ARG A 254 -82.56 19.06 -3.15
C ARG A 254 -84.05 19.04 -2.84
N LYS A 255 -84.53 17.99 -2.18
CA LYS A 255 -85.95 17.82 -1.86
C LYS A 255 -86.13 17.54 -0.38
N PHE A 256 -85.51 18.38 0.45
CA PHE A 256 -85.56 18.20 1.91
C PHE A 256 -86.92 18.55 2.48
N GLU A 257 -87.90 17.69 2.25
CA GLU A 257 -89.23 17.83 2.82
C GLU A 257 -89.62 16.66 3.71
N LYS A 258 -89.29 15.43 3.30
CA LYS A 258 -89.53 14.23 4.08
C LYS A 258 -88.29 13.35 3.98
N PRO A 259 -88.08 12.46 4.95
CA PRO A 259 -86.89 11.61 4.91
C PRO A 259 -86.91 10.66 3.71
N VAL A 260 -85.76 10.55 3.04
CA VAL A 260 -85.65 9.65 1.90
C VAL A 260 -85.69 8.19 2.35
N LEU A 261 -85.00 7.89 3.46
CA LEU A 261 -84.99 6.56 4.03
C LEU A 261 -85.08 6.64 5.53
N THR A 262 -85.74 5.65 6.14
CA THR A 262 -85.84 5.55 7.59
C THR A 262 -85.25 4.21 8.02
N LEU A 263 -84.25 4.25 8.89
CA LEU A 263 -83.58 3.04 9.34
C LEU A 263 -84.33 2.40 10.49
N THR A 264 -83.98 1.15 10.77
CA THR A 264 -84.60 0.41 11.86
C THR A 264 -84.23 1.01 13.20
N GLU A 265 -85.21 1.09 14.10
CA GLU A 265 -84.96 1.62 15.44
C GLU A 265 -84.11 0.65 16.24
N GLN A 266 -83.11 1.19 16.95
CA GLN A 266 -82.19 0.38 17.72
C GLN A 266 -82.53 0.43 19.21
N PRO A 267 -82.12 -0.58 19.98
CA PRO A 267 -82.40 -0.53 21.42
C PRO A 267 -81.70 0.61 22.14
N LYS A 268 -80.36 0.69 22.04
CA LYS A 268 -79.64 1.76 22.71
C LYS A 268 -79.64 3.02 21.85
N PRO A 269 -79.63 4.19 22.50
CA PRO A 269 -79.62 5.44 21.73
C PRO A 269 -78.30 5.64 21.00
N LEU A 270 -78.38 6.32 19.86
CA LEU A 270 -77.19 6.63 19.08
C LEU A 270 -76.32 7.64 19.81
N THR A 271 -75.01 7.58 19.53
CA THR A 271 -74.04 8.46 20.18
C THR A 271 -73.32 9.37 19.21
N LYS A 272 -73.09 8.92 17.97
CA LYS A 272 -72.38 9.74 16.98
C LYS A 272 -72.68 9.22 15.59
N VAL A 273 -72.90 10.15 14.66
CA VAL A 273 -73.18 9.84 13.26
C VAL A 273 -72.19 10.60 12.39
N ALA A 274 -71.71 9.94 11.34
CA ALA A 274 -70.68 10.53 10.48
C ALA A 274 -70.74 9.84 9.13
N TRP A 275 -69.70 10.07 8.32
CA TRP A 275 -69.56 9.46 7.01
C TRP A 275 -68.12 9.03 6.80
N CYS A 276 -67.94 7.98 6.01
CA CYS A 276 -66.59 7.48 5.74
C CYS A 276 -65.84 8.46 4.84
N PRO A 277 -64.60 8.79 5.15
CA PRO A 277 -63.86 9.77 4.33
C PRO A 277 -63.15 9.13 3.15
N THR A 278 -62.82 7.85 3.25
CA THR A 278 -61.99 7.21 2.24
C THR A 278 -62.79 6.51 1.15
N ARG A 279 -63.81 5.73 1.51
CA ARG A 279 -64.61 5.01 0.54
C ARG A 279 -65.97 5.68 0.37
N THR A 280 -66.40 5.82 -0.89
CA THR A 280 -67.65 6.48 -1.18
C THR A 280 -68.84 5.65 -0.71
N GLY A 281 -69.91 6.34 -0.35
CA GLY A 281 -71.19 5.69 -0.05
C GLY A 281 -71.19 4.83 1.20
N LEU A 282 -70.56 5.30 2.28
CA LEU A 282 -70.58 4.58 3.55
C LEU A 282 -70.97 5.56 4.66
N LEU A 283 -71.97 5.18 5.46
CA LEU A 283 -72.38 5.93 6.64
C LEU A 283 -72.49 4.98 7.82
N ALA A 284 -72.18 5.49 9.00
CA ALA A 284 -72.12 4.66 10.20
C ALA A 284 -72.88 5.32 11.34
N THR A 285 -73.28 4.50 12.31
CA THR A 285 -73.86 4.98 13.56
C THR A 285 -73.31 4.16 14.71
N LEU A 286 -73.14 4.81 15.86
CA LEU A 286 -72.64 4.18 17.07
C LEU A 286 -73.65 4.35 18.19
N THR A 287 -73.56 3.51 19.21
CA THR A 287 -74.48 3.49 20.33
C THR A 287 -73.71 3.52 21.65
N ARG A 288 -74.45 3.34 22.74
CA ARG A 288 -73.88 3.32 24.08
C ARG A 288 -73.79 1.89 24.59
N ASP A 289 -72.65 1.55 25.19
CA ASP A 289 -72.39 0.22 25.75
C ASP A 289 -72.55 -0.86 24.68
N SER A 290 -71.94 -0.63 23.52
CA SER A 290 -71.99 -1.57 22.41
C SER A 290 -70.57 -1.86 21.93
N ASN A 291 -70.32 -3.12 21.56
CA ASN A 291 -69.01 -3.54 21.10
C ASN A 291 -68.92 -3.73 19.58
N ILE A 292 -70.04 -3.78 18.88
CA ILE A 292 -70.07 -3.91 17.43
C ILE A 292 -70.89 -2.75 16.86
N ILE A 293 -70.29 -2.01 15.95
CA ILE A 293 -70.89 -0.82 15.37
C ILE A 293 -71.91 -1.23 14.33
N ARG A 294 -72.72 -0.27 13.88
CA ARG A 294 -73.68 -0.48 12.81
C ARG A 294 -73.28 0.34 11.60
N LEU A 295 -73.00 -0.34 10.48
CA LEU A 295 -72.54 0.30 9.25
C LEU A 295 -73.55 0.04 8.15
N TYR A 296 -73.90 1.09 7.41
CA TYR A 296 -74.88 1.00 6.34
C TYR A 296 -74.37 1.75 5.12
N ASP A 297 -74.59 1.18 3.94
CA ASP A 297 -74.13 1.76 2.69
C ASP A 297 -75.31 2.40 1.96
N MET A 298 -75.10 3.62 1.47
CA MET A 298 -76.12 4.36 0.73
C MET A 298 -75.83 4.37 -0.77
N GLN A 299 -75.25 3.29 -1.28
CA GLN A 299 -74.95 3.17 -2.70
C GLN A 299 -76.08 2.54 -3.51
N HIS A 300 -77.22 2.25 -2.87
CA HIS A 300 -78.31 1.60 -3.58
C HIS A 300 -78.84 2.46 -4.71
N THR A 301 -79.00 3.76 -4.47
CA THR A 301 -79.48 4.68 -5.49
C THR A 301 -79.03 6.10 -5.20
N THR A 312 -81.98 -1.19 -2.17
CA THR A 312 -81.92 -1.63 -0.78
C THR A 312 -80.58 -1.26 -0.15
N ILE A 313 -80.62 -0.74 1.08
CA ILE A 313 -79.43 -0.34 1.79
C ILE A 313 -78.84 -1.57 2.47
N ILE A 314 -77.64 -1.97 2.04
CA ILE A 314 -76.99 -3.13 2.63
C ILE A 314 -76.53 -2.76 4.04
N GLU A 315 -76.95 -3.56 5.01
CA GLU A 315 -76.60 -3.34 6.41
C GLU A 315 -75.48 -4.26 6.82
N ARG A 316 -74.63 -3.79 7.74
CA ARG A 316 -73.49 -4.55 8.18
C ARG A 316 -73.08 -4.06 9.57
N SER A 317 -72.23 -4.85 10.22
CA SER A 317 -71.72 -4.52 11.54
C SER A 317 -70.29 -5.00 11.66
N VAL A 318 -69.47 -4.24 12.38
CA VAL A 318 -68.08 -4.60 12.63
C VAL A 318 -67.83 -4.53 14.13
N GLN A 319 -67.21 -5.57 14.67
CA GLN A 319 -66.85 -5.61 16.09
C GLN A 319 -65.37 -5.31 16.25
N PRO A 320 -65.00 -4.16 16.81
CA PRO A 320 -63.57 -3.85 16.90
C PRO A 320 -62.84 -4.71 17.91
N CYS A 321 -63.44 -4.98 19.06
CA CYS A 321 -62.80 -5.78 20.10
C CYS A 321 -63.90 -6.42 20.96
N ASP A 322 -63.49 -6.98 22.09
CA ASP A 322 -64.41 -7.62 23.02
C ASP A 322 -64.89 -6.69 24.13
N ASN A 323 -64.51 -5.41 24.08
CA ASN A 323 -64.89 -4.44 25.10
C ASN A 323 -65.66 -3.29 24.46
N TYR A 324 -66.42 -2.57 25.29
CA TYR A 324 -67.22 -1.46 24.82
C TYR A 324 -66.33 -0.32 24.34
N ILE A 325 -66.73 0.31 23.24
CA ILE A 325 -66.01 1.43 22.65
C ILE A 325 -66.74 2.72 22.97
N ALA A 326 -66.01 3.70 23.50
CA ALA A 326 -66.62 4.98 23.85
C ALA A 326 -67.08 5.73 22.60
N SER A 327 -66.26 5.77 21.57
CA SER A 327 -66.59 6.47 20.33
C SER A 327 -65.70 5.94 19.21
N PHE A 328 -65.73 6.63 18.07
CA PHE A 328 -64.97 6.21 16.90
C PHE A 328 -64.76 7.41 15.98
N ALA A 329 -63.81 7.27 15.06
CA ALA A 329 -63.58 8.30 14.05
C ALA A 329 -62.90 7.66 12.85
N TRP A 330 -63.05 8.30 11.69
CA TRP A 330 -62.48 7.83 10.45
C TRP A 330 -61.28 8.71 10.09
N HIS A 331 -60.11 8.09 9.96
CA HIS A 331 -58.91 8.83 9.62
C HIS A 331 -59.07 9.48 8.26
N PRO A 332 -58.65 10.73 8.07
CA PRO A 332 -58.95 11.43 6.81
C PRO A 332 -58.34 10.78 5.59
N THR A 333 -57.16 10.15 5.70
CA THR A 333 -56.46 9.60 4.55
C THR A 333 -56.37 8.08 4.57
N SER A 334 -56.25 7.46 5.73
CA SER A 334 -56.14 6.01 5.80
C SER A 334 -57.37 5.35 5.21
N GLN A 335 -57.16 4.35 4.37
CA GLN A 335 -58.23 3.69 3.64
C GLN A 335 -58.87 2.63 4.53
N ASN A 336 -60.19 2.72 4.70
CA ASN A 336 -60.98 1.73 5.44
C ASN A 336 -60.38 1.44 6.81
N ARG A 337 -60.16 2.52 7.57
CA ARG A 337 -59.57 2.43 8.89
C ARG A 337 -60.37 3.27 9.87
N MET A 338 -60.62 2.70 11.05
CA MET A 338 -61.36 3.37 12.09
C MET A 338 -60.55 3.34 13.38
N ILE A 339 -60.43 4.51 14.02
CA ILE A 339 -59.72 4.66 15.28
C ILE A 339 -60.74 4.85 16.38
N VAL A 340 -60.74 3.96 17.36
CA VAL A 340 -61.71 3.98 18.45
C VAL A 340 -60.97 3.85 19.77
N VAL A 341 -61.64 4.26 20.85
CA VAL A 341 -61.06 4.26 22.18
C VAL A 341 -62.00 3.52 23.13
N THR A 342 -61.41 3.01 24.21
CA THR A 342 -62.13 2.33 25.26
C THR A 342 -61.81 3.01 26.58
N PRO A 343 -62.70 2.94 27.56
CA PRO A 343 -62.47 3.64 28.83
C PRO A 343 -61.38 3.03 29.69
N ASN A 344 -60.63 2.05 29.19
CA ASN A 344 -59.54 1.42 29.92
C ASN A 344 -58.17 1.90 29.45
N ARG A 345 -58.11 3.06 28.80
CA ARG A 345 -56.86 3.65 28.31
C ARG A 345 -56.14 2.70 27.36
N THR A 346 -56.90 1.88 26.63
CA THR A 346 -56.38 0.97 25.63
C THR A 346 -57.13 1.20 24.32
N MET A 347 -56.38 1.35 23.23
CA MET A 347 -56.93 1.70 21.93
C MET A 347 -56.55 0.66 20.89
N SER A 348 -57.44 0.45 19.92
CA SER A 348 -57.21 -0.49 18.82
C SER A 348 -57.82 0.08 17.55
N ASP A 349 -57.01 0.17 16.49
CA ASP A 349 -57.48 0.65 15.19
C ASP A 349 -58.09 -0.53 14.44
N PHE A 350 -59.42 -0.52 14.32
CA PHE A 350 -60.14 -1.55 13.61
C PHE A 350 -60.16 -1.24 12.12
N THR A 351 -60.83 -2.11 11.35
CA THR A 351 -60.99 -1.89 9.92
C THR A 351 -62.34 -2.44 9.51
N VAL A 352 -62.90 -1.86 8.45
CA VAL A 352 -64.18 -2.28 7.90
C VAL A 352 -63.88 -2.94 6.56
N PHE A 353 -63.86 -4.27 6.54
CA PHE A 353 -63.48 -5.00 5.35
C PHE A 353 -64.63 -5.05 4.34
N GLU A 354 -64.26 -5.38 3.11
CA GLU A 354 -65.23 -5.60 2.04
C GLU A 354 -65.59 -7.09 1.97
N ARG A 355 -66.70 -7.38 1.29
CA ARG A 355 -67.17 -8.76 1.19
C ARG A 355 -66.24 -9.57 0.28
N ILE A 356 -66.29 -10.89 0.45
CA ILE A 356 -65.36 -11.81 -0.20
C ILE A 356 -66.15 -12.81 -1.02
N SER A 357 -65.68 -13.07 -2.24
CA SER A 357 -66.26 -14.06 -3.14
C SER A 357 -65.31 -15.25 -3.26
N LEU A 358 -65.87 -16.40 -3.66
CA LEU A 358 -65.12 -17.66 -3.62
C LEU A 358 -65.33 -18.44 -4.90
N ALA A 359 -64.35 -19.29 -5.22
CA ALA A 359 -64.40 -20.14 -6.40
C ALA A 359 -63.31 -21.20 -6.31
N TRP A 360 -63.66 -22.44 -6.65
CA TRP A 360 -62.76 -23.57 -6.65
C TRP A 360 -62.39 -23.98 -8.07
N SER A 361 -61.34 -24.78 -8.18
CA SER A 361 -60.87 -25.32 -9.46
C SER A 361 -60.57 -26.80 -9.32
N PRO A 362 -60.66 -27.57 -10.41
CA PRO A 362 -60.41 -29.01 -10.31
C PRO A 362 -59.02 -29.37 -9.86
N ILE A 363 -58.04 -28.49 -10.03
CA ILE A 363 -56.69 -28.74 -9.51
C ILE A 363 -56.61 -28.63 -7.99
N THR A 364 -57.74 -28.36 -7.32
CA THR A 364 -57.79 -28.17 -5.87
C THR A 364 -57.02 -26.92 -5.44
N SER A 365 -57.28 -25.81 -6.14
CA SER A 365 -56.80 -24.49 -5.75
C SER A 365 -58.00 -23.58 -5.59
N LEU A 366 -57.98 -22.76 -4.55
CA LEU A 366 -59.09 -21.88 -4.22
C LEU A 366 -58.68 -20.44 -4.48
N MET A 367 -59.57 -19.69 -5.12
CA MET A 367 -59.31 -18.30 -5.46
C MET A 367 -60.44 -17.43 -4.95
N TRP A 368 -60.07 -16.34 -4.27
CA TRP A 368 -61.05 -15.45 -3.68
C TRP A 368 -60.67 -14.01 -3.94
N ALA A 369 -61.69 -13.15 -3.97
CA ALA A 369 -61.54 -11.73 -4.24
C ALA A 369 -61.88 -10.93 -2.99
N CYS A 370 -61.09 -9.90 -2.71
CA CYS A 370 -61.31 -9.01 -1.57
C CYS A 370 -61.15 -7.57 -2.06
N GLY A 371 -62.25 -6.98 -2.48
CA GLY A 371 -62.21 -5.60 -2.90
C GLY A 371 -61.78 -5.42 -4.34
N ARG A 372 -60.50 -5.11 -4.53
CA ARG A 372 -59.94 -4.83 -5.85
C ARG A 372 -58.88 -5.84 -6.25
N HIS A 373 -58.58 -6.81 -5.38
CA HIS A 373 -57.47 -7.72 -5.61
C HIS A 373 -57.95 -9.16 -5.65
N LEU A 374 -57.13 -10.02 -6.25
CA LEU A 374 -57.38 -11.45 -6.36
C LEU A 374 -56.27 -12.20 -5.65
N TYR A 375 -56.63 -13.23 -4.88
CA TYR A 375 -55.68 -14.05 -4.16
C TYR A 375 -55.97 -15.52 -4.44
N GLU A 376 -54.93 -16.34 -4.41
CA GLU A 376 -55.02 -17.77 -4.63
C GLU A 376 -54.43 -18.51 -3.43
N CYS A 377 -54.81 -19.78 -3.29
CA CYS A 377 -54.30 -20.61 -2.21
C CYS A 377 -54.44 -22.07 -2.61
N THR A 378 -53.43 -22.87 -2.24
CA THR A 378 -53.48 -24.32 -2.39
C THR A 378 -52.40 -24.91 -1.51
N GLU A 379 -52.37 -26.24 -1.45
CA GLU A 379 -51.31 -26.92 -0.73
C GLU A 379 -49.95 -26.60 -1.35
N GLU A 380 -49.86 -26.67 -2.68
CA GLU A 380 -48.67 -26.29 -3.42
C GLU A 380 -47.41 -26.92 -2.85
N GLU A 381 -47.50 -28.21 -2.48
CA GLU A 381 -46.41 -28.91 -1.82
C GLU A 381 -45.92 -28.13 -0.60
N ASN A 382 -46.85 -27.81 0.28
CA ASN A 382 -46.51 -27.04 1.48
C ASN A 382 -45.48 -27.78 2.33
N ASP A 383 -45.66 -29.09 2.49
CA ASP A 383 -44.71 -29.89 3.24
C ASP A 383 -44.68 -31.32 2.70
N ASN A 384 -44.10 -32.24 3.46
CA ASN A 384 -44.10 -33.65 3.09
C ASN A 384 -44.87 -34.45 4.14
N SER A 385 -45.78 -33.78 4.84
CA SER A 385 -46.55 -34.43 5.91
C SER A 385 -47.65 -35.29 5.33
N LEU A 386 -48.55 -35.78 6.18
CA LEU A 386 -49.59 -36.69 5.77
C LEU A 386 -50.91 -35.96 5.62
N GLU A 387 -51.96 -36.73 5.32
CA GLU A 387 -53.33 -36.23 5.23
C GLU A 387 -53.49 -35.16 4.15
N LYS A 388 -53.22 -35.52 2.91
CA LYS A 388 -53.64 -34.72 1.77
C LYS A 388 -55.07 -35.07 1.39
N ASP A 389 -55.77 -34.13 0.78
CA ASP A 389 -57.14 -34.39 0.35
C ASP A 389 -57.15 -35.45 -0.74
N ILE A 390 -58.28 -36.16 -0.85
CA ILE A 390 -58.31 -37.35 -1.71
C ILE A 390 -58.18 -36.98 -3.18
N ALA A 391 -58.57 -35.76 -3.55
CA ALA A 391 -58.46 -35.34 -4.94
C ALA A 391 -57.00 -35.35 -5.40
N THR A 392 -56.11 -34.75 -4.61
CA THR A 392 -54.70 -34.74 -4.95
C THR A 392 -54.13 -36.15 -4.98
N LYS A 393 -54.54 -36.98 -4.03
CA LYS A 393 -54.07 -38.36 -3.98
C LYS A 393 -54.44 -39.09 -5.25
N MET A 394 -55.70 -38.99 -5.69
CA MET A 394 -56.14 -39.69 -6.88
C MET A 394 -55.45 -39.15 -8.13
N ARG A 395 -55.21 -37.83 -8.21
CA ARG A 395 -54.50 -37.30 -9.37
C ARG A 395 -53.09 -37.87 -9.44
N LEU A 396 -52.36 -37.86 -8.32
CA LEU A 396 -51.00 -38.39 -8.34
C LEU A 396 -50.99 -39.89 -8.64
N ARG A 397 -51.95 -40.64 -8.10
CA ARG A 397 -52.02 -42.07 -8.39
C ARG A 397 -52.32 -42.30 -9.86
N ALA A 398 -53.15 -41.45 -10.47
CA ALA A 398 -53.43 -41.57 -11.88
C ALA A 398 -52.20 -41.29 -12.72
N LEU A 399 -51.32 -40.42 -12.24
CA LEU A 399 -50.06 -40.17 -12.93
C LEU A 399 -49.05 -41.29 -12.74
N SER A 400 -49.34 -42.28 -11.90
CA SER A 400 -48.38 -43.34 -11.60
C SER A 400 -48.82 -44.70 -12.13
N ARG A 401 -49.90 -44.74 -12.91
CA ARG A 401 -50.44 -45.99 -13.45
C ARG A 401 -50.79 -46.96 -12.32
N TYR A 402 -51.71 -46.50 -11.47
CA TYR A 402 -52.16 -47.27 -10.33
C TYR A 402 -53.30 -48.20 -10.74
N GLY A 403 -53.19 -49.45 -10.32
CA GLY A 403 -54.23 -50.42 -10.57
C GLY A 403 -54.17 -51.04 -11.95
N LEU A 404 -53.22 -50.60 -12.77
CA LEU A 404 -53.07 -51.11 -14.13
C LEU A 404 -51.92 -52.09 -14.25
N ASP A 405 -51.59 -52.81 -13.18
CA ASP A 405 -50.61 -53.87 -13.19
C ASP A 405 -51.37 -55.19 -13.12
N THR A 406 -51.24 -56.02 -14.14
CA THR A 406 -52.02 -57.24 -14.25
C THR A 406 -51.16 -58.48 -13.99
N GLU A 407 -49.85 -58.38 -14.25
CA GLU A 407 -48.96 -59.51 -14.05
C GLU A 407 -48.68 -59.83 -12.59
N GLN A 408 -48.53 -58.82 -11.74
CA GLN A 408 -48.28 -59.04 -10.32
C GLN A 408 -49.08 -58.04 -9.49
N VAL A 409 -50.23 -58.49 -8.99
CA VAL A 409 -51.28 -57.59 -8.51
C VAL A 409 -50.86 -56.81 -7.27
N TRP A 410 -49.98 -57.38 -6.45
CA TRP A 410 -49.70 -56.81 -5.14
C TRP A 410 -48.80 -55.58 -5.19
N ARG A 411 -48.31 -55.19 -6.35
CA ARG A 411 -47.46 -54.00 -6.45
C ARG A 411 -48.25 -52.70 -6.37
N ASN A 412 -49.58 -52.75 -6.54
CA ASN A 412 -50.36 -51.54 -6.51
C ASN A 412 -50.27 -50.84 -5.16
N HIS A 413 -50.00 -51.61 -4.09
CA HIS A 413 -49.93 -50.99 -2.77
C HIS A 413 -48.63 -50.27 -2.54
N ILE A 414 -47.60 -50.49 -3.38
CA ILE A 414 -46.46 -49.60 -3.33
C ILE A 414 -46.61 -48.51 -4.38
N LEU A 415 -47.43 -48.75 -5.40
CA LEU A 415 -47.75 -47.68 -6.34
C LEU A 415 -48.72 -46.66 -5.75
N ALA A 416 -49.43 -47.02 -4.69
CA ALA A 416 -50.44 -46.15 -4.11
C ALA A 416 -49.86 -44.86 -3.57
N GLY A 417 -48.68 -44.94 -2.96
CA GLY A 417 -48.09 -43.78 -2.32
C GLY A 417 -47.60 -44.09 -0.93
N ASN A 418 -48.20 -43.46 0.08
CA ASN A 418 -47.84 -43.73 1.47
C ASN A 418 -48.38 -45.10 1.89
N GLU A 419 -48.24 -45.42 3.17
CA GLU A 419 -48.65 -46.74 3.66
C GLU A 419 -50.04 -46.62 4.29
N ASP A 420 -51.05 -47.08 3.56
CA ASP A 420 -52.39 -47.24 4.13
C ASP A 420 -52.65 -48.71 4.38
N PRO A 421 -52.84 -49.13 5.63
CA PRO A 421 -52.93 -50.57 5.93
C PRO A 421 -54.09 -51.27 5.25
N GLN A 422 -55.13 -50.55 4.84
CA GLN A 422 -56.25 -51.19 4.17
C GLN A 422 -55.90 -51.56 2.73
N LEU A 423 -55.17 -50.71 2.03
CA LEU A 423 -54.84 -50.94 0.63
C LEU A 423 -53.73 -51.97 0.45
N LYS A 424 -53.04 -52.37 1.52
CA LYS A 424 -52.17 -53.53 1.40
C LYS A 424 -52.92 -54.83 1.59
N SER A 425 -53.83 -54.88 2.57
CA SER A 425 -54.64 -56.07 2.77
C SER A 425 -55.50 -56.37 1.56
N LEU A 426 -56.14 -55.34 1.00
CA LEU A 426 -57.02 -55.58 -0.14
C LEU A 426 -56.25 -56.14 -1.33
N TRP A 427 -55.12 -55.52 -1.66
CA TRP A 427 -54.39 -55.95 -2.84
C TRP A 427 -53.69 -57.28 -2.65
N TYR A 428 -53.23 -57.58 -1.43
CA TYR A 428 -52.68 -58.92 -1.20
C TYR A 428 -53.76 -59.98 -1.27
N THR A 429 -54.97 -59.68 -0.79
CA THR A 429 -56.06 -60.64 -0.91
C THR A 429 -56.41 -60.90 -2.36
N LEU A 430 -56.52 -59.83 -3.15
CA LEU A 430 -56.78 -60.02 -4.57
C LEU A 430 -55.63 -60.71 -5.30
N HIS A 431 -54.40 -60.53 -4.85
CA HIS A 431 -53.30 -61.29 -5.43
C HIS A 431 -53.41 -62.78 -5.13
N PHE A 432 -53.70 -63.14 -3.88
CA PHE A 432 -53.90 -64.54 -3.54
C PHE A 432 -55.10 -65.15 -4.23
N MET A 433 -56.11 -64.36 -4.57
CA MET A 433 -57.31 -64.92 -5.18
C MET A 433 -57.15 -65.28 -6.66
N LYS A 434 -56.04 -64.88 -7.29
CA LYS A 434 -55.85 -65.12 -8.71
C LYS A 434 -55.00 -66.33 -9.01
N GLN A 435 -54.01 -66.62 -8.16
CA GLN A 435 -53.21 -67.83 -8.32
C GLN A 435 -54.08 -69.07 -8.26
N TYR A 436 -54.92 -69.18 -7.24
CA TYR A 436 -55.87 -70.27 -7.19
C TYR A 436 -57.01 -69.85 -8.10
N THR A 437 -56.91 -70.25 -9.36
CA THR A 437 -57.73 -69.87 -10.51
C THR A 437 -56.84 -70.03 -11.73
N GLU A 438 -55.64 -69.43 -11.66
CA GLU A 438 -54.63 -69.71 -12.68
C GLU A 438 -54.07 -71.12 -12.51
N ASP A 439 -53.73 -71.49 -11.28
CA ASP A 439 -53.27 -72.86 -11.02
C ASP A 439 -54.39 -73.87 -11.22
N MET A 440 -55.60 -73.53 -10.78
CA MET A 440 -56.74 -74.42 -10.95
C MET A 440 -57.23 -74.39 -12.40
N SER A 450 -63.99 -69.40 -9.76
CA SER A 450 -65.37 -68.93 -9.73
C SER A 450 -65.94 -69.09 -8.33
N LEU A 451 -65.64 -70.23 -7.69
CA LEU A 451 -66.02 -70.43 -6.31
C LEU A 451 -65.15 -69.62 -5.35
N VAL A 452 -64.07 -69.03 -5.84
CA VAL A 452 -63.10 -68.34 -5.00
C VAL A 452 -63.52 -66.93 -4.66
N TYR A 453 -64.13 -66.23 -5.59
CA TYR A 453 -64.49 -64.83 -5.42
C TYR A 453 -65.79 -64.66 -4.66
N ALA A 454 -66.41 -65.77 -4.24
CA ALA A 454 -67.61 -65.69 -3.42
C ALA A 454 -67.27 -65.32 -1.99
N GLY A 455 -66.07 -65.66 -1.52
CA GLY A 455 -65.63 -65.25 -0.21
C GLY A 455 -65.49 -66.39 0.78
N ILE A 456 -64.90 -66.12 1.94
CA ILE A 456 -64.70 -67.14 2.95
C ILE A 456 -66.04 -67.69 3.42
N LYS A 457 -67.00 -66.79 3.64
CA LYS A 457 -68.30 -67.15 4.20
C LYS A 457 -69.09 -68.09 3.29
N SER A 458 -68.77 -68.14 2.00
CA SER A 458 -69.39 -69.10 1.09
C SER A 458 -68.66 -70.43 1.05
N ILE A 459 -67.33 -70.42 1.03
CA ILE A 459 -66.59 -71.68 1.04
C ILE A 459 -66.78 -72.44 2.33
N VAL A 460 -66.96 -71.73 3.44
CA VAL A 460 -67.12 -72.37 4.74
C VAL A 460 -68.57 -72.76 4.99
N LYS A 461 -69.51 -72.13 4.28
CA LYS A 461 -70.93 -72.39 4.52
C LYS A 461 -71.32 -73.83 4.21
N SER A 462 -70.55 -74.54 3.39
CA SER A 462 -70.86 -75.91 3.03
C SER A 462 -70.08 -76.93 3.84
N SER A 463 -69.37 -76.48 4.88
CA SER A 463 -68.56 -77.38 5.68
C SER A 463 -69.43 -78.42 6.38
N LEU A 464 -68.94 -79.65 6.41
CA LEU A 464 -69.66 -80.75 7.04
C LEU A 464 -68.65 -81.70 7.69
N GLY A 465 -68.89 -82.01 8.97
CA GLY A 465 -68.07 -82.97 9.67
C GLY A 465 -66.85 -82.37 10.34
N MET A 466 -66.74 -82.57 11.66
CA MET A 466 -65.63 -82.05 12.43
C MET A 466 -65.63 -82.67 13.82
N VAL A 467 -64.66 -82.31 14.65
CA VAL A 467 -64.58 -82.85 16.00
C VAL A 467 -63.97 -81.82 16.94
N GLU A 468 -64.73 -81.38 17.94
CA GLU A 468 -64.19 -80.48 18.94
C GLU A 468 -63.19 -81.21 19.83
N SER A 469 -62.01 -80.62 19.99
CA SER A 469 -60.92 -81.24 20.73
C SER A 469 -60.79 -80.58 22.11
N SER A 470 -60.55 -81.40 23.12
CA SER A 470 -60.36 -80.91 24.48
C SER A 470 -59.00 -81.29 25.08
N ARG A 471 -58.17 -82.04 24.37
CA ARG A 471 -56.85 -82.41 24.87
C ARG A 471 -55.79 -81.54 24.19
N HIS A 472 -54.55 -81.62 24.68
CA HIS A 472 -53.47 -80.77 24.19
C HIS A 472 -52.18 -81.53 23.95
N ASN A 473 -52.24 -82.63 23.20
CA ASN A 473 -51.03 -83.42 22.97
C ASN A 473 -50.09 -82.66 22.05
N TRP A 474 -49.16 -81.93 22.64
CA TRP A 474 -48.26 -81.07 21.89
C TRP A 474 -47.12 -81.86 21.28
N ILE A 483 -52.71 -81.00 10.63
CA ILE A 483 -53.41 -80.03 9.78
C ILE A 483 -53.93 -80.71 8.51
N GLN A 484 -53.25 -81.78 8.08
CA GLN A 484 -53.69 -82.50 6.90
C GLN A 484 -54.92 -83.35 7.19
N ASN A 485 -55.30 -83.46 8.46
CA ASN A 485 -56.42 -84.28 8.92
C ASN A 485 -57.75 -83.58 8.83
N LEU A 486 -57.83 -82.34 8.37
CA LEU A 486 -59.07 -81.58 8.39
C LEU A 486 -59.58 -81.34 6.97
N ASN A 487 -60.82 -80.85 6.90
CA ASN A 487 -61.57 -80.69 5.65
C ASN A 487 -60.88 -79.76 4.67
N GLU A 488 -61.00 -80.06 3.37
CA GLU A 488 -60.45 -79.20 2.34
C GLU A 488 -61.11 -77.82 2.33
N GLU A 489 -62.38 -77.77 2.73
CA GLU A 489 -63.09 -76.50 2.79
C GLU A 489 -62.40 -75.53 3.74
N ARG A 490 -61.79 -76.06 4.81
CA ARG A 490 -60.99 -75.24 5.70
C ARG A 490 -59.52 -75.21 5.32
N ILE A 491 -59.13 -75.94 4.26
CA ILE A 491 -57.78 -75.82 3.73
C ILE A 491 -57.69 -74.67 2.72
N LEU A 492 -58.68 -74.52 1.85
CA LEU A 492 -58.71 -73.37 0.94
C LEU A 492 -58.79 -72.07 1.71
N ALA A 493 -59.52 -72.07 2.82
CA ALA A 493 -59.61 -70.91 3.69
C ALA A 493 -58.23 -70.51 4.19
N LEU A 494 -57.48 -71.50 4.69
CA LEU A 494 -56.16 -71.19 5.23
C LEU A 494 -55.20 -70.76 4.12
N GLN A 495 -55.38 -71.31 2.91
CA GLN A 495 -54.59 -70.84 1.78
C GLN A 495 -54.86 -69.37 1.52
N LEU A 496 -56.14 -68.97 1.50
CA LEU A 496 -56.50 -67.57 1.29
C LEU A 496 -55.94 -66.69 2.39
N CYS A 497 -56.00 -67.16 3.63
CA CYS A 497 -55.44 -66.41 4.74
C CYS A 497 -53.92 -66.25 4.59
N GLY A 498 -53.29 -67.18 3.89
CA GLY A 498 -51.86 -67.10 3.64
C GLY A 498 -50.97 -67.75 4.69
N TRP A 499 -51.55 -68.48 5.64
CA TRP A 499 -50.73 -69.16 6.64
C TRP A 499 -49.86 -70.23 5.99
N ILE A 500 -50.39 -70.96 5.03
CA ILE A 500 -49.69 -72.07 4.40
C ILE A 500 -49.55 -71.80 2.91
N LYS A 501 -48.52 -72.38 2.30
CA LYS A 501 -48.31 -72.21 0.87
C LYS A 501 -49.26 -73.10 0.10
N LYS A 502 -49.66 -72.65 -1.10
CA LYS A 502 -50.69 -73.31 -1.89
C LYS A 502 -50.33 -74.76 -2.21
N GLY A 503 -51.26 -75.67 -1.97
CA GLY A 503 -51.04 -77.08 -2.29
C GLY A 503 -51.29 -78.01 -1.12
N THR A 504 -50.60 -79.15 -1.12
CA THR A 504 -50.74 -80.15 -0.08
C THR A 504 -49.70 -80.00 1.03
N ASP A 505 -49.08 -78.83 1.15
CA ASP A 505 -48.07 -78.62 2.18
C ASP A 505 -48.66 -78.83 3.57
N VAL A 506 -47.87 -79.43 4.45
CA VAL A 506 -48.34 -79.83 5.77
C VAL A 506 -47.73 -79.02 6.90
N ASP A 507 -46.77 -78.14 6.62
CA ASP A 507 -46.04 -77.46 7.66
C ASP A 507 -46.16 -75.95 7.49
N VAL A 508 -46.28 -75.25 8.62
CA VAL A 508 -46.25 -73.80 8.64
C VAL A 508 -44.84 -73.26 8.72
N GLY A 509 -43.84 -74.11 8.50
CA GLY A 509 -42.45 -73.72 8.56
C GLY A 509 -42.08 -72.58 7.63
N PRO A 510 -42.53 -72.64 6.37
CA PRO A 510 -42.26 -71.50 5.47
C PRO A 510 -42.79 -70.17 5.99
N PHE A 511 -44.03 -70.14 6.48
CA PHE A 511 -44.59 -68.90 6.98
C PHE A 511 -43.82 -68.37 8.19
N LEU A 512 -43.45 -69.26 9.10
CA LEU A 512 -42.70 -68.83 10.28
C LEU A 512 -41.31 -68.33 9.90
N ASN A 513 -40.62 -69.07 9.03
CA ASN A 513 -39.30 -68.67 8.56
C ASN A 513 -39.33 -67.38 7.76
N SER A 514 -40.46 -67.05 7.14
CA SER A 514 -40.61 -65.77 6.47
C SER A 514 -40.97 -64.65 7.42
N LEU A 515 -41.74 -64.96 8.47
CA LEU A 515 -42.09 -63.93 9.45
C LEU A 515 -40.89 -63.51 10.28
N VAL A 516 -40.03 -64.46 10.65
CA VAL A 516 -38.90 -64.12 11.53
C VAL A 516 -37.93 -63.16 10.85
N GLN A 517 -37.64 -63.36 9.57
CA GLN A 517 -36.63 -62.56 8.88
C GLN A 517 -37.02 -61.10 8.74
N GLU A 518 -38.32 -60.78 8.77
CA GLU A 518 -38.77 -59.40 8.62
C GLU A 518 -38.73 -58.62 9.93
N GLY A 519 -38.19 -59.22 10.99
CA GLY A 519 -38.06 -58.57 12.27
C GLY A 519 -39.18 -58.86 13.24
N GLU A 520 -40.37 -59.14 12.73
CA GLU A 520 -41.53 -59.40 13.57
C GLU A 520 -41.42 -60.81 14.15
N TRP A 521 -41.28 -60.90 15.47
CA TRP A 521 -41.10 -62.20 16.12
C TRP A 521 -42.35 -62.59 16.91
N GLU A 522 -42.90 -61.65 17.66
CA GLU A 522 -44.04 -61.89 18.54
C GLU A 522 -45.23 -62.44 17.78
N ARG A 523 -45.55 -61.85 16.61
CA ARG A 523 -46.62 -62.38 15.78
C ARG A 523 -46.28 -63.80 15.36
N ALA A 524 -45.04 -64.01 14.96
CA ALA A 524 -44.58 -65.34 14.61
C ALA A 524 -44.65 -66.24 15.83
N ALA A 525 -44.41 -65.69 17.01
CA ALA A 525 -44.55 -66.48 18.22
C ALA A 525 -45.98 -66.96 18.40
N ALA A 526 -46.95 -66.07 18.23
CA ALA A 526 -48.35 -66.44 18.38
C ALA A 526 -48.74 -67.50 17.36
N VAL A 527 -48.31 -67.32 16.12
CA VAL A 527 -48.66 -68.28 15.09
C VAL A 527 -48.04 -69.65 15.38
N ALA A 528 -46.76 -69.66 15.78
CA ALA A 528 -46.10 -70.91 16.08
C ALA A 528 -46.71 -71.60 17.29
N LEU A 529 -47.27 -70.82 18.22
CA LEU A 529 -47.91 -71.44 19.38
C LEU A 529 -49.27 -71.99 19.02
N PHE A 530 -50.04 -71.28 18.19
CA PHE A 530 -51.43 -71.67 17.96
C PHE A 530 -51.55 -73.10 17.46
N ASN A 531 -50.58 -73.57 16.69
CA ASN A 531 -50.54 -74.96 16.27
C ASN A 531 -49.60 -75.78 17.16
N LEU A 532 -49.84 -75.67 18.47
CA LEU A 532 -49.33 -76.58 19.49
C LEU A 532 -47.82 -76.84 19.42
N ASP A 533 -47.01 -75.81 19.65
CA ASP A 533 -45.55 -75.97 19.58
C ASP A 533 -44.82 -75.20 20.67
N ILE A 534 -45.27 -75.32 21.92
CA ILE A 534 -44.78 -74.51 23.04
C ILE A 534 -43.25 -74.47 23.06
N ARG A 535 -42.62 -75.63 23.14
CA ARG A 535 -41.16 -75.71 23.18
C ARG A 535 -40.53 -75.35 21.84
N ARG A 536 -41.29 -75.51 20.75
CA ARG A 536 -40.81 -75.10 19.43
C ARG A 536 -41.04 -73.61 19.19
N ALA A 537 -41.66 -72.92 20.13
CA ALA A 537 -41.79 -71.48 20.12
C ALA A 537 -40.93 -70.81 21.18
N ILE A 538 -40.52 -71.57 22.19
CA ILE A 538 -39.68 -71.07 23.27
C ILE A 538 -38.42 -70.51 22.64
N GLN A 539 -37.89 -71.20 21.65
CA GLN A 539 -36.75 -70.68 20.91
C GLN A 539 -37.14 -69.43 20.13
N ILE A 540 -38.29 -69.46 19.45
CA ILE A 540 -38.69 -68.35 18.60
C ILE A 540 -38.92 -67.06 19.37
N LEU A 541 -39.17 -67.15 20.68
CA LEU A 541 -39.45 -65.98 21.50
C LEU A 541 -38.33 -65.66 22.48
N ASN A 542 -37.23 -66.42 22.45
CA ASN A 542 -36.13 -66.15 23.36
C ASN A 542 -34.81 -66.22 22.61
N GLU A 543 -34.82 -66.62 21.34
CA GLU A 543 -33.58 -66.63 20.57
C GLU A 543 -33.42 -65.27 19.92
N GLY A 544 -34.37 -64.89 19.08
CA GLY A 544 -34.35 -63.57 18.50
C GLY A 544 -34.97 -62.57 19.45
N ALA A 545 -34.56 -62.64 20.72
CA ALA A 545 -35.19 -61.83 21.75
C ALA A 545 -34.16 -61.18 22.65
N SER A 546 -32.92 -61.05 22.17
CA SER A 546 -31.88 -60.37 22.93
C SER A 546 -31.48 -59.09 22.22
N SER A 547 -31.09 -59.21 20.94
CA SER A 547 -30.75 -58.05 20.13
C SER A 547 -31.96 -57.13 19.96
N GLU A 548 -31.75 -55.83 20.10
CA GLU A 548 -32.80 -54.83 19.94
C GLU A 548 -34.00 -55.10 20.85
N LEU A 552 -35.65 -55.37 24.74
CA LEU A 552 -35.15 -56.47 25.57
C LEU A 552 -36.31 -57.33 26.07
N ASN A 553 -36.64 -57.15 27.36
CA ASN A 553 -37.72 -57.85 28.05
C ASN A 553 -37.95 -59.30 27.66
N LEU A 554 -38.20 -59.54 26.37
CA LEU A 554 -38.87 -60.74 25.84
C LEU A 554 -38.53 -62.03 26.59
N ASN A 555 -37.27 -62.22 26.96
CA ASN A 555 -36.92 -63.35 27.81
C ASN A 555 -37.72 -63.30 29.11
N VAL A 556 -37.81 -62.12 29.73
CA VAL A 556 -38.59 -61.99 30.97
C VAL A 556 -40.07 -62.21 30.68
N VAL A 557 -40.54 -61.73 29.53
CA VAL A 557 -41.94 -61.90 29.18
C VAL A 557 -42.29 -63.37 29.03
N ALA A 558 -41.38 -64.14 28.42
CA ALA A 558 -41.60 -65.54 28.10
C ALA A 558 -41.02 -66.48 29.14
N MET A 559 -40.50 -65.94 30.24
CA MET A 559 -40.19 -66.80 31.38
C MET A 559 -41.44 -67.46 31.92
N ALA A 560 -42.53 -66.70 31.99
CA ALA A 560 -43.78 -67.24 32.50
C ALA A 560 -44.34 -68.31 31.57
N LEU A 561 -43.95 -68.25 30.30
CA LEU A 561 -44.46 -69.18 29.29
C LEU A 561 -44.29 -70.62 29.72
N SER A 562 -43.15 -70.96 30.31
CA SER A 562 -42.85 -72.34 30.66
C SER A 562 -43.76 -72.85 31.77
N GLY A 563 -44.61 -71.99 32.32
CA GLY A 563 -45.65 -72.41 33.23
C GLY A 563 -47.02 -72.37 32.58
N TYR A 564 -47.54 -73.54 32.21
CA TYR A 564 -48.69 -73.61 31.32
C TYR A 564 -49.30 -75.01 31.31
N THR A 565 -50.08 -75.29 30.26
CA THR A 565 -50.53 -76.62 29.90
C THR A 565 -51.52 -77.29 30.86
N ASP A 566 -52.72 -76.71 30.95
CA ASP A 566 -53.94 -77.45 31.30
C ASP A 566 -53.96 -77.96 32.73
N GLU A 567 -53.74 -77.10 33.72
CA GLU A 567 -53.91 -77.50 35.10
C GLU A 567 -55.33 -77.18 35.56
N LYS A 568 -55.65 -77.54 36.81
CA LYS A 568 -56.89 -77.12 37.43
C LYS A 568 -56.70 -75.77 38.09
N ASN A 569 -57.62 -75.37 38.95
CA ASN A 569 -57.46 -74.12 39.70
C ASN A 569 -56.15 -74.14 40.48
N SER A 570 -55.21 -73.28 40.11
CA SER A 570 -53.87 -73.30 40.67
C SER A 570 -53.32 -71.89 40.68
N LEU A 571 -52.13 -71.74 41.29
CA LEU A 571 -51.54 -70.42 41.45
C LEU A 571 -51.18 -69.76 40.12
N TRP A 572 -50.84 -70.55 39.09
CA TRP A 572 -50.46 -70.01 37.79
C TRP A 572 -51.66 -69.50 37.02
N ARG A 573 -52.64 -70.36 36.76
CA ARG A 573 -53.80 -70.01 35.95
C ARG A 573 -54.70 -68.97 36.62
N GLU A 574 -54.68 -68.94 37.95
CA GLU A 574 -55.56 -68.03 38.68
C GLU A 574 -55.23 -66.57 38.46
N MET A 575 -53.94 -66.22 38.36
CA MET A 575 -53.57 -64.82 38.24
C MET A 575 -53.13 -64.48 36.83
N CYS A 576 -52.74 -65.50 36.06
CA CYS A 576 -52.28 -65.30 34.70
C CYS A 576 -53.33 -64.60 33.86
N SER A 577 -54.60 -64.90 34.11
CA SER A 577 -55.70 -64.30 33.37
C SER A 577 -56.14 -62.96 33.95
N THR A 578 -55.49 -62.49 35.02
CA THR A 578 -55.89 -61.24 35.66
C THR A 578 -54.93 -60.11 35.39
N LEU A 579 -53.63 -60.40 35.33
CA LEU A 579 -52.61 -59.39 35.08
C LEU A 579 -52.35 -59.19 33.59
N ARG A 580 -53.06 -59.93 32.74
CA ARG A 580 -52.82 -59.87 31.30
C ARG A 580 -52.88 -58.44 30.76
N LEU A 581 -53.82 -57.63 31.27
CA LEU A 581 -54.04 -56.30 30.70
C LEU A 581 -52.87 -55.37 30.95
N GLN A 582 -51.96 -55.72 31.85
CA GLN A 582 -50.79 -54.88 32.09
C GLN A 582 -49.87 -54.88 30.87
N LEU A 583 -49.70 -56.03 30.24
CA LEU A 583 -48.84 -56.14 29.06
C LEU A 583 -49.39 -55.28 27.93
N ASN A 584 -48.51 -54.57 27.24
CA ASN A 584 -48.92 -53.56 26.27
C ASN A 584 -49.34 -54.16 24.93
N ASN A 585 -48.44 -54.89 24.28
CA ASN A 585 -48.66 -55.36 22.92
C ASN A 585 -49.82 -56.35 22.85
N PRO A 586 -50.51 -56.41 21.72
CA PRO A 586 -51.71 -57.27 21.61
C PRO A 586 -51.42 -58.75 21.43
N TYR A 587 -50.42 -59.08 20.62
CA TYR A 587 -50.26 -60.46 20.20
C TYR A 587 -49.92 -61.38 21.36
N LEU A 588 -49.04 -60.95 22.27
CA LEU A 588 -48.83 -61.73 23.48
C LEU A 588 -50.05 -61.76 24.38
N CYS A 589 -50.87 -60.70 24.37
CA CYS A 589 -52.11 -60.75 25.12
C CYS A 589 -53.02 -61.86 24.62
N VAL A 590 -53.19 -61.99 23.30
CA VAL A 590 -54.01 -63.07 22.76
C VAL A 590 -53.34 -64.42 23.01
N MET A 591 -52.01 -64.45 22.93
CA MET A 591 -51.28 -65.68 23.14
C MET A 591 -51.49 -66.21 24.55
N PHE A 592 -51.56 -65.30 25.53
CA PHE A 592 -51.89 -65.72 26.89
C PHE A 592 -53.38 -66.02 27.02
N ALA A 593 -54.21 -65.30 26.27
CA ALA A 593 -55.65 -65.50 26.29
C ALA A 593 -56.00 -66.94 25.94
N PHE A 594 -55.20 -67.52 25.05
CA PHE A 594 -55.48 -68.88 24.59
C PHE A 594 -55.56 -69.85 25.77
N LEU A 595 -54.52 -69.90 26.59
CA LEU A 595 -54.34 -70.99 27.55
C LEU A 595 -55.01 -70.74 28.90
N THR A 596 -55.74 -69.65 29.05
CA THR A 596 -56.44 -69.37 30.30
C THR A 596 -57.94 -69.34 30.06
N SER A 597 -58.44 -70.31 29.31
CA SER A 597 -59.85 -70.32 28.89
C SER A 597 -60.44 -71.69 29.09
N GLU A 598 -61.72 -71.72 29.45
CA GLU A 598 -62.47 -72.96 29.58
C GLU A 598 -62.61 -73.58 28.20
N THR A 599 -62.11 -74.80 28.03
CA THR A 599 -62.07 -75.48 26.73
C THR A 599 -63.44 -75.47 26.07
N GLY A 600 -63.55 -74.79 24.92
CA GLY A 600 -64.83 -74.62 24.26
C GLY A 600 -65.13 -73.16 23.95
N SER A 601 -64.72 -72.26 24.83
CA SER A 601 -64.92 -70.84 24.64
C SER A 601 -63.58 -70.14 24.47
N TYR A 602 -63.54 -69.19 23.54
CA TYR A 602 -62.30 -68.48 23.24
C TYR A 602 -62.51 -66.98 23.07
N ASP A 603 -63.57 -66.42 23.63
CA ASP A 603 -63.97 -65.03 23.42
C ASP A 603 -62.80 -64.06 23.43
N GLY A 604 -61.84 -64.29 24.33
CA GLY A 604 -60.66 -63.46 24.39
C GLY A 604 -59.84 -63.50 23.12
N VAL A 605 -59.73 -64.67 22.50
CA VAL A 605 -58.92 -64.80 21.29
C VAL A 605 -59.73 -64.44 20.05
N LEU A 606 -61.05 -64.59 20.08
CA LEU A 606 -61.87 -64.42 18.89
C LEU A 606 -62.45 -63.03 18.74
N TYR A 607 -62.44 -62.21 19.78
CA TYR A 607 -62.96 -60.85 19.72
C TYR A 607 -61.90 -59.90 20.27
N GLU A 608 -60.98 -59.48 19.41
CA GLU A 608 -59.90 -58.58 19.78
C GLU A 608 -59.57 -57.70 18.58
N ASN A 609 -59.78 -56.40 18.73
CA ASN A 609 -59.73 -55.49 17.59
C ASN A 609 -58.32 -55.07 17.22
N LYS A 610 -57.31 -55.48 17.96
CA LYS A 610 -55.93 -55.14 17.65
C LYS A 610 -55.19 -56.33 17.05
N VAL A 611 -55.94 -57.33 16.60
CA VAL A 611 -55.35 -58.48 15.94
C VAL A 611 -56.01 -58.63 14.57
N ALA A 612 -55.19 -58.72 13.52
CA ALA A 612 -55.64 -58.74 12.14
C ALA A 612 -56.70 -59.81 11.88
N VAL A 613 -57.65 -59.51 10.99
CA VAL A 613 -58.77 -60.41 10.69
C VAL A 613 -58.23 -61.72 10.16
N ARG A 614 -57.11 -61.65 9.43
CA ARG A 614 -56.44 -62.83 8.93
C ARG A 614 -56.23 -63.90 10.00
N ASP A 615 -55.49 -63.54 11.05
CA ASP A 615 -55.10 -64.50 12.07
C ASP A 615 -56.32 -65.05 12.81
N ARG A 616 -57.28 -64.18 13.13
CA ARG A 616 -58.45 -64.65 13.84
C ARG A 616 -59.28 -65.61 12.99
N VAL A 617 -59.41 -65.31 11.69
CA VAL A 617 -60.16 -66.20 10.81
C VAL A 617 -59.47 -67.55 10.71
N ALA A 618 -58.15 -67.55 10.59
CA ALA A 618 -57.41 -68.81 10.56
C ALA A 618 -57.60 -69.60 11.84
N PHE A 619 -57.51 -68.91 12.98
CA PHE A 619 -57.69 -69.56 14.28
C PHE A 619 -59.07 -70.20 14.37
N ALA A 620 -60.09 -69.48 13.91
CA ALA A 620 -61.44 -70.05 13.89
C ALA A 620 -61.51 -71.27 12.99
N CYS A 621 -60.94 -71.19 11.80
CA CYS A 621 -61.01 -72.30 10.86
C CYS A 621 -60.19 -73.50 11.30
N LYS A 622 -59.32 -73.32 12.29
CA LYS A 622 -58.54 -74.45 12.79
C LYS A 622 -59.12 -75.04 14.08
N PHE A 623 -59.87 -74.25 14.86
CA PHE A 623 -60.25 -74.71 16.19
C PHE A 623 -61.74 -74.82 16.46
N LEU A 624 -62.58 -73.97 15.89
CA LEU A 624 -64.00 -74.00 16.20
C LEU A 624 -64.66 -75.24 15.62
N SER A 625 -65.96 -75.38 15.87
CA SER A 625 -66.76 -76.49 15.38
C SER A 625 -67.66 -75.99 14.26
N ASP A 626 -68.19 -76.94 13.48
CA ASP A 626 -68.96 -76.63 12.28
C ASP A 626 -70.13 -75.70 12.55
N THR A 627 -70.85 -75.92 13.65
CA THR A 627 -72.02 -75.13 13.98
C THR A 627 -71.68 -73.91 14.83
N GLN A 628 -70.39 -73.68 15.07
CA GLN A 628 -69.94 -72.54 15.85
C GLN A 628 -69.24 -71.55 14.93
N LEU A 629 -68.60 -72.08 13.89
CA LEU A 629 -67.88 -71.24 12.93
C LEU A 629 -68.82 -70.29 12.22
N ASN A 630 -69.99 -70.79 11.82
CA ASN A 630 -70.89 -70.08 10.93
C ASN A 630 -71.54 -68.88 11.61
N ARG A 631 -71.76 -68.96 12.92
CA ARG A 631 -72.28 -67.80 13.64
C ARG A 631 -71.21 -66.72 13.81
N TYR A 632 -69.98 -67.13 14.09
CA TYR A 632 -68.90 -66.17 14.25
C TYR A 632 -68.61 -65.46 12.94
N ILE A 633 -68.63 -66.19 11.83
CA ILE A 633 -68.39 -65.58 10.52
C ILE A 633 -69.46 -64.55 10.21
N GLU A 634 -70.73 -64.88 10.47
CA GLU A 634 -71.81 -63.94 10.19
C GLU A 634 -71.69 -62.69 11.05
N LYS A 635 -71.39 -62.86 12.35
CA LYS A 635 -71.26 -61.69 13.22
C LYS A 635 -70.11 -60.80 12.77
N LEU A 636 -68.96 -61.41 12.46
CA LEU A 636 -67.81 -60.62 12.02
C LEU A 636 -68.12 -59.89 10.73
N THR A 637 -68.77 -60.57 9.78
CA THR A 637 -69.06 -59.95 8.49
C THR A 637 -70.03 -58.80 8.63
N ASN A 638 -71.03 -58.93 9.50
CA ASN A 638 -71.93 -57.81 9.72
C ASN A 638 -71.20 -56.62 10.31
N GLU A 639 -70.30 -56.88 11.26
CA GLU A 639 -69.51 -55.78 11.80
C GLU A 639 -68.65 -55.13 10.72
N MET A 640 -68.04 -55.94 9.86
CA MET A 640 -67.22 -55.41 8.79
C MET A 640 -68.02 -54.53 7.83
N LYS A 641 -69.20 -55.02 7.44
CA LYS A 641 -70.04 -54.26 6.51
C LYS A 641 -70.50 -52.95 7.11
N GLU A 642 -71.00 -52.96 8.35
CA GLU A 642 -71.44 -51.71 8.96
C GLU A 642 -70.28 -50.77 9.20
N ALA A 643 -69.07 -51.32 9.35
CA ALA A 643 -67.91 -50.48 9.63
C ALA A 643 -67.38 -49.83 8.36
N GLY A 644 -67.07 -50.63 7.35
CA GLY A 644 -66.52 -50.13 6.11
C GLY A 644 -65.06 -50.47 5.92
N ASN A 645 -64.55 -51.35 6.79
CA ASN A 645 -63.15 -51.76 6.69
C ASN A 645 -62.92 -52.60 5.44
N LEU A 646 -61.83 -52.30 4.74
CA LEU A 646 -61.53 -52.97 3.48
C LEU A 646 -60.96 -54.36 3.67
N GLU A 647 -60.61 -54.74 4.89
CA GLU A 647 -60.07 -56.08 5.13
C GLU A 647 -61.14 -57.15 5.01
N GLY A 648 -62.41 -56.77 4.91
CA GLY A 648 -63.48 -57.74 4.90
C GLY A 648 -63.73 -58.44 3.59
N ILE A 649 -63.04 -58.03 2.52
CA ILE A 649 -63.25 -58.64 1.21
C ILE A 649 -62.90 -60.12 1.27
N LEU A 650 -61.99 -60.50 2.17
CA LEU A 650 -61.67 -61.90 2.35
C LEU A 650 -62.89 -62.70 2.80
N LEU A 651 -63.83 -62.05 3.49
CA LEU A 651 -65.03 -62.73 3.95
C LEU A 651 -66.19 -62.54 3.00
N THR A 652 -66.51 -61.29 2.68
CA THR A 652 -67.64 -61.02 1.80
C THR A 652 -67.39 -61.52 0.39
N GLY A 653 -66.21 -61.22 -0.14
CA GLY A 653 -65.93 -61.54 -1.52
C GLY A 653 -66.55 -60.54 -2.46
N LEU A 654 -66.33 -60.78 -3.76
CA LEU A 654 -66.90 -59.93 -4.80
C LEU A 654 -68.30 -60.42 -5.11
N THR A 655 -69.18 -60.23 -4.15
CA THR A 655 -70.59 -60.60 -4.28
C THR A 655 -71.42 -59.38 -3.92
N LYS A 656 -72.73 -59.61 -3.76
CA LYS A 656 -73.64 -58.54 -3.41
C LYS A 656 -73.19 -57.79 -2.16
N ASP A 657 -72.75 -58.53 -1.14
CA ASP A 657 -72.31 -57.91 0.12
C ASP A 657 -71.07 -57.06 -0.07
N GLY A 658 -70.17 -57.46 -0.98
CA GLY A 658 -69.02 -56.63 -1.26
C GLY A 658 -69.40 -55.27 -1.78
N VAL A 659 -70.52 -55.18 -2.50
CA VAL A 659 -71.02 -53.88 -2.94
C VAL A 659 -71.42 -53.00 -1.76
N ASP A 660 -72.09 -53.53 -0.74
CA ASP A 660 -72.37 -52.74 0.45
C ASP A 660 -71.11 -52.32 1.18
N LEU A 661 -70.14 -53.23 1.29
CA LEU A 661 -68.89 -52.85 1.94
C LEU A 661 -68.20 -51.70 1.19
N MET A 662 -68.11 -51.81 -0.14
CA MET A 662 -67.52 -50.75 -0.95
C MET A 662 -68.31 -49.45 -0.83
N GLU A 663 -69.64 -49.54 -0.77
CA GLU A 663 -70.47 -48.35 -0.66
C GLU A 663 -70.22 -47.64 0.66
N SER A 664 -70.13 -48.40 1.75
CA SER A 664 -69.77 -47.80 3.03
C SER A 664 -68.40 -47.17 2.97
N TYR A 665 -67.45 -47.83 2.30
CA TYR A 665 -66.11 -47.25 2.17
C TYR A 665 -66.15 -45.92 1.44
N VAL A 666 -66.89 -45.85 0.33
CA VAL A 666 -66.96 -44.62 -0.45
C VAL A 666 -67.62 -43.52 0.37
N ASP A 667 -68.69 -43.85 1.09
CA ASP A 667 -69.30 -42.87 1.98
C ASP A 667 -68.32 -42.38 3.04
N ARG A 668 -67.43 -43.25 3.50
CA ARG A 668 -66.47 -42.86 4.52
C ARG A 668 -65.39 -41.96 3.96
N THR A 669 -64.84 -42.30 2.81
CA THR A 669 -63.65 -41.62 2.29
C THR A 669 -63.82 -40.96 0.94
N GLY A 670 -64.76 -41.42 0.10
CA GLY A 670 -64.92 -40.82 -1.20
C GLY A 670 -63.91 -41.23 -2.25
N ASP A 671 -63.34 -42.41 -2.15
CA ASP A 671 -62.33 -42.89 -3.10
C ASP A 671 -62.99 -43.81 -4.10
N VAL A 672 -63.22 -43.30 -5.31
CA VAL A 672 -63.80 -44.11 -6.38
C VAL A 672 -62.74 -44.86 -7.19
N GLN A 673 -61.48 -44.45 -7.12
CA GLN A 673 -60.43 -45.12 -7.88
C GLN A 673 -60.29 -46.58 -7.45
N THR A 674 -60.19 -46.82 -6.15
CA THR A 674 -60.03 -48.17 -5.65
C THR A 674 -61.26 -49.01 -5.96
N ALA A 675 -62.46 -48.45 -5.82
CA ALA A 675 -63.65 -49.21 -6.12
C ALA A 675 -63.69 -49.62 -7.59
N SER A 676 -63.40 -48.68 -8.48
CA SER A 676 -63.44 -48.99 -9.91
C SER A 676 -62.40 -50.04 -10.28
N TYR A 677 -61.17 -49.89 -9.79
CA TYR A 677 -60.15 -50.86 -10.15
C TYR A 677 -60.28 -52.17 -9.42
N CYS A 678 -61.04 -52.22 -8.32
CA CYS A 678 -61.19 -53.45 -7.56
C CYS A 678 -62.34 -54.29 -8.09
N MET A 679 -63.50 -53.68 -8.29
CA MET A 679 -64.66 -54.44 -8.74
C MET A 679 -64.48 -55.03 -10.13
N LEU A 680 -63.55 -54.49 -10.92
CA LEU A 680 -63.30 -55.00 -12.27
C LEU A 680 -62.47 -56.27 -12.28
N GLN A 681 -61.92 -56.68 -11.13
CA GLN A 681 -60.99 -57.80 -11.06
C GLN A 681 -61.79 -59.11 -11.04
N GLY A 682 -62.28 -59.49 -12.20
CA GLY A 682 -62.89 -60.79 -12.37
C GLY A 682 -64.15 -61.02 -11.56
N SER A 683 -64.94 -59.98 -11.35
CA SER A 683 -66.22 -60.16 -10.69
C SER A 683 -67.20 -60.83 -11.65
N PRO A 684 -68.22 -61.51 -11.12
CA PRO A 684 -69.23 -62.12 -11.98
C PRO A 684 -70.08 -61.05 -12.67
N LEU A 685 -70.72 -61.48 -13.77
CA LEU A 685 -71.54 -60.57 -14.56
C LEU A 685 -72.81 -60.14 -13.83
N ASP A 686 -73.13 -60.76 -12.70
CA ASP A 686 -74.30 -60.35 -11.94
C ASP A 686 -74.04 -59.08 -11.12
N VAL A 687 -72.82 -58.91 -10.62
CA VAL A 687 -72.54 -57.76 -9.76
C VAL A 687 -72.09 -56.56 -10.58
N LEU A 688 -71.47 -56.79 -11.74
CA LEU A 688 -71.11 -55.68 -12.61
C LEU A 688 -72.34 -55.01 -13.21
N LYS A 689 -73.50 -55.64 -13.13
CA LYS A 689 -74.74 -55.06 -13.61
C LYS A 689 -75.49 -54.30 -12.54
N ASP A 690 -74.99 -54.29 -11.31
CA ASP A 690 -75.60 -53.47 -10.26
C ASP A 690 -75.38 -52.00 -10.55
N GLU A 691 -76.46 -51.23 -10.49
CA GLU A 691 -76.38 -49.81 -10.85
C GLU A 691 -75.77 -48.98 -9.75
N ARG A 692 -74.67 -49.45 -9.20
CA ARG A 692 -73.85 -48.70 -8.25
C ARG A 692 -72.38 -48.75 -8.60
N VAL A 693 -71.94 -49.85 -9.22
CA VAL A 693 -70.56 -49.92 -9.72
C VAL A 693 -70.42 -49.03 -10.95
N GLN A 694 -71.42 -49.03 -11.83
CA GLN A 694 -71.37 -48.21 -13.03
C GLN A 694 -71.32 -46.73 -12.68
N TYR A 695 -72.04 -46.32 -11.65
CA TYR A 695 -72.00 -44.94 -11.21
C TYR A 695 -70.58 -44.55 -10.79
N TRP A 696 -69.91 -45.43 -10.04
CA TRP A 696 -68.55 -45.14 -9.62
C TRP A 696 -67.59 -45.05 -10.80
N ILE A 697 -67.72 -45.97 -11.75
CA ILE A 697 -66.83 -45.95 -12.92
C ILE A 697 -67.02 -44.66 -13.71
N GLU A 698 -68.28 -44.28 -13.94
CA GLU A 698 -68.55 -43.07 -14.70
C GLU A 698 -68.05 -41.83 -13.98
N ASN A 699 -68.19 -41.79 -12.65
CA ASN A 699 -67.69 -40.66 -11.89
C ASN A 699 -66.16 -40.57 -11.98
N TYR A 700 -65.48 -41.71 -11.92
CA TYR A 700 -64.03 -41.68 -12.09
C TYR A 700 -63.63 -41.18 -13.46
N ARG A 701 -64.34 -41.61 -14.50
CA ARG A 701 -64.03 -41.17 -15.85
C ARG A 701 -64.25 -39.66 -15.99
N ASN A 702 -65.32 -39.14 -15.40
CA ASN A 702 -65.57 -37.70 -15.46
C ASN A 702 -64.49 -36.93 -14.71
N LEU A 703 -64.02 -37.47 -13.58
CA LEU A 703 -62.92 -36.83 -12.87
C LEU A 703 -61.67 -36.79 -13.72
N LEU A 704 -61.39 -37.88 -14.43
CA LEU A 704 -60.22 -37.90 -15.31
C LEU A 704 -60.38 -36.90 -16.46
N ASP A 705 -61.60 -36.74 -16.96
CA ASP A 705 -61.87 -35.74 -17.99
C ASP A 705 -61.60 -34.33 -17.48
N ALA A 706 -62.04 -34.02 -16.26
CA ALA A 706 -61.93 -32.65 -15.75
C ALA A 706 -60.48 -32.19 -15.68
N TRP A 707 -59.57 -33.06 -15.21
CA TRP A 707 -58.16 -32.71 -15.10
C TRP A 707 -57.45 -32.67 -16.46
N ARG A 708 -58.18 -32.87 -17.55
CA ARG A 708 -57.59 -32.96 -18.89
C ARG A 708 -56.54 -34.06 -18.99
N PHE A 709 -56.86 -35.23 -18.45
CA PHE A 709 -56.04 -36.43 -18.58
C PHE A 709 -56.74 -37.33 -19.59
N TRP A 710 -56.47 -37.09 -20.88
CA TRP A 710 -57.26 -37.72 -21.93
C TRP A 710 -56.69 -39.04 -22.43
N HIS A 711 -55.37 -39.22 -22.43
CA HIS A 711 -54.81 -40.51 -22.81
C HIS A 711 -54.96 -41.54 -21.72
N LYS A 712 -54.89 -41.12 -20.45
CA LYS A 712 -55.14 -42.04 -19.35
C LYS A 712 -56.57 -42.57 -19.39
N ARG A 713 -57.52 -41.73 -19.76
CA ARG A 713 -58.91 -42.19 -19.85
C ARG A 713 -59.07 -43.26 -20.92
N ALA A 714 -58.43 -43.08 -22.07
CA ALA A 714 -58.49 -44.09 -23.11
C ALA A 714 -57.80 -45.38 -22.68
N GLU A 715 -56.66 -45.26 -21.98
CA GLU A 715 -56.01 -46.44 -21.44
C GLU A 715 -56.92 -47.20 -20.50
N PHE A 716 -57.64 -46.48 -19.64
CA PHE A 716 -58.60 -47.12 -18.74
C PHE A 716 -59.73 -47.77 -19.52
N ASP A 717 -60.19 -47.11 -20.57
CA ASP A 717 -61.31 -47.64 -21.35
C ASP A 717 -60.96 -48.95 -22.03
N ILE A 718 -59.73 -49.06 -22.55
CA ILE A 718 -59.30 -50.31 -23.15
C ILE A 718 -59.31 -51.47 -22.16
N HIS A 719 -58.72 -51.27 -20.98
CA HIS A 719 -58.62 -52.28 -19.94
C HIS A 719 -59.97 -52.59 -19.30
N ARG A 720 -60.92 -51.67 -19.37
CA ARG A 720 -62.27 -51.94 -18.90
C ARG A 720 -63.13 -52.65 -19.93
N SER A 721 -62.93 -52.40 -21.22
CA SER A 721 -63.68 -53.13 -22.24
C SER A 721 -63.15 -54.54 -22.39
N LYS A 722 -61.86 -54.76 -22.15
CA LYS A 722 -61.32 -56.12 -22.20
C LYS A 722 -62.00 -57.01 -21.17
N LEU A 723 -62.16 -56.50 -19.95
CA LEU A 723 -62.67 -57.32 -18.84
C LEU A 723 -64.19 -57.39 -18.83
N ASP A 724 -64.84 -56.23 -18.72
CA ASP A 724 -66.29 -56.16 -18.65
C ASP A 724 -66.84 -56.00 -20.06
N PRO A 725 -67.56 -56.97 -20.60
CA PRO A 725 -68.09 -56.81 -21.96
C PRO A 725 -69.54 -56.35 -21.98
N SER A 726 -70.10 -56.03 -20.82
CA SER A 726 -71.51 -55.62 -20.77
C SER A 726 -71.71 -54.27 -21.42
N SER A 727 -70.80 -53.33 -21.18
CA SER A 727 -70.97 -51.96 -21.65
C SER A 727 -70.50 -51.82 -23.09
N LYS A 728 -71.27 -51.08 -23.87
CA LYS A 728 -70.95 -50.81 -25.27
C LYS A 728 -70.14 -49.52 -25.38
N PRO A 729 -69.26 -49.42 -26.37
CA PRO A 729 -68.45 -48.21 -26.54
C PRO A 729 -69.29 -47.06 -27.07
N LEU A 730 -68.59 -45.97 -27.38
CA LEU A 730 -69.26 -44.74 -27.80
C LEU A 730 -69.97 -44.94 -29.13
N ALA A 731 -71.06 -44.19 -29.32
CA ALA A 731 -71.82 -44.21 -30.55
C ALA A 731 -71.60 -42.90 -31.29
N GLN A 732 -71.28 -43.00 -32.58
CA GLN A 732 -70.89 -41.84 -33.37
C GLN A 732 -71.52 -41.92 -34.76
N VAL A 733 -71.01 -41.17 -35.73
CA VAL A 733 -71.58 -41.10 -37.06
C VAL A 733 -70.96 -42.20 -37.94
N PHE A 734 -71.63 -42.48 -39.05
CA PHE A 734 -71.10 -43.38 -40.07
C PHE A 734 -71.49 -42.86 -41.45
N VAL A 735 -70.73 -43.31 -42.46
CA VAL A 735 -70.88 -42.84 -43.84
C VAL A 735 -71.76 -43.81 -44.62
N SER A 736 -72.67 -43.27 -45.42
CA SER A 736 -73.67 -44.07 -46.11
C SER A 736 -73.60 -43.85 -47.62
N CYS A 737 -73.89 -44.90 -48.38
CA CYS A 737 -73.80 -44.83 -49.83
C CYS A 737 -74.90 -43.94 -50.41
N ASN A 738 -74.56 -43.25 -51.49
CA ASN A 738 -75.49 -42.34 -52.16
C ASN A 738 -76.57 -43.04 -52.97
N PHE A 739 -76.36 -44.29 -53.37
CA PHE A 739 -77.33 -44.97 -54.22
C PHE A 739 -78.16 -46.01 -53.48
N CYS A 740 -77.60 -46.64 -52.45
CA CYS A 740 -78.38 -47.54 -51.60
C CYS A 740 -79.05 -46.79 -50.45
N GLY A 741 -78.27 -46.07 -49.67
CA GLY A 741 -78.67 -45.60 -48.36
C GLY A 741 -78.11 -46.44 -47.23
N LYS A 742 -77.45 -47.55 -47.54
CA LYS A 742 -76.87 -48.43 -46.54
C LYS A 742 -75.48 -47.93 -46.15
N SER A 743 -74.90 -48.57 -45.14
CA SER A 743 -73.60 -48.17 -44.62
C SER A 743 -72.49 -48.86 -45.40
N ILE A 744 -71.37 -48.17 -45.55
CA ILE A 744 -70.23 -48.72 -46.28
C ILE A 744 -69.22 -49.29 -45.30
N SER A 745 -69.60 -49.38 -44.03
CA SER A 745 -68.75 -49.97 -43.03
C SER A 745 -68.81 -51.49 -43.13
N TYR A 746 -68.09 -52.17 -42.26
CA TYR A 746 -68.06 -53.63 -42.27
C TYR A 746 -68.64 -54.21 -40.99
N SER A 770 -64.84 -57.57 -56.21
CA SER A 770 -65.01 -56.77 -55.00
C SER A 770 -63.93 -55.71 -54.89
N LYS A 771 -64.07 -54.66 -55.69
CA LYS A 771 -63.13 -53.54 -55.65
C LYS A 771 -63.13 -52.90 -54.26
N VAL A 772 -61.94 -52.54 -53.78
CA VAL A 772 -61.83 -51.74 -52.58
C VAL A 772 -62.54 -50.41 -52.74
N THR A 773 -62.60 -49.90 -53.96
CA THR A 773 -63.19 -48.61 -54.28
C THR A 773 -64.71 -48.59 -54.33
N SER A 774 -65.36 -49.69 -54.70
CA SER A 774 -66.79 -49.65 -54.90
C SER A 774 -67.55 -49.90 -53.59
N CYS A 775 -68.82 -49.55 -53.60
CA CYS A 775 -69.68 -49.83 -52.46
C CYS A 775 -69.85 -51.34 -52.29
N PRO A 776 -69.77 -51.85 -51.06
CA PRO A 776 -69.95 -53.29 -50.86
C PRO A 776 -71.33 -53.78 -51.23
N GLY A 777 -72.30 -52.89 -51.36
CA GLY A 777 -73.66 -53.31 -51.61
C GLY A 777 -74.10 -53.32 -53.06
N CYS A 778 -73.87 -52.22 -53.79
CA CYS A 778 -74.40 -52.05 -55.14
C CYS A 778 -73.26 -52.07 -56.15
N ARG A 779 -72.03 -52.11 -55.65
CA ARG A 779 -70.83 -51.93 -56.47
C ARG A 779 -70.93 -50.67 -57.31
N LYS A 780 -70.99 -49.51 -56.65
CA LYS A 780 -71.02 -48.24 -57.33
C LYS A 780 -69.96 -47.36 -56.68
N PRO A 781 -69.36 -46.43 -57.40
CA PRO A 781 -68.21 -45.68 -56.88
C PRO A 781 -68.49 -44.93 -55.59
N LEU A 782 -67.54 -44.96 -54.66
CA LEU A 782 -67.60 -44.15 -53.47
C LEU A 782 -67.13 -42.72 -53.78
N PRO A 783 -67.40 -41.76 -52.89
CA PRO A 783 -67.03 -40.37 -53.17
C PRO A 783 -65.52 -40.21 -53.38
N ARG A 784 -65.16 -39.22 -54.20
CA ARG A 784 -63.78 -39.02 -54.63
C ARG A 784 -63.13 -37.86 -53.91
N CYS A 785 -61.79 -37.94 -53.78
CA CYS A 785 -61.03 -36.93 -53.05
C CYS A 785 -60.99 -35.63 -53.83
N ALA A 786 -60.97 -34.53 -53.09
CA ALA A 786 -61.06 -33.21 -53.70
C ALA A 786 -59.72 -32.71 -54.23
N LEU A 787 -58.61 -33.35 -53.87
CA LEU A 787 -57.29 -32.93 -54.32
C LEU A 787 -56.73 -33.85 -55.39
N CYS A 788 -56.70 -35.16 -55.14
CA CYS A 788 -56.16 -36.11 -56.13
C CYS A 788 -57.22 -36.66 -57.07
N LEU A 789 -58.49 -36.34 -56.85
CA LEU A 789 -59.58 -36.71 -57.76
C LEU A 789 -59.66 -38.21 -57.99
N ILE A 790 -59.31 -38.99 -56.97
CA ILE A 790 -59.31 -40.44 -57.04
C ILE A 790 -60.25 -40.98 -55.96
N ASN A 791 -61.04 -41.99 -56.32
CA ASN A 791 -62.07 -42.50 -55.44
C ASN A 791 -61.48 -43.02 -54.13
N MET A 792 -62.24 -42.84 -53.05
CA MET A 792 -61.79 -43.25 -51.73
C MET A 792 -62.14 -44.71 -51.47
N GLY A 793 -61.36 -45.32 -50.58
CA GLY A 793 -61.57 -46.70 -50.21
C GLY A 793 -60.51 -47.21 -49.26
N THR A 794 -60.77 -48.34 -48.60
CA THR A 794 -59.86 -48.89 -47.64
C THR A 794 -60.04 -50.39 -47.59
N PRO A 795 -58.96 -51.18 -47.58
CA PRO A 795 -59.11 -52.63 -47.43
C PRO A 795 -59.82 -52.99 -46.14
N VAL A 796 -60.68 -53.99 -46.22
CA VAL A 796 -61.45 -54.43 -45.06
C VAL A 796 -61.71 -55.93 -45.14
N LYS A 815 -46.24 -55.54 -41.54
CA LYS A 815 -46.68 -54.56 -42.53
C LYS A 815 -48.07 -54.04 -42.20
N LYS A 816 -48.35 -52.81 -42.59
CA LYS A 816 -49.66 -52.22 -42.38
C LYS A 816 -50.53 -52.46 -43.60
N LEU A 817 -51.84 -52.49 -43.39
CA LEU A 817 -52.78 -52.78 -44.47
C LEU A 817 -53.78 -51.67 -44.73
N ALA A 818 -53.99 -50.76 -43.78
CA ALA A 818 -54.82 -49.59 -43.95
C ALA A 818 -54.19 -48.47 -43.11
N GLN A 819 -53.33 -47.68 -43.72
CA GLN A 819 -52.60 -46.70 -42.94
C GLN A 819 -53.43 -45.43 -42.77
N PHE A 820 -52.96 -44.55 -41.89
CA PHE A 820 -53.74 -43.39 -41.49
C PHE A 820 -53.94 -42.42 -42.64
N ASN A 821 -52.96 -42.35 -43.56
CA ASN A 821 -53.00 -41.32 -44.59
C ASN A 821 -54.11 -41.57 -45.61
N ASN A 822 -54.75 -42.73 -45.60
CA ASN A 822 -55.78 -43.05 -46.57
C ASN A 822 -57.18 -43.13 -45.96
N TRP A 823 -57.40 -42.55 -44.78
CA TRP A 823 -58.71 -42.60 -44.17
C TRP A 823 -59.60 -41.48 -44.70
N PHE A 824 -60.91 -41.64 -44.48
CA PHE A 824 -61.86 -40.60 -44.83
C PHE A 824 -61.71 -39.40 -43.91
N THR A 825 -62.03 -38.21 -44.43
CA THR A 825 -62.02 -36.98 -43.67
C THR A 825 -63.02 -36.03 -44.31
N TRP A 826 -63.84 -35.37 -43.48
CA TRP A 826 -64.85 -34.47 -44.01
C TRP A 826 -65.16 -33.36 -43.01
N CYS A 827 -65.43 -32.17 -43.53
CA CYS A 827 -65.95 -31.09 -42.72
C CYS A 827 -67.38 -31.40 -42.29
N HIS A 828 -67.70 -31.10 -41.04
CA HIS A 828 -69.02 -31.34 -40.52
C HIS A 828 -69.99 -30.19 -40.80
N ASN A 829 -69.51 -29.10 -41.39
CA ASN A 829 -70.34 -27.95 -41.69
C ASN A 829 -70.72 -27.85 -43.16
N CYS A 830 -69.78 -28.13 -44.07
CA CYS A 830 -70.05 -28.05 -45.50
C CYS A 830 -70.00 -29.40 -46.20
N ARG A 831 -69.51 -30.44 -45.54
CA ARG A 831 -69.59 -31.81 -46.04
C ARG A 831 -68.77 -32.02 -47.31
N HIS A 832 -67.53 -31.56 -47.31
CA HIS A 832 -66.60 -31.76 -48.41
C HIS A 832 -65.41 -32.53 -47.88
N GLY A 833 -65.05 -33.63 -48.57
CA GLY A 833 -64.12 -34.58 -48.02
C GLY A 833 -62.88 -34.82 -48.87
N GLY A 834 -62.03 -35.68 -48.34
CA GLY A 834 -60.79 -36.03 -49.00
C GLY A 834 -59.97 -36.95 -48.13
N HIS A 835 -58.81 -37.31 -48.64
CA HIS A 835 -57.86 -38.15 -47.92
C HIS A 835 -57.30 -37.39 -46.73
N ALA A 836 -56.84 -38.13 -45.72
CA ALA A 836 -56.35 -37.49 -44.51
C ALA A 836 -55.03 -36.77 -44.75
N GLY A 837 -54.10 -37.42 -45.45
CA GLY A 837 -52.82 -36.78 -45.73
C GLY A 837 -52.94 -35.60 -46.68
N HIS A 838 -53.78 -35.74 -47.71
CA HIS A 838 -53.98 -34.66 -48.67
C HIS A 838 -54.54 -33.42 -47.97
N MET A 839 -55.57 -33.61 -47.13
CA MET A 839 -56.17 -32.47 -46.46
C MET A 839 -55.25 -31.88 -45.39
N LEU A 840 -54.49 -32.74 -44.71
CA LEU A 840 -53.51 -32.25 -43.75
C LEU A 840 -52.47 -31.38 -44.43
N SER A 841 -52.01 -31.79 -45.62
CA SER A 841 -51.04 -30.97 -46.34
C SER A 841 -51.66 -29.70 -46.90
N TRP A 842 -52.92 -29.77 -47.34
CA TRP A 842 -53.56 -28.57 -47.91
C TRP A 842 -53.78 -27.51 -46.84
N PHE A 843 -54.25 -27.90 -45.66
CA PHE A 843 -54.65 -26.92 -44.66
C PHE A 843 -53.48 -26.37 -43.87
N ARG A 844 -52.24 -26.60 -44.31
CA ARG A 844 -51.10 -25.96 -43.68
C ARG A 844 -50.91 -24.53 -44.16
N ASP A 845 -50.92 -24.32 -45.47
CA ASP A 845 -50.60 -23.03 -46.04
C ASP A 845 -51.84 -22.24 -46.45
N HIS A 846 -52.97 -22.90 -46.68
CA HIS A 846 -54.20 -22.22 -47.03
C HIS A 846 -55.22 -22.33 -45.91
N ALA A 847 -56.29 -21.54 -46.04
CA ALA A 847 -57.43 -21.67 -45.14
C ALA A 847 -58.68 -21.32 -45.95
N GLU A 848 -59.28 -22.36 -46.54
CA GLU A 848 -60.56 -22.34 -47.23
C GLU A 848 -60.80 -23.75 -47.75
N CYS A 849 -62.04 -24.07 -48.02
CA CYS A 849 -62.38 -25.40 -48.48
C CYS A 849 -61.76 -25.63 -49.84
N PRO A 850 -61.09 -26.76 -50.08
CA PRO A 850 -60.49 -27.00 -51.39
C PRO A 850 -61.49 -27.01 -52.53
N VAL A 851 -62.73 -27.42 -52.29
CA VAL A 851 -63.73 -27.43 -53.34
C VAL A 851 -64.04 -26.01 -53.77
N SER A 852 -64.28 -25.81 -55.06
CA SER A 852 -64.49 -24.49 -55.60
C SER A 852 -65.87 -23.95 -55.19
N ALA A 853 -65.94 -22.62 -55.08
CA ALA A 853 -67.17 -21.90 -54.72
C ALA A 853 -67.65 -22.23 -53.32
N CYS A 854 -66.74 -22.59 -52.42
CA CYS A 854 -67.05 -22.83 -51.02
C CYS A 854 -66.40 -21.74 -50.17
N THR A 855 -66.84 -21.64 -48.92
CA THR A 855 -66.44 -20.52 -48.07
C THR A 855 -65.92 -20.96 -46.70
N CYS A 856 -66.16 -22.20 -46.29
CA CYS A 856 -65.73 -22.66 -44.98
C CYS A 856 -64.25 -22.41 -44.74
N LYS A 857 -63.95 -21.88 -43.56
CA LYS A 857 -62.62 -22.02 -42.96
C LYS A 857 -62.58 -23.30 -42.16
N CYS A 858 -62.61 -24.43 -42.87
CA CYS A 858 -62.96 -25.73 -42.31
C CYS A 858 -62.07 -26.16 -41.16
N MET A 859 -60.95 -25.47 -40.95
CA MET A 859 -60.10 -25.81 -39.82
C MET A 859 -60.21 -24.83 -38.67
N GLN A 860 -60.65 -23.59 -38.90
CA GLN A 860 -60.76 -22.61 -37.85
C GLN A 860 -62.02 -22.75 -37.01
N LEU A 861 -62.96 -23.59 -37.42
CA LEU A 861 -64.20 -23.75 -36.67
C LEU A 861 -64.00 -24.47 -35.35
N ASP A 862 -62.83 -25.05 -35.11
CA ASP A 862 -62.56 -25.76 -33.86
C ASP A 862 -61.49 -25.07 -33.02
N THR A 863 -60.32 -24.83 -33.60
CA THR A 863 -59.22 -24.23 -32.85
C THR A 863 -59.56 -22.80 -32.42
N LYS B 5 33.07 -26.88 10.11
CA LYS B 5 31.87 -27.30 10.81
C LYS B 5 30.84 -26.18 10.88
N PRO B 6 29.58 -26.51 10.63
CA PRO B 6 28.52 -25.50 10.68
C PRO B 6 28.40 -24.89 12.07
N ASP B 7 27.97 -23.64 12.11
CA ASP B 7 27.87 -22.90 13.36
C ASP B 7 26.54 -22.17 13.43
N ILE B 8 26.17 -21.78 14.65
CA ILE B 8 24.97 -21.02 14.94
C ILE B 8 25.40 -19.70 15.57
N LEU B 9 24.53 -18.69 15.46
CA LEU B 9 24.80 -17.41 16.09
C LEU B 9 23.49 -16.74 16.49
N TRP B 10 23.45 -16.20 17.70
CA TRP B 10 22.30 -15.46 18.19
C TRP B 10 22.42 -13.99 17.80
N ALA B 11 21.30 -13.38 17.42
CA ALA B 11 21.28 -11.96 17.22
C ALA B 11 21.61 -11.26 18.54
N PRO B 12 22.35 -10.16 18.52
CA PRO B 12 22.78 -9.53 19.78
C PRO B 12 21.81 -8.50 20.31
N HIS B 13 20.88 -8.01 19.51
CA HIS B 13 19.91 -7.03 19.97
C HIS B 13 18.47 -7.52 19.87
N HIS B 14 18.15 -8.32 18.85
CA HIS B 14 16.82 -8.84 18.71
C HIS B 14 16.74 -10.25 19.29
N VAL B 15 15.63 -10.52 19.98
CA VAL B 15 15.44 -11.77 20.69
C VAL B 15 14.74 -12.82 19.85
N ASP B 16 14.51 -12.56 18.57
CA ASP B 16 13.77 -13.49 17.74
C ASP B 16 14.49 -13.88 16.46
N ARG B 17 15.77 -13.54 16.31
CA ARG B 17 16.49 -13.86 15.09
C ARG B 17 17.79 -14.60 15.42
N PHE B 18 18.23 -15.41 14.46
CA PHE B 18 19.48 -16.15 14.54
C PHE B 18 19.86 -16.66 13.17
N VAL B 19 21.15 -16.87 12.91
CA VAL B 19 21.61 -17.26 11.59
C VAL B 19 22.26 -18.64 11.67
N VAL B 20 22.29 -19.32 10.53
CA VAL B 20 22.89 -20.64 10.38
C VAL B 20 23.89 -20.57 9.25
N CYS B 21 25.12 -21.03 9.50
CA CYS B 21 26.20 -20.96 8.54
C CYS B 21 26.85 -22.33 8.39
N ASP B 22 26.48 -23.05 7.34
CA ASP B 22 27.12 -24.31 6.98
C ASP B 22 27.84 -24.26 5.66
N SER B 23 27.13 -23.91 4.59
CA SER B 23 27.74 -23.57 3.31
C SER B 23 27.18 -22.30 2.73
N GLU B 24 26.09 -21.78 3.27
CA GLU B 24 25.53 -20.49 2.89
C GLU B 24 24.97 -19.84 4.14
N LEU B 25 24.55 -18.59 4.02
CA LEU B 25 23.99 -17.86 5.15
C LEU B 25 22.47 -17.82 5.05
N SER B 26 21.80 -17.78 6.20
CA SER B 26 20.36 -17.85 6.24
C SER B 26 19.83 -17.18 7.50
N LEU B 27 18.92 -16.22 7.33
CA LEU B 27 18.27 -15.56 8.45
C LEU B 27 16.97 -16.28 8.80
N TYR B 28 16.75 -16.49 10.10
CA TYR B 28 15.51 -17.08 10.57
C TYR B 28 14.75 -16.10 11.47
N HIS B 29 13.62 -16.54 12.01
CA HIS B 29 12.81 -15.72 12.91
C HIS B 29 12.03 -16.65 13.81
N VAL B 30 12.11 -16.41 15.12
CA VAL B 30 11.48 -17.27 16.10
C VAL B 30 9.99 -16.94 16.18
N GLU B 31 9.17 -17.65 15.42
CA GLU B 31 7.74 -17.46 15.48
C GLU B 31 7.15 -18.34 16.58
N SER B 32 6.65 -17.71 17.63
CA SER B 32 6.09 -18.43 18.77
C SER B 32 4.65 -18.79 18.44
N THR B 33 4.46 -20.01 17.94
CA THR B 33 3.14 -20.44 17.47
C THR B 33 2.92 -21.88 17.91
N VAL B 34 2.20 -22.07 19.02
CA VAL B 34 1.83 -23.39 19.48
C VAL B 34 0.36 -23.62 19.14
N ASN B 35 -0.51 -22.74 19.61
CA ASN B 35 -1.93 -22.83 19.35
C ASN B 35 -2.28 -22.23 17.99
N SER B 36 -1.71 -22.79 16.92
CA SER B 36 -2.02 -22.33 15.58
C SER B 36 -1.74 -23.43 14.56
N GLU B 37 -1.72 -23.09 13.28
CA GLU B 37 -1.41 -24.05 12.23
C GLU B 37 0.02 -23.83 11.74
N LEU B 38 0.81 -24.90 11.73
CA LEU B 38 2.25 -24.77 11.51
C LEU B 38 2.62 -24.57 10.04
N LYS B 39 2.10 -23.50 9.43
CA LYS B 39 2.49 -23.07 8.09
C LYS B 39 2.58 -24.20 7.07
N SER B 42 9.05 -22.93 7.56
CA SER B 42 8.54 -23.47 8.81
C SER B 42 9.27 -24.73 9.23
N LEU B 43 9.90 -24.69 10.40
CA LEU B 43 10.63 -25.84 10.94
C LEU B 43 10.22 -26.06 12.39
N ARG B 44 10.26 -27.33 12.81
CA ARG B 44 9.78 -27.71 14.13
C ARG B 44 10.93 -27.62 15.13
N LEU B 45 11.05 -26.46 15.76
CA LEU B 45 12.08 -26.28 16.79
C LEU B 45 11.75 -27.06 18.05
N SER B 46 10.50 -26.95 18.51
CA SER B 46 10.05 -27.65 19.71
C SER B 46 8.54 -27.75 19.63
N GLU B 47 7.91 -28.12 20.74
CA GLU B 47 6.46 -28.33 20.76
C GLU B 47 5.67 -27.03 20.81
N ASP B 48 6.34 -25.88 20.90
CA ASP B 48 5.63 -24.60 20.97
C ASP B 48 6.26 -23.48 20.17
N SER B 49 7.25 -23.76 19.32
CA SER B 49 7.91 -22.70 18.57
C SER B 49 8.31 -23.21 17.20
N ALA B 50 8.50 -22.26 16.27
CA ALA B 50 8.89 -22.57 14.91
C ALA B 50 9.75 -21.45 14.35
N ALA B 51 10.42 -21.72 13.24
CA ALA B 51 11.33 -20.76 12.62
C ALA B 51 10.96 -20.58 11.16
N THR B 52 11.25 -19.39 10.63
CA THR B 52 10.90 -19.03 9.26
C THR B 52 12.08 -18.33 8.60
N LEU B 53 12.37 -18.73 7.36
CA LEU B 53 13.51 -18.18 6.62
C LEU B 53 13.21 -16.78 6.11
N LEU B 54 13.76 -15.77 6.77
CA LEU B 54 13.54 -14.39 6.33
C LEU B 54 14.47 -13.99 5.20
N SER B 55 15.69 -14.53 5.18
CA SER B 55 16.64 -14.17 4.14
C SER B 55 17.64 -15.30 3.94
N ILE B 56 18.31 -15.28 2.79
CA ILE B 56 19.31 -16.28 2.44
C ILE B 56 20.34 -15.63 1.53
N ASN B 57 21.57 -16.15 1.60
CA ASN B 57 22.67 -15.64 0.79
C ASN B 57 23.72 -16.73 0.64
N SER B 58 24.22 -16.91 -0.58
CA SER B 58 25.18 -17.95 -0.88
C SER B 58 26.25 -17.41 -1.81
N ASP B 59 26.73 -16.20 -1.52
CA ASP B 59 27.61 -15.48 -2.44
C ASP B 59 29.09 -15.74 -2.20
N THR B 60 29.45 -16.55 -1.21
CA THR B 60 30.85 -16.72 -0.85
C THR B 60 31.19 -18.20 -0.73
N PRO B 61 32.47 -18.62 -1.43
CA PRO B 61 32.69 -20.04 -1.16
C PRO B 61 33.81 -20.14 -0.11
N TYR B 62 33.81 -21.25 0.62
CA TYR B 62 34.83 -21.56 1.61
C TYR B 62 34.91 -20.51 2.71
N MET B 63 33.84 -20.36 3.48
CA MET B 63 33.86 -19.49 4.66
C MET B 63 34.54 -20.21 5.81
N LYS B 64 35.01 -19.43 6.79
CA LYS B 64 35.70 -19.99 7.94
C LYS B 64 35.15 -19.53 9.29
N CYS B 65 34.75 -18.28 9.44
CA CYS B 65 34.20 -17.80 10.70
C CYS B 65 33.36 -16.56 10.45
N VAL B 66 32.44 -16.28 11.38
CA VAL B 66 31.53 -15.15 11.30
C VAL B 66 31.53 -14.43 12.64
N ALA B 67 31.05 -13.18 12.62
CA ALA B 67 30.92 -12.39 13.84
C ALA B 67 29.88 -11.28 13.69
N TRP B 68 28.88 -11.28 14.58
CA TRP B 68 27.81 -10.28 14.53
C TRP B 68 28.34 -8.89 14.84
N TYR B 69 27.66 -7.87 14.32
CA TYR B 69 28.02 -6.50 14.61
C TYR B 69 27.35 -6.07 15.91
N LEU B 70 28.08 -5.36 16.76
CA LEU B 70 27.59 -5.02 18.08
C LEU B 70 26.96 -3.63 18.17
N ASN B 71 26.78 -2.94 17.03
CA ASN B 71 26.24 -1.60 17.01
C ASN B 71 24.72 -1.67 16.81
N TYR B 72 24.03 -0.58 16.50
CA TYR B 72 22.57 -0.55 16.46
C TYR B 72 21.97 -0.24 15.10
N ASP B 73 22.53 0.68 14.32
CA ASP B 73 21.84 1.20 13.13
C ASP B 73 21.81 0.19 11.99
N PRO B 74 22.94 -0.38 11.54
CA PRO B 74 22.85 -1.35 10.44
C PRO B 74 22.13 -2.63 10.81
N GLU B 75 22.41 -3.19 11.98
CA GLU B 75 21.61 -4.24 12.61
C GLU B 75 21.70 -5.59 11.91
N CYS B 76 22.39 -5.68 10.78
CA CYS B 76 22.60 -6.99 10.19
C CYS B 76 23.95 -7.13 9.53
N LEU B 77 24.95 -6.40 10.03
CA LEU B 77 26.29 -6.52 9.48
C LEU B 77 26.95 -7.81 9.98
N LEU B 78 27.50 -8.58 9.05
CA LEU B 78 28.14 -9.85 9.38
C LEU B 78 29.54 -9.87 8.79
N ALA B 79 30.54 -10.14 9.61
CA ALA B 79 31.93 -10.21 9.16
C ALA B 79 32.27 -11.64 8.80
N VAL B 80 32.27 -11.92 7.49
CA VAL B 80 32.56 -13.27 7.02
C VAL B 80 34.05 -13.37 6.72
N GLY B 81 34.76 -14.17 7.52
CA GLY B 81 36.18 -14.38 7.32
C GLY B 81 36.48 -15.52 6.35
N GLN B 82 36.94 -15.19 5.15
CA GLN B 82 37.09 -16.19 4.10
C GLN B 82 38.36 -17.01 4.27
N ALA B 83 38.58 -17.95 3.34
CA ALA B 83 39.66 -18.93 3.44
C ALA B 83 40.91 -18.50 2.69
N ASN B 84 40.94 -17.29 2.15
CA ASN B 84 42.15 -16.78 1.52
C ASN B 84 42.78 -15.60 2.24
N GLY B 85 42.33 -15.27 3.45
CA GLY B 85 42.93 -14.19 4.21
C GLY B 85 42.02 -12.98 4.35
N ARG B 86 41.20 -12.75 3.36
CA ARG B 86 40.41 -11.53 3.29
C ARG B 86 39.11 -11.68 4.09
N VAL B 87 38.75 -10.62 4.81
CA VAL B 87 37.47 -10.52 5.49
C VAL B 87 36.56 -9.65 4.63
N VAL B 88 35.31 -10.05 4.52
CA VAL B 88 34.30 -9.29 3.81
C VAL B 88 33.13 -9.04 4.75
N LEU B 89 32.68 -7.79 4.80
CA LEU B 89 31.52 -7.42 5.60
C LEU B 89 30.27 -7.57 4.75
N THR B 90 29.35 -8.43 5.18
CA THR B 90 28.13 -8.69 4.44
C THR B 90 26.92 -8.35 5.30
N SER B 91 25.94 -7.71 4.68
CA SER B 91 24.70 -7.33 5.32
C SER B 91 23.58 -8.20 4.79
N LEU B 92 22.73 -8.67 5.69
CA LEU B 92 21.66 -9.62 5.37
C LEU B 92 20.33 -9.05 5.84
N GLY B 93 20.11 -7.78 5.53
CA GLY B 93 18.84 -7.12 5.85
C GLY B 93 18.11 -6.65 4.61
N GLN B 94 17.07 -5.84 4.81
CA GLN B 94 16.27 -5.37 3.70
C GLN B 94 15.97 -3.88 3.85
N ASP B 95 16.45 -3.29 4.95
CA ASP B 95 16.19 -1.90 5.31
C ASP B 95 16.48 -0.91 4.18
N HIS B 96 17.58 -1.14 3.46
CA HIS B 96 18.07 -0.30 2.37
C HIS B 96 18.87 0.87 2.94
N ASN B 97 18.58 2.08 2.49
CA ASN B 97 19.39 3.23 2.87
C ASN B 97 19.18 3.61 4.34
N SER B 98 20.06 3.13 5.21
CA SER B 98 20.14 3.62 6.58
C SER B 98 21.22 4.70 6.64
N LYS B 99 21.59 5.13 7.84
CA LYS B 99 22.60 6.18 7.97
C LYS B 99 23.96 5.77 7.44
N PHE B 100 24.27 4.47 7.39
CA PHE B 100 25.58 3.98 6.94
C PHE B 100 25.34 3.06 5.76
N LYS B 101 25.22 3.64 4.56
CA LYS B 101 25.06 2.85 3.35
C LYS B 101 26.39 2.56 2.67
N ASP B 102 27.50 2.96 3.29
CA ASP B 102 28.81 2.81 2.66
C ASP B 102 29.53 1.52 3.04
N LEU B 103 29.14 0.87 4.13
CA LEU B 103 29.88 -0.28 4.62
C LEU B 103 29.60 -1.52 3.78
N ILE B 104 28.33 -1.96 3.76
CA ILE B 104 27.80 -3.10 3.02
C ILE B 104 28.74 -3.65 1.94
N GLY B 105 29.87 -4.19 2.37
CA GLY B 105 30.81 -4.80 1.45
C GLY B 105 32.13 -4.08 1.37
N LYS B 106 33.11 -4.61 2.11
CA LYS B 106 34.48 -4.13 2.09
C LYS B 106 35.38 -5.28 1.66
N GLU B 107 36.70 -5.12 1.61
CA GLU B 107 37.59 -6.25 1.44
C GLU B 107 38.90 -5.96 2.14
N PHE B 108 39.03 -6.39 3.39
CA PHE B 108 40.26 -6.17 4.14
C PHE B 108 41.22 -7.29 3.80
N VAL B 109 42.29 -6.96 3.10
CA VAL B 109 43.24 -7.95 2.60
C VAL B 109 44.57 -7.79 3.34
N PRO B 110 45.17 -8.88 3.78
CA PRO B 110 46.53 -8.81 4.33
C PRO B 110 47.56 -8.85 3.20
N LYS B 111 48.79 -8.48 3.53
CA LYS B 111 49.82 -8.37 2.51
C LYS B 111 50.02 -9.70 1.77
N HIS B 112 50.11 -10.81 2.49
CA HIS B 112 50.13 -12.12 1.87
C HIS B 112 48.97 -12.96 2.37
N ALA B 113 48.54 -13.89 1.54
CA ALA B 113 47.32 -14.66 1.77
C ALA B 113 47.64 -15.94 2.53
N ARG B 114 46.91 -16.16 3.61
CA ARG B 114 47.01 -17.40 4.40
C ARG B 114 45.58 -17.78 4.75
N GLN B 115 45.38 -18.65 5.73
CA GLN B 115 44.05 -19.04 6.15
C GLN B 115 43.65 -18.26 7.40
N CYS B 116 42.45 -17.71 7.39
CA CYS B 116 41.90 -17.04 8.56
C CYS B 116 41.43 -18.06 9.59
N ASN B 117 41.51 -17.67 10.87
CA ASN B 117 41.18 -18.60 11.94
C ASN B 117 40.11 -18.05 12.88
N THR B 118 40.19 -16.76 13.22
CA THR B 118 39.33 -16.20 14.25
C THR B 118 39.00 -14.75 13.93
N LEU B 119 37.81 -14.33 14.32
CA LEU B 119 37.37 -12.94 14.30
C LEU B 119 36.95 -12.51 15.69
N ALA B 120 36.75 -11.20 15.87
CA ALA B 120 36.48 -10.64 17.19
C ALA B 120 35.84 -9.27 17.04
N TRP B 121 35.49 -8.66 18.17
CA TRP B 121 34.85 -7.36 18.22
C TRP B 121 35.05 -6.75 19.62
N ASN B 122 35.37 -5.47 19.70
CA ASN B 122 35.45 -4.82 21.00
C ASN B 122 34.07 -4.58 21.57
N PRO B 123 33.87 -4.88 22.84
CA PRO B 123 32.66 -4.41 23.51
C PRO B 123 32.56 -2.90 23.52
N LEU B 124 33.57 -2.22 24.07
CA LEU B 124 33.49 -0.78 24.31
C LEU B 124 33.46 0.05 23.03
N ASP B 125 34.40 -0.19 22.11
CA ASP B 125 34.46 0.57 20.87
C ASP B 125 34.23 -0.37 19.69
N SER B 126 33.04 -0.29 19.09
CA SER B 126 32.57 -1.21 18.08
C SER B 126 33.34 -1.12 16.77
N ASN B 127 34.16 -0.09 16.59
CA ASN B 127 34.80 0.11 15.29
C ASN B 127 36.04 -0.74 15.08
N TRP B 128 36.44 -1.53 16.06
CA TRP B 128 37.67 -2.31 15.98
C TRP B 128 37.36 -3.80 15.80
N LEU B 129 38.12 -4.44 14.92
CA LEU B 129 37.86 -5.82 14.51
C LEU B 129 39.19 -6.55 14.40
N ALA B 130 39.48 -7.40 15.38
CA ALA B 130 40.72 -8.17 15.37
C ALA B 130 40.56 -9.47 14.60
N ALA B 131 41.55 -9.80 13.78
CA ALA B 131 41.56 -11.03 13.01
C ALA B 131 42.84 -11.81 13.28
N GLY B 132 42.75 -13.12 13.13
CA GLY B 132 43.88 -14.00 13.38
C GLY B 132 44.15 -14.87 12.18
N LEU B 133 45.39 -14.88 11.73
CA LEU B 133 45.78 -15.52 10.48
C LEU B 133 46.87 -16.55 10.75
N ASP B 134 47.22 -17.30 9.72
CA ASP B 134 48.16 -18.41 9.85
C ASP B 134 49.61 -17.92 9.89
N LYS B 135 50.55 -18.82 9.69
CA LYS B 135 51.98 -18.55 9.87
C LYS B 135 52.57 -17.98 8.59
N HIS B 136 53.63 -17.18 8.75
CA HIS B 136 54.40 -16.70 7.60
C HIS B 136 55.79 -16.29 8.05
N ARG B 137 56.68 -16.14 7.07
CA ARG B 137 58.08 -15.83 7.36
C ARG B 137 58.33 -14.34 7.55
N ALA B 138 57.48 -13.48 7.00
CA ALA B 138 57.73 -12.05 7.07
C ALA B 138 56.44 -11.28 7.32
N ASP B 139 55.57 -11.80 8.18
CA ASP B 139 54.24 -11.25 8.31
C ASP B 139 53.83 -11.12 9.78
N PHE B 140 52.87 -10.25 10.01
CA PHE B 140 52.21 -10.15 11.31
C PHE B 140 50.96 -11.01 11.31
N SER B 141 50.68 -11.59 12.46
CA SER B 141 49.60 -12.56 12.59
C SER B 141 48.36 -12.03 13.27
N VAL B 142 48.45 -10.92 14.00
CA VAL B 142 47.31 -10.35 14.73
C VAL B 142 47.12 -8.93 14.19
N LEU B 143 46.05 -8.72 13.44
CA LEU B 143 45.79 -7.44 12.82
C LEU B 143 44.55 -6.80 13.42
N ILE B 144 44.67 -5.54 13.83
CA ILE B 144 43.55 -4.76 14.34
C ILE B 144 43.19 -3.74 13.26
N TRP B 145 41.98 -3.85 12.72
CA TRP B 145 41.55 -2.98 11.64
C TRP B 145 40.72 -1.83 12.20
N ASP B 146 40.16 -1.03 11.30
CA ASP B 146 39.25 0.05 11.65
C ASP B 146 38.28 0.21 10.51
N ILE B 147 36.98 0.15 10.81
CA ILE B 147 35.97 -0.08 9.79
C ILE B 147 35.67 1.19 9.00
N CYS B 148 35.98 2.35 9.56
CA CYS B 148 35.66 3.61 8.89
C CYS B 148 36.77 4.05 7.94
N LEU B 172 40.81 -5.42 -1.26
CA LEU B 172 41.34 -4.51 -2.27
C LEU B 172 41.29 -3.07 -1.79
N LEU B 173 40.17 -2.68 -1.18
CA LEU B 173 39.92 -1.31 -0.78
C LEU B 173 40.81 -0.87 0.39
N VAL B 174 40.88 -1.68 1.45
CA VAL B 174 41.57 -1.32 2.67
C VAL B 174 42.77 -2.24 2.82
N THR B 175 43.94 -1.66 3.05
CA THR B 175 45.19 -2.41 3.06
C THR B 175 46.12 -1.97 4.19
N LYS B 176 45.75 -0.95 4.95
CA LYS B 176 46.56 -0.47 6.08
C LYS B 176 45.78 -0.64 7.38
N PRO B 177 46.07 -1.68 8.15
CA PRO B 177 45.43 -1.82 9.47
C PRO B 177 46.05 -0.92 10.52
N LEU B 178 45.46 -0.90 11.73
CA LEU B 178 45.87 0.03 12.77
C LEU B 178 47.08 -0.45 13.57
N TYR B 179 46.90 -1.54 14.31
CA TYR B 179 47.93 -2.08 15.19
C TYR B 179 48.27 -3.51 14.74
N GLU B 180 49.55 -3.74 14.45
CA GLU B 180 50.00 -5.02 13.94
C GLU B 180 50.95 -5.67 14.92
N LEU B 181 50.58 -6.86 15.38
CA LEU B 181 51.35 -7.57 16.40
C LEU B 181 51.62 -8.99 15.91
N GLY B 182 52.41 -9.72 16.68
CA GLY B 182 52.61 -11.13 16.45
C GLY B 182 53.33 -11.47 15.16
N GLN B 183 54.61 -11.15 15.07
CA GLN B 183 55.41 -11.44 13.90
C GLN B 183 55.90 -12.87 13.92
N ASN B 184 55.68 -13.58 12.81
CA ASN B 184 56.18 -14.94 12.62
C ASN B 184 55.59 -15.91 13.64
N ASP B 185 54.26 -15.98 13.67
CA ASP B 185 53.56 -16.92 14.53
C ASP B 185 52.16 -17.14 13.99
N ALA B 186 51.46 -18.11 14.57
CA ALA B 186 50.10 -18.45 14.20
C ALA B 186 49.17 -18.23 15.38
N CYS B 187 48.07 -17.53 15.15
CA CYS B 187 47.12 -17.21 16.20
C CYS B 187 45.83 -17.99 15.99
N LEU B 188 45.35 -18.64 17.05
CA LEU B 188 44.23 -19.57 16.95
C LEU B 188 42.99 -19.13 17.70
N SER B 189 43.06 -18.09 18.51
CA SER B 189 41.91 -17.66 19.30
C SER B 189 42.15 -16.23 19.79
N LEU B 190 41.09 -15.43 19.75
CA LEU B 190 41.15 -14.05 20.22
C LEU B 190 39.99 -13.81 21.17
N CYS B 191 40.25 -13.09 22.26
CA CYS B 191 39.19 -12.71 23.19
C CYS B 191 39.55 -11.35 23.77
N TRP B 192 38.76 -10.33 23.42
CA TRP B 192 38.94 -9.02 24.02
C TRP B 192 38.63 -9.08 25.51
N LEU B 193 39.50 -8.50 26.32
CA LEU B 193 39.18 -8.35 27.73
C LEU B 193 38.12 -7.27 27.91
N PRO B 194 37.17 -7.46 28.82
CA PRO B 194 36.04 -6.53 28.92
C PRO B 194 36.30 -5.42 29.93
N ARG B 195 37.49 -5.38 30.51
CA ARG B 195 37.80 -4.35 31.50
C ARG B 195 38.17 -3.04 30.82
N ASP B 196 39.21 -3.06 29.98
CA ASP B 196 39.64 -1.87 29.28
C ASP B 196 39.44 -2.07 27.78
N GLN B 197 39.88 -1.13 26.96
CA GLN B 197 39.77 -1.21 25.51
C GLN B 197 41.16 -1.20 24.90
N LYS B 198 42.13 -1.73 25.65
CA LYS B 198 43.51 -1.67 25.23
C LYS B 198 44.21 -3.01 25.46
N LEU B 199 43.47 -4.00 25.94
CA LEU B 199 44.04 -5.31 26.22
C LEU B 199 43.37 -6.38 25.38
N LEU B 200 44.15 -7.42 25.09
CA LEU B 200 43.69 -8.50 24.23
C LEU B 200 44.36 -9.79 24.64
N LEU B 201 43.56 -10.79 24.97
CA LEU B 201 44.04 -12.14 25.27
C LEU B 201 44.07 -12.95 23.98
N ALA B 202 45.24 -13.44 23.61
CA ALA B 202 45.40 -14.12 22.34
C ALA B 202 46.08 -15.45 22.57
N GLY B 203 45.58 -16.48 21.90
CA GLY B 203 46.15 -17.80 22.04
C GLY B 203 47.01 -18.17 20.85
N MET B 204 48.32 -18.20 21.05
CA MET B 204 49.25 -18.44 19.96
C MET B 204 49.51 -19.92 19.78
N HIS B 205 50.48 -20.26 18.94
CA HIS B 205 50.78 -21.64 18.60
C HIS B 205 51.30 -22.43 19.80
N ARG B 206 52.22 -21.85 20.58
CA ARG B 206 52.89 -22.59 21.64
C ARG B 206 52.79 -21.94 23.01
N ASN B 207 52.22 -20.74 23.11
CA ASN B 207 52.16 -20.04 24.38
C ASN B 207 50.95 -19.12 24.39
N LEU B 208 50.14 -19.22 25.44
CA LEU B 208 49.03 -18.28 25.62
C LEU B 208 49.59 -16.92 26.03
N ALA B 209 49.13 -15.87 25.36
CA ALA B 209 49.73 -14.55 25.50
C ALA B 209 48.65 -13.52 25.77
N ILE B 210 49.09 -12.37 26.27
CA ILE B 210 48.20 -11.27 26.66
C ILE B 210 48.88 -9.97 26.27
N PHE B 211 48.37 -9.33 25.22
CA PHE B 211 48.98 -8.11 24.68
C PHE B 211 48.31 -6.87 25.27
N ASP B 212 49.10 -5.83 25.52
CA ASP B 212 48.60 -4.53 25.90
C ASP B 212 48.88 -3.56 24.76
N LEU B 213 47.82 -2.94 24.22
CA LEU B 213 47.93 -2.25 22.95
C LEU B 213 48.71 -0.93 23.03
N ARG B 214 48.56 -0.18 24.12
CA ARG B 214 49.12 1.16 24.23
C ARG B 214 50.58 1.22 23.76
N ASN B 215 51.45 0.48 24.43
CA ASN B 215 52.80 0.28 23.91
C ASN B 215 52.82 -1.10 23.27
N THR B 216 53.22 -1.15 22.00
CA THR B 216 53.24 -2.42 21.28
C THR B 216 54.24 -3.38 21.91
N SER B 217 55.53 -3.04 21.84
CA SER B 217 56.65 -3.80 22.37
C SER B 217 56.40 -5.30 22.45
N GLN B 218 56.26 -5.81 23.68
CA GLN B 218 55.96 -7.22 23.90
C GLN B 218 55.56 -7.37 25.36
N LYS B 219 54.46 -8.08 25.62
CA LYS B 219 54.04 -8.37 26.98
C LYS B 219 54.31 -9.84 27.31
N MET B 220 53.89 -10.27 28.50
CA MET B 220 54.28 -11.55 29.04
C MET B 220 53.44 -12.69 28.47
N PHE B 221 53.69 -13.91 28.96
CA PHE B 221 53.28 -15.13 28.29
C PHE B 221 53.43 -16.30 29.25
N VAL B 222 52.81 -17.43 28.90
CA VAL B 222 52.93 -18.68 29.63
C VAL B 222 52.93 -19.83 28.64
N ASN B 223 53.87 -20.77 28.80
CA ASN B 223 54.05 -21.83 27.81
C ASN B 223 53.16 -23.02 28.16
N THR B 224 51.90 -22.91 27.78
CA THR B 224 50.95 -24.00 27.94
C THR B 224 50.82 -24.75 26.62
N LYS B 225 49.91 -25.73 26.58
CA LYS B 225 49.57 -26.36 25.32
C LYS B 225 48.06 -26.34 25.07
N ALA B 226 47.29 -25.61 25.87
CA ALA B 226 45.84 -25.49 25.71
C ALA B 226 45.56 -24.08 25.18
N VAL B 227 45.38 -23.98 23.86
CA VAL B 227 45.32 -22.69 23.20
C VAL B 227 44.14 -22.60 22.23
N GLN B 228 43.30 -23.63 22.16
CA GLN B 228 42.26 -23.63 21.13
C GLN B 228 41.23 -22.52 21.29
N GLY B 229 40.49 -22.53 22.39
CA GLY B 229 39.43 -21.55 22.55
C GLY B 229 39.51 -20.83 23.88
N VAL B 230 39.76 -19.54 23.84
CA VAL B 230 39.99 -18.74 25.03
C VAL B 230 38.81 -17.82 25.25
N THR B 231 38.27 -17.84 26.46
CA THR B 231 37.15 -16.98 26.82
C THR B 231 37.29 -16.55 28.27
N VAL B 232 36.62 -15.46 28.62
CA VAL B 232 36.55 -14.97 29.99
C VAL B 232 35.09 -15.02 30.42
N ASP B 233 34.87 -15.45 31.66
CA ASP B 233 33.48 -15.64 32.06
C ASP B 233 32.81 -14.28 32.29
N PRO B 234 31.61 -14.06 31.75
CA PRO B 234 31.04 -12.71 31.74
C PRO B 234 30.70 -12.17 33.12
N TYR B 235 30.99 -12.93 34.17
CA TYR B 235 30.75 -12.48 35.53
C TYR B 235 32.01 -12.18 36.32
N PHE B 236 33.08 -12.96 36.15
CA PHE B 236 34.34 -12.70 36.84
C PHE B 236 35.38 -12.37 35.78
N HIS B 237 35.96 -11.18 35.86
CA HIS B 237 37.00 -10.79 34.91
C HIS B 237 38.37 -11.17 35.47
N ASP B 238 38.46 -12.42 35.90
CA ASP B 238 39.71 -12.96 36.39
C ASP B 238 39.89 -14.40 35.91
N ARG B 239 38.78 -15.05 35.57
CA ARG B 239 38.80 -16.46 35.20
C ARG B 239 38.80 -16.59 33.69
N VAL B 240 39.61 -17.52 33.17
CA VAL B 240 39.71 -17.78 31.75
C VAL B 240 39.77 -19.28 31.54
N ALA B 241 39.01 -19.78 30.58
CA ALA B 241 38.95 -21.21 30.29
C ALA B 241 39.44 -21.47 28.88
N SER B 242 40.29 -22.48 28.74
CA SER B 242 40.84 -22.87 27.44
C SER B 242 40.85 -24.39 27.36
N PHE B 243 41.14 -24.92 26.18
CA PHE B 243 41.14 -26.37 26.01
C PHE B 243 42.06 -26.76 24.86
N TYR B 244 42.36 -28.05 24.80
CA TYR B 244 43.08 -28.65 23.70
C TYR B 244 42.91 -30.16 23.82
N GLU B 245 42.82 -30.82 22.66
CA GLU B 245 42.63 -32.26 22.59
C GLU B 245 41.42 -32.70 23.41
N GLY B 246 41.62 -33.00 24.69
CA GLY B 246 40.56 -33.53 25.50
C GLY B 246 40.21 -32.77 26.77
N GLN B 247 41.14 -32.00 27.31
CA GLN B 247 40.91 -31.45 28.64
C GLN B 247 40.76 -29.93 28.60
N VAL B 248 40.35 -29.38 29.74
CA VAL B 248 40.04 -27.97 29.88
C VAL B 248 40.78 -27.45 31.10
N ALA B 249 41.35 -26.26 30.99
CA ALA B 249 42.10 -25.64 32.06
C ALA B 249 41.47 -24.31 32.47
N ILE B 250 41.65 -23.97 33.75
CA ILE B 250 41.10 -22.75 34.32
C ILE B 250 42.24 -21.94 34.89
N TRP B 251 42.33 -20.67 34.51
CA TRP B 251 43.44 -19.81 34.91
C TRP B 251 42.99 -18.75 35.90
N ASP B 252 43.90 -17.85 36.25
CA ASP B 252 43.60 -16.73 37.13
C ASP B 252 44.35 -15.51 36.65
N LEU B 253 43.63 -14.45 36.29
CA LEU B 253 44.22 -13.25 35.69
C LEU B 253 45.25 -12.60 36.61
N ARG B 254 44.93 -12.49 37.90
CA ARG B 254 45.88 -11.94 38.86
C ARG B 254 46.89 -13.01 39.26
N LYS B 255 47.92 -13.17 38.43
CA LYS B 255 49.05 -14.08 38.67
C LYS B 255 48.65 -15.54 38.48
N PHE B 256 49.32 -16.21 37.53
CA PHE B 256 49.12 -17.63 37.29
C PHE B 256 50.21 -18.13 36.35
N GLU B 257 50.72 -19.33 36.62
CA GLU B 257 51.71 -19.96 35.75
C GLU B 257 51.27 -21.36 35.40
N LYS B 258 50.60 -22.02 36.33
CA LYS B 258 50.07 -23.35 36.13
C LYS B 258 48.55 -23.31 36.04
N PRO B 259 47.96 -24.20 35.27
CA PRO B 259 46.50 -24.25 35.20
C PRO B 259 45.89 -24.98 36.39
N VAL B 260 45.06 -24.29 37.17
CA VAL B 260 44.46 -24.89 38.34
C VAL B 260 43.14 -25.53 37.94
N LEU B 261 42.82 -26.69 38.53
CA LEU B 261 41.66 -27.49 38.18
C LEU B 261 41.65 -27.88 36.71
N THR B 262 42.58 -28.72 36.28
CA THR B 262 42.46 -29.43 35.02
C THR B 262 41.23 -30.33 35.14
N LEU B 263 40.25 -30.13 34.26
CA LEU B 263 38.96 -30.78 34.39
C LEU B 263 39.04 -32.22 33.90
N THR B 264 37.88 -32.85 33.76
CA THR B 264 37.78 -34.25 33.39
C THR B 264 38.30 -34.49 31.98
N GLU B 265 39.31 -35.34 31.86
CA GLU B 265 39.93 -35.63 30.57
C GLU B 265 39.09 -36.63 29.77
N GLN B 266 38.06 -36.13 29.10
CA GLN B 266 37.17 -36.99 28.33
C GLN B 266 37.93 -37.65 27.19
N PRO B 267 37.56 -38.89 26.84
CA PRO B 267 38.28 -39.60 25.78
C PRO B 267 37.81 -39.24 24.37
N LYS B 268 37.81 -37.97 24.04
CA LYS B 268 37.36 -37.52 22.73
C LYS B 268 37.84 -36.10 22.47
N PRO B 269 37.91 -35.66 21.21
CA PRO B 269 38.23 -34.25 20.96
C PRO B 269 37.03 -33.35 21.18
N LEU B 270 37.28 -32.16 21.71
CA LEU B 270 36.21 -31.20 21.95
C LEU B 270 35.95 -30.36 20.70
N THR B 271 34.84 -29.62 20.72
CA THR B 271 34.50 -28.77 19.61
C THR B 271 34.21 -27.34 20.07
N LYS B 272 33.56 -27.18 21.21
CA LYS B 272 33.16 -25.85 21.66
C LYS B 272 33.14 -25.81 23.18
N VAL B 273 33.32 -24.60 23.70
CA VAL B 273 33.30 -24.34 25.14
C VAL B 273 32.72 -22.94 25.34
N ALA B 274 31.87 -22.78 26.35
CA ALA B 274 31.30 -21.47 26.63
C ALA B 274 30.76 -21.43 28.05
N TRP B 275 30.48 -20.21 28.50
CA TRP B 275 29.75 -19.98 29.73
C TRP B 275 28.31 -19.55 29.41
N CYS B 276 27.46 -19.56 30.43
CA CYS B 276 26.10 -19.07 30.27
C CYS B 276 26.06 -17.60 30.65
N PRO B 277 25.63 -16.71 29.77
CA PRO B 277 25.61 -15.28 30.12
C PRO B 277 24.67 -14.93 31.25
N THR B 278 23.78 -15.84 31.66
CA THR B 278 22.76 -15.53 32.65
C THR B 278 22.89 -16.33 33.95
N ARG B 279 23.38 -17.56 33.91
CA ARG B 279 23.46 -18.40 35.10
C ARG B 279 24.86 -18.41 35.72
N THR B 280 25.56 -17.28 35.62
CA THR B 280 26.65 -16.90 36.52
C THR B 280 27.49 -18.04 37.09
N GLY B 281 28.10 -18.87 36.25
CA GLY B 281 29.05 -19.81 36.82
C GLY B 281 29.21 -21.19 36.25
N LEU B 282 28.41 -21.60 35.27
CA LEU B 282 28.49 -22.96 34.77
C LEU B 282 29.07 -23.02 33.36
N LEU B 283 30.02 -23.94 33.16
CA LEU B 283 30.63 -24.20 31.87
C LEU B 283 29.80 -25.19 31.07
N ALA B 284 30.13 -25.33 29.79
CA ALA B 284 29.36 -26.15 28.88
C ALA B 284 30.21 -26.64 27.72
N THR B 285 30.65 -27.91 27.76
CA THR B 285 31.55 -28.43 26.74
C THR B 285 30.77 -29.24 25.72
N LEU B 286 31.50 -29.80 24.74
CA LEU B 286 30.93 -30.59 23.67
C LEU B 286 32.05 -31.37 23.00
N THR B 287 31.70 -32.54 22.47
CA THR B 287 32.71 -33.41 21.88
C THR B 287 32.21 -33.90 20.53
N ARG B 288 33.16 -34.24 19.66
CA ARG B 288 32.83 -34.74 18.34
C ARG B 288 32.12 -36.09 18.44
N ASP B 289 31.11 -36.27 17.59
CA ASP B 289 30.33 -37.50 17.54
C ASP B 289 29.70 -37.82 18.90
N SER B 290 28.83 -36.90 19.34
CA SER B 290 28.14 -37.07 20.61
C SER B 290 26.76 -36.44 20.54
N ASN B 291 25.90 -36.90 21.44
CA ASN B 291 24.58 -36.29 21.63
C ASN B 291 24.38 -35.82 23.06
N ILE B 292 25.41 -35.83 23.88
CA ILE B 292 25.33 -35.41 25.27
C ILE B 292 26.28 -34.24 25.44
N ILE B 293 25.78 -33.14 26.00
CA ILE B 293 26.62 -31.98 26.30
C ILE B 293 26.88 -31.98 27.81
N ARG B 294 28.16 -31.94 28.17
CA ARG B 294 28.51 -31.83 29.57
C ARG B 294 28.13 -30.45 30.09
N LEU B 295 27.92 -30.37 31.41
CA LEU B 295 27.52 -29.10 32.00
C LEU B 295 28.09 -29.07 33.42
N TYR B 296 29.27 -28.47 33.56
CA TYR B 296 29.91 -28.35 34.85
C TYR B 296 29.37 -27.13 35.60
N ASP B 297 29.36 -27.22 36.93
CA ASP B 297 28.53 -26.35 37.75
C ASP B 297 29.28 -25.42 38.69
N MET B 298 30.59 -25.25 38.52
CA MET B 298 31.45 -24.44 39.39
C MET B 298 30.78 -23.29 40.13
N PRO B 311 36.05 -26.09 46.19
CA PRO B 311 34.91 -26.98 45.96
C PRO B 311 35.08 -27.82 44.71
N THR B 312 34.20 -28.79 44.51
CA THR B 312 34.20 -29.64 43.33
C THR B 312 32.98 -29.32 42.49
N ILE B 313 33.18 -29.17 41.18
CA ILE B 313 32.06 -28.89 40.28
C ILE B 313 31.19 -30.13 40.15
N ILE B 314 29.89 -29.92 40.00
CA ILE B 314 28.94 -31.01 39.87
C ILE B 314 28.68 -31.28 38.40
N GLU B 315 28.82 -32.55 38.01
CA GLU B 315 28.73 -32.97 36.61
C GLU B 315 27.30 -33.26 36.19
N ARG B 316 26.48 -32.23 36.09
CA ARG B 316 25.10 -32.34 35.67
C ARG B 316 25.00 -32.39 34.15
N SER B 317 24.75 -33.56 33.58
CA SER B 317 24.74 -33.69 32.13
C SER B 317 23.33 -33.47 31.57
N VAL B 318 23.26 -33.34 30.24
CA VAL B 318 22.00 -33.15 29.52
C VAL B 318 22.15 -33.77 28.14
N GLN B 319 21.06 -34.35 27.65
CA GLN B 319 20.99 -34.88 26.28
C GLN B 319 19.97 -34.08 25.50
N PRO B 320 20.41 -33.09 24.73
CA PRO B 320 19.48 -32.19 24.04
C PRO B 320 18.53 -32.89 23.08
N CYS B 321 19.07 -33.63 22.12
CA CYS B 321 18.28 -34.11 21.00
C CYS B 321 18.68 -35.53 20.61
N ASP B 322 18.24 -35.98 19.44
CA ASP B 322 18.29 -37.41 19.13
C ASP B 322 19.58 -37.86 18.44
N ASN B 323 19.87 -37.31 17.25
CA ASN B 323 20.95 -37.91 16.46
C ASN B 323 22.34 -37.41 16.82
N TYR B 324 22.64 -36.13 16.56
CA TYR B 324 23.96 -35.57 16.77
C TYR B 324 23.91 -34.06 16.74
N ILE B 325 24.88 -33.41 17.41
CA ILE B 325 24.89 -31.97 17.58
C ILE B 325 26.09 -31.39 16.85
N ALA B 326 25.83 -30.35 16.04
CA ALA B 326 26.92 -29.65 15.36
C ALA B 326 27.52 -28.58 16.26
N SER B 327 26.70 -27.62 16.71
CA SER B 327 27.18 -26.55 17.57
C SER B 327 26.01 -25.97 18.33
N PHE B 328 26.32 -25.18 19.36
CA PHE B 328 25.30 -24.56 20.19
C PHE B 328 25.67 -23.11 20.49
N ALA B 329 24.73 -22.39 21.10
CA ALA B 329 24.98 -21.02 21.55
C ALA B 329 23.91 -20.61 22.54
N TRP B 330 24.34 -20.06 23.68
CA TRP B 330 23.40 -19.51 24.65
C TRP B 330 22.72 -18.27 24.08
N HIS B 331 21.50 -18.04 24.55
CA HIS B 331 20.77 -16.81 24.23
C HIS B 331 21.20 -15.71 25.19
N PRO B 332 21.29 -14.46 24.74
CA PRO B 332 21.91 -13.43 25.59
C PRO B 332 20.97 -12.73 26.56
N THR B 333 19.66 -12.94 26.47
CA THR B 333 18.74 -12.18 27.31
C THR B 333 17.80 -13.06 28.10
N SER B 334 17.44 -14.22 27.56
CA SER B 334 16.46 -15.12 28.17
C SER B 334 17.20 -16.21 28.90
N GLN B 335 16.74 -16.52 30.12
CA GLN B 335 17.39 -17.51 30.97
C GLN B 335 17.46 -18.88 30.31
N ASN B 336 18.67 -19.42 30.20
CA ASN B 336 18.85 -20.82 29.84
C ASN B 336 18.14 -21.18 28.54
N ARG B 337 18.64 -20.69 27.41
CA ARG B 337 17.90 -20.76 26.16
C ARG B 337 18.80 -21.22 25.02
N MET B 338 19.51 -22.34 25.22
CA MET B 338 20.45 -22.81 24.22
C MET B 338 19.74 -23.31 22.97
N ILE B 339 20.50 -23.44 21.87
CA ILE B 339 20.03 -24.02 20.62
C ILE B 339 21.03 -25.06 20.18
N VAL B 340 20.56 -26.23 19.79
CA VAL B 340 21.41 -27.25 19.20
C VAL B 340 21.06 -27.37 17.72
N VAL B 341 22.07 -27.71 16.91
CA VAL B 341 21.84 -27.87 15.48
C VAL B 341 22.40 -29.20 15.00
N THR B 342 21.61 -29.94 14.23
CA THR B 342 22.04 -31.20 13.66
C THR B 342 22.63 -30.97 12.28
N PRO B 343 23.51 -31.87 11.80
CA PRO B 343 24.00 -31.76 10.42
C PRO B 343 22.86 -31.71 9.41
N ASN B 344 21.78 -32.43 9.70
CA ASN B 344 20.60 -32.41 8.83
C ASN B 344 19.80 -31.12 8.98
N ARG B 345 20.37 -30.10 9.62
CA ARG B 345 19.75 -28.79 9.77
C ARG B 345 18.45 -28.85 10.56
N THR B 346 18.52 -29.36 11.79
CA THR B 346 17.39 -29.31 12.70
C THR B 346 17.68 -28.28 13.78
N MET B 347 16.84 -28.20 14.79
CA MET B 347 17.04 -27.23 15.86
C MET B 347 16.38 -27.75 17.13
N SER B 348 16.54 -27.00 18.21
CA SER B 348 15.83 -27.19 19.46
C SER B 348 16.02 -25.97 20.33
N ASP B 349 14.94 -25.48 20.94
CA ASP B 349 15.01 -24.21 21.66
C ASP B 349 14.72 -24.38 23.14
N PHE B 350 15.25 -25.43 23.76
CA PHE B 350 14.83 -25.80 25.10
C PHE B 350 15.44 -24.86 26.13
N THR B 351 15.17 -25.17 27.40
CA THR B 351 15.79 -24.50 28.53
C THR B 351 16.52 -25.53 29.39
N VAL B 352 17.51 -25.05 30.13
CA VAL B 352 18.25 -25.89 31.06
C VAL B 352 17.58 -25.82 32.42
N PHE B 353 16.64 -26.74 32.67
CA PHE B 353 15.86 -26.70 33.90
C PHE B 353 16.73 -26.87 35.12
N GLU B 354 16.52 -26.00 36.11
CA GLU B 354 17.31 -26.01 37.34
C GLU B 354 16.86 -27.15 38.26
N ARG B 355 17.26 -27.12 39.51
CA ARG B 355 16.89 -28.15 40.48
C ARG B 355 15.75 -27.62 41.35
N ILE B 356 14.78 -28.49 41.64
CA ILE B 356 13.57 -28.11 42.36
C ILE B 356 13.58 -28.72 43.75
N SER B 357 13.01 -27.99 44.71
CA SER B 357 12.85 -28.44 46.09
C SER B 357 11.38 -28.50 46.44
N LEU B 358 11.02 -29.44 47.30
CA LEU B 358 9.64 -29.68 47.67
C LEU B 358 9.46 -29.54 49.17
N ALA B 359 8.22 -29.28 49.58
CA ALA B 359 7.82 -29.23 50.97
C ALA B 359 6.31 -29.30 51.03
N TRP B 360 5.79 -30.16 51.90
CA TRP B 360 4.36 -30.38 52.04
C TRP B 360 3.81 -29.50 53.17
N SER B 361 2.51 -29.56 53.38
CA SER B 361 1.85 -28.84 54.46
C SER B 361 0.80 -29.76 55.06
N PRO B 362 0.43 -29.55 56.32
CA PRO B 362 -0.65 -30.35 56.91
C PRO B 362 -1.97 -30.22 56.18
N ILE B 363 -2.18 -29.12 55.45
CA ILE B 363 -3.41 -28.87 54.72
C ILE B 363 -3.44 -29.61 53.39
N THR B 364 -2.36 -30.32 53.06
CA THR B 364 -2.13 -30.92 51.75
C THR B 364 -2.08 -29.84 50.67
N SER B 365 -1.05 -29.00 50.74
CA SER B 365 -0.78 -28.00 49.71
C SER B 365 0.72 -27.96 49.49
N LEU B 366 1.18 -28.45 48.34
CA LEU B 366 2.59 -28.48 48.01
C LEU B 366 3.13 -27.08 47.76
N MET B 367 4.35 -26.84 48.24
CA MET B 367 5.09 -25.63 47.92
C MET B 367 6.44 -26.05 47.38
N TRP B 368 6.74 -25.66 46.15
CA TRP B 368 8.01 -25.95 45.51
C TRP B 368 8.55 -24.70 44.86
N ALA B 369 9.84 -24.47 45.03
CA ALA B 369 10.52 -23.31 44.47
C ALA B 369 11.59 -23.76 43.50
N CYS B 370 11.55 -23.19 42.30
CA CYS B 370 12.57 -23.46 41.29
C CYS B 370 13.18 -22.13 40.87
N GLY B 371 14.51 -22.09 40.79
CA GLY B 371 15.19 -20.87 40.47
C GLY B 371 15.06 -19.83 41.56
N ARG B 372 14.29 -18.78 41.30
CA ARG B 372 14.08 -17.72 42.27
C ARG B 372 12.60 -17.36 42.34
N HIS B 373 11.75 -18.39 42.33
CA HIS B 373 10.30 -18.21 42.35
C HIS B 373 9.68 -19.38 43.10
N LEU B 374 8.66 -19.10 43.90
CA LEU B 374 8.00 -20.11 44.73
C LEU B 374 6.54 -20.22 44.31
N TYR B 375 6.06 -21.45 44.14
CA TYR B 375 4.69 -21.73 43.74
C TYR B 375 4.05 -22.72 44.70
N GLU B 376 2.71 -22.69 44.76
CA GLU B 376 1.93 -23.52 45.68
C GLU B 376 0.74 -24.14 44.94
N CYS B 377 0.81 -25.44 44.67
CA CYS B 377 -0.22 -26.15 43.91
C CYS B 377 -1.23 -26.76 44.87
N THR B 378 -2.23 -25.96 45.24
CA THR B 378 -3.25 -26.38 46.19
C THR B 378 -4.26 -27.32 45.55
N LYS B 388 -11.90 -38.13 46.64
CA LYS B 388 -10.79 -37.27 47.03
C LYS B 388 -9.78 -38.05 47.86
N ASP B 389 -8.99 -37.33 48.65
CA ASP B 389 -7.97 -37.93 49.49
C ASP B 389 -8.57 -38.40 50.81
N ILE B 390 -7.77 -39.15 51.58
CA ILE B 390 -8.19 -39.57 52.92
C ILE B 390 -7.83 -38.53 53.97
N ALA B 391 -6.90 -37.61 53.67
CA ALA B 391 -6.53 -36.56 54.61
C ALA B 391 -7.43 -35.34 54.49
N THR B 392 -8.29 -35.28 53.49
CA THR B 392 -9.28 -34.22 53.39
C THR B 392 -10.67 -34.68 53.79
N LYS B 393 -10.99 -35.96 53.58
CA LYS B 393 -12.22 -36.51 54.13
C LYS B 393 -12.22 -36.38 55.64
N MET B 394 -11.08 -36.65 56.28
CA MET B 394 -10.99 -36.55 57.72
C MET B 394 -11.14 -35.13 58.21
N ARG B 395 -10.73 -34.14 57.43
CA ARG B 395 -10.98 -32.74 57.75
C ARG B 395 -12.45 -32.40 57.64
N LEU B 396 -13.07 -32.76 56.53
CA LEU B 396 -14.47 -32.42 56.31
C LEU B 396 -15.39 -33.09 57.31
N ARG B 397 -15.09 -34.34 57.67
CA ARG B 397 -15.91 -35.03 58.66
C ARG B 397 -15.72 -34.43 60.05
N ALA B 398 -14.48 -34.13 60.42
CA ALA B 398 -14.22 -33.51 61.71
C ALA B 398 -14.90 -32.14 61.82
N LEU B 399 -14.98 -31.40 60.72
CA LEU B 399 -15.68 -30.12 60.74
C LEU B 399 -17.19 -30.27 60.85
N SER B 400 -17.72 -31.47 60.65
CA SER B 400 -19.16 -31.70 60.64
C SER B 400 -19.62 -32.60 61.78
N ARG B 401 -18.84 -32.68 62.86
CA ARG B 401 -19.20 -33.40 64.08
C ARG B 401 -19.58 -34.85 63.77
N TYR B 402 -18.59 -35.56 63.26
CA TYR B 402 -18.76 -36.95 62.83
C TYR B 402 -18.39 -37.87 63.99
N GLY B 403 -19.29 -38.78 64.33
CA GLY B 403 -19.04 -39.82 65.30
C GLY B 403 -19.44 -39.48 66.71
N LEU B 404 -19.76 -38.22 66.99
CA LEU B 404 -20.08 -37.80 68.34
C LEU B 404 -21.57 -37.87 68.66
N ASP B 405 -22.39 -38.34 67.72
CA ASP B 405 -23.81 -38.52 68.01
C ASP B 405 -24.00 -39.71 68.95
N THR B 406 -24.98 -39.58 69.85
CA THR B 406 -25.23 -40.60 70.85
C THR B 406 -26.69 -41.00 70.99
N GLU B 407 -27.65 -40.15 70.60
CA GLU B 407 -29.05 -40.55 70.64
C GLU B 407 -29.39 -41.37 69.40
N GLN B 408 -29.26 -40.76 68.23
CA GLN B 408 -29.44 -41.49 66.98
C GLN B 408 -28.07 -41.90 66.46
N VAL B 409 -27.74 -43.20 66.59
CA VAL B 409 -26.38 -43.66 66.32
C VAL B 409 -26.16 -44.05 64.87
N TRP B 410 -27.21 -44.16 64.08
CA TRP B 410 -27.06 -44.50 62.67
C TRP B 410 -26.93 -43.27 61.79
N ARG B 411 -27.11 -42.07 62.34
CA ARG B 411 -27.00 -40.87 61.53
C ARG B 411 -25.56 -40.56 61.15
N ASN B 412 -24.61 -41.28 61.72
CA ASN B 412 -23.22 -41.06 61.39
C ASN B 412 -22.93 -41.56 59.98
N HIS B 413 -23.87 -42.29 59.38
CA HIS B 413 -23.76 -42.67 57.98
C HIS B 413 -24.28 -41.59 57.05
N ILE B 414 -24.89 -40.54 57.59
CA ILE B 414 -25.21 -39.36 56.80
C ILE B 414 -24.37 -38.16 57.20
N LEU B 415 -23.72 -38.18 58.36
CA LEU B 415 -22.76 -37.14 58.71
C LEU B 415 -21.39 -37.38 58.09
N ALA B 416 -21.15 -38.55 57.51
CA ALA B 416 -19.85 -38.89 56.96
C ALA B 416 -19.62 -38.32 55.56
N GLY B 417 -20.65 -37.76 54.94
CA GLY B 417 -20.48 -37.18 53.62
C GLY B 417 -21.15 -37.97 52.52
N ASN B 418 -20.35 -38.63 51.67
CA ASN B 418 -20.87 -39.37 50.53
C ASN B 418 -21.48 -40.69 50.97
N GLU B 419 -21.83 -41.53 50.00
CA GLU B 419 -22.53 -42.79 50.25
C GLU B 419 -21.53 -43.92 50.09
N ASP B 420 -20.88 -44.31 51.18
CA ASP B 420 -20.02 -45.47 51.18
C ASP B 420 -20.82 -46.69 51.60
N PRO B 421 -20.79 -47.79 50.83
CA PRO B 421 -21.63 -48.93 51.18
C PRO B 421 -21.02 -49.81 52.27
N GLN B 422 -19.93 -49.32 52.90
CA GLN B 422 -19.30 -50.00 54.01
C GLN B 422 -19.52 -49.32 55.34
N LEU B 423 -19.66 -48.00 55.34
CA LEU B 423 -19.88 -47.24 56.57
C LEU B 423 -21.30 -47.35 57.08
N LYS B 424 -22.29 -47.47 56.18
CA LYS B 424 -23.67 -47.65 56.59
C LYS B 424 -23.93 -49.03 57.16
N SER B 425 -23.07 -50.00 56.87
CA SER B 425 -23.21 -51.31 57.51
C SER B 425 -22.77 -51.26 58.96
N LEU B 426 -21.78 -50.42 59.27
CA LEU B 426 -21.30 -50.27 60.64
C LEU B 426 -22.35 -49.62 61.53
N TRP B 427 -22.75 -48.40 61.18
CA TRP B 427 -23.57 -47.60 62.09
C TRP B 427 -24.99 -48.13 62.20
N TYR B 428 -25.30 -49.15 61.42
CA TYR B 428 -26.49 -49.97 61.63
C TYR B 428 -26.19 -51.22 62.44
N THR B 429 -25.03 -51.83 62.23
CA THR B 429 -24.63 -52.97 63.04
C THR B 429 -24.43 -52.56 64.49
N LEU B 430 -23.91 -51.36 64.72
CA LEU B 430 -23.76 -50.86 66.08
C LEU B 430 -25.01 -50.19 66.60
N HIS B 431 -26.02 -49.99 65.73
CA HIS B 431 -27.30 -49.51 66.22
C HIS B 431 -28.06 -50.61 66.95
N PHE B 432 -28.08 -51.81 66.37
CA PHE B 432 -28.85 -52.90 66.97
C PHE B 432 -28.11 -53.55 68.13
N MET B 433 -26.84 -53.21 68.32
CA MET B 433 -26.07 -53.67 69.46
C MET B 433 -26.24 -52.76 70.67
N LYS B 434 -26.95 -51.66 70.50
CA LYS B 434 -27.22 -50.73 71.59
C LYS B 434 -28.70 -50.64 71.94
N GLN B 435 -29.60 -50.98 71.02
CA GLN B 435 -31.03 -50.98 71.27
C GLN B 435 -31.49 -52.33 71.80
N TYR B 436 -30.57 -53.07 72.42
CA TYR B 436 -30.91 -54.36 73.01
C TYR B 436 -30.41 -54.40 74.44
N THR B 437 -29.35 -53.65 74.73
CA THR B 437 -28.87 -53.51 76.09
C THR B 437 -29.77 -52.62 76.92
N GLU B 438 -30.24 -51.51 76.35
CA GLU B 438 -31.17 -50.63 77.05
C GLU B 438 -32.48 -51.35 77.33
N ASP B 439 -32.95 -52.14 76.37
CA ASP B 439 -34.19 -52.89 76.53
C ASP B 439 -33.91 -54.25 77.15
N LEU B 451 -23.61 -60.15 76.00
CA LEU B 451 -23.27 -61.15 75.01
C LEU B 451 -23.68 -60.70 73.62
N VAL B 452 -24.37 -59.57 73.55
CA VAL B 452 -24.77 -58.98 72.29
C VAL B 452 -23.56 -58.42 71.55
N TYR B 453 -22.45 -58.22 72.25
CA TYR B 453 -21.22 -57.73 71.65
C TYR B 453 -20.25 -58.82 71.23
N ALA B 454 -20.57 -60.08 71.48
CA ALA B 454 -19.69 -61.17 71.07
C ALA B 454 -19.77 -61.47 69.59
N GLY B 455 -20.80 -60.98 68.91
CA GLY B 455 -21.00 -61.27 67.50
C GLY B 455 -21.77 -62.56 67.32
N ILE B 456 -22.20 -62.80 66.07
CA ILE B 456 -23.01 -63.97 65.78
C ILE B 456 -22.22 -65.26 65.87
N LYS B 457 -20.91 -65.21 65.62
CA LYS B 457 -20.11 -66.42 65.63
C LYS B 457 -20.08 -67.12 66.98
N SER B 458 -20.39 -66.40 68.06
CA SER B 458 -20.41 -67.03 69.37
C SER B 458 -21.83 -67.24 69.87
N ILE B 459 -22.80 -66.50 69.32
CA ILE B 459 -24.19 -66.75 69.67
C ILE B 459 -24.65 -68.09 69.13
N VAL B 460 -24.33 -68.41 67.87
CA VAL B 460 -24.79 -69.63 67.24
C VAL B 460 -24.00 -70.85 67.72
N LYS B 461 -22.75 -70.68 68.10
CA LYS B 461 -21.89 -71.80 68.48
C LYS B 461 -22.28 -72.42 69.81
N SER B 462 -23.43 -72.04 70.36
CA SER B 462 -23.90 -72.61 71.63
C SER B 462 -24.97 -73.65 71.37
N ARG B 471 -40.86 -80.53 52.49
CA ARG B 471 -41.58 -79.99 51.34
C ARG B 471 -41.57 -78.47 51.34
N HIS B 472 -42.73 -77.87 51.58
CA HIS B 472 -42.88 -76.42 51.51
C HIS B 472 -43.94 -75.92 52.49
N ASN B 473 -44.05 -74.59 52.62
CA ASN B 473 -45.07 -73.97 53.44
C ASN B 473 -45.65 -72.75 52.74
N TRP B 474 -46.01 -72.89 51.46
CA TRP B 474 -46.33 -71.74 50.61
C TRP B 474 -47.66 -71.13 51.06
N SER B 475 -47.58 -70.29 52.09
CA SER B 475 -48.74 -69.63 52.65
C SER B 475 -48.34 -68.33 53.34
N ILE B 483 -42.56 -70.53 61.35
CA ILE B 483 -43.13 -69.48 62.17
C ILE B 483 -42.10 -68.97 63.18
N GLN B 484 -42.13 -69.55 64.37
CA GLN B 484 -41.17 -69.20 65.41
C GLN B 484 -40.71 -70.43 66.17
N ASN B 485 -40.53 -71.55 65.45
CA ASN B 485 -40.04 -72.79 66.05
C ASN B 485 -38.52 -72.87 65.90
N LEU B 486 -37.85 -71.88 66.48
CA LEU B 486 -36.41 -71.70 66.34
C LEU B 486 -35.78 -71.65 67.74
N ASN B 487 -34.58 -72.20 67.86
CA ASN B 487 -33.80 -72.12 69.08
C ASN B 487 -33.62 -70.67 69.52
N GLU B 488 -33.46 -70.44 70.82
CA GLU B 488 -33.38 -69.08 71.35
C GLU B 488 -32.14 -68.35 70.88
N GLU B 489 -31.14 -69.09 70.39
CA GLU B 489 -29.89 -68.50 69.94
C GLU B 489 -29.96 -67.96 68.52
N ARG B 490 -30.99 -68.30 67.75
CA ARG B 490 -31.13 -67.82 66.39
C ARG B 490 -32.09 -66.64 66.29
N ILE B 491 -33.11 -66.59 67.14
CA ILE B 491 -34.01 -65.45 67.20
C ILE B 491 -33.36 -64.23 67.82
N LEU B 492 -32.09 -64.34 68.21
CA LEU B 492 -31.30 -63.18 68.59
C LEU B 492 -30.41 -62.70 67.45
N ALA B 493 -29.90 -63.61 66.63
CA ALA B 493 -29.26 -63.21 65.39
C ALA B 493 -30.22 -62.51 64.46
N LEU B 494 -31.46 -62.98 64.40
CA LEU B 494 -32.44 -62.37 63.52
C LEU B 494 -32.82 -60.96 63.96
N GLN B 495 -32.49 -60.55 65.18
CA GLN B 495 -32.67 -59.16 65.58
C GLN B 495 -31.50 -58.30 65.17
N LEU B 496 -30.28 -58.80 65.34
CA LEU B 496 -29.12 -58.05 64.89
C LEU B 496 -29.14 -57.83 63.39
N CYS B 497 -29.56 -58.83 62.62
CA CYS B 497 -29.72 -58.60 61.19
C CYS B 497 -30.75 -57.52 60.92
N GLY B 498 -31.73 -57.37 61.80
CA GLY B 498 -32.72 -56.32 61.69
C GLY B 498 -34.05 -56.74 61.13
N TRP B 499 -34.27 -58.04 60.90
CA TRP B 499 -35.53 -58.46 60.31
C TRP B 499 -36.70 -58.33 61.28
N ILE B 500 -36.52 -58.71 62.54
CA ILE B 500 -37.58 -58.63 63.53
C ILE B 500 -37.23 -57.47 64.46
N LYS B 501 -38.05 -56.42 64.42
CA LYS B 501 -37.90 -55.32 65.37
C LYS B 501 -37.99 -55.90 66.78
N LYS B 502 -37.00 -55.59 67.62
CA LYS B 502 -36.74 -56.29 68.88
C LYS B 502 -37.99 -56.69 69.64
N GLY B 503 -38.07 -57.95 70.03
CA GLY B 503 -39.22 -58.44 70.77
C GLY B 503 -39.52 -59.88 70.40
N THR B 504 -40.79 -60.25 70.57
CA THR B 504 -41.26 -61.59 70.25
C THR B 504 -42.17 -61.62 69.04
N ASP B 505 -42.10 -60.61 68.16
CA ASP B 505 -42.94 -60.54 66.98
C ASP B 505 -42.79 -61.79 66.11
N VAL B 506 -43.90 -62.26 65.55
CA VAL B 506 -43.93 -63.55 64.86
C VAL B 506 -44.01 -63.36 63.35
N ASP B 507 -43.55 -62.21 62.86
CA ASP B 507 -43.56 -61.96 61.42
C ASP B 507 -42.56 -60.85 61.13
N VAL B 508 -42.32 -60.62 59.83
CA VAL B 508 -41.33 -59.65 59.38
C VAL B 508 -42.02 -58.52 58.66
N GLY B 509 -43.28 -58.26 59.01
CA GLY B 509 -44.03 -57.15 58.48
C GLY B 509 -43.42 -55.79 58.79
N PRO B 510 -43.31 -55.45 60.10
CA PRO B 510 -42.85 -54.09 60.48
C PRO B 510 -41.47 -53.75 59.95
N PHE B 511 -40.77 -54.73 59.39
CA PHE B 511 -39.62 -54.49 58.52
C PHE B 511 -40.06 -54.20 57.11
N LEU B 512 -40.93 -55.04 56.54
CA LEU B 512 -41.26 -54.95 55.13
C LEU B 512 -41.91 -53.62 54.79
N ASN B 513 -42.76 -53.11 55.68
CA ASN B 513 -43.55 -51.91 55.36
C ASN B 513 -42.78 -50.69 55.82
N SER B 514 -41.44 -50.82 55.81
CA SER B 514 -40.56 -49.68 55.98
C SER B 514 -39.52 -49.71 54.86
N LEU B 515 -39.26 -50.90 54.32
CA LEU B 515 -38.50 -50.99 53.08
C LEU B 515 -39.38 -50.69 51.88
N VAL B 516 -40.69 -50.90 52.01
CA VAL B 516 -41.63 -50.62 50.93
C VAL B 516 -41.61 -49.13 50.59
N GLN B 517 -41.73 -48.28 51.61
CA GLN B 517 -41.74 -46.85 51.37
C GLN B 517 -40.34 -46.27 51.45
N GLU B 518 -39.38 -46.93 50.81
CA GLU B 518 -38.02 -46.41 50.78
C GLU B 518 -37.35 -46.59 49.41
N GLY B 519 -38.12 -46.83 48.36
CA GLY B 519 -37.53 -46.99 47.04
C GLY B 519 -37.22 -48.41 46.62
N GLU B 520 -36.43 -49.13 47.41
CA GLU B 520 -35.99 -50.47 47.03
C GLU B 520 -37.16 -51.44 47.02
N TRP B 521 -37.31 -52.18 45.91
CA TRP B 521 -38.41 -53.13 45.76
C TRP B 521 -37.93 -54.56 45.64
N GLU B 522 -37.04 -54.86 44.69
CA GLU B 522 -36.57 -56.22 44.50
C GLU B 522 -35.80 -56.70 45.72
N ARG B 523 -35.32 -55.76 46.53
CA ARG B 523 -34.69 -56.08 47.80
C ARG B 523 -35.74 -56.10 48.89
N ALA B 524 -37.01 -56.09 48.50
CA ALA B 524 -38.12 -56.13 49.45
C ALA B 524 -39.03 -57.29 49.11
N ALA B 525 -38.90 -57.82 47.91
CA ALA B 525 -39.60 -59.04 47.52
C ALA B 525 -38.91 -60.28 48.06
N ALA B 526 -37.58 -60.31 48.04
CA ALA B 526 -36.86 -61.48 48.51
C ALA B 526 -37.07 -61.70 50.00
N VAL B 527 -37.19 -60.62 50.76
CA VAL B 527 -37.43 -60.75 52.19
C VAL B 527 -38.76 -61.45 52.44
N ALA B 528 -39.78 -61.06 51.68
CA ALA B 528 -41.07 -61.74 51.79
C ALA B 528 -41.01 -63.17 51.29
N LEU B 529 -40.29 -63.42 50.19
CA LEU B 529 -40.29 -64.75 49.60
C LEU B 529 -39.55 -65.77 50.45
N PHE B 530 -38.43 -65.37 51.05
CA PHE B 530 -37.67 -66.28 51.90
C PHE B 530 -38.44 -66.68 53.15
N ASN B 531 -39.54 -65.99 53.45
CA ASN B 531 -40.42 -66.33 54.56
C ASN B 531 -41.65 -67.06 54.04
N LEU B 532 -41.54 -67.64 52.85
CA LEU B 532 -42.52 -68.56 52.28
C LEU B 532 -43.89 -67.91 52.10
N ASP B 533 -43.93 -66.90 51.22
CA ASP B 533 -45.19 -66.21 50.88
C ASP B 533 -45.16 -65.82 49.39
N ILE B 534 -45.72 -66.69 48.55
CA ILE B 534 -45.82 -66.38 47.12
C ILE B 534 -46.74 -65.18 46.92
N ARG B 535 -47.93 -65.21 47.53
CA ARG B 535 -48.97 -64.24 47.22
C ARG B 535 -48.57 -62.83 47.67
N ARG B 536 -47.96 -62.71 48.85
CA ARG B 536 -47.51 -61.40 49.29
C ARG B 536 -46.42 -60.86 48.37
N ALA B 537 -45.53 -61.74 47.91
CA ALA B 537 -44.49 -61.34 46.97
C ALA B 537 -45.10 -60.81 45.69
N ILE B 538 -46.10 -61.50 45.14
CA ILE B 538 -46.70 -60.99 43.91
C ILE B 538 -47.46 -59.71 44.18
N GLN B 539 -48.03 -59.54 45.37
CA GLN B 539 -48.73 -58.30 45.67
C GLN B 539 -47.78 -57.12 45.64
N ILE B 540 -46.66 -57.22 46.36
CA ILE B 540 -45.70 -56.11 46.34
C ILE B 540 -45.16 -55.91 44.95
N LEU B 541 -44.87 -57.00 44.23
CA LEU B 541 -44.30 -56.89 42.89
C LEU B 541 -45.24 -56.14 41.95
N ASN B 542 -46.50 -56.58 41.86
CA ASN B 542 -47.38 -55.93 40.90
C ASN B 542 -47.79 -54.53 41.33
N GLU B 543 -48.10 -54.32 42.62
CA GLU B 543 -48.34 -52.96 43.06
C GLU B 543 -47.10 -52.27 43.62
N GLY B 544 -45.97 -52.44 42.97
CA GLY B 544 -44.89 -51.50 43.07
C GLY B 544 -44.51 -50.88 41.78
N ALA B 545 -45.22 -51.28 40.74
CA ALA B 545 -45.00 -50.77 39.39
C ALA B 545 -45.99 -49.70 38.98
N SER B 546 -47.16 -49.66 39.62
CA SER B 546 -48.14 -48.63 39.33
C SER B 546 -47.57 -47.23 39.59
N SER B 547 -46.84 -47.08 40.69
CA SER B 547 -46.21 -45.81 41.02
C SER B 547 -44.92 -45.64 40.21
N GLU B 548 -45.05 -45.24 38.95
CA GLU B 548 -43.91 -45.08 38.05
C GLU B 548 -43.14 -46.39 37.88
N LEU B 552 -42.10 -51.51 35.13
CA LEU B 552 -42.93 -51.56 33.92
C LEU B 552 -42.86 -52.95 33.31
N ASN B 553 -41.67 -53.55 33.37
CA ASN B 553 -41.47 -54.94 32.96
C ASN B 553 -41.59 -55.90 34.13
N LEU B 554 -41.91 -55.41 35.31
CA LEU B 554 -42.10 -56.25 36.49
C LEU B 554 -43.53 -56.74 36.59
N ASN B 555 -44.07 -57.25 35.48
CA ASN B 555 -45.35 -57.94 35.48
C ASN B 555 -45.22 -59.39 35.07
N VAL B 556 -44.61 -59.66 33.92
CA VAL B 556 -44.35 -61.03 33.51
C VAL B 556 -43.28 -61.67 34.40
N VAL B 557 -42.40 -60.86 34.97
CA VAL B 557 -41.42 -61.37 35.92
C VAL B 557 -42.11 -62.03 37.09
N ALA B 558 -43.14 -61.37 37.62
CA ALA B 558 -43.98 -61.94 38.68
C ALA B 558 -44.93 -63.00 38.15
N MET B 559 -45.33 -62.91 36.89
CA MET B 559 -46.18 -63.91 36.28
C MET B 559 -45.49 -65.26 36.18
N ALA B 560 -44.19 -65.25 35.95
CA ALA B 560 -43.40 -66.47 36.02
C ALA B 560 -43.42 -67.05 37.42
N LEU B 561 -43.36 -66.18 38.43
CA LEU B 561 -43.34 -66.66 39.82
C LEU B 561 -44.63 -67.39 40.17
N SER B 562 -45.69 -67.21 39.38
CA SER B 562 -46.93 -67.90 39.65
C SER B 562 -46.82 -69.36 39.25
N GLY B 563 -45.66 -69.77 38.76
CA GLY B 563 -45.45 -71.10 38.22
C GLY B 563 -44.50 -72.00 38.98
N TYR B 564 -44.62 -72.07 40.30
CA TYR B 564 -43.75 -72.92 41.10
C TYR B 564 -44.19 -74.37 40.99
N THR B 565 -43.35 -75.19 40.36
CA THR B 565 -43.57 -76.62 40.26
C THR B 565 -42.36 -77.34 40.81
N ASP B 566 -42.59 -78.41 41.57
CA ASP B 566 -41.53 -79.10 42.28
C ASP B 566 -41.20 -80.49 41.72
N GLU B 567 -41.62 -80.79 40.49
CA GLU B 567 -41.22 -82.04 39.86
C GLU B 567 -39.74 -81.97 39.49
N LYS B 568 -39.12 -83.13 39.31
CA LYS B 568 -37.70 -83.16 39.00
C LYS B 568 -37.42 -82.73 37.57
N ASN B 569 -38.21 -83.21 36.60
CA ASN B 569 -37.93 -83.01 35.18
C ASN B 569 -38.93 -82.07 34.51
N SER B 570 -39.49 -81.13 35.28
CA SER B 570 -40.48 -80.21 34.73
C SER B 570 -39.85 -79.30 33.68
N LEU B 571 -40.62 -78.95 32.66
CA LEU B 571 -40.12 -78.04 31.62
C LEU B 571 -39.92 -76.64 32.17
N TRP B 572 -40.78 -76.21 33.10
CA TRP B 572 -40.69 -74.86 33.64
C TRP B 572 -39.32 -74.61 34.27
N ARG B 573 -38.91 -75.47 35.20
CA ARG B 573 -37.65 -75.30 35.89
C ARG B 573 -36.47 -75.51 34.94
N GLU B 574 -36.62 -76.45 33.99
CA GLU B 574 -35.53 -76.70 33.05
C GLU B 574 -35.25 -75.47 32.19
N MET B 575 -36.30 -74.72 31.84
CA MET B 575 -36.08 -73.48 31.12
C MET B 575 -35.61 -72.36 32.06
N CYS B 576 -36.13 -72.33 33.28
CA CYS B 576 -35.76 -71.28 34.21
C CYS B 576 -34.29 -71.35 34.59
N SER B 577 -33.72 -72.55 34.60
CA SER B 577 -32.31 -72.71 34.97
C SER B 577 -31.40 -71.91 34.05
N THR B 578 -31.86 -71.57 32.84
CA THR B 578 -31.14 -70.66 31.97
C THR B 578 -31.77 -69.28 31.90
N LEU B 579 -33.09 -69.19 32.07
CA LEU B 579 -33.75 -67.89 32.01
C LEU B 579 -33.41 -66.99 33.19
N ARG B 580 -32.87 -67.57 34.27
CA ARG B 580 -32.41 -66.75 35.39
C ARG B 580 -31.17 -65.93 35.06
N LEU B 581 -30.21 -66.52 34.34
CA LEU B 581 -28.88 -65.93 34.25
C LEU B 581 -28.86 -64.64 33.43
N GLN B 582 -29.94 -64.32 32.72
CA GLN B 582 -29.98 -63.18 31.83
C GLN B 582 -30.76 -62.02 32.42
N LEU B 583 -30.84 -61.94 33.74
CA LEU B 583 -31.51 -60.81 34.37
C LEU B 583 -30.50 -59.70 34.67
N ASN B 584 -30.96 -58.68 35.40
CA ASN B 584 -30.15 -57.51 35.66
C ASN B 584 -30.10 -57.11 37.15
N ASN B 585 -30.79 -57.82 38.03
CA ASN B 585 -30.78 -57.41 39.42
C ASN B 585 -30.41 -58.60 40.31
N PRO B 586 -29.42 -58.46 41.19
CA PRO B 586 -28.96 -59.58 42.02
C PRO B 586 -30.06 -60.18 42.88
N TYR B 587 -30.88 -59.32 43.51
CA TYR B 587 -31.93 -59.81 44.37
C TYR B 587 -32.94 -60.65 43.59
N LEU B 588 -33.33 -60.17 42.41
CA LEU B 588 -34.25 -60.94 41.58
C LEU B 588 -33.61 -62.23 41.11
N CYS B 589 -32.28 -62.27 41.05
CA CYS B 589 -31.59 -63.48 40.64
C CYS B 589 -31.59 -64.52 41.77
N VAL B 590 -31.31 -64.09 43.00
CA VAL B 590 -31.28 -65.04 44.11
C VAL B 590 -32.69 -65.51 44.45
N MET B 591 -33.66 -64.58 44.39
CA MET B 591 -35.03 -64.89 44.75
C MET B 591 -35.58 -65.96 43.83
N PHE B 592 -34.97 -66.11 42.68
CA PHE B 592 -35.35 -67.13 41.72
C PHE B 592 -34.49 -68.38 41.79
N ALA B 593 -33.17 -68.22 42.02
CA ALA B 593 -32.31 -69.38 42.18
C ALA B 593 -32.72 -70.21 43.39
N PHE B 594 -33.25 -69.56 44.42
CA PHE B 594 -33.72 -70.29 45.59
C PHE B 594 -34.81 -71.30 45.21
N LEU B 595 -35.75 -70.87 44.37
CA LEU B 595 -36.82 -71.78 43.98
C LEU B 595 -36.31 -72.85 43.02
N THR B 596 -35.51 -72.45 42.03
CA THR B 596 -34.96 -73.43 41.11
C THR B 596 -33.79 -74.20 41.70
N SER B 597 -33.61 -74.12 43.03
CA SER B 597 -32.52 -74.81 43.71
C SER B 597 -32.78 -76.30 43.71
N GLU B 598 -31.88 -77.06 44.34
CA GLU B 598 -31.87 -78.52 44.27
C GLU B 598 -32.27 -79.18 45.60
N THR B 599 -33.13 -78.52 46.38
CA THR B 599 -33.76 -79.12 47.56
C THR B 599 -32.73 -79.58 48.60
N GLY B 600 -31.85 -78.67 49.03
CA GLY B 600 -30.89 -78.99 50.06
C GLY B 600 -29.50 -78.44 49.79
N SER B 601 -29.13 -78.32 48.52
CA SER B 601 -27.81 -77.81 48.16
C SER B 601 -27.90 -76.33 47.81
N TYR B 602 -28.22 -75.53 48.83
CA TYR B 602 -28.29 -74.08 48.66
C TYR B 602 -26.87 -73.57 48.56
N ASP B 603 -26.32 -73.57 47.36
CA ASP B 603 -24.96 -73.07 47.13
C ASP B 603 -24.93 -71.88 46.19
N GLY B 604 -26.07 -71.47 45.64
CA GLY B 604 -26.11 -70.31 44.79
C GLY B 604 -26.81 -69.16 45.49
N VAL B 605 -27.74 -69.50 46.37
CA VAL B 605 -28.38 -68.49 47.19
C VAL B 605 -27.39 -67.92 48.20
N LEU B 606 -26.49 -68.75 48.70
CA LEU B 606 -25.56 -68.41 49.76
C LEU B 606 -24.24 -67.85 49.27
N TYR B 607 -23.95 -67.60 47.99
CA TYR B 607 -22.64 -67.08 47.61
C TYR B 607 -22.67 -65.99 46.55
N GLU B 608 -23.78 -65.28 46.39
CA GLU B 608 -23.76 -64.11 45.53
C GLU B 608 -23.12 -62.94 46.27
N ASN B 609 -21.89 -62.60 45.91
CA ASN B 609 -21.13 -61.58 46.61
C ASN B 609 -21.72 -60.19 46.40
N LYS B 610 -22.68 -60.07 45.48
CA LYS B 610 -23.33 -58.80 45.20
C LYS B 610 -24.58 -58.58 46.04
N VAL B 611 -24.88 -59.48 46.98
CA VAL B 611 -26.00 -59.33 47.88
C VAL B 611 -25.46 -59.04 49.28
N ALA B 612 -26.25 -58.30 50.06
CA ALA B 612 -25.81 -57.86 51.37
C ALA B 612 -25.56 -59.04 52.31
N VAL B 613 -24.55 -58.88 53.17
CA VAL B 613 -24.18 -59.96 54.09
C VAL B 613 -25.26 -60.17 55.15
N ARG B 614 -25.91 -59.10 55.58
CA ARG B 614 -26.96 -59.21 56.58
C ARG B 614 -28.08 -60.13 56.11
N ASP B 615 -28.53 -59.94 54.87
CA ASP B 615 -29.58 -60.79 54.34
C ASP B 615 -29.12 -62.24 54.22
N ARG B 616 -27.89 -62.45 53.78
CA ARG B 616 -27.37 -63.81 53.65
C ARG B 616 -27.37 -64.52 55.00
N VAL B 617 -26.87 -63.85 56.04
CA VAL B 617 -26.83 -64.47 57.37
C VAL B 617 -28.23 -64.68 57.95
N ALA B 618 -29.15 -63.74 57.77
CA ALA B 618 -30.51 -63.93 58.22
C ALA B 618 -31.22 -65.05 57.48
N PHE B 619 -30.90 -65.26 56.21
CA PHE B 619 -31.35 -66.40 55.43
C PHE B 619 -30.80 -67.71 55.97
N ALA B 620 -29.50 -67.75 56.28
CA ALA B 620 -28.87 -68.99 56.70
C ALA B 620 -29.36 -69.44 58.07
N CYS B 621 -29.81 -68.49 58.90
CA CYS B 621 -30.21 -68.83 60.26
C CYS B 621 -31.43 -69.74 60.30
N LYS B 622 -32.36 -69.60 59.34
CA LYS B 622 -33.62 -70.30 59.43
C LYS B 622 -33.75 -71.47 58.47
N PHE B 623 -32.73 -71.79 57.67
CA PHE B 623 -32.80 -72.95 56.80
C PHE B 623 -31.69 -73.96 57.09
N LEU B 624 -30.43 -73.52 57.13
CA LEU B 624 -29.32 -74.43 57.34
C LEU B 624 -29.43 -75.09 58.72
N SER B 625 -28.91 -76.32 58.81
CA SER B 625 -28.99 -77.08 60.05
C SER B 625 -27.82 -76.75 60.98
N ASP B 626 -27.70 -77.50 62.08
CA ASP B 626 -26.70 -77.23 63.11
C ASP B 626 -25.28 -77.53 62.67
N THR B 627 -25.05 -78.62 61.93
CA THR B 627 -23.72 -79.01 61.49
C THR B 627 -23.32 -78.36 60.18
N GLN B 628 -24.16 -77.48 59.64
CA GLN B 628 -23.92 -76.87 58.34
C GLN B 628 -23.83 -75.35 58.41
N LEU B 629 -24.42 -74.73 59.42
CA LEU B 629 -24.37 -73.29 59.62
C LEU B 629 -23.11 -72.83 60.33
N ASN B 630 -22.59 -73.64 61.26
CA ASN B 630 -21.33 -73.36 61.91
C ASN B 630 -20.17 -73.32 60.93
N ARG B 631 -20.09 -74.32 60.04
CA ARG B 631 -19.06 -74.38 59.03
C ARG B 631 -19.22 -73.32 57.95
N TYR B 632 -20.35 -72.61 57.92
CA TYR B 632 -20.54 -71.49 57.02
C TYR B 632 -20.13 -70.17 57.66
N ILE B 633 -20.56 -69.96 58.90
CA ILE B 633 -20.19 -68.74 59.61
C ILE B 633 -18.69 -68.70 59.86
N GLU B 634 -18.09 -69.86 60.10
CA GLU B 634 -16.64 -69.91 60.32
C GLU B 634 -15.88 -69.93 59.00
N LYS B 635 -16.55 -69.55 57.92
CA LYS B 635 -15.90 -69.45 56.62
C LYS B 635 -16.19 -68.09 56.01
N LEU B 636 -17.30 -67.47 56.41
CA LEU B 636 -17.55 -66.09 56.05
C LEU B 636 -16.70 -65.13 56.84
N THR B 637 -16.50 -65.39 58.13
CA THR B 637 -15.73 -64.54 59.02
C THR B 637 -14.23 -64.62 58.73
N ASN B 638 -13.80 -65.56 57.89
CA ASN B 638 -12.40 -65.63 57.48
C ASN B 638 -12.16 -65.07 56.09
N GLU B 639 -13.15 -65.08 55.19
CA GLU B 639 -13.07 -64.28 53.99
C GLU B 639 -13.26 -62.79 54.28
N MET B 640 -14.03 -62.45 55.32
CA MET B 640 -14.32 -61.06 55.62
C MET B 640 -13.25 -60.39 56.46
N LYS B 641 -12.39 -61.17 57.12
CA LYS B 641 -11.35 -60.67 58.01
C LYS B 641 -9.99 -60.52 57.32
N GLU B 642 -9.71 -61.35 56.32
CA GLU B 642 -8.46 -61.24 55.58
C GLU B 642 -8.59 -60.27 54.41
N ALA B 643 -9.73 -59.61 54.29
CA ALA B 643 -9.92 -58.62 53.24
C ALA B 643 -10.18 -57.22 53.77
N GLY B 644 -10.29 -57.02 55.07
CA GLY B 644 -10.52 -55.71 55.63
C GLY B 644 -11.84 -55.13 55.18
N ASN B 645 -12.94 -55.75 55.61
CA ASN B 645 -14.28 -55.38 55.17
C ASN B 645 -15.14 -55.14 56.40
N LEU B 646 -15.87 -54.04 56.40
CA LEU B 646 -16.45 -53.51 57.63
C LEU B 646 -17.82 -54.05 57.96
N GLU B 647 -18.38 -54.93 57.14
CA GLU B 647 -19.62 -55.61 57.51
C GLU B 647 -19.36 -56.85 58.34
N GLY B 648 -18.10 -57.17 58.60
CA GLY B 648 -17.76 -58.31 59.42
C GLY B 648 -17.84 -58.07 60.90
N ILE B 649 -18.15 -56.84 61.33
CA ILE B 649 -18.33 -56.57 62.75
C ILE B 649 -19.48 -57.37 63.31
N LEU B 650 -20.52 -57.59 62.49
CA LEU B 650 -21.65 -58.41 62.92
C LEU B 650 -21.19 -59.82 63.33
N LEU B 651 -20.25 -60.39 62.58
CA LEU B 651 -19.84 -61.76 62.88
C LEU B 651 -18.69 -61.83 63.87
N THR B 652 -17.74 -60.90 63.81
CA THR B 652 -16.63 -60.90 64.75
C THR B 652 -17.04 -60.35 66.11
N GLY B 653 -17.53 -59.13 66.13
CA GLY B 653 -17.85 -58.45 67.37
C GLY B 653 -16.67 -57.70 67.91
N LEU B 654 -16.94 -56.73 68.79
CA LEU B 654 -15.88 -55.93 69.36
C LEU B 654 -15.09 -56.75 70.37
N THR B 655 -14.21 -57.61 69.88
CA THR B 655 -13.41 -58.47 70.73
C THR B 655 -11.99 -58.55 70.18
N LYS B 656 -11.21 -59.54 70.60
CA LYS B 656 -9.84 -59.72 70.15
C LYS B 656 -9.80 -60.38 68.77
N ASP B 657 -10.93 -60.36 68.07
CA ASP B 657 -10.99 -60.78 66.69
C ASP B 657 -11.40 -59.61 65.82
N GLY B 658 -12.15 -58.67 66.42
CA GLY B 658 -12.51 -57.45 65.73
C GLY B 658 -11.39 -56.48 65.58
N VAL B 659 -10.33 -56.60 66.38
CA VAL B 659 -9.14 -55.80 66.17
C VAL B 659 -8.37 -56.20 64.93
N ASP B 660 -8.18 -57.51 64.70
CA ASP B 660 -7.49 -57.99 63.51
C ASP B 660 -8.17 -57.56 62.22
N LEU B 661 -9.49 -57.42 62.22
CA LEU B 661 -10.18 -56.92 61.05
C LEU B 661 -9.96 -55.42 60.88
N MET B 662 -9.96 -54.67 61.98
CA MET B 662 -9.76 -53.24 61.86
C MET B 662 -8.30 -52.91 61.54
N GLU B 663 -7.38 -53.79 61.95
CA GLU B 663 -6.00 -53.62 61.52
C GLU B 663 -5.90 -53.73 60.00
N SER B 664 -6.59 -54.71 59.42
CA SER B 664 -6.61 -54.84 57.97
C SER B 664 -7.27 -53.64 57.32
N TYR B 665 -8.33 -53.12 57.93
CA TYR B 665 -8.97 -51.93 57.38
C TYR B 665 -8.03 -50.75 57.34
N VAL B 666 -7.34 -50.48 58.45
CA VAL B 666 -6.44 -49.33 58.51
C VAL B 666 -5.27 -49.54 57.57
N ASP B 667 -4.77 -50.77 57.47
CA ASP B 667 -3.71 -51.06 56.51
C ASP B 667 -4.18 -50.81 55.09
N ARG B 668 -5.44 -51.13 54.79
CA ARG B 668 -5.94 -50.96 53.43
C ARG B 668 -6.14 -49.49 53.09
N THR B 669 -6.77 -48.73 53.97
CA THR B 669 -7.14 -47.35 53.64
C THR B 669 -6.38 -46.29 54.42
N GLY B 670 -6.00 -46.55 55.66
CA GLY B 670 -5.35 -45.53 56.47
C GLY B 670 -6.29 -44.71 57.31
N ASP B 671 -7.56 -45.08 57.38
CA ASP B 671 -8.52 -44.38 58.23
C ASP B 671 -8.24 -44.69 59.69
N VAL B 672 -8.17 -43.65 60.50
CA VAL B 672 -7.84 -43.81 61.92
C VAL B 672 -9.00 -43.25 62.73
N GLN B 673 -9.82 -42.42 62.11
CA GLN B 673 -11.01 -41.88 62.74
C GLN B 673 -12.01 -42.97 63.09
N THR B 674 -12.48 -43.69 62.07
CA THR B 674 -13.48 -44.73 62.28
C THR B 674 -12.94 -45.84 63.16
N ALA B 675 -11.66 -46.17 63.02
CA ALA B 675 -11.05 -47.16 63.89
C ALA B 675 -11.00 -46.71 65.34
N SER B 676 -11.08 -45.40 65.58
CA SER B 676 -11.10 -44.90 66.95
C SER B 676 -12.52 -44.82 67.50
N TYR B 677 -13.43 -44.17 66.77
CA TYR B 677 -14.78 -43.96 67.31
C TYR B 677 -15.54 -45.25 67.50
N CYS B 678 -15.26 -46.29 66.71
CA CYS B 678 -16.05 -47.50 66.80
C CYS B 678 -15.53 -48.46 67.86
N MET B 679 -14.21 -48.54 68.04
CA MET B 679 -13.66 -49.44 69.05
C MET B 679 -13.83 -48.89 70.45
N LEU B 680 -14.18 -47.61 70.58
CA LEU B 680 -14.22 -46.94 71.86
C LEU B 680 -15.66 -46.79 72.28
N GLN B 681 -16.47 -47.77 71.92
CA GLN B 681 -17.90 -47.71 72.18
C GLN B 681 -18.37 -49.07 72.69
N GLY B 682 -17.47 -50.04 72.68
CA GLY B 682 -17.79 -51.39 73.10
C GLY B 682 -17.19 -51.79 74.42
N SER B 683 -16.57 -52.98 74.45
CA SER B 683 -16.12 -53.57 75.69
C SER B 683 -15.02 -52.70 76.32
N PRO B 684 -15.17 -52.25 77.55
CA PRO B 684 -14.17 -51.37 78.15
C PRO B 684 -12.86 -52.07 78.48
N LEU B 685 -12.92 -53.20 79.17
CA LEU B 685 -11.74 -53.78 79.80
C LEU B 685 -11.34 -55.09 79.12
N ASP B 686 -11.60 -55.16 77.82
CA ASP B 686 -11.15 -56.33 77.08
C ASP B 686 -10.36 -55.94 75.83
N VAL B 687 -10.79 -54.89 75.15
CA VAL B 687 -10.12 -54.47 73.91
C VAL B 687 -9.34 -53.19 74.13
N LEU B 688 -9.82 -52.31 75.00
CA LEU B 688 -9.21 -51.00 75.17
C LEU B 688 -7.88 -51.09 75.90
N LYS B 689 -7.52 -52.29 76.38
CA LYS B 689 -6.24 -52.51 77.03
C LYS B 689 -5.17 -53.00 76.07
N ASP B 690 -5.50 -53.15 74.80
CA ASP B 690 -4.55 -53.69 73.84
C ASP B 690 -3.66 -52.58 73.29
N GLU B 691 -2.40 -52.92 73.05
CA GLU B 691 -1.46 -51.95 72.49
C GLU B 691 -1.54 -51.93 70.98
N ARG B 692 -2.77 -51.89 70.47
CA ARG B 692 -3.05 -51.56 69.08
C ARG B 692 -4.21 -50.58 68.93
N VAL B 693 -5.16 -50.55 69.86
CA VAL B 693 -6.23 -49.55 69.82
C VAL B 693 -5.79 -48.24 70.43
N GLN B 694 -4.75 -48.24 71.26
CA GLN B 694 -4.23 -47.02 71.84
C GLN B 694 -3.43 -46.20 70.85
N TYR B 695 -2.67 -46.87 69.98
CA TYR B 695 -1.90 -46.16 68.97
C TYR B 695 -2.81 -45.44 67.98
N TRP B 696 -3.95 -46.03 67.64
CA TRP B 696 -4.86 -45.36 66.71
C TRP B 696 -5.42 -44.09 67.32
N ILE B 697 -5.84 -44.15 68.59
CA ILE B 697 -6.37 -42.96 69.25
C ILE B 697 -5.29 -41.90 69.37
N GLU B 698 -4.08 -42.31 69.73
CA GLU B 698 -2.98 -41.35 69.85
C GLU B 698 -2.68 -40.68 68.52
N ASN B 699 -2.64 -41.46 67.44
CA ASN B 699 -2.36 -40.88 66.13
C ASN B 699 -3.47 -39.96 65.68
N TYR B 700 -4.72 -40.30 65.99
CA TYR B 700 -5.82 -39.42 65.65
C TYR B 700 -5.71 -38.09 66.39
N ARG B 701 -5.39 -38.14 67.68
CA ARG B 701 -5.21 -36.91 68.45
C ARG B 701 -4.08 -36.08 67.86
N ASN B 702 -2.98 -36.73 67.49
CA ASN B 702 -1.86 -36.00 66.88
C ASN B 702 -2.28 -35.33 65.58
N LEU B 703 -2.99 -36.06 64.73
CA LEU B 703 -3.41 -35.51 63.45
C LEU B 703 -4.35 -34.33 63.66
N LEU B 704 -5.20 -34.42 64.68
CA LEU B 704 -6.03 -33.28 65.06
C LEU B 704 -5.19 -32.10 65.52
N ASP B 705 -4.14 -32.33 66.30
CA ASP B 705 -3.31 -31.26 66.80
C ASP B 705 -2.47 -30.60 65.71
N ALA B 706 -2.22 -31.28 64.59
CA ALA B 706 -1.50 -30.64 63.51
C ALA B 706 -2.35 -29.59 62.80
N TRP B 707 -3.62 -29.92 62.53
CA TRP B 707 -4.48 -29.01 61.76
C TRP B 707 -4.86 -27.76 62.54
N ARG B 708 -4.55 -27.71 63.83
CA ARG B 708 -4.85 -26.62 64.76
C ARG B 708 -6.30 -26.64 65.22
N PHE B 709 -7.06 -27.69 64.93
CA PHE B 709 -8.36 -27.89 65.54
C PHE B 709 -8.12 -28.32 66.98
N TRP B 710 -8.10 -27.36 67.91
CA TRP B 710 -7.79 -27.67 69.29
C TRP B 710 -9.03 -27.88 70.16
N HIS B 711 -10.14 -27.21 69.86
CA HIS B 711 -11.34 -27.44 70.64
C HIS B 711 -11.95 -28.81 70.34
N LYS B 712 -11.84 -29.25 69.09
CA LYS B 712 -12.37 -30.56 68.72
C LYS B 712 -11.67 -31.66 69.48
N ARG B 713 -10.36 -31.52 69.68
CA ARG B 713 -9.61 -32.48 70.48
C ARG B 713 -10.14 -32.53 71.90
N ALA B 714 -10.44 -31.37 72.48
CA ALA B 714 -11.00 -31.35 73.83
C ALA B 714 -12.34 -32.08 73.88
N GLU B 715 -13.18 -31.86 72.87
CA GLU B 715 -14.46 -32.57 72.82
C GLU B 715 -14.24 -34.08 72.73
N PHE B 716 -13.29 -34.50 71.90
CA PHE B 716 -12.98 -35.93 71.77
C PHE B 716 -12.50 -36.50 73.10
N ASP B 717 -11.66 -35.74 73.81
CA ASP B 717 -11.14 -36.24 75.08
C ASP B 717 -12.25 -36.36 76.12
N ILE B 718 -13.19 -35.42 76.12
CA ILE B 718 -14.33 -35.52 77.02
C ILE B 718 -15.13 -36.79 76.73
N HIS B 719 -15.37 -37.04 75.44
CA HIS B 719 -16.08 -38.27 75.04
C HIS B 719 -15.33 -39.52 75.51
N ARG B 720 -14.02 -39.58 75.25
CA ARG B 720 -13.22 -40.72 75.66
C ARG B 720 -13.29 -40.94 77.16
N SER B 721 -13.12 -39.88 77.95
CA SER B 721 -13.17 -40.02 79.40
C SER B 721 -14.52 -40.50 79.87
N LYS B 722 -15.60 -39.98 79.29
CA LYS B 722 -16.93 -40.45 79.67
C LYS B 722 -17.12 -41.92 79.34
N LEU B 723 -16.41 -42.41 78.31
CA LEU B 723 -16.50 -43.84 77.99
C LEU B 723 -15.69 -44.69 78.96
N ASP B 724 -14.38 -44.48 79.02
CA ASP B 724 -13.59 -45.29 79.94
C ASP B 724 -12.82 -44.38 80.90
N PRO B 725 -12.63 -44.83 82.16
CA PRO B 725 -11.98 -43.96 83.16
C PRO B 725 -10.46 -44.06 83.19
N SER B 726 -9.91 -45.19 82.74
CA SER B 726 -8.51 -45.53 82.98
C SER B 726 -7.54 -44.45 82.52
N SER B 727 -7.75 -43.92 81.32
CA SER B 727 -6.88 -42.89 80.76
C SER B 727 -7.34 -41.51 81.26
N LYS B 728 -6.94 -41.21 82.48
CA LYS B 728 -7.28 -39.94 83.14
C LYS B 728 -6.00 -39.19 83.42
N PRO B 729 -5.89 -37.92 83.05
CA PRO B 729 -4.64 -37.18 83.24
C PRO B 729 -4.36 -36.89 84.72
N LEU B 730 -3.09 -36.65 85.02
CA LEU B 730 -2.69 -36.30 86.38
C LEU B 730 -2.65 -34.78 86.56
N ALA B 731 -2.52 -34.36 87.82
CA ALA B 731 -2.48 -32.94 88.15
C ALA B 731 -1.17 -32.31 87.67
N GLN B 732 -1.15 -30.98 87.65
CA GLN B 732 -0.02 -30.27 87.04
C GLN B 732 0.62 -29.22 87.94
N VAL B 733 -0.17 -28.52 88.76
CA VAL B 733 0.33 -27.36 89.49
C VAL B 733 0.12 -27.54 90.99
N PHE B 734 1.20 -27.36 91.75
CA PHE B 734 1.17 -27.52 93.20
C PHE B 734 0.86 -26.20 93.90
N VAL B 735 0.69 -26.24 95.22
CA VAL B 735 0.36 -25.06 96.01
C VAL B 735 1.34 -24.91 97.18
N SER B 736 2.56 -25.39 97.00
CA SER B 736 3.52 -25.45 98.11
C SER B 736 3.93 -24.05 98.55
N CYS B 737 4.42 -23.98 99.80
CA CYS B 737 4.88 -22.73 100.41
C CYS B 737 6.37 -22.88 100.71
N ASN B 738 7.20 -22.26 99.87
CA ASN B 738 8.65 -22.36 100.02
C ASN B 738 9.10 -21.79 101.36
N PHE B 739 8.51 -20.67 101.77
CA PHE B 739 8.81 -20.07 103.08
C PHE B 739 7.97 -20.73 104.16
N CYS B 740 8.06 -22.06 104.22
CA CYS B 740 7.32 -22.84 105.20
C CYS B 740 7.86 -22.61 106.61
N ARG B 779 -2.46 -17.96 109.68
CA ARG B 779 -2.83 -16.61 110.14
C ARG B 779 -2.21 -15.50 109.29
N LYS B 780 -2.15 -15.70 107.99
CA LYS B 780 -1.62 -14.74 107.08
C LYS B 780 -1.99 -15.06 105.68
N PRO B 781 -1.73 -14.10 104.74
CA PRO B 781 -1.90 -14.16 103.29
C PRO B 781 -0.52 -14.34 102.66
N LEU B 782 -0.40 -14.18 101.33
CA LEU B 782 0.90 -14.23 100.65
C LEU B 782 0.85 -13.52 99.29
N PRO B 783 0.13 -14.02 98.28
CA PRO B 783 0.17 -13.34 96.99
C PRO B 783 -0.84 -12.20 96.95
N ARG B 784 -0.48 -11.12 96.26
CA ARG B 784 -1.36 -9.96 96.10
C ARG B 784 -1.32 -9.52 94.64
N CYS B 785 -2.44 -8.95 94.17
CA CYS B 785 -2.54 -8.52 92.78
C CYS B 785 -1.44 -7.51 92.46
N ALA B 786 -1.16 -7.32 91.17
CA ALA B 786 -0.16 -6.34 90.79
C ALA B 786 -0.78 -4.96 90.60
N LEU B 787 -1.65 -4.82 89.60
CA LEU B 787 -2.32 -3.56 89.31
C LEU B 787 -3.31 -3.20 90.40
N CYS B 788 -3.94 -4.22 90.96
CA CYS B 788 -5.05 -4.07 91.89
C CYS B 788 -4.52 -4.15 93.31
N LEU B 789 -3.58 -5.07 93.50
CA LEU B 789 -2.67 -5.13 94.62
C LEU B 789 -3.39 -5.66 95.86
N ILE B 790 -4.71 -5.82 95.74
CA ILE B 790 -5.55 -6.51 96.72
C ILE B 790 -5.05 -7.95 96.90
N ASN B 791 -5.14 -8.46 98.12
CA ASN B 791 -4.72 -9.82 98.46
C ASN B 791 -5.42 -10.87 97.62
N MET B 792 -4.67 -11.86 97.15
CA MET B 792 -5.22 -12.92 96.31
C MET B 792 -6.24 -13.76 97.08
N GLY B 793 -6.99 -14.57 96.34
CA GLY B 793 -7.95 -15.40 97.02
C GLY B 793 -9.27 -14.71 97.22
N THR B 794 -9.41 -14.06 98.38
CA THR B 794 -10.62 -13.50 98.96
C THR B 794 -11.56 -12.90 97.92
N PRO B 795 -12.87 -13.14 98.06
CA PRO B 795 -13.84 -12.79 97.01
C PRO B 795 -13.70 -11.41 96.40
N VAL B 796 -14.07 -11.28 95.14
CA VAL B 796 -14.12 -10.01 94.43
C VAL B 796 -12.76 -9.33 94.40
N ALA B 818 -17.99 -12.95 82.11
CA ALA B 818 -17.17 -12.08 82.95
C ALA B 818 -16.79 -12.80 84.25
N GLN B 819 -16.87 -14.11 84.24
CA GLN B 819 -16.52 -14.92 85.41
C GLN B 819 -15.08 -15.36 85.39
N PHE B 820 -14.35 -15.18 84.30
CA PHE B 820 -12.94 -15.53 84.24
C PHE B 820 -12.05 -14.40 84.71
N ASN B 821 -12.62 -13.29 85.14
CA ASN B 821 -11.86 -12.14 85.61
C ASN B 821 -11.58 -12.24 87.10
N ASN B 822 -11.46 -13.45 87.61
CA ASN B 822 -11.07 -13.64 89.00
C ASN B 822 -9.98 -14.67 89.22
N TRP B 823 -9.55 -15.41 88.21
CA TRP B 823 -8.38 -16.26 88.37
C TRP B 823 -7.15 -15.38 88.57
N PHE B 824 -6.17 -15.91 89.26
CA PHE B 824 -4.91 -15.20 89.44
C PHE B 824 -3.87 -15.73 88.46
N THR B 825 -3.63 -14.94 87.42
CA THR B 825 -2.61 -15.23 86.43
C THR B 825 -1.24 -15.23 87.08
N TRP B 826 -0.36 -16.14 86.66
CA TRP B 826 1.02 -16.17 87.14
C TRP B 826 2.00 -16.20 85.97
N CYS B 827 3.01 -15.34 86.04
CA CYS B 827 4.18 -15.47 85.18
C CYS B 827 5.07 -16.59 85.70
N HIS B 828 5.78 -17.24 84.79
CA HIS B 828 6.69 -18.30 85.22
C HIS B 828 8.10 -17.80 85.42
N ASN B 829 8.66 -17.12 84.43
CA ASN B 829 10.01 -16.59 84.57
C ASN B 829 10.05 -15.37 85.48
N CYS B 830 8.90 -14.78 85.76
CA CYS B 830 8.83 -13.55 86.55
C CYS B 830 8.13 -13.73 87.90
N ARG B 831 7.31 -14.76 88.06
CA ARG B 831 6.64 -15.06 89.32
C ARG B 831 5.75 -13.91 89.81
N HIS B 832 5.13 -13.17 88.89
CA HIS B 832 4.20 -12.10 89.21
C HIS B 832 2.81 -12.44 88.69
N GLY B 833 1.84 -11.59 89.02
CA GLY B 833 0.53 -11.72 88.43
C GLY B 833 -0.52 -10.95 89.23
N GLY B 834 -1.75 -11.05 88.73
CA GLY B 834 -2.86 -10.39 89.37
C GLY B 834 -4.19 -10.91 88.88
N HIS B 835 -5.18 -10.02 88.80
CA HIS B 835 -6.47 -10.41 88.26
C HIS B 835 -6.38 -10.54 86.76
N ALA B 836 -7.25 -11.37 86.18
CA ALA B 836 -7.22 -11.55 84.74
C ALA B 836 -7.58 -10.26 84.01
N GLY B 837 -8.66 -9.61 84.43
CA GLY B 837 -9.07 -8.39 83.76
C GLY B 837 -8.08 -7.27 83.91
N HIS B 838 -7.52 -7.11 85.12
CA HIS B 838 -6.56 -6.04 85.35
C HIS B 838 -5.31 -6.22 84.49
N MET B 839 -4.76 -7.44 84.47
CA MET B 839 -3.56 -7.67 83.67
C MET B 839 -3.85 -7.58 82.18
N LEU B 840 -5.02 -8.01 81.73
CA LEU B 840 -5.35 -7.84 80.32
C LEU B 840 -5.54 -6.38 79.94
N SER B 841 -6.07 -5.56 80.86
CA SER B 841 -6.10 -4.12 80.63
C SER B 841 -4.69 -3.56 80.51
N TRP B 842 -3.80 -4.00 81.40
CA TRP B 842 -2.43 -3.49 81.39
C TRP B 842 -1.68 -3.85 80.12
N PHE B 843 -1.81 -5.10 79.67
CA PHE B 843 -0.94 -5.63 78.62
C PHE B 843 -1.35 -5.22 77.22
N ARG B 844 -2.56 -4.68 77.03
CA ARG B 844 -2.98 -4.28 75.69
C ARG B 844 -2.15 -3.11 75.18
N ASP B 845 -1.82 -2.17 76.06
CA ASP B 845 -1.13 -0.96 75.62
C ASP B 845 0.38 -1.07 75.80
N HIS B 846 0.82 -1.34 77.02
CA HIS B 846 2.24 -1.45 77.35
C HIS B 846 2.65 -2.91 77.27
N ALA B 847 3.95 -3.13 77.22
CA ALA B 847 4.51 -4.49 77.21
C ALA B 847 5.64 -4.59 78.22
N GLU B 848 5.28 -4.89 79.48
CA GLU B 848 6.25 -5.16 80.53
C GLU B 848 5.51 -5.53 81.82
N CYS B 849 6.17 -6.27 82.70
CA CYS B 849 5.53 -6.66 83.95
C CYS B 849 5.28 -5.42 84.79
N PRO B 850 4.06 -5.22 85.29
CA PRO B 850 3.74 -3.96 85.97
C PRO B 850 4.61 -3.70 87.18
N VAL B 851 5.03 -4.74 87.88
CA VAL B 851 5.98 -4.56 88.97
C VAL B 851 7.20 -3.83 88.45
N SER B 852 7.44 -2.62 88.97
CA SER B 852 8.61 -1.87 88.56
C SER B 852 9.88 -2.65 88.91
N ALA B 853 10.94 -2.37 88.15
CA ALA B 853 12.19 -3.12 88.22
C ALA B 853 12.01 -4.57 87.76
N CYS B 854 11.20 -4.78 86.73
CA CYS B 854 11.11 -6.06 86.05
C CYS B 854 11.16 -5.83 84.54
N THR B 855 11.82 -6.75 83.83
CA THR B 855 11.99 -6.64 82.39
C THR B 855 11.44 -7.87 81.67
N CYS B 856 10.37 -8.46 82.19
CA CYS B 856 9.76 -9.65 81.61
C CYS B 856 8.54 -9.23 80.80
N LYS B 857 8.62 -9.43 79.49
CA LYS B 857 7.47 -9.21 78.62
C LYS B 857 6.65 -10.49 78.58
N CYS B 858 5.82 -10.66 79.61
CA CYS B 858 5.17 -11.93 79.86
C CYS B 858 4.22 -12.33 78.74
N MET B 859 3.50 -11.36 78.18
CA MET B 859 2.51 -11.70 77.16
C MET B 859 3.15 -12.20 75.88
N GLN B 860 4.18 -11.52 75.39
CA GLN B 860 4.82 -11.90 74.15
C GLN B 860 6.04 -12.79 74.37
N LEU B 861 6.24 -13.30 75.58
CA LEU B 861 7.31 -14.25 75.81
C LEU B 861 6.99 -15.61 75.20
N ASP B 862 5.71 -15.92 75.02
CA ASP B 862 5.28 -17.22 74.51
C ASP B 862 4.62 -17.17 73.15
N THR B 863 4.05 -16.04 72.75
CA THR B 863 3.39 -15.88 71.46
C THR B 863 2.29 -16.92 71.25
N VAL C 15 105.94 24.16 87.58
CA VAL C 15 106.19 25.50 87.08
C VAL C 15 105.93 26.53 88.17
N LEU C 16 105.12 27.53 87.85
CA LEU C 16 104.83 28.62 88.78
C LEU C 16 103.64 28.25 89.67
N THR C 17 103.34 29.09 90.66
CA THR C 17 102.24 28.83 91.55
C THR C 17 101.76 30.15 92.14
N GLY C 18 100.44 30.29 92.30
CA GLY C 18 99.88 31.49 92.86
C GLY C 18 98.37 31.54 92.76
N ARG C 19 97.75 32.43 93.53
CA ARG C 19 96.31 32.59 93.55
C ARG C 19 95.92 33.94 92.94
N THR C 20 94.62 34.23 92.95
CA THR C 20 94.10 35.48 92.44
C THR C 20 94.13 36.51 93.57
N MET C 21 95.07 37.44 93.48
CA MET C 21 95.29 38.44 94.52
C MET C 21 95.15 39.84 93.94
N HIS C 22 95.10 40.83 94.84
CA HIS C 22 95.00 42.22 94.43
C HIS C 22 95.52 43.10 95.55
N CYS C 23 96.30 44.12 95.17
CA CYS C 23 96.91 45.04 96.13
C CYS C 23 96.41 46.46 95.87
N HIS C 24 96.95 47.41 96.63
CA HIS C 24 96.50 48.79 96.59
C HIS C 24 97.69 49.71 96.36
N LEU C 25 97.44 50.80 95.63
CA LEU C 25 98.47 51.75 95.26
C LEU C 25 98.06 53.16 95.67
N ASP C 26 99.05 54.02 95.86
CA ASP C 26 98.79 55.39 96.29
C ASP C 26 98.26 56.27 95.17
N ALA C 27 98.68 56.03 93.94
CA ALA C 27 98.37 56.89 92.80
C ALA C 27 97.92 56.04 91.62
N PRO C 28 97.14 56.60 90.71
CA PRO C 28 96.73 55.84 89.52
C PRO C 28 97.90 55.53 88.60
N ALA C 29 97.77 54.43 87.87
CA ALA C 29 98.82 53.88 87.04
C ALA C 29 98.47 54.01 85.56
N ASN C 30 99.50 53.99 84.73
CA ASN C 30 99.34 54.03 83.29
C ASN C 30 100.00 52.87 82.54
N ALA C 31 101.02 52.24 83.11
CA ALA C 31 101.71 51.17 82.41
C ALA C 31 102.37 50.23 83.40
N ILE C 32 102.55 48.98 82.99
CA ILE C 32 103.23 47.97 83.77
C ILE C 32 104.19 47.20 82.88
N SER C 33 105.16 46.54 83.51
CA SER C 33 106.07 45.68 82.79
C SER C 33 106.60 44.61 83.73
N VAL C 34 106.81 43.41 83.19
CA VAL C 34 107.18 42.24 83.96
C VAL C 34 108.61 41.84 83.60
N CYS C 35 109.35 41.41 84.61
CA CYS C 35 110.74 41.03 84.45
C CYS C 35 110.84 39.69 83.72
N ARG C 36 112.07 39.21 83.56
CA ARG C 36 112.31 37.92 82.91
C ARG C 36 112.29 36.76 83.89
N ASP C 37 112.62 37.01 85.15
CA ASP C 37 112.55 35.98 86.19
C ASP C 37 111.13 35.64 86.60
N ALA C 38 110.14 36.39 86.12
CA ALA C 38 108.73 36.20 86.48
C ALA C 38 108.51 36.31 87.98
N ALA C 39 109.17 37.30 88.60
CA ALA C 39 109.07 37.50 90.04
C ALA C 39 108.71 38.92 90.44
N GLN C 40 109.09 39.92 89.64
CA GLN C 40 108.87 41.31 89.97
C GLN C 40 108.00 41.99 88.91
N VAL C 41 107.60 43.22 89.20
CA VAL C 41 106.79 44.00 88.28
C VAL C 41 107.05 45.48 88.53
N VAL C 42 106.98 46.27 87.46
CA VAL C 42 107.12 47.72 87.53
C VAL C 42 105.74 48.33 87.27
N VAL C 43 105.39 49.34 88.06
CA VAL C 43 104.17 50.10 87.84
C VAL C 43 104.52 51.58 87.89
N ALA C 44 104.13 52.32 86.86
CA ALA C 44 104.47 53.73 86.73
C ALA C 44 103.25 54.54 86.30
N GLY C 45 103.25 55.81 86.67
CA GLY C 45 102.17 56.72 86.33
C GLY C 45 102.64 58.14 86.37
N ARG C 46 101.71 59.06 86.58
CA ARG C 46 102.05 60.47 86.64
C ARG C 46 102.70 60.84 87.97
N SER C 47 102.31 60.19 89.06
CA SER C 47 102.88 60.48 90.37
C SER C 47 103.14 59.17 91.12
N ILE C 48 103.73 58.19 90.43
CA ILE C 48 104.10 56.92 91.07
C ILE C 48 105.16 56.21 90.23
N PHE C 49 106.15 55.61 90.88
CA PHE C 49 107.15 54.79 90.20
C PHE C 49 107.73 53.82 91.25
N LYS C 50 107.26 52.57 91.22
CA LYS C 50 107.62 51.60 92.26
C LYS C 50 107.93 50.24 91.65
N ILE C 51 108.57 49.40 92.46
CA ILE C 51 108.92 48.03 92.11
C ILE C 51 108.22 47.12 93.12
N TYR C 52 107.46 46.14 92.63
CA TYR C 52 106.76 45.22 93.50
C TYR C 52 107.27 43.80 93.29
N ALA C 53 107.03 42.95 94.28
CA ALA C 53 107.46 41.55 94.23
C ALA C 53 106.25 40.65 94.41
N ILE C 54 106.11 39.67 93.52
CA ILE C 54 104.95 38.78 93.52
C ILE C 54 105.26 37.58 94.41
N GLU C 55 104.74 37.60 95.63
CA GLU C 55 104.88 36.46 96.53
C GLU C 55 103.82 35.43 96.20
N GLU C 56 103.67 34.41 97.04
CA GLU C 56 102.68 33.37 96.83
C GLU C 56 101.36 33.69 97.51
N GLU C 57 101.28 34.82 98.23
CA GLU C 57 100.06 35.15 98.94
C GLU C 57 99.64 36.60 98.75
N GLN C 58 100.59 37.48 98.41
CA GLN C 58 100.28 38.89 98.24
C GLN C 58 101.44 39.57 97.53
N PHE C 59 101.33 40.88 97.37
CA PHE C 59 102.36 41.72 96.77
C PHE C 59 103.17 42.38 97.87
N VAL C 60 104.47 42.50 97.67
CA VAL C 60 105.38 43.09 98.64
C VAL C 60 106.18 44.19 97.94
N GLU C 61 106.14 45.39 98.51
CA GLU C 61 106.90 46.52 97.97
C GLU C 61 108.39 46.35 98.29
N LYS C 62 109.22 46.68 97.30
CA LYS C 62 110.66 46.61 97.50
C LYS C 62 111.33 47.97 97.43
N LEU C 63 111.16 48.68 96.34
CA LEU C 63 111.82 49.97 96.18
C LEU C 63 110.81 51.07 95.91
N ASN C 64 111.30 52.30 95.81
CA ASN C 64 110.47 53.44 95.41
C ASN C 64 111.43 54.38 94.66
N LEU C 65 111.48 54.22 93.34
CA LEU C 65 112.49 54.88 92.53
C LEU C 65 112.31 56.39 92.49
N ARG C 66 111.16 56.89 92.95
CA ARG C 66 110.86 58.31 92.93
C ARG C 66 111.32 59.03 94.19
N VAL C 67 111.74 58.28 95.22
CA VAL C 67 112.11 58.88 96.50
C VAL C 67 113.14 59.98 96.29
N GLY C 68 112.91 61.13 96.94
CA GLY C 68 113.74 62.30 96.76
C GLY C 68 113.01 63.49 96.17
N ARG C 69 112.62 64.41 97.06
CA ARG C 69 112.04 65.72 96.81
C ARG C 69 111.55 66.00 95.39
N LYS C 70 112.43 66.57 94.55
CA LYS C 70 112.11 67.33 93.35
C LYS C 70 111.00 66.71 92.51
N PRO C 71 109.83 67.35 92.43
CA PRO C 71 108.73 66.87 91.58
C PRO C 71 108.79 67.47 90.18
N SER C 72 109.82 67.07 89.42
CA SER C 72 109.97 67.58 88.07
C SER C 72 108.99 66.88 87.13
N LEU C 73 108.73 67.53 86.00
CA LEU C 73 107.91 66.95 84.95
C LEU C 73 108.65 65.92 84.13
N ASN C 74 109.88 65.59 84.51
CA ASN C 74 110.64 64.53 83.88
C ASN C 74 110.23 63.15 84.36
N LEU C 75 109.42 63.08 85.42
CA LEU C 75 108.84 61.83 85.90
C LEU C 75 107.32 61.96 85.76
N SER C 76 106.82 61.75 84.55
CA SER C 76 105.39 61.77 84.27
C SER C 76 105.02 60.62 83.36
N CYS C 77 105.54 59.43 83.66
CA CYS C 77 105.61 58.29 82.75
C CYS C 77 104.34 58.04 81.95
N ALA C 78 104.51 57.80 80.64
CA ALA C 78 103.45 57.31 79.78
C ALA C 78 103.67 55.87 79.33
N ASP C 79 104.90 55.38 79.41
CA ASP C 79 105.20 53.98 79.13
C ASP C 79 106.47 53.62 79.88
N VAL C 80 106.59 52.33 80.20
CA VAL C 80 107.75 51.79 80.90
C VAL C 80 108.09 50.44 80.29
N VAL C 81 109.39 50.15 80.19
CA VAL C 81 109.85 48.88 79.64
C VAL C 81 111.00 48.32 80.45
N TRP C 82 110.90 47.05 80.86
CA TRP C 82 111.99 46.30 81.43
C TRP C 82 112.71 45.53 80.34
N HIS C 83 114.02 45.39 80.49
CA HIS C 83 114.83 44.69 79.51
C HIS C 83 114.89 43.21 79.85
N GLN C 84 114.95 42.39 78.81
CA GLN C 84 114.90 40.93 78.97
C GLN C 84 116.27 40.27 78.84
N MET C 85 117.35 41.04 78.88
CA MET C 85 118.68 40.47 78.82
C MET C 85 119.56 41.02 79.93
N ASP C 86 119.19 42.19 80.46
CA ASP C 86 119.88 42.82 81.58
C ASP C 86 118.82 43.19 82.60
N GLU C 87 118.87 42.53 83.76
CA GLU C 87 117.81 42.66 84.75
C GLU C 87 117.89 43.98 85.49
N ASN C 88 118.86 44.83 85.13
CA ASN C 88 119.05 46.10 85.80
C ASN C 88 118.64 47.31 84.97
N LEU C 89 118.35 47.14 83.69
CA LEU C 89 118.03 48.28 82.84
C LEU C 89 116.53 48.55 82.84
N LEU C 90 116.18 49.80 82.59
CA LEU C 90 114.80 50.27 82.50
C LEU C 90 114.77 51.52 81.63
N ALA C 91 113.63 51.77 81.01
CA ALA C 91 113.44 52.93 80.16
C ALA C 91 112.08 53.55 80.43
N THR C 92 111.95 54.84 80.16
CA THR C 92 110.72 55.56 80.47
C THR C 92 110.48 56.67 79.46
N ALA C 93 109.24 56.75 78.96
CA ALA C 93 108.81 57.87 78.15
C ALA C 93 108.00 58.85 78.99
N ALA C 94 108.35 60.13 78.89
CA ALA C 94 107.71 61.18 79.67
C ALA C 94 106.81 62.01 78.77
N THR C 95 105.98 62.83 79.41
CA THR C 95 105.11 63.76 78.71
C THR C 95 105.85 65.00 78.25
N ASN C 96 107.13 65.12 78.59
CA ASN C 96 107.96 66.26 78.24
C ASN C 96 108.64 66.10 76.89
N GLY C 97 109.05 64.88 76.56
CA GLY C 97 109.86 64.64 75.38
C GLY C 97 111.24 64.15 75.79
N VAL C 98 111.35 63.69 77.02
CA VAL C 98 112.61 63.27 77.59
C VAL C 98 112.53 61.77 77.84
N VAL C 99 113.45 61.02 77.23
CA VAL C 99 113.58 59.59 77.48
C VAL C 99 114.69 59.40 78.50
N VAL C 100 114.34 58.78 79.63
CA VAL C 100 115.30 58.56 80.72
C VAL C 100 115.52 57.07 80.88
N THR C 101 116.78 56.69 81.06
CA THR C 101 117.17 55.29 81.22
C THR C 101 117.74 55.12 82.62
N TRP C 102 117.27 54.11 83.33
CA TRP C 102 117.70 53.85 84.70
C TRP C 102 118.55 52.59 84.77
N ASN C 103 119.22 52.41 85.91
CA ASN C 103 120.14 51.28 86.07
C ASN C 103 120.24 50.92 87.54
N LEU C 104 119.63 49.81 87.94
CA LEU C 104 119.66 49.40 89.35
C LEU C 104 120.92 48.63 89.68
N GLY C 105 122.08 49.20 89.35
CA GLY C 105 123.34 48.66 89.80
C GLY C 105 124.14 49.71 90.53
N ARG C 106 123.79 50.97 90.28
CA ARG C 106 124.45 52.12 90.86
C ARG C 106 124.26 52.12 92.38
N PRO C 107 125.30 52.43 93.15
CA PRO C 107 125.17 52.33 94.62
C PRO C 107 124.30 53.41 95.23
N SER C 108 124.15 54.56 94.58
CA SER C 108 123.45 55.69 95.16
C SER C 108 121.95 55.39 95.22
N ARG C 109 121.18 56.32 95.80
CA ARG C 109 119.73 56.18 95.83
C ARG C 109 119.10 56.60 94.51
N ASN C 110 119.52 57.75 93.97
CA ASN C 110 119.09 58.16 92.64
C ASN C 110 119.73 57.23 91.61
N LYS C 111 118.94 56.34 91.03
CA LYS C 111 119.43 55.30 90.13
C LYS C 111 119.27 55.68 88.67
N GLN C 112 119.48 56.95 88.33
CA GLN C 112 119.22 57.45 87.00
C GLN C 112 120.51 57.53 86.18
N ASP C 113 120.48 56.87 85.02
CA ASP C 113 121.54 56.93 84.01
C ASP C 113 121.25 58.05 83.03
N GLN C 114 121.84 57.98 81.85
CA GLN C 114 121.81 59.06 80.87
C GLN C 114 120.39 59.56 80.60
N LEU C 115 120.31 60.75 80.02
CA LEU C 115 119.06 61.42 79.69
C LEU C 115 119.13 61.90 78.26
N PHE C 116 117.98 61.95 77.60
CA PHE C 116 117.90 62.35 76.20
C PHE C 116 116.78 63.36 76.02
N THR C 117 117.05 64.40 75.23
CA THR C 117 116.11 65.49 75.02
C THR C 117 116.09 65.90 73.55
N GLU C 118 116.02 64.90 72.66
CA GLU C 118 115.95 65.18 71.23
C GLU C 118 114.53 65.43 70.74
N HIS C 119 113.52 64.93 71.46
CA HIS C 119 112.13 65.07 71.02
C HIS C 119 111.53 66.38 71.50
N LYS C 120 110.73 67.01 70.65
CA LYS C 120 110.14 68.30 70.99
C LYS C 120 108.81 68.16 71.73
N ARG C 121 108.00 67.17 71.38
CA ARG C 121 106.70 66.95 71.99
C ARG C 121 106.69 65.62 72.74
N THR C 122 105.52 65.26 73.26
CA THR C 122 105.42 64.13 74.17
C THR C 122 105.78 62.83 73.47
N VAL C 123 106.40 61.93 74.21
CA VAL C 123 106.76 60.61 73.71
C VAL C 123 105.69 59.63 74.16
N ASN C 124 105.32 58.73 73.26
CA ASN C 124 104.19 57.83 73.46
C ASN C 124 104.60 56.43 73.88
N LYS C 125 105.55 55.82 73.17
CA LYS C 125 106.01 54.48 73.51
C LYS C 125 107.51 54.37 73.34
N VAL C 126 108.13 53.48 74.11
CA VAL C 126 109.55 53.15 73.99
C VAL C 126 109.67 51.63 73.92
N CYS C 127 110.71 51.15 73.25
CA CYS C 127 110.92 49.72 73.05
C CYS C 127 112.40 49.38 73.16
N PHE C 128 112.67 48.09 73.33
CA PHE C 128 114.01 47.55 73.48
C PHE C 128 114.21 46.43 72.47
N HIS C 129 115.46 46.18 72.13
CA HIS C 129 115.70 45.04 71.26
C HIS C 129 115.75 43.76 72.08
N PRO C 130 115.14 42.67 71.59
CA PRO C 130 115.09 41.44 72.40
C PRO C 130 116.45 40.88 72.77
N THR C 131 117.43 40.97 71.88
CA THR C 131 118.74 40.36 72.12
C THR C 131 119.81 41.41 72.43
N GLU C 132 120.01 42.37 71.53
CA GLU C 132 121.03 43.38 71.75
C GLU C 132 120.65 44.28 72.91
N ALA C 133 121.68 44.78 73.61
CA ALA C 133 121.49 45.64 74.78
C ALA C 133 121.85 47.10 74.51
N HIS C 134 121.72 47.55 73.27
CA HIS C 134 122.06 48.91 72.89
C HIS C 134 120.89 49.66 72.27
N VAL C 135 120.17 49.04 71.34
CA VAL C 135 119.16 49.74 70.59
C VAL C 135 118.00 50.13 71.51
N LEU C 136 117.43 51.30 71.25
CA LEU C 136 116.23 51.75 71.95
C LEU C 136 115.50 52.74 71.05
N LEU C 137 114.27 52.39 70.65
CA LEU C 137 113.46 53.25 69.82
C LEU C 137 112.48 54.05 70.67
N SER C 138 111.98 55.13 70.08
CA SER C 138 111.02 55.99 70.75
C SER C 138 110.13 56.64 69.70
N GLY C 139 108.85 56.75 70.03
CA GLY C 139 107.90 57.39 69.14
C GLY C 139 107.23 58.59 69.79
N SER C 140 107.19 59.71 69.09
CA SER C 140 106.72 60.96 69.65
C SER C 140 105.58 61.52 68.80
N GLN C 141 104.84 62.45 69.38
CA GLN C 141 103.73 63.10 68.74
C GLN C 141 104.16 63.95 67.54
N ASP C 142 105.44 64.28 67.43
CA ASP C 142 105.92 65.09 66.32
C ASP C 142 105.70 64.39 65.00
N GLY C 143 106.01 63.09 64.94
CA GLY C 143 105.88 62.34 63.71
C GLY C 143 107.12 61.54 63.39
N PHE C 144 108.21 61.82 64.10
CA PHE C 144 109.49 61.16 63.86
C PHE C 144 109.74 60.07 64.88
N MET C 145 110.65 59.15 64.54
CA MET C 145 111.06 58.08 65.42
C MET C 145 112.58 58.08 65.50
N LYS C 146 113.10 57.98 66.71
CA LYS C 146 114.54 58.04 66.94
C LYS C 146 115.07 56.67 67.31
N CYS C 147 116.39 56.53 67.34
CA CYS C 147 117.03 55.27 67.72
C CYS C 147 118.40 55.53 68.32
N PHE C 148 118.51 55.44 69.64
CA PHE C 148 119.74 55.79 70.36
C PHE C 148 120.59 54.55 70.60
N ASP C 149 121.90 54.74 70.57
CA ASP C 149 122.85 53.70 70.94
C ASP C 149 123.40 54.03 72.33
N LEU C 150 123.01 53.23 73.32
CA LEU C 150 123.20 53.62 74.72
C LEU C 150 124.67 53.71 75.11
N ARG C 151 125.59 53.15 74.33
CA ARG C 151 127.01 53.23 74.66
C ARG C 151 127.62 54.53 74.14
N ARG C 152 126.93 55.64 74.45
CA ARG C 152 127.38 56.98 74.12
C ARG C 152 127.64 57.15 72.63
N LYS C 153 128.70 56.51 72.14
CA LYS C 153 129.16 56.45 70.75
C LYS C 153 128.39 57.32 69.76
N ASP C 154 127.48 56.72 69.01
CA ASP C 154 126.79 57.39 67.91
C ASP C 154 125.65 58.27 68.39
N SER C 155 124.80 58.70 67.47
CA SER C 155 123.65 59.53 67.80
C SER C 155 122.36 58.88 67.30
N VAL C 156 121.27 59.63 67.34
CA VAL C 156 119.97 59.12 66.90
C VAL C 156 119.98 58.87 65.40
N SER C 157 118.97 58.17 64.90
CA SER C 157 118.85 57.89 63.47
C SER C 157 117.72 58.64 62.77
N THR C 158 116.65 59.02 63.48
CA THR C 158 115.63 59.94 62.99
C THR C 158 114.93 59.41 61.73
N PHE C 159 114.19 58.33 61.92
CA PHE C 159 113.23 57.88 60.92
C PHE C 159 112.09 58.89 60.79
N SER C 160 111.61 59.08 59.57
CA SER C 160 110.52 60.02 59.31
C SER C 160 109.29 59.27 58.82
N GLY C 161 108.14 59.58 59.40
CA GLY C 161 106.92 58.85 59.12
C GLY C 161 106.02 59.46 58.06
N GLN C 162 106.02 60.79 57.98
CA GLN C 162 105.23 61.54 57.00
C GLN C 162 103.74 61.43 57.25
N SER C 163 103.35 60.65 58.26
CA SER C 163 101.99 60.61 58.75
C SER C 163 101.92 61.39 60.06
N GLU C 164 100.78 61.32 60.75
CA GLU C 164 100.62 62.00 62.03
C GLU C 164 101.29 61.23 63.15
N SER C 165 100.93 61.54 64.40
CA SER C 165 101.55 61.02 65.61
C SER C 165 101.82 59.52 65.53
N VAL C 166 102.93 59.11 66.12
CA VAL C 166 103.32 57.72 66.23
C VAL C 166 102.86 57.20 67.58
N ARG C 167 102.23 56.03 67.59
CA ARG C 167 101.59 55.54 68.81
C ARG C 167 102.05 54.17 69.26
N ASP C 168 102.84 53.45 68.46
CA ASP C 168 103.38 52.16 68.88
C ASP C 168 104.60 51.86 68.04
N VAL C 169 105.50 51.01 68.56
CA VAL C 169 106.71 50.69 67.81
C VAL C 169 106.88 49.20 67.58
N GLN C 170 107.11 48.42 68.64
CA GLN C 170 107.21 46.96 68.58
C GLN C 170 108.28 46.40 67.64
N PHE C 171 109.16 45.55 68.14
CA PHE C 171 110.19 44.89 67.36
C PHE C 171 109.72 43.51 66.93
N SER C 172 110.16 43.06 65.76
CA SER C 172 109.79 41.73 65.28
C SER C 172 110.46 40.66 66.12
N ILE C 173 109.77 39.52 66.28
CA ILE C 173 110.28 38.46 67.14
C ILE C 173 111.18 37.50 66.37
N ARG C 174 110.83 37.17 65.13
CA ARG C 174 111.61 36.26 64.32
C ARG C 174 112.70 36.96 63.52
N ASP C 175 112.39 38.08 62.88
CA ASP C 175 113.40 38.85 62.17
C ASP C 175 114.24 39.66 63.15
N TYR C 176 115.43 40.03 62.71
CA TYR C 176 116.38 40.72 63.58
C TYR C 176 116.29 42.24 63.48
N PHE C 177 116.21 42.77 62.25
CA PHE C 177 116.08 44.21 62.00
C PHE C 177 114.73 44.47 61.36
N THR C 178 113.70 44.65 62.18
CA THR C 178 112.38 44.99 61.67
C THR C 178 111.49 45.44 62.83
N PHE C 179 110.85 46.58 62.66
CA PHE C 179 109.86 47.04 63.62
C PHE C 179 108.67 47.62 62.86
N ALA C 180 107.52 47.74 63.53
CA ALA C 180 106.28 48.09 62.86
C ALA C 180 105.57 49.18 63.65
N SER C 181 105.70 50.42 63.17
CA SER C 181 105.12 51.58 63.81
C SER C 181 103.67 51.74 63.37
N THR C 182 102.82 52.22 64.27
CA THR C 182 101.41 52.45 64.00
C THR C 182 101.07 53.91 64.23
N PHE C 183 100.31 54.50 63.31
CA PHE C 183 100.09 55.94 63.28
C PHE C 183 98.64 56.28 63.58
N GLU C 184 98.37 57.58 63.70
CA GLU C 184 97.05 58.11 63.96
C GLU C 184 96.25 58.32 62.68
N ASN C 185 96.92 58.22 61.54
CA ASN C 185 96.27 58.24 60.23
C ASN C 185 95.45 57.00 59.96
N GLY C 186 95.90 55.85 60.44
CA GLY C 186 95.28 54.59 60.10
C GLY C 186 96.22 53.74 59.28
N ASN C 187 97.48 54.13 59.23
CA ASN C 187 98.48 53.44 58.43
C ASN C 187 99.50 52.75 59.33
N VAL C 188 99.81 51.51 58.99
CA VAL C 188 100.83 50.72 59.66
C VAL C 188 101.92 50.43 58.63
N GLN C 189 103.15 50.80 58.94
CA GLN C 189 104.26 50.59 58.01
C GLN C 189 105.42 49.91 58.72
N LEU C 190 106.24 49.23 57.92
CA LEU C 190 107.37 48.45 58.41
C LEU C 190 108.68 49.11 57.98
N TRP C 191 109.73 48.90 58.78
CA TRP C 191 111.03 49.51 58.54
C TRP C 191 112.14 48.47 58.66
N ASP C 192 113.36 48.92 58.37
CA ASP C 192 114.58 48.16 58.66
C ASP C 192 115.60 49.13 59.22
N ILE C 193 116.34 48.69 60.23
CA ILE C 193 117.22 49.60 60.96
C ILE C 193 118.31 50.14 60.05
N ARG C 194 118.92 49.28 59.25
CA ARG C 194 120.08 49.67 58.46
C ARG C 194 119.75 50.62 57.32
N ARG C 195 118.51 51.04 57.09
CA ARG C 195 118.25 51.96 55.99
C ARG C 195 117.18 52.97 56.37
N PRO C 196 117.52 53.99 57.16
CA PRO C 196 116.52 54.99 57.55
C PRO C 196 116.20 56.01 56.47
N ASP C 197 115.87 55.55 55.27
CA ASP C 197 115.50 56.44 54.17
C ASP C 197 114.10 56.18 53.66
N ARG C 198 113.75 54.91 53.45
CA ARG C 198 112.45 54.52 52.92
C ARG C 198 111.80 53.49 53.84
N CYS C 199 110.53 53.22 53.56
CA CYS C 199 109.72 52.26 54.32
C CYS C 199 109.52 51.03 53.45
N GLU C 200 109.81 49.86 54.02
CA GLU C 200 109.73 48.61 53.28
C GLU C 200 108.31 48.32 52.81
N ARG C 201 107.31 48.71 53.60
CA ARG C 201 105.92 48.42 53.26
C ARG C 201 105.02 49.41 53.99
N MET C 202 103.81 49.58 53.47
CA MET C 202 102.87 50.55 54.04
C MET C 202 101.47 50.27 53.50
N PHE C 203 100.49 50.17 54.39
CA PHE C 203 99.09 50.00 54.00
C PHE C 203 98.18 50.80 54.94
N THR C 204 96.88 50.67 54.73
CA THR C 204 95.86 51.35 55.52
C THR C 204 95.01 50.32 56.24
N ALA C 205 94.93 50.44 57.56
CA ALA C 205 94.36 49.39 58.40
C ALA C 205 92.97 49.73 58.93
N HIS C 206 92.83 50.86 59.62
CA HIS C 206 91.58 51.19 60.29
C HIS C 206 90.98 52.46 59.69
N ASN C 207 89.88 52.90 60.28
CA ASN C 207 89.21 54.13 59.88
C ASN C 207 89.43 55.20 60.93
N GLY C 208 90.62 55.24 61.52
CA GLY C 208 90.94 56.19 62.55
C GLY C 208 92.26 55.84 63.20
N PRO C 209 92.56 56.46 64.33
CA PRO C 209 93.82 56.17 65.02
C PRO C 209 93.98 54.70 65.32
N VAL C 210 95.21 54.22 65.20
CA VAL C 210 95.56 52.85 65.53
C VAL C 210 96.36 52.91 66.83
N PHE C 211 95.85 52.29 67.88
CA PHE C 211 96.43 52.46 69.21
C PHE C 211 97.44 51.38 69.55
N CYS C 212 97.21 50.13 69.13
CA CYS C 212 98.01 49.01 69.59
C CYS C 212 98.38 48.08 68.43
N CYS C 213 99.45 47.32 68.64
CA CYS C 213 99.87 46.29 67.70
C CYS C 213 100.70 45.23 68.44
N ASP C 214 100.74 44.00 67.91
CA ASP C 214 101.51 42.95 68.55
C ASP C 214 101.86 41.88 67.51
N TRP C 215 103.00 41.23 67.73
CA TRP C 215 103.50 40.17 66.85
C TRP C 215 103.08 38.81 67.40
N HIS C 216 103.03 37.83 66.49
CA HIS C 216 102.66 36.47 66.88
C HIS C 216 103.89 35.74 67.40
N PRO C 217 103.85 35.20 68.61
CA PRO C 217 105.03 34.49 69.14
C PRO C 217 105.42 33.26 68.34
N GLU C 218 104.51 32.66 67.57
CA GLU C 218 104.79 31.40 66.91
C GLU C 218 104.95 31.51 65.41
N ASP C 219 104.10 32.29 64.73
CA ASP C 219 104.15 32.37 63.27
C ASP C 219 105.29 33.28 62.81
N ARG C 220 105.30 33.61 61.52
CA ARG C 220 106.42 34.32 60.92
C ARG C 220 105.92 35.47 60.05
N GLY C 221 105.13 36.37 60.63
CA GLY C 221 104.54 37.42 59.83
C GLY C 221 103.10 37.72 60.15
N TRP C 222 102.61 37.22 61.28
CA TRP C 222 101.25 37.48 61.72
C TRP C 222 101.26 38.62 62.73
N LEU C 223 100.55 39.70 62.41
CA LEU C 223 100.39 40.87 63.25
C LEU C 223 98.95 40.99 63.72
N ALA C 224 98.76 41.75 64.80
CA ALA C 224 97.43 41.97 65.37
C ALA C 224 97.35 43.45 65.76
N THR C 225 96.49 44.20 65.08
CA THR C 225 96.31 45.61 65.35
C THR C 225 94.92 45.89 65.89
N GLY C 226 94.81 46.92 66.71
CA GLY C 226 93.54 47.34 67.24
C GLY C 226 93.45 48.85 67.26
N GLY C 227 92.26 49.37 67.04
CA GLY C 227 92.09 50.80 66.89
C GLY C 227 90.88 51.39 67.59
N ARG C 228 90.56 52.63 67.25
CA ARG C 228 89.45 53.36 67.85
C ARG C 228 88.14 53.09 67.12
N ASP C 229 88.19 52.47 65.94
CA ASP C 229 87.00 52.05 65.23
C ASP C 229 86.33 50.84 65.86
N LYS C 230 86.79 50.41 67.04
CA LYS C 230 86.20 49.32 67.80
C LYS C 230 86.38 47.99 67.09
N MET C 231 87.60 47.70 66.63
CA MET C 231 87.84 46.54 65.80
C MET C 231 89.23 46.00 66.09
N VAL C 232 89.40 44.69 65.97
CA VAL C 232 90.70 44.05 66.08
C VAL C 232 90.90 43.19 64.84
N LYS C 233 92.06 43.35 64.21
CA LYS C 233 92.33 42.73 62.92
C LYS C 233 93.66 42.00 62.97
N VAL C 234 93.70 40.80 62.38
CA VAL C 234 94.91 40.00 62.29
C VAL C 234 95.36 40.00 60.83
N TRP C 235 96.60 40.41 60.60
CA TRP C 235 97.13 40.50 59.24
C TRP C 235 98.21 39.47 59.00
N ASP C 236 98.19 38.87 57.82
CA ASP C 236 99.19 37.90 57.39
C ASP C 236 100.07 38.61 56.36
N MET C 237 101.38 38.57 56.59
CA MET C 237 102.32 39.39 55.83
C MET C 237 103.34 38.56 55.08
N THR C 238 103.12 37.23 55.00
CA THR C 238 104.05 36.38 54.29
C THR C 238 104.07 36.66 52.79
N THR C 239 103.00 37.21 52.25
CA THR C 239 102.88 37.53 50.83
C THR C 239 103.41 38.94 50.59
N HIS C 240 103.20 39.46 49.37
CA HIS C 240 103.68 40.79 49.02
C HIS C 240 102.54 41.81 49.10
N ARG C 241 101.46 41.44 49.76
CA ARG C 241 100.33 42.34 49.99
C ARG C 241 99.56 41.88 51.22
N ALA C 242 99.27 42.80 52.13
CA ALA C 242 98.61 42.45 53.38
C ALA C 242 97.20 41.97 53.11
N LYS C 243 96.84 40.84 53.72
CA LYS C 243 95.51 40.27 53.62
C LYS C 243 94.93 40.14 55.02
N GLU C 244 93.65 40.47 55.16
CA GLU C 244 92.99 40.50 56.47
C GLU C 244 92.46 39.11 56.78
N MET C 245 93.16 38.41 57.66
CA MET C 245 92.78 37.04 58.00
C MET C 245 91.49 37.00 58.81
N HIS C 246 91.39 37.82 59.85
CA HIS C 246 90.25 37.77 60.76
C HIS C 246 89.83 39.16 61.22
N CYS C 247 88.74 39.23 61.99
CA CYS C 247 88.19 40.50 62.43
C CYS C 247 87.25 40.36 63.62
N VAL C 248 87.57 41.00 64.74
CA VAL C 248 86.77 40.94 65.96
C VAL C 248 86.17 42.32 66.20
N GLN C 249 84.86 42.36 66.46
CA GLN C 249 84.15 43.63 66.67
C GLN C 249 83.75 43.73 68.14
N THR C 250 84.47 44.57 68.89
CA THR C 250 84.15 44.77 70.30
C THR C 250 83.15 45.90 70.45
N ILE C 251 82.90 46.29 71.70
CA ILE C 251 81.89 47.31 72.00
C ILE C 251 82.48 48.64 72.43
N ALA C 252 83.80 48.74 72.56
CA ALA C 252 84.46 49.99 72.94
C ALA C 252 85.80 50.08 72.22
N SER C 253 86.49 51.20 72.40
CA SER C 253 87.73 51.45 71.69
C SER C 253 88.90 50.68 72.32
N VAL C 254 89.62 49.95 71.47
CA VAL C 254 90.66 49.02 71.90
C VAL C 254 91.94 49.79 72.21
N ALA C 255 92.53 49.51 73.37
CA ALA C 255 93.74 50.19 73.81
C ALA C 255 94.96 49.28 73.81
N ARG C 256 94.81 48.05 74.29
CA ARG C 256 95.91 47.09 74.36
C ARG C 256 95.47 45.74 73.82
N VAL C 257 96.39 45.07 73.13
CA VAL C 257 96.13 43.75 72.56
C VAL C 257 97.39 42.88 72.76
N LYS C 258 97.20 41.67 73.27
CA LYS C 258 98.29 40.73 73.54
C LYS C 258 97.89 39.33 73.10
N TRP C 259 98.90 38.50 72.83
CA TRP C 259 98.69 37.11 72.45
C TRP C 259 98.90 36.21 73.65
N ARG C 260 98.04 35.20 73.78
CA ARG C 260 98.17 34.23 74.87
C ARG C 260 99.29 33.23 74.59
N PRO C 261 100.06 32.86 75.60
CA PRO C 261 101.16 31.91 75.38
C PRO C 261 100.68 30.50 75.12
N GLU C 262 101.32 29.86 74.14
CA GLU C 262 101.10 28.44 73.82
C GLU C 262 99.65 28.16 73.41
N CYS C 263 98.98 29.15 72.82
CA CYS C 263 97.61 29.02 72.30
C CYS C 263 97.55 29.90 71.05
N ARG C 264 97.43 29.25 69.89
CA ARG C 264 97.61 29.94 68.61
C ARG C 264 96.59 31.03 68.35
N HIS C 265 95.32 30.80 68.70
CA HIS C 265 94.26 31.78 68.49
C HIS C 265 93.65 32.17 69.84
N HIS C 266 94.28 33.10 70.53
CA HIS C 266 93.79 33.61 71.79
C HIS C 266 94.41 34.98 72.06
N LEU C 267 93.56 36.00 72.16
CA LEU C 267 93.96 37.37 72.33
C LEU C 267 93.65 37.84 73.75
N ALA C 268 93.90 39.12 74.03
CA ALA C 268 93.57 39.72 75.31
C ALA C 268 93.48 41.22 75.15
N THR C 269 92.28 41.78 75.27
CA THR C 269 92.05 43.18 74.96
C THR C 269 91.45 43.90 76.17
N CYS C 270 91.68 45.20 76.21
CA CYS C 270 91.09 46.07 77.20
C CYS C 270 90.73 47.39 76.52
N SER C 271 89.68 48.02 77.02
CA SER C 271 89.14 49.21 76.38
C SER C 271 89.86 50.46 76.86
N MET C 272 89.59 51.58 76.21
CA MET C 272 90.17 52.86 76.59
C MET C 272 89.12 53.86 77.07
N MET C 273 87.83 53.56 76.88
CA MET C 273 86.75 54.35 77.47
C MET C 273 85.60 53.42 77.81
N VAL C 274 84.60 53.97 78.50
CA VAL C 274 83.35 53.33 78.92
C VAL C 274 83.49 51.93 79.53
N ASP C 275 84.24 51.03 78.89
CA ASP C 275 84.28 49.64 79.31
C ASP C 275 85.37 49.43 80.36
N HIS C 276 85.06 48.65 81.39
CA HIS C 276 85.98 48.36 82.48
C HIS C 276 86.51 46.93 82.46
N ASN C 277 86.02 46.08 81.56
CA ASN C 277 86.33 44.66 81.63
C ASN C 277 87.54 44.29 80.78
N ILE C 278 88.18 43.20 81.18
CA ILE C 278 89.19 42.55 80.35
C ILE C 278 88.57 41.35 79.64
N TYR C 279 88.96 41.15 78.39
CA TYR C 279 88.36 40.11 77.56
C TYR C 279 89.46 39.23 76.97
N VAL C 280 89.12 37.96 76.78
CA VAL C 280 90.00 36.99 76.12
C VAL C 280 89.20 36.40 74.96
N TRP C 281 89.48 36.87 73.75
CA TRP C 281 88.76 36.40 72.57
C TRP C 281 89.45 35.20 71.93
N ASP C 282 88.66 34.38 71.24
CA ASP C 282 89.17 33.35 70.35
C ASP C 282 88.94 33.84 68.93
N VAL C 283 90.00 33.79 68.13
CA VAL C 283 89.96 34.41 66.81
C VAL C 283 88.98 33.69 65.89
N ARG C 284 88.75 32.40 66.11
CA ARG C 284 87.93 31.63 65.19
C ARG C 284 86.44 31.78 65.46
N ARG C 285 86.05 32.42 66.57
CA ARG C 285 84.66 32.68 66.91
C ARG C 285 84.56 34.16 67.26
N PRO C 286 84.50 35.04 66.25
CA PRO C 286 84.65 36.47 66.52
C PRO C 286 83.36 37.18 66.88
N PHE C 287 82.53 36.58 67.71
CA PHE C 287 81.27 37.22 68.10
C PHE C 287 80.97 37.14 69.58
N VAL C 288 81.54 36.21 70.33
CA VAL C 288 81.36 36.15 71.78
C VAL C 288 82.73 35.96 72.42
N PRO C 289 82.98 36.52 73.60
CA PRO C 289 84.28 36.32 74.24
C PRO C 289 84.39 34.95 74.88
N ALA C 290 85.59 34.38 74.81
CA ALA C 290 85.85 33.11 75.48
C ALA C 290 85.78 33.27 76.99
N ALA C 291 86.23 34.40 77.52
CA ALA C 291 86.19 34.64 78.95
C ALA C 291 86.24 36.14 79.20
N MET C 292 85.85 36.53 80.41
CA MET C 292 85.87 37.95 80.76
C MET C 292 86.06 38.10 82.27
N PHE C 293 86.83 39.13 82.63
CA PHE C 293 87.08 39.47 84.02
C PHE C 293 86.42 40.80 84.35
N GLU C 294 85.84 40.88 85.54
CA GLU C 294 85.05 42.03 85.95
C GLU C 294 85.48 42.51 87.32
N GLU C 295 86.80 42.63 87.53
CA GLU C 295 87.32 42.97 88.84
C GLU C 295 87.44 44.47 89.08
N HIS C 296 87.95 45.22 88.10
CA HIS C 296 88.28 46.63 88.33
C HIS C 296 87.02 47.48 88.38
N ARG C 297 87.18 48.69 88.91
CA ARG C 297 86.10 49.68 88.98
C ARG C 297 86.31 50.87 88.06
N ASP C 298 87.42 50.94 87.34
CA ASP C 298 87.66 51.93 86.29
C ASP C 298 88.38 51.26 85.13
N VAL C 299 88.81 52.07 84.16
CA VAL C 299 89.45 51.53 82.97
C VAL C 299 90.80 50.91 83.33
N THR C 300 91.14 49.81 82.66
CA THR C 300 92.42 49.16 82.88
C THR C 300 93.46 49.70 81.91
N THR C 301 94.47 50.37 82.42
CA THR C 301 95.45 51.02 81.57
C THR C 301 96.44 50.03 80.97
N GLY C 302 96.85 49.02 81.74
CA GLY C 302 97.89 48.10 81.31
C GLY C 302 97.44 46.66 81.42
N ILE C 303 98.26 45.79 80.83
CA ILE C 303 97.96 44.36 80.75
C ILE C 303 99.25 43.65 80.35
N ALA C 304 99.45 42.44 80.87
CA ALA C 304 100.66 41.69 80.57
C ALA C 304 100.53 40.25 81.03
N TRP C 305 101.04 39.31 80.23
CA TRP C 305 101.14 37.92 80.64
C TRP C 305 102.42 37.73 81.46
N ARG C 306 102.33 36.92 82.52
CA ARG C 306 103.43 36.80 83.47
C ARG C 306 104.65 36.07 82.90
N HIS C 307 104.46 35.16 81.95
CA HIS C 307 105.54 34.31 81.48
C HIS C 307 105.17 33.79 80.10
N PRO C 308 106.09 33.82 79.13
CA PRO C 308 105.75 33.32 77.80
C PRO C 308 105.65 31.81 77.70
N HIS C 309 105.56 31.12 78.84
CA HIS C 309 105.36 29.68 78.84
C HIS C 309 104.35 29.19 79.86
N ASP C 310 103.64 30.08 80.55
CA ASP C 310 102.59 29.70 81.49
C ASP C 310 101.26 30.30 81.06
N PRO C 311 100.34 29.50 80.53
CA PRO C 311 99.13 30.07 79.94
C PRO C 311 98.01 30.41 80.92
N SER C 312 98.27 30.52 82.22
CA SER C 312 97.20 30.71 83.18
C SER C 312 97.55 31.79 84.20
N PHE C 313 98.11 32.91 83.76
CA PHE C 313 98.50 33.99 84.67
C PHE C 313 98.50 35.31 83.94
N LEU C 314 97.72 36.27 84.45
CA LEU C 314 97.61 37.59 83.85
C LEU C 314 97.72 38.66 84.94
N LEU C 315 98.28 39.81 84.57
CA LEU C 315 98.51 40.93 85.47
C LEU C 315 97.93 42.20 84.88
N SER C 316 97.34 43.03 85.72
CA SER C 316 96.63 44.22 85.25
C SER C 316 96.78 45.37 86.24
N GLY C 317 96.82 46.59 85.69
CA GLY C 317 96.74 47.79 86.49
C GLY C 317 95.69 48.72 85.91
N SER C 318 95.10 49.54 86.78
CA SER C 318 93.95 50.33 86.39
C SER C 318 94.06 51.73 86.99
N LYS C 319 93.10 52.57 86.64
CA LYS C 319 93.03 53.97 87.09
C LYS C 319 92.33 54.10 88.43
N ASP C 320 91.96 52.99 89.05
CA ASP C 320 91.36 52.98 90.38
C ASP C 320 92.39 52.77 91.47
N SER C 321 93.67 52.92 91.15
CA SER C 321 94.78 52.65 92.06
C SER C 321 94.73 51.21 92.56
N SER C 322 94.83 50.29 91.60
CA SER C 322 94.76 48.87 91.91
C SER C 322 95.69 48.09 91.00
N LEU C 323 96.29 47.05 91.58
CA LEU C 323 97.08 46.07 90.84
C LEU C 323 96.49 44.70 91.08
N CYS C 324 96.35 43.91 90.02
CA CYS C 324 95.60 42.66 90.11
C CYS C 324 96.36 41.56 89.38
N GLN C 325 96.10 40.32 89.79
CA GLN C 325 96.57 39.14 89.09
C GLN C 325 95.40 38.18 88.94
N HIS C 326 95.17 37.68 87.72
CA HIS C 326 94.01 36.87 87.44
C HIS C 326 94.42 35.47 87.01
N LEU C 327 93.55 34.51 87.33
CA LEU C 327 93.69 33.12 86.93
C LEU C 327 92.58 32.78 85.94
N PHE C 328 92.95 32.08 84.87
CA PHE C 328 91.97 31.75 83.84
C PHE C 328 90.86 30.86 84.38
N ARG C 329 91.17 29.95 85.30
CA ARG C 329 90.18 29.01 85.83
C ARG C 329 89.28 29.66 86.85
N ASP C 330 89.23 31.00 86.87
CA ASP C 330 88.33 31.71 87.76
C ASP C 330 87.66 32.89 87.07
N ALA C 331 87.52 32.82 85.74
CA ALA C 331 86.97 33.90 84.95
C ALA C 331 85.54 33.58 84.54
N SER C 332 84.70 34.62 84.52
CA SER C 332 83.32 34.44 84.09
C SER C 332 83.28 34.01 82.63
N GLN C 333 82.48 32.99 82.35
CA GLN C 333 82.35 32.49 80.99
C GLN C 333 81.02 32.95 80.42
N PRO C 334 81.02 33.89 79.49
CA PRO C 334 79.74 34.43 78.99
C PRO C 334 79.13 33.60 77.88
N VAL C 335 79.75 32.48 77.54
CA VAL C 335 79.26 31.61 76.48
C VAL C 335 78.55 30.38 77.01
N GLU C 336 78.62 30.10 78.31
CA GLU C 336 77.98 28.94 78.92
C GLU C 336 76.90 29.35 79.92
N ARG C 337 76.35 30.56 79.77
CA ARG C 337 75.29 31.01 80.65
C ARG C 337 74.18 31.71 79.86
N ALA C 338 74.12 31.50 78.56
CA ALA C 338 73.13 32.17 77.72
C ALA C 338 71.85 31.33 77.59
N ASN C 339 70.97 31.74 76.69
CA ASN C 339 69.68 31.09 76.48
C ASN C 339 69.58 30.65 75.03
N PRO C 340 69.62 29.36 74.75
CA PRO C 340 69.75 28.89 73.36
C PRO C 340 68.45 28.69 72.62
N GLU C 341 67.33 29.19 73.13
CA GLU C 341 66.02 28.85 72.58
C GLU C 341 65.21 30.10 72.30
N GLY C 342 64.20 29.94 71.45
CA GLY C 342 63.24 30.98 71.16
C GLY C 342 61.89 30.41 70.78
N LEU C 343 60.81 30.95 71.34
CA LEU C 343 59.47 30.43 71.13
C LEU C 343 58.51 31.55 70.77
N CYS C 344 57.54 31.26 69.92
CA CYS C 344 56.48 32.21 69.64
C CYS C 344 55.23 31.48 69.16
N TYR C 345 54.09 31.95 69.63
CA TYR C 345 52.77 31.39 69.34
C TYR C 345 51.94 32.46 68.66
N GLY C 346 51.95 32.49 67.34
CA GLY C 346 51.19 33.47 66.56
C GLY C 346 50.08 32.76 65.81
N LEU C 347 48.86 33.27 65.98
CA LEU C 347 47.69 32.47 65.64
C LEU C 347 46.82 33.07 64.54
N PHE C 348 46.91 32.45 63.38
CA PHE C 348 45.80 31.71 62.80
C PHE C 348 46.36 30.33 62.46
N GLY C 349 47.35 29.92 63.26
CA GLY C 349 48.27 28.85 62.92
C GLY C 349 49.04 28.29 64.08
N ASP C 350 50.36 28.10 63.89
CA ASP C 350 51.17 27.26 64.77
C ASP C 350 52.41 28.00 65.28
N LEU C 351 53.31 27.23 65.89
CA LEU C 351 54.45 27.71 66.65
C LEU C 351 55.64 28.03 65.77
N ALA C 352 56.62 28.70 66.36
CA ALA C 352 57.94 28.91 65.77
C ALA C 352 58.98 28.57 66.82
N PHE C 353 59.84 27.61 66.51
CA PHE C 353 60.83 27.09 67.43
C PHE C 353 62.22 27.28 66.86
N ALA C 354 63.13 27.79 67.68
CA ALA C 354 64.53 27.94 67.30
C ALA C 354 65.39 27.41 68.43
N ALA C 355 66.19 26.39 68.14
CA ALA C 355 66.94 25.69 69.18
C ALA C 355 68.36 25.43 68.69
N LYS C 356 69.26 25.30 69.66
CA LYS C 356 70.66 25.02 69.40
C LYS C 356 70.83 23.64 68.78
N GLU C 357 71.81 23.50 67.91
CA GLU C 357 71.98 22.29 67.13
C GLU C 357 72.76 21.20 67.87
N SER C 358 73.32 21.50 69.03
CA SER C 358 73.87 20.48 69.91
C SER C 358 72.84 19.97 70.90
N LEU C 359 71.63 20.52 70.87
CA LEU C 359 70.55 20.08 71.72
C LEU C 359 69.53 19.23 70.98
N VAL C 360 69.54 19.27 69.64
CA VAL C 360 68.60 18.48 68.84
C VAL C 360 69.36 17.53 67.94
N LEU C 392 78.43 24.10 70.37
CA LEU C 392 78.27 24.46 68.96
C LEU C 392 77.94 25.94 68.82
N ALA C 393 77.97 26.44 67.59
CA ALA C 393 77.75 27.85 67.30
C ALA C 393 76.80 28.02 66.12
N SER C 394 75.73 27.25 66.12
CA SER C 394 74.71 27.34 65.08
C SER C 394 73.37 26.95 65.70
N SER C 395 72.29 27.35 65.01
CA SER C 395 70.95 27.10 65.52
C SER C 395 70.05 26.67 64.37
N ALA C 396 68.99 25.93 64.72
CA ALA C 396 68.03 25.42 63.74
C ALA C 396 66.66 26.01 64.01
N LEU C 397 66.02 26.53 62.97
CA LEU C 397 64.74 27.21 63.08
C LEU C 397 63.68 26.48 62.27
N SER C 398 62.58 26.12 62.93
CA SER C 398 61.52 25.35 62.28
C SER C 398 60.17 25.86 62.74
N VAL C 399 59.21 25.96 61.82
CA VAL C 399 57.87 26.41 62.12
C VAL C 399 56.92 25.22 62.01
N PHE C 400 56.12 25.02 63.05
CA PHE C 400 55.22 23.87 63.10
C PHE C 400 53.94 24.22 62.34
N GLU C 401 52.99 23.28 62.35
CA GLU C 401 51.77 23.41 61.55
C GLU C 401 50.50 23.17 62.34
N THR C 402 50.60 22.96 63.65
CA THR C 402 49.42 22.71 64.48
C THR C 402 48.38 23.81 64.36
N ARG C 410 39.15 29.07 63.61
CA ARG C 410 38.56 28.45 62.43
C ARG C 410 37.04 28.51 62.48
N TRP C 411 36.46 28.19 63.64
CA TRP C 411 35.04 28.30 63.88
C TRP C 411 34.62 29.73 64.23
N PHE C 412 35.59 30.61 64.46
CA PHE C 412 35.36 32.00 64.83
C PHE C 412 35.04 32.86 63.62
N VAL C 413 35.74 32.64 62.51
CA VAL C 413 35.54 33.46 61.32
C VAL C 413 34.18 33.17 60.69
N ASP C 414 33.83 31.89 60.59
CA ASP C 414 32.61 31.50 59.90
C ASP C 414 31.36 31.91 60.64
N THR C 415 31.39 31.90 61.97
CA THR C 415 30.23 32.28 62.76
C THR C 415 30.10 33.79 62.92
N ALA C 416 31.13 34.54 62.56
CA ALA C 416 31.10 35.99 62.70
C ALA C 416 30.46 36.70 61.52
N GLU C 417 30.45 36.07 60.34
CA GLU C 417 29.85 36.66 59.15
C GLU C 417 28.56 35.95 58.73
N ARG C 418 28.07 35.02 59.55
CA ARG C 418 26.82 34.33 59.25
C ARG C 418 25.72 34.65 60.24
N TYR C 419 26.00 35.45 61.26
CA TYR C 419 25.02 35.76 62.28
C TYR C 419 24.11 36.88 61.80
N ALA C 420 23.27 37.39 62.69
CA ALA C 420 22.36 38.48 62.37
C ALA C 420 21.97 39.15 63.67
N LEU C 421 22.17 40.46 63.76
CA LEU C 421 22.00 41.18 65.02
C LEU C 421 20.88 42.20 65.02
N ALA C 422 20.35 42.58 63.85
CA ALA C 422 19.28 43.56 63.78
C ALA C 422 18.55 43.41 62.45
N GLY C 423 17.39 44.05 62.36
CA GLY C 423 16.61 44.06 61.15
C GLY C 423 15.44 43.09 61.11
N ARG C 424 15.25 42.28 62.14
CA ARG C 424 14.14 41.34 62.21
C ARG C 424 13.60 41.33 63.64
N PRO C 425 12.38 40.85 63.87
CA PRO C 425 11.91 40.70 65.26
C PRO C 425 12.65 39.61 66.00
N LEU C 426 12.57 39.61 67.34
CA LEU C 426 13.37 38.74 68.19
C LEU C 426 13.25 37.27 67.80
N ALA C 427 12.04 36.81 67.51
CA ALA C 427 11.84 35.40 67.18
C ALA C 427 12.60 35.02 65.91
N GLU C 428 12.58 35.87 64.89
CA GLU C 428 13.26 35.56 63.64
C GLU C 428 14.77 35.57 63.82
N LEU C 429 15.27 36.44 64.69
CA LEU C 429 16.70 36.49 64.92
C LEU C 429 17.21 35.23 65.61
N CYS C 430 16.45 34.71 66.57
CA CYS C 430 16.91 33.59 67.38
C CYS C 430 17.00 32.30 66.57
N ASP C 431 16.00 32.02 65.74
CA ASP C 431 16.01 30.77 64.99
C ASP C 431 17.10 30.77 63.92
N HIS C 432 17.35 31.92 63.32
CA HIS C 432 18.41 32.05 62.32
C HIS C 432 19.76 31.68 62.92
N ASN C 433 20.08 32.26 64.07
CA ASN C 433 21.37 31.98 64.71
C ASN C 433 21.46 30.52 65.12
N ALA C 434 20.35 29.95 65.56
CA ALA C 434 20.34 28.54 65.95
C ALA C 434 20.66 27.63 64.78
N LYS C 435 20.31 28.02 63.56
CA LYS C 435 20.60 27.19 62.40
C LYS C 435 22.09 27.19 62.06
N VAL C 436 22.75 28.33 62.26
CA VAL C 436 24.18 28.42 61.95
C VAL C 436 25.00 27.55 62.89
N ALA C 437 24.72 27.67 64.19
CA ALA C 437 25.49 26.94 65.19
C ALA C 437 25.35 25.43 65.00
N ARG C 438 24.14 24.97 64.68
CA ARG C 438 23.91 23.55 64.44
C ARG C 438 24.71 23.05 63.26
N GLU C 439 24.74 23.82 62.17
CA GLU C 439 25.47 23.41 60.99
C GLU C 439 26.97 23.36 61.24
N LEU C 440 27.48 24.30 62.05
CA LEU C 440 28.91 24.34 62.31
C LEU C 440 29.36 23.19 63.20
N GLY C 441 28.47 22.65 64.02
CA GLY C 441 28.81 21.50 64.84
C GLY C 441 28.77 21.75 66.32
N ARG C 442 28.18 22.89 66.72
CA ARG C 442 28.08 23.27 68.13
C ARG C 442 26.62 23.12 68.56
N ASN C 443 26.35 22.08 69.35
CA ASN C 443 24.98 21.81 69.76
C ASN C 443 24.58 22.55 71.02
N GLN C 444 25.50 22.68 71.99
CA GLN C 444 25.18 23.38 73.23
C GLN C 444 24.83 24.83 72.98
N VAL C 445 25.56 25.49 72.08
CA VAL C 445 25.29 26.89 71.76
C VAL C 445 23.95 27.02 71.06
N ALA C 446 23.61 26.03 70.22
CA ALA C 446 22.35 26.03 69.50
C ALA C 446 21.15 26.03 70.43
N GLN C 447 21.19 25.19 71.46
CA GLN C 447 20.04 25.09 72.36
C GLN C 447 19.92 26.32 73.25
N THR C 448 21.00 27.06 73.44
CA THR C 448 20.91 28.30 74.21
C THR C 448 20.09 29.34 73.46
N TRP C 449 20.27 29.42 72.13
CA TRP C 449 19.48 30.34 71.33
C TRP C 449 18.00 29.97 71.38
N THR C 450 17.69 28.68 71.28
CA THR C 450 16.29 28.25 71.21
C THR C 450 15.56 28.55 72.50
N MET C 451 16.16 28.25 73.65
CA MET C 451 15.57 28.57 74.93
C MET C 451 15.36 30.06 75.12
N LEU C 452 16.25 30.89 74.58
CA LEU C 452 16.11 32.33 74.70
C LEU C 452 14.88 32.86 74.00
N ARG C 453 14.37 32.14 73.01
CA ARG C 453 13.10 32.49 72.36
C ARG C 453 11.90 32.01 73.15
N ILE C 454 11.94 30.81 73.70
CA ILE C 454 10.86 30.33 74.56
C ILE C 454 10.75 31.19 75.81
N ILE C 455 11.86 31.69 76.32
CA ILE C 455 11.84 32.48 77.54
C ILE C 455 11.24 33.87 77.33
N TYR C 456 11.45 34.49 76.17
CA TYR C 456 11.19 35.91 76.02
C TYR C 456 10.05 36.28 75.09
N CYS C 457 9.41 35.31 74.43
CA CYS C 457 8.26 35.61 73.59
C CYS C 457 7.29 34.44 73.63
N SER C 458 6.15 34.64 74.27
CA SER C 458 5.13 33.60 74.40
C SER C 458 4.39 33.38 73.08
N ARG C 627 0.10 32.61 85.41
CA ARG C 627 1.32 32.84 84.66
C ARG C 627 2.54 32.84 85.58
N LEU C 628 3.68 32.43 85.04
CA LEU C 628 4.92 32.51 85.81
C LEU C 628 5.23 33.97 86.11
N PRO C 629 5.96 34.26 87.19
CA PRO C 629 6.23 35.66 87.56
C PRO C 629 6.87 36.43 86.42
N PRO C 630 6.71 37.77 86.41
CA PRO C 630 7.10 38.56 85.23
C PRO C 630 8.54 38.33 84.75
N ASP C 631 9.49 38.32 85.69
CA ASP C 631 10.88 38.05 85.36
C ASP C 631 11.39 36.97 86.31
N PHE C 632 11.10 35.73 85.96
CA PHE C 632 11.53 34.57 86.74
C PHE C 632 12.87 34.04 86.29
N PHE C 633 13.34 34.45 85.12
CA PHE C 633 14.59 33.95 84.55
C PHE C 633 15.70 34.98 84.54
N GLY C 634 15.45 36.19 85.06
CA GLY C 634 16.39 37.28 84.99
C GLY C 634 17.75 36.98 85.61
N VAL C 635 17.75 36.40 86.81
CA VAL C 635 19.02 36.08 87.46
C VAL C 635 19.66 34.85 86.84
N LEU C 636 18.93 34.11 86.02
CA LEU C 636 19.46 32.90 85.41
C LEU C 636 20.04 33.18 84.03
N VAL C 637 19.73 34.32 83.44
CA VAL C 637 20.34 34.73 82.18
C VAL C 637 21.69 35.40 82.38
N ARG C 638 21.83 36.25 83.40
CA ARG C 638 23.11 36.89 83.68
C ARG C 638 24.21 35.90 84.01
N ASP C 639 23.87 34.75 84.57
CA ASP C 639 24.85 33.70 84.83
C ASP C 639 25.17 32.88 83.58
N MET C 640 24.38 33.01 82.52
CA MET C 640 24.77 32.43 81.24
C MET C 640 25.75 33.32 80.50
N LEU C 641 25.59 34.64 80.59
CA LEU C 641 26.54 35.55 79.98
C LEU C 641 27.90 35.48 80.68
N HIS C 642 27.91 35.38 82.00
CA HIS C 642 29.16 35.27 82.73
C HIS C 642 29.81 33.91 82.53
N PHE C 643 29.00 32.86 82.36
CA PHE C 643 29.54 31.54 82.12
C PHE C 643 30.35 31.50 80.83
N TYR C 644 29.80 32.10 79.77
CA TYR C 644 30.46 32.04 78.47
C TYR C 644 31.68 32.95 78.41
N ALA C 645 31.63 34.08 79.10
CA ALA C 645 32.73 35.05 79.01
C ALA C 645 33.94 34.59 79.82
N GLU C 646 33.72 33.92 80.95
CA GLU C 646 34.84 33.53 81.80
C GLU C 646 35.74 32.52 81.10
N GLN C 647 35.18 31.68 80.25
CA GLN C 647 35.97 30.69 79.53
C GLN C 647 36.51 31.22 78.21
N GLY C 648 36.39 32.51 77.94
CA GLY C 648 37.02 33.13 76.80
C GLY C 648 36.17 33.30 75.57
N ASP C 649 34.88 32.96 75.64
CA ASP C 649 33.98 33.11 74.50
C ASP C 649 33.23 34.42 74.64
N VAL C 650 33.93 35.52 74.33
CA VAL C 650 33.30 36.83 74.35
C VAL C 650 32.47 37.10 73.11
N GLN C 651 32.56 36.24 72.11
CA GLN C 651 31.75 36.39 70.91
C GLN C 651 30.28 36.08 71.15
N MET C 652 29.99 35.07 71.96
CA MET C 652 28.61 34.69 72.24
C MET C 652 27.96 35.58 73.29
N ALA C 653 28.72 36.08 74.27
CA ALA C 653 28.20 36.97 75.27
C ALA C 653 27.88 38.36 74.75
N VAL C 654 28.47 38.75 73.62
CA VAL C 654 28.20 40.08 73.06
C VAL C 654 27.04 40.03 72.08
N SER C 655 26.93 38.96 71.29
CA SER C 655 25.83 38.82 70.36
C SER C 655 24.50 38.78 71.10
N VAL C 656 24.43 38.05 72.20
CA VAL C 656 23.20 37.98 72.99
C VAL C 656 22.86 39.36 73.54
N LEU C 657 23.85 40.14 73.93
CA LEU C 657 23.61 41.46 74.49
C LEU C 657 22.97 42.40 73.48
N ILE C 658 23.24 42.21 72.19
CA ILE C 658 22.68 43.08 71.16
C ILE C 658 21.29 42.63 70.71
N VAL C 659 21.07 41.33 70.56
CA VAL C 659 19.76 40.83 70.16
C VAL C 659 18.71 41.04 71.24
N LEU C 660 19.08 40.98 72.51
CA LEU C 660 18.13 41.17 73.60
C LEU C 660 17.88 42.63 73.94
N GLY C 661 18.90 43.48 73.86
CA GLY C 661 18.71 44.90 74.02
C GLY C 661 18.46 45.38 75.44
N GLU C 662 17.35 46.08 75.66
CA GLU C 662 17.07 46.74 76.92
C GLU C 662 16.40 45.82 77.93
N ARG C 663 16.56 44.51 77.75
CA ARG C 663 16.04 43.54 78.71
C ARG C 663 17.10 42.93 79.61
N VAL C 664 18.37 42.98 79.21
CA VAL C 664 19.44 42.38 79.98
C VAL C 664 20.55 43.43 80.17
N ARG C 665 20.22 44.69 79.90
CA ARG C 665 21.20 45.76 79.98
C ARG C 665 21.33 46.37 81.36
N LYS C 666 20.26 46.48 82.13
CA LYS C 666 20.32 47.03 83.47
C LYS C 666 20.93 46.07 84.48
N ASP C 667 21.06 44.79 84.15
CA ASP C 667 21.63 43.81 85.06
C ASP C 667 23.15 43.90 85.08
N ILE C 668 23.79 43.74 83.92
CA ILE C 668 25.24 43.88 83.81
C ILE C 668 25.63 45.32 84.08
N ASP C 669 26.81 45.54 84.65
CA ASP C 669 27.26 46.87 85.00
C ASP C 669 28.02 47.50 83.83
N GLU C 670 28.16 48.82 83.89
CA GLU C 670 28.71 49.62 82.80
C GLU C 670 30.23 49.59 82.74
N GLN C 671 30.86 48.68 83.48
CA GLN C 671 32.30 48.49 83.39
C GLN C 671 32.68 47.13 82.85
N THR C 672 31.84 46.11 83.04
CA THR C 672 32.09 44.80 82.48
C THR C 672 31.64 44.70 81.03
N GLN C 673 30.62 45.47 80.64
CA GLN C 673 30.19 45.50 79.25
C GLN C 673 31.28 46.08 78.36
N GLU C 674 31.88 47.20 78.77
CA GLU C 674 32.95 47.81 77.99
C GLU C 674 34.15 46.89 77.87
N HIS C 675 34.38 46.04 78.88
CA HIS C 675 35.46 45.08 78.82
C HIS C 675 35.21 44.03 77.75
N TRP C 676 33.95 43.59 77.61
CA TRP C 676 33.64 42.54 76.66
C TRP C 676 33.65 43.04 75.22
N TYR C 677 33.11 44.24 74.99
CA TYR C 677 33.08 44.79 73.64
C TYR C 677 34.48 45.01 73.10
N THR C 678 35.36 45.59 73.92
CA THR C 678 36.71 45.91 73.51
C THR C 678 37.51 44.67 73.12
N SER C 679 37.39 43.60 73.91
CA SER C 679 38.11 42.38 73.61
C SER C 679 37.63 41.74 72.32
N TYR C 680 36.33 41.81 72.06
CA TYR C 680 35.78 41.27 70.83
C TYR C 680 36.29 42.02 69.61
N ILE C 681 36.23 43.35 69.65
CA ILE C 681 36.66 44.18 68.52
C ILE C 681 38.14 43.99 68.22
N ASP C 682 38.98 43.85 69.25
CA ASP C 682 40.40 43.62 69.03
C ASP C 682 40.69 42.28 68.38
N LEU C 683 39.89 41.25 68.65
CA LEU C 683 40.04 39.98 67.96
C LEU C 683 39.53 40.02 66.53
N LEU C 684 38.49 40.81 66.28
CA LEU C 684 37.97 40.97 64.93
C LEU C 684 38.88 41.83 64.07
N GLN C 685 39.62 42.75 64.68
CA GLN C 685 40.56 43.60 63.96
C GLN C 685 41.86 42.88 63.65
N ARG C 686 42.07 41.69 64.19
CA ARG C 686 43.23 40.87 63.90
C ARG C 686 43.05 39.98 62.69
N PHE C 687 41.81 39.57 62.41
CA PHE C 687 41.49 38.74 61.25
C PHE C 687 41.07 39.58 60.06
N ARG C 688 41.19 40.89 60.15
CA ARG C 688 40.83 41.82 59.07
C ARG C 688 39.38 41.66 58.68
N LEU C 689 38.53 41.47 59.69
CA LEU C 689 37.10 41.43 59.51
C LEU C 689 36.53 42.81 59.84
N TRP C 690 36.82 43.77 58.97
CA TRP C 690 36.44 45.15 59.19
C TRP C 690 34.93 45.37 59.08
N ASN C 691 34.24 44.56 58.30
CA ASN C 691 32.82 44.77 58.10
C ASN C 691 32.02 44.42 59.34
N VAL C 692 32.33 43.30 59.98
CA VAL C 692 31.62 42.89 61.18
C VAL C 692 32.10 43.64 62.42
N SER C 693 33.31 44.19 62.40
CA SER C 693 33.83 44.99 63.49
C SER C 693 33.22 46.39 63.54
N ASN C 694 32.52 46.81 62.49
CA ASN C 694 31.86 48.11 62.48
C ASN C 694 30.36 48.01 62.74
N GLU C 695 29.74 46.89 62.40
CA GLU C 695 28.33 46.69 62.77
C GLU C 695 28.19 46.63 64.28
N VAL C 696 29.18 46.05 64.97
CA VAL C 696 29.14 45.99 66.43
C VAL C 696 29.30 47.38 67.03
N VAL C 697 30.23 48.19 66.49
CA VAL C 697 30.43 49.55 66.99
C VAL C 697 29.20 50.40 66.77
N LYS C 698 28.47 50.20 65.68
CA LYS C 698 27.25 50.94 65.41
C LYS C 698 26.06 50.50 66.25
N LEU C 699 25.98 49.22 66.60
CA LEU C 699 24.84 48.67 67.32
C LEU C 699 25.11 48.50 68.81
N SER C 700 26.19 49.07 69.32
CA SER C 700 26.56 48.85 70.70
C SER C 700 25.54 49.48 71.65
N THR C 701 25.44 48.89 72.83
CA THR C 701 24.59 49.41 73.90
C THR C 701 25.33 50.42 74.77
N SER C 702 26.63 50.27 74.94
CA SER C 702 27.40 51.21 75.75
C SER C 702 27.68 52.47 74.95
N ARG C 703 27.59 53.63 75.61
CA ARG C 703 27.81 54.91 74.96
C ARG C 703 29.28 55.28 74.86
N ALA C 704 30.18 54.41 75.30
CA ALA C 704 31.61 54.63 75.16
C ALA C 704 32.25 53.77 74.09
N VAL C 705 31.60 52.69 73.67
CA VAL C 705 32.03 51.92 72.53
C VAL C 705 31.34 52.38 71.25
N SER C 706 30.18 53.02 71.36
CA SER C 706 29.44 53.47 70.19
C SER C 706 30.00 54.77 69.59
N CYS C 707 30.92 55.45 70.27
CA CYS C 707 31.39 56.72 69.74
C CYS C 707 32.48 56.53 68.69
N LEU C 708 33.65 56.03 69.11
CA LEU C 708 34.82 55.77 68.27
C LEU C 708 34.78 56.39 66.87
N ASN C 709 34.05 55.77 65.95
CA ASN C 709 33.91 56.21 64.57
C ASN C 709 33.75 57.72 64.44
N GLN C 710 32.99 58.33 65.35
CA GLN C 710 32.67 59.74 65.23
C GLN C 710 33.89 60.63 65.42
N ALA C 711 34.93 60.10 66.07
CA ALA C 711 36.09 60.92 66.39
C ALA C 711 37.00 61.14 65.19
N SER C 712 36.95 62.35 64.62
CA SER C 712 37.86 62.78 63.55
C SER C 712 37.75 61.88 62.31
N THR C 713 36.56 61.87 61.70
CA THR C 713 36.30 61.07 60.51
C THR C 713 35.83 61.94 59.34
N THR C 714 35.48 63.20 59.60
CA THR C 714 34.94 64.09 58.60
C THR C 714 36.06 64.79 57.85
N LEU C 715 35.85 65.05 56.56
CA LEU C 715 36.82 65.69 55.70
C LEU C 715 36.43 67.13 55.40
N HIS C 716 37.42 67.92 54.99
CA HIS C 716 37.25 69.34 54.70
C HIS C 716 37.63 69.58 53.24
N VAL C 717 36.67 70.04 52.45
CA VAL C 717 36.84 70.11 51.00
C VAL C 717 36.69 71.56 50.53
N ASN C 718 37.59 71.97 49.63
CA ASN C 718 37.52 73.26 48.96
C ASN C 718 37.65 73.04 47.47
N CYS C 719 37.12 73.95 46.67
CA CYS C 719 37.25 73.83 45.23
C CYS C 719 38.45 74.64 44.73
N SER C 720 39.05 74.18 43.64
CA SER C 720 40.37 74.67 43.23
C SER C 720 40.29 75.77 42.18
N HIS C 721 39.14 76.42 42.06
CA HIS C 721 39.06 77.61 41.23
C HIS C 721 38.71 78.81 42.10
N CYS C 722 37.61 78.71 42.85
CA CYS C 722 37.30 79.74 43.84
C CYS C 722 38.43 79.84 44.87
N LYS C 723 39.00 78.70 45.23
CA LYS C 723 40.01 78.54 46.28
C LYS C 723 39.46 78.89 47.66
N ARG C 724 38.14 78.84 47.82
CA ARG C 724 37.49 79.20 49.07
C ARG C 724 36.83 77.94 49.64
N PRO C 725 36.93 77.71 50.94
CA PRO C 725 36.30 76.52 51.52
C PRO C 725 34.83 76.40 51.20
N MET C 726 34.45 75.39 50.42
CA MET C 726 33.06 75.11 50.13
C MET C 726 32.55 74.19 51.24
N SER C 727 31.55 74.66 51.97
CA SER C 727 31.08 73.96 53.16
C SER C 727 29.56 74.01 53.20
N SER C 728 28.95 72.93 52.75
CA SER C 728 27.49 72.82 52.75
C SER C 728 27.09 71.37 52.55
N ARG C 729 25.81 71.15 52.28
CA ARG C 729 25.37 69.88 51.71
C ARG C 729 24.90 70.23 50.28
N GLY C 730 25.85 70.29 49.37
CA GLY C 730 25.57 70.77 48.03
C GLY C 730 26.77 70.59 47.13
N TRP C 731 26.64 71.13 45.92
CA TRP C 731 27.66 70.86 44.90
C TRP C 731 28.00 72.06 44.02
N VAL C 732 27.73 73.29 44.46
CA VAL C 732 28.07 74.48 43.67
C VAL C 732 28.82 75.45 44.56
N CYS C 733 29.88 76.05 44.01
CA CYS C 733 30.65 77.05 44.75
C CYS C 733 29.82 78.30 44.94
N ASP C 734 29.70 78.76 46.19
CA ASP C 734 28.91 79.96 46.47
C ASP C 734 29.60 81.23 45.98
N ARG C 735 30.87 81.15 45.61
CA ARG C 735 31.59 82.34 45.18
C ARG C 735 31.46 82.56 43.67
N CYS C 736 31.80 81.56 42.87
CA CYS C 736 31.84 81.71 41.42
C CYS C 736 30.90 80.75 40.71
N HIS C 737 29.95 80.17 41.44
CA HIS C 737 28.85 79.40 40.87
C HIS C 737 29.28 78.36 39.84
N ARG C 738 30.02 77.34 40.26
CA ARG C 738 30.43 76.28 39.37
C ARG C 738 30.13 74.92 40.02
N CYS C 739 29.87 73.93 39.17
CA CYS C 739 29.71 72.57 39.65
C CYS C 739 31.10 71.99 39.91
N ALA C 740 31.55 72.09 41.15
CA ALA C 740 32.92 71.70 41.49
C ALA C 740 33.10 70.19 41.40
N SER C 741 32.13 69.44 41.88
CA SER C 741 32.22 67.98 41.88
C SER C 741 31.73 67.44 40.54
N MET C 742 32.62 67.36 39.58
CA MET C 742 32.31 66.87 38.25
C MET C 742 32.71 65.38 38.17
N CYS C 743 32.62 64.72 37.04
CA CYS C 743 33.19 63.40 36.90
C CYS C 743 34.18 63.44 35.73
N ALA C 744 35.42 63.06 35.99
CA ALA C 744 36.45 63.14 34.96
C ALA C 744 36.21 62.11 33.86
N VAL C 745 35.20 61.27 34.04
CA VAL C 745 34.78 60.32 33.01
C VAL C 745 33.32 60.56 32.69
N CYS C 746 32.46 60.58 33.72
CA CYS C 746 31.03 60.69 33.53
C CYS C 746 30.67 62.01 32.85
N HIS C 747 31.31 63.09 33.28
CA HIS C 747 30.92 64.46 33.01
C HIS C 747 29.52 64.76 33.52
N HIS C 748 29.13 64.18 34.64
CA HIS C 748 27.90 64.45 35.34
C HIS C 748 28.20 65.01 36.73
N VAL C 749 27.15 65.35 37.47
CA VAL C 749 27.33 65.90 38.80
C VAL C 749 27.37 64.76 39.81
N VAL C 750 28.40 64.74 40.66
CA VAL C 750 28.58 63.73 41.68
C VAL C 750 27.98 64.25 42.98
N LYS C 751 26.97 63.56 43.49
CA LYS C 751 26.33 63.92 44.74
C LYS C 751 26.57 62.88 45.83
N GLY C 752 27.42 61.90 45.57
CA GLY C 752 27.67 60.81 46.49
C GLY C 752 29.14 60.57 46.73
N LEU C 753 29.61 59.35 46.43
CA LEU C 753 30.96 58.95 46.75
C LEU C 753 31.94 59.49 45.71
N PHE C 754 32.99 60.14 46.19
CA PHE C 754 34.00 60.78 45.36
C PHE C 754 35.36 60.15 45.62
N VAL C 755 36.05 59.77 44.54
CA VAL C 755 37.40 59.23 44.63
C VAL C 755 38.37 60.33 44.24
N TRP C 756 39.53 60.34 44.88
CA TRP C 756 40.47 61.44 44.75
C TRP C 756 41.88 60.90 44.63
N CYS C 757 42.72 61.65 43.93
CA CYS C 757 44.13 61.31 43.75
C CYS C 757 44.97 62.40 44.39
N GLN C 758 45.80 62.03 45.36
CA GLN C 758 46.61 63.01 46.06
C GLN C 758 47.75 63.55 45.22
N GLY C 759 47.83 63.12 43.96
CA GLY C 759 48.85 63.58 43.06
C GLY C 759 48.34 64.76 42.27
N CYS C 760 47.91 64.53 41.03
CA CYS C 760 47.40 65.63 40.21
C CYS C 760 45.89 65.77 40.44
N SER C 761 45.50 65.73 41.70
CA SER C 761 44.24 66.28 42.21
C SER C 761 43.01 66.15 41.31
N HIS C 762 42.73 64.95 40.81
CA HIS C 762 41.53 64.71 40.02
C HIS C 762 40.79 63.48 40.51
N GLY C 763 39.51 63.39 40.15
CA GLY C 763 38.72 62.25 40.55
C GLY C 763 37.30 62.34 40.03
N GLY C 764 36.46 61.43 40.52
CA GLY C 764 35.09 61.36 40.09
C GLY C 764 34.26 60.31 40.81
N HIS C 765 33.27 59.74 40.12
CA HIS C 765 32.46 58.68 40.70
C HIS C 765 33.32 57.49 41.11
N LEU C 766 32.98 56.90 42.24
CA LEU C 766 33.58 55.63 42.60
C LEU C 766 33.07 54.55 41.66
N GLN C 767 33.92 53.57 41.38
CA GLN C 767 33.71 52.53 40.37
C GLN C 767 33.13 53.12 39.07
N HIS C 768 33.68 54.29 38.72
CA HIS C 768 33.74 54.77 37.35
C HIS C 768 35.20 54.99 37.01
N ILE C 769 35.99 55.38 38.02
CA ILE C 769 37.44 55.47 37.89
C ILE C 769 38.11 54.15 38.19
N MET C 770 37.52 53.30 39.02
CA MET C 770 38.03 51.96 39.23
C MET C 770 38.04 51.16 37.93
N LYS C 771 36.99 51.30 37.12
CA LYS C 771 36.96 50.61 35.84
C LYS C 771 37.93 51.22 34.84
N TRP C 772 38.13 52.54 34.89
CA TRP C 772 39.03 53.19 33.93
C TRP C 772 40.48 52.81 34.20
N LEU C 773 40.88 52.74 35.47
CA LEU C 773 42.26 52.42 35.77
C LEU C 773 42.56 50.94 35.64
N GLU C 774 41.57 50.10 35.36
CA GLU C 774 41.84 48.69 35.11
C GLU C 774 42.64 48.49 33.83
N GLY C 775 42.48 49.37 32.85
CA GLY C 775 43.20 49.21 31.60
C GLY C 775 43.71 50.47 30.93
N SER C 776 44.05 51.52 31.68
CA SER C 776 44.49 52.74 31.03
C SER C 776 45.82 53.30 31.54
N SER C 777 46.06 53.21 32.84
CA SER C 777 47.30 53.67 33.47
C SER C 777 47.52 55.17 33.39
N HIS C 778 46.59 55.92 32.82
CA HIS C 778 46.71 57.36 32.71
C HIS C 778 45.65 58.07 33.55
N CYS C 779 45.81 59.39 33.70
CA CYS C 779 44.80 60.20 34.39
C CYS C 779 43.71 60.60 33.42
N PRO C 780 42.45 60.24 33.69
CA PRO C 780 41.39 60.45 32.69
C PRO C 780 41.11 61.90 32.37
N ALA C 781 41.64 62.85 33.13
CA ALA C 781 41.44 64.27 32.82
C ALA C 781 42.51 64.83 31.91
N GLY C 782 43.47 64.02 31.48
CA GLY C 782 44.49 64.48 30.57
C GLY C 782 45.46 65.47 31.18
N CYS C 783 46.30 65.02 32.10
CA CYS C 783 47.33 65.86 32.66
C CYS C 783 48.70 65.22 32.66
N GLY C 784 48.82 63.98 32.17
CA GLY C 784 50.08 63.30 32.03
C GLY C 784 50.49 62.48 33.24
N HIS C 785 49.80 62.66 34.36
CA HIS C 785 50.15 61.97 35.59
C HIS C 785 49.91 60.47 35.47
N LEU C 786 50.84 59.69 36.01
CA LEU C 786 50.70 58.24 36.11
C LEU C 786 50.70 57.88 37.58
N CYS C 787 49.68 57.15 38.03
CA CYS C 787 49.57 56.82 39.45
C CYS C 787 50.37 55.56 39.78
N GLU C 788 51.63 55.54 39.37
CA GLU C 788 52.57 54.49 39.73
C GLU C 788 53.69 55.08 40.56
N ALA D 532 -49.90 42.27 -119.44
CA ALA D 532 -48.95 41.73 -120.40
C ALA D 532 -48.70 40.25 -120.14
N ASN D 533 -47.49 39.93 -119.69
CA ASN D 533 -47.13 38.58 -119.32
C ASN D 533 -46.63 38.43 -117.90
N ILE D 534 -46.31 39.51 -117.20
CA ILE D 534 -45.93 39.46 -115.80
C ILE D 534 -47.18 39.23 -114.96
N PRO D 535 -47.12 38.48 -113.88
CA PRO D 535 -48.30 38.24 -113.04
C PRO D 535 -48.57 39.46 -112.16
N PHE D 536 -49.67 39.39 -111.43
CA PHE D 536 -50.03 40.54 -110.60
C PHE D 536 -49.18 40.56 -109.33
N PRO D 537 -48.87 41.74 -108.81
CA PRO D 537 -48.02 41.82 -107.61
C PRO D 537 -48.59 41.09 -106.41
N ARG D 538 -47.71 40.44 -105.65
CA ARG D 538 -48.11 39.88 -104.37
C ARG D 538 -48.19 40.97 -103.31
N THR D 539 -49.12 40.79 -102.36
CA THR D 539 -49.24 41.77 -101.28
C THR D 539 -49.52 41.13 -99.92
N SER D 540 -49.32 39.82 -99.79
CA SER D 540 -49.54 39.11 -98.52
C SER D 540 -48.88 37.75 -98.56
N GLY D 541 -48.16 37.37 -97.51
CA GLY D 541 -47.47 36.09 -97.52
C GLY D 541 -47.17 35.59 -96.12
N ALA D 542 -46.73 34.34 -96.07
CA ALA D 542 -46.41 33.69 -94.80
C ALA D 542 -45.44 32.54 -95.07
N ARG D 543 -44.33 32.51 -94.33
CA ARG D 543 -43.31 31.48 -94.47
C ARG D 543 -42.91 30.94 -93.11
N PHE D 544 -42.51 29.67 -93.11
CA PHE D 544 -41.96 29.02 -91.93
C PHE D 544 -40.44 29.20 -91.95
N CYS D 545 -39.90 29.91 -90.98
CA CYS D 545 -38.48 30.19 -90.89
C CYS D 545 -37.95 29.72 -89.55
N GLY D 546 -36.63 29.52 -89.48
CA GLY D 546 -36.07 28.97 -88.27
C GLY D 546 -36.54 27.55 -88.07
N ALA D 547 -36.61 27.14 -86.81
CA ALA D 547 -37.14 25.83 -86.45
C ALA D 547 -38.47 25.91 -85.72
N GLY D 548 -38.81 27.08 -85.18
CA GLY D 548 -40.07 27.25 -84.50
C GLY D 548 -40.75 28.59 -84.71
N TYR D 549 -40.59 29.20 -85.88
CA TYR D 549 -41.09 30.55 -86.11
C TYR D 549 -41.93 30.62 -87.38
N LEU D 550 -42.78 31.65 -87.43
CA LEU D 550 -43.58 31.97 -88.59
C LEU D 550 -43.48 33.46 -88.87
N VAL D 551 -43.34 33.79 -90.16
CA VAL D 551 -43.13 35.15 -90.62
C VAL D 551 -44.20 35.48 -91.64
N TYR D 552 -45.04 36.48 -91.36
CA TYR D 552 -46.11 36.84 -92.27
C TYR D 552 -46.38 38.33 -92.23
N PHE D 553 -47.02 38.82 -93.29
CA PHE D 553 -47.33 40.23 -93.48
C PHE D 553 -48.58 40.35 -94.34
N THR D 554 -49.43 41.32 -94.02
CA THR D 554 -50.71 41.50 -94.70
C THR D 554 -50.94 42.97 -95.01
N ARG D 555 -51.71 43.22 -96.06
CA ARG D 555 -52.00 44.59 -96.48
C ARG D 555 -52.85 45.29 -95.43
N PRO D 556 -52.63 46.59 -95.19
CA PRO D 556 -53.39 47.34 -94.18
C PRO D 556 -54.73 47.86 -94.72
N LYS D 646 -46.61 45.99 -91.83
CA LYS D 646 -45.63 45.51 -90.87
C LYS D 646 -45.51 43.99 -90.93
N VAL D 647 -44.35 43.48 -90.50
CA VAL D 647 -44.10 42.05 -90.45
C VAL D 647 -43.87 41.67 -89.01
N ILE D 648 -44.46 40.56 -88.58
CA ILE D 648 -44.37 40.13 -87.20
C ILE D 648 -43.87 38.69 -87.16
N ILE D 649 -43.26 38.31 -86.04
CA ILE D 649 -42.67 37.00 -85.86
C ILE D 649 -43.41 36.31 -84.74
N GLN D 650 -44.10 35.22 -85.06
CA GLN D 650 -44.87 34.46 -84.08
C GLN D 650 -44.18 33.13 -83.82
N ASP D 651 -44.07 32.77 -82.54
CA ASP D 651 -43.39 31.54 -82.15
C ASP D 651 -44.38 30.39 -82.18
N ILE D 652 -44.45 29.73 -83.33
CA ILE D 652 -45.30 28.55 -83.49
C ILE D 652 -44.49 27.33 -83.12
N ALA D 653 -44.39 27.05 -81.81
CA ALA D 653 -43.61 25.92 -81.32
C ALA D 653 -44.46 24.90 -80.59
N CYS D 654 -45.70 25.23 -80.25
CA CYS D 654 -46.65 24.29 -79.68
C CYS D 654 -47.47 23.61 -80.77
N LEU D 655 -46.94 23.60 -81.99
CA LEU D 655 -47.61 22.99 -83.12
C LEU D 655 -46.75 21.93 -83.78
N LEU D 656 -45.60 21.59 -83.19
CA LEU D 656 -44.61 20.75 -83.81
C LEU D 656 -44.32 19.52 -82.96
N PRO D 657 -44.09 18.36 -83.58
CA PRO D 657 -43.75 17.16 -82.80
C PRO D 657 -42.45 17.27 -82.04
N VAL D 658 -41.45 17.95 -82.57
CA VAL D 658 -40.15 18.08 -81.91
C VAL D 658 -40.25 19.07 -80.77
N HIS D 659 -39.24 19.11 -79.91
CA HIS D 659 -39.25 19.99 -78.74
C HIS D 659 -37.85 20.49 -78.48
N LYS D 660 -37.73 21.78 -78.18
CA LYS D 660 -36.40 22.37 -78.01
C LYS D 660 -35.80 22.01 -76.67
N SER D 661 -36.61 21.96 -75.61
CA SER D 661 -36.09 21.69 -74.28
C SER D 661 -35.51 20.29 -74.18
N LEU D 662 -36.22 19.31 -74.75
CA LEU D 662 -35.78 17.92 -74.72
C LEU D 662 -34.44 17.78 -75.44
N GLY D 663 -34.29 18.50 -76.55
CA GLY D 663 -33.02 18.47 -77.25
C GLY D 663 -31.87 18.96 -76.40
N GLU D 664 -32.14 19.93 -75.51
CA GLU D 664 -31.10 20.43 -74.63
C GLU D 664 -30.83 19.49 -73.47
N LEU D 665 -31.84 18.77 -73.00
CA LEU D 665 -31.68 17.92 -71.81
C LEU D 665 -31.40 16.46 -72.15
N TYR D 666 -31.50 16.04 -73.41
CA TYR D 666 -31.30 14.65 -73.77
C TYR D 666 -29.81 14.34 -73.78
N ILE D 667 -29.40 13.34 -73.00
CA ILE D 667 -28.03 12.87 -73.07
C ILE D 667 -28.00 11.59 -73.89
N LEU D 668 -26.84 11.25 -74.45
CA LEU D 668 -26.73 10.02 -75.21
C LEU D 668 -25.34 9.42 -75.06
N ASN D 669 -25.18 8.52 -74.10
CA ASN D 669 -23.90 7.90 -73.83
C ASN D 669 -23.71 6.68 -74.74
N VAL D 670 -22.49 6.18 -74.78
CA VAL D 670 -22.19 4.93 -75.47
C VAL D 670 -21.67 3.85 -74.54
N ASN D 671 -21.24 4.18 -73.33
CA ASN D 671 -20.74 3.19 -72.39
C ASN D 671 -21.84 2.66 -71.47
N ASP D 672 -22.60 3.56 -70.85
CA ASP D 672 -23.68 3.18 -69.94
C ASP D 672 -25.01 3.57 -70.56
N ILE D 673 -25.72 2.58 -71.09
CA ILE D 673 -27.04 2.83 -71.67
C ILE D 673 -28.10 2.79 -70.59
N GLN D 674 -27.92 1.92 -69.59
CA GLN D 674 -28.85 1.81 -68.47
C GLN D 674 -28.99 3.11 -67.69
N GLU D 675 -28.00 3.99 -67.74
CA GLU D 675 -28.13 5.31 -67.15
C GLU D 675 -28.72 6.33 -68.11
N THR D 676 -28.42 6.20 -69.40
CA THR D 676 -29.01 7.08 -70.40
C THR D 676 -30.52 6.97 -70.39
N CYS D 677 -31.04 5.75 -70.32
CA CYS D 677 -32.49 5.56 -70.39
C CYS D 677 -33.20 6.25 -69.24
N GLN D 678 -32.67 6.09 -68.02
CA GLN D 678 -33.30 6.71 -66.85
C GLN D 678 -33.13 8.22 -66.87
N LYS D 679 -31.97 8.72 -67.30
CA LYS D 679 -31.78 10.16 -67.38
C LYS D 679 -32.76 10.78 -68.36
N ASN D 680 -33.00 10.13 -69.49
CA ASN D 680 -33.98 10.66 -70.43
C ASN D 680 -35.42 10.49 -69.93
N ALA D 681 -35.70 9.44 -69.16
CA ALA D 681 -37.04 9.29 -68.60
C ALA D 681 -37.35 10.42 -67.65
N ALA D 682 -36.40 10.79 -66.80
CA ALA D 682 -36.59 11.93 -65.91
C ALA D 682 -36.80 13.23 -66.69
N SER D 683 -36.02 13.43 -67.76
CA SER D 683 -36.18 14.63 -68.57
C SER D 683 -37.55 14.67 -69.24
N ALA D 684 -38.04 13.52 -69.71
CA ALA D 684 -39.37 13.47 -70.30
C ALA D 684 -40.45 13.75 -69.26
N LEU D 685 -40.22 13.33 -68.01
CA LEU D 685 -41.15 13.67 -66.94
C LEU D 685 -41.18 15.17 -66.71
N LEU D 686 -40.01 15.81 -66.73
CA LEU D 686 -39.93 17.24 -66.41
C LEU D 686 -40.70 18.11 -67.38
N VAL D 687 -40.98 17.60 -68.58
CA VAL D 687 -41.66 18.39 -69.62
C VAL D 687 -43.13 18.04 -69.76
N GLY D 688 -43.55 16.84 -69.35
CA GLY D 688 -44.93 16.43 -69.49
C GLY D 688 -45.21 15.47 -70.61
N ARG D 689 -44.25 14.65 -71.00
CA ARG D 689 -44.43 13.64 -72.04
C ARG D 689 -44.74 12.32 -71.35
N LYS D 690 -46.02 12.16 -71.01
CA LYS D 690 -46.53 10.94 -70.39
C LYS D 690 -46.31 9.72 -71.28
N ASP D 691 -46.54 9.87 -72.59
CA ASP D 691 -46.36 8.74 -73.49
C ASP D 691 -44.90 8.31 -73.60
N LEU D 692 -43.96 9.22 -73.35
CA LEU D 692 -42.54 8.94 -73.52
C LEU D 692 -41.91 8.29 -72.30
N VAL D 693 -42.48 8.52 -71.11
CA VAL D 693 -41.95 7.89 -69.91
C VAL D 693 -42.12 6.38 -69.96
N GLN D 694 -43.23 5.91 -70.52
CA GLN D 694 -43.46 4.49 -70.76
C GLN D 694 -42.40 3.92 -71.69
N VAL D 695 -42.16 4.59 -72.81
CA VAL D 695 -41.26 4.11 -73.84
C VAL D 695 -39.84 4.02 -73.30
N TRP D 696 -39.40 5.03 -72.57
CA TRP D 696 -38.04 5.01 -72.06
C TRP D 696 -37.86 3.92 -71.02
N SER D 697 -38.86 3.71 -70.17
CA SER D 697 -38.78 2.62 -69.18
C SER D 697 -38.74 1.26 -69.87
N LEU D 698 -39.55 1.08 -70.92
CA LEU D 698 -39.51 -0.16 -71.68
C LEU D 698 -38.14 -0.37 -72.32
N ALA D 699 -37.55 0.70 -72.86
CA ALA D 699 -36.21 0.58 -73.45
C ALA D 699 -35.19 0.23 -72.38
N THR D 700 -35.33 0.81 -71.18
CA THR D 700 -34.47 0.51 -70.05
C THR D 700 -34.50 -0.98 -69.73
N VAL D 701 -35.69 -1.56 -69.67
CA VAL D 701 -35.81 -2.97 -69.29
C VAL D 701 -35.42 -3.91 -70.41
N ALA D 702 -35.45 -3.47 -71.67
CA ALA D 702 -35.24 -4.33 -72.82
C ALA D 702 -33.82 -4.28 -73.35
N THR D 703 -32.90 -3.57 -72.68
CA THR D 703 -31.55 -3.42 -73.18
C THR D 703 -30.50 -3.79 -72.14
N ASP D 704 -30.85 -4.62 -71.17
CA ASP D 704 -29.86 -5.04 -70.17
C ASP D 704 -28.80 -5.92 -70.81
N LEU D 705 -27.60 -5.92 -70.21
CA LEU D 705 -26.55 -6.80 -70.66
C LEU D 705 -26.84 -8.26 -70.37
N CYS D 706 -27.85 -8.53 -69.52
CA CYS D 706 -28.25 -9.90 -69.23
C CYS D 706 -28.83 -10.62 -70.45
N LEU D 707 -29.31 -9.88 -71.45
CA LEU D 707 -29.94 -10.46 -72.62
C LEU D 707 -28.99 -10.54 -73.81
N GLY D 708 -27.69 -10.59 -73.57
CA GLY D 708 -26.73 -10.65 -74.63
C GLY D 708 -26.84 -11.91 -75.47
N PRO D 709 -26.78 -11.76 -76.79
CA PRO D 709 -26.82 -12.93 -77.67
C PRO D 709 -25.60 -13.82 -77.49
N LYS D 710 -25.79 -15.10 -77.76
CA LYS D 710 -24.72 -16.08 -77.74
C LYS D 710 -24.34 -16.47 -79.16
N SER D 711 -23.09 -16.91 -79.32
CA SER D 711 -22.57 -17.19 -80.66
C SER D 711 -23.18 -18.45 -81.24
N ASP D 712 -23.37 -19.48 -80.44
CA ASP D 712 -23.89 -20.75 -80.95
C ASP D 712 -25.40 -20.67 -81.16
N PRO D 713 -25.90 -21.01 -82.35
CA PRO D 713 -27.35 -20.95 -82.57
C PRO D 713 -28.12 -22.04 -81.84
N ASP D 714 -27.48 -23.14 -81.48
CA ASP D 714 -28.17 -24.24 -80.83
C ASP D 714 -28.24 -24.10 -79.31
N LEU D 715 -27.55 -23.12 -78.74
CA LEU D 715 -27.54 -22.98 -77.28
C LEU D 715 -28.85 -22.41 -76.77
N GLU D 716 -29.39 -21.39 -77.43
CA GLU D 716 -30.60 -20.72 -76.96
C GLU D 716 -31.24 -19.96 -78.10
N THR D 717 -32.50 -19.59 -77.89
CA THR D 717 -33.17 -18.69 -78.79
C THR D 717 -32.80 -17.24 -78.44
N PRO D 718 -32.50 -16.40 -79.44
CA PRO D 718 -32.11 -15.03 -79.16
C PRO D 718 -33.27 -14.21 -78.64
N TRP D 719 -32.94 -13.11 -77.96
CA TRP D 719 -33.97 -12.19 -77.50
C TRP D 719 -34.65 -11.47 -78.64
N ALA D 720 -34.01 -11.37 -79.80
CA ALA D 720 -34.61 -10.65 -80.93
C ALA D 720 -35.84 -11.37 -81.44
N ARG D 721 -35.81 -12.71 -81.49
CA ARG D 721 -36.96 -13.46 -81.98
C ARG D 721 -38.13 -13.41 -81.01
N HIS D 722 -37.89 -13.07 -79.76
CA HIS D 722 -38.97 -12.94 -78.79
C HIS D 722 -39.93 -11.84 -79.22
N PRO D 723 -41.24 -12.02 -79.01
CA PRO D 723 -42.20 -10.99 -79.46
C PRO D 723 -42.03 -9.64 -78.78
N PHE D 724 -41.32 -9.59 -77.65
CA PHE D 724 -41.08 -8.34 -76.95
C PHE D 724 -39.77 -7.69 -77.37
N GLY D 725 -39.22 -8.05 -78.52
CA GLY D 725 -38.04 -7.42 -79.05
C GLY D 725 -38.30 -6.67 -80.35
N ARG D 726 -37.98 -7.31 -81.47
CA ARG D 726 -38.02 -6.64 -82.76
C ARG D 726 -39.44 -6.24 -83.13
N GLN D 727 -40.42 -7.08 -82.82
CA GLN D 727 -41.82 -6.82 -83.15
C GLN D 727 -42.42 -5.66 -82.36
N LEU D 728 -41.94 -5.39 -81.15
CA LEU D 728 -42.34 -4.21 -80.40
C LEU D 728 -41.59 -2.96 -80.84
N LEU D 729 -40.30 -3.09 -81.18
CA LEU D 729 -39.58 -1.96 -81.76
C LEU D 729 -40.27 -1.46 -83.03
N GLU D 730 -40.62 -2.37 -83.95
CA GLU D 730 -41.35 -1.96 -85.15
C GLU D 730 -42.78 -1.52 -84.89
N SER D 731 -43.35 -1.83 -83.73
CA SER D 731 -44.68 -1.31 -83.41
C SER D 731 -44.63 0.10 -82.86
N LEU D 732 -43.54 0.48 -82.20
CA LEU D 732 -43.35 1.87 -81.83
C LEU D 732 -42.91 2.73 -83.01
N LEU D 733 -42.03 2.19 -83.87
CA LEU D 733 -41.46 2.99 -84.94
C LEU D 733 -42.52 3.44 -85.94
N ALA D 734 -43.44 2.55 -86.31
CA ALA D 734 -44.47 2.91 -87.27
C ALA D 734 -45.43 3.95 -86.69
N HIS D 735 -45.77 3.83 -85.41
CA HIS D 735 -46.64 4.80 -84.77
C HIS D 735 -46.00 6.18 -84.77
N TYR D 736 -44.71 6.25 -84.43
CA TYR D 736 -44.06 7.55 -84.44
C TYR D 736 -43.81 8.09 -85.84
N CYS D 737 -43.61 7.21 -86.83
CA CYS D 737 -43.52 7.66 -88.21
C CYS D 737 -44.83 8.29 -88.67
N ARG D 738 -45.96 7.68 -88.30
CA ARG D 738 -47.26 8.29 -88.61
C ARG D 738 -47.40 9.63 -87.91
N LEU D 739 -47.02 9.69 -86.63
CA LEU D 739 -47.07 10.96 -85.91
C LEU D 739 -46.01 11.94 -86.42
N ARG D 740 -45.02 11.46 -87.16
CA ARG D 740 -44.00 12.27 -87.82
C ARG D 740 -43.11 13.01 -86.81
N ASP D 741 -42.48 12.23 -85.94
CA ASP D 741 -41.60 12.73 -84.88
C ASP D 741 -40.20 12.18 -85.13
N VAL D 742 -39.34 13.01 -85.72
CA VAL D 742 -37.96 12.60 -86.01
C VAL D 742 -37.17 12.41 -84.73
N GLN D 743 -37.44 13.22 -83.71
CA GLN D 743 -36.63 13.21 -82.50
C GLN D 743 -36.62 11.83 -81.85
N THR D 744 -37.80 11.29 -81.60
CA THR D 744 -37.89 10.00 -80.92
C THR D 744 -37.36 8.87 -81.79
N LEU D 745 -37.65 8.91 -83.09
CA LEU D 745 -37.13 7.87 -83.99
C LEU D 745 -35.61 7.86 -83.98
N ALA D 746 -35.00 9.03 -84.11
CA ALA D 746 -33.54 9.11 -84.16
C ALA D 746 -32.91 8.71 -82.84
N MET D 747 -33.55 9.05 -81.71
CA MET D 747 -32.98 8.66 -80.43
C MET D 747 -33.17 7.18 -80.16
N LEU D 748 -34.27 6.59 -80.63
CA LEU D 748 -34.50 5.16 -80.42
C LEU D 748 -33.59 4.30 -81.27
N CYS D 749 -33.37 4.68 -82.54
CA CYS D 749 -32.46 3.91 -83.37
C CYS D 749 -31.02 3.95 -82.86
N SER D 750 -30.63 5.00 -82.16
CA SER D 750 -29.27 5.09 -81.63
C SER D 750 -29.09 4.18 -80.42
N VAL D 751 -30.10 4.13 -79.54
CA VAL D 751 -29.97 3.35 -78.31
C VAL D 751 -29.90 1.86 -78.62
N PHE D 752 -30.69 1.39 -79.59
CA PHE D 752 -30.80 -0.02 -79.90
C PHE D 752 -29.73 -0.51 -80.87
N GLU D 753 -28.60 0.19 -80.97
CA GLU D 753 -27.49 -0.23 -81.81
C GLU D 753 -26.36 -0.69 -80.90
N ALA D 754 -26.16 -2.01 -80.83
CA ALA D 754 -25.09 -2.58 -80.04
C ALA D 754 -24.69 -3.94 -80.60
N ARG D 837 -24.44 -25.34 -93.18
CA ARG D 837 -23.04 -25.54 -92.82
C ARG D 837 -22.57 -24.26 -92.19
N GLU D 838 -22.23 -23.32 -93.06
CA GLU D 838 -21.86 -22.00 -92.60
C GLU D 838 -22.84 -21.00 -93.17
N ARG D 839 -23.87 -21.47 -93.85
CA ARG D 839 -24.90 -20.59 -94.33
C ARG D 839 -25.80 -20.25 -93.13
N GLU D 840 -25.93 -21.21 -92.23
CA GLU D 840 -26.69 -21.03 -91.04
C GLU D 840 -26.14 -19.98 -90.14
N ARG D 841 -24.88 -20.11 -89.69
CA ARG D 841 -24.26 -19.12 -88.83
C ARG D 841 -24.51 -17.71 -89.35
N ASP D 842 -24.45 -17.52 -90.66
CA ASP D 842 -24.72 -16.22 -91.25
C ASP D 842 -26.15 -15.77 -90.98
N GLN D 843 -27.11 -16.70 -91.18
CA GLN D 843 -28.51 -16.36 -90.90
C GLN D 843 -28.72 -16.06 -89.43
N HIS D 844 -28.02 -16.77 -88.55
CA HIS D 844 -28.11 -16.49 -87.12
C HIS D 844 -27.60 -15.08 -86.82
N ASP D 845 -26.47 -14.71 -87.43
CA ASP D 845 -25.92 -13.38 -87.19
C ASP D 845 -26.86 -12.30 -87.68
N LYS D 846 -27.54 -12.55 -88.80
CA LYS D 846 -28.55 -11.60 -89.26
C LYS D 846 -29.77 -11.61 -88.36
N ASN D 847 -30.03 -12.73 -87.68
CA ASN D 847 -31.26 -12.88 -86.91
C ASN D 847 -31.16 -12.35 -85.48
N LYS D 848 -29.96 -12.28 -84.91
CA LYS D 848 -29.81 -11.90 -83.51
C LYS D 848 -29.76 -10.39 -83.30
N ARG D 849 -30.29 -9.60 -84.23
CA ARG D 849 -30.25 -8.14 -84.14
C ARG D 849 -31.65 -7.57 -84.01
N LEU D 850 -31.80 -6.54 -83.18
CA LEU D 850 -33.10 -5.93 -82.94
C LEU D 850 -33.52 -4.95 -84.02
N LEU D 851 -32.62 -4.54 -84.90
CA LEU D 851 -32.94 -3.70 -86.04
C LEU D 851 -32.66 -4.48 -87.30
N ASP D 852 -33.62 -4.49 -88.22
CA ASP D 852 -33.49 -5.28 -89.44
C ASP D 852 -32.28 -4.81 -90.24
N PRO D 853 -31.34 -5.69 -90.57
CA PRO D 853 -30.17 -5.29 -91.34
C PRO D 853 -30.45 -4.95 -92.80
N ALA D 854 -31.71 -4.99 -93.22
CA ALA D 854 -32.10 -4.64 -94.58
C ALA D 854 -32.78 -3.28 -94.62
N ASN D 855 -32.64 -2.50 -93.56
CA ASN D 855 -33.27 -1.19 -93.46
C ASN D 855 -32.35 -0.16 -92.84
N THR D 856 -31.04 -0.29 -93.10
CA THR D 856 -30.05 0.60 -92.49
C THR D 856 -30.20 2.02 -93.01
N GLN D 857 -30.60 2.17 -94.28
CA GLN D 857 -30.69 3.49 -94.88
C GLN D 857 -31.64 4.40 -94.12
N GLN D 858 -32.85 3.90 -93.81
CA GLN D 858 -33.85 4.68 -93.10
C GLN D 858 -33.34 5.11 -91.73
N PHE D 859 -32.74 4.17 -91.01
CA PHE D 859 -32.23 4.46 -89.68
C PHE D 859 -31.14 5.53 -89.74
N ASP D 860 -30.37 5.56 -90.83
CA ASP D 860 -29.37 6.59 -90.99
C ASP D 860 -29.96 7.95 -91.35
N ASP D 861 -30.96 8.01 -92.24
CA ASP D 861 -31.49 9.32 -92.60
C ASP D 861 -32.27 9.94 -91.45
N PHE D 862 -32.85 9.11 -90.58
CA PHE D 862 -33.44 9.67 -89.36
C PHE D 862 -32.42 10.50 -88.59
N LYS D 863 -31.24 9.92 -88.34
CA LYS D 863 -30.20 10.60 -87.60
C LYS D 863 -29.70 11.83 -88.34
N LYS D 864 -29.58 11.73 -89.66
CA LYS D 864 -29.13 12.86 -90.46
C LYS D 864 -30.08 14.06 -90.33
N CYS D 865 -31.37 13.82 -90.50
CA CYS D 865 -32.34 14.91 -90.41
C CYS D 865 -32.35 15.52 -89.01
N TYR D 866 -32.27 14.66 -87.98
CA TYR D 866 -32.23 15.22 -86.63
C TYR D 866 -30.97 16.04 -86.39
N GLY D 867 -29.84 15.63 -86.97
CA GLY D 867 -28.63 16.41 -86.87
C GLY D 867 -28.75 17.78 -87.51
N GLU D 868 -29.37 17.85 -88.68
CA GLU D 868 -29.64 19.13 -89.32
C GLU D 868 -30.54 20.02 -88.45
N ILE D 869 -31.57 19.45 -87.84
CA ILE D 869 -32.42 20.19 -86.92
C ILE D 869 -31.62 20.74 -85.74
N LEU D 870 -30.76 19.92 -85.15
CA LEU D 870 -29.99 20.37 -83.99
C LEU D 870 -29.04 21.48 -84.39
N TYR D 871 -28.47 21.39 -85.60
CA TYR D 871 -27.64 22.47 -86.11
C TYR D 871 -28.44 23.75 -86.26
N ARG D 872 -29.67 23.65 -86.75
CA ARG D 872 -30.53 24.82 -86.85
C ARG D 872 -30.79 25.45 -85.48
N TRP D 873 -31.07 24.63 -84.48
CA TRP D 873 -31.38 25.17 -83.15
C TRP D 873 -30.18 25.92 -82.58
N GLY D 874 -28.98 25.37 -82.70
CA GLY D 874 -27.80 26.04 -82.21
C GLY D 874 -26.94 25.22 -81.28
N LEU D 875 -27.11 23.90 -81.28
CA LEU D 875 -26.36 23.00 -80.42
C LEU D 875 -25.47 22.13 -81.30
N ARG D 876 -24.16 22.37 -81.25
CA ARG D 876 -23.21 21.70 -82.11
C ARG D 876 -22.56 20.48 -81.46
N GLU D 877 -22.51 20.41 -80.13
CA GLU D 877 -21.97 19.21 -79.49
C GLU D 877 -22.95 18.04 -79.60
N LYS D 878 -24.23 18.31 -79.35
CA LYS D 878 -25.25 17.27 -79.39
C LYS D 878 -25.55 16.80 -80.80
N ARG D 879 -25.17 17.57 -81.83
CA ARG D 879 -25.25 17.06 -83.19
C ARG D 879 -24.16 16.03 -83.47
N ALA D 880 -22.94 16.31 -83.01
CA ALA D 880 -21.85 15.35 -83.17
C ALA D 880 -22.13 14.07 -82.40
N GLU D 881 -22.65 14.20 -81.18
CA GLU D 881 -22.98 13.02 -80.39
C GLU D 881 -23.98 12.13 -81.12
N VAL D 882 -25.01 12.73 -81.74
CA VAL D 882 -25.99 11.95 -82.48
C VAL D 882 -25.37 11.33 -83.71
N LEU D 883 -24.65 12.13 -84.50
CA LEU D 883 -24.10 11.65 -85.76
C LEU D 883 -23.03 10.60 -85.56
N LYS D 884 -22.51 10.46 -84.34
CA LYS D 884 -21.50 9.44 -84.07
C LYS D 884 -22.01 8.03 -84.31
N PHE D 885 -23.32 7.81 -84.31
CA PHE D 885 -23.88 6.47 -84.46
C PHE D 885 -24.16 6.07 -85.90
N VAL D 886 -23.93 6.95 -86.87
CA VAL D 886 -24.19 6.62 -88.26
C VAL D 886 -23.21 5.53 -88.72
N SER D 887 -23.73 4.50 -89.36
CA SER D 887 -22.95 3.33 -89.75
C SER D 887 -21.89 3.64 -90.79
N CYS D 888 -22.28 4.31 -91.86
CA CYS D 888 -21.35 4.67 -92.93
C CYS D 888 -20.39 5.77 -92.47
N PRO D 889 -19.20 5.83 -93.05
CA PRO D 889 -18.26 6.89 -92.71
C PRO D 889 -18.71 8.21 -93.30
N PRO D 890 -18.09 9.34 -92.91
CA PRO D 890 -18.40 10.64 -93.50
C PRO D 890 -18.26 10.66 -95.01
N GLY D 899 2.41 18.77 -93.31
CA GLY D 899 3.76 19.08 -93.77
C GLY D 899 4.61 19.75 -92.70
N VAL D 900 4.94 18.99 -91.66
CA VAL D 900 5.75 19.48 -90.55
C VAL D 900 7.20 19.07 -90.79
N TYR D 901 8.11 20.02 -90.66
CA TYR D 901 9.53 19.76 -90.90
C TYR D 901 10.12 18.92 -89.77
N CYS D 902 11.00 17.99 -90.14
CA CYS D 902 11.70 17.18 -89.16
C CYS D 902 12.94 17.88 -88.65
N SER D 903 13.33 17.56 -87.42
CA SER D 903 14.47 18.19 -86.77
C SER D 903 15.77 17.41 -86.98
N HIS D 904 15.75 16.31 -87.72
CA HIS D 904 16.94 15.50 -87.92
C HIS D 904 17.43 15.45 -89.36
N CYS D 905 16.52 15.54 -90.33
CA CYS D 905 16.90 15.49 -91.74
C CYS D 905 16.37 16.66 -92.55
N ARG D 906 15.57 17.54 -91.95
CA ARG D 906 15.00 18.71 -92.64
C ARG D 906 14.25 18.31 -93.90
N SER D 907 13.24 17.47 -93.70
CA SER D 907 12.42 16.96 -94.80
C SER D 907 10.95 17.21 -94.48
N GLU D 908 10.14 17.28 -95.53
CA GLU D 908 8.70 17.47 -95.39
C GLU D 908 8.08 16.12 -95.04
N VAL D 909 7.63 15.99 -93.80
CA VAL D 909 7.03 14.76 -93.29
C VAL D 909 5.59 15.03 -92.91
N ARG D 910 4.69 14.17 -93.36
CA ARG D 910 3.25 14.31 -93.06
C ARG D 910 2.90 13.28 -91.98
N GLY D 911 3.00 13.72 -90.73
CA GLY D 911 2.66 12.86 -89.62
C GLY D 911 3.46 13.26 -88.39
N THR D 912 3.20 12.53 -87.30
CA THR D 912 3.89 12.75 -86.04
C THR D 912 5.25 12.08 -85.98
N GLN D 913 5.54 11.16 -86.89
CA GLN D 913 6.81 10.44 -86.90
C GLN D 913 7.44 10.52 -88.28
N CYS D 914 8.75 10.69 -88.32
CA CYS D 914 9.46 10.79 -89.58
C CYS D 914 9.56 9.44 -90.27
N ALA D 915 9.88 9.47 -91.56
CA ALA D 915 10.03 8.27 -92.35
C ALA D 915 11.48 7.98 -92.77
N ILE D 916 12.34 8.99 -92.77
CA ILE D 916 13.74 8.79 -93.15
C ILE D 916 14.52 8.32 -91.92
N CYS D 917 14.55 9.15 -90.89
CA CYS D 917 15.23 8.81 -89.64
C CYS D 917 14.31 8.14 -88.63
N LYS D 918 13.01 8.07 -88.92
CA LYS D 918 12.01 7.43 -88.04
C LYS D 918 12.03 8.07 -86.64
N GLY D 919 11.90 9.40 -86.62
CA GLY D 919 11.93 10.15 -85.39
C GLY D 919 10.78 11.14 -85.31
N PHE D 920 10.66 11.77 -84.16
CA PHE D 920 9.61 12.77 -83.95
C PHE D 920 9.97 14.06 -84.69
N THR D 921 9.00 14.59 -85.43
CA THR D 921 9.21 15.78 -86.24
C THR D 921 8.76 17.07 -85.56
N PHE D 922 7.73 17.01 -84.72
CA PHE D 922 7.18 18.20 -84.08
C PHE D 922 7.69 18.26 -82.65
N GLN D 923 8.10 19.45 -82.22
CA GLN D 923 8.70 19.64 -80.92
C GLN D 923 8.14 20.91 -80.30
N CYS D 924 7.52 20.77 -79.12
CA CYS D 924 6.81 21.87 -78.48
C CYS D 924 7.73 23.07 -78.26
N ALA D 925 7.26 24.25 -78.68
CA ALA D 925 8.07 25.49 -78.66
C ALA D 925 8.06 26.17 -77.34
N ILE D 926 7.33 25.64 -76.38
CA ILE D 926 7.46 26.02 -74.98
C ILE D 926 8.07 24.89 -74.16
N CYS D 927 7.76 23.66 -74.53
CA CYS D 927 7.85 22.50 -73.67
C CYS D 927 8.94 21.52 -74.09
N HIS D 928 9.22 21.41 -75.38
CA HIS D 928 10.25 20.54 -75.92
C HIS D 928 10.04 19.07 -75.56
N VAL D 929 8.79 18.70 -75.27
CA VAL D 929 8.38 17.31 -75.36
C VAL D 929 7.66 17.11 -76.68
N ALA D 930 8.00 16.03 -77.38
CA ALA D 930 7.47 15.82 -78.72
C ALA D 930 5.93 15.78 -78.70
N VAL D 931 5.32 16.44 -79.68
CA VAL D 931 3.87 16.55 -79.78
C VAL D 931 3.36 15.47 -80.71
N ARG D 932 2.49 14.60 -80.18
CA ARG D 932 1.86 13.56 -80.98
C ARG D 932 0.36 13.71 -81.13
N GLY D 933 -0.26 14.65 -80.42
CA GLY D 933 -1.70 14.82 -80.46
C GLY D 933 -2.17 16.08 -81.14
N SER D 934 -2.86 16.95 -80.40
CA SER D 934 -3.41 18.18 -80.96
C SER D 934 -2.42 19.33 -80.82
N SER D 935 -2.53 20.31 -81.70
CA SER D 935 -1.58 21.41 -81.71
C SER D 935 -2.16 22.59 -82.49
N ASN D 936 -1.40 23.68 -82.50
CA ASN D 936 -1.68 24.83 -83.33
C ASN D 936 -0.40 25.62 -83.54
N PHE D 937 -0.35 26.39 -84.62
CA PHE D 937 0.88 27.07 -84.99
C PHE D 937 0.54 28.30 -85.81
N CYS D 938 1.54 29.18 -85.93
CA CYS D 938 1.40 30.35 -86.78
C CYS D 938 1.76 30.00 -88.21
N LEU D 939 1.04 30.59 -89.16
CA LEU D 939 1.21 30.22 -90.56
C LEU D 939 2.55 30.64 -91.10
N THR D 940 3.05 31.80 -90.68
CA THR D 940 4.28 32.36 -91.24
C THR D 940 5.52 31.96 -90.44
N CYS D 941 5.53 32.19 -89.13
CA CYS D 941 6.68 31.79 -88.33
C CYS D 941 6.86 30.28 -88.30
N GLY D 942 5.76 29.52 -88.27
CA GLY D 942 5.87 28.08 -88.21
C GLY D 942 6.42 27.53 -86.92
N HIS D 943 6.03 28.11 -85.78
CA HIS D 943 6.40 27.61 -84.47
C HIS D 943 5.13 27.40 -83.65
N GLY D 944 4.95 26.20 -83.12
CA GLY D 944 3.84 25.93 -82.25
C GLY D 944 4.05 24.63 -81.51
N GLY D 945 3.14 24.34 -80.60
CA GLY D 945 3.27 23.15 -79.78
C GLY D 945 1.95 22.75 -79.19
N HIS D 946 2.01 22.19 -77.99
CA HIS D 946 0.81 21.73 -77.31
C HIS D 946 -0.15 22.89 -77.13
N THR D 947 -1.44 22.60 -77.32
CA THR D 947 -2.43 23.67 -77.42
C THR D 947 -2.56 24.46 -76.13
N SER D 948 -2.63 23.77 -74.98
CA SER D 948 -2.75 24.47 -73.71
C SER D 948 -1.50 25.31 -73.43
N HIS D 949 -0.34 24.84 -73.89
CA HIS D 949 0.90 25.60 -73.71
C HIS D 949 0.80 26.97 -74.36
N MET D 950 0.42 27.01 -75.64
CA MET D 950 0.26 28.29 -76.31
C MET D 950 -0.91 29.07 -75.71
N MET D 951 -1.93 28.37 -75.21
CA MET D 951 -3.07 29.05 -74.60
C MET D 951 -2.62 29.86 -73.39
N GLU D 952 -1.76 29.28 -72.56
CA GLU D 952 -1.22 30.02 -71.42
C GLU D 952 -0.26 31.12 -71.88
N TRP D 953 0.63 30.80 -72.83
CA TRP D 953 1.65 31.76 -73.24
C TRP D 953 1.02 33.02 -73.83
N PHE D 954 0.13 32.86 -74.81
CA PHE D 954 -0.42 34.00 -75.52
C PHE D 954 -1.54 34.69 -74.76
N ARG D 955 -1.87 34.23 -73.55
CA ARG D 955 -2.89 34.90 -72.76
C ARG D 955 -2.43 36.26 -72.29
N THR D 956 -1.11 36.51 -72.27
CA THR D 956 -0.60 37.77 -71.74
C THR D 956 0.51 38.41 -72.56
N GLN D 957 1.06 37.74 -73.57
CA GLN D 957 2.12 38.32 -74.39
C GLN D 957 1.75 38.23 -75.86
N GLU D 958 2.59 38.84 -76.71
CA GLU D 958 2.27 38.95 -78.12
C GLU D 958 3.48 38.72 -79.03
N VAL D 959 4.41 37.85 -78.63
CA VAL D 959 5.60 37.60 -79.42
C VAL D 959 5.79 36.10 -79.60
N CYS D 960 6.51 35.73 -80.66
CA CYS D 960 6.80 34.34 -80.93
C CYS D 960 7.66 33.77 -79.80
N PRO D 961 7.26 32.66 -79.19
CA PRO D 961 7.98 32.17 -78.01
C PRO D 961 9.43 31.79 -78.28
N THR D 962 9.76 31.43 -79.51
CA THR D 962 11.14 31.10 -79.85
C THR D 962 11.93 32.33 -80.29
N GLY D 963 11.52 33.51 -79.88
CA GLY D 963 12.25 34.72 -80.18
C GLY D 963 12.35 35.05 -81.66
N CYS D 964 11.25 34.89 -82.40
CA CYS D 964 11.24 35.09 -83.83
C CYS D 964 10.88 36.51 -84.24
N GLY D 965 10.02 37.17 -83.48
CA GLY D 965 9.65 38.55 -83.75
C GLY D 965 8.28 38.76 -84.37
N CYS D 966 7.50 37.70 -84.58
CA CYS D 966 6.17 37.87 -85.15
C CYS D 966 5.12 37.96 -84.06
N HIS D 967 4.17 38.89 -84.24
CA HIS D 967 2.96 38.92 -83.43
C HIS D 967 2.00 37.91 -84.06
N CYS D 968 2.17 36.64 -83.68
CA CYS D 968 1.41 35.57 -84.30
C CYS D 968 -0.10 35.72 -84.10
N LEU D 969 -0.52 36.49 -83.11
CA LEU D 969 -1.95 36.75 -82.96
C LEU D 969 -2.53 37.48 -84.16
N LEU D 970 -1.70 38.20 -84.91
CA LEU D 970 -2.14 38.93 -86.09
C LEU D 970 -1.92 38.16 -87.37
N GLU D 971 -1.20 37.05 -87.32
CA GLU D 971 -0.95 36.21 -88.48
C GLU D 971 -1.71 34.89 -88.42
N SER D 972 -1.73 34.24 -87.25
CA SER D 972 -2.47 33.00 -87.10
C SER D 972 -3.98 33.23 -87.25
N THR D 973 -4.50 34.23 -86.53
CA THR D 973 -5.92 34.56 -86.64
C THR D 973 -6.12 35.54 -87.79
N PHE D 974 -6.92 35.13 -88.78
CA PHE D 974 -7.18 35.97 -89.93
C PHE D 974 -8.04 37.17 -89.55
N MET E 1 -52.26 -26.04 6.01
CA MET E 1 -51.85 -26.82 4.85
C MET E 1 -51.95 -26.00 3.57
N PHE E 2 -52.56 -24.83 3.68
CA PHE E 2 -52.76 -23.94 2.53
C PHE E 2 -51.92 -22.68 2.69
N VAL E 3 -51.41 -22.18 1.57
CA VAL E 3 -50.58 -20.98 1.53
C VAL E 3 -51.15 -20.02 0.50
N ALA E 4 -51.20 -18.74 0.85
CA ALA E 4 -51.86 -17.75 0.00
C ALA E 4 -50.83 -16.97 -0.82
N ARG E 5 -51.27 -16.48 -1.97
CA ARG E 5 -50.47 -15.61 -2.83
C ARG E 5 -51.36 -14.58 -3.52
N SER E 6 -50.76 -13.49 -3.97
CA SER E 6 -51.49 -12.47 -4.72
C SER E 6 -51.40 -12.75 -6.22
N ILE E 7 -52.42 -12.33 -6.95
CA ILE E 7 -52.54 -12.59 -8.38
C ILE E 7 -52.54 -11.27 -9.12
N ALA E 8 -51.70 -11.17 -10.14
CA ALA E 8 -51.55 -9.95 -10.92
C ALA E 8 -52.76 -9.78 -11.81
N ALA E 9 -53.71 -8.93 -11.38
CA ALA E 9 -54.90 -8.65 -12.17
C ALA E 9 -55.39 -7.26 -11.79
N ASP E 10 -55.43 -6.35 -12.77
CA ASP E 10 -55.75 -4.96 -12.52
C ASP E 10 -57.27 -4.77 -12.59
N HIS E 11 -57.84 -4.26 -11.51
CA HIS E 11 -59.25 -3.89 -11.48
C HIS E 11 -59.35 -2.45 -10.99
N LYS E 12 -60.34 -1.72 -11.50
CA LYS E 12 -60.48 -0.32 -11.10
C LYS E 12 -61.60 -0.14 -10.07
N ASP E 13 -62.49 -1.11 -9.96
CA ASP E 13 -63.64 -1.03 -9.07
C ASP E 13 -63.60 -2.20 -8.08
N LEU E 14 -64.70 -2.40 -7.35
CA LEU E 14 -64.83 -3.46 -6.36
C LEU E 14 -65.55 -4.65 -6.99
N ILE E 15 -65.05 -5.85 -6.72
CA ILE E 15 -65.55 -7.08 -7.34
C ILE E 15 -66.73 -7.60 -6.55
N HIS E 16 -67.79 -8.00 -7.25
CA HIS E 16 -68.98 -8.55 -6.62
C HIS E 16 -68.99 -10.08 -6.61
N ASP E 17 -68.70 -10.72 -7.74
CA ASP E 17 -68.74 -12.17 -7.84
C ASP E 17 -67.58 -12.66 -8.69
N VAL E 18 -67.10 -13.87 -8.39
CA VAL E 18 -66.05 -14.54 -9.16
C VAL E 18 -66.55 -15.93 -9.51
N SER E 19 -66.20 -16.40 -10.70
CA SER E 19 -66.66 -17.70 -11.16
C SER E 19 -65.60 -18.34 -12.03
N PHE E 20 -65.70 -19.66 -12.18
CA PHE E 20 -64.75 -20.47 -12.94
C PHE E 20 -65.48 -21.27 -14.01
N ASP E 21 -64.72 -21.99 -14.84
CA ASP E 21 -65.30 -22.84 -15.86
C ASP E 21 -65.00 -24.30 -15.51
N PHE E 22 -65.42 -25.21 -16.38
CA PHE E 22 -65.36 -26.63 -16.07
C PHE E 22 -63.92 -27.11 -15.88
N HIS E 23 -63.02 -26.68 -16.76
CA HIS E 23 -61.64 -27.13 -16.67
C HIS E 23 -60.78 -26.26 -15.78
N GLY E 24 -61.19 -25.02 -15.52
CA GLY E 24 -60.41 -24.12 -14.72
C GLY E 24 -59.38 -23.31 -15.48
N ARG E 25 -59.71 -22.84 -16.68
CA ARG E 25 -58.81 -22.00 -17.45
C ARG E 25 -59.35 -20.61 -17.76
N ARG E 26 -60.66 -20.39 -17.70
CA ARG E 26 -61.24 -19.07 -17.82
C ARG E 26 -61.80 -18.64 -16.47
N MET E 27 -62.04 -17.33 -16.33
CA MET E 27 -62.82 -16.84 -15.20
C MET E 27 -63.56 -15.58 -15.62
N ALA E 28 -64.63 -15.28 -14.89
CA ALA E 28 -65.43 -14.09 -15.14
C ALA E 28 -65.63 -13.34 -13.82
N THR E 29 -65.43 -12.04 -13.85
CA THR E 29 -65.62 -11.19 -12.68
C THR E 29 -66.50 -10.00 -13.04
N CYS E 30 -67.35 -9.60 -12.10
CA CYS E 30 -68.21 -8.44 -12.28
C CYS E 30 -67.93 -7.40 -11.20
N SER E 31 -67.88 -6.14 -11.60
CA SER E 31 -67.40 -5.05 -10.77
C SER E 31 -68.50 -4.04 -10.51
N SER E 32 -68.13 -2.94 -9.82
CA SER E 32 -69.11 -1.96 -9.37
C SER E 32 -69.59 -1.03 -10.47
N ASP E 33 -68.84 -0.88 -11.56
CA ASP E 33 -69.24 -0.02 -12.66
C ASP E 33 -70.01 -0.76 -13.74
N GLN E 34 -70.57 -1.93 -13.40
CA GLN E 34 -71.37 -2.73 -14.33
C GLN E 34 -70.54 -3.19 -15.53
N SER E 35 -69.41 -3.83 -15.22
CA SER E 35 -68.53 -4.36 -16.26
C SER E 35 -68.19 -5.81 -15.92
N VAL E 36 -68.11 -6.64 -16.96
CA VAL E 36 -67.73 -8.04 -16.82
C VAL E 36 -66.46 -8.28 -17.64
N LYS E 37 -65.51 -9.01 -17.05
CA LYS E 37 -64.24 -9.29 -17.69
C LYS E 37 -64.01 -10.78 -17.73
N VAL E 38 -63.40 -11.26 -18.81
CA VAL E 38 -63.11 -12.67 -19.02
C VAL E 38 -61.59 -12.82 -19.06
N TRP E 39 -61.06 -13.64 -18.16
CA TRP E 39 -59.62 -13.78 -17.98
C TRP E 39 -59.20 -15.17 -18.41
N ASP E 40 -58.15 -15.24 -19.22
CA ASP E 40 -57.63 -16.50 -19.73
C ASP E 40 -56.25 -16.78 -19.15
N LYS E 41 -56.00 -18.06 -18.89
CA LYS E 41 -54.71 -18.51 -18.38
C LYS E 41 -53.74 -18.72 -19.55
N SER E 42 -52.56 -19.22 -19.23
CA SER E 42 -51.54 -19.49 -20.24
C SER E 42 -50.66 -20.63 -19.75
N GLU E 43 -49.78 -21.09 -20.64
CA GLU E 43 -48.85 -22.16 -20.27
C GLU E 43 -47.87 -21.69 -19.20
N SER E 44 -47.45 -20.43 -19.27
CA SER E 44 -46.54 -19.90 -18.26
C SER E 44 -47.20 -19.88 -16.89
N GLY E 45 -48.48 -19.48 -16.83
CA GLY E 45 -49.20 -19.44 -15.58
C GLY E 45 -49.80 -18.08 -15.27
N ASP E 46 -49.53 -17.11 -16.13
CA ASP E 46 -50.07 -15.77 -15.94
C ASP E 46 -51.48 -15.67 -16.51
N TRP E 47 -52.22 -14.68 -16.02
CA TRP E 47 -53.56 -14.42 -16.51
C TRP E 47 -53.59 -13.16 -17.36
N HIS E 48 -54.33 -13.22 -18.45
CA HIS E 48 -54.49 -12.11 -19.37
C HIS E 48 -55.97 -11.81 -19.52
N CYS E 49 -56.29 -10.69 -20.15
CA CYS E 49 -57.66 -10.27 -20.35
C CYS E 49 -58.04 -10.51 -21.81
N THR E 50 -59.32 -10.74 -22.05
CA THR E 50 -59.83 -11.03 -23.39
C THR E 50 -61.03 -10.19 -23.75
N ALA E 51 -61.83 -9.75 -22.77
CA ALA E 51 -63.03 -9.00 -23.08
C ALA E 51 -63.38 -8.07 -21.94
N SER E 52 -64.21 -7.08 -22.25
CA SER E 52 -64.72 -6.13 -21.27
C SER E 52 -65.88 -5.39 -21.90
N TRP E 53 -67.03 -5.38 -21.23
CA TRP E 53 -68.19 -4.69 -21.78
C TRP E 53 -69.21 -4.40 -20.69
N LYS E 54 -69.85 -3.23 -20.79
CA LYS E 54 -70.93 -2.85 -19.90
C LYS E 54 -72.22 -3.54 -20.30
N THR E 55 -72.98 -3.98 -19.30
CA THR E 55 -74.05 -4.93 -19.58
C THR E 55 -75.45 -4.40 -19.30
N HIS E 56 -75.71 -3.98 -18.07
CA HIS E 56 -77.09 -3.80 -17.62
C HIS E 56 -77.39 -2.31 -17.44
N SER E 57 -78.57 -2.01 -16.90
CA SER E 57 -78.93 -0.65 -16.52
C SER E 57 -78.50 -0.38 -15.08
N GLY E 58 -78.92 -1.24 -14.16
CA GLY E 58 -78.57 -1.09 -12.76
C GLY E 58 -77.34 -1.87 -12.34
N SER E 59 -77.30 -2.30 -11.09
CA SER E 59 -76.16 -3.00 -10.54
C SER E 59 -76.21 -4.48 -10.91
N VAL E 60 -75.04 -5.11 -10.99
CA VAL E 60 -74.88 -6.48 -11.46
C VAL E 60 -74.42 -7.32 -10.27
N TRP E 61 -75.20 -8.34 -9.90
CA TRP E 61 -74.87 -9.12 -8.71
C TRP E 61 -74.05 -10.35 -9.05
N ARG E 62 -74.38 -11.07 -10.12
CA ARG E 62 -73.89 -12.43 -10.31
C ARG E 62 -73.45 -12.67 -11.75
N VAL E 63 -72.60 -13.68 -11.92
CA VAL E 63 -72.23 -14.19 -13.23
C VAL E 63 -71.84 -15.66 -13.08
N THR E 64 -72.25 -16.50 -14.03
CA THR E 64 -72.05 -17.93 -13.94
C THR E 64 -71.76 -18.51 -15.30
N TRP E 65 -71.12 -19.68 -15.30
CA TRP E 65 -70.68 -20.36 -16.52
C TRP E 65 -71.67 -21.45 -16.91
N ALA E 66 -71.30 -22.21 -17.94
CA ALA E 66 -72.10 -23.31 -18.46
C ALA E 66 -71.16 -24.42 -18.92
N HIS E 67 -71.73 -25.60 -19.14
CA HIS E 67 -70.91 -26.73 -19.51
C HIS E 67 -70.39 -26.58 -20.94
N PRO E 68 -69.15 -26.98 -21.21
CA PRO E 68 -68.57 -26.71 -22.54
C PRO E 68 -69.18 -27.53 -23.66
N GLU E 69 -70.11 -28.43 -23.38
CA GLU E 69 -70.70 -29.25 -24.43
C GLU E 69 -71.80 -28.42 -25.10
N PHE E 70 -72.10 -27.27 -24.51
CA PHE E 70 -73.07 -26.36 -25.10
C PHE E 70 -72.43 -25.15 -25.77
N GLY E 71 -71.12 -25.00 -25.70
CA GLY E 71 -70.45 -23.85 -26.30
C GLY E 71 -69.70 -23.02 -25.28
N GLN E 72 -69.80 -21.71 -25.38
CA GLN E 72 -69.28 -20.78 -24.39
C GLN E 72 -70.42 -19.83 -24.03
N VAL E 73 -71.06 -20.09 -22.90
CA VAL E 73 -72.28 -19.41 -22.50
C VAL E 73 -72.11 -18.84 -21.10
N LEU E 74 -72.55 -17.61 -20.90
CA LEU E 74 -72.53 -16.94 -19.62
C LEU E 74 -73.92 -16.41 -19.30
N ALA E 75 -74.20 -16.26 -18.01
CA ALA E 75 -75.47 -15.73 -17.55
C ALA E 75 -75.23 -14.74 -16.43
N SER E 76 -75.95 -13.61 -16.49
CA SER E 76 -75.81 -12.56 -15.50
C SER E 76 -77.19 -12.09 -15.06
N CYS E 77 -77.28 -11.70 -13.79
CA CYS E 77 -78.52 -11.21 -13.21
C CYS E 77 -78.24 -9.90 -12.49
N SER E 78 -79.17 -8.97 -12.57
CA SER E 78 -78.92 -7.59 -12.16
C SER E 78 -80.11 -7.05 -11.37
N PHE E 79 -80.06 -5.76 -11.05
CA PHE E 79 -81.07 -5.10 -10.26
C PHE E 79 -82.25 -4.60 -11.08
N ASP E 80 -82.09 -4.51 -12.39
CA ASP E 80 -83.15 -3.97 -13.25
C ASP E 80 -84.04 -5.09 -13.80
N ARG E 81 -84.43 -6.03 -12.95
CA ARG E 81 -85.47 -7.00 -13.25
C ARG E 81 -85.20 -7.88 -14.48
N THR E 82 -83.93 -8.05 -14.88
CA THR E 82 -83.63 -8.89 -16.03
C THR E 82 -82.47 -9.83 -15.73
N ALA E 83 -82.35 -10.85 -16.57
CA ALA E 83 -81.19 -11.74 -16.64
C ALA E 83 -80.87 -11.97 -18.11
N ALA E 84 -79.58 -12.00 -18.44
CA ALA E 84 -79.13 -12.03 -19.81
C ALA E 84 -78.21 -13.22 -20.06
N VAL E 85 -78.12 -13.64 -21.32
CA VAL E 85 -77.29 -14.76 -21.75
C VAL E 85 -76.31 -14.27 -22.81
N TRP E 86 -75.03 -14.54 -22.61
CA TRP E 86 -73.97 -14.11 -23.51
C TRP E 86 -73.27 -15.32 -24.13
N GLU E 87 -72.89 -15.17 -25.40
CA GLU E 87 -72.18 -16.19 -26.15
C GLU E 87 -70.99 -15.58 -26.87
N GLU E 88 -69.92 -16.36 -27.02
CA GLU E 88 -68.68 -15.92 -27.62
C GLU E 88 -68.66 -16.28 -29.10
N ILE E 89 -68.37 -15.28 -29.95
CA ILE E 89 -68.17 -15.48 -31.37
C ILE E 89 -66.76 -15.01 -31.71
N VAL E 90 -65.98 -15.86 -32.36
CA VAL E 90 -64.63 -15.49 -32.76
C VAL E 90 -64.49 -15.59 -34.27
N SER E 101 -62.77 -12.06 -31.14
CA SER E 101 -63.52 -12.49 -29.97
C SER E 101 -64.35 -11.36 -29.41
N HIS E 102 -65.65 -11.38 -29.68
CA HIS E 102 -66.54 -10.37 -29.12
C HIS E 102 -67.83 -11.06 -28.69
N TRP E 103 -68.14 -11.01 -27.40
CA TRP E 103 -69.35 -11.63 -26.89
C TRP E 103 -70.57 -10.83 -27.30
N VAL E 104 -71.64 -11.52 -27.66
CA VAL E 104 -72.87 -10.88 -28.09
C VAL E 104 -74.00 -11.30 -27.16
N LYS E 105 -75.13 -10.62 -27.30
CA LYS E 105 -76.33 -10.91 -26.53
C LYS E 105 -77.22 -11.88 -27.30
N ARG E 106 -77.95 -12.70 -26.55
CA ARG E 106 -78.83 -13.66 -27.18
C ARG E 106 -80.28 -13.48 -26.76
N THR E 107 -80.52 -13.33 -25.47
CA THR E 107 -81.87 -13.27 -24.95
C THR E 107 -81.89 -12.38 -23.71
N THR E 108 -83.07 -11.90 -23.35
CA THR E 108 -83.25 -11.11 -22.13
C THR E 108 -84.54 -11.55 -21.49
N LEU E 109 -84.46 -12.08 -20.27
CA LEU E 109 -85.62 -12.58 -19.55
C LEU E 109 -86.21 -11.44 -18.72
N VAL E 110 -87.44 -11.04 -19.07
CA VAL E 110 -88.06 -9.86 -18.51
C VAL E 110 -89.33 -10.18 -17.73
N ASP E 111 -89.59 -11.46 -17.47
CA ASP E 111 -90.84 -11.85 -16.82
C ASP E 111 -90.94 -11.37 -15.37
N SER E 112 -89.83 -10.92 -14.78
CA SER E 112 -89.82 -10.56 -13.38
C SER E 112 -90.45 -9.19 -13.15
N ARG E 113 -90.81 -8.92 -11.90
CA ARG E 113 -91.34 -7.61 -11.52
C ARG E 113 -90.56 -6.97 -10.39
N THR E 114 -89.52 -7.62 -9.87
CA THR E 114 -88.66 -7.05 -8.86
C THR E 114 -87.22 -7.46 -9.19
N SER E 115 -86.28 -7.20 -8.30
CA SER E 115 -84.87 -7.40 -8.59
C SER E 115 -84.52 -8.88 -8.52
N VAL E 116 -83.81 -9.38 -9.54
CA VAL E 116 -83.35 -10.76 -9.51
C VAL E 116 -82.12 -10.87 -8.62
N THR E 117 -82.08 -11.89 -7.79
CA THR E 117 -81.02 -12.05 -6.80
C THR E 117 -80.02 -13.16 -7.16
N ASP E 118 -80.43 -14.19 -7.87
CA ASP E 118 -79.54 -15.31 -8.19
C ASP E 118 -79.99 -16.02 -9.45
N VAL E 119 -79.00 -16.47 -10.22
CA VAL E 119 -79.20 -17.25 -11.43
C VAL E 119 -78.26 -18.46 -11.38
N LYS E 120 -78.72 -19.60 -11.89
CA LYS E 120 -77.95 -20.84 -11.84
C LYS E 120 -78.29 -21.73 -13.02
N PHE E 121 -77.28 -22.34 -13.62
CA PHE E 121 -77.48 -23.30 -14.69
C PHE E 121 -77.70 -24.70 -14.12
N ALA E 122 -78.42 -25.52 -14.85
CA ALA E 122 -78.82 -26.84 -14.38
C ALA E 122 -77.79 -27.87 -14.78
N PRO E 123 -77.72 -28.97 -14.04
CA PRO E 123 -76.83 -30.08 -14.43
C PRO E 123 -77.12 -30.56 -15.85
N LYS E 124 -76.10 -31.20 -16.42
CA LYS E 124 -76.05 -31.47 -17.85
C LYS E 124 -77.19 -32.37 -18.30
N HIS E 125 -77.46 -33.44 -17.56
CA HIS E 125 -78.27 -34.53 -18.09
C HIS E 125 -79.74 -34.15 -18.29
N MET E 126 -80.15 -32.97 -17.84
CA MET E 126 -81.49 -32.47 -18.12
C MET E 126 -81.54 -31.51 -19.30
N GLY E 127 -80.44 -31.35 -20.03
CA GLY E 127 -80.44 -30.46 -21.17
C GLY E 127 -79.80 -29.12 -20.86
N LEU E 128 -80.30 -28.05 -21.47
CA LEU E 128 -79.81 -26.70 -21.21
C LEU E 128 -80.94 -25.95 -20.54
N MET E 129 -80.84 -25.81 -19.22
CA MET E 129 -81.89 -25.27 -18.38
C MET E 129 -81.29 -24.21 -17.45
N LEU E 130 -82.15 -23.31 -16.97
CA LEU E 130 -81.67 -22.16 -16.20
C LEU E 130 -82.79 -21.70 -15.28
N ALA E 131 -82.48 -21.58 -13.99
CA ALA E 131 -83.46 -21.15 -13.00
C ALA E 131 -83.02 -19.84 -12.36
N THR E 132 -83.95 -18.89 -12.28
CA THR E 132 -83.73 -17.61 -11.61
C THR E 132 -84.70 -17.46 -10.46
N CYS E 133 -84.41 -16.50 -9.60
CA CYS E 133 -85.21 -16.24 -8.40
C CYS E 133 -85.19 -14.75 -8.11
N SER E 134 -86.30 -14.23 -7.61
CA SER E 134 -86.49 -12.80 -7.41
C SER E 134 -86.78 -12.51 -5.94
N ALA E 135 -87.03 -11.24 -5.66
CA ALA E 135 -87.28 -10.77 -4.30
C ALA E 135 -88.76 -10.68 -3.97
N ASP E 136 -89.63 -11.09 -4.88
CA ASP E 136 -91.06 -11.14 -4.62
C ASP E 136 -91.55 -12.50 -4.15
N GLY E 137 -90.71 -13.54 -4.22
CA GLY E 137 -91.08 -14.86 -3.76
C GLY E 137 -91.33 -15.85 -4.87
N ILE E 138 -90.90 -15.53 -6.09
CA ILE E 138 -91.13 -16.37 -7.24
C ILE E 138 -89.80 -16.97 -7.68
N VAL E 139 -89.82 -18.27 -8.00
CA VAL E 139 -88.69 -18.97 -8.60
C VAL E 139 -89.16 -19.52 -9.94
N ARG E 140 -88.42 -19.21 -10.99
CA ARG E 140 -88.80 -19.55 -12.36
C ARG E 140 -87.72 -20.40 -13.02
N ILE E 141 -88.15 -21.19 -14.00
CA ILE E 141 -87.29 -22.16 -14.67
C ILE E 141 -87.49 -22.04 -16.18
N TYR E 142 -86.40 -21.95 -16.93
CA TYR E 142 -86.43 -21.83 -18.38
C TYR E 142 -85.69 -22.99 -19.03
N GLU E 143 -86.02 -23.23 -20.30
CA GLU E 143 -85.39 -24.27 -21.10
C GLU E 143 -85.19 -23.75 -22.52
N ALA E 144 -84.35 -24.46 -23.28
CA ALA E 144 -84.09 -24.16 -24.68
C ALA E 144 -84.17 -25.44 -25.48
N PRO E 145 -85.29 -25.70 -26.17
CA PRO E 145 -85.46 -27.01 -26.83
C PRO E 145 -84.49 -27.25 -27.97
N ASP E 146 -83.87 -26.22 -28.54
CA ASP E 146 -82.87 -26.38 -29.59
C ASP E 146 -81.55 -25.84 -29.06
N VAL E 147 -80.50 -26.63 -29.16
CA VAL E 147 -79.21 -26.27 -28.56
C VAL E 147 -78.42 -25.43 -29.55
N MET E 148 -78.86 -25.38 -30.81
CA MET E 148 -78.19 -24.52 -31.78
C MET E 148 -78.94 -23.21 -32.01
N ASN E 149 -79.93 -22.90 -31.18
CA ASN E 149 -80.64 -21.62 -31.30
C ASN E 149 -80.85 -21.10 -29.88
N LEU E 150 -79.89 -20.31 -29.40
CA LEU E 150 -79.93 -19.79 -28.05
C LEU E 150 -80.74 -18.51 -27.93
N SER E 151 -81.36 -18.06 -29.02
CA SER E 151 -82.24 -16.89 -28.94
C SER E 151 -83.67 -17.26 -28.59
N GLN E 152 -84.02 -18.54 -28.60
CA GLN E 152 -85.37 -19.00 -28.31
C GLN E 152 -85.38 -19.79 -27.01
N TRP E 153 -85.98 -19.21 -25.98
CA TRP E 153 -86.15 -19.83 -24.67
C TRP E 153 -87.64 -19.97 -24.38
N SER E 154 -87.96 -20.79 -23.38
CA SER E 154 -89.35 -21.00 -22.99
C SER E 154 -89.44 -21.04 -21.47
N LEU E 155 -90.64 -20.75 -20.97
CA LEU E 155 -90.92 -20.77 -19.53
C LEU E 155 -91.77 -21.99 -19.24
N GLN E 156 -91.36 -22.77 -18.24
CA GLN E 156 -91.97 -24.06 -17.97
C GLN E 156 -92.60 -24.16 -16.59
N HIS E 157 -91.94 -23.66 -15.55
CA HIS E 157 -92.48 -23.78 -14.20
C HIS E 157 -92.42 -22.45 -13.47
N GLU E 158 -93.30 -22.32 -12.47
CA GLU E 158 -93.30 -21.22 -11.52
C GLU E 158 -93.53 -21.80 -10.14
N ILE E 159 -92.84 -21.24 -9.15
CA ILE E 159 -92.93 -21.71 -7.78
C ILE E 159 -93.12 -20.51 -6.87
N SER E 160 -94.13 -20.56 -6.01
CA SER E 160 -94.43 -19.48 -5.07
C SER E 160 -93.96 -19.89 -3.68
N CYS E 161 -93.12 -19.06 -3.07
CA CYS E 161 -92.47 -19.39 -1.80
C CYS E 161 -93.02 -18.63 -0.61
N LYS E 162 -93.82 -17.58 -0.83
CA LYS E 162 -94.46 -16.81 0.24
C LYS E 162 -93.43 -16.18 1.17
N LEU E 163 -92.26 -15.86 0.62
CA LEU E 163 -91.21 -15.17 1.36
C LEU E 163 -90.35 -14.35 0.42
N SER E 164 -89.18 -13.93 0.87
CA SER E 164 -88.27 -13.19 0.00
C SER E 164 -87.03 -14.02 -0.32
N CYS E 165 -86.96 -14.56 -1.54
CA CYS E 165 -85.86 -15.42 -1.95
C CYS E 165 -84.54 -14.67 -1.99
N SER E 166 -83.46 -15.35 -1.61
CA SER E 166 -82.12 -14.75 -1.66
C SER E 166 -81.04 -15.65 -2.23
N CYS E 167 -81.27 -16.95 -2.39
CA CYS E 167 -80.28 -17.85 -2.95
C CYS E 167 -80.95 -19.15 -3.37
N ILE E 168 -80.38 -19.79 -4.40
CA ILE E 168 -80.85 -21.07 -4.88
C ILE E 168 -79.65 -21.98 -5.11
N SER E 169 -79.93 -23.28 -5.19
CA SER E 169 -78.91 -24.27 -5.52
C SER E 169 -79.59 -25.51 -6.08
N TRP E 170 -78.93 -26.14 -7.05
CA TRP E 170 -79.40 -27.38 -7.67
C TRP E 170 -78.83 -28.58 -6.93
N ASN E 171 -79.27 -29.77 -7.32
CA ASN E 171 -78.76 -31.02 -6.77
C ASN E 171 -77.90 -31.71 -7.84
N PRO E 172 -76.58 -31.77 -7.67
CA PRO E 172 -75.70 -32.23 -8.74
C PRO E 172 -75.87 -33.69 -9.14
N SER E 173 -76.50 -34.50 -8.30
CA SER E 173 -76.53 -35.94 -8.51
C SER E 173 -77.21 -36.29 -9.83
N SER E 174 -76.57 -37.18 -10.59
CA SER E 174 -77.03 -37.58 -11.91
C SER E 174 -77.39 -39.05 -12.00
N SER E 175 -77.63 -39.71 -10.86
CA SER E 175 -77.99 -41.11 -10.90
C SER E 175 -79.43 -41.28 -11.35
N ARG E 176 -79.77 -42.51 -11.74
CA ARG E 176 -81.12 -42.78 -12.25
C ARG E 176 -82.16 -42.85 -11.15
N ALA E 177 -81.75 -42.88 -9.89
CA ALA E 177 -82.68 -43.04 -8.78
C ALA E 177 -83.01 -41.72 -8.07
N HIS E 178 -82.42 -40.61 -8.51
CA HIS E 178 -82.66 -39.31 -7.88
C HIS E 178 -83.45 -38.44 -8.84
N SER E 179 -84.57 -37.94 -8.38
CA SER E 179 -85.33 -36.98 -9.15
C SER E 179 -84.72 -35.60 -8.98
N PRO E 180 -84.97 -34.68 -9.94
CA PRO E 180 -84.40 -33.34 -9.82
C PRO E 180 -84.85 -32.64 -8.56
N MET E 181 -83.94 -31.85 -7.98
CA MET E 181 -84.18 -31.18 -6.72
C MET E 181 -83.67 -29.75 -6.80
N ILE E 182 -84.25 -28.89 -5.96
CA ILE E 182 -83.82 -27.50 -5.86
C ILE E 182 -84.12 -27.01 -4.45
N ALA E 183 -83.31 -26.07 -3.98
CA ALA E 183 -83.45 -25.54 -2.62
C ALA E 183 -83.39 -24.02 -2.65
N VAL E 184 -84.22 -23.38 -1.83
CA VAL E 184 -84.38 -21.93 -1.83
C VAL E 184 -84.25 -21.40 -0.42
N GLY E 185 -83.45 -20.34 -0.26
CA GLY E 185 -83.29 -19.68 1.02
C GLY E 185 -83.99 -18.32 1.05
N SER E 186 -84.06 -17.75 2.26
CA SER E 186 -84.70 -16.47 2.48
C SER E 186 -83.83 -15.62 3.38
N ASP E 187 -83.92 -14.30 3.19
CA ASP E 187 -83.18 -13.35 4.01
C ASP E 187 -84.09 -12.43 4.82
N ASP E 188 -85.39 -12.70 4.88
CA ASP E 188 -86.30 -11.83 5.59
C ASP E 188 -85.95 -11.76 7.06
N SER E 189 -86.05 -10.57 7.63
CA SER E 189 -85.76 -10.37 9.04
C SER E 189 -87.03 -10.25 9.89
N SER E 190 -88.18 -10.62 9.34
CA SER E 190 -89.47 -10.55 10.01
C SER E 190 -89.39 -11.17 11.41
N PRO E 191 -89.79 -10.44 12.44
CA PRO E 191 -89.69 -10.97 13.81
C PRO E 191 -90.69 -12.08 14.07
N ASN E 192 -90.40 -13.27 13.58
CA ASN E 192 -91.31 -14.41 13.75
C ASN E 192 -90.48 -15.68 13.85
N ALA E 193 -91.11 -16.83 13.66
CA ALA E 193 -90.42 -18.11 13.78
C ALA E 193 -90.77 -19.01 12.59
N MET E 194 -90.71 -18.45 11.39
CA MET E 194 -90.92 -19.24 10.19
C MET E 194 -89.60 -19.85 9.72
N ALA E 195 -89.70 -21.00 9.08
CA ALA E 195 -88.53 -21.66 8.53
C ALA E 195 -88.09 -20.96 7.24
N LYS E 196 -86.77 -20.84 7.07
CA LYS E 196 -86.23 -20.01 6.00
C LYS E 196 -85.48 -20.81 4.94
N VAL E 197 -85.63 -22.14 4.94
CA VAL E 197 -85.04 -22.98 3.90
C VAL E 197 -85.99 -24.12 3.58
N GLN E 198 -86.50 -24.18 2.36
CA GLN E 198 -87.32 -25.30 1.91
C GLN E 198 -86.76 -25.88 0.61
N ILE E 199 -87.12 -27.15 0.38
CA ILE E 199 -86.60 -27.93 -0.73
C ILE E 199 -87.76 -28.40 -1.59
N PHE E 200 -87.64 -28.24 -2.90
CA PHE E 200 -88.67 -28.64 -3.85
C PHE E 200 -88.17 -29.79 -4.69
N GLU E 201 -89.06 -30.72 -4.99
CA GLU E 201 -88.71 -31.95 -5.70
C GLU E 201 -89.68 -32.18 -6.85
N TYR E 202 -89.16 -32.71 -7.94
CA TYR E 202 -89.94 -32.99 -9.15
C TYR E 202 -90.74 -34.27 -8.97
N ASN E 203 -91.94 -34.27 -9.55
CA ASN E 203 -92.81 -35.45 -9.56
C ASN E 203 -93.00 -35.89 -11.00
N GLU E 204 -92.51 -37.09 -11.32
CA GLU E 204 -92.53 -37.54 -12.71
C GLU E 204 -93.93 -37.84 -13.20
N ASN E 205 -94.90 -38.06 -12.31
CA ASN E 205 -96.25 -38.41 -12.72
C ASN E 205 -97.05 -37.18 -13.12
N THR E 206 -97.18 -36.22 -12.21
CA THR E 206 -98.00 -35.04 -12.47
C THR E 206 -97.23 -33.96 -13.20
N ARG E 207 -95.92 -34.18 -13.40
CA ARG E 207 -95.05 -33.23 -14.07
C ARG E 207 -95.09 -31.84 -13.46
N LYS E 208 -95.02 -31.75 -12.13
CA LYS E 208 -94.99 -30.49 -11.40
C LYS E 208 -93.89 -30.56 -10.34
N TYR E 209 -93.65 -29.43 -9.69
CA TYR E 209 -92.73 -29.35 -8.57
C TYR E 209 -93.52 -29.24 -7.28
N ALA E 210 -93.08 -29.96 -6.24
CA ALA E 210 -93.82 -30.00 -5.00
C ALA E 210 -92.88 -29.87 -3.82
N LYS E 211 -93.35 -29.23 -2.76
CA LYS E 211 -92.57 -29.10 -1.54
C LYS E 211 -92.39 -30.47 -0.89
N ALA E 212 -91.15 -30.79 -0.52
CA ALA E 212 -90.85 -32.09 0.05
C ALA E 212 -90.33 -32.03 1.48
N GLU E 213 -89.57 -31.01 1.86
CA GLU E 213 -89.06 -30.90 3.20
C GLU E 213 -88.87 -29.43 3.54
N THR E 214 -88.81 -29.14 4.84
CA THR E 214 -88.65 -27.76 5.30
C THR E 214 -87.82 -27.80 6.58
N LEU E 215 -86.62 -27.20 6.52
CA LEU E 215 -85.74 -27.19 7.68
C LEU E 215 -86.29 -26.25 8.73
N MET E 216 -87.01 -26.80 9.70
CA MET E 216 -87.71 -26.00 10.71
C MET E 216 -86.78 -25.50 11.80
N THR E 217 -85.54 -25.97 11.85
CA THR E 217 -84.59 -25.50 12.85
C THR E 217 -83.83 -24.26 12.43
N VAL E 218 -83.83 -23.91 11.14
CA VAL E 218 -83.19 -22.68 10.68
C VAL E 218 -84.25 -21.59 10.67
N THR E 219 -84.26 -20.75 11.71
CA THR E 219 -85.27 -19.72 11.90
C THR E 219 -84.57 -18.37 12.08
N ASP E 220 -83.60 -18.10 11.21
CA ASP E 220 -82.80 -16.89 11.24
C ASP E 220 -82.43 -16.50 9.82
N PRO E 221 -81.93 -15.28 9.57
CA PRO E 221 -81.60 -14.88 8.19
C PRO E 221 -80.55 -15.76 7.53
N VAL E 222 -80.73 -16.06 6.25
CA VAL E 222 -79.84 -16.94 5.50
C VAL E 222 -79.33 -16.19 4.28
N HIS E 223 -78.02 -16.21 4.08
CA HIS E 223 -77.39 -15.48 2.99
C HIS E 223 -76.90 -16.36 1.85
N ASP E 224 -76.77 -17.67 2.06
CA ASP E 224 -76.28 -18.56 1.03
C ASP E 224 -76.55 -20.01 1.42
N ILE E 225 -76.88 -20.84 0.44
CA ILE E 225 -76.93 -22.28 0.59
C ILE E 225 -76.12 -22.91 -0.54
N ALA E 226 -75.73 -24.16 -0.35
CA ALA E 226 -74.97 -24.88 -1.38
C ALA E 226 -75.06 -26.37 -1.14
N PHE E 227 -75.16 -27.12 -2.23
CA PHE E 227 -75.14 -28.58 -2.23
C PHE E 227 -73.70 -29.04 -2.48
N ALA E 228 -73.47 -30.34 -2.35
CA ALA E 228 -72.13 -30.87 -2.57
C ALA E 228 -72.20 -32.02 -3.56
N PRO E 229 -71.17 -32.21 -4.38
CA PRO E 229 -71.20 -33.27 -5.40
C PRO E 229 -71.39 -34.66 -4.82
N ASN E 230 -72.10 -35.53 -5.55
CA ASN E 230 -72.45 -36.83 -5.01
C ASN E 230 -71.24 -37.76 -4.92
N LEU E 231 -70.63 -38.07 -6.06
CA LEU E 231 -69.54 -39.05 -6.15
C LEU E 231 -69.97 -40.43 -5.66
N GLY E 232 -71.25 -40.75 -5.79
CA GLY E 232 -71.72 -42.09 -5.48
C GLY E 232 -72.01 -42.39 -4.03
N ARG E 233 -72.35 -41.39 -3.22
CA ARG E 233 -72.69 -41.62 -1.83
C ARG E 233 -74.13 -42.06 -1.70
N SER E 234 -74.53 -42.40 -0.47
CA SER E 234 -75.91 -42.80 -0.21
C SER E 234 -76.80 -41.66 0.22
N PHE E 235 -76.26 -40.46 0.41
CA PHE E 235 -77.03 -39.34 0.91
C PHE E 235 -76.63 -38.06 0.20
N HIS E 236 -77.18 -36.94 0.68
CA HIS E 236 -76.90 -35.61 0.16
C HIS E 236 -76.35 -34.75 1.29
N ILE E 237 -75.45 -33.84 0.95
CA ILE E 237 -74.85 -32.92 1.93
C ILE E 237 -75.25 -31.50 1.55
N LEU E 238 -75.73 -30.76 2.54
CA LEU E 238 -76.16 -29.38 2.35
C LEU E 238 -75.39 -28.46 3.31
N ALA E 239 -75.18 -27.23 2.88
CA ALA E 239 -74.44 -26.25 3.69
C ALA E 239 -75.20 -24.94 3.71
N ILE E 240 -75.30 -24.32 4.88
CA ILE E 240 -76.07 -23.10 5.08
C ILE E 240 -75.14 -21.99 5.55
N ALA E 241 -75.52 -20.74 5.25
CA ALA E 241 -74.75 -19.55 5.64
C ALA E 241 -75.69 -18.60 6.38
N THR E 242 -75.70 -18.73 7.70
CA THR E 242 -76.48 -17.84 8.59
C THR E 242 -75.46 -17.30 9.59
N LYS E 243 -75.91 -16.70 10.69
CA LYS E 243 -74.94 -16.17 11.65
C LYS E 243 -73.91 -17.21 12.08
N ASP E 244 -74.16 -18.48 11.81
CA ASP E 244 -73.20 -19.55 12.03
C ASP E 244 -73.21 -20.46 10.80
N VAL E 245 -72.20 -21.31 10.70
CA VAL E 245 -72.07 -22.26 9.60
C VAL E 245 -72.58 -23.62 10.07
N ARG E 246 -73.50 -24.21 9.32
CA ARG E 246 -74.07 -25.51 9.64
C ARG E 246 -74.01 -26.42 8.42
N ILE E 247 -73.96 -27.73 8.68
CA ILE E 247 -73.97 -28.76 7.65
C ILE E 247 -75.03 -29.78 8.00
N PHE E 248 -75.95 -30.02 7.06
CA PHE E 248 -77.02 -30.99 7.22
C PHE E 248 -76.79 -32.16 6.28
N THR E 249 -77.47 -33.27 6.57
CA THR E 249 -77.49 -34.43 5.68
C THR E 249 -78.92 -34.89 5.48
N LEU E 250 -79.22 -35.38 4.29
CA LEU E 250 -80.52 -35.91 3.93
C LEU E 250 -80.38 -37.35 3.48
N LYS E 251 -81.26 -38.23 3.96
CA LYS E 251 -81.20 -39.63 3.58
C LYS E 251 -82.53 -40.01 2.95
N PRO E 252 -82.51 -40.68 1.80
CA PRO E 252 -83.76 -41.23 1.27
C PRO E 252 -84.27 -42.36 2.15
N VAL E 253 -85.59 -42.55 2.14
CA VAL E 253 -86.19 -43.58 2.97
C VAL E 253 -86.81 -44.69 2.11
N GLY E 262 -96.41 -39.48 -4.74
CA GLY E 262 -96.05 -38.65 -3.61
C GLY E 262 -94.56 -38.46 -3.47
N PRO E 263 -94.14 -37.27 -3.03
CA PRO E 263 -92.72 -37.00 -2.85
C PRO E 263 -92.10 -37.91 -1.80
N THR E 264 -90.82 -38.21 -2.00
CA THR E 264 -90.11 -39.10 -1.10
C THR E 264 -89.89 -38.42 0.25
N LYS E 265 -89.52 -39.24 1.23
CA LYS E 265 -89.31 -38.78 2.60
C LYS E 265 -87.84 -38.88 2.96
N PHE E 266 -87.40 -37.95 3.81
CA PHE E 266 -86.00 -37.85 4.18
C PHE E 266 -85.86 -37.89 5.70
N GLU E 267 -84.67 -38.30 6.15
CA GLU E 267 -84.31 -38.29 7.56
C GLU E 267 -83.20 -37.25 7.75
N ILE E 268 -83.61 -36.01 7.99
CA ILE E 268 -82.67 -34.89 8.08
C ILE E 268 -81.94 -34.97 9.42
N HIS E 269 -80.61 -34.97 9.37
CA HIS E 269 -79.75 -34.90 10.52
C HIS E 269 -78.98 -33.59 10.52
N ILE E 270 -78.04 -33.47 11.46
CA ILE E 270 -77.12 -32.35 11.52
C ILE E 270 -75.79 -32.89 12.02
N VAL E 271 -74.70 -32.37 11.46
CA VAL E 271 -73.39 -32.93 11.76
C VAL E 271 -72.38 -31.85 12.14
N ALA E 272 -72.73 -30.59 11.91
CA ALA E 272 -71.75 -29.53 12.15
C ALA E 272 -72.47 -28.24 12.49
N GLN E 273 -71.89 -27.49 13.42
CA GLN E 273 -72.40 -26.17 13.78
C GLN E 273 -71.22 -25.37 14.36
N PHE E 274 -70.68 -24.46 13.55
CA PHE E 274 -69.47 -23.73 13.85
C PHE E 274 -69.80 -22.26 14.11
N ASP E 275 -68.94 -21.62 14.90
CA ASP E 275 -69.25 -20.27 15.37
C ASP E 275 -68.00 -19.41 15.24
N ASN E 276 -66.90 -19.97 14.71
CA ASN E 276 -65.56 -19.39 14.78
C ASN E 276 -65.41 -18.12 13.97
N HIS E 277 -66.50 -17.51 13.47
CA HIS E 277 -66.41 -16.26 12.74
C HIS E 277 -66.79 -15.04 13.55
N ASN E 278 -67.71 -15.19 14.53
CA ASN E 278 -68.19 -14.09 15.36
C ASN E 278 -68.82 -12.99 14.51
N SER E 279 -69.19 -13.33 13.29
CA SER E 279 -69.85 -12.39 12.40
C SER E 279 -70.90 -13.12 11.57
N GLN E 280 -71.37 -12.50 10.50
CA GLN E 280 -72.32 -13.12 9.60
C GLN E 280 -71.57 -13.63 8.40
N VAL E 281 -71.63 -14.95 8.17
CA VAL E 281 -70.95 -15.56 7.03
C VAL E 281 -71.78 -15.32 5.77
N TRP E 282 -71.10 -15.01 4.67
CA TRP E 282 -71.77 -14.60 3.44
C TRP E 282 -71.82 -15.69 2.38
N ARG E 283 -70.72 -16.40 2.15
CA ARG E 283 -70.65 -17.35 1.05
C ARG E 283 -70.09 -18.69 1.50
N VAL E 284 -70.59 -19.76 0.88
CA VAL E 284 -70.11 -21.13 1.08
C VAL E 284 -69.95 -21.79 -0.28
N SER E 285 -68.87 -22.55 -0.46
CA SER E 285 -68.60 -23.21 -1.73
C SER E 285 -67.79 -24.48 -1.51
N TRP E 286 -68.16 -25.54 -2.24
CA TRP E 286 -67.52 -26.84 -2.13
C TRP E 286 -66.46 -27.01 -3.21
N ASN E 287 -65.76 -28.15 -3.16
CA ASN E 287 -64.78 -28.51 -4.17
C ASN E 287 -65.28 -29.67 -5.01
N ILE E 288 -64.46 -30.11 -5.97
CA ILE E 288 -64.90 -31.05 -6.98
C ILE E 288 -65.23 -32.41 -6.39
N THR E 289 -64.61 -32.77 -5.28
CA THR E 289 -64.84 -34.07 -4.67
C THR E 289 -65.89 -34.02 -3.57
N GLY E 290 -66.13 -32.85 -2.98
CA GLY E 290 -67.09 -32.71 -1.91
C GLY E 290 -66.59 -33.12 -0.54
N THR E 291 -65.36 -32.75 -0.21
CA THR E 291 -64.82 -33.03 1.12
C THR E 291 -64.34 -31.78 1.85
N VAL E 292 -64.01 -30.71 1.14
CA VAL E 292 -63.53 -29.48 1.77
C VAL E 292 -64.53 -28.37 1.50
N LEU E 293 -64.67 -27.48 2.47
CA LEU E 293 -65.62 -26.38 2.42
C LEU E 293 -64.90 -25.06 2.62
N ALA E 294 -65.36 -24.02 1.94
CA ALA E 294 -64.85 -22.68 2.11
C ALA E 294 -65.94 -21.78 2.67
N SER E 295 -65.52 -20.79 3.45
CA SER E 295 -66.47 -19.88 4.09
C SER E 295 -65.85 -18.48 4.17
N SER E 296 -66.70 -17.47 4.02
CA SER E 296 -66.31 -16.08 4.10
C SER E 296 -67.22 -15.31 5.04
N GLY E 297 -66.63 -14.70 6.07
CA GLY E 297 -67.37 -13.97 7.06
C GLY E 297 -67.03 -12.50 7.07
N ASP E 298 -67.71 -11.77 7.95
CA ASP E 298 -67.51 -10.32 8.08
C ASP E 298 -66.44 -10.04 9.13
N ASP E 299 -65.30 -10.69 8.93
CA ASP E 299 -64.09 -10.42 9.71
C ASP E 299 -62.88 -10.45 8.81
N GLY E 300 -63.11 -10.55 7.50
CA GLY E 300 -62.04 -10.53 6.52
C GLY E 300 -61.12 -11.73 6.56
N CYS E 301 -61.64 -12.91 6.84
CA CYS E 301 -60.84 -14.13 6.80
C CYS E 301 -61.61 -15.22 6.09
N VAL E 302 -60.87 -16.14 5.46
CA VAL E 302 -61.43 -17.28 4.75
C VAL E 302 -60.95 -18.55 5.45
N ARG E 303 -61.90 -19.40 5.83
CA ARG E 303 -61.62 -20.60 6.59
C ARG E 303 -62.02 -21.84 5.81
N LEU E 304 -61.29 -22.93 6.02
CA LEU E 304 -61.53 -24.19 5.34
C LEU E 304 -61.79 -25.30 6.35
N TRP E 305 -62.77 -26.14 6.05
CA TRP E 305 -63.18 -27.22 6.94
C TRP E 305 -63.07 -28.56 6.23
N LYS E 306 -62.88 -29.61 7.01
CA LYS E 306 -62.71 -30.96 6.47
C LYS E 306 -63.34 -31.94 7.45
N ALA E 307 -63.47 -33.17 6.99
CA ALA E 307 -63.86 -34.27 7.85
C ALA E 307 -62.59 -34.95 8.38
N ASN E 308 -62.77 -35.83 9.35
CA ASN E 308 -61.65 -36.52 9.99
C ASN E 308 -61.91 -38.01 10.00
N TYR E 309 -60.99 -38.75 10.63
CA TYR E 309 -61.11 -40.19 10.75
C TYR E 309 -62.36 -40.56 11.54
N MET E 310 -62.66 -39.80 12.60
CA MET E 310 -63.83 -40.03 13.43
C MET E 310 -65.10 -39.39 12.86
N ASP E 311 -65.07 -38.99 11.59
CA ASP E 311 -66.19 -38.36 10.91
C ASP E 311 -66.69 -37.14 11.68
N ASN E 312 -65.72 -36.39 12.21
CA ASN E 312 -66.00 -35.15 12.94
C ASN E 312 -65.34 -34.00 12.19
N TRP E 313 -66.14 -32.98 11.89
CA TRP E 313 -65.63 -31.86 11.10
C TRP E 313 -64.74 -30.96 11.95
N LYS E 314 -63.54 -30.71 11.45
CA LYS E 314 -62.56 -29.92 12.17
C LYS E 314 -61.93 -28.91 11.22
N CYS E 315 -61.63 -27.72 11.73
CA CYS E 315 -61.00 -26.69 10.92
C CYS E 315 -59.63 -27.14 10.44
N THR E 316 -59.28 -26.72 9.23
CA THR E 316 -58.02 -27.07 8.62
C THR E 316 -57.08 -25.87 8.49
N GLY E 317 -57.56 -24.77 7.90
CA GLY E 317 -56.72 -23.61 7.66
C GLY E 317 -57.48 -22.31 7.86
N ILE E 318 -56.69 -21.26 8.12
CA ILE E 318 -57.19 -19.90 8.27
C ILE E 318 -56.35 -18.97 7.40
N LEU E 319 -57.00 -18.23 6.51
CA LEU E 319 -56.31 -17.29 5.63
C LEU E 319 -56.94 -15.92 5.78
N LYS E 320 -56.09 -14.91 5.97
CA LYS E 320 -56.54 -13.53 6.11
C LYS E 320 -56.38 -12.80 4.78
N GLY E 321 -57.45 -12.14 4.34
CA GLY E 321 -57.43 -11.42 3.09
C GLY E 321 -56.71 -10.09 3.16
N MET F 1 22.40 21.22 -43.57
CA MET F 1 21.14 21.82 -43.15
C MET F 1 19.95 21.09 -43.75
N PHE F 2 20.06 19.77 -43.84
CA PHE F 2 19.00 18.94 -44.40
C PHE F 2 18.11 18.41 -43.27
N VAL F 3 16.81 18.59 -43.41
CA VAL F 3 15.83 18.15 -42.41
C VAL F 3 15.08 16.97 -43.01
N ALA F 4 15.24 15.80 -42.40
CA ALA F 4 14.61 14.59 -42.91
C ALA F 4 13.10 14.61 -42.67
N ARG F 5 12.38 13.74 -43.37
CA ARG F 5 10.94 13.61 -43.22
C ARG F 5 10.57 12.16 -43.50
N SER F 6 9.28 11.91 -43.75
CA SER F 6 8.80 10.59 -44.08
C SER F 6 7.73 10.69 -45.16
N ILE F 7 7.58 9.60 -45.92
CA ILE F 7 6.59 9.55 -46.99
C ILE F 7 5.49 8.59 -46.61
N ALA F 8 4.45 8.50 -47.43
CA ALA F 8 3.25 7.74 -47.11
C ALA F 8 3.00 6.69 -48.19
N ALA F 9 4.05 5.95 -48.55
CA ALA F 9 3.95 4.85 -49.50
C ALA F 9 4.02 3.54 -48.73
N ASP F 10 3.03 2.68 -48.96
CA ASP F 10 2.91 1.40 -48.25
C ASP F 10 3.14 0.26 -49.23
N HIS F 11 4.06 -0.64 -48.89
CA HIS F 11 4.43 -1.77 -49.72
C HIS F 11 4.23 -3.07 -48.94
N LYS F 12 4.59 -4.20 -49.57
CA LYS F 12 4.48 -5.50 -48.93
C LYS F 12 5.85 -6.16 -48.81
N ASP F 13 6.59 -6.30 -49.90
CA ASP F 13 7.90 -6.95 -49.88
C ASP F 13 9.01 -5.95 -49.61
N LEU F 14 10.26 -6.37 -49.80
CA LEU F 14 11.39 -5.47 -49.67
C LEU F 14 11.47 -4.55 -50.89
N ILE F 15 12.42 -3.62 -50.86
CA ILE F 15 12.65 -2.68 -51.94
C ILE F 15 14.11 -2.78 -52.33
N HIS F 16 14.39 -3.00 -53.62
CA HIS F 16 15.76 -3.21 -54.04
C HIS F 16 16.30 -2.02 -54.84
N ASP F 17 15.44 -1.29 -55.54
CA ASP F 17 15.92 -0.16 -56.34
C ASP F 17 14.79 0.83 -56.62
N VAL F 18 15.17 2.11 -56.75
CA VAL F 18 14.27 3.20 -57.10
C VAL F 18 14.99 4.10 -58.11
N SER F 19 14.20 4.87 -58.88
CA SER F 19 14.78 5.79 -59.85
C SER F 19 13.77 6.88 -60.19
N PHE F 20 14.29 8.05 -60.57
CA PHE F 20 13.50 9.24 -60.88
C PHE F 20 13.62 9.56 -62.36
N ASP F 21 12.51 10.08 -62.95
CA ASP F 21 12.46 10.24 -64.40
C ASP F 21 13.39 11.28 -65.01
N PHE F 22 12.94 12.54 -65.05
CA PHE F 22 13.77 13.66 -65.46
C PHE F 22 13.37 14.87 -64.66
N HIS F 23 12.06 14.98 -64.41
CA HIS F 23 11.41 16.14 -63.80
C HIS F 23 11.17 15.94 -62.32
N GLY F 24 11.42 14.75 -61.79
CA GLY F 24 11.14 14.48 -60.40
C GLY F 24 9.66 14.51 -60.10
N ARG F 25 8.86 13.96 -61.01
CA ARG F 25 7.42 13.84 -60.82
C ARG F 25 6.94 12.39 -60.79
N ARG F 26 7.76 11.44 -61.23
CA ARG F 26 7.41 10.04 -61.21
C ARG F 26 8.64 9.23 -60.80
N MET F 27 8.39 8.02 -60.28
CA MET F 27 9.48 7.12 -59.94
C MET F 27 9.03 5.68 -60.10
N ALA F 28 10.00 4.80 -60.29
CA ALA F 28 9.75 3.37 -60.46
C ALA F 28 10.44 2.62 -59.33
N THR F 29 9.69 1.76 -58.63
CA THR F 29 10.19 1.04 -57.48
C THR F 29 10.19 -0.46 -57.75
N CYS F 30 11.27 -1.11 -57.35
CA CYS F 30 11.42 -2.55 -57.46
C CYS F 30 10.91 -3.22 -56.19
N SER F 31 10.63 -4.52 -56.26
CA SER F 31 10.19 -5.28 -55.10
C SER F 31 10.45 -6.77 -55.31
N SER F 32 11.08 -7.42 -54.34
CA SER F 32 11.45 -8.83 -54.46
C SER F 32 10.20 -9.69 -54.25
N ASP F 33 9.18 -9.44 -55.08
CA ASP F 33 8.00 -10.28 -55.12
C ASP F 33 7.58 -10.43 -56.58
N GLN F 34 8.56 -10.28 -57.48
CA GLN F 34 8.32 -10.21 -58.92
C GLN F 34 7.28 -9.16 -59.23
N SER F 35 7.58 -7.91 -58.89
CA SER F 35 6.64 -6.82 -59.12
C SER F 35 7.38 -5.49 -59.09
N VAL F 36 6.95 -4.56 -59.93
CA VAL F 36 7.46 -3.20 -59.96
C VAL F 36 6.27 -2.25 -60.04
N LYS F 37 6.42 -1.07 -59.44
CA LYS F 37 5.34 -0.10 -59.37
C LYS F 37 5.85 1.29 -59.69
N VAL F 38 4.94 2.13 -60.19
CA VAL F 38 5.22 3.54 -60.48
C VAL F 38 4.17 4.37 -59.77
N TRP F 39 4.58 5.53 -59.26
CA TRP F 39 3.71 6.42 -58.50
C TRP F 39 3.81 7.81 -59.10
N ASP F 40 2.67 8.48 -59.23
CA ASP F 40 2.67 9.88 -59.62
C ASP F 40 2.72 10.77 -58.39
N LYS F 41 2.84 12.08 -58.63
CA LYS F 41 2.91 13.08 -57.56
C LYS F 41 1.78 14.08 -57.80
N SER F 42 0.74 13.99 -56.98
CA SER F 42 -0.39 14.89 -57.10
C SER F 42 0.03 16.33 -56.81
N GLU F 43 -0.71 17.28 -57.38
CA GLU F 43 -0.41 18.70 -57.24
C GLU F 43 -0.33 19.10 -55.77
N SER F 44 -1.22 18.54 -54.94
CA SER F 44 -1.16 18.79 -53.50
C SER F 44 0.11 18.24 -52.87
N GLY F 45 0.70 17.20 -53.46
CA GLY F 45 1.92 16.61 -52.96
C GLY F 45 1.80 15.20 -52.45
N ASP F 46 0.62 14.59 -52.52
CA ASP F 46 0.45 13.21 -52.07
C ASP F 46 0.71 12.24 -53.22
N TRP F 47 1.35 11.12 -52.90
CA TRP F 47 1.66 10.14 -53.93
C TRP F 47 0.56 9.10 -54.05
N HIS F 48 0.54 8.41 -55.19
CA HIS F 48 -0.43 7.35 -55.45
C HIS F 48 0.05 6.43 -56.55
N CYS F 49 0.25 5.16 -56.24
CA CYS F 49 0.70 4.19 -57.23
C CYS F 49 -0.35 4.01 -58.32
N THR F 50 0.12 3.76 -59.55
CA THR F 50 -0.79 3.61 -60.68
C THR F 50 -0.36 2.50 -61.63
N ALA F 51 0.39 1.51 -61.14
CA ALA F 51 0.83 0.41 -61.98
C ALA F 51 1.39 -0.68 -61.09
N SER F 52 1.17 -1.94 -61.50
CA SER F 52 1.71 -3.11 -60.81
C SER F 52 1.58 -4.34 -61.69
N TRP F 53 2.68 -5.05 -61.91
CA TRP F 53 2.64 -6.25 -62.74
C TRP F 53 3.89 -7.08 -62.50
N LYS F 54 3.73 -8.40 -62.62
CA LYS F 54 4.89 -9.29 -62.60
C LYS F 54 5.61 -9.21 -63.95
N THR F 55 6.93 -9.28 -63.90
CA THR F 55 7.70 -9.01 -65.10
C THR F 55 8.73 -10.07 -65.44
N HIS F 56 9.13 -10.94 -64.52
CA HIS F 56 10.19 -11.88 -64.82
C HIS F 56 10.03 -13.17 -64.03
N SER F 57 11.09 -13.97 -63.99
CA SER F 57 11.13 -15.15 -63.15
C SER F 57 12.17 -14.94 -62.06
N GLY F 58 11.75 -14.34 -60.95
CA GLY F 58 12.66 -14.15 -59.83
C GLY F 58 12.62 -12.76 -59.23
N SER F 59 13.74 -12.05 -59.34
CA SER F 59 13.91 -10.72 -58.79
C SER F 59 14.43 -9.78 -59.86
N VAL F 60 14.12 -8.49 -59.71
CA VAL F 60 14.53 -7.45 -60.64
C VAL F 60 15.49 -6.54 -59.88
N TRP F 61 16.72 -6.40 -60.39
CA TRP F 61 17.71 -5.61 -59.69
C TRP F 61 17.56 -4.11 -59.93
N ARG F 62 17.34 -3.70 -61.18
CA ARG F 62 17.42 -2.30 -61.53
C ARG F 62 16.28 -1.92 -62.47
N VAL F 63 15.79 -0.69 -62.29
CA VAL F 63 14.92 -0.03 -63.27
C VAL F 63 15.42 1.41 -63.45
N THR F 64 15.63 1.80 -64.70
CA THR F 64 16.06 3.15 -65.05
C THR F 64 15.16 3.69 -66.14
N TRP F 65 14.74 4.95 -66.03
CA TRP F 65 13.88 5.47 -67.05
C TRP F 65 14.68 5.92 -68.25
N ALA F 66 14.01 6.59 -69.18
CA ALA F 66 14.63 7.10 -70.39
C ALA F 66 14.31 8.59 -70.53
N HIS F 67 14.95 9.22 -71.50
CA HIS F 67 14.71 10.64 -71.73
C HIS F 67 13.30 10.83 -72.30
N PRO F 68 12.53 11.81 -71.80
CA PRO F 68 11.15 11.97 -72.28
C PRO F 68 11.04 12.29 -73.76
N GLU F 69 12.08 12.85 -74.37
CA GLU F 69 12.06 13.12 -75.80
C GLU F 69 11.91 11.87 -76.64
N PHE F 70 11.89 10.69 -76.01
CA PHE F 70 11.53 9.45 -76.69
C PHE F 70 10.31 8.80 -76.05
N GLY F 71 9.48 9.59 -75.37
CA GLY F 71 8.29 9.07 -74.75
C GLY F 71 8.47 8.75 -73.29
N GLN F 72 7.92 7.62 -72.89
CA GLN F 72 8.04 7.10 -71.53
C GLN F 72 8.46 5.64 -71.61
N VAL F 73 9.76 5.39 -71.51
CA VAL F 73 10.33 4.06 -71.67
C VAL F 73 11.15 3.71 -70.44
N LEU F 74 11.05 2.44 -70.03
CA LEU F 74 11.80 1.92 -68.90
C LEU F 74 12.77 0.84 -69.36
N ALA F 75 13.62 0.40 -68.44
CA ALA F 75 14.57 -0.66 -68.73
C ALA F 75 14.88 -1.40 -67.43
N SER F 76 14.50 -2.66 -67.37
CA SER F 76 14.69 -3.48 -66.18
C SER F 76 15.77 -4.54 -66.41
N CYS F 77 16.35 -5.01 -65.31
CA CYS F 77 17.33 -6.09 -65.36
C CYS F 77 17.04 -7.07 -64.24
N SER F 78 17.15 -8.37 -64.54
CA SER F 78 16.75 -9.41 -63.61
C SER F 78 17.91 -10.38 -63.42
N PHE F 79 17.73 -11.29 -62.46
CA PHE F 79 18.74 -12.28 -62.16
C PHE F 79 18.86 -13.33 -63.26
N ASP F 80 17.73 -13.69 -63.88
CA ASP F 80 17.66 -14.87 -64.73
C ASP F 80 17.98 -14.46 -66.17
N ARG F 81 19.17 -13.89 -66.35
CA ARG F 81 19.77 -13.60 -67.65
C ARG F 81 18.80 -12.97 -68.64
N THR F 82 18.28 -11.80 -68.33
CA THR F 82 17.32 -11.13 -69.20
C THR F 82 17.49 -9.62 -69.06
N ALA F 83 17.03 -8.88 -70.08
CA ALA F 83 17.08 -7.42 -70.08
C ALA F 83 16.01 -6.88 -71.02
N ALA F 84 14.95 -6.28 -70.47
CA ALA F 84 13.77 -5.95 -71.25
C ALA F 84 13.56 -4.45 -71.35
N VAL F 85 12.71 -4.05 -72.30
CA VAL F 85 12.37 -2.66 -72.55
C VAL F 85 10.86 -2.47 -72.44
N TRP F 86 10.41 -1.82 -71.37
CA TRP F 86 8.98 -1.58 -71.19
C TRP F 86 8.55 -0.33 -71.94
N GLU F 87 7.25 -0.27 -72.26
CA GLU F 87 6.64 0.91 -72.86
C GLU F 87 5.34 1.23 -72.13
N GLU F 88 4.55 2.16 -72.66
CA GLU F 88 3.29 2.54 -72.02
C GLU F 88 2.29 2.94 -73.09
N ILE F 89 1.09 2.37 -73.02
CA ILE F 89 -0.01 2.71 -73.91
C ILE F 89 -1.21 3.07 -73.06
N VAL F 90 -1.81 4.22 -73.36
CA VAL F 90 -2.96 4.69 -72.60
C VAL F 90 -4.15 4.95 -73.53
N SER F 101 -2.48 3.45 -66.83
CA SER F 101 -3.12 2.62 -67.85
C SER F 101 -2.50 1.23 -67.89
N HIS F 102 -2.32 0.70 -69.10
CA HIS F 102 -1.77 -0.63 -69.30
C HIS F 102 -0.34 -0.49 -69.78
N TRP F 103 0.59 -1.18 -69.11
CA TRP F 103 2.00 -1.13 -69.48
C TRP F 103 2.36 -2.38 -70.28
N VAL F 104 1.98 -2.36 -71.55
CA VAL F 104 2.27 -3.46 -72.46
C VAL F 104 3.76 -3.49 -72.75
N LYS F 105 4.38 -4.64 -72.55
CA LYS F 105 5.83 -4.78 -72.65
C LYS F 105 6.24 -4.93 -74.10
N ARG F 106 7.24 -4.14 -74.51
CA ARG F 106 7.80 -4.24 -75.85
C ARG F 106 8.79 -5.39 -75.91
N THR F 107 9.61 -5.43 -76.96
CA THR F 107 10.40 -6.60 -77.29
C THR F 107 11.55 -6.84 -76.33
N THR F 108 11.29 -7.64 -75.29
CA THR F 108 12.36 -8.06 -74.39
C THR F 108 13.43 -8.82 -75.17
N LEU F 109 14.69 -8.53 -74.88
CA LEU F 109 15.83 -9.09 -75.63
C LEU F 109 16.90 -9.55 -74.64
N VAL F 110 17.11 -10.86 -74.59
CA VAL F 110 18.18 -11.43 -73.78
C VAL F 110 19.13 -12.21 -74.69
N ASP F 111 20.40 -11.85 -74.66
CA ASP F 111 21.38 -12.49 -75.54
C ASP F 111 22.71 -12.74 -74.83
N SER F 112 22.66 -12.85 -73.51
CA SER F 112 23.85 -13.08 -72.69
C SER F 112 23.87 -14.53 -72.26
N ARG F 113 24.86 -14.99 -71.48
CA ARG F 113 24.88 -16.36 -70.98
C ARG F 113 24.75 -16.35 -69.46
N THR F 114 25.52 -15.48 -68.81
CA THR F 114 25.47 -15.34 -67.37
C THR F 114 24.32 -14.42 -66.97
N SER F 115 24.30 -14.00 -65.72
CA SER F 115 23.34 -13.01 -65.25
C SER F 115 23.83 -11.62 -65.59
N VAL F 116 22.92 -10.74 -65.98
CA VAL F 116 23.28 -9.37 -66.31
C VAL F 116 23.44 -8.57 -65.03
N THR F 117 24.56 -7.86 -64.90
CA THR F 117 24.85 -7.12 -63.67
C THR F 117 24.04 -5.84 -63.59
N ASP F 118 24.12 -4.99 -64.61
CA ASP F 118 23.50 -3.68 -64.54
C ASP F 118 23.02 -3.24 -65.92
N VAL F 119 22.15 -2.24 -65.92
CA VAL F 119 21.54 -1.70 -67.13
C VAL F 119 21.37 -0.20 -66.92
N LYS F 120 22.00 0.60 -67.79
CA LYS F 120 21.86 2.05 -67.77
C LYS F 120 21.67 2.56 -69.19
N PHE F 121 20.93 3.66 -69.32
CA PHE F 121 20.65 4.20 -70.64
C PHE F 121 21.85 5.01 -71.14
N ALA F 122 21.63 5.77 -72.21
CA ALA F 122 22.66 6.60 -72.80
C ALA F 122 22.17 8.04 -72.86
N PRO F 123 23.09 9.01 -72.87
CA PRO F 123 22.68 10.41 -73.01
C PRO F 123 21.88 10.67 -74.27
N LYS F 124 20.94 11.61 -74.20
CA LYS F 124 19.98 11.80 -75.28
C LYS F 124 20.61 12.38 -76.53
N HIS F 125 21.85 12.83 -76.47
CA HIS F 125 22.43 13.57 -77.57
C HIS F 125 23.01 12.68 -78.65
N MET F 126 22.91 11.35 -78.54
CA MET F 126 23.46 10.49 -79.60
C MET F 126 22.56 9.32 -79.95
N GLY F 127 21.26 9.42 -79.65
CA GLY F 127 20.34 8.38 -80.05
C GLY F 127 19.57 7.77 -78.90
N LEU F 128 19.33 6.46 -78.96
CA LEU F 128 18.61 5.76 -77.92
C LEU F 128 19.36 4.48 -77.56
N MET F 129 20.66 4.59 -77.34
CA MET F 129 21.49 3.46 -77.02
C MET F 129 21.21 2.95 -75.61
N LEU F 130 21.68 1.73 -75.33
CA LEU F 130 21.52 1.10 -74.03
C LEU F 130 22.77 0.26 -73.76
N ALA F 131 23.10 0.06 -72.49
CA ALA F 131 24.43 -0.44 -72.12
C ALA F 131 24.34 -1.57 -71.10
N THR F 132 23.59 -2.63 -71.41
CA THR F 132 23.58 -3.80 -70.55
C THR F 132 24.98 -4.38 -70.39
N CYS F 133 25.29 -4.82 -69.17
CA CYS F 133 26.50 -5.57 -68.91
C CYS F 133 26.15 -6.77 -68.05
N SER F 134 26.92 -7.85 -68.21
CA SER F 134 26.65 -9.09 -67.49
C SER F 134 27.74 -9.37 -66.46
N ALA F 135 27.54 -10.42 -65.66
CA ALA F 135 28.52 -10.78 -64.65
C ALA F 135 29.79 -11.36 -65.25
N ASP F 136 29.69 -12.03 -66.40
CA ASP F 136 30.86 -12.68 -66.99
C ASP F 136 31.92 -11.68 -67.40
N GLY F 137 31.53 -10.44 -67.71
CA GLY F 137 32.48 -9.42 -68.11
C GLY F 137 32.24 -8.93 -69.52
N ILE F 138 31.01 -9.07 -70.01
CA ILE F 138 30.63 -8.64 -71.35
C ILE F 138 29.64 -7.49 -71.20
N VAL F 139 29.99 -6.34 -71.77
CA VAL F 139 29.12 -5.18 -71.81
C VAL F 139 28.56 -5.05 -73.22
N ARG F 140 27.24 -5.03 -73.34
CA ARG F 140 26.56 -5.06 -74.62
C ARG F 140 25.92 -3.70 -74.89
N ILE F 141 25.90 -3.31 -76.17
CA ILE F 141 25.35 -2.02 -76.58
C ILE F 141 24.22 -2.28 -77.56
N TYR F 142 23.04 -1.75 -77.23
CA TYR F 142 21.85 -1.87 -78.07
C TYR F 142 21.56 -0.52 -78.71
N GLU F 143 21.12 -0.54 -79.97
CA GLU F 143 20.73 0.67 -80.68
C GLU F 143 19.38 0.45 -81.32
N ALA F 144 18.59 1.51 -81.40
CA ALA F 144 17.24 1.45 -81.97
C ALA F 144 17.01 2.63 -82.91
N PRO F 145 17.42 2.51 -84.18
CA PRO F 145 17.17 3.61 -85.12
C PRO F 145 15.77 3.55 -85.73
N ASP F 146 14.78 3.27 -84.89
CA ASP F 146 13.39 3.19 -85.31
C ASP F 146 12.49 3.83 -84.25
N VAL F 147 12.88 5.02 -83.78
CA VAL F 147 12.28 5.67 -82.62
C VAL F 147 10.75 5.64 -82.67
N MET F 148 10.19 5.67 -83.87
CA MET F 148 8.75 5.58 -84.07
C MET F 148 8.18 4.24 -83.60
N ASN F 149 9.04 3.22 -83.48
CA ASN F 149 8.60 1.90 -83.02
C ASN F 149 9.74 1.17 -82.34
N LEU F 150 9.71 1.10 -81.02
CA LEU F 150 10.80 0.56 -80.22
C LEU F 150 10.67 -0.95 -80.03
N SER F 151 10.73 -1.69 -81.14
CA SER F 151 10.71 -3.15 -81.10
C SER F 151 11.96 -3.78 -81.70
N GLN F 152 12.75 -3.02 -82.46
CA GLN F 152 13.92 -3.53 -83.16
C GLN F 152 15.18 -2.99 -82.50
N TRP F 153 16.10 -3.88 -82.17
CA TRP F 153 17.35 -3.51 -81.52
C TRP F 153 18.51 -4.26 -82.16
N SER F 154 19.57 -3.53 -82.49
CA SER F 154 20.75 -4.11 -83.12
C SER F 154 21.82 -4.43 -82.08
N LEU F 155 23.03 -4.74 -82.55
CA LEU F 155 24.15 -5.04 -81.65
C LEU F 155 25.38 -4.29 -82.17
N GLN F 156 25.69 -3.17 -81.53
CA GLN F 156 26.91 -2.42 -81.83
C GLN F 156 28.07 -3.04 -81.05
N HIS F 157 29.22 -2.37 -81.03
CA HIS F 157 30.43 -2.94 -80.46
C HIS F 157 30.25 -3.36 -79.01
N GLU F 158 30.52 -4.64 -78.72
CA GLU F 158 30.53 -5.13 -77.35
C GLU F 158 31.95 -5.08 -76.81
N ILE F 159 32.08 -5.00 -75.48
CA ILE F 159 33.36 -4.78 -74.82
C ILE F 159 33.72 -6.01 -73.99
N SER F 160 34.97 -6.44 -74.11
CA SER F 160 35.50 -7.56 -73.35
C SER F 160 36.65 -7.11 -72.47
N CYS F 161 36.59 -7.49 -71.19
CA CYS F 161 37.58 -7.04 -70.22
C CYS F 161 38.16 -8.21 -69.44
N LYS F 162 37.51 -9.37 -69.56
CA LYS F 162 37.94 -10.60 -68.90
C LYS F 162 37.99 -10.48 -67.39
N LEU F 163 37.05 -9.74 -66.81
CA LEU F 163 36.90 -9.67 -65.36
C LEU F 163 35.43 -9.83 -64.99
N SER F 164 35.10 -9.51 -63.74
CA SER F 164 33.72 -9.46 -63.27
C SER F 164 33.22 -8.02 -63.34
N CYS F 165 31.92 -7.87 -63.58
CA CYS F 165 31.31 -6.56 -63.74
C CYS F 165 30.23 -6.34 -62.68
N SER F 166 30.26 -5.17 -62.04
CA SER F 166 29.31 -4.82 -61.00
C SER F 166 28.52 -3.55 -61.30
N CYS F 167 29.17 -2.50 -61.77
CA CYS F 167 28.48 -1.24 -62.02
C CYS F 167 28.96 -0.62 -63.33
N ILE F 168 28.06 0.13 -63.97
CA ILE F 168 28.34 0.81 -65.23
C ILE F 168 28.01 2.28 -65.04
N SER F 169 28.66 3.13 -65.84
CA SER F 169 28.41 4.57 -65.77
C SER F 169 28.83 5.22 -67.07
N TRP F 170 28.01 6.17 -67.54
CA TRP F 170 28.29 6.94 -68.74
C TRP F 170 28.92 8.29 -68.38
N ASN F 171 29.16 9.10 -69.40
CA ASN F 171 29.63 10.46 -69.21
C ASN F 171 28.56 11.43 -69.69
N PRO F 172 27.90 12.15 -68.81
CA PRO F 172 26.80 13.02 -69.25
C PRO F 172 27.24 14.28 -69.97
N SER F 173 28.53 14.39 -70.30
CA SER F 173 29.01 15.55 -71.02
C SER F 173 28.37 15.62 -72.40
N SER F 174 28.04 16.83 -72.84
CA SER F 174 27.37 17.02 -74.10
C SER F 174 28.16 17.84 -75.12
N SER F 175 29.37 18.26 -74.79
CA SER F 175 30.13 19.08 -75.71
C SER F 175 30.63 18.25 -76.89
N ARG F 176 30.94 18.93 -77.98
CA ARG F 176 31.61 18.30 -79.13
C ARG F 176 33.13 18.44 -79.02
N ALA F 177 33.66 18.04 -77.87
CA ALA F 177 35.10 18.03 -77.64
C ALA F 177 35.47 16.85 -76.76
N HIS F 178 34.49 16.01 -76.45
CA HIS F 178 34.69 14.84 -75.61
C HIS F 178 33.86 13.69 -76.15
N SER F 179 34.51 12.63 -76.58
CA SER F 179 33.83 11.42 -77.02
C SER F 179 33.22 10.70 -75.83
N PRO F 180 32.21 9.87 -76.07
CA PRO F 180 31.60 9.13 -74.97
C PRO F 180 32.61 8.22 -74.27
N MET F 181 32.38 8.02 -72.97
CA MET F 181 33.27 7.21 -72.15
C MET F 181 32.46 6.27 -71.27
N ILE F 182 33.01 5.08 -71.03
CA ILE F 182 32.38 4.04 -70.23
C ILE F 182 33.28 3.70 -69.05
N ALA F 183 32.71 3.60 -67.86
CA ALA F 183 33.41 3.15 -66.67
C ALA F 183 32.81 1.83 -66.20
N VAL F 184 33.67 0.92 -65.73
CA VAL F 184 33.25 -0.44 -65.40
C VAL F 184 33.78 -0.81 -64.02
N GLY F 185 32.93 -1.39 -63.19
CA GLY F 185 33.34 -1.80 -61.86
C GLY F 185 33.29 -3.30 -61.62
N SER F 186 34.24 -3.83 -60.86
CA SER F 186 34.31 -5.25 -60.56
C SER F 186 33.61 -5.59 -59.25
N ASP F 187 33.56 -6.88 -58.90
CA ASP F 187 32.99 -7.29 -57.62
C ASP F 187 33.79 -8.41 -56.99
N ASP F 188 34.90 -8.79 -57.62
CA ASP F 188 35.64 -9.97 -57.19
C ASP F 188 36.39 -9.69 -55.89
N SER F 189 36.49 -10.74 -55.07
CA SER F 189 37.31 -10.72 -53.87
C SER F 189 38.62 -11.48 -54.04
N SER F 190 39.03 -11.76 -55.27
CA SER F 190 40.24 -12.53 -55.52
C SER F 190 41.46 -11.78 -54.99
N PRO F 191 42.46 -12.48 -54.46
CA PRO F 191 43.65 -11.79 -53.92
C PRO F 191 44.47 -11.10 -54.99
N ASN F 192 44.14 -11.36 -56.26
CA ASN F 192 44.87 -10.76 -57.38
C ASN F 192 44.46 -9.29 -57.47
N ALA F 193 44.98 -8.50 -56.54
CA ALA F 193 44.66 -7.08 -56.49
C ALA F 193 45.45 -6.32 -57.55
N MET F 194 44.83 -6.14 -58.72
CA MET F 194 45.47 -5.40 -59.80
C MET F 194 44.69 -4.15 -60.15
N ALA F 195 43.39 -4.30 -60.40
CA ALA F 195 42.54 -3.19 -60.79
C ALA F 195 41.12 -3.42 -60.28
N LYS F 196 40.36 -2.34 -60.17
CA LYS F 196 38.95 -2.41 -59.83
C LYS F 196 38.05 -1.52 -60.68
N VAL F 197 38.62 -0.58 -61.45
CA VAL F 197 37.81 0.33 -62.26
C VAL F 197 38.59 0.73 -63.51
N GLN F 198 38.02 0.44 -64.68
CA GLN F 198 38.61 0.82 -65.95
C GLN F 198 37.72 1.83 -66.66
N ILE F 199 38.33 2.55 -67.60
CA ILE F 199 37.64 3.62 -68.33
C ILE F 199 37.85 3.41 -69.82
N PHE F 200 36.76 3.38 -70.58
CA PHE F 200 36.83 3.17 -72.02
C PHE F 200 36.58 4.47 -72.75
N GLU F 201 36.91 4.46 -74.05
CA GLU F 201 36.80 5.64 -74.89
C GLU F 201 36.23 5.26 -76.25
N TYR F 202 36.31 6.17 -77.22
CA TYR F 202 35.71 5.93 -78.53
C TYR F 202 36.42 6.80 -79.56
N ASN F 203 37.30 6.19 -80.35
CA ASN F 203 37.84 6.88 -81.52
C ASN F 203 36.80 6.85 -82.65
N GLU F 204 36.58 8.00 -83.27
CA GLU F 204 35.57 8.08 -84.33
C GLU F 204 36.06 7.48 -85.63
N ASN F 205 37.35 7.17 -85.74
CA ASN F 205 37.94 6.70 -86.98
C ASN F 205 37.91 5.17 -87.11
N THR F 206 37.50 4.46 -86.06
CA THR F 206 37.52 3.00 -86.11
C THR F 206 36.24 2.38 -85.57
N ARG F 207 35.40 3.19 -84.92
CA ARG F 207 34.14 2.73 -84.34
C ARG F 207 34.34 1.61 -83.32
N LYS F 208 35.48 1.63 -82.63
CA LYS F 208 35.83 0.62 -81.64
C LYS F 208 35.80 1.23 -80.23
N TYR F 209 36.15 0.41 -79.25
CA TYR F 209 36.17 0.84 -77.85
C TYR F 209 37.52 0.47 -77.26
N ALA F 210 38.44 1.45 -77.21
CA ALA F 210 39.77 1.20 -76.67
C ALA F 210 39.77 1.33 -75.16
N LYS F 211 40.95 1.28 -74.55
CA LYS F 211 41.11 1.47 -73.12
C LYS F 211 41.77 2.81 -72.85
N ALA F 212 41.17 3.61 -71.98
CA ALA F 212 41.67 4.95 -71.71
C ALA F 212 42.67 4.95 -70.57
N GLU F 213 42.25 4.51 -69.39
CA GLU F 213 43.11 4.51 -68.20
C GLU F 213 42.64 3.38 -67.28
N THR F 214 43.28 3.29 -66.11
CA THR F 214 42.94 2.29 -65.12
C THR F 214 43.31 2.81 -63.75
N LEU F 215 42.35 2.78 -62.83
CA LEU F 215 42.55 3.30 -61.48
C LEU F 215 43.20 2.22 -60.62
N MET F 216 44.52 2.16 -60.68
CA MET F 216 45.28 1.22 -59.85
C MET F 216 45.49 1.77 -58.45
N THR F 217 44.39 2.17 -57.81
CA THR F 217 44.43 2.68 -56.45
C THR F 217 43.24 2.24 -55.61
N VAL F 218 42.36 1.41 -56.16
CA VAL F 218 41.27 0.81 -55.40
C VAL F 218 41.34 -0.70 -55.61
N THR F 219 41.39 -1.45 -54.51
CA THR F 219 41.50 -2.91 -54.56
C THR F 219 40.32 -3.63 -53.92
N ASP F 220 39.72 -3.07 -52.87
CA ASP F 220 38.54 -3.67 -52.29
C ASP F 220 37.40 -3.67 -53.30
N PRO F 221 36.41 -4.54 -53.14
CA PRO F 221 35.33 -4.62 -54.12
C PRO F 221 34.59 -3.29 -54.25
N VAL F 222 34.24 -2.96 -55.49
CA VAL F 222 33.49 -1.74 -55.79
C VAL F 222 32.03 -2.13 -56.05
N HIS F 223 31.11 -1.31 -55.56
CA HIS F 223 29.69 -1.61 -55.66
C HIS F 223 28.89 -0.62 -56.50
N ASP F 224 29.40 0.59 -56.74
CA ASP F 224 28.67 1.57 -57.52
C ASP F 224 29.63 2.63 -58.04
N ILE F 225 29.38 3.10 -59.26
CA ILE F 225 30.17 4.14 -59.89
C ILE F 225 29.21 5.18 -60.49
N ALA F 226 29.45 6.46 -60.20
CA ALA F 226 28.56 7.52 -60.63
C ALA F 226 29.38 8.71 -61.13
N PHE F 227 29.26 9.03 -62.41
CA PHE F 227 29.93 10.20 -62.93
C PHE F 227 29.25 11.48 -62.44
N ALA F 228 30.07 12.53 -62.27
CA ALA F 228 29.46 13.80 -61.89
C ALA F 228 29.06 14.58 -63.14
N PRO F 229 27.91 15.24 -63.10
CA PRO F 229 27.44 15.97 -64.29
C PRO F 229 28.44 17.04 -64.72
N ASN F 230 28.50 17.28 -66.02
CA ASN F 230 29.55 18.14 -66.57
C ASN F 230 29.37 19.59 -66.14
N LEU F 231 28.28 20.22 -66.58
CA LEU F 231 27.95 21.61 -66.32
C LEU F 231 28.94 22.60 -66.89
N GLY F 232 29.81 22.19 -67.81
CA GLY F 232 30.69 23.12 -68.49
C GLY F 232 32.12 23.13 -67.98
N ARG F 233 32.46 22.39 -66.93
CA ARG F 233 33.82 22.40 -66.40
C ARG F 233 34.81 21.88 -67.43
N SER F 234 36.08 22.08 -67.15
CA SER F 234 37.16 21.60 -68.00
C SER F 234 37.72 20.27 -67.53
N PHE F 235 37.10 19.62 -66.56
CA PHE F 235 37.54 18.30 -66.11
C PHE F 235 36.32 17.48 -65.70
N HIS F 236 36.58 16.21 -65.41
CA HIS F 236 35.54 15.26 -65.07
C HIS F 236 35.76 14.69 -63.68
N ILE F 237 34.71 14.09 -63.12
CA ILE F 237 34.71 13.64 -61.74
C ILE F 237 34.03 12.27 -61.67
N LEU F 238 34.58 11.37 -60.87
CA LEU F 238 34.03 10.03 -60.67
C LEU F 238 33.88 9.74 -59.18
N ALA F 239 32.99 8.82 -58.86
CA ALA F 239 32.81 8.36 -57.50
C ALA F 239 32.97 6.85 -57.46
N ILE F 240 33.69 6.35 -56.45
CA ILE F 240 33.98 4.94 -56.30
C ILE F 240 33.52 4.50 -54.92
N ALA F 241 32.63 3.52 -54.86
CA ALA F 241 31.99 3.10 -53.62
C ALA F 241 32.66 1.85 -53.06
N THR F 242 33.91 2.00 -52.61
CA THR F 242 34.61 0.94 -51.90
C THR F 242 34.36 1.06 -50.41
N LYS F 243 35.16 0.36 -49.61
CA LYS F 243 35.19 0.62 -48.17
C LYS F 243 35.48 2.10 -47.88
N ASP F 244 36.20 2.77 -48.77
CA ASP F 244 36.44 4.20 -48.67
C ASP F 244 35.76 4.93 -49.84
N VAL F 245 35.01 5.99 -49.52
CA VAL F 245 34.40 6.81 -50.55
C VAL F 245 35.45 7.71 -51.19
N ARG F 246 35.59 7.61 -52.50
CA ARG F 246 36.69 8.28 -53.17
C ARG F 246 36.17 9.12 -54.33
N ILE F 247 36.70 10.34 -54.46
CA ILE F 247 36.36 11.26 -55.53
C ILE F 247 37.64 11.63 -56.27
N PHE F 248 37.74 11.22 -57.52
CA PHE F 248 38.94 11.39 -58.31
C PHE F 248 38.83 12.67 -59.14
N THR F 249 39.79 12.87 -60.05
CA THR F 249 39.77 14.03 -60.94
C THR F 249 40.70 13.80 -62.12
N LEU F 250 40.20 14.06 -63.34
CA LEU F 250 40.96 13.85 -64.57
C LEU F 250 40.84 15.11 -65.42
N LYS F 251 41.97 15.74 -65.72
CA LYS F 251 42.00 16.87 -66.65
C LYS F 251 42.65 16.42 -67.94
N PRO F 252 41.91 16.26 -69.03
CA PRO F 252 42.51 15.81 -70.29
C PRO F 252 43.71 16.63 -70.71
N VAL F 253 44.77 15.95 -71.17
CA VAL F 253 45.98 16.63 -71.62
C VAL F 253 45.89 16.86 -73.12
N ARG F 254 46.67 17.80 -73.62
CA ARG F 254 46.69 18.10 -75.04
C ARG F 254 48.08 17.86 -75.64
N GLY F 262 45.11 6.47 -81.21
CA GLY F 262 45.13 6.18 -79.79
C GLY F 262 44.15 7.01 -78.98
N PRO F 263 44.02 6.71 -77.69
CA PRO F 263 43.10 7.48 -76.84
C PRO F 263 43.76 8.68 -76.19
N THR F 264 42.95 9.53 -75.55
CA THR F 264 43.48 10.71 -74.88
C THR F 264 44.07 10.33 -73.53
N LYS F 265 45.04 11.13 -73.09
CA LYS F 265 45.81 10.85 -71.88
C LYS F 265 45.25 11.67 -70.72
N PHE F 266 44.41 11.03 -69.92
CA PHE F 266 43.88 11.68 -68.72
C PHE F 266 44.85 11.51 -67.56
N GLU F 267 45.09 12.59 -66.82
CA GLU F 267 46.00 12.60 -65.67
C GLU F 267 45.15 12.59 -64.41
N ILE F 268 45.14 11.45 -63.72
CA ILE F 268 44.26 11.24 -62.58
C ILE F 268 44.77 12.00 -61.37
N HIS F 269 43.96 12.08 -60.33
CA HIS F 269 44.35 12.61 -59.04
C HIS F 269 43.54 11.89 -57.97
N ILE F 270 43.59 12.39 -56.74
CA ILE F 270 42.69 11.91 -55.69
C ILE F 270 42.43 13.09 -54.76
N VAL F 271 41.15 13.47 -54.61
CA VAL F 271 40.82 14.71 -53.90
C VAL F 271 40.09 14.45 -52.59
N ALA F 272 39.60 13.23 -52.37
CA ALA F 272 38.92 12.94 -51.11
C ALA F 272 38.90 11.43 -50.89
N GLN F 273 39.15 11.05 -49.64
CA GLN F 273 39.03 9.66 -49.22
C GLN F 273 38.76 9.57 -47.73
N PHE F 274 37.51 9.37 -47.35
CA PHE F 274 37.18 9.24 -45.95
C PHE F 274 36.47 7.92 -45.67
N ASP F 275 36.31 7.60 -44.39
CA ASP F 275 35.73 6.33 -43.99
C ASP F 275 34.77 6.48 -42.83
N ASN F 276 34.15 7.65 -42.69
CA ASN F 276 33.27 7.90 -41.55
C ASN F 276 31.91 7.25 -41.71
N HIS F 277 31.88 5.97 -42.06
CA HIS F 277 30.62 5.23 -42.11
C HIS F 277 30.78 3.87 -41.41
N ASN F 278 32.02 3.38 -41.35
CA ASN F 278 32.35 2.13 -40.66
C ASN F 278 31.45 0.98 -41.11
N SER F 279 31.25 0.83 -42.42
CA SER F 279 30.41 -0.23 -42.96
C SER F 279 30.72 -0.47 -44.42
N GLN F 280 29.84 -1.20 -45.11
CA GLN F 280 29.98 -1.49 -46.53
C GLN F 280 29.28 -0.41 -47.33
N VAL F 281 30.06 0.51 -47.91
CA VAL F 281 29.51 1.62 -48.68
C VAL F 281 28.97 1.07 -50.00
N TRP F 282 27.65 0.99 -50.11
CA TRP F 282 27.02 0.31 -51.25
C TRP F 282 26.95 1.19 -52.49
N ARG F 283 26.21 2.30 -52.42
CA ARG F 283 25.91 3.08 -53.61
C ARG F 283 26.21 4.56 -53.41
N VAL F 284 26.58 5.21 -54.51
CA VAL F 284 26.81 6.66 -54.56
C VAL F 284 26.20 7.21 -55.85
N SER F 285 25.64 8.42 -55.78
CA SER F 285 25.08 9.07 -56.96
C SER F 285 25.00 10.58 -56.74
N TRP F 286 25.29 11.35 -57.79
CA TRP F 286 25.36 12.80 -57.74
C TRP F 286 23.98 13.43 -57.84
N ASN F 287 23.95 14.75 -57.75
CA ASN F 287 22.72 15.52 -57.92
C ASN F 287 22.73 16.17 -59.31
N ILE F 288 21.75 17.04 -59.57
CA ILE F 288 21.60 17.63 -60.90
C ILE F 288 22.72 18.63 -61.20
N THR F 289 23.22 19.32 -60.17
CA THR F 289 24.16 20.41 -60.39
C THR F 289 25.62 20.02 -60.17
N GLY F 290 25.90 18.81 -59.71
CA GLY F 290 27.26 18.37 -59.58
C GLY F 290 28.07 19.00 -58.48
N THR F 291 27.46 19.31 -57.33
CA THR F 291 28.18 19.77 -56.15
C THR F 291 28.01 18.86 -54.96
N VAL F 292 26.78 18.55 -54.57
CA VAL F 292 26.52 17.65 -53.45
C VAL F 292 26.51 16.21 -53.95
N LEU F 293 27.06 15.29 -53.15
CA LEU F 293 27.08 13.87 -53.51
C LEU F 293 26.60 13.07 -52.31
N ALA F 294 25.60 12.21 -52.52
CA ALA F 294 25.09 11.37 -51.46
C ALA F 294 25.77 10.01 -51.49
N SER F 295 26.09 9.49 -50.30
CA SER F 295 26.77 8.21 -50.15
C SER F 295 26.01 7.34 -49.17
N SER F 296 25.91 6.05 -49.51
CA SER F 296 25.15 5.08 -48.74
C SER F 296 26.09 4.03 -48.16
N GLY F 297 25.56 3.23 -47.24
CA GLY F 297 26.35 2.19 -46.62
C GLY F 297 25.49 1.29 -45.77
N ASP F 298 26.13 0.28 -45.17
CA ASP F 298 25.45 -0.74 -44.37
C ASP F 298 25.57 -0.44 -42.88
N ASP F 299 25.50 0.84 -42.52
CA ASP F 299 25.56 1.24 -41.12
C ASP F 299 24.31 1.98 -40.64
N GLY F 300 23.16 1.78 -41.28
CA GLY F 300 21.93 2.41 -40.81
C GLY F 300 21.54 3.71 -41.47
N CYS F 301 22.37 4.75 -41.34
CA CYS F 301 22.01 6.07 -41.87
C CYS F 301 23.20 6.65 -42.61
N VAL F 302 22.92 7.50 -43.59
CA VAL F 302 23.88 7.87 -44.63
C VAL F 302 24.29 9.33 -44.49
N ARG F 303 25.29 9.73 -45.27
CA ARG F 303 25.93 11.02 -45.17
C ARG F 303 25.85 11.79 -46.48
N LEU F 304 26.08 13.10 -46.42
CA LEU F 304 26.06 13.98 -47.58
C LEU F 304 27.40 14.70 -47.64
N TRP F 305 28.02 14.72 -48.82
CA TRP F 305 29.30 15.38 -49.00
C TRP F 305 29.16 16.60 -49.90
N LYS F 306 30.04 17.57 -49.69
CA LYS F 306 30.01 18.83 -50.45
C LYS F 306 31.40 19.42 -50.47
N ALA F 307 31.55 20.51 -51.21
CA ALA F 307 32.83 21.20 -51.33
C ALA F 307 32.71 22.59 -50.71
N ASN F 308 33.76 22.98 -49.98
CA ASN F 308 33.78 24.23 -49.23
C ASN F 308 34.58 25.28 -49.99
N TYR F 309 34.77 26.43 -49.35
CA TYR F 309 35.45 27.58 -49.97
C TYR F 309 36.88 27.22 -50.38
N MET F 310 37.57 26.46 -49.54
CA MET F 310 38.95 26.06 -49.82
C MET F 310 39.02 24.89 -50.79
N ASP F 311 37.90 24.51 -51.39
CA ASP F 311 37.83 23.38 -52.32
C ASP F 311 38.35 22.10 -51.67
N ASN F 312 38.02 21.94 -50.39
CA ASN F 312 38.39 20.75 -49.63
C ASN F 312 37.11 20.12 -49.09
N TRP F 313 36.75 18.97 -49.65
CA TRP F 313 35.43 18.41 -49.40
C TRP F 313 35.25 18.04 -47.93
N LYS F 314 34.07 18.35 -47.40
CA LYS F 314 33.79 18.16 -45.99
C LYS F 314 32.36 17.67 -45.82
N CYS F 315 32.12 17.00 -44.70
CA CYS F 315 30.81 16.42 -44.40
C CYS F 315 29.77 17.52 -44.27
N THR F 316 28.50 17.17 -44.51
CA THR F 316 27.49 18.21 -44.57
C THR F 316 26.14 17.84 -43.96
N GLY F 317 26.07 17.08 -42.87
CA GLY F 317 24.75 16.83 -42.33
C GLY F 317 24.25 15.39 -42.26
N ILE F 318 25.13 14.45 -41.94
CA ILE F 318 24.79 13.04 -41.78
C ILE F 318 23.44 12.87 -41.09
N LEU F 319 22.54 12.10 -41.69
CA LEU F 319 21.23 11.88 -41.11
C LEU F 319 20.65 10.54 -41.54
N PHE G 2 -25.27 -40.16 -69.83
CA PHE G 2 -24.72 -39.90 -68.51
C PHE G 2 -24.13 -41.16 -67.89
N VAL G 3 -24.75 -41.62 -66.82
CA VAL G 3 -24.29 -42.80 -66.09
C VAL G 3 -25.21 -43.96 -66.39
N ALA G 4 -24.61 -45.14 -66.56
CA ALA G 4 -25.35 -46.36 -66.90
C ALA G 4 -25.16 -47.38 -65.80
N ARG G 5 -26.25 -47.96 -65.34
CA ARG G 5 -26.23 -49.01 -64.33
C ARG G 5 -26.96 -50.24 -64.85
N SER G 6 -26.39 -51.41 -64.56
CA SER G 6 -26.93 -52.66 -65.08
C SER G 6 -27.97 -53.24 -64.13
N ILE G 7 -28.89 -54.02 -64.69
CA ILE G 7 -29.95 -54.68 -63.96
C ILE G 7 -29.93 -56.17 -64.28
N ALA G 8 -30.04 -57.00 -63.26
CA ALA G 8 -30.08 -58.45 -63.42
C ALA G 8 -31.52 -58.87 -63.67
N ALA G 9 -31.84 -59.15 -64.94
CA ALA G 9 -33.20 -59.46 -65.34
C ALA G 9 -33.63 -60.88 -64.95
N ASP G 10 -32.73 -61.84 -65.08
CA ASP G 10 -33.02 -63.25 -64.83
C ASP G 10 -34.18 -63.74 -65.71
N HIS G 11 -34.02 -63.51 -67.01
CA HIS G 11 -34.95 -64.00 -68.02
C HIS G 11 -34.29 -65.13 -68.79
N LYS G 12 -35.04 -66.17 -69.08
CA LYS G 12 -34.50 -67.35 -69.75
C LYS G 12 -34.41 -67.18 -71.27
N ASP G 13 -34.83 -66.04 -71.80
CA ASP G 13 -34.73 -65.78 -73.23
C ASP G 13 -34.75 -64.26 -73.45
N LEU G 14 -34.94 -63.86 -74.70
CA LEU G 14 -34.81 -62.45 -75.06
C LEU G 14 -35.90 -61.61 -74.41
N ILE G 15 -35.57 -60.34 -74.18
CA ILE G 15 -36.52 -59.34 -73.68
C ILE G 15 -37.02 -58.55 -74.88
N HIS G 16 -38.35 -58.38 -74.96
CA HIS G 16 -38.95 -57.74 -76.12
C HIS G 16 -39.55 -56.38 -75.85
N ASP G 17 -39.76 -55.99 -74.60
CA ASP G 17 -40.38 -54.70 -74.30
C ASP G 17 -40.04 -54.26 -72.90
N VAL G 18 -39.93 -52.95 -72.71
CA VAL G 18 -39.74 -52.33 -71.40
C VAL G 18 -40.65 -51.10 -71.35
N SER G 19 -41.37 -50.94 -70.24
CA SER G 19 -42.35 -49.86 -70.12
C SER G 19 -42.29 -49.24 -68.72
N PHE G 20 -42.42 -47.92 -68.68
CA PHE G 20 -42.50 -47.17 -67.43
C PHE G 20 -43.95 -46.86 -67.08
N ASP G 21 -44.16 -46.42 -65.85
CA ASP G 21 -45.50 -46.11 -65.41
C ASP G 21 -45.73 -44.60 -65.38
N PHE G 22 -46.94 -44.20 -64.99
CA PHE G 22 -47.36 -42.81 -65.06
C PHE G 22 -46.62 -41.92 -64.10
N HIS G 23 -46.29 -42.40 -62.90
CA HIS G 23 -45.58 -41.62 -61.89
C HIS G 23 -44.07 -41.83 -61.96
N GLY G 24 -43.62 -42.69 -62.88
CA GLY G 24 -42.21 -42.80 -63.19
C GLY G 24 -41.38 -43.66 -62.27
N ARG G 25 -41.99 -44.42 -61.36
CA ARG G 25 -41.21 -45.18 -60.39
C ARG G 25 -41.47 -46.69 -60.43
N ARG G 26 -42.11 -47.21 -61.47
CA ARG G 26 -42.24 -48.64 -61.67
C ARG G 26 -41.95 -48.98 -63.13
N MET G 27 -41.59 -50.24 -63.37
CA MET G 27 -41.15 -50.67 -64.69
C MET G 27 -41.57 -52.12 -64.91
N ALA G 28 -41.87 -52.46 -66.17
CA ALA G 28 -42.33 -53.80 -66.52
C ALA G 28 -41.54 -54.33 -67.71
N THR G 29 -41.20 -55.61 -67.66
CA THR G 29 -40.42 -56.28 -68.69
C THR G 29 -41.07 -57.60 -69.07
N CYS G 30 -41.05 -57.92 -70.35
CA CYS G 30 -41.66 -59.13 -70.88
C CYS G 30 -40.66 -59.84 -71.79
N SER G 31 -40.72 -61.17 -71.79
CA SER G 31 -39.71 -61.95 -72.49
C SER G 31 -40.38 -63.08 -73.26
N SER G 32 -39.56 -63.86 -73.96
CA SER G 32 -40.02 -64.97 -74.78
C SER G 32 -40.11 -66.26 -74.00
N ASP G 33 -39.86 -66.23 -72.69
CA ASP G 33 -40.08 -67.39 -71.82
C ASP G 33 -41.48 -67.34 -71.22
N GLN G 34 -42.38 -66.64 -71.91
CA GLN G 34 -43.79 -66.57 -71.53
C GLN G 34 -43.98 -66.06 -70.10
N SER G 35 -43.29 -64.97 -69.77
CA SER G 35 -43.29 -64.44 -68.41
C SER G 35 -43.35 -62.92 -68.44
N VAL G 36 -43.80 -62.35 -67.32
CA VAL G 36 -43.89 -60.90 -67.13
C VAL G 36 -43.32 -60.58 -65.76
N LYS G 37 -42.48 -59.54 -65.68
CA LYS G 37 -41.87 -59.14 -64.43
C LYS G 37 -42.17 -57.66 -64.16
N VAL G 38 -42.30 -57.31 -62.88
CA VAL G 38 -42.54 -55.95 -62.45
C VAL G 38 -41.44 -55.55 -61.47
N TRP G 39 -40.87 -54.37 -61.67
CA TRP G 39 -39.76 -53.87 -60.87
C TRP G 39 -40.18 -52.60 -60.14
N ASP G 40 -39.59 -52.38 -58.98
CA ASP G 40 -39.82 -51.19 -58.17
C ASP G 40 -38.49 -50.55 -57.80
N LYS G 41 -38.54 -49.27 -57.43
CA LYS G 41 -37.34 -48.50 -57.13
C LYS G 41 -37.42 -48.03 -55.69
N SER G 42 -36.36 -48.28 -54.94
CA SER G 42 -36.30 -47.97 -53.52
C SER G 42 -35.60 -46.64 -53.29
N GLU G 43 -35.59 -46.21 -52.02
CA GLU G 43 -34.99 -44.94 -51.63
C GLU G 43 -33.51 -44.89 -51.99
N SER G 44 -32.82 -46.02 -51.83
CA SER G 44 -31.40 -46.10 -52.18
C SER G 44 -31.16 -46.03 -53.68
N GLY G 45 -32.21 -46.05 -54.50
CA GLY G 45 -32.04 -45.93 -55.93
C GLY G 45 -31.68 -47.22 -56.63
N ASP G 46 -32.06 -48.36 -56.07
CA ASP G 46 -31.80 -49.66 -56.68
C ASP G 46 -33.12 -50.33 -57.07
N TRP G 47 -33.14 -50.92 -58.26
CA TRP G 47 -34.31 -51.62 -58.77
C TRP G 47 -34.28 -53.06 -58.28
N HIS G 48 -35.42 -53.53 -57.75
CA HIS G 48 -35.55 -54.91 -57.34
C HIS G 48 -36.92 -55.45 -57.72
N CYS G 49 -36.97 -56.73 -58.09
CA CYS G 49 -38.20 -57.33 -58.56
C CYS G 49 -39.19 -57.55 -57.43
N THR G 50 -40.47 -57.35 -57.71
CA THR G 50 -41.53 -57.53 -56.73
C THR G 50 -42.61 -58.51 -57.17
N ALA G 51 -42.58 -58.99 -58.41
CA ALA G 51 -43.54 -59.97 -58.88
C ALA G 51 -43.04 -60.60 -60.17
N SER G 52 -43.44 -61.85 -60.40
CA SER G 52 -43.17 -62.54 -61.66
C SER G 52 -44.13 -63.71 -61.78
N TRP G 53 -44.80 -63.84 -62.91
CA TRP G 53 -45.79 -64.89 -63.08
C TRP G 53 -45.96 -65.22 -64.55
N LYS G 54 -46.22 -66.49 -64.83
CA LYS G 54 -46.47 -66.93 -66.19
C LYS G 54 -47.76 -66.31 -66.71
N THR G 55 -47.71 -65.77 -67.92
CA THR G 55 -48.79 -64.96 -68.45
C THR G 55 -49.47 -65.55 -69.67
N HIS G 56 -48.71 -66.08 -70.63
CA HIS G 56 -49.30 -66.63 -71.84
C HIS G 56 -48.73 -68.02 -72.09
N SER G 57 -49.06 -68.59 -73.24
CA SER G 57 -48.50 -69.86 -73.69
C SER G 57 -47.58 -69.70 -74.88
N GLY G 58 -47.26 -68.47 -75.27
CA GLY G 58 -46.33 -68.22 -76.35
C GLY G 58 -45.46 -67.03 -76.04
N SER G 59 -44.69 -66.55 -77.01
CA SER G 59 -43.83 -65.40 -76.77
C SER G 59 -44.66 -64.15 -76.55
N VAL G 60 -44.31 -63.38 -75.53
CA VAL G 60 -44.98 -62.13 -75.21
C VAL G 60 -44.22 -60.99 -75.87
N TRP G 61 -44.92 -60.19 -76.68
CA TRP G 61 -44.27 -59.16 -77.48
C TRP G 61 -44.25 -57.80 -76.77
N ARG G 62 -45.39 -57.36 -76.25
CA ARG G 62 -45.52 -56.01 -75.70
C ARG G 62 -46.26 -56.03 -74.38
N VAL G 63 -46.01 -55.02 -73.55
CA VAL G 63 -46.70 -54.84 -72.28
C VAL G 63 -46.81 -53.34 -72.00
N THR G 64 -47.98 -52.90 -71.58
CA THR G 64 -48.26 -51.47 -71.42
C THR G 64 -49.07 -51.23 -70.15
N TRP G 65 -48.92 -50.02 -69.59
CA TRP G 65 -49.59 -49.61 -68.38
C TRP G 65 -50.88 -48.86 -68.71
N ALA G 66 -51.67 -48.58 -67.67
CA ALA G 66 -52.89 -47.81 -67.79
C ALA G 66 -52.85 -46.67 -66.78
N HIS G 67 -53.78 -45.72 -66.94
CA HIS G 67 -53.80 -44.55 -66.10
C HIS G 67 -54.09 -44.94 -64.65
N PRO G 68 -53.44 -44.29 -63.68
CA PRO G 68 -53.67 -44.61 -62.26
C PRO G 68 -55.04 -44.22 -61.73
N GLU G 69 -55.87 -43.59 -62.55
CA GLU G 69 -57.25 -43.34 -62.17
C GLU G 69 -58.11 -44.60 -62.16
N PHE G 70 -57.75 -45.58 -62.99
CA PHE G 70 -58.47 -46.84 -63.09
C PHE G 70 -57.86 -47.94 -62.24
N GLY G 71 -56.71 -47.69 -61.63
CA GLY G 71 -56.01 -48.69 -60.87
C GLY G 71 -54.65 -49.00 -61.46
N GLN G 72 -54.03 -50.05 -60.93
CA GLN G 72 -52.77 -50.55 -61.46
C GLN G 72 -53.08 -51.66 -62.45
N VAL G 73 -53.05 -51.33 -63.73
CA VAL G 73 -53.49 -52.24 -64.79
C VAL G 73 -52.40 -52.39 -65.83
N LEU G 74 -52.25 -53.61 -66.34
CA LEU G 74 -51.28 -53.94 -67.37
C LEU G 74 -51.97 -54.74 -68.45
N ALA G 75 -51.45 -54.65 -69.67
CA ALA G 75 -51.98 -55.41 -70.81
C ALA G 75 -50.84 -56.05 -71.57
N SER G 76 -51.09 -57.22 -72.14
CA SER G 76 -50.07 -57.99 -72.81
C SER G 76 -50.63 -58.62 -74.08
N CYS G 77 -49.73 -58.96 -75.01
CA CYS G 77 -50.07 -59.63 -76.26
C CYS G 77 -49.05 -60.72 -76.53
N SER G 78 -49.47 -61.78 -77.21
CA SER G 78 -48.65 -62.98 -77.30
C SER G 78 -48.77 -63.63 -78.68
N PHE G 79 -47.90 -64.62 -78.88
CA PHE G 79 -47.89 -65.41 -80.12
C PHE G 79 -49.04 -66.38 -80.19
N ASP G 80 -49.71 -66.67 -79.06
CA ASP G 80 -50.85 -67.57 -79.02
C ASP G 80 -52.17 -66.87 -79.30
N ARG G 81 -52.13 -65.70 -79.94
CA ARG G 81 -53.31 -65.02 -80.46
C ARG G 81 -54.29 -64.63 -79.34
N THR G 82 -53.78 -63.88 -78.36
CA THR G 82 -54.58 -63.46 -77.22
C THR G 82 -54.09 -62.11 -76.71
N ALA G 83 -54.93 -61.49 -75.89
CA ALA G 83 -54.58 -60.28 -75.15
C ALA G 83 -55.26 -60.36 -73.78
N ALA G 84 -54.54 -59.97 -72.74
CA ALA G 84 -55.02 -60.12 -71.37
C ALA G 84 -54.91 -58.81 -70.60
N VAL G 85 -55.77 -58.68 -69.59
CA VAL G 85 -55.76 -57.52 -68.70
C VAL G 85 -55.53 -58.01 -67.28
N TRP G 86 -54.55 -57.42 -66.61
CA TRP G 86 -54.17 -57.80 -65.26
C TRP G 86 -54.35 -56.61 -64.32
N GLU G 87 -54.68 -56.90 -63.07
CA GLU G 87 -54.82 -55.88 -62.02
C GLU G 87 -54.16 -56.37 -60.74
N GLU G 88 -53.72 -55.43 -59.92
CA GLU G 88 -53.03 -55.75 -58.66
C GLU G 88 -53.98 -55.45 -57.51
N ILE G 89 -54.30 -56.48 -56.74
CA ILE G 89 -55.18 -56.35 -55.58
C ILE G 89 -54.37 -56.64 -54.32
N VAL G 90 -54.86 -56.13 -53.20
CA VAL G 90 -54.16 -56.26 -51.93
C VAL G 90 -54.42 -57.63 -51.31
N SER G 101 -49.49 -58.95 -52.01
CA SER G 101 -49.86 -58.27 -53.25
C SER G 101 -49.54 -59.12 -54.47
N HIS G 102 -50.56 -59.65 -55.11
CA HIS G 102 -50.42 -60.46 -56.31
C HIS G 102 -51.30 -59.88 -57.41
N TRP G 103 -51.00 -60.27 -58.64
CA TRP G 103 -51.70 -59.80 -59.82
C TRP G 103 -52.64 -60.89 -60.32
N VAL G 104 -53.89 -60.50 -60.62
CA VAL G 104 -54.90 -61.44 -61.05
C VAL G 104 -55.31 -61.11 -62.48
N LYS G 105 -55.92 -62.09 -63.15
CA LYS G 105 -56.36 -61.94 -64.52
C LYS G 105 -57.82 -61.52 -64.54
N ARG G 106 -58.14 -60.57 -65.41
CA ARG G 106 -59.48 -60.00 -65.45
C ARG G 106 -60.24 -60.31 -66.72
N THR G 107 -59.58 -60.35 -67.87
CA THR G 107 -60.26 -60.59 -69.13
C THR G 107 -59.31 -61.30 -70.08
N THR G 108 -59.85 -61.73 -71.21
CA THR G 108 -59.06 -62.37 -72.25
C THR G 108 -59.77 -62.16 -73.58
N LEU G 109 -59.08 -61.58 -74.54
CA LEU G 109 -59.66 -61.25 -75.85
C LEU G 109 -59.13 -62.23 -76.88
N VAL G 110 -60.04 -62.97 -77.51
CA VAL G 110 -59.65 -64.13 -78.33
C VAL G 110 -60.25 -64.09 -79.72
N ASP G 111 -60.48 -62.90 -80.26
CA ASP G 111 -61.06 -62.79 -81.58
C ASP G 111 -60.05 -62.96 -82.72
N SER G 112 -58.76 -62.89 -82.42
CA SER G 112 -57.76 -62.91 -83.48
C SER G 112 -57.62 -64.31 -84.08
N ARG G 113 -57.23 -64.34 -85.35
CA ARG G 113 -56.95 -65.59 -86.05
C ARG G 113 -55.46 -65.82 -86.25
N THR G 114 -54.65 -64.78 -86.11
CA THR G 114 -53.20 -64.89 -86.21
C THR G 114 -52.57 -64.21 -85.00
N SER G 115 -51.24 -64.17 -84.98
CA SER G 115 -50.51 -63.59 -83.87
C SER G 115 -50.85 -62.12 -83.66
N VAL G 116 -51.05 -61.72 -82.40
CA VAL G 116 -51.31 -60.32 -82.07
C VAL G 116 -49.99 -59.64 -81.76
N THR G 117 -49.75 -58.51 -82.41
CA THR G 117 -48.42 -57.89 -82.41
C THR G 117 -48.25 -56.73 -81.45
N ASP G 118 -49.23 -55.82 -81.36
CA ASP G 118 -49.09 -54.69 -80.46
C ASP G 118 -50.40 -54.44 -79.72
N VAL G 119 -50.29 -53.82 -78.56
CA VAL G 119 -51.43 -53.42 -77.73
C VAL G 119 -51.15 -52.04 -77.17
N LYS G 120 -52.19 -51.20 -77.09
CA LYS G 120 -52.02 -49.82 -76.68
C LYS G 120 -53.27 -49.32 -75.98
N PHE G 121 -53.10 -48.56 -74.91
CA PHE G 121 -54.19 -47.95 -74.19
C PHE G 121 -54.49 -46.55 -74.74
N ALA G 122 -55.77 -46.20 -74.74
CA ALA G 122 -56.19 -44.91 -75.27
C ALA G 122 -55.92 -43.80 -74.27
N PRO G 123 -55.83 -42.55 -74.74
CA PRO G 123 -55.69 -41.43 -73.80
C PRO G 123 -56.88 -41.31 -72.87
N LYS G 124 -56.62 -40.80 -71.67
CA LYS G 124 -57.57 -40.90 -70.57
C LYS G 124 -58.89 -40.20 -70.84
N HIS G 125 -58.92 -39.14 -71.64
CA HIS G 125 -60.15 -38.38 -71.81
C HIS G 125 -61.18 -39.07 -72.68
N MET G 126 -60.83 -40.17 -73.36
CA MET G 126 -61.83 -40.96 -74.05
C MET G 126 -62.47 -42.04 -73.18
N GLY G 127 -61.90 -42.31 -72.01
CA GLY G 127 -62.44 -43.32 -71.13
C GLY G 127 -61.46 -44.42 -70.83
N LEU G 128 -61.88 -45.66 -71.01
CA LEU G 128 -61.01 -46.82 -70.86
C LEU G 128 -61.11 -47.64 -72.14
N MET G 129 -60.25 -47.35 -73.12
CA MET G 129 -60.27 -48.03 -74.40
C MET G 129 -58.94 -48.71 -74.65
N LEU G 130 -58.98 -49.74 -75.49
CA LEU G 130 -57.83 -50.54 -75.85
C LEU G 130 -57.88 -50.83 -77.34
N ALA G 131 -56.72 -50.81 -77.99
CA ALA G 131 -56.61 -51.10 -79.41
C ALA G 131 -55.57 -52.18 -79.62
N THR G 132 -55.88 -53.14 -80.50
CA THR G 132 -54.97 -54.25 -80.78
C THR G 132 -54.82 -54.41 -82.29
N CYS G 133 -53.68 -54.96 -82.69
CA CYS G 133 -53.35 -55.14 -84.10
C CYS G 133 -52.87 -56.57 -84.32
N SER G 134 -53.15 -57.11 -85.50
CA SER G 134 -52.84 -58.49 -85.83
C SER G 134 -51.96 -58.56 -87.08
N ALA G 135 -51.52 -59.77 -87.39
CA ALA G 135 -50.72 -60.02 -88.58
C ALA G 135 -51.56 -60.31 -89.81
N ASP G 136 -52.89 -60.34 -89.66
CA ASP G 136 -53.78 -60.54 -90.79
C ASP G 136 -54.29 -59.23 -91.36
N GLY G 137 -53.96 -58.10 -90.75
CA GLY G 137 -54.36 -56.81 -91.23
C GLY G 137 -55.60 -56.21 -90.60
N ILE G 138 -56.00 -56.66 -89.42
CA ILE G 138 -57.22 -56.21 -88.77
C ILE G 138 -56.86 -55.52 -87.46
N VAL G 139 -57.44 -54.34 -87.24
CA VAL G 139 -57.24 -53.56 -86.02
C VAL G 139 -58.58 -53.42 -85.34
N ARG G 140 -58.63 -53.76 -84.06
CA ARG G 140 -59.87 -53.76 -83.29
C ARG G 140 -59.75 -52.82 -82.10
N ILE G 141 -60.86 -52.19 -81.74
CA ILE G 141 -60.92 -51.24 -80.64
C ILE G 141 -61.99 -51.72 -79.65
N TYR G 142 -61.61 -51.86 -78.39
CA TYR G 142 -62.49 -52.33 -77.33
C TYR G 142 -62.82 -51.18 -76.38
N GLU G 143 -63.72 -51.47 -75.43
CA GLU G 143 -64.13 -50.46 -74.46
C GLU G 143 -64.67 -51.14 -73.22
N ALA G 144 -64.60 -50.43 -72.09
CA ALA G 144 -65.15 -50.88 -70.82
C ALA G 144 -66.14 -49.84 -70.33
N PRO G 145 -67.44 -50.03 -70.58
CA PRO G 145 -68.41 -48.98 -70.27
C PRO G 145 -68.57 -48.68 -68.78
N ASP G 146 -68.23 -49.62 -67.91
CA ASP G 146 -68.39 -49.45 -66.47
C ASP G 146 -67.05 -49.78 -65.83
N VAL G 147 -66.40 -48.78 -65.26
CA VAL G 147 -65.04 -48.90 -64.75
C VAL G 147 -65.00 -49.76 -63.50
N MET G 148 -66.15 -49.93 -62.84
CA MET G 148 -66.18 -50.68 -61.59
C MET G 148 -66.09 -52.19 -61.78
N ASN G 149 -66.30 -52.68 -62.99
CA ASN G 149 -66.03 -54.08 -63.35
C ASN G 149 -65.03 -54.09 -64.50
N LEU G 150 -63.82 -54.54 -64.22
CA LEU G 150 -62.75 -54.61 -65.22
C LEU G 150 -62.76 -55.93 -65.98
N SER G 151 -63.90 -56.62 -66.01
CA SER G 151 -64.02 -57.89 -66.71
C SER G 151 -65.12 -57.85 -67.77
N GLN G 152 -65.63 -56.68 -68.11
CA GLN G 152 -66.67 -56.52 -69.13
C GLN G 152 -66.14 -55.59 -70.21
N TRP G 153 -65.62 -56.15 -71.29
CA TRP G 153 -65.21 -55.40 -72.46
C TRP G 153 -66.17 -55.66 -73.61
N SER G 154 -66.27 -54.70 -74.52
CA SER G 154 -67.20 -54.82 -75.63
C SER G 154 -66.58 -54.25 -76.89
N LEU G 155 -66.64 -55.02 -77.97
CA LEU G 155 -66.05 -54.59 -79.24
C LEU G 155 -66.91 -53.50 -79.88
N GLN G 156 -66.24 -52.46 -80.37
CA GLN G 156 -66.92 -51.31 -80.95
C GLN G 156 -66.60 -51.11 -82.43
N HIS G 157 -65.33 -51.10 -82.80
CA HIS G 157 -64.93 -50.82 -84.17
C HIS G 157 -63.94 -51.86 -84.67
N GLU G 158 -63.84 -51.98 -85.99
CA GLU G 158 -63.00 -53.00 -86.61
C GLU G 158 -62.54 -52.47 -87.97
N ILE G 159 -61.28 -52.05 -88.03
CA ILE G 159 -60.69 -51.61 -89.28
C ILE G 159 -60.00 -52.77 -89.98
N SER G 160 -59.80 -52.63 -91.29
CA SER G 160 -59.23 -53.72 -92.08
C SER G 160 -58.27 -53.11 -93.10
N CYS G 161 -56.97 -53.27 -92.85
CA CYS G 161 -55.95 -52.82 -93.79
C CYS G 161 -55.67 -53.92 -94.81
N LYS G 162 -54.83 -53.59 -95.79
CA LYS G 162 -54.54 -54.52 -96.87
C LYS G 162 -53.27 -55.34 -96.64
N LEU G 163 -52.40 -54.92 -95.73
CA LEU G 163 -51.15 -55.62 -95.47
C LEU G 163 -51.06 -56.01 -93.99
N SER G 164 -49.93 -56.58 -93.60
CA SER G 164 -49.74 -57.09 -92.26
C SER G 164 -49.22 -55.98 -91.36
N CYS G 165 -49.92 -55.75 -90.24
CA CYS G 165 -49.57 -54.68 -89.32
C CYS G 165 -48.44 -55.10 -88.38
N SER G 166 -47.71 -54.11 -87.88
CA SER G 166 -46.63 -54.37 -86.94
C SER G 166 -46.63 -53.42 -85.75
N CYS G 167 -47.26 -52.25 -85.90
CA CYS G 167 -47.23 -51.26 -84.84
C CYS G 167 -48.42 -50.33 -84.98
N ILE G 168 -48.86 -49.78 -83.85
CA ILE G 168 -49.95 -48.80 -83.79
C ILE G 168 -49.54 -47.69 -82.84
N SER G 169 -50.23 -46.55 -82.97
CA SER G 169 -49.97 -45.42 -82.08
C SER G 169 -51.18 -44.51 -82.05
N TRP G 170 -51.49 -44.00 -80.86
CA TRP G 170 -52.59 -43.08 -80.62
C TRP G 170 -52.09 -41.65 -80.68
N ASN G 171 -53.01 -40.72 -80.93
CA ASN G 171 -52.69 -39.31 -80.83
C ASN G 171 -52.92 -38.83 -79.40
N PRO G 172 -51.89 -38.38 -78.70
CA PRO G 172 -52.05 -37.97 -77.29
C PRO G 172 -52.53 -36.55 -77.07
N SER G 173 -53.04 -35.88 -78.10
CA SER G 173 -53.57 -34.53 -77.91
C SER G 173 -54.88 -34.58 -77.14
N SER G 174 -55.11 -33.55 -76.34
CA SER G 174 -56.26 -33.50 -75.46
C SER G 174 -57.19 -32.34 -75.80
N SER G 175 -57.01 -31.75 -76.98
CA SER G 175 -57.81 -30.60 -77.37
C SER G 175 -59.20 -31.06 -77.81
N ARG G 176 -60.16 -30.13 -77.69
CA ARG G 176 -61.53 -30.38 -78.11
C ARG G 176 -61.76 -29.99 -79.57
N ALA G 177 -60.71 -29.55 -80.25
CA ALA G 177 -60.77 -29.27 -81.67
C ALA G 177 -60.10 -30.34 -82.52
N HIS G 178 -59.52 -31.35 -81.89
CA HIS G 178 -58.92 -32.48 -82.58
C HIS G 178 -59.77 -33.72 -82.37
N SER G 179 -60.06 -34.43 -83.45
CA SER G 179 -60.77 -35.68 -83.35
C SER G 179 -59.80 -36.82 -83.15
N PRO G 180 -60.24 -37.92 -82.54
CA PRO G 180 -59.32 -39.05 -82.31
C PRO G 180 -58.75 -39.63 -83.60
N MET G 181 -57.49 -40.05 -83.56
CA MET G 181 -56.86 -40.65 -84.73
C MET G 181 -55.84 -41.68 -84.26
N ILE G 182 -55.59 -42.67 -85.11
CA ILE G 182 -54.62 -43.73 -84.84
C ILE G 182 -53.85 -44.04 -86.11
N ALA G 183 -52.55 -44.25 -85.97
CA ALA G 183 -51.66 -44.55 -87.08
C ALA G 183 -51.15 -45.98 -86.97
N VAL G 184 -51.16 -46.69 -88.10
CA VAL G 184 -50.79 -48.10 -88.15
C VAL G 184 -49.80 -48.33 -89.28
N GLY G 185 -48.73 -49.07 -88.99
CA GLY G 185 -47.70 -49.34 -89.96
C GLY G 185 -47.49 -50.81 -90.26
N SER G 186 -46.89 -51.11 -91.41
CA SER G 186 -46.67 -52.46 -91.88
C SER G 186 -45.20 -52.84 -91.80
N ASP G 187 -44.93 -54.12 -92.04
CA ASP G 187 -43.56 -54.63 -91.99
C ASP G 187 -43.23 -55.64 -93.08
N ASP G 188 -44.16 -55.92 -94.00
CA ASP G 188 -43.94 -56.97 -94.99
C ASP G 188 -42.99 -56.49 -96.08
N SER G 189 -42.09 -57.36 -96.49
CA SER G 189 -41.15 -57.09 -97.57
C SER G 189 -41.67 -57.74 -98.85
N SER G 190 -42.01 -56.92 -99.84
CA SER G 190 -42.57 -57.39 -101.08
C SER G 190 -41.79 -56.82 -102.25
N PRO G 191 -41.78 -57.49 -103.40
CA PRO G 191 -41.03 -56.94 -104.56
C PRO G 191 -41.71 -55.72 -105.15
N ASN G 192 -42.95 -55.46 -104.77
CA ASN G 192 -43.67 -54.29 -105.26
C ASN G 192 -43.31 -53.06 -104.43
N ALA G 193 -44.03 -51.95 -104.62
CA ALA G 193 -43.76 -50.73 -103.88
C ALA G 193 -45.09 -50.10 -103.48
N MET G 194 -45.56 -50.42 -102.28
CA MET G 194 -46.82 -49.92 -101.76
C MET G 194 -46.59 -49.17 -100.46
N ALA G 195 -47.51 -48.26 -100.15
CA ALA G 195 -47.38 -47.43 -98.96
C ALA G 195 -47.52 -48.27 -97.70
N LYS G 196 -46.69 -47.97 -96.71
CA LYS G 196 -46.57 -48.79 -95.51
C LYS G 196 -47.19 -48.16 -94.27
N VAL G 197 -47.58 -46.90 -94.31
CA VAL G 197 -48.11 -46.20 -93.15
C VAL G 197 -49.43 -45.55 -93.53
N GLN G 198 -50.45 -45.72 -92.70
CA GLN G 198 -51.78 -45.18 -92.93
C GLN G 198 -52.30 -44.54 -91.65
N ILE G 199 -53.21 -43.59 -91.80
CA ILE G 199 -53.78 -42.85 -90.68
C ILE G 199 -55.30 -42.87 -90.79
N PHE G 200 -55.96 -43.21 -89.69
CA PHE G 200 -57.41 -43.32 -89.63
C PHE G 200 -57.96 -42.29 -88.66
N GLU G 201 -59.10 -41.70 -88.99
CA GLU G 201 -59.70 -40.63 -88.19
C GLU G 201 -61.15 -40.94 -87.89
N TYR G 202 -61.63 -40.39 -86.79
CA TYR G 202 -63.00 -40.62 -86.31
C TYR G 202 -63.91 -39.51 -86.79
N ASN G 203 -65.15 -39.86 -87.09
CA ASN G 203 -66.15 -38.95 -87.63
C ASN G 203 -67.33 -38.91 -86.66
N GLU G 204 -67.55 -37.75 -86.04
CA GLU G 204 -68.59 -37.62 -85.03
C GLU G 204 -69.99 -37.71 -85.62
N ASN G 205 -70.11 -37.46 -86.92
CA ASN G 205 -71.41 -37.48 -87.57
C ASN G 205 -71.83 -38.89 -87.98
N THR G 206 -70.93 -39.64 -88.61
CA THR G 206 -71.24 -40.98 -89.07
C THR G 206 -70.90 -42.06 -88.05
N ARG G 207 -70.17 -41.72 -86.99
CA ARG G 207 -69.79 -42.67 -85.94
C ARG G 207 -69.01 -43.85 -86.51
N LYS G 208 -67.96 -43.54 -87.27
CA LYS G 208 -67.11 -44.59 -87.80
C LYS G 208 -65.74 -44.02 -88.10
N TYR G 209 -64.73 -44.88 -88.02
CA TYR G 209 -63.36 -44.53 -88.36
C TYR G 209 -63.19 -44.59 -89.87
N ALA G 210 -62.56 -43.56 -90.44
CA ALA G 210 -62.38 -43.46 -91.87
C ALA G 210 -60.93 -43.12 -92.19
N LYS G 211 -60.50 -43.56 -93.36
CA LYS G 211 -59.14 -43.29 -93.83
C LYS G 211 -58.94 -41.79 -94.04
N ALA G 212 -57.78 -41.29 -93.64
CA ALA G 212 -57.50 -39.86 -93.69
C ALA G 212 -56.30 -39.49 -94.55
N GLU G 213 -55.21 -40.24 -94.47
CA GLU G 213 -54.01 -39.91 -95.25
C GLU G 213 -53.18 -41.18 -95.42
N THR G 214 -52.27 -41.12 -96.37
CA THR G 214 -51.39 -42.25 -96.67
C THR G 214 -50.01 -41.72 -96.98
N LEU G 215 -48.99 -42.23 -96.27
CA LEU G 215 -47.62 -41.74 -96.39
C LEU G 215 -46.94 -42.49 -97.53
N MET G 216 -47.05 -41.92 -98.72
CA MET G 216 -46.60 -42.54 -99.97
C MET G 216 -45.10 -42.78 -99.99
N THR G 217 -44.32 -41.81 -99.51
CA THR G 217 -42.87 -41.88 -99.63
C THR G 217 -42.29 -43.09 -98.93
N VAL G 218 -42.92 -43.56 -97.87
CA VAL G 218 -42.38 -44.67 -97.10
C VAL G 218 -42.67 -45.97 -97.84
N THR G 219 -41.60 -46.67 -98.22
CA THR G 219 -41.73 -47.91 -98.98
C THR G 219 -40.99 -49.09 -98.37
N ASP G 220 -39.85 -48.90 -97.73
CA ASP G 220 -39.17 -49.96 -97.00
C ASP G 220 -40.00 -50.38 -95.80
N PRO G 221 -39.77 -51.59 -95.28
CA PRO G 221 -40.55 -52.06 -94.14
C PRO G 221 -40.40 -51.17 -92.91
N VAL G 222 -41.48 -51.03 -92.16
CA VAL G 222 -41.52 -50.22 -90.94
C VAL G 222 -41.43 -51.16 -89.75
N HIS G 223 -40.84 -50.67 -88.65
CA HIS G 223 -40.74 -51.45 -87.42
C HIS G 223 -41.40 -50.80 -86.22
N ASP G 224 -41.46 -49.48 -86.13
CA ASP G 224 -42.15 -48.81 -85.03
C ASP G 224 -42.45 -47.39 -85.42
N ILE G 225 -43.57 -46.86 -84.92
CA ILE G 225 -43.94 -45.46 -85.11
C ILE G 225 -44.41 -44.90 -83.78
N ALA G 226 -44.37 -43.57 -83.65
CA ALA G 226 -44.75 -42.92 -82.41
C ALA G 226 -45.09 -41.45 -82.64
N PHE G 227 -46.28 -41.05 -82.21
CA PHE G 227 -46.66 -39.65 -82.19
C PHE G 227 -45.89 -38.92 -81.10
N ALA G 228 -46.08 -37.61 -81.04
CA ALA G 228 -45.39 -36.81 -80.03
C ALA G 228 -46.37 -36.20 -79.05
N PRO G 229 -45.96 -36.03 -77.79
CA PRO G 229 -46.82 -35.37 -76.79
C PRO G 229 -47.03 -33.90 -77.13
N ASN G 230 -48.28 -33.53 -77.41
CA ASN G 230 -48.59 -32.20 -77.92
C ASN G 230 -48.28 -31.08 -76.94
N LEU G 231 -49.10 -30.98 -75.90
CA LEU G 231 -49.00 -30.05 -74.77
C LEU G 231 -49.24 -28.58 -75.11
N GLY G 232 -49.06 -28.16 -76.36
CA GLY G 232 -49.36 -26.78 -76.67
C GLY G 232 -49.70 -26.40 -78.08
N ARG G 233 -49.66 -27.33 -79.02
CA ARG G 233 -49.53 -26.92 -80.42
C ARG G 233 -50.84 -27.10 -81.17
N SER G 234 -50.82 -26.70 -82.44
CA SER G 234 -51.96 -26.83 -83.33
C SER G 234 -51.75 -27.86 -84.44
N PHE G 235 -50.56 -28.44 -84.55
CA PHE G 235 -50.29 -29.47 -85.53
C PHE G 235 -49.72 -30.71 -84.83
N HIS G 236 -49.35 -31.70 -85.63
CA HIS G 236 -48.95 -33.01 -85.13
C HIS G 236 -47.58 -33.40 -85.66
N ILE G 237 -46.86 -34.19 -84.89
CA ILE G 237 -45.53 -34.68 -85.23
C ILE G 237 -45.53 -36.19 -85.13
N LEU G 238 -44.95 -36.85 -86.13
CA LEU G 238 -44.90 -38.31 -86.21
C LEU G 238 -43.49 -38.77 -86.49
N ALA G 239 -43.07 -39.85 -85.82
CA ALA G 239 -41.74 -40.42 -85.99
C ALA G 239 -41.86 -41.85 -86.46
N ILE G 240 -41.01 -42.24 -87.41
CA ILE G 240 -41.03 -43.55 -88.05
C ILE G 240 -39.65 -44.18 -87.94
N ALA G 241 -39.61 -45.49 -87.68
CA ALA G 241 -38.35 -46.23 -87.60
C ALA G 241 -38.31 -47.27 -88.72
N THR G 242 -37.93 -46.83 -89.91
CA THR G 242 -37.61 -47.69 -91.04
C THR G 242 -36.11 -47.94 -91.06
N LYS G 243 -35.60 -48.40 -92.20
CA LYS G 243 -34.16 -48.44 -92.46
C LYS G 243 -33.43 -47.18 -92.04
N ASP G 244 -34.10 -46.02 -92.03
CA ASP G 244 -33.52 -44.80 -91.50
C ASP G 244 -34.52 -44.20 -90.50
N VAL G 245 -34.20 -43.01 -90.02
CA VAL G 245 -35.07 -42.27 -89.10
C VAL G 245 -35.75 -41.14 -89.87
N ARG G 246 -37.08 -41.10 -89.82
CA ARG G 246 -37.85 -40.07 -90.51
C ARG G 246 -38.83 -39.42 -89.55
N ILE G 247 -39.02 -38.11 -89.72
CA ILE G 247 -39.93 -37.33 -88.89
C ILE G 247 -40.83 -36.51 -89.80
N PHE G 248 -42.13 -36.55 -89.55
CA PHE G 248 -43.11 -35.89 -90.39
C PHE G 248 -43.88 -34.84 -89.59
N THR G 249 -44.70 -34.08 -90.31
CA THR G 249 -45.51 -33.02 -89.72
C THR G 249 -46.85 -32.97 -90.44
N LEU G 250 -47.93 -32.91 -89.67
CA LEU G 250 -49.28 -32.85 -90.22
C LEU G 250 -49.98 -31.64 -89.62
N LYS G 251 -50.37 -30.69 -90.48
CA LYS G 251 -51.07 -29.49 -90.01
C LYS G 251 -52.45 -29.42 -90.67
N PRO G 252 -53.51 -29.33 -89.89
CA PRO G 252 -54.85 -29.23 -90.48
C PRO G 252 -55.02 -27.95 -91.28
N VAL G 253 -55.86 -28.04 -92.32
CA VAL G 253 -56.21 -26.89 -93.13
C VAL G 253 -57.58 -26.40 -92.67
N ARG G 254 -57.84 -25.11 -92.92
CA ARG G 254 -59.08 -24.50 -92.47
C ARG G 254 -60.29 -25.16 -93.16
N LYS G 255 -61.38 -25.29 -92.41
CA LYS G 255 -62.58 -25.91 -92.93
C LYS G 255 -63.45 -24.91 -93.68
N GLY G 262 -66.73 -35.28 -93.62
CA GLY G 262 -65.63 -36.03 -94.20
C GLY G 262 -64.33 -35.89 -93.44
N PRO G 263 -63.34 -36.69 -93.78
CA PRO G 263 -62.05 -36.60 -93.09
C PRO G 263 -61.41 -35.24 -93.28
N THR G 264 -60.75 -34.77 -92.22
CA THR G 264 -60.02 -33.51 -92.29
C THR G 264 -58.87 -33.62 -93.27
N LYS G 265 -58.58 -32.52 -93.95
CA LYS G 265 -57.49 -32.47 -94.92
C LYS G 265 -56.22 -31.98 -94.23
N PHE G 266 -55.12 -32.69 -94.45
CA PHE G 266 -53.84 -32.36 -93.87
C PHE G 266 -52.83 -32.01 -94.96
N GLU G 267 -51.79 -31.28 -94.55
CA GLU G 267 -50.67 -30.94 -95.42
C GLU G 267 -49.44 -31.64 -94.84
N ILE G 268 -49.05 -32.75 -95.47
CA ILE G 268 -47.95 -33.57 -94.96
C ILE G 268 -46.64 -33.08 -95.53
N HIS G 269 -45.65 -32.89 -94.67
CA HIS G 269 -44.31 -32.50 -95.07
C HIS G 269 -43.31 -33.46 -94.46
N ILE G 270 -42.03 -33.18 -94.70
CA ILE G 270 -40.91 -33.95 -94.17
C ILE G 270 -39.94 -32.97 -93.55
N VAL G 271 -39.42 -33.29 -92.36
CA VAL G 271 -38.64 -32.30 -91.62
C VAL G 271 -37.31 -32.85 -91.16
N ALA G 272 -37.14 -34.18 -91.22
CA ALA G 272 -35.88 -34.76 -90.79
C ALA G 272 -35.69 -36.13 -91.42
N GLN G 273 -34.43 -36.47 -91.70
CA GLN G 273 -34.06 -37.78 -92.19
C GLN G 273 -32.60 -38.02 -91.84
N PHE G 274 -32.32 -39.09 -91.11
CA PHE G 274 -30.98 -39.37 -90.63
C PHE G 274 -30.63 -40.82 -90.91
N ASP G 275 -29.51 -41.04 -91.59
CA ASP G 275 -28.98 -42.38 -91.85
C ASP G 275 -27.69 -42.59 -91.07
N ASN G 276 -27.62 -42.03 -89.87
CA ASN G 276 -26.42 -42.04 -89.06
C ASN G 276 -26.17 -43.40 -88.43
N HIS G 277 -27.20 -44.23 -88.31
CA HIS G 277 -27.05 -45.58 -87.76
C HIS G 277 -26.33 -46.54 -88.72
N ASN G 278 -26.38 -46.27 -90.01
CA ASN G 278 -25.93 -47.18 -91.08
C ASN G 278 -26.29 -48.62 -90.76
N SER G 279 -27.54 -48.80 -90.37
CA SER G 279 -28.10 -50.09 -89.98
C SER G 279 -29.62 -50.00 -90.10
N GLN G 280 -30.33 -50.93 -89.46
CA GLN G 280 -31.78 -50.89 -89.42
C GLN G 280 -32.24 -50.38 -88.06
N VAL G 281 -33.15 -49.42 -88.06
CA VAL G 281 -33.65 -48.80 -86.85
C VAL G 281 -34.83 -49.61 -86.32
N TRP G 282 -34.78 -49.95 -85.03
CA TRP G 282 -35.78 -50.84 -84.43
C TRP G 282 -36.80 -50.13 -83.56
N ARG G 283 -36.41 -49.15 -82.75
CA ARG G 283 -37.30 -48.55 -81.78
C ARG G 283 -37.17 -47.04 -81.80
N VAL G 284 -38.24 -46.35 -81.38
CA VAL G 284 -38.26 -44.91 -81.21
C VAL G 284 -39.03 -44.58 -79.95
N SER G 285 -38.66 -43.47 -79.30
CA SER G 285 -39.32 -43.05 -78.08
C SER G 285 -39.11 -41.55 -77.85
N TRP G 286 -40.20 -40.84 -77.63
CA TRP G 286 -40.17 -39.42 -77.29
C TRP G 286 -39.99 -39.25 -75.79
N ASN G 287 -39.96 -38.00 -75.34
CA ASN G 287 -39.91 -37.71 -73.92
C ASN G 287 -41.21 -37.01 -73.48
N ILE G 288 -41.26 -36.67 -72.19
CA ILE G 288 -42.51 -36.25 -71.57
C ILE G 288 -43.01 -34.93 -72.14
N THR G 289 -42.11 -34.08 -72.61
CA THR G 289 -42.48 -32.77 -73.15
C THR G 289 -42.61 -32.78 -74.66
N GLY G 290 -42.20 -33.86 -75.33
CA GLY G 290 -42.24 -33.91 -76.78
C GLY G 290 -41.22 -33.04 -77.46
N THR G 291 -39.97 -33.06 -76.98
CA THR G 291 -38.91 -32.24 -77.56
C THR G 291 -37.66 -33.02 -77.95
N VAL G 292 -37.44 -34.21 -77.41
CA VAL G 292 -36.24 -35.00 -77.70
C VAL G 292 -36.69 -36.38 -78.15
N LEU G 293 -36.05 -36.91 -79.20
CA LEU G 293 -36.37 -38.20 -79.76
C LEU G 293 -35.20 -39.14 -79.56
N ALA G 294 -35.49 -40.36 -79.10
CA ALA G 294 -34.47 -41.39 -78.90
C ALA G 294 -34.72 -42.56 -79.84
N SER G 295 -33.65 -43.05 -80.45
CA SER G 295 -33.74 -44.13 -81.42
C SER G 295 -32.67 -45.17 -81.15
N SER G 296 -33.01 -46.42 -81.44
CA SER G 296 -32.10 -47.54 -81.25
C SER G 296 -31.94 -48.29 -82.56
N GLY G 297 -30.73 -48.79 -82.80
CA GLY G 297 -30.46 -49.45 -84.06
C GLY G 297 -29.70 -50.75 -83.94
N ASP G 298 -29.33 -51.34 -85.08
CA ASP G 298 -28.65 -52.62 -85.09
C ASP G 298 -27.21 -52.53 -84.61
N ASP G 299 -26.59 -51.35 -84.69
CA ASP G 299 -25.23 -51.20 -84.19
C ASP G 299 -25.16 -51.43 -82.69
N GLY G 300 -26.14 -50.93 -81.95
CA GLY G 300 -26.18 -51.13 -80.51
C GLY G 300 -26.02 -49.84 -79.74
N CYS G 301 -26.44 -48.72 -80.34
CA CYS G 301 -26.25 -47.42 -79.74
C CYS G 301 -27.56 -46.64 -79.77
N VAL G 302 -27.77 -45.82 -78.75
CA VAL G 302 -28.94 -44.96 -78.65
C VAL G 302 -28.54 -43.53 -78.98
N ARG G 303 -29.32 -42.87 -79.83
CA ARG G 303 -29.02 -41.53 -80.31
C ARG G 303 -30.18 -40.60 -79.98
N LEU G 304 -29.86 -39.33 -79.71
CA LEU G 304 -30.83 -38.35 -79.26
C LEU G 304 -30.87 -37.17 -80.24
N TRP G 305 -32.08 -36.74 -80.61
CA TRP G 305 -32.27 -35.70 -81.60
C TRP G 305 -33.08 -34.55 -81.01
N LYS G 306 -32.71 -33.32 -81.37
CA LYS G 306 -33.37 -32.10 -80.90
C LYS G 306 -33.41 -31.07 -82.02
N ALA G 307 -34.35 -30.14 -81.91
CA ALA G 307 -34.55 -29.10 -82.91
C ALA G 307 -34.38 -27.72 -82.31
N ASN G 308 -33.72 -26.83 -83.05
CA ASN G 308 -33.50 -25.46 -82.60
C ASN G 308 -34.62 -24.56 -83.11
N TYR G 309 -34.46 -23.24 -82.95
CA TYR G 309 -35.49 -22.31 -83.33
C TYR G 309 -35.58 -22.08 -84.83
N MET G 310 -34.60 -22.57 -85.60
CA MET G 310 -34.64 -22.49 -87.05
C MET G 310 -35.16 -23.76 -87.69
N ASP G 311 -35.71 -24.68 -86.88
CA ASP G 311 -36.34 -25.91 -87.33
C ASP G 311 -35.36 -26.88 -87.97
N ASN G 312 -34.12 -26.92 -87.50
CA ASN G 312 -33.17 -27.93 -87.91
C ASN G 312 -32.96 -28.93 -86.79
N TRP G 313 -32.91 -30.21 -87.15
CA TRP G 313 -32.81 -31.29 -86.17
C TRP G 313 -31.37 -31.77 -86.11
N LYS G 314 -30.72 -31.54 -84.98
CA LYS G 314 -29.34 -31.96 -84.78
C LYS G 314 -29.31 -33.29 -84.01
N CYS G 315 -28.11 -33.68 -83.59
CA CYS G 315 -27.91 -34.75 -82.63
C CYS G 315 -27.43 -34.14 -81.32
N THR G 316 -27.72 -34.83 -80.21
CA THR G 316 -27.41 -34.31 -78.89
C THR G 316 -26.54 -35.26 -78.08
N GLY G 317 -26.57 -36.55 -78.38
CA GLY G 317 -25.75 -37.49 -77.64
C GLY G 317 -25.82 -38.87 -78.24
N ILE G 318 -24.77 -39.65 -77.98
CA ILE G 318 -24.67 -41.03 -78.44
C ILE G 318 -24.45 -41.89 -77.21
N LEU G 319 -25.48 -42.62 -76.80
CA LEU G 319 -25.37 -43.53 -75.67
C LEU G 319 -25.08 -44.94 -76.18
N LYS G 320 -24.05 -45.55 -75.62
CA LYS G 320 -23.64 -46.89 -76.02
C LYS G 320 -23.68 -47.81 -74.81
N GLY G 321 -24.17 -49.03 -75.02
CA GLY G 321 -24.28 -50.00 -73.95
C GLY G 321 -22.98 -50.75 -73.71
N VAL H 50 -46.47 34.35 -79.30
CA VAL H 50 -45.84 35.63 -79.03
C VAL H 50 -46.04 36.58 -80.21
N ILE H 51 -45.20 37.61 -80.27
CA ILE H 51 -45.18 38.56 -81.39
C ILE H 51 -43.88 39.36 -81.29
N ASN H 52 -43.39 39.81 -82.43
CA ASN H 52 -42.16 40.61 -82.47
C ASN H 52 -42.31 41.77 -83.45
N THR H 53 -43.40 42.54 -83.34
CA THR H 53 -43.76 43.63 -84.24
C THR H 53 -42.57 44.44 -84.74
N VAL H 54 -42.50 44.65 -86.05
CA VAL H 54 -41.41 45.40 -86.67
C VAL H 54 -42.00 46.37 -87.69
N ASP H 55 -41.53 47.63 -87.63
CA ASP H 55 -41.93 48.66 -88.56
C ASP H 55 -40.90 48.77 -89.67
N THR H 56 -41.34 48.61 -90.92
CA THR H 56 -40.42 48.52 -92.04
C THR H 56 -39.82 49.86 -92.43
N SER H 57 -40.56 50.96 -92.26
CA SER H 57 -40.11 52.28 -92.69
C SER H 57 -39.79 52.32 -94.18
N HIS H 58 -40.65 51.70 -94.97
CA HIS H 58 -40.55 51.74 -96.42
C HIS H 58 -41.56 52.73 -96.99
N GLU H 59 -41.42 53.03 -98.27
CA GLU H 59 -42.28 54.00 -98.94
C GLU H 59 -43.37 53.37 -99.79
N ASP H 60 -43.33 52.05 -100.00
CA ASP H 60 -44.32 51.40 -100.85
C ASP H 60 -44.72 50.04 -100.29
N MET H 61 -45.36 49.23 -101.11
CA MET H 61 -45.83 47.92 -100.66
C MET H 61 -44.65 46.97 -100.42
N ILE H 62 -44.94 45.87 -99.75
CA ILE H 62 -43.96 44.84 -99.42
C ILE H 62 -44.33 43.57 -100.16
N HIS H 63 -43.36 42.98 -100.87
CA HIS H 63 -43.64 41.86 -101.75
C HIS H 63 -43.15 40.53 -101.21
N ASP H 64 -42.07 40.51 -100.44
CA ASP H 64 -41.58 39.27 -99.87
C ASP H 64 -40.88 39.57 -98.55
N ALA H 65 -40.77 38.54 -97.72
CA ALA H 65 -40.08 38.66 -96.45
C ALA H 65 -39.67 37.27 -96.00
N GLN H 66 -38.44 37.14 -95.53
CA GLN H 66 -37.90 35.84 -95.17
C GLN H 66 -36.82 36.03 -94.13
N MET H 67 -36.69 35.06 -93.24
CA MET H 67 -35.76 35.15 -92.14
C MET H 67 -34.56 34.26 -92.45
N ASP H 68 -33.62 34.17 -91.51
CA ASP H 68 -32.37 33.47 -91.75
C ASP H 68 -32.50 32.00 -91.35
N TYR H 69 -31.38 31.29 -91.34
CA TYR H 69 -31.32 29.87 -91.02
C TYR H 69 -31.20 29.62 -89.53
N TYR H 70 -31.04 30.68 -88.74
CA TYR H 70 -30.85 30.56 -87.30
C TYR H 70 -31.93 31.22 -86.48
N GLY H 71 -32.68 32.15 -87.04
CA GLY H 71 -33.62 32.94 -86.28
C GLY H 71 -33.07 34.24 -85.73
N THR H 72 -32.27 34.97 -86.49
CA THR H 72 -31.60 36.15 -85.99
C THR H 72 -31.66 37.36 -86.92
N ARG H 73 -31.92 37.17 -88.21
CA ARG H 73 -31.95 38.25 -89.17
C ARG H 73 -33.21 38.14 -90.03
N LEU H 74 -33.56 39.25 -90.69
CA LEU H 74 -34.81 39.31 -91.44
C LEU H 74 -34.62 40.24 -92.64
N ALA H 75 -34.79 39.69 -93.84
CA ALA H 75 -34.66 40.45 -95.05
C ALA H 75 -36.04 40.81 -95.60
N THR H 76 -36.14 42.00 -96.19
CA THR H 76 -37.42 42.52 -96.68
C THR H 76 -37.24 43.10 -98.07
N CYS H 77 -38.05 42.63 -99.01
CA CYS H 77 -38.16 43.27 -100.31
C CYS H 77 -39.30 44.27 -100.27
N SER H 78 -39.30 45.18 -101.25
CA SER H 78 -40.28 46.26 -101.27
C SER H 78 -40.40 46.80 -102.69
N SER H 79 -41.24 47.82 -102.84
CA SER H 79 -41.46 48.49 -104.12
C SER H 79 -40.81 49.86 -104.15
N ASP H 80 -39.64 50.00 -103.53
CA ASP H 80 -38.91 51.26 -103.54
C ASP H 80 -37.47 51.01 -104.01
N ARG H 81 -37.26 49.89 -104.69
CA ARG H 81 -35.94 49.50 -105.19
C ARG H 81 -34.91 49.46 -104.06
N SER H 82 -35.27 48.77 -102.99
CA SER H 82 -34.40 48.67 -101.82
C SER H 82 -34.64 47.35 -101.11
N VAL H 83 -33.61 46.90 -100.39
CA VAL H 83 -33.69 45.68 -99.59
C VAL H 83 -33.10 45.99 -98.22
N LYS H 84 -33.95 46.04 -97.20
CA LYS H 84 -33.52 46.43 -95.86
C LYS H 84 -33.33 45.15 -95.04
N ILE H 85 -32.13 44.98 -94.49
CA ILE H 85 -31.82 43.85 -93.61
C ILE H 85 -31.85 44.33 -92.17
N PHE H 86 -32.77 43.81 -91.38
CA PHE H 86 -32.87 44.15 -89.98
C PHE H 86 -32.08 43.19 -89.11
N ASP H 87 -32.28 43.28 -87.79
CA ASP H 87 -31.66 42.33 -86.86
C ASP H 87 -32.74 42.08 -85.81
N VAL H 88 -33.56 41.06 -86.03
CA VAL H 88 -34.66 40.77 -85.12
C VAL H 88 -34.17 39.85 -84.02
N ARG H 89 -33.57 40.44 -82.99
CA ARG H 89 -33.19 39.70 -81.80
C ARG H 89 -33.79 40.36 -80.56
N ASN H 90 -34.52 39.57 -79.78
CA ASN H 90 -35.21 40.03 -78.58
C ASN H 90 -36.15 41.20 -78.89
N GLY H 91 -36.79 41.16 -80.06
CA GLY H 91 -37.74 42.18 -80.45
C GLY H 91 -37.14 43.42 -81.08
N GLY H 92 -35.81 43.51 -81.16
CA GLY H 92 -35.17 44.70 -81.70
C GLY H 92 -35.41 44.93 -83.18
N GLN H 93 -35.88 46.13 -83.52
CA GLN H 93 -36.03 46.54 -84.92
C GLN H 93 -34.81 47.33 -85.40
N ILE H 94 -33.63 46.75 -85.25
CA ILE H 94 -32.39 47.45 -85.59
C ILE H 94 -32.12 47.34 -87.08
N LEU H 95 -31.19 48.15 -87.58
CA LEU H 95 -30.82 48.13 -88.99
C LEU H 95 -29.35 47.78 -89.12
N ILE H 96 -29.04 47.00 -90.16
CA ILE H 96 -27.66 46.60 -90.43
C ILE H 96 -27.29 47.02 -91.85
N ALA H 97 -28.28 47.07 -92.74
CA ALA H 97 -28.02 47.40 -94.13
C ALA H 97 -29.26 48.07 -94.72
N ASP H 98 -29.02 48.87 -95.75
CA ASP H 98 -30.07 49.49 -96.55
C ASP H 98 -29.73 49.36 -98.02
N LEU H 99 -29.38 48.14 -98.45
CA LEU H 99 -28.85 47.91 -99.79
C LEU H 99 -29.77 48.48 -100.87
N ARG H 100 -29.18 49.21 -101.80
CA ARG H 100 -29.90 49.87 -102.88
C ARG H 100 -29.39 49.37 -104.22
N GLY H 101 -30.00 49.90 -105.29
CA GLY H 101 -29.77 49.43 -106.64
C GLY H 101 -31.02 48.76 -107.19
N HIS H 102 -30.82 47.88 -108.18
CA HIS H 102 -31.92 47.09 -108.74
C HIS H 102 -33.09 48.00 -109.15
N GLU H 103 -32.84 48.78 -110.19
CA GLU H 103 -33.67 49.90 -110.63
C GLU H 103 -35.18 49.66 -110.47
N GLY H 104 -35.67 48.50 -110.88
CA GLY H 104 -37.08 48.20 -110.77
C GLY H 104 -37.50 47.87 -109.35
N PRO H 105 -38.73 47.38 -109.19
CA PRO H 105 -39.17 46.91 -107.85
C PRO H 105 -38.78 45.46 -107.58
N VAL H 106 -38.18 45.21 -106.40
CA VAL H 106 -37.76 43.86 -106.06
C VAL H 106 -38.97 42.99 -105.74
N TRP H 107 -38.81 41.68 -105.92
CA TRP H 107 -39.93 40.76 -105.80
C TRP H 107 -39.67 39.62 -104.83
N GLN H 108 -38.43 39.17 -104.69
CA GLN H 108 -38.15 38.01 -103.87
C GLN H 108 -36.72 38.06 -103.36
N VAL H 109 -36.48 37.32 -102.26
CA VAL H 109 -35.16 37.17 -101.68
C VAL H 109 -35.00 35.71 -101.27
N ALA H 110 -33.76 35.31 -101.00
CA ALA H 110 -33.48 33.94 -100.61
C ALA H 110 -32.11 33.86 -99.95
N TRP H 111 -32.08 33.49 -98.67
CA TRP H 111 -30.81 33.35 -97.97
C TRP H 111 -30.14 32.03 -98.34
N ALA H 112 -28.82 31.99 -98.20
CA ALA H 112 -28.04 30.79 -98.46
C ALA H 112 -27.70 30.08 -97.16
N HIS H 113 -27.19 28.86 -97.29
CA HIS H 113 -26.81 28.07 -96.13
C HIS H 113 -25.66 28.73 -95.39
N PRO H 114 -25.70 28.80 -94.05
CA PRO H 114 -24.62 29.47 -93.32
C PRO H 114 -23.26 28.81 -93.49
N MET H 115 -23.21 27.56 -93.91
CA MET H 115 -21.93 26.89 -94.09
C MET H 115 -21.11 27.54 -95.19
N TYR H 116 -21.76 28.25 -96.12
CA TYR H 116 -21.06 28.97 -97.17
C TYR H 116 -20.88 30.44 -96.89
N GLY H 117 -21.19 30.90 -95.68
CA GLY H 117 -21.08 32.30 -95.35
C GLY H 117 -22.42 33.02 -95.50
N ASN H 118 -22.35 34.35 -95.42
CA ASN H 118 -23.55 35.20 -95.46
C ASN H 118 -23.76 35.66 -96.89
N ILE H 119 -24.71 35.03 -97.58
CA ILE H 119 -25.05 35.39 -98.94
C ILE H 119 -26.56 35.65 -99.01
N LEU H 120 -26.97 36.36 -100.05
CA LEU H 120 -28.38 36.73 -100.21
C LEU H 120 -28.66 36.99 -101.68
N ALA H 121 -29.62 36.27 -102.25
CA ALA H 121 -30.02 36.47 -103.63
C ALA H 121 -31.28 37.32 -103.71
N SER H 122 -31.30 38.25 -104.66
CA SER H 122 -32.39 39.21 -104.76
C SER H 122 -32.73 39.53 -106.21
N CYS H 123 -33.83 38.98 -106.71
CA CYS H 123 -34.27 39.25 -108.07
C CYS H 123 -35.28 40.39 -108.09
N SER H 124 -35.55 40.90 -109.29
CA SER H 124 -36.40 42.08 -109.44
C SER H 124 -36.87 42.19 -110.88
N TYR H 125 -37.68 43.23 -111.12
CA TYR H 125 -38.27 43.52 -112.43
C TYR H 125 -37.21 43.89 -113.47
N ASP H 126 -36.10 44.47 -113.02
CA ASP H 126 -35.09 45.01 -113.94
C ASP H 126 -34.35 43.91 -114.68
N ARG H 127 -34.83 42.67 -114.56
CA ARG H 127 -34.24 41.51 -115.24
C ARG H 127 -32.79 41.32 -114.83
N LYS H 128 -32.53 41.53 -113.53
CA LYS H 128 -31.18 41.40 -113.01
C LYS H 128 -31.24 40.73 -111.65
N VAL H 129 -30.40 39.72 -111.47
CA VAL H 129 -30.19 39.07 -110.17
C VAL H 129 -28.88 39.60 -109.61
N ILE H 130 -28.94 40.11 -108.38
CA ILE H 130 -27.79 40.73 -107.74
C ILE H 130 -27.60 40.07 -106.38
N ILE H 131 -26.34 39.76 -106.06
CA ILE H 131 -25.99 38.84 -104.98
C ILE H 131 -25.06 39.56 -104.02
N TRP H 132 -25.30 39.36 -102.73
CA TRP H 132 -24.66 40.11 -101.67
C TRP H 132 -23.79 39.21 -100.79
N ARG H 133 -22.84 39.84 -100.11
CA ARG H 133 -22.02 39.15 -99.12
C ARG H 133 -21.83 40.05 -97.90
N GLU H 134 -21.09 39.54 -96.92
CA GLU H 134 -20.85 40.29 -95.69
C GLU H 134 -19.34 40.21 -95.42
N GLU H 135 -18.60 41.18 -95.98
CA GLU H 135 -17.16 41.21 -95.80
C GLU H 135 -16.80 42.24 -94.73
N ASN H 136 -16.07 41.78 -93.72
CA ASN H 136 -15.60 42.65 -92.63
C ASN H 136 -16.76 43.38 -91.97
N GLY H 137 -17.89 42.69 -91.80
CA GLY H 137 -19.03 43.27 -91.14
C GLY H 137 -19.80 44.29 -91.95
N THR H 138 -19.65 44.29 -93.27
CA THR H 138 -20.38 45.21 -94.14
C THR H 138 -20.98 44.45 -95.31
N TRP H 139 -22.19 44.84 -95.68
CA TRP H 139 -22.91 44.22 -96.78
C TRP H 139 -22.63 45.00 -98.07
N GLU H 140 -22.28 44.27 -99.13
CA GLU H 140 -21.91 44.90 -100.39
C GLU H 140 -22.41 44.07 -101.56
N LYS H 141 -22.58 44.74 -102.70
CA LYS H 141 -22.88 44.08 -103.96
C LYS H 141 -21.66 43.28 -104.42
N SER H 142 -21.88 42.02 -104.79
CA SER H 142 -20.79 41.13 -105.17
C SER H 142 -20.82 40.78 -106.66
N HIS H 143 -21.97 40.37 -107.17
CA HIS H 143 -22.05 39.96 -108.56
C HIS H 143 -23.47 40.17 -109.08
N GLU H 144 -23.58 40.60 -110.33
CA GLU H 144 -24.86 40.78 -111.00
C GLU H 144 -24.89 39.95 -112.28
N HIS H 145 -26.06 39.40 -112.59
CA HIS H 145 -26.24 38.64 -113.81
C HIS H 145 -27.59 39.00 -114.40
N ALA H 146 -27.61 39.29 -115.70
CA ALA H 146 -28.82 39.78 -116.36
C ALA H 146 -29.01 39.08 -117.71
N GLY H 147 -28.91 37.76 -117.70
CA GLY H 147 -29.13 36.99 -118.91
C GLY H 147 -30.58 36.58 -119.10
N HIS H 148 -31.50 37.53 -118.98
CA HIS H 148 -32.92 37.25 -119.12
C HIS H 148 -33.58 38.41 -119.84
N ASP H 149 -34.35 38.12 -120.90
CA ASP H 149 -35.04 39.16 -121.64
C ASP H 149 -36.14 39.82 -120.83
N SER H 150 -36.94 39.04 -120.10
CA SER H 150 -38.04 39.55 -119.30
C SER H 150 -37.66 39.55 -117.82
N SER H 151 -38.65 39.87 -116.98
CA SER H 151 -38.40 39.95 -115.56
C SER H 151 -38.16 38.56 -114.96
N VAL H 152 -37.16 38.49 -114.07
CA VAL H 152 -36.92 37.26 -113.33
C VAL H 152 -37.84 37.21 -112.12
N ASN H 153 -38.60 36.12 -111.99
CA ASN H 153 -39.69 36.07 -111.02
C ASN H 153 -39.32 35.31 -109.75
N SER H 154 -38.62 34.19 -109.87
CA SER H 154 -38.39 33.32 -108.73
C SER H 154 -36.92 32.98 -108.58
N VAL H 155 -36.48 32.87 -107.32
CA VAL H 155 -35.15 32.41 -106.97
C VAL H 155 -35.27 31.36 -105.88
N CYS H 156 -34.42 30.33 -105.94
CA CYS H 156 -34.44 29.28 -104.94
C CYS H 156 -33.06 28.63 -104.89
N TRP H 157 -32.46 28.60 -103.70
CA TRP H 157 -31.19 27.94 -103.53
C TRP H 157 -31.35 26.42 -103.55
N ALA H 158 -30.30 25.74 -103.96
CA ALA H 158 -30.27 24.27 -104.00
C ALA H 158 -29.89 23.72 -102.65
N PRO H 159 -30.15 22.43 -102.41
CA PRO H 159 -29.67 21.80 -101.16
C PRO H 159 -28.16 21.86 -101.04
N HIS H 160 -27.69 22.02 -99.81
CA HIS H 160 -26.28 22.29 -99.56
C HIS H 160 -25.37 21.10 -99.85
N ASP H 161 -25.92 19.89 -99.89
CA ASP H 161 -25.08 18.73 -100.19
C ASP H 161 -24.51 18.80 -101.60
N TYR H 162 -25.33 19.27 -102.56
CA TYR H 162 -24.82 19.42 -103.92
C TYR H 162 -23.70 20.45 -103.99
N GLY H 163 -23.88 21.58 -103.34
CA GLY H 163 -22.96 22.68 -103.41
C GLY H 163 -23.69 24.00 -103.30
N LEU H 164 -23.29 24.94 -104.15
CA LEU H 164 -23.89 26.27 -104.17
C LEU H 164 -24.43 26.53 -105.57
N ILE H 165 -25.69 26.13 -105.79
CA ILE H 165 -26.38 26.35 -107.05
C ILE H 165 -27.63 27.17 -106.78
N LEU H 166 -27.84 28.19 -107.60
CA LEU H 166 -29.02 29.04 -107.50
C LEU H 166 -29.83 28.92 -108.79
N ALA H 167 -31.10 28.57 -108.67
CA ALA H 167 -31.98 28.40 -109.81
C ALA H 167 -32.90 29.61 -109.90
N CYS H 168 -32.88 30.28 -111.04
CA CYS H 168 -33.70 31.47 -111.29
C CYS H 168 -34.49 31.24 -112.57
N GLY H 169 -35.81 31.36 -112.48
CA GLY H 169 -36.68 31.22 -113.63
C GLY H 169 -37.35 32.52 -113.98
N SER H 170 -37.09 33.05 -115.18
CA SER H 170 -37.62 34.34 -115.58
C SER H 170 -38.92 34.17 -116.37
N SER H 171 -39.50 35.29 -116.78
CA SER H 171 -40.75 35.31 -117.51
C SER H 171 -40.56 35.12 -119.01
N ASP H 172 -39.32 35.00 -119.48
CA ASP H 172 -39.02 34.72 -120.88
C ASP H 172 -38.93 33.23 -121.17
N GLY H 173 -39.50 32.40 -120.32
CA GLY H 173 -39.55 30.96 -120.54
C GLY H 173 -38.21 30.25 -120.51
N ALA H 174 -37.37 30.54 -119.52
CA ALA H 174 -36.09 29.88 -119.36
C ALA H 174 -35.72 29.78 -117.89
N ILE H 175 -34.84 28.83 -117.58
CA ILE H 175 -34.26 28.70 -116.24
C ILE H 175 -32.76 28.87 -116.36
N SER H 176 -32.20 29.73 -115.53
CA SER H 176 -30.76 29.94 -115.47
C SER H 176 -30.24 29.37 -114.16
N LEU H 177 -29.27 28.47 -114.25
CA LEU H 177 -28.64 27.88 -113.08
C LEU H 177 -27.24 28.43 -112.95
N LEU H 178 -26.95 29.06 -111.81
CA LEU H 178 -25.65 29.67 -111.54
C LEU H 178 -24.90 28.77 -110.56
N THR H 179 -23.78 28.23 -111.00
CA THR H 179 -22.93 27.39 -110.17
C THR H 179 -21.67 28.16 -109.79
N TYR H 180 -21.33 28.12 -108.50
CA TYR H 180 -20.15 28.79 -107.97
C TYR H 180 -18.92 27.93 -108.28
N THR H 181 -18.14 28.36 -109.27
CA THR H 181 -17.01 27.57 -109.77
C THR H 181 -15.74 27.78 -108.96
N GLY H 182 -15.73 28.67 -107.98
CA GLY H 182 -14.56 28.93 -107.18
C GLY H 182 -13.80 30.16 -107.65
N GLU H 183 -13.05 30.74 -106.70
CA GLU H 183 -12.23 31.92 -106.94
C GLU H 183 -13.06 33.08 -107.49
N GLY H 184 -14.28 33.22 -106.98
CA GLY H 184 -15.17 34.27 -107.44
C GLY H 184 -15.63 34.12 -108.88
N GLN H 185 -15.90 32.90 -109.31
CA GLN H 185 -16.35 32.62 -110.66
C GLN H 185 -17.71 31.93 -110.63
N TRP H 186 -18.57 32.32 -111.55
CA TRP H 186 -19.91 31.75 -111.68
C TRP H 186 -20.10 31.19 -113.09
N GLU H 187 -20.59 29.95 -113.15
CA GLU H 187 -20.91 29.29 -114.41
C GLU H 187 -22.41 29.27 -114.59
N VAL H 188 -22.87 29.66 -115.78
CA VAL H 188 -24.29 29.78 -116.08
C VAL H 188 -24.64 28.79 -117.18
N LYS H 189 -25.64 27.94 -116.90
CA LYS H 189 -26.17 27.00 -117.87
C LYS H 189 -27.66 27.26 -118.01
N LYS H 190 -28.12 27.48 -119.23
CA LYS H 190 -29.49 27.90 -119.46
C LYS H 190 -30.34 26.76 -120.02
N ILE H 191 -31.64 26.88 -119.83
CA ILE H 191 -32.61 25.94 -120.39
C ILE H 191 -33.64 26.72 -121.18
N ASN H 192 -33.41 26.86 -122.48
CA ASN H 192 -34.27 27.65 -123.33
C ASN H 192 -35.57 26.92 -123.65
N ASN H 193 -36.60 27.70 -123.96
CA ASN H 193 -37.92 27.17 -124.32
C ASN H 193 -38.47 26.26 -123.23
N ALA H 194 -38.60 26.83 -122.02
CA ALA H 194 -39.05 26.08 -120.86
C ALA H 194 -40.56 25.97 -120.83
N HIS H 195 -41.23 27.10 -120.70
CA HIS H 195 -42.68 27.13 -120.69
C HIS H 195 -43.21 27.88 -121.91
N THR H 196 -44.49 27.66 -122.22
CA THR H 196 -45.09 28.30 -123.39
C THR H 196 -45.05 29.82 -123.27
N ILE H 197 -45.37 30.35 -122.09
CA ILE H 197 -45.32 31.78 -121.83
C ILE H 197 -44.15 32.14 -120.94
N GLY H 198 -43.97 31.41 -119.83
CA GLY H 198 -42.86 31.67 -118.93
C GLY H 198 -43.01 31.04 -117.58
N CYS H 199 -41.88 30.67 -116.97
CA CYS H 199 -41.91 30.09 -115.63
C CYS H 199 -42.27 31.15 -114.59
N ASN H 200 -42.89 30.71 -113.50
CA ASN H 200 -43.28 31.59 -112.41
C ASN H 200 -42.60 31.23 -111.09
N ALA H 201 -42.45 29.93 -110.80
CA ALA H 201 -41.85 29.52 -109.55
C ALA H 201 -41.07 28.23 -109.74
N VAL H 202 -40.06 28.04 -108.89
CA VAL H 202 -39.19 26.87 -108.93
C VAL H 202 -39.03 26.35 -107.51
N SER H 203 -38.66 25.07 -107.41
CA SER H 203 -38.40 24.42 -106.13
C SER H 203 -37.43 23.27 -106.35
N TRP H 204 -36.66 22.96 -105.32
CA TRP H 204 -35.65 21.93 -105.37
C TRP H 204 -36.05 20.74 -104.52
N ALA H 205 -35.85 19.54 -105.05
CA ALA H 205 -36.23 18.36 -104.29
C ALA H 205 -35.15 18.01 -103.27
N PRO H 206 -35.54 17.44 -102.14
CA PRO H 206 -34.53 17.00 -101.16
C PRO H 206 -33.58 15.97 -101.74
N ALA H 207 -32.33 16.00 -101.27
CA ALA H 207 -31.30 15.14 -101.80
C ALA H 207 -31.37 13.75 -101.18
N VAL H 208 -31.31 12.72 -102.02
CA VAL H 208 -31.36 11.33 -101.59
C VAL H 208 -30.18 10.59 -102.20
N VAL H 209 -29.92 9.41 -101.66
CA VAL H 209 -28.78 8.61 -102.12
C VAL H 209 -29.24 7.55 -103.11
N TYR H 224 -25.21 10.99 -106.78
CA TYR H 224 -26.42 11.74 -106.53
C TYR H 224 -27.25 11.92 -107.79
N ILE H 225 -28.50 12.32 -107.62
CA ILE H 225 -29.37 12.64 -108.75
C ILE H 225 -30.06 13.97 -108.48
N LYS H 226 -29.50 15.06 -108.99
CA LYS H 226 -30.10 16.36 -108.81
C LYS H 226 -31.43 16.43 -109.54
N ARG H 227 -32.41 17.12 -108.94
CA ARG H 227 -33.76 17.15 -109.49
C ARG H 227 -34.53 18.30 -108.87
N PHE H 228 -35.13 19.15 -109.71
CA PHE H 228 -35.96 20.25 -109.21
C PHE H 228 -37.34 20.21 -109.87
N ALA H 229 -38.19 21.18 -109.54
CA ALA H 229 -39.55 21.19 -110.07
C ALA H 229 -39.97 22.63 -110.32
N SER H 230 -40.37 22.92 -111.55
CA SER H 230 -40.75 24.27 -111.97
C SER H 230 -42.20 24.31 -112.42
N GLY H 231 -42.80 25.49 -112.30
CA GLY H 231 -44.14 25.73 -112.80
C GLY H 231 -44.21 27.09 -113.47
N GLY H 232 -45.13 27.20 -114.42
CA GLY H 232 -45.22 28.41 -115.22
C GLY H 232 -46.60 28.79 -115.69
N CYS H 233 -46.67 29.58 -116.76
CA CYS H 233 -47.92 30.12 -117.26
C CYS H 233 -48.61 29.22 -118.28
N ASP H 234 -48.06 28.04 -118.55
CA ASP H 234 -48.69 27.07 -119.42
C ASP H 234 -49.64 26.14 -118.70
N ASN H 235 -49.84 26.35 -117.40
CA ASN H 235 -50.73 25.56 -116.54
C ASN H 235 -50.30 24.10 -116.43
N LEU H 236 -49.02 23.81 -116.60
CA LEU H 236 -48.48 22.47 -116.45
C LEU H 236 -47.25 22.51 -115.55
N ILE H 237 -47.18 21.61 -114.58
CA ILE H 237 -46.04 21.49 -113.69
C ILE H 237 -45.07 20.48 -114.28
N LYS H 238 -43.80 20.85 -114.36
CA LYS H 238 -42.78 20.04 -115.01
C LYS H 238 -41.72 19.59 -114.02
N LEU H 239 -41.14 18.43 -114.30
CA LEU H 239 -40.05 17.86 -113.51
C LEU H 239 -38.81 17.74 -114.38
N TRP H 240 -37.64 17.80 -113.74
CA TRP H 240 -36.37 17.86 -114.44
C TRP H 240 -35.36 16.96 -113.77
N LYS H 241 -34.33 16.58 -114.53
CA LYS H 241 -33.26 15.73 -114.01
C LYS H 241 -32.00 15.99 -114.81
N GLU H 242 -30.85 15.96 -114.13
CA GLU H 242 -29.57 16.20 -114.78
C GLU H 242 -28.96 14.86 -115.19
N GLU H 243 -28.67 14.72 -116.48
CA GLU H 243 -28.13 13.47 -117.01
C GLU H 243 -26.67 13.31 -116.59
N GLU H 244 -26.10 12.16 -116.96
CA GLU H 244 -24.71 11.88 -116.62
C GLU H 244 -23.77 12.88 -117.28
N ASP H 245 -23.99 13.18 -118.57
CA ASP H 245 -23.18 14.19 -119.24
C ASP H 245 -23.41 15.57 -118.65
N GLY H 246 -24.66 15.93 -118.38
CA GLY H 246 -24.98 17.25 -117.89
C GLY H 246 -26.21 17.83 -118.55
N GLN H 247 -26.83 17.05 -119.43
CA GLN H 247 -28.04 17.50 -120.09
C GLN H 247 -29.22 17.48 -119.12
N TRP H 248 -29.91 18.61 -119.01
CA TRP H 248 -31.05 18.73 -118.11
C TRP H 248 -32.29 18.20 -118.82
N LYS H 249 -32.35 16.88 -118.95
CA LYS H 249 -33.46 16.25 -119.65
C LYS H 249 -34.74 16.34 -118.83
N GLU H 250 -35.85 16.56 -119.53
CA GLU H 250 -37.17 16.52 -118.94
C GLU H 250 -37.58 15.07 -118.66
N GLU H 251 -38.31 14.88 -117.56
CA GLU H 251 -38.73 13.56 -117.13
C GLU H 251 -40.24 13.37 -117.20
N GLN H 252 -41.03 14.33 -116.71
CA GLN H 252 -42.48 14.17 -116.69
C GLN H 252 -43.13 15.55 -116.67
N LYS H 253 -44.46 15.55 -116.77
CA LYS H 253 -45.25 16.77 -116.73
C LYS H 253 -46.62 16.44 -116.16
N LEU H 254 -47.15 17.33 -115.33
CA LEU H 254 -48.42 17.11 -114.65
C LEU H 254 -49.39 18.21 -115.04
N GLU H 255 -50.64 17.82 -115.31
CA GLU H 255 -51.67 18.73 -115.79
C GLU H 255 -53.00 18.45 -115.10
N ALA H 256 -53.31 19.25 -114.08
CA ALA H 256 -54.61 19.18 -113.43
C ALA H 256 -55.11 20.56 -113.02
N HIS H 257 -54.37 21.61 -113.38
CA HIS H 257 -54.77 22.96 -113.03
C HIS H 257 -55.59 23.60 -114.14
N SER H 258 -56.14 24.79 -113.90
CA SER H 258 -56.97 25.41 -114.92
C SER H 258 -56.42 26.75 -115.41
N ASP H 259 -56.17 27.69 -114.50
CA ASP H 259 -55.90 29.07 -114.91
C ASP H 259 -54.42 29.39 -115.04
N TRP H 260 -53.70 29.33 -113.92
CA TRP H 260 -52.28 29.70 -113.83
C TRP H 260 -51.72 29.25 -112.49
N VAL H 261 -50.61 28.54 -112.53
CA VAL H 261 -49.90 28.15 -111.31
C VAL H 261 -48.89 29.24 -110.97
N ARG H 262 -48.91 29.70 -109.72
CA ARG H 262 -48.05 30.80 -109.32
C ARG H 262 -46.87 30.34 -108.46
N ASP H 263 -47.12 29.51 -107.46
CA ASP H 263 -46.05 29.01 -106.60
C ASP H 263 -46.16 27.50 -106.47
N VAL H 264 -44.99 26.86 -106.34
CA VAL H 264 -44.89 25.44 -106.13
C VAL H 264 -43.91 25.19 -104.99
N ALA H 265 -44.12 24.11 -104.25
CA ALA H 265 -43.30 23.82 -103.08
C ALA H 265 -43.18 22.32 -102.91
N TRP H 266 -41.96 21.87 -102.65
CA TRP H 266 -41.65 20.46 -102.50
C TRP H 266 -41.33 20.20 -101.03
N ALA H 267 -41.88 19.12 -100.48
CA ALA H 267 -41.81 18.90 -99.05
C ALA H 267 -40.42 18.42 -98.64
N PRO H 268 -39.94 18.81 -97.46
CA PRO H 268 -38.72 18.23 -96.92
C PRO H 268 -38.91 16.76 -96.59
N SER H 269 -37.81 16.03 -96.54
CA SER H 269 -37.83 14.60 -96.29
C SER H 269 -37.28 14.31 -94.90
N ILE H 270 -37.89 13.36 -94.21
CA ILE H 270 -37.38 12.90 -92.94
C ILE H 270 -37.21 11.38 -92.99
N GLY H 271 -37.19 10.83 -94.19
CA GLY H 271 -36.89 9.44 -94.41
C GLY H 271 -38.05 8.58 -94.86
N LEU H 272 -39.26 9.08 -94.79
CA LEU H 272 -40.41 8.33 -95.24
C LEU H 272 -40.36 8.17 -96.76
N PRO H 273 -40.54 6.97 -97.29
CA PRO H 273 -40.54 6.79 -98.76
C PRO H 273 -41.78 7.40 -99.40
N THR H 274 -41.86 8.72 -99.43
CA THR H 274 -43.02 9.40 -99.97
C THR H 274 -42.64 10.83 -100.29
N SER H 275 -42.88 11.26 -101.53
CA SER H 275 -42.59 12.61 -101.97
C SER H 275 -43.89 13.38 -102.11
N THR H 276 -43.92 14.60 -101.57
CA THR H 276 -45.12 15.42 -101.54
C THR H 276 -44.81 16.79 -102.13
N ILE H 277 -45.67 17.24 -103.05
CA ILE H 277 -45.54 18.54 -103.68
C ILE H 277 -46.87 19.27 -103.55
N ALA H 278 -46.83 20.51 -103.09
CA ALA H 278 -48.00 21.36 -103.07
C ALA H 278 -48.03 22.22 -104.33
N SER H 279 -49.19 22.82 -104.58
CA SER H 279 -49.37 23.66 -105.76
C SER H 279 -50.44 24.70 -105.46
N CYS H 280 -50.42 25.78 -106.24
CA CYS H 280 -51.39 26.85 -106.07
C CYS H 280 -51.73 27.42 -107.44
N SER H 281 -53.01 27.63 -107.70
CA SER H 281 -53.49 28.10 -108.99
C SER H 281 -54.13 29.48 -108.86
N GLN H 282 -54.25 30.16 -110.00
CA GLN H 282 -54.79 31.51 -110.01
C GLN H 282 -56.27 31.51 -109.67
N ASP H 283 -57.01 30.53 -110.19
CA ASP H 283 -58.43 30.40 -109.85
C ASP H 283 -58.60 30.11 -108.36
N GLY H 284 -57.68 29.33 -107.80
CA GLY H 284 -57.68 29.00 -106.40
C GLY H 284 -57.96 27.53 -106.14
N ARG H 285 -56.89 26.75 -106.00
CA ARG H 285 -56.98 25.34 -105.68
C ARG H 285 -55.61 24.86 -105.23
N VAL H 286 -55.54 24.33 -104.01
CA VAL H 286 -54.31 23.75 -103.50
C VAL H 286 -54.40 22.24 -103.66
N PHE H 287 -53.59 21.70 -104.57
CA PHE H 287 -53.57 20.27 -104.86
C PHE H 287 -52.29 19.66 -104.30
N ILE H 288 -52.44 18.57 -103.57
CA ILE H 288 -51.32 17.87 -102.94
C ILE H 288 -51.01 16.65 -103.78
N TRP H 289 -49.79 16.60 -104.33
CA TRP H 289 -49.41 15.58 -105.29
C TRP H 289 -48.57 14.51 -104.60
N THR H 290 -49.24 13.64 -103.86
CA THR H 290 -48.56 12.54 -103.20
C THR H 290 -48.05 11.54 -104.23
N CYS H 291 -46.96 10.86 -103.90
CA CYS H 291 -46.40 9.81 -104.74
C CYS H 291 -45.51 8.92 -103.87
N ASP H 292 -45.97 7.70 -103.61
CA ASP H 292 -45.26 6.78 -102.74
C ASP H 292 -45.02 5.44 -103.42
N ASP H 293 -44.93 5.44 -104.75
CA ASP H 293 -44.75 4.22 -105.53
C ASP H 293 -43.28 3.92 -105.81
N ALA H 294 -42.38 4.40 -104.95
CA ALA H 294 -40.95 4.16 -105.06
C ALA H 294 -40.40 4.62 -106.40
N SER H 295 -40.26 3.69 -107.35
CA SER H 295 -39.64 3.96 -108.64
C SER H 295 -40.64 3.92 -109.79
N SER H 296 -41.94 4.00 -109.50
CA SER H 296 -42.93 4.01 -110.56
C SER H 296 -43.11 5.39 -111.19
N ASN H 297 -42.66 6.44 -110.51
CA ASN H 297 -42.74 7.81 -111.02
C ASN H 297 -44.19 8.17 -111.41
N THR H 298 -45.12 7.84 -110.53
CA THR H 298 -46.54 8.11 -110.74
C THR H 298 -47.06 9.01 -109.63
N TRP H 299 -47.83 10.03 -110.00
CA TRP H 299 -48.34 11.02 -109.06
C TRP H 299 -49.86 11.06 -109.15
N SER H 300 -50.50 11.19 -107.99
CA SER H 300 -51.96 11.21 -107.91
C SER H 300 -52.42 12.52 -107.29
N PRO H 301 -53.04 13.42 -108.06
CA PRO H 301 -53.49 14.70 -107.49
C PRO H 301 -54.61 14.50 -106.49
N LYS H 302 -54.73 15.46 -105.59
CA LYS H 302 -55.84 15.52 -104.65
C LYS H 302 -56.31 16.97 -104.60
N LEU H 303 -57.14 17.29 -103.62
CA LEU H 303 -57.60 18.66 -103.46
C LEU H 303 -57.73 18.97 -101.98
N LEU H 304 -57.66 20.25 -101.66
CA LEU H 304 -57.85 20.70 -100.28
C LEU H 304 -58.94 21.74 -100.13
N HIS H 305 -59.23 22.55 -101.15
CA HIS H 305 -60.23 23.60 -101.04
C HIS H 305 -60.43 24.17 -102.45
N LYS H 306 -61.37 25.08 -102.61
CA LYS H 306 -61.46 25.90 -103.81
C LYS H 306 -61.79 27.33 -103.38
N PHE H 307 -60.79 28.19 -103.34
CA PHE H 307 -60.94 29.51 -102.73
C PHE H 307 -61.65 30.49 -103.66
N ASN H 308 -61.74 31.75 -103.23
CA ASN H 308 -62.45 32.77 -104.00
C ASN H 308 -61.52 33.90 -104.42
N ASP H 309 -60.23 33.59 -104.60
CA ASP H 309 -59.24 34.59 -104.98
C ASP H 309 -58.07 33.91 -105.67
N VAL H 310 -56.95 34.61 -105.80
CA VAL H 310 -55.74 34.06 -106.42
C VAL H 310 -54.83 33.56 -105.31
N VAL H 311 -54.58 32.26 -105.28
CA VAL H 311 -53.67 31.70 -104.28
C VAL H 311 -52.24 32.05 -104.66
N TRP H 312 -51.51 32.64 -103.70
CA TRP H 312 -50.20 33.20 -103.97
C TRP H 312 -49.05 32.28 -103.58
N HIS H 313 -48.95 31.89 -102.31
CA HIS H 313 -47.79 31.15 -101.83
C HIS H 313 -48.21 30.05 -100.87
N VAL H 314 -47.45 28.96 -100.87
CA VAL H 314 -47.64 27.85 -99.96
C VAL H 314 -46.28 27.47 -99.38
N SER H 315 -46.25 27.24 -98.08
CA SER H 315 -45.00 26.93 -97.38
C SER H 315 -45.20 25.74 -96.47
N TRP H 316 -44.21 24.86 -96.45
CA TRP H 316 -44.21 23.67 -95.61
C TRP H 316 -43.56 23.99 -94.27
N SER H 317 -43.67 23.03 -93.36
CA SER H 317 -42.99 23.07 -92.08
C SER H 317 -41.72 22.24 -92.16
N ILE H 318 -40.94 22.25 -91.07
CA ILE H 318 -39.68 21.54 -91.09
C ILE H 318 -39.91 20.03 -91.09
N THR H 319 -41.01 19.58 -90.50
CA THR H 319 -41.35 18.17 -90.50
C THR H 319 -42.46 17.82 -91.47
N ALA H 320 -42.91 18.77 -92.30
CA ALA H 320 -43.89 18.53 -93.35
C ALA H 320 -45.21 18.00 -92.78
N ASN H 321 -45.70 18.63 -91.71
CA ASN H 321 -47.00 18.30 -91.15
C ASN H 321 -48.01 19.44 -91.25
N ILE H 322 -47.57 20.69 -91.35
CA ILE H 322 -48.46 21.84 -91.43
C ILE H 322 -48.14 22.62 -92.70
N LEU H 323 -49.18 23.03 -93.42
CA LEU H 323 -49.05 23.88 -94.59
C LEU H 323 -49.73 25.22 -94.31
N ALA H 324 -49.06 26.30 -94.69
CA ALA H 324 -49.61 27.65 -94.60
C ALA H 324 -49.79 28.20 -96.00
N VAL H 325 -51.01 28.62 -96.32
CA VAL H 325 -51.37 29.11 -97.64
C VAL H 325 -51.85 30.54 -97.53
N SER H 326 -51.32 31.41 -98.37
CA SER H 326 -51.70 32.81 -98.41
C SER H 326 -52.03 33.19 -99.84
N GLY H 327 -53.15 33.87 -100.04
CA GLY H 327 -53.59 34.24 -101.37
C GLY H 327 -54.08 35.67 -101.46
N GLY H 328 -54.91 35.95 -102.47
CA GLY H 328 -55.41 37.30 -102.68
C GLY H 328 -56.49 37.73 -101.70
N ASP H 329 -56.98 36.82 -100.87
CA ASP H 329 -58.01 37.14 -99.90
C ASP H 329 -57.51 37.98 -98.73
N ASN H 330 -56.24 38.39 -98.74
CA ASN H 330 -55.65 39.17 -97.66
C ASN H 330 -55.77 38.46 -96.32
N LYS H 331 -55.52 37.15 -96.33
CA LYS H 331 -55.56 36.35 -95.10
C LYS H 331 -54.61 35.19 -95.23
N VAL H 332 -54.19 34.66 -94.08
CA VAL H 332 -53.27 33.53 -94.01
C VAL H 332 -53.98 32.38 -93.31
N THR H 333 -53.96 31.21 -93.94
CA THR H 333 -54.62 30.03 -93.41
C THR H 333 -53.58 28.94 -93.13
N LEU H 334 -53.87 28.12 -92.12
CA LEU H 334 -53.05 26.97 -91.77
C LEU H 334 -53.84 25.69 -91.99
N TRP H 335 -53.13 24.59 -92.19
CA TRP H 335 -53.78 23.32 -92.49
C TRP H 335 -52.98 22.17 -91.87
N LYS H 336 -53.65 21.03 -91.74
CA LYS H 336 -53.06 19.84 -91.13
C LYS H 336 -53.83 18.61 -91.60
N GLU H 337 -53.09 17.58 -92.00
CA GLU H 337 -53.71 16.36 -92.49
C GLU H 337 -54.29 15.56 -91.33
N SER H 338 -55.52 15.09 -91.47
CA SER H 338 -56.19 14.32 -90.45
C SER H 338 -55.87 12.84 -90.60
N VAL H 339 -56.32 12.05 -89.62
CA VAL H 339 -56.10 10.60 -89.65
C VAL H 339 -56.86 9.98 -90.82
N ASP H 340 -58.04 10.52 -91.13
CA ASP H 340 -58.87 9.98 -92.20
C ASP H 340 -58.36 10.32 -93.59
N GLY H 341 -57.36 11.21 -93.71
CA GLY H 341 -56.84 11.59 -95.00
C GLY H 341 -57.42 12.86 -95.59
N GLN H 342 -58.14 13.64 -94.80
CA GLN H 342 -58.66 14.94 -95.22
C GLN H 342 -57.88 16.05 -94.53
N TRP H 343 -57.84 17.21 -95.15
CA TRP H 343 -57.08 18.35 -94.65
C TRP H 343 -58.03 19.32 -93.96
N VAL H 344 -57.76 19.59 -92.68
CA VAL H 344 -58.59 20.46 -91.86
C VAL H 344 -57.78 21.70 -91.48
N CYS H 345 -58.51 22.79 -91.24
CA CYS H 345 -57.87 24.04 -90.83
C CYS H 345 -57.54 23.99 -89.34
N ILE H 346 -56.92 25.07 -88.88
CA ILE H 346 -56.55 25.19 -87.47
C ILE H 346 -56.20 26.64 -87.16
N VAL I 15 -27.95 -88.84 -103.41
CA VAL I 15 -29.05 -89.53 -102.77
C VAL I 15 -30.35 -89.25 -103.50
N LEU I 16 -31.25 -88.51 -102.85
CA LEU I 16 -32.54 -88.19 -103.42
C LEU I 16 -32.53 -86.77 -103.98
N THR I 17 -33.59 -86.44 -104.73
CA THR I 17 -33.71 -85.11 -105.31
C THR I 17 -35.19 -84.79 -105.48
N GLY I 18 -35.53 -83.52 -105.29
CA GLY I 18 -36.92 -83.10 -105.42
C GLY I 18 -37.09 -81.68 -104.94
N ARG I 19 -38.30 -81.18 -105.12
CA ARG I 19 -38.66 -79.81 -104.77
C ARG I 19 -39.99 -79.81 -104.04
N THR I 20 -40.42 -78.62 -103.62
CA THR I 20 -41.73 -78.47 -103.00
C THR I 20 -42.83 -78.68 -104.02
N MET I 21 -43.83 -79.48 -103.66
CA MET I 21 -44.96 -79.73 -104.55
C MET I 21 -46.16 -80.17 -103.72
N HIS I 22 -47.33 -80.14 -104.36
CA HIS I 22 -48.57 -80.52 -103.70
C HIS I 22 -49.55 -81.03 -104.75
N CYS I 23 -50.56 -81.77 -104.29
CA CYS I 23 -51.61 -82.28 -105.17
C CYS I 23 -52.92 -82.27 -104.38
N HIS I 24 -54.02 -82.21 -105.12
CA HIS I 24 -55.36 -82.18 -104.54
C HIS I 24 -55.98 -83.58 -104.62
N LEU I 25 -56.52 -84.03 -103.50
CA LEU I 25 -57.12 -85.35 -103.41
C LEU I 25 -58.63 -85.23 -103.64
N ASP I 26 -59.35 -86.32 -103.43
CA ASP I 26 -60.81 -86.33 -103.54
C ASP I 26 -61.52 -86.25 -102.20
N ALA I 27 -60.92 -86.79 -101.14
CA ALA I 27 -61.51 -86.82 -99.81
C ALA I 27 -60.46 -86.51 -98.76
N PRO I 28 -60.88 -86.05 -97.58
CA PRO I 28 -59.92 -85.81 -96.51
C PRO I 28 -59.19 -87.09 -96.11
N ALA I 29 -57.92 -86.93 -95.73
CA ALA I 29 -57.09 -88.04 -95.30
C ALA I 29 -56.61 -87.84 -93.87
N ASN I 30 -56.47 -88.95 -93.14
CA ASN I 30 -56.00 -88.88 -91.76
C ASN I 30 -55.03 -90.00 -91.43
N ALA I 31 -54.10 -90.29 -92.36
CA ALA I 31 -53.02 -91.25 -92.14
C ALA I 31 -52.09 -91.21 -93.33
N ILE I 32 -50.88 -91.73 -93.15
CA ILE I 32 -49.87 -91.69 -94.19
C ILE I 32 -48.78 -92.69 -93.83
N SER I 33 -48.07 -93.19 -94.85
CA SER I 33 -46.98 -94.13 -94.63
C SER I 33 -46.10 -94.19 -95.88
N VAL I 34 -44.82 -94.47 -95.67
CA VAL I 34 -43.82 -94.50 -96.74
C VAL I 34 -43.09 -95.83 -96.68
N CYS I 35 -42.57 -96.28 -97.81
CA CYS I 35 -41.85 -97.55 -97.93
C CYS I 35 -40.36 -97.29 -98.11
N ARG I 36 -39.59 -98.39 -98.19
CA ARG I 36 -38.14 -98.27 -98.28
C ARG I 36 -37.68 -98.07 -99.71
N ASP I 37 -38.31 -97.15 -100.43
CA ASP I 37 -37.87 -96.81 -101.77
C ASP I 37 -37.88 -95.30 -101.89
N ALA I 38 -38.52 -94.64 -100.92
CA ALA I 38 -38.75 -93.21 -100.90
C ALA I 38 -39.47 -92.71 -102.14
N ALA I 39 -40.13 -93.61 -102.88
CA ALA I 39 -40.81 -93.25 -104.11
C ALA I 39 -42.31 -93.49 -104.07
N GLN I 40 -42.83 -94.11 -103.02
CA GLN I 40 -44.24 -94.44 -102.90
C GLN I 40 -44.78 -93.95 -101.57
N VAL I 41 -46.09 -93.73 -101.54
CA VAL I 41 -46.75 -93.23 -100.34
C VAL I 41 -48.20 -93.73 -100.36
N VAL I 42 -48.75 -93.94 -99.16
CA VAL I 42 -50.12 -94.41 -98.99
C VAL I 42 -50.92 -93.34 -98.27
N VAL I 43 -52.11 -93.05 -98.81
CA VAL I 43 -53.04 -92.09 -98.22
C VAL I 43 -54.31 -92.83 -97.89
N ALA I 44 -54.73 -92.75 -96.62
CA ALA I 44 -55.92 -93.44 -96.16
C ALA I 44 -56.84 -92.47 -95.45
N GLY I 45 -58.13 -92.79 -95.45
CA GLY I 45 -59.11 -91.94 -94.80
C GLY I 45 -60.45 -92.62 -94.77
N ARG I 46 -61.50 -91.82 -94.56
CA ARG I 46 -62.85 -92.36 -94.51
C ARG I 46 -63.41 -92.66 -95.90
N SER I 47 -62.96 -91.95 -96.93
CA SER I 47 -63.48 -92.15 -98.27
C SER I 47 -62.39 -92.19 -99.32
N ILE I 48 -61.20 -92.67 -98.96
CA ILE I 48 -60.09 -92.75 -99.91
C ILE I 48 -59.05 -93.74 -99.41
N PHE I 49 -58.51 -94.54 -100.34
CA PHE I 49 -57.39 -95.46 -100.05
C PHE I 49 -56.61 -95.62 -101.35
N LYS I 50 -55.56 -94.83 -101.52
CA LYS I 50 -54.79 -94.78 -102.76
C LYS I 50 -53.31 -94.98 -102.50
N ILE I 51 -52.56 -95.12 -103.59
CA ILE I 51 -51.10 -95.20 -103.58
C ILE I 51 -50.59 -94.25 -104.63
N TYR I 52 -49.61 -93.42 -104.27
CA TYR I 52 -49.05 -92.44 -105.18
C TYR I 52 -47.57 -92.69 -105.42
N ALA I 53 -47.00 -91.91 -106.33
CA ALA I 53 -45.59 -92.05 -106.70
C ALA I 53 -44.94 -90.67 -106.73
N ILE I 54 -43.76 -90.58 -106.11
CA ILE I 54 -43.01 -89.34 -106.04
C ILE I 54 -41.91 -89.39 -107.09
N GLU I 55 -42.18 -88.91 -108.30
CA GLU I 55 -41.20 -89.16 -109.34
C GLU I 55 -40.06 -88.14 -109.35
N GLU I 56 -40.31 -86.93 -109.87
CA GLU I 56 -39.33 -85.86 -109.69
C GLU I 56 -39.94 -84.48 -109.62
N GLU I 57 -41.16 -84.27 -110.11
CA GLU I 57 -41.72 -82.94 -110.22
C GLU I 57 -43.19 -82.91 -109.84
N GLN I 58 -43.80 -84.08 -109.72
CA GLN I 58 -45.23 -84.15 -109.47
C GLN I 58 -45.56 -85.47 -108.80
N PHE I 59 -46.82 -85.59 -108.36
CA PHE I 59 -47.33 -86.82 -107.78
C PHE I 59 -48.13 -87.56 -108.84
N VAL I 60 -47.86 -88.85 -108.99
CA VAL I 60 -48.59 -89.70 -109.93
C VAL I 60 -49.29 -90.81 -109.16
N GLU I 61 -50.56 -91.03 -109.46
CA GLU I 61 -51.43 -91.91 -108.71
C GLU I 61 -51.53 -93.26 -109.42
N LYS I 62 -50.89 -94.28 -108.84
CA LYS I 62 -50.88 -95.61 -109.44
C LYS I 62 -52.15 -96.41 -109.14
N LEU I 63 -52.40 -96.70 -107.88
CA LEU I 63 -53.42 -97.68 -107.53
C LEU I 63 -54.64 -97.01 -106.88
N ASN I 64 -55.72 -97.77 -106.79
CA ASN I 64 -56.94 -97.34 -106.12
C ASN I 64 -57.59 -98.55 -105.48
N LEU I 65 -57.30 -98.79 -104.21
CA LEU I 65 -57.67 -100.05 -103.58
C LEU I 65 -59.12 -100.05 -103.12
N ARG I 66 -59.91 -99.10 -103.60
CA ARG I 66 -61.35 -99.10 -103.36
C ARG I 66 -62.13 -99.57 -104.57
N VAL I 67 -61.47 -100.02 -105.64
CA VAL I 67 -62.17 -100.54 -106.80
C VAL I 67 -62.93 -101.79 -106.39
N GLY I 68 -64.19 -101.89 -106.80
CA GLY I 68 -65.08 -102.85 -106.19
C GLY I 68 -65.83 -102.16 -105.08
N ARG I 69 -66.47 -101.03 -105.41
CA ARG I 69 -66.99 -100.09 -104.42
C ARG I 69 -68.26 -100.66 -103.79
N LYS I 70 -68.05 -101.42 -102.71
CA LYS I 70 -69.12 -101.79 -101.79
C LYS I 70 -68.85 -100.97 -100.53
N PRO I 71 -69.60 -99.90 -100.31
CA PRO I 71 -69.24 -98.95 -99.24
C PRO I 71 -69.42 -99.52 -97.85
N SER I 72 -68.70 -100.59 -97.55
CA SER I 72 -68.74 -101.17 -96.22
C SER I 72 -68.04 -100.25 -95.22
N LEU I 73 -68.47 -100.34 -93.97
CA LEU I 73 -67.83 -99.61 -92.88
C LEU I 73 -66.52 -100.26 -92.45
N ASN I 74 -66.05 -101.26 -93.19
CA ASN I 74 -64.77 -101.89 -92.94
C ASN I 74 -63.62 -101.14 -93.58
N LEU I 75 -63.90 -100.05 -94.29
CA LEU I 75 -62.90 -99.30 -95.04
C LEU I 75 -62.78 -97.85 -94.59
N SER I 76 -63.33 -97.52 -93.43
CA SER I 76 -63.20 -96.17 -92.85
C SER I 76 -61.94 -96.08 -92.00
N CYS I 77 -60.78 -96.07 -92.66
CA CYS I 77 -59.50 -96.25 -91.98
C CYS I 77 -59.18 -95.09 -91.06
N ALA I 78 -58.60 -95.40 -89.91
CA ALA I 78 -58.07 -94.41 -88.99
C ALA I 78 -56.55 -94.38 -88.97
N ASP I 79 -55.88 -95.50 -89.26
CA ASP I 79 -54.43 -95.55 -89.38
C ASP I 79 -54.05 -96.58 -90.43
N VAL I 80 -52.86 -96.42 -90.99
CA VAL I 80 -52.34 -97.35 -91.98
C VAL I 80 -50.82 -97.43 -91.83
N VAL I 81 -50.28 -98.64 -91.94
CA VAL I 81 -48.84 -98.87 -91.85
C VAL I 81 -48.38 -99.70 -93.04
N TRP I 82 -47.13 -99.49 -93.44
CA TRP I 82 -46.48 -100.25 -94.49
C TRP I 82 -45.28 -100.96 -93.89
N HIS I 83 -45.16 -102.26 -94.16
CA HIS I 83 -44.05 -103.02 -93.61
C HIS I 83 -42.73 -102.59 -94.27
N GLN I 84 -41.65 -102.73 -93.51
CA GLN I 84 -40.33 -102.35 -93.97
C GLN I 84 -39.42 -103.56 -94.16
N MET I 85 -40.01 -104.74 -94.36
CA MET I 85 -39.24 -105.90 -94.78
C MET I 85 -39.80 -106.40 -96.10
N ASP I 86 -41.13 -106.54 -96.15
CA ASP I 86 -41.82 -106.91 -97.37
C ASP I 86 -42.57 -105.69 -97.91
N GLU I 87 -42.32 -105.38 -99.17
CA GLU I 87 -42.96 -104.25 -99.83
C GLU I 87 -44.36 -104.58 -100.32
N ASN I 88 -44.95 -105.67 -99.82
CA ASN I 88 -46.26 -106.11 -100.25
C ASN I 88 -47.30 -106.13 -99.14
N LEU I 89 -46.90 -106.07 -97.88
CA LEU I 89 -47.85 -106.12 -96.79
C LEU I 89 -48.30 -104.72 -96.37
N LEU I 90 -49.57 -104.62 -96.01
CA LEU I 90 -50.19 -103.39 -95.52
C LEU I 90 -51.17 -103.79 -94.42
N ALA I 91 -51.51 -102.82 -93.57
CA ALA I 91 -52.45 -103.09 -92.48
C ALA I 91 -53.13 -101.80 -92.08
N THR I 92 -54.46 -101.81 -92.03
CA THR I 92 -55.25 -100.65 -91.63
C THR I 92 -56.06 -100.98 -90.39
N ALA I 93 -56.54 -99.92 -89.73
CA ALA I 93 -57.38 -100.02 -88.55
C ALA I 93 -58.65 -99.24 -88.79
N ALA I 94 -59.79 -99.92 -88.65
CA ALA I 94 -61.09 -99.34 -88.97
C ALA I 94 -61.77 -98.85 -87.70
N THR I 95 -62.93 -98.22 -87.86
CA THR I 95 -63.70 -97.71 -86.74
C THR I 95 -64.77 -98.69 -86.28
N ASN I 96 -64.86 -99.86 -86.92
CA ASN I 96 -65.77 -100.91 -86.46
C ASN I 96 -65.12 -101.78 -85.40
N GLY I 97 -63.82 -102.02 -85.55
CA GLY I 97 -63.11 -102.94 -84.69
C GLY I 97 -62.47 -104.05 -85.49
N VAL I 98 -62.20 -103.80 -86.76
CA VAL I 98 -61.64 -104.80 -87.66
C VAL I 98 -60.24 -104.38 -88.04
N VAL I 99 -59.37 -105.36 -88.27
CA VAL I 99 -58.01 -105.12 -88.74
C VAL I 99 -57.86 -105.91 -90.03
N VAL I 100 -57.51 -105.23 -91.10
CA VAL I 100 -57.39 -105.84 -92.41
C VAL I 100 -55.92 -105.81 -92.84
N THR I 101 -55.45 -106.91 -93.41
CA THR I 101 -54.09 -107.01 -93.94
C THR I 101 -54.19 -107.23 -95.45
N TRP I 102 -53.49 -106.39 -96.21
CA TRP I 102 -53.52 -106.46 -97.65
C TRP I 102 -52.19 -107.01 -98.18
N ASN I 103 -52.25 -107.58 -99.39
CA ASN I 103 -51.18 -108.42 -99.92
C ASN I 103 -50.89 -108.05 -101.36
N LEU I 104 -50.54 -106.78 -101.60
CA LEU I 104 -50.47 -106.15 -102.92
C LEU I 104 -50.06 -107.08 -104.05
N GLY I 105 -49.05 -107.92 -103.83
CA GLY I 105 -48.67 -108.87 -104.84
C GLY I 105 -49.64 -110.03 -104.97
N ARG I 106 -50.84 -109.76 -105.49
CA ARG I 106 -51.85 -110.79 -105.67
C ARG I 106 -52.48 -110.60 -107.06
N PRO I 107 -52.83 -111.69 -107.74
CA PRO I 107 -53.34 -111.55 -109.11
C PRO I 107 -54.63 -110.76 -109.23
N SER I 108 -55.54 -110.88 -108.26
CA SER I 108 -56.87 -110.30 -108.40
C SER I 108 -56.86 -108.79 -108.28
N ARG I 109 -57.98 -108.15 -108.57
CA ARG I 109 -58.16 -106.72 -108.36
C ARG I 109 -58.29 -106.37 -106.89
N ASN I 110 -59.07 -107.14 -106.13
CA ASN I 110 -59.10 -106.98 -104.69
C ASN I 110 -57.83 -107.55 -104.08
N LYS I 111 -57.33 -106.90 -103.03
CA LYS I 111 -56.07 -107.27 -102.41
C LYS I 111 -56.23 -107.63 -100.94
N GLN I 112 -57.45 -107.93 -100.51
CA GLN I 112 -57.71 -108.31 -99.12
C GLN I 112 -57.16 -109.70 -98.84
N ASP I 113 -56.63 -109.87 -97.62
CA ASP I 113 -56.13 -111.18 -97.21
C ASP I 113 -56.86 -111.71 -95.99
N GLN I 114 -56.87 -110.95 -94.90
CA GLN I 114 -57.41 -111.41 -93.62
C GLN I 114 -58.20 -110.28 -92.95
N LEU I 115 -59.17 -110.69 -92.12
CA LEU I 115 -60.14 -109.75 -91.57
C LEU I 115 -60.37 -110.03 -90.09
N PHE I 116 -59.30 -110.05 -89.29
CA PHE I 116 -59.43 -110.27 -87.84
C PHE I 116 -60.48 -109.35 -87.25
N THR I 117 -61.36 -109.91 -86.43
CA THR I 117 -62.51 -109.21 -85.88
C THR I 117 -62.65 -109.56 -84.39
N GLU I 118 -61.56 -109.39 -83.65
CA GLU I 118 -61.55 -109.73 -82.23
C GLU I 118 -61.76 -108.54 -81.31
N HIS I 119 -61.87 -107.32 -81.83
CA HIS I 119 -62.07 -106.14 -81.02
C HIS I 119 -63.55 -105.74 -81.02
N LYS I 120 -64.00 -105.20 -79.89
CA LYS I 120 -65.41 -104.85 -79.75
C LYS I 120 -65.66 -103.39 -80.13
N ARG I 121 -64.75 -102.50 -79.74
CA ARG I 121 -64.88 -101.07 -79.98
C ARG I 121 -63.86 -100.60 -81.01
N THR I 122 -63.78 -99.28 -81.18
CA THR I 122 -62.94 -98.67 -82.20
C THR I 122 -61.47 -99.00 -81.98
N VAL I 123 -60.76 -99.30 -83.07
CA VAL I 123 -59.31 -99.45 -83.02
C VAL I 123 -58.66 -98.14 -83.44
N ASN I 124 -57.56 -97.79 -82.78
CA ASN I 124 -56.93 -96.49 -82.96
C ASN I 124 -55.59 -96.58 -83.68
N LYS I 125 -54.76 -97.58 -83.35
CA LYS I 125 -53.43 -97.67 -83.91
C LYS I 125 -53.11 -99.11 -84.27
N VAL I 126 -52.22 -99.27 -85.25
CA VAL I 126 -51.66 -100.56 -85.62
C VAL I 126 -50.15 -100.40 -85.71
N CYS I 127 -49.44 -101.51 -85.58
CA CYS I 127 -47.98 -101.47 -85.65
C CYS I 127 -47.45 -102.78 -86.18
N PHE I 128 -46.26 -102.71 -86.77
CA PHE I 128 -45.55 -103.85 -87.33
C PHE I 128 -44.21 -103.99 -86.64
N HIS I 129 -43.69 -105.21 -86.61
CA HIS I 129 -42.35 -105.41 -86.08
C HIS I 129 -41.31 -105.03 -87.13
N PRO I 130 -40.22 -104.37 -86.73
CA PRO I 130 -39.23 -103.93 -87.71
C PRO I 130 -38.57 -105.05 -88.50
N THR I 131 -38.36 -106.22 -87.91
CA THR I 131 -37.62 -107.28 -88.59
C THR I 131 -38.49 -108.51 -88.84
N GLU I 132 -39.08 -109.10 -87.80
CA GLU I 132 -39.87 -110.32 -87.96
C GLU I 132 -41.17 -110.01 -88.69
N ALA I 133 -41.31 -110.48 -89.93
CA ALA I 133 -42.42 -110.08 -90.78
C ALA I 133 -43.59 -111.05 -90.61
N HIS I 134 -43.91 -111.34 -89.35
CA HIS I 134 -45.23 -111.85 -89.00
C HIS I 134 -45.57 -111.50 -87.56
N VAL I 135 -46.01 -110.27 -87.35
CA VAL I 135 -46.41 -109.76 -86.04
C VAL I 135 -47.33 -108.58 -86.29
N LEU I 136 -48.35 -108.44 -85.47
CA LEU I 136 -49.20 -107.26 -85.50
C LEU I 136 -49.51 -106.86 -84.06
N LEU I 137 -49.73 -105.57 -83.87
CA LEU I 137 -50.09 -105.04 -82.56
C LEU I 137 -51.19 -104.02 -82.77
N SER I 138 -52.30 -104.20 -82.05
CA SER I 138 -53.45 -103.34 -82.22
C SER I 138 -53.92 -102.85 -80.87
N GLY I 139 -54.30 -101.58 -80.80
CA GLY I 139 -54.85 -100.99 -79.60
C GLY I 139 -56.21 -100.39 -79.87
N SER I 140 -57.16 -100.66 -79.00
CA SER I 140 -58.54 -100.28 -79.20
C SER I 140 -59.04 -99.40 -78.05
N GLN I 141 -60.28 -98.97 -78.15
CA GLN I 141 -60.91 -98.11 -77.16
C GLN I 141 -61.41 -98.87 -75.94
N ASP I 142 -61.50 -100.19 -76.01
CA ASP I 142 -61.96 -100.96 -74.86
C ASP I 142 -60.92 -100.92 -73.74
N GLY I 143 -59.65 -101.09 -74.08
CA GLY I 143 -58.60 -101.07 -73.08
C GLY I 143 -57.55 -102.13 -73.32
N PHE I 144 -57.93 -103.21 -73.99
CA PHE I 144 -57.02 -104.32 -74.24
C PHE I 144 -56.28 -104.10 -75.56
N MET I 145 -55.13 -104.75 -75.68
CA MET I 145 -54.34 -104.73 -76.89
C MET I 145 -53.88 -106.14 -77.23
N LYS I 146 -54.02 -106.49 -78.51
CA LYS I 146 -53.86 -107.86 -78.97
C LYS I 146 -52.65 -107.95 -79.90
N CYS I 147 -52.17 -109.17 -80.11
CA CYS I 147 -50.95 -109.40 -80.88
C CYS I 147 -51.18 -110.61 -81.79
N PHE I 148 -51.62 -110.33 -83.02
CA PHE I 148 -51.92 -111.40 -83.96
C PHE I 148 -50.63 -111.99 -84.52
N ASP I 149 -50.79 -113.05 -85.31
CA ASP I 149 -49.65 -113.75 -85.91
C ASP I 149 -50.11 -114.19 -87.31
N LEU I 150 -49.54 -113.55 -88.33
CA LEU I 150 -50.10 -113.66 -89.67
C LEU I 150 -49.65 -114.92 -90.38
N ARG I 151 -49.69 -116.05 -89.68
CA ARG I 151 -49.76 -117.33 -90.36
C ARG I 151 -50.69 -118.29 -89.61
N ARG I 152 -51.54 -117.77 -88.72
CA ARG I 152 -52.65 -118.49 -88.11
C ARG I 152 -52.16 -119.51 -87.08
N LYS I 153 -50.87 -119.49 -86.78
CA LYS I 153 -50.32 -120.38 -85.76
C LYS I 153 -50.21 -119.65 -84.43
N ASP I 154 -50.49 -120.36 -83.33
CA ASP I 154 -50.31 -119.90 -81.96
C ASP I 154 -51.34 -118.85 -81.55
N SER I 155 -52.21 -118.47 -82.49
CA SER I 155 -53.36 -117.59 -82.25
C SER I 155 -52.93 -116.26 -81.64
N VAL I 156 -53.87 -115.57 -81.00
CA VAL I 156 -53.70 -114.22 -80.48
C VAL I 156 -53.14 -114.29 -79.06
N SER I 157 -52.61 -113.16 -78.57
CA SER I 157 -52.23 -113.02 -77.17
C SER I 157 -52.69 -111.66 -76.68
N THR I 158 -53.44 -111.63 -75.58
CA THR I 158 -54.13 -110.43 -75.13
C THR I 158 -53.44 -109.80 -73.93
N PHE I 159 -53.33 -108.48 -73.95
CA PHE I 159 -52.82 -107.68 -72.86
C PHE I 159 -53.93 -106.79 -72.31
N SER I 160 -53.78 -106.37 -71.06
CA SER I 160 -54.76 -105.51 -70.42
C SER I 160 -54.04 -104.38 -69.69
N GLY I 161 -54.50 -103.15 -69.91
CA GLY I 161 -53.82 -102.00 -69.34
C GLY I 161 -54.53 -101.41 -68.14
N GLN I 162 -55.84 -101.59 -68.08
CA GLN I 162 -56.67 -101.16 -66.95
C GLN I 162 -56.54 -99.66 -66.70
N SER I 163 -56.41 -98.91 -67.79
CA SER I 163 -56.38 -97.46 -67.64
C SER I 163 -57.56 -96.79 -68.33
N GLU I 164 -57.65 -96.93 -69.65
CA GLU I 164 -58.64 -96.25 -70.46
C GLU I 164 -58.49 -96.70 -71.90
N SER I 165 -59.18 -96.04 -72.82
CA SER I 165 -58.90 -96.25 -74.24
C SER I 165 -57.43 -95.97 -74.52
N VAL I 166 -56.77 -96.89 -75.22
CA VAL I 166 -55.37 -96.69 -75.58
C VAL I 166 -55.31 -95.83 -76.83
N ARG I 167 -54.18 -95.18 -77.04
CA ARG I 167 -54.04 -94.19 -78.11
C ARG I 167 -52.92 -94.50 -79.10
N ASP I 168 -51.78 -95.00 -78.64
CA ASP I 168 -50.66 -95.24 -79.53
C ASP I 168 -49.89 -96.48 -79.07
N VAL I 169 -49.16 -97.06 -80.01
CA VAL I 169 -48.35 -98.26 -79.77
C VAL I 169 -47.12 -98.17 -80.66
N GLN I 170 -45.94 -98.46 -80.10
CA GLN I 170 -44.71 -98.37 -80.84
C GLN I 170 -43.75 -99.48 -80.40
N PHE I 171 -43.00 -100.02 -81.35
CA PHE I 171 -41.99 -101.04 -81.08
C PHE I 171 -40.63 -100.39 -80.97
N SER I 172 -39.85 -100.80 -79.97
CA SER I 172 -38.55 -100.18 -79.73
C SER I 172 -37.56 -100.54 -80.83
N ILE I 173 -36.68 -99.59 -81.14
CA ILE I 173 -35.78 -99.73 -82.29
C ILE I 173 -34.58 -100.60 -81.96
N ARG I 174 -33.99 -100.42 -80.78
CA ARG I 174 -32.83 -101.22 -80.38
C ARG I 174 -33.25 -102.53 -79.75
N ASP I 175 -34.00 -102.46 -78.65
CA ASP I 175 -34.49 -103.67 -78.00
C ASP I 175 -35.43 -104.43 -78.92
N TYR I 176 -35.39 -105.75 -78.83
CA TYR I 176 -36.06 -106.61 -79.79
C TYR I 176 -37.47 -106.97 -79.36
N PHE I 177 -37.71 -107.05 -78.05
CA PHE I 177 -38.95 -107.58 -77.50
C PHE I 177 -39.81 -106.57 -76.75
N THR I 178 -39.56 -105.27 -76.88
CA THR I 178 -40.21 -104.28 -76.05
C THR I 178 -41.09 -103.35 -76.89
N PHE I 179 -42.26 -103.03 -76.36
CA PHE I 179 -43.13 -102.06 -77.01
C PHE I 179 -43.77 -101.15 -75.96
N ALA I 180 -44.18 -99.97 -76.40
CA ALA I 180 -44.73 -98.95 -75.53
C ALA I 180 -46.20 -98.71 -75.83
N SER I 181 -46.89 -98.09 -74.87
CA SER I 181 -48.30 -97.79 -74.99
C SER I 181 -48.60 -96.46 -74.32
N THR I 182 -49.68 -95.82 -74.75
CA THR I 182 -50.09 -94.52 -74.24
C THR I 182 -51.59 -94.53 -74.00
N PHE I 183 -52.02 -94.08 -72.83
CA PHE I 183 -53.40 -94.22 -72.39
C PHE I 183 -54.04 -92.87 -72.16
N GLU I 184 -55.37 -92.86 -72.08
CA GLU I 184 -56.12 -91.61 -72.03
C GLU I 184 -56.08 -90.96 -70.65
N ASN I 185 -55.77 -91.71 -69.59
CA ASN I 185 -55.66 -91.08 -68.28
C ASN I 185 -54.34 -90.35 -68.09
N GLY I 186 -53.31 -90.71 -68.86
CA GLY I 186 -52.06 -89.99 -68.80
C GLY I 186 -50.87 -90.85 -68.41
N ASN I 187 -51.00 -92.16 -68.52
CA ASN I 187 -49.94 -93.07 -68.11
C ASN I 187 -49.25 -93.70 -69.31
N VAL I 188 -48.02 -94.14 -69.10
CA VAL I 188 -47.23 -94.80 -70.13
C VAL I 188 -46.67 -96.11 -69.58
N GLN I 189 -47.02 -97.23 -70.21
CA GLN I 189 -46.54 -98.53 -69.76
C GLN I 189 -45.56 -99.11 -70.78
N LEU I 190 -44.91 -100.22 -70.38
CA LEU I 190 -43.81 -100.79 -71.16
C LEU I 190 -43.83 -102.31 -70.96
N TRP I 191 -44.18 -103.03 -72.03
CA TRP I 191 -44.39 -104.47 -71.94
C TRP I 191 -43.30 -105.24 -72.67
N ASP I 192 -43.23 -106.53 -72.37
CA ASP I 192 -42.47 -107.50 -73.15
C ASP I 192 -43.43 -108.55 -73.68
N ILE I 193 -43.25 -108.94 -74.95
CA ILE I 193 -44.26 -109.72 -75.66
C ILE I 193 -44.13 -111.21 -75.39
N ARG I 194 -43.17 -111.62 -74.57
CA ARG I 194 -43.02 -113.01 -74.17
C ARG I 194 -43.55 -113.25 -72.76
N ARG I 195 -44.26 -112.27 -72.21
CA ARG I 195 -44.83 -112.38 -70.89
C ARG I 195 -46.07 -111.49 -70.79
N PRO I 196 -47.17 -111.86 -71.44
CA PRO I 196 -48.36 -111.02 -71.42
C PRO I 196 -49.14 -111.13 -70.11
N ASP I 197 -48.48 -110.90 -68.98
CA ASP I 197 -49.12 -111.02 -67.69
C ASP I 197 -49.05 -109.77 -66.83
N ARG I 198 -47.95 -109.01 -66.90
CA ARG I 198 -47.82 -107.78 -66.14
C ARG I 198 -46.82 -106.88 -66.84
N CYS I 199 -47.09 -105.57 -66.82
CA CYS I 199 -46.20 -104.61 -67.45
C CYS I 199 -44.92 -104.45 -66.65
N GLU I 200 -43.86 -104.02 -67.34
CA GLU I 200 -42.54 -103.88 -66.74
C GLU I 200 -42.28 -102.48 -66.21
N ARG I 201 -43.22 -101.55 -66.35
CA ARG I 201 -43.07 -100.20 -65.81
C ARG I 201 -44.38 -99.46 -65.99
N MET I 202 -44.55 -98.37 -65.24
CA MET I 202 -45.70 -97.49 -65.37
C MET I 202 -45.39 -96.19 -64.65
N PHE I 203 -45.78 -95.07 -65.26
CA PHE I 203 -45.57 -93.77 -64.65
C PHE I 203 -46.48 -92.75 -65.29
N THR I 204 -46.80 -91.71 -64.53
CA THR I 204 -47.67 -90.64 -65.02
C THR I 204 -46.86 -89.64 -65.81
N ALA I 205 -47.28 -89.34 -67.03
CA ALA I 205 -46.53 -88.48 -67.94
C ALA I 205 -47.18 -87.11 -68.13
N HIS I 206 -48.47 -87.08 -68.43
CA HIS I 206 -49.16 -85.83 -68.74
C HIS I 206 -50.39 -85.69 -67.85
N ASN I 207 -50.97 -84.49 -67.85
CA ASN I 207 -52.22 -84.20 -67.17
C ASN I 207 -53.30 -84.29 -68.24
N GLY I 208 -53.77 -85.51 -68.50
CA GLY I 208 -54.75 -85.74 -69.52
C GLY I 208 -54.27 -86.73 -70.56
N PRO I 209 -55.06 -86.92 -71.60
CA PRO I 209 -54.75 -87.95 -72.60
C PRO I 209 -53.38 -87.74 -73.24
N VAL I 210 -52.72 -88.85 -73.56
CA VAL I 210 -51.45 -88.82 -74.27
C VAL I 210 -51.67 -89.38 -75.67
N PHE I 211 -51.43 -88.55 -76.69
CA PHE I 211 -51.84 -88.90 -78.04
C PHE I 211 -50.74 -89.61 -78.82
N CYS I 212 -49.48 -89.28 -78.57
CA CYS I 212 -48.41 -89.76 -79.44
C CYS I 212 -47.15 -90.08 -78.64
N CYS I 213 -46.31 -90.94 -79.21
CA CYS I 213 -45.02 -91.27 -78.65
C CYS I 213 -44.07 -91.65 -79.78
N ASP I 214 -42.77 -91.61 -79.49
CA ASP I 214 -41.76 -91.97 -80.48
C ASP I 214 -40.45 -92.31 -79.78
N TRP I 215 -39.67 -93.19 -80.40
CA TRP I 215 -38.35 -93.58 -79.90
C TRP I 215 -37.25 -92.82 -80.63
N HIS I 216 -36.07 -92.80 -80.02
CA HIS I 216 -34.93 -92.13 -80.63
C HIS I 216 -34.27 -93.05 -81.65
N PRO I 217 -34.02 -92.57 -82.87
CA PRO I 217 -33.34 -93.41 -83.87
C PRO I 217 -31.93 -93.83 -83.47
N GLU I 218 -31.27 -93.09 -82.59
CA GLU I 218 -29.87 -93.37 -82.25
C GLU I 218 -29.62 -93.63 -80.78
N ASP I 219 -30.41 -93.06 -79.87
CA ASP I 219 -30.18 -93.26 -78.44
C ASP I 219 -30.66 -94.64 -78.02
N ARG I 220 -30.66 -94.92 -76.72
CA ARG I 220 -31.05 -96.24 -76.27
C ARG I 220 -32.23 -96.24 -75.31
N GLY I 221 -32.58 -95.11 -74.70
CA GLY I 221 -33.66 -95.08 -73.74
C GLY I 221 -34.45 -93.80 -73.82
N TRP I 222 -34.39 -93.11 -74.94
CA TRP I 222 -35.01 -91.81 -75.10
C TRP I 222 -36.36 -91.96 -75.79
N LEU I 223 -37.40 -91.45 -75.14
CA LEU I 223 -38.75 -91.42 -75.65
C LEU I 223 -39.16 -89.97 -75.88
N ALA I 224 -40.35 -89.80 -76.46
CA ALA I 224 -40.91 -88.48 -76.69
C ALA I 224 -42.41 -88.59 -76.72
N THR I 225 -43.08 -88.06 -75.70
CA THR I 225 -44.52 -88.12 -75.61
C THR I 225 -45.13 -86.74 -75.81
N GLY I 226 -46.32 -86.72 -76.39
CA GLY I 226 -47.06 -85.49 -76.57
C GLY I 226 -48.51 -85.65 -76.18
N GLY I 227 -49.08 -84.65 -75.52
CA GLY I 227 -50.43 -84.80 -75.00
C GLY I 227 -51.39 -83.67 -75.32
N ARG I 228 -52.56 -83.69 -74.69
CA ARG I 228 -53.60 -82.70 -74.89
C ARG I 228 -53.36 -81.44 -74.07
N ASP I 229 -52.48 -81.50 -73.07
CA ASP I 229 -52.15 -80.35 -72.26
C ASP I 229 -51.09 -79.47 -72.91
N LYS I 230 -50.91 -79.60 -74.23
CA LYS I 230 -50.02 -78.75 -75.02
C LYS I 230 -48.57 -78.85 -74.53
N MET I 231 -48.00 -80.04 -74.62
CA MET I 231 -46.67 -80.25 -74.06
C MET I 231 -45.99 -81.39 -74.81
N VAL I 232 -44.66 -81.32 -74.88
CA VAL I 232 -43.84 -82.37 -75.47
C VAL I 232 -42.71 -82.66 -74.49
N LYS I 233 -42.62 -83.90 -74.02
CA LYS I 233 -41.63 -84.27 -73.03
C LYS I 233 -40.73 -85.37 -73.55
N VAL I 234 -39.49 -85.37 -73.06
CA VAL I 234 -38.49 -86.39 -73.40
C VAL I 234 -38.12 -87.12 -72.10
N TRP I 235 -38.14 -88.45 -72.14
CA TRP I 235 -37.92 -89.26 -70.95
C TRP I 235 -36.65 -90.09 -71.10
N ASP I 236 -35.99 -90.34 -69.96
CA ASP I 236 -34.82 -91.21 -69.91
C ASP I 236 -35.19 -92.49 -69.18
N MET I 237 -34.86 -93.63 -69.78
CA MET I 237 -35.30 -94.92 -69.25
C MET I 237 -34.14 -95.89 -69.08
N THR I 238 -32.91 -95.39 -69.00
CA THR I 238 -31.77 -96.23 -68.73
C THR I 238 -31.62 -96.58 -67.26
N THR I 239 -32.20 -95.78 -66.37
CA THR I 239 -32.16 -96.06 -64.94
C THR I 239 -33.36 -96.89 -64.51
N HIS I 240 -33.61 -96.98 -63.21
CA HIS I 240 -34.75 -97.70 -62.67
C HIS I 240 -36.02 -96.88 -62.61
N ARG I 241 -35.93 -95.57 -62.59
CA ARG I 241 -37.10 -94.69 -62.59
C ARG I 241 -37.01 -93.72 -63.76
N ALA I 242 -38.17 -93.35 -64.29
CA ALA I 242 -38.23 -92.48 -65.46
C ALA I 242 -37.94 -91.05 -65.05
N LYS I 243 -37.01 -90.42 -65.75
CA LYS I 243 -36.63 -89.03 -65.50
C LYS I 243 -36.99 -88.18 -66.73
N GLU I 244 -37.27 -86.91 -66.48
CA GLU I 244 -37.69 -85.99 -67.53
C GLU I 244 -36.61 -84.94 -67.74
N MET I 245 -36.06 -84.90 -68.94
CA MET I 245 -35.04 -83.89 -69.22
C MET I 245 -35.63 -82.61 -69.79
N HIS I 246 -36.28 -82.70 -70.94
CA HIS I 246 -36.72 -81.51 -71.64
C HIS I 246 -38.24 -81.38 -71.63
N CYS I 247 -38.71 -80.22 -72.10
CA CYS I 247 -40.12 -79.87 -72.00
C CYS I 247 -40.39 -78.71 -72.95
N VAL I 248 -41.14 -78.96 -74.02
CA VAL I 248 -41.49 -77.94 -75.01
C VAL I 248 -42.95 -77.57 -74.83
N GLN I 249 -43.23 -76.28 -74.72
CA GLN I 249 -44.57 -75.77 -74.48
C GLN I 249 -45.08 -75.14 -75.78
N THR I 250 -45.99 -75.82 -76.47
CA THR I 250 -46.55 -75.31 -77.71
C THR I 250 -47.79 -74.47 -77.40
N ILE I 251 -48.51 -74.06 -78.45
CA ILE I 251 -49.67 -73.21 -78.28
C ILE I 251 -50.98 -73.95 -78.54
N ALA I 252 -50.93 -75.23 -78.86
CA ALA I 252 -52.12 -76.03 -79.06
C ALA I 252 -51.83 -77.49 -78.70
N SER I 253 -52.85 -78.32 -78.78
CA SER I 253 -52.70 -79.74 -78.44
C SER I 253 -51.90 -80.47 -79.51
N VAL I 254 -51.12 -81.46 -79.09
CA VAL I 254 -50.15 -82.14 -79.94
C VAL I 254 -50.73 -83.47 -80.39
N ALA I 255 -50.60 -83.76 -81.69
CA ALA I 255 -51.11 -85.00 -82.27
C ALA I 255 -50.00 -85.95 -82.72
N ARG I 256 -48.91 -85.44 -83.29
CA ARG I 256 -47.85 -86.28 -83.83
C ARG I 256 -46.49 -85.72 -83.45
N VAL I 257 -45.55 -86.63 -83.17
CA VAL I 257 -44.18 -86.28 -82.78
C VAL I 257 -43.22 -87.22 -83.50
N LYS I 258 -42.33 -86.67 -84.32
CA LYS I 258 -41.33 -87.44 -85.04
C LYS I 258 -39.94 -86.84 -84.86
N TRP I 259 -38.95 -87.70 -84.65
CA TRP I 259 -37.56 -87.30 -84.56
C TRP I 259 -36.96 -87.12 -85.95
N ARG I 260 -36.11 -86.10 -86.09
CA ARG I 260 -35.44 -85.86 -87.36
C ARG I 260 -34.27 -86.82 -87.55
N PRO I 261 -34.03 -87.28 -88.78
CA PRO I 261 -32.87 -88.13 -89.04
C PRO I 261 -31.56 -87.35 -88.94
N GLU I 262 -30.56 -87.95 -88.32
CA GLU I 262 -29.16 -87.53 -88.25
C GLU I 262 -28.95 -86.29 -87.39
N CYS I 263 -29.99 -85.67 -86.83
CA CYS I 263 -29.85 -84.52 -85.94
C CYS I 263 -30.56 -84.88 -84.64
N ARG I 264 -29.79 -85.16 -83.59
CA ARG I 264 -30.36 -85.78 -82.39
C ARG I 264 -30.98 -84.77 -81.43
N HIS I 265 -31.31 -83.57 -81.92
CA HIS I 265 -31.96 -82.58 -81.07
C HIS I 265 -33.10 -81.89 -81.80
N HIS I 266 -33.72 -82.57 -82.76
CA HIS I 266 -34.78 -81.98 -83.57
C HIS I 266 -36.03 -82.86 -83.52
N LEU I 267 -37.19 -82.21 -83.66
CA LEU I 267 -38.48 -82.88 -83.62
C LEU I 267 -39.39 -82.27 -84.69
N ALA I 268 -40.56 -82.87 -84.86
CA ALA I 268 -41.58 -82.35 -85.76
C ALA I 268 -42.94 -82.62 -85.16
N THR I 269 -43.75 -81.57 -85.01
CA THR I 269 -45.05 -81.69 -84.37
C THR I 269 -46.12 -81.02 -85.21
N CYS I 270 -47.33 -81.57 -85.13
CA CYS I 270 -48.53 -80.95 -85.70
C CYS I 270 -49.62 -81.00 -84.64
N SER I 271 -50.63 -80.15 -84.80
CA SER I 271 -51.64 -79.96 -83.78
C SER I 271 -52.91 -80.72 -84.15
N MET I 272 -53.79 -80.86 -83.15
CA MET I 272 -55.08 -81.52 -83.32
C MET I 272 -56.25 -80.55 -83.40
N MET I 273 -56.03 -79.28 -83.13
CA MET I 273 -57.10 -78.29 -83.20
C MET I 273 -56.49 -76.92 -83.45
N VAL I 274 -57.33 -75.99 -83.88
CA VAL I 274 -57.05 -74.56 -84.05
C VAL I 274 -55.84 -74.25 -84.95
N ASP I 275 -54.72 -74.94 -84.75
CA ASP I 275 -53.45 -74.58 -85.38
C ASP I 275 -53.20 -75.46 -86.59
N HIS I 276 -52.86 -74.83 -87.72
CA HIS I 276 -52.63 -75.53 -88.98
C HIS I 276 -51.16 -75.70 -89.34
N ASN I 277 -50.25 -75.10 -88.58
CA ASN I 277 -48.85 -75.08 -88.97
C ASN I 277 -48.16 -76.40 -88.64
N ILE I 278 -46.96 -76.57 -89.17
CA ILE I 278 -46.08 -77.68 -88.84
C ILE I 278 -44.77 -77.10 -88.34
N TYR I 279 -44.34 -77.53 -87.15
CA TYR I 279 -43.17 -76.94 -86.51
C TYR I 279 -42.05 -77.95 -86.40
N VAL I 280 -40.82 -77.43 -86.40
CA VAL I 280 -39.63 -78.21 -86.10
C VAL I 280 -38.93 -77.54 -84.94
N TRP I 281 -38.88 -78.22 -83.80
CA TRP I 281 -38.33 -77.68 -82.57
C TRP I 281 -36.91 -78.17 -82.34
N ASP I 282 -36.16 -77.39 -81.56
CA ASP I 282 -34.88 -77.81 -81.01
C ASP I 282 -35.01 -77.88 -79.50
N VAL I 283 -34.77 -79.06 -78.93
CA VAL I 283 -35.07 -79.28 -77.52
C VAL I 283 -34.14 -78.54 -76.58
N ARG I 284 -33.08 -77.93 -77.10
CA ARG I 284 -32.20 -77.09 -76.29
C ARG I 284 -32.62 -75.62 -76.33
N ARG I 285 -33.71 -75.31 -77.01
CA ARG I 285 -34.26 -73.96 -77.06
C ARG I 285 -35.78 -74.08 -77.14
N PRO I 286 -36.43 -74.52 -76.07
CA PRO I 286 -37.84 -74.95 -76.18
C PRO I 286 -38.82 -73.81 -76.40
N PHE I 287 -38.41 -72.55 -76.26
CA PHE I 287 -39.34 -71.45 -76.29
C PHE I 287 -39.65 -70.92 -77.68
N VAL I 288 -38.71 -71.05 -78.62
CA VAL I 288 -38.92 -70.53 -79.98
C VAL I 288 -38.69 -71.64 -80.99
N PRO I 289 -39.61 -71.88 -81.92
CA PRO I 289 -39.41 -72.92 -82.94
C PRO I 289 -38.27 -72.55 -83.88
N ALA I 290 -37.56 -73.58 -84.37
CA ALA I 290 -36.47 -73.40 -85.30
C ALA I 290 -36.93 -73.24 -86.74
N ALA I 291 -38.17 -73.61 -87.05
CA ALA I 291 -38.71 -73.50 -88.40
C ALA I 291 -40.21 -73.76 -88.36
N MET I 292 -40.95 -73.29 -89.37
CA MET I 292 -42.38 -73.59 -89.43
C MET I 292 -42.88 -73.55 -90.86
N PHE I 293 -43.58 -74.60 -91.26
CA PHE I 293 -44.20 -74.67 -92.57
C PHE I 293 -45.67 -74.30 -92.44
N GLU I 294 -46.11 -73.32 -93.21
CA GLU I 294 -47.48 -72.84 -93.09
C GLU I 294 -48.22 -72.87 -94.42
N GLU I 295 -48.14 -74.00 -95.12
CA GLU I 295 -48.76 -74.11 -96.43
C GLU I 295 -50.22 -74.56 -96.38
N HIS I 296 -50.59 -75.38 -95.40
CA HIS I 296 -51.92 -75.96 -95.37
C HIS I 296 -52.97 -74.91 -95.01
N ARG I 297 -54.24 -75.27 -95.22
CA ARG I 297 -55.38 -74.42 -94.90
C ARG I 297 -56.35 -75.10 -93.95
N ASP I 298 -55.95 -76.22 -93.36
CA ASP I 298 -56.73 -76.90 -92.33
C ASP I 298 -55.78 -77.69 -91.46
N VAL I 299 -56.34 -78.41 -90.49
CA VAL I 299 -55.53 -79.11 -89.51
C VAL I 299 -54.73 -80.21 -90.19
N THR I 300 -53.45 -80.30 -89.86
CA THR I 300 -52.61 -81.38 -90.36
C THR I 300 -52.86 -82.66 -89.56
N THR I 301 -52.88 -83.79 -90.25
CA THR I 301 -53.22 -85.06 -89.64
C THR I 301 -52.06 -86.06 -89.59
N GLY I 302 -51.21 -86.09 -90.61
CA GLY I 302 -50.09 -87.02 -90.60
C GLY I 302 -48.81 -86.46 -91.17
N ILE I 303 -47.68 -86.80 -90.57
CA ILE I 303 -46.37 -86.39 -91.01
C ILE I 303 -45.45 -87.60 -91.04
N ALA I 304 -44.41 -87.52 -91.88
CA ALA I 304 -43.45 -88.61 -92.00
C ALA I 304 -42.20 -88.12 -92.72
N TRP I 305 -41.04 -88.47 -92.19
CA TRP I 305 -39.78 -88.21 -92.88
C TRP I 305 -39.60 -89.28 -93.96
N ARG I 306 -39.16 -88.85 -95.14
CA ARG I 306 -39.08 -89.73 -96.30
C ARG I 306 -38.12 -90.89 -96.08
N HIS I 307 -36.86 -90.59 -95.88
CA HIS I 307 -35.83 -91.59 -95.68
C HIS I 307 -35.26 -91.49 -94.28
N PRO I 308 -34.86 -92.61 -93.68
CA PRO I 308 -34.15 -92.57 -92.39
C PRO I 308 -32.74 -91.99 -92.44
N HIS I 309 -32.29 -91.49 -93.60
CA HIS I 309 -30.92 -91.02 -93.71
C HIS I 309 -30.79 -89.72 -94.51
N ASP I 310 -31.88 -89.05 -94.84
CA ASP I 310 -31.83 -87.78 -95.55
C ASP I 310 -32.64 -86.76 -94.75
N PRO I 311 -32.00 -85.84 -94.04
CA PRO I 311 -32.76 -84.92 -93.18
C PRO I 311 -33.22 -83.68 -93.91
N SER I 312 -33.82 -83.84 -95.09
CA SER I 312 -34.24 -82.66 -95.83
C SER I 312 -35.57 -82.83 -96.55
N PHE I 313 -36.37 -83.84 -96.21
CA PHE I 313 -37.62 -84.08 -96.90
C PHE I 313 -38.69 -84.47 -95.89
N LEU I 314 -39.87 -83.85 -96.00
CA LEU I 314 -40.98 -84.13 -95.09
C LEU I 314 -42.27 -84.19 -95.89
N LEU I 315 -43.07 -85.22 -95.64
CA LEU I 315 -44.35 -85.38 -96.30
C LEU I 315 -45.49 -85.20 -95.30
N SER I 316 -46.53 -84.49 -95.72
CA SER I 316 -47.65 -84.19 -94.86
C SER I 316 -48.96 -84.39 -95.61
N GLY I 317 -49.99 -84.80 -94.87
CA GLY I 317 -51.33 -84.95 -95.40
C GLY I 317 -52.35 -84.33 -94.48
N SER I 318 -53.16 -83.41 -94.99
CA SER I 318 -54.05 -82.60 -94.18
C SER I 318 -55.50 -82.90 -94.51
N LYS I 319 -56.39 -82.15 -93.85
CA LYS I 319 -57.83 -82.38 -93.89
C LYS I 319 -58.51 -81.36 -94.81
N ASP I 320 -57.81 -80.95 -95.86
CA ASP I 320 -58.39 -80.11 -96.89
C ASP I 320 -58.21 -80.77 -98.25
N SER I 321 -58.14 -82.10 -98.24
CA SER I 321 -57.90 -82.90 -99.43
C SER I 321 -56.63 -82.44 -100.13
N SER I 322 -55.49 -82.50 -99.42
CA SER I 322 -54.23 -82.07 -99.99
C SER I 322 -53.10 -82.95 -99.44
N LEU I 323 -52.07 -83.12 -100.26
CA LEU I 323 -50.87 -83.86 -99.89
C LEU I 323 -49.67 -83.12 -100.43
N CYS I 324 -48.67 -82.90 -99.57
CA CYS I 324 -47.55 -82.03 -99.94
C CYS I 324 -46.25 -82.63 -99.44
N GLN I 325 -45.16 -82.21 -100.09
CA GLN I 325 -43.80 -82.51 -99.67
C GLN I 325 -43.06 -81.21 -99.40
N HIS I 326 -42.35 -81.16 -98.29
CA HIS I 326 -41.71 -79.94 -97.82
C HIS I 326 -40.19 -80.08 -97.86
N LEU I 327 -39.54 -78.98 -98.19
CA LEU I 327 -38.08 -78.90 -98.23
C LEU I 327 -37.62 -78.03 -97.08
N PHE I 328 -36.69 -78.55 -96.27
CA PHE I 328 -36.28 -77.85 -95.07
C PHE I 328 -35.61 -76.51 -95.37
N ARG I 329 -34.97 -76.38 -96.53
CA ARG I 329 -34.31 -75.15 -96.93
C ARG I 329 -35.27 -74.15 -97.55
N ASP I 330 -36.57 -74.30 -97.30
CA ASP I 330 -37.55 -73.36 -97.80
C ASP I 330 -38.56 -72.96 -96.74
N ALA I 331 -38.29 -73.23 -95.47
CA ALA I 331 -39.21 -72.95 -94.39
C ALA I 331 -39.21 -71.46 -94.08
N SER I 332 -39.92 -71.08 -93.02
CA SER I 332 -40.03 -69.68 -92.58
C SER I 332 -39.45 -69.60 -91.18
N GLN I 333 -38.16 -69.31 -91.09
CA GLN I 333 -37.49 -69.23 -89.81
C GLN I 333 -37.98 -68.01 -89.05
N PRO I 334 -38.57 -68.17 -87.86
CA PRO I 334 -39.07 -67.02 -87.10
C PRO I 334 -38.10 -66.44 -86.08
N VAL I 335 -36.96 -67.10 -85.83
CA VAL I 335 -35.99 -66.52 -84.91
C VAL I 335 -35.36 -65.28 -85.51
N GLU I 336 -34.92 -65.34 -86.76
CA GLU I 336 -34.32 -64.19 -87.41
C GLU I 336 -35.36 -63.40 -88.19
N ARG I 337 -36.49 -63.13 -87.52
CA ARG I 337 -37.50 -62.24 -88.06
C ARG I 337 -38.15 -61.43 -86.94
N ALA I 338 -37.42 -61.21 -85.85
CA ALA I 338 -37.98 -60.61 -84.65
C ALA I 338 -37.22 -59.34 -84.28
N ASN I 339 -37.78 -58.62 -83.31
CA ASN I 339 -37.24 -57.37 -82.80
C ASN I 339 -36.34 -57.65 -81.60
N PRO I 340 -35.06 -57.32 -81.66
CA PRO I 340 -34.11 -57.72 -80.61
C PRO I 340 -33.98 -56.78 -79.42
N GLU I 341 -34.63 -55.62 -79.40
CA GLU I 341 -34.40 -54.65 -78.34
C GLU I 341 -35.65 -53.86 -78.02
N GLY I 342 -35.66 -53.28 -76.82
CA GLY I 342 -36.74 -52.41 -76.40
C GLY I 342 -36.21 -51.14 -75.79
N LEU I 343 -37.06 -50.11 -75.76
CA LEU I 343 -36.62 -48.77 -75.41
C LEU I 343 -37.78 -47.99 -74.81
N CYS I 344 -37.52 -47.23 -73.74
CA CYS I 344 -38.54 -46.41 -73.11
C CYS I 344 -37.89 -45.19 -72.43
N TYR I 345 -38.61 -44.08 -72.45
CA TYR I 345 -38.18 -42.83 -71.83
C TYR I 345 -38.99 -42.60 -70.56
N GLY I 346 -38.30 -42.25 -69.48
CA GLY I 346 -38.95 -42.07 -68.20
C GLY I 346 -39.49 -40.66 -67.99
N LEU I 347 -39.90 -40.39 -66.76
CA LEU I 347 -40.40 -39.08 -66.38
C LEU I 347 -39.30 -38.18 -65.85
N PHE I 348 -38.42 -38.71 -65.01
CA PHE I 348 -37.34 -37.95 -64.42
C PHE I 348 -36.11 -37.88 -65.30
N GLY I 349 -36.23 -38.24 -66.57
CA GLY I 349 -35.12 -38.21 -67.49
C GLY I 349 -34.38 -39.50 -67.67
N ASP I 350 -34.82 -40.57 -67.02
CA ASP I 350 -34.14 -41.85 -67.15
C ASP I 350 -34.40 -42.46 -68.53
N LEU I 351 -33.54 -43.40 -68.91
CA LEU I 351 -33.66 -44.14 -70.16
C LEU I 351 -33.45 -45.61 -69.88
N ALA I 352 -34.34 -46.45 -70.39
CA ALA I 352 -34.25 -47.89 -70.25
C ALA I 352 -34.00 -48.51 -71.61
N PHE I 353 -32.96 -49.34 -71.71
CA PHE I 353 -32.57 -49.95 -72.97
C PHE I 353 -32.14 -51.39 -72.71
N ALA I 354 -32.83 -52.32 -73.34
CA ALA I 354 -32.49 -53.74 -73.28
C ALA I 354 -32.24 -54.24 -74.69
N ALA I 355 -31.17 -55.02 -74.87
CA ALA I 355 -30.76 -55.43 -76.20
C ALA I 355 -30.08 -56.78 -76.12
N LYS I 356 -29.93 -57.41 -77.28
CA LYS I 356 -29.30 -58.72 -77.40
C LYS I 356 -27.85 -58.65 -76.98
N GLU I 357 -27.32 -59.80 -76.56
CA GLU I 357 -25.94 -59.89 -76.11
C GLU I 357 -24.97 -60.18 -77.24
N SER I 358 -25.44 -60.22 -78.48
CA SER I 358 -24.57 -60.35 -79.64
C SER I 358 -24.35 -59.04 -80.36
N LEU I 359 -25.29 -58.10 -80.25
CA LEU I 359 -25.12 -56.78 -80.87
C LEU I 359 -24.49 -55.77 -79.94
N VAL I 360 -24.61 -55.95 -78.63
CA VAL I 360 -24.10 -54.98 -77.66
C VAL I 360 -22.63 -55.24 -77.40
N ALA I 361 -22.31 -56.47 -77.01
CA ALA I 361 -20.94 -56.84 -76.73
C ALA I 361 -20.31 -57.57 -77.91
N LEU I 392 -26.66 -66.02 -78.13
CA LEU I 392 -27.73 -65.36 -78.85
C LEU I 392 -29.10 -65.75 -78.29
N ALA I 393 -29.16 -65.93 -76.98
CA ALA I 393 -30.41 -66.31 -76.33
C ALA I 393 -30.70 -65.52 -75.06
N SER I 394 -29.98 -64.44 -74.79
CA SER I 394 -30.21 -63.63 -73.60
C SER I 394 -30.21 -62.17 -73.99
N SER I 395 -30.51 -61.30 -73.03
CA SER I 395 -30.58 -59.87 -73.27
C SER I 395 -29.73 -59.16 -72.21
N ALA I 396 -29.78 -57.84 -72.19
CA ALA I 396 -28.94 -57.06 -71.27
C ALA I 396 -29.67 -55.74 -70.95
N LEU I 397 -30.29 -55.69 -69.79
CA LEU I 397 -30.97 -54.50 -69.34
C LEU I 397 -29.97 -53.48 -68.79
N SER I 398 -30.23 -52.21 -69.09
CA SER I 398 -29.39 -51.12 -68.60
C SER I 398 -30.17 -49.82 -68.56
N VAL I 399 -30.17 -49.15 -67.42
CA VAL I 399 -30.82 -47.86 -67.26
C VAL I 399 -29.78 -46.76 -67.31
N PHE I 400 -30.06 -45.72 -68.09
CA PHE I 400 -29.19 -44.56 -68.23
C PHE I 400 -29.80 -43.42 -67.42
N GLU I 401 -28.99 -42.83 -66.54
CA GLU I 401 -29.47 -41.72 -65.70
C GLU I 401 -29.20 -40.37 -66.35
N THR I 402 -29.66 -40.22 -67.59
CA THR I 402 -29.48 -38.96 -68.32
C THR I 402 -30.23 -37.82 -67.65
N MET I 409 -35.49 -31.47 -64.93
CA MET I 409 -36.74 -30.71 -64.85
C MET I 409 -36.94 -30.15 -63.46
N ARG I 410 -35.85 -29.83 -62.77
CA ARG I 410 -35.97 -29.23 -61.45
C ARG I 410 -36.54 -27.82 -61.52
N TRP I 411 -36.33 -27.12 -62.64
CA TRP I 411 -36.88 -25.77 -62.79
C TRP I 411 -38.40 -25.79 -62.77
N PHE I 412 -39.02 -26.80 -63.38
CA PHE I 412 -40.47 -26.93 -63.36
C PHE I 412 -40.99 -27.01 -61.92
N VAL I 413 -40.45 -27.94 -61.14
CA VAL I 413 -40.92 -28.17 -59.78
C VAL I 413 -40.55 -27.06 -58.82
N ASP I 414 -39.49 -26.32 -59.09
CA ASP I 414 -39.13 -25.18 -58.26
C ASP I 414 -39.90 -23.92 -58.62
N THR I 415 -40.30 -23.77 -59.87
CA THR I 415 -41.12 -22.63 -60.27
C THR I 415 -42.56 -22.82 -59.82
N ALA I 416 -43.05 -24.06 -59.86
CA ALA I 416 -44.43 -24.33 -59.49
C ALA I 416 -44.73 -23.94 -58.05
N GLU I 417 -43.81 -24.23 -57.14
CA GLU I 417 -44.07 -24.00 -55.72
C GLU I 417 -43.92 -22.53 -55.34
N ARG I 418 -42.95 -21.84 -55.92
CA ARG I 418 -42.58 -20.49 -55.47
C ARG I 418 -43.38 -19.38 -56.14
N TYR I 419 -44.23 -19.69 -57.11
CA TYR I 419 -44.98 -18.67 -57.82
C TYR I 419 -46.21 -18.26 -57.02
N ALA I 420 -46.53 -16.98 -57.06
CA ALA I 420 -47.75 -16.45 -56.44
C ALA I 420 -48.72 -16.00 -57.52
N LEU I 421 -49.99 -16.35 -57.36
CA LEU I 421 -50.96 -16.13 -58.42
C LEU I 421 -52.03 -15.10 -58.03
N ALA I 422 -52.57 -15.22 -56.83
CA ALA I 422 -53.61 -14.30 -56.36
C ALA I 422 -53.30 -13.83 -54.94
N GLY I 423 -54.07 -12.84 -54.51
CA GLY I 423 -53.98 -12.35 -53.15
C GLY I 423 -53.56 -10.90 -53.01
N ARG I 424 -52.59 -10.48 -53.81
CA ARG I 424 -52.12 -9.10 -53.80
C ARG I 424 -52.43 -8.44 -55.14
N PRO I 425 -52.29 -7.13 -55.27
CA PRO I 425 -52.47 -6.50 -56.59
C PRO I 425 -51.38 -6.86 -57.59
N LEU I 426 -51.48 -6.31 -58.80
CA LEU I 426 -50.67 -6.73 -59.93
C LEU I 426 -49.17 -6.53 -59.73
N ALA I 427 -48.79 -5.35 -59.25
CA ALA I 427 -47.37 -4.98 -59.24
C ALA I 427 -46.54 -5.92 -58.38
N GLU I 428 -46.98 -6.19 -57.15
CA GLU I 428 -46.19 -7.03 -56.26
C GLU I 428 -46.14 -8.47 -56.75
N LEU I 429 -47.23 -8.96 -57.33
CA LEU I 429 -47.19 -10.30 -57.93
C LEU I 429 -46.15 -10.37 -59.04
N CYS I 430 -46.13 -9.35 -59.91
CA CYS I 430 -45.17 -9.33 -61.00
C CYS I 430 -43.74 -9.28 -60.48
N ASP I 431 -43.48 -8.45 -59.47
CA ASP I 431 -42.13 -8.35 -58.93
C ASP I 431 -41.71 -9.65 -58.25
N HIS I 432 -42.62 -10.29 -57.52
CA HIS I 432 -42.31 -11.57 -56.88
C HIS I 432 -41.93 -12.60 -57.91
N ASN I 433 -42.73 -12.73 -58.97
CA ASN I 433 -42.43 -13.72 -59.99
C ASN I 433 -41.12 -13.41 -60.70
N ALA I 434 -40.86 -12.13 -60.95
CA ALA I 434 -39.60 -11.74 -61.60
C ALA I 434 -38.40 -12.10 -60.73
N LYS I 435 -38.50 -11.84 -59.42
CA LYS I 435 -37.40 -12.20 -58.52
C LYS I 435 -37.18 -13.70 -58.51
N VAL I 436 -38.27 -14.49 -58.50
CA VAL I 436 -38.12 -15.95 -58.51
C VAL I 436 -37.42 -16.40 -59.78
N ALA I 437 -37.88 -15.92 -60.93
CA ALA I 437 -37.31 -16.34 -62.20
C ALA I 437 -35.85 -15.95 -62.30
N ARG I 438 -35.51 -14.74 -61.85
CA ARG I 438 -34.12 -14.30 -61.86
C ARG I 438 -33.26 -15.16 -60.96
N GLU I 439 -33.75 -15.49 -59.76
CA GLU I 439 -32.99 -16.32 -58.85
C GLU I 439 -32.82 -17.75 -59.36
N LEU I 440 -33.70 -18.22 -60.25
CA LEU I 440 -33.52 -19.54 -60.82
C LEU I 440 -32.55 -19.60 -61.99
N GLY I 441 -32.34 -18.49 -62.68
CA GLY I 441 -31.43 -18.46 -63.82
C GLY I 441 -32.07 -18.19 -65.15
N ARG I 442 -33.39 -17.99 -65.21
CA ARG I 442 -34.09 -17.72 -66.46
C ARG I 442 -34.30 -16.22 -66.59
N ASN I 443 -33.56 -15.59 -67.50
CA ASN I 443 -33.52 -14.13 -67.54
C ASN I 443 -34.64 -13.56 -68.41
N GLN I 444 -34.92 -14.18 -69.56
CA GLN I 444 -35.95 -13.67 -70.45
C GLN I 444 -37.32 -13.70 -69.79
N VAL I 445 -37.61 -14.75 -69.02
CA VAL I 445 -38.89 -14.83 -68.32
C VAL I 445 -39.00 -13.69 -67.30
N ALA I 446 -37.91 -13.41 -66.60
CA ALA I 446 -37.91 -12.32 -65.64
C ALA I 446 -38.15 -10.99 -66.33
N GLN I 447 -37.52 -10.77 -67.47
CA GLN I 447 -37.73 -9.52 -68.21
C GLN I 447 -39.16 -9.42 -68.71
N THR I 448 -39.74 -10.54 -69.11
CA THR I 448 -41.15 -10.54 -69.51
C THR I 448 -42.05 -10.15 -68.36
N TRP I 449 -41.81 -10.72 -67.18
CA TRP I 449 -42.61 -10.36 -66.01
C TRP I 449 -42.48 -8.89 -65.69
N THR I 450 -41.25 -8.35 -65.73
CA THR I 450 -41.04 -6.94 -65.44
C THR I 450 -41.74 -6.05 -66.46
N MET I 451 -41.61 -6.38 -67.75
CA MET I 451 -42.23 -5.59 -68.80
C MET I 451 -43.75 -5.63 -68.71
N LEU I 452 -44.32 -6.73 -68.23
CA LEU I 452 -45.77 -6.82 -68.13
C LEU I 452 -46.35 -5.90 -67.08
N ARG I 453 -45.53 -5.37 -66.17
CA ARG I 453 -45.98 -4.40 -65.18
C ARG I 453 -46.04 -2.98 -65.72
N ILE I 454 -45.05 -2.57 -66.50
CA ILE I 454 -45.06 -1.25 -67.10
C ILE I 454 -46.21 -1.08 -68.09
N ILE I 455 -46.59 -2.14 -68.79
CA ILE I 455 -47.67 -2.04 -69.76
C ILE I 455 -49.01 -1.76 -69.09
N TYR I 456 -49.26 -2.36 -67.92
CA TYR I 456 -50.58 -2.25 -67.32
C TYR I 456 -50.58 -1.38 -66.05
N CYS I 457 -49.75 -1.74 -65.08
CA CYS I 457 -49.74 -1.04 -63.80
C CYS I 457 -48.97 0.27 -63.90
N SER I 458 -49.66 1.35 -64.23
CA SER I 458 -49.02 2.65 -64.38
C SER I 458 -50.03 3.79 -64.23
N SER I 626 -53.38 13.74 -73.99
CA SER I 626 -53.20 12.56 -74.83
C SER I 626 -52.56 11.42 -74.06
N ARG I 627 -52.24 10.35 -74.79
CA ARG I 627 -51.55 9.19 -74.25
C ARG I 627 -51.29 8.22 -75.39
N LEU I 628 -50.67 7.08 -75.10
CA LEU I 628 -50.73 6.02 -76.09
C LEU I 628 -52.18 5.54 -76.23
N PRO I 629 -52.55 5.03 -77.39
CA PRO I 629 -53.95 4.61 -77.61
C PRO I 629 -54.38 3.58 -76.58
N PRO I 630 -55.70 3.50 -76.30
CA PRO I 630 -56.20 2.65 -75.20
C PRO I 630 -55.55 1.28 -75.09
N ASP I 631 -55.54 0.52 -76.18
CA ASP I 631 -54.91 -0.81 -76.20
C ASP I 631 -53.87 -0.88 -77.33
N PHE I 632 -52.68 -0.35 -77.04
CA PHE I 632 -51.61 -0.33 -78.01
C PHE I 632 -50.82 -1.64 -77.98
N PHE I 633 -50.80 -2.33 -76.85
CA PHE I 633 -50.09 -3.59 -76.69
C PHE I 633 -51.01 -4.79 -76.64
N GLY I 634 -52.30 -4.61 -76.95
CA GLY I 634 -53.24 -5.71 -76.88
C GLY I 634 -52.97 -6.82 -77.88
N VAL I 635 -52.13 -6.57 -78.88
CA VAL I 635 -51.87 -7.55 -79.92
C VAL I 635 -50.49 -8.17 -79.76
N LEU I 636 -49.77 -7.82 -78.69
CA LEU I 636 -48.46 -8.39 -78.44
C LEU I 636 -48.44 -9.38 -77.30
N VAL I 637 -49.29 -9.19 -76.28
CA VAL I 637 -49.37 -10.17 -75.19
C VAL I 637 -49.92 -11.49 -75.71
N ARG I 638 -50.84 -11.42 -76.68
CA ARG I 638 -51.36 -12.65 -77.28
C ARG I 638 -50.27 -13.39 -78.02
N ASP I 639 -49.44 -12.67 -78.78
CA ASP I 639 -48.34 -13.30 -79.49
C ASP I 639 -47.33 -13.89 -78.51
N MET I 640 -47.07 -13.20 -77.40
CA MET I 640 -46.16 -13.74 -76.40
C MET I 640 -46.70 -15.04 -75.81
N LEU I 641 -48.00 -15.08 -75.51
CA LEU I 641 -48.60 -16.29 -74.94
C LEU I 641 -48.52 -17.45 -75.93
N HIS I 642 -48.83 -17.20 -77.19
CA HIS I 642 -48.74 -18.26 -78.19
C HIS I 642 -47.30 -18.69 -78.41
N PHE I 643 -46.36 -17.73 -78.37
CA PHE I 643 -44.94 -18.04 -78.49
C PHE I 643 -44.48 -18.97 -77.38
N TYR I 644 -44.90 -18.71 -76.15
CA TYR I 644 -44.52 -19.57 -75.04
C TYR I 644 -45.22 -20.91 -75.07
N ALA I 645 -46.48 -20.95 -75.53
CA ALA I 645 -47.20 -22.22 -75.55
C ALA I 645 -46.77 -23.14 -76.68
N GLU I 646 -46.26 -22.58 -77.79
CA GLU I 646 -45.84 -23.44 -78.89
C GLU I 646 -44.60 -24.26 -78.55
N GLN I 647 -43.66 -23.69 -77.79
CA GLN I 647 -42.45 -24.41 -77.44
C GLN I 647 -42.71 -25.54 -76.45
N GLY I 648 -43.90 -25.61 -75.88
CA GLY I 648 -44.20 -26.59 -74.85
C GLY I 648 -44.15 -26.07 -73.43
N ASP I 649 -44.01 -24.76 -73.25
CA ASP I 649 -43.97 -24.16 -71.92
C ASP I 649 -45.34 -23.55 -71.64
N VAL I 650 -46.26 -24.40 -71.21
CA VAL I 650 -47.60 -23.93 -70.87
C VAL I 650 -47.68 -23.35 -69.47
N GLN I 651 -46.65 -23.60 -68.65
CA GLN I 651 -46.63 -23.04 -67.31
C GLN I 651 -46.67 -21.52 -67.34
N MET I 652 -45.82 -20.91 -68.19
CA MET I 652 -45.76 -19.46 -68.26
C MET I 652 -47.07 -18.88 -68.77
N ALA I 653 -47.64 -19.47 -69.83
CA ALA I 653 -48.88 -18.97 -70.39
C ALA I 653 -50.02 -19.03 -69.39
N VAL I 654 -50.16 -20.16 -68.70
CA VAL I 654 -51.25 -20.32 -67.74
C VAL I 654 -51.07 -19.37 -66.56
N SER I 655 -49.83 -19.23 -66.08
CA SER I 655 -49.61 -18.31 -64.96
C SER I 655 -49.93 -16.87 -65.33
N VAL I 656 -49.52 -16.45 -66.53
CA VAL I 656 -49.81 -15.09 -66.96
C VAL I 656 -51.31 -14.89 -67.12
N LEU I 657 -52.00 -15.89 -67.68
CA LEU I 657 -53.44 -15.79 -67.84
C LEU I 657 -54.14 -15.64 -66.50
N ILE I 658 -53.69 -16.38 -65.49
CA ILE I 658 -54.33 -16.29 -64.19
C ILE I 658 -54.03 -14.95 -63.53
N VAL I 659 -52.80 -14.47 -63.65
CA VAL I 659 -52.42 -13.23 -62.97
C VAL I 659 -53.13 -12.03 -63.60
N LEU I 660 -53.12 -11.93 -64.92
CA LEU I 660 -53.74 -10.78 -65.58
C LEU I 660 -55.24 -10.76 -65.35
N GLY I 661 -55.91 -11.88 -65.60
CA GLY I 661 -57.30 -12.04 -65.23
C GLY I 661 -58.33 -11.69 -66.28
N GLU I 662 -58.52 -10.41 -66.57
CA GLU I 662 -59.61 -9.98 -67.43
C GLU I 662 -59.16 -9.07 -68.56
N ARG I 663 -57.90 -8.69 -68.62
CA ARG I 663 -57.39 -7.80 -69.66
C ARG I 663 -56.90 -8.55 -70.89
N VAL I 664 -56.82 -9.88 -70.82
CA VAL I 664 -56.31 -10.67 -71.94
C VAL I 664 -57.30 -11.80 -72.19
N ARG I 665 -58.38 -11.82 -71.41
CA ARG I 665 -59.30 -12.94 -71.40
C ARG I 665 -60.09 -13.09 -72.69
N LYS I 666 -60.70 -12.02 -73.19
CA LYS I 666 -61.56 -12.12 -74.37
C LYS I 666 -60.77 -11.90 -75.65
N ASP I 667 -59.63 -12.60 -75.75
CA ASP I 667 -58.77 -12.50 -76.91
C ASP I 667 -58.36 -13.89 -77.38
N ILE I 668 -58.31 -14.84 -76.43
CA ILE I 668 -57.90 -16.20 -76.76
C ILE I 668 -59.14 -17.06 -76.91
N ASP I 669 -59.17 -17.88 -77.96
CA ASP I 669 -60.32 -18.73 -78.23
C ASP I 669 -60.57 -19.69 -77.09
N GLU I 670 -61.84 -20.04 -76.88
CA GLU I 670 -62.26 -20.83 -75.73
C GLU I 670 -61.71 -22.25 -75.76
N GLN I 671 -61.37 -22.77 -76.94
CA GLN I 671 -60.85 -24.13 -77.02
C GLN I 671 -59.33 -24.18 -76.87
N THR I 672 -58.66 -23.05 -76.76
CA THR I 672 -57.22 -23.03 -76.54
C THR I 672 -56.86 -22.91 -75.06
N GLN I 673 -57.62 -22.11 -74.31
CA GLN I 673 -57.44 -22.04 -72.87
C GLN I 673 -57.69 -23.39 -72.21
N GLU I 674 -58.72 -24.11 -72.68
CA GLU I 674 -59.00 -25.44 -72.14
C GLU I 674 -57.84 -26.39 -72.38
N HIS I 675 -57.27 -26.39 -73.58
CA HIS I 675 -56.12 -27.22 -73.92
C HIS I 675 -54.94 -26.89 -73.03
N TRP I 676 -54.64 -25.59 -72.89
CA TRP I 676 -53.52 -25.16 -72.05
C TRP I 676 -53.70 -25.52 -70.59
N TYR I 677 -54.90 -25.34 -70.03
CA TYR I 677 -55.17 -25.71 -68.65
C TYR I 677 -55.06 -27.21 -68.43
N THR I 678 -55.65 -28.01 -69.32
CA THR I 678 -55.63 -29.45 -69.15
C THR I 678 -54.22 -30.02 -69.22
N SER I 679 -53.42 -29.54 -70.17
CA SER I 679 -52.05 -30.04 -70.27
C SER I 679 -51.25 -29.73 -69.00
N TYR I 680 -51.40 -28.51 -68.49
CA TYR I 680 -50.72 -28.12 -67.28
C TYR I 680 -51.16 -28.96 -66.08
N ILE I 681 -52.46 -29.21 -65.96
CA ILE I 681 -52.97 -30.01 -64.85
C ILE I 681 -52.40 -31.42 -64.91
N ASP I 682 -52.39 -32.03 -66.10
CA ASP I 682 -51.84 -33.38 -66.22
C ASP I 682 -50.35 -33.41 -65.87
N LEU I 683 -49.59 -32.44 -66.37
CA LEU I 683 -48.16 -32.41 -66.07
C LEU I 683 -47.92 -32.23 -64.57
N LEU I 684 -48.73 -31.42 -63.91
CA LEU I 684 -48.60 -31.25 -62.47
C LEU I 684 -48.95 -32.52 -61.72
N GLN I 685 -49.99 -33.23 -62.18
CA GLN I 685 -50.40 -34.44 -61.49
C GLN I 685 -49.39 -35.57 -61.66
N ARG I 686 -48.62 -35.56 -62.75
CA ARG I 686 -47.56 -36.56 -62.90
C ARG I 686 -46.54 -36.45 -61.77
N PHE I 687 -46.15 -35.23 -61.42
CA PHE I 687 -45.12 -34.98 -60.42
C PHE I 687 -45.67 -35.01 -59.01
N ARG I 688 -46.97 -35.24 -58.84
CA ARG I 688 -47.61 -35.39 -57.54
C ARG I 688 -47.52 -34.09 -56.73
N LEU I 689 -48.08 -33.03 -57.31
CA LEU I 689 -48.18 -31.72 -56.66
C LEU I 689 -49.66 -31.34 -56.68
N TRP I 690 -50.41 -31.81 -55.70
CA TRP I 690 -51.85 -31.57 -55.69
C TRP I 690 -52.22 -30.17 -55.22
N ASN I 691 -51.39 -29.55 -54.38
CA ASN I 691 -51.68 -28.20 -53.95
C ASN I 691 -51.71 -27.22 -55.11
N VAL I 692 -50.70 -27.24 -55.97
CA VAL I 692 -50.66 -26.35 -57.12
C VAL I 692 -51.76 -26.68 -58.12
N SER I 693 -52.04 -27.97 -58.34
CA SER I 693 -53.10 -28.36 -59.25
C SER I 693 -54.45 -27.83 -58.78
N ASN I 694 -54.75 -28.00 -57.49
CA ASN I 694 -56.02 -27.51 -56.98
C ASN I 694 -56.06 -25.99 -56.93
N GLU I 695 -54.92 -25.33 -56.69
CA GLU I 695 -54.89 -23.88 -56.76
C GLU I 695 -55.23 -23.39 -58.15
N VAL I 696 -54.70 -24.06 -59.18
CA VAL I 696 -55.02 -23.69 -60.56
C VAL I 696 -56.49 -23.95 -60.85
N VAL I 697 -57.02 -25.08 -60.38
CA VAL I 697 -58.43 -25.40 -60.64
C VAL I 697 -59.35 -24.38 -59.98
N LYS I 698 -58.95 -23.88 -58.81
CA LYS I 698 -59.80 -22.94 -58.08
C LYS I 698 -59.90 -21.60 -58.80
N LEU I 699 -58.79 -21.10 -59.35
CA LEU I 699 -58.74 -19.79 -59.98
C LEU I 699 -58.79 -19.86 -61.50
N SER I 700 -59.24 -20.98 -62.05
CA SER I 700 -59.28 -21.13 -63.50
C SER I 700 -60.27 -20.15 -64.10
N THR I 701 -59.95 -19.68 -65.31
CA THR I 701 -60.78 -18.71 -66.00
C THR I 701 -61.90 -19.35 -66.80
N SER I 702 -61.86 -20.66 -67.01
CA SER I 702 -62.88 -21.37 -67.77
C SER I 702 -63.76 -22.19 -66.84
N ARG I 703 -65.06 -22.22 -67.14
CA ARG I 703 -66.01 -22.89 -66.26
C ARG I 703 -65.79 -24.40 -66.25
N ALA I 704 -65.43 -24.98 -67.39
CA ALA I 704 -65.24 -26.43 -67.46
C ALA I 704 -64.12 -26.89 -66.54
N VAL I 705 -63.02 -26.14 -66.49
CA VAL I 705 -61.95 -26.48 -65.55
C VAL I 705 -62.38 -26.20 -64.12
N SER I 706 -63.12 -25.11 -63.89
CA SER I 706 -63.51 -24.76 -62.54
C SER I 706 -64.47 -25.78 -61.94
N CYS I 707 -65.18 -26.52 -62.79
CA CYS I 707 -66.14 -27.52 -62.33
C CYS I 707 -65.54 -28.91 -62.18
N LEU I 708 -64.23 -29.01 -61.90
CA LEU I 708 -63.58 -30.31 -61.86
C LEU I 708 -63.57 -30.94 -60.47
N ASN I 709 -63.41 -30.15 -59.41
CA ASN I 709 -63.43 -30.68 -58.05
C ASN I 709 -64.80 -30.53 -57.39
N GLN I 710 -65.85 -30.37 -58.19
CA GLN I 710 -67.20 -30.21 -57.68
C GLN I 710 -68.10 -31.39 -57.93
N ALA I 711 -67.73 -32.30 -58.81
CA ALA I 711 -68.57 -33.45 -59.15
C ALA I 711 -68.24 -34.60 -58.20
N SER I 712 -69.21 -34.98 -57.38
CA SER I 712 -69.12 -36.15 -56.50
C SER I 712 -68.02 -36.00 -55.44
N THR I 713 -68.06 -34.92 -54.66
CA THR I 713 -67.13 -34.72 -53.55
C THR I 713 -67.86 -34.44 -52.24
N THR I 714 -69.15 -34.79 -52.18
CA THR I 714 -69.98 -34.56 -51.00
C THR I 714 -70.24 -35.89 -50.31
N LEU I 715 -70.07 -35.91 -48.99
CA LEU I 715 -70.26 -37.11 -48.18
C LEU I 715 -71.57 -37.05 -47.43
N HIS I 716 -72.22 -38.21 -47.28
CA HIS I 716 -73.44 -38.33 -46.50
C HIS I 716 -73.13 -39.09 -45.22
N VAL I 717 -73.52 -38.53 -44.07
CA VAL I 717 -73.23 -39.11 -42.77
C VAL I 717 -74.55 -39.33 -42.03
N ASN I 718 -74.59 -40.38 -41.22
CA ASN I 718 -75.79 -40.79 -40.50
C ASN I 718 -75.45 -41.02 -39.03
N CYS I 719 -76.47 -40.86 -38.19
CA CYS I 719 -76.34 -41.11 -36.75
C CYS I 719 -76.48 -42.61 -36.49
N SER I 720 -75.52 -43.20 -35.78
CA SER I 720 -75.51 -44.65 -35.62
C SER I 720 -76.39 -45.13 -34.48
N HIS I 721 -77.00 -44.24 -33.72
CA HIS I 721 -77.96 -44.67 -32.70
C HIS I 721 -79.34 -44.91 -33.33
N CYS I 722 -79.81 -43.97 -34.13
CA CYS I 722 -81.14 -44.06 -34.73
C CYS I 722 -81.12 -44.50 -36.18
N LYS I 723 -79.94 -44.55 -36.82
CA LYS I 723 -79.82 -44.90 -38.23
C LYS I 723 -80.67 -43.97 -39.11
N ARG I 724 -80.48 -42.67 -38.94
CA ARG I 724 -81.18 -41.69 -39.75
C ARG I 724 -80.19 -40.69 -40.33
N PRO I 725 -80.46 -40.18 -41.52
CA PRO I 725 -79.56 -39.17 -42.10
C PRO I 725 -79.56 -37.89 -41.30
N MET I 726 -78.41 -37.22 -41.32
CA MET I 726 -78.20 -36.01 -40.55
C MET I 726 -78.32 -34.81 -41.48
N SER I 727 -78.78 -33.68 -40.94
CA SER I 727 -78.96 -32.47 -41.74
C SER I 727 -77.61 -31.92 -42.17
N SER I 728 -77.63 -31.02 -43.14
CA SER I 728 -76.42 -30.57 -43.81
C SER I 728 -75.55 -29.67 -42.94
N ARG I 729 -76.12 -29.07 -41.90
CA ARG I 729 -75.36 -28.13 -41.07
C ARG I 729 -75.88 -28.23 -39.64
N GLY I 730 -75.11 -28.89 -38.79
CA GLY I 730 -75.50 -29.10 -37.41
C GLY I 730 -74.83 -30.32 -36.80
N TRP I 731 -74.77 -30.38 -35.47
CA TRP I 731 -74.07 -31.46 -34.77
C TRP I 731 -74.97 -32.19 -33.77
N VAL I 732 -76.28 -31.99 -33.83
CA VAL I 732 -77.21 -32.63 -32.92
C VAL I 732 -78.25 -33.39 -33.74
N CYS I 733 -78.51 -34.63 -33.34
CA CYS I 733 -79.47 -35.46 -34.07
C CYS I 733 -80.88 -34.91 -33.95
N ASP I 734 -81.69 -35.16 -34.97
CA ASP I 734 -83.04 -34.63 -35.01
C ASP I 734 -84.01 -35.41 -34.11
N ARG I 735 -83.77 -36.71 -33.92
CA ARG I 735 -84.66 -37.54 -33.12
C ARG I 735 -84.04 -37.92 -31.78
N CYS I 736 -82.82 -38.46 -31.79
CA CYS I 736 -82.19 -38.87 -30.55
C CYS I 736 -81.88 -37.69 -29.63
N HIS I 737 -81.80 -36.48 -30.17
CA HIS I 737 -81.41 -35.29 -29.40
C HIS I 737 -80.09 -35.52 -28.67
N ARG I 738 -79.16 -36.19 -29.33
CA ARG I 738 -77.83 -36.45 -28.82
C ARG I 738 -76.83 -35.94 -29.84
N CYS I 739 -75.71 -35.40 -29.38
CA CYS I 739 -74.66 -35.02 -30.31
C CYS I 739 -73.91 -36.26 -30.75
N ALA I 740 -73.65 -36.36 -32.05
CA ALA I 740 -73.01 -37.52 -32.62
C ALA I 740 -71.57 -37.28 -33.03
N SER I 741 -71.15 -36.03 -33.21
CA SER I 741 -69.76 -35.73 -33.59
C SER I 741 -68.90 -35.55 -32.35
N MET I 742 -68.93 -36.58 -31.50
CA MET I 742 -68.15 -36.58 -30.27
C MET I 742 -66.74 -37.04 -30.58
N CYS I 743 -65.75 -36.34 -30.02
CA CYS I 743 -64.37 -36.76 -30.20
C CYS I 743 -64.08 -37.93 -29.27
N ALA I 744 -63.49 -38.97 -29.82
CA ALA I 744 -63.23 -40.19 -29.06
C ALA I 744 -62.01 -40.07 -28.17
N VAL I 745 -61.27 -38.98 -28.23
CA VAL I 745 -60.12 -38.74 -27.37
C VAL I 745 -60.40 -37.62 -26.38
N CYS I 746 -60.70 -36.43 -26.88
CA CYS I 746 -60.85 -35.25 -26.02
C CYS I 746 -62.25 -35.04 -25.49
N HIS I 747 -63.24 -35.78 -26.01
CA HIS I 747 -64.62 -35.72 -25.51
C HIS I 747 -65.18 -34.31 -25.59
N HIS I 748 -64.97 -33.65 -26.72
CA HIS I 748 -65.61 -32.38 -27.04
C HIS I 748 -66.43 -32.55 -28.31
N VAL I 749 -67.02 -31.47 -28.78
CA VAL I 749 -67.85 -31.50 -29.98
C VAL I 749 -67.01 -31.11 -31.18
N VAL I 750 -67.10 -31.89 -32.25
CA VAL I 750 -66.32 -31.66 -33.46
C VAL I 750 -67.20 -30.93 -34.47
N LYS I 751 -66.88 -29.67 -34.72
CA LYS I 751 -67.59 -28.85 -35.70
C LYS I 751 -66.83 -28.69 -37.01
N GLY I 752 -65.57 -29.11 -37.06
CA GLY I 752 -64.78 -28.98 -38.27
C GLY I 752 -64.38 -30.32 -38.86
N LEU I 753 -63.08 -30.61 -38.87
CA LEU I 753 -62.58 -31.78 -39.58
C LEU I 753 -62.69 -33.02 -38.71
N PHE I 754 -63.11 -34.13 -39.34
CA PHE I 754 -63.47 -35.36 -38.64
C PHE I 754 -62.80 -36.52 -39.36
N VAL I 755 -61.96 -37.26 -38.65
CA VAL I 755 -61.34 -38.45 -39.23
C VAL I 755 -62.15 -39.68 -38.83
N TRP I 756 -62.06 -40.73 -39.65
CA TRP I 756 -62.97 -41.85 -39.52
C TRP I 756 -62.27 -43.14 -39.91
N CYS I 757 -62.61 -44.22 -39.21
CA CYS I 757 -62.08 -45.55 -39.47
C CYS I 757 -63.20 -46.43 -40.01
N GLN I 758 -62.96 -47.06 -41.16
CA GLN I 758 -63.99 -47.80 -41.86
C GLN I 758 -64.19 -49.20 -41.30
N GLY I 759 -63.39 -49.62 -40.35
CA GLY I 759 -63.54 -50.93 -39.78
C GLY I 759 -64.48 -50.96 -38.59
N CYS I 760 -64.24 -50.10 -37.60
CA CYS I 760 -65.05 -50.08 -36.39
C CYS I 760 -65.90 -48.84 -36.25
N SER I 761 -65.87 -47.95 -37.24
CA SER I 761 -66.76 -46.78 -37.30
C SER I 761 -66.57 -45.85 -36.10
N HIS I 762 -65.32 -45.53 -35.80
CA HIS I 762 -64.97 -44.60 -34.73
C HIS I 762 -63.96 -43.59 -35.23
N GLY I 763 -63.96 -42.40 -34.63
CA GLY I 763 -63.01 -41.38 -35.03
C GLY I 763 -63.21 -40.11 -34.22
N GLY I 764 -62.45 -39.10 -34.59
CA GLY I 764 -62.51 -37.83 -33.89
C GLY I 764 -61.82 -36.68 -34.61
N HIS I 765 -61.20 -35.79 -33.86
CA HIS I 765 -60.50 -34.66 -34.46
C HIS I 765 -59.35 -35.15 -35.33
N LEU I 766 -59.03 -34.37 -36.35
CA LEU I 766 -58.02 -34.78 -37.31
C LEU I 766 -56.65 -34.92 -36.65
N GLN I 767 -56.29 -33.98 -35.79
CA GLN I 767 -54.97 -34.01 -35.17
C GLN I 767 -54.93 -34.75 -33.84
N HIS I 768 -56.08 -35.17 -33.30
CA HIS I 768 -56.08 -35.96 -32.07
C HIS I 768 -55.83 -37.43 -32.35
N ILE I 769 -56.58 -38.02 -33.28
CA ILE I 769 -56.38 -39.41 -33.65
C ILE I 769 -55.00 -39.61 -34.26
N MET I 770 -54.49 -38.64 -34.99
CA MET I 770 -53.17 -38.75 -35.59
C MET I 770 -52.09 -38.90 -34.53
N LYS I 771 -52.15 -38.12 -33.46
CA LYS I 771 -51.19 -38.27 -32.37
C LYS I 771 -51.41 -39.53 -31.56
N TRP I 772 -52.68 -39.93 -31.36
CA TRP I 772 -52.93 -41.14 -30.59
C TRP I 772 -52.42 -42.39 -31.31
N LEU I 773 -52.51 -42.40 -32.63
CA LEU I 773 -52.20 -43.60 -33.40
C LEU I 773 -50.72 -43.80 -33.67
N GLU I 774 -49.88 -42.85 -33.24
CA GLU I 774 -48.43 -43.01 -33.38
C GLU I 774 -47.80 -43.40 -32.04
N GLY I 775 -48.63 -43.69 -31.05
CA GLY I 775 -48.15 -44.14 -29.76
C GLY I 775 -48.76 -45.47 -29.36
N SER I 776 -49.92 -45.78 -29.91
CA SER I 776 -50.62 -47.03 -29.64
C SER I 776 -51.09 -47.64 -30.95
N SER I 777 -51.75 -48.79 -30.84
CA SER I 777 -52.29 -49.50 -31.99
C SER I 777 -53.68 -50.03 -31.63
N HIS I 778 -54.43 -49.23 -30.88
CA HIS I 778 -55.76 -49.61 -30.45
C HIS I 778 -56.72 -48.47 -30.74
N CYS I 779 -57.98 -48.83 -31.01
CA CYS I 779 -59.00 -47.81 -31.18
C CYS I 779 -59.21 -47.09 -29.86
N PRO I 780 -59.07 -45.77 -29.82
CA PRO I 780 -59.19 -45.06 -28.53
C PRO I 780 -60.55 -45.22 -27.87
N ALA I 781 -61.62 -45.46 -28.63
CA ALA I 781 -62.92 -45.68 -28.01
C ALA I 781 -62.95 -46.99 -27.24
N GLY I 782 -61.99 -47.87 -27.47
CA GLY I 782 -61.91 -49.11 -26.72
C GLY I 782 -62.90 -50.16 -27.18
N CYS I 783 -62.81 -50.58 -28.43
CA CYS I 783 -63.64 -51.66 -28.95
C CYS I 783 -62.83 -52.86 -29.38
N GLY I 784 -61.57 -52.95 -28.98
CA GLY I 784 -60.72 -54.08 -29.32
C GLY I 784 -60.40 -54.19 -30.79
N HIS I 785 -60.21 -53.08 -31.47
CA HIS I 785 -59.87 -53.05 -32.88
C HIS I 785 -58.45 -52.54 -33.07
N LEU I 786 -57.75 -53.12 -34.02
CA LEU I 786 -56.41 -52.70 -34.41
C LEU I 786 -56.54 -51.96 -35.74
N CYS I 787 -56.76 -50.65 -35.65
CA CYS I 787 -57.34 -49.87 -36.74
C CYS I 787 -56.47 -49.83 -37.99
N GLU I 788 -55.16 -49.94 -37.83
CA GLU I 788 -54.27 -50.00 -38.97
C GLU I 788 -53.87 -51.42 -39.32
N TYR I 789 -54.43 -52.40 -38.61
CA TYR I 789 -54.08 -53.81 -38.76
C TYR I 789 -52.59 -54.02 -38.59
N SER I 790 -52.02 -53.25 -37.66
CA SER I 790 -50.60 -53.29 -37.36
C SER I 790 -50.28 -52.38 -36.18
N LYS J 5 -29.71 68.70 -5.69
CA LYS J 5 -28.93 68.89 -4.48
C LYS J 5 -28.37 67.57 -3.99
N PRO J 6 -27.54 66.95 -4.82
CA PRO J 6 -27.09 65.57 -4.52
C PRO J 6 -26.29 65.49 -3.23
N ASP J 7 -26.45 64.34 -2.56
CA ASP J 7 -25.65 64.00 -1.40
C ASP J 7 -25.50 62.48 -1.35
N ILE J 8 -24.42 62.03 -0.74
CA ILE J 8 -24.14 60.60 -0.60
C ILE J 8 -24.55 60.17 0.79
N LEU J 9 -25.36 59.11 0.86
CA LEU J 9 -25.87 58.59 2.12
C LEU J 9 -25.24 57.23 2.38
N TRP J 10 -24.83 57.00 3.62
CA TRP J 10 -24.25 55.72 4.00
C TRP J 10 -25.33 54.81 4.58
N ALA J 11 -25.08 53.50 4.50
CA ALA J 11 -26.02 52.53 5.01
C ALA J 11 -26.03 52.55 6.53
N PRO J 12 -27.20 52.44 7.16
CA PRO J 12 -27.24 52.45 8.63
C PRO J 12 -26.55 51.27 9.29
N HIS J 13 -26.55 50.10 8.65
CA HIS J 13 -25.98 48.90 9.25
C HIS J 13 -24.92 48.22 8.40
N HIS J 14 -24.67 48.71 7.20
CA HIS J 14 -23.63 48.18 6.34
C HIS J 14 -22.48 49.17 6.28
N VAL J 15 -21.27 48.69 6.59
CA VAL J 15 -20.10 49.55 6.63
C VAL J 15 -19.47 49.75 5.25
N ASP J 16 -19.96 49.06 4.23
CA ASP J 16 -19.40 49.18 2.88
C ASP J 16 -20.44 49.55 1.83
N ARG J 17 -21.73 49.50 2.15
CA ARG J 17 -22.79 49.82 1.21
C ARG J 17 -22.96 51.33 1.18
N PHE J 18 -22.56 51.95 0.08
CA PHE J 18 -22.61 53.39 -0.08
C PHE J 18 -23.50 53.74 -1.26
N VAL J 19 -24.18 54.88 -1.14
CA VAL J 19 -25.06 55.36 -2.19
C VAL J 19 -24.68 56.79 -2.53
N VAL J 20 -25.01 57.19 -3.75
CA VAL J 20 -24.73 58.53 -4.25
C VAL J 20 -26.00 59.05 -4.91
N CYS J 21 -26.17 60.37 -4.88
CA CYS J 21 -27.34 60.99 -5.49
C CYS J 21 -26.97 61.58 -6.85
N ASP J 22 -27.83 61.32 -7.84
CA ASP J 22 -27.67 61.86 -9.19
C ASP J 22 -29.05 61.87 -9.84
N SER J 23 -29.08 62.11 -11.15
CA SER J 23 -30.35 62.07 -11.87
C SER J 23 -30.99 60.70 -11.76
N GLU J 24 -30.18 59.65 -11.70
CA GLU J 24 -30.63 58.29 -11.41
C GLU J 24 -29.86 57.79 -10.19
N LEU J 25 -30.59 57.29 -9.19
CA LEU J 25 -29.98 56.84 -7.97
C LEU J 25 -29.12 55.60 -8.22
N SER J 26 -27.95 55.56 -7.58
CA SER J 26 -27.01 54.46 -7.73
C SER J 26 -26.36 54.16 -6.39
N LEU J 27 -25.98 52.89 -6.20
CA LEU J 27 -25.34 52.43 -4.97
C LEU J 27 -24.00 51.78 -5.32
N TYR J 28 -23.02 51.94 -4.42
CA TYR J 28 -21.70 51.38 -4.62
C TYR J 28 -21.29 50.58 -3.39
N HIS J 29 -20.44 49.57 -3.61
CA HIS J 29 -19.90 48.75 -2.54
C HIS J 29 -18.38 48.81 -2.58
N VAL J 30 -17.76 48.73 -1.41
CA VAL J 30 -16.32 48.87 -1.26
C VAL J 30 -15.70 47.49 -1.14
N GLU J 31 -14.66 47.23 -1.92
CA GLU J 31 -13.93 45.97 -1.89
C GLU J 31 -12.44 46.24 -1.90
N SER J 32 -11.67 45.31 -1.33
CA SER J 32 -10.23 45.45 -1.25
C SER J 32 -9.57 45.05 -2.57
N THR J 33 -8.56 45.83 -2.97
CA THR J 33 -7.83 45.54 -4.20
C THR J 33 -6.34 45.75 -4.02
N VAL J 34 -5.84 45.59 -2.80
CA VAL J 34 -4.41 45.79 -2.54
C VAL J 34 -3.60 44.66 -3.20
N ASN J 35 -4.05 43.42 -3.03
CA ASN J 35 -3.34 42.27 -3.55
C ASN J 35 -3.86 41.80 -4.91
N SER J 36 -4.81 42.54 -5.50
CA SER J 36 -5.40 42.16 -6.77
C SER J 36 -5.33 43.34 -7.73
N GLU J 37 -5.34 43.02 -9.03
CA GLU J 37 -5.29 44.04 -10.06
C GLU J 37 -6.64 44.75 -10.16
N LEU J 38 -6.69 45.79 -10.98
CA LEU J 38 -7.91 46.57 -11.17
C LEU J 38 -8.97 45.71 -11.86
N LYS J 39 -10.02 45.36 -11.11
CA LYS J 39 -11.10 44.56 -11.67
C LYS J 39 -11.88 45.35 -12.71
N ALA J 40 -12.37 44.63 -13.72
CA ALA J 40 -13.14 45.27 -14.78
C ALA J 40 -14.46 45.80 -14.23
N GLY J 41 -14.80 47.03 -14.59
CA GLY J 41 -16.02 47.65 -14.13
C GLY J 41 -16.02 48.16 -12.71
N SER J 42 -14.85 48.22 -12.07
CA SER J 42 -14.74 48.68 -10.69
C SER J 42 -14.05 50.04 -10.66
N LEU J 43 -14.64 50.98 -9.93
CA LEU J 43 -14.06 52.31 -9.80
C LEU J 43 -13.01 52.31 -8.70
N ARG J 44 -11.77 52.64 -9.07
CA ARG J 44 -10.65 52.67 -8.13
C ARG J 44 -10.76 53.93 -7.29
N LEU J 45 -11.36 53.79 -6.10
CA LEU J 45 -11.50 54.92 -5.20
C LEU J 45 -10.14 55.44 -4.75
N SER J 46 -9.21 54.54 -4.45
CA SER J 46 -7.89 54.92 -3.98
C SER J 46 -6.87 54.00 -4.64
N GLU J 47 -5.63 54.05 -4.14
CA GLU J 47 -4.57 53.22 -4.70
C GLU J 47 -4.84 51.74 -4.48
N ASP J 48 -5.33 51.38 -3.29
CA ASP J 48 -5.61 49.99 -2.95
C ASP J 48 -7.09 49.76 -2.64
N SER J 49 -7.96 50.65 -3.10
CA SER J 49 -9.39 50.55 -2.87
C SER J 49 -10.14 50.53 -4.19
N ALA J 50 -11.12 49.63 -4.29
CA ALA J 50 -11.94 49.51 -5.49
C ALA J 50 -13.41 49.59 -5.11
N ALA J 51 -14.18 50.33 -5.90
CA ALA J 51 -15.62 50.49 -5.69
C ALA J 51 -16.37 49.68 -6.74
N THR J 52 -17.31 48.86 -6.29
CA THR J 52 -18.07 47.98 -7.15
C THR J 52 -19.53 48.42 -7.17
N LEU J 53 -20.08 48.58 -8.36
CA LEU J 53 -21.49 48.92 -8.51
C LEU J 53 -22.36 47.72 -8.18
N LEU J 54 -23.58 47.99 -7.70
CA LEU J 54 -24.52 46.96 -7.33
C LEU J 54 -25.81 47.03 -8.14
N SER J 55 -26.38 48.22 -8.31
CA SER J 55 -27.63 48.37 -9.04
C SER J 55 -27.83 49.83 -9.38
N ILE J 56 -28.83 50.09 -10.22
CA ILE J 56 -29.21 51.44 -10.62
C ILE J 56 -30.72 51.56 -10.53
N ASN J 57 -31.19 52.72 -10.06
CA ASN J 57 -32.61 53.01 -9.94
C ASN J 57 -32.91 54.35 -10.59
N SER J 58 -33.87 54.37 -11.51
CA SER J 58 -34.26 55.59 -12.22
C SER J 58 -35.78 55.67 -12.33
N ASP J 59 -36.48 55.29 -11.26
CA ASP J 59 -37.94 55.32 -11.25
C ASP J 59 -38.51 56.68 -10.85
N THR J 60 -37.68 57.55 -10.24
CA THR J 60 -38.17 58.84 -9.78
C THR J 60 -37.36 59.96 -10.42
N PRO J 61 -37.98 60.76 -11.29
CA PRO J 61 -37.25 61.85 -11.94
C PRO J 61 -37.40 63.16 -11.18
N TYR J 62 -36.27 63.89 -11.11
CA TYR J 62 -36.20 65.23 -10.53
C TYR J 62 -36.66 65.23 -9.07
N MET J 63 -35.90 64.51 -8.23
CA MET J 63 -36.17 64.48 -6.80
C MET J 63 -35.40 65.59 -6.09
N LYS J 64 -35.96 66.06 -4.98
CA LYS J 64 -35.37 67.15 -4.20
C LYS J 64 -34.83 66.68 -2.86
N CYS J 65 -35.66 66.05 -2.03
CA CYS J 65 -35.25 65.56 -0.73
C CYS J 65 -35.25 64.03 -0.72
N VAL J 66 -34.31 63.45 0.00
CA VAL J 66 -34.14 62.01 0.07
C VAL J 66 -34.04 61.60 1.53
N ALA J 67 -34.22 60.30 1.79
CA ALA J 67 -34.08 59.74 3.11
C ALA J 67 -33.88 58.23 2.96
N TRP J 68 -33.41 57.60 4.02
CA TRP J 68 -33.16 56.17 4.00
C TRP J 68 -33.91 55.48 5.12
N TYR J 69 -33.99 54.15 5.03
CA TYR J 69 -34.66 53.35 6.04
C TYR J 69 -33.78 53.20 7.27
N LEU J 70 -34.34 53.52 8.44
CA LEU J 70 -33.59 53.38 9.68
C LEU J 70 -33.43 51.93 10.09
N ASN J 71 -34.48 51.11 9.93
CA ASN J 71 -34.42 49.72 10.34
C ASN J 71 -33.53 48.91 9.42
N TYR J 72 -32.98 47.82 9.96
CA TYR J 72 -32.12 46.95 9.17
C TYR J 72 -32.89 46.24 8.06
N ASP J 73 -34.11 45.77 8.37
CA ASP J 73 -34.89 44.99 7.42
C ASP J 73 -36.11 45.77 6.97
N PRO J 74 -36.30 45.96 5.66
CA PRO J 74 -35.43 45.53 4.56
C PRO J 74 -34.28 46.52 4.36
N GLU J 75 -33.24 46.12 3.65
CA GLU J 75 -32.07 46.97 3.47
C GLU J 75 -32.14 47.69 2.13
N CYS J 76 -31.42 48.82 2.06
CA CYS J 76 -31.27 49.61 0.83
C CYS J 76 -32.61 50.13 0.32
N LEU J 77 -33.45 50.61 1.24
CA LEU J 77 -34.71 51.26 0.91
C LEU J 77 -34.57 52.76 1.14
N LEU J 78 -34.76 53.56 0.11
CA LEU J 78 -34.51 54.99 0.16
C LEU J 78 -35.81 55.76 -0.01
N ALA J 79 -36.15 56.58 0.98
CA ALA J 79 -37.27 57.49 0.91
C ALA J 79 -36.86 58.74 0.13
N VAL J 80 -37.78 59.26 -0.67
CA VAL J 80 -37.49 60.38 -1.55
C VAL J 80 -38.79 61.05 -1.95
N GLY J 81 -38.69 62.31 -2.34
CA GLY J 81 -39.85 63.11 -2.71
C GLY J 81 -39.64 63.76 -4.07
N GLN J 82 -40.74 64.18 -4.68
CA GLN J 82 -40.72 64.83 -5.98
C GLN J 82 -41.04 66.31 -5.87
N ALA J 83 -40.90 67.01 -6.99
CA ALA J 83 -41.16 68.45 -7.02
C ALA J 83 -42.62 68.76 -6.73
N ASN J 84 -43.55 68.01 -7.33
CA ASN J 84 -44.96 68.25 -7.09
C ASN J 84 -45.43 67.71 -5.75
N GLY J 85 -44.60 66.96 -5.04
CA GLY J 85 -44.95 66.40 -3.75
C GLY J 85 -45.22 64.92 -3.71
N ARG J 86 -44.62 64.13 -4.59
CA ARG J 86 -44.80 62.68 -4.63
C ARG J 86 -43.83 62.04 -3.65
N VAL J 87 -44.37 61.32 -2.67
CA VAL J 87 -43.59 60.71 -1.60
C VAL J 87 -43.50 59.21 -1.89
N VAL J 88 -42.37 58.79 -2.48
CA VAL J 88 -42.20 57.44 -3.01
C VAL J 88 -41.06 56.77 -2.26
N LEU J 89 -41.30 55.55 -1.78
CA LEU J 89 -40.29 54.74 -1.12
C LEU J 89 -39.87 53.60 -2.05
N THR J 90 -38.58 53.56 -2.37
CA THR J 90 -38.04 52.55 -3.27
C THR J 90 -36.86 51.83 -2.60
N SER J 91 -36.77 50.53 -2.86
CA SER J 91 -35.71 49.69 -2.32
C SER J 91 -34.78 49.26 -3.44
N LEU J 92 -33.48 49.18 -3.14
CA LEU J 92 -32.48 48.79 -4.12
C LEU J 92 -31.84 47.44 -3.86
N GLY J 93 -31.86 46.95 -2.63
CA GLY J 93 -31.23 45.69 -2.31
C GLY J 93 -31.98 44.50 -2.86
N GLN J 94 -31.24 43.39 -3.00
CA GLN J 94 -31.80 42.14 -3.53
C GLN J 94 -32.51 41.40 -2.39
N ASP J 95 -33.73 41.84 -2.11
CA ASP J 95 -34.58 41.25 -1.08
C ASP J 95 -35.82 40.68 -1.75
N HIS J 96 -35.78 39.39 -2.09
CA HIS J 96 -36.90 38.70 -2.71
C HIS J 96 -37.86 38.11 -1.68
N ASN J 97 -37.58 38.27 -0.40
CA ASN J 97 -38.38 37.74 0.70
C ASN J 97 -38.79 38.86 1.63
N SER J 98 -39.32 39.93 1.04
CA SER J 98 -39.71 41.10 1.81
C SER J 98 -40.83 40.76 2.80
N LYS J 99 -40.55 40.95 4.08
CA LYS J 99 -41.58 40.70 5.10
C LYS J 99 -42.79 41.59 4.88
N PHE J 100 -42.57 42.83 4.42
CA PHE J 100 -43.63 43.77 4.10
C PHE J 100 -43.34 44.35 2.71
N LYS J 101 -43.82 43.67 1.67
CA LYS J 101 -43.74 44.26 0.33
C LYS J 101 -44.86 45.25 0.08
N ASP J 102 -45.87 45.31 0.95
CA ASP J 102 -46.87 46.37 0.85
C ASP J 102 -46.22 47.72 1.08
N LEU J 103 -45.29 47.81 2.04
CA LEU J 103 -44.49 49.02 2.17
C LEU J 103 -43.67 49.27 0.91
N ILE J 104 -43.15 48.21 0.30
CA ILE J 104 -42.46 48.34 -0.98
C ILE J 104 -43.45 48.86 -2.02
N GLY J 105 -43.03 49.89 -2.77
CA GLY J 105 -43.88 50.46 -3.79
C GLY J 105 -44.96 51.39 -3.27
N LYS J 106 -45.02 51.62 -1.96
CA LYS J 106 -46.08 52.41 -1.36
C LYS J 106 -45.77 53.88 -1.53
N GLU J 107 -46.63 54.59 -2.27
CA GLU J 107 -46.52 56.03 -2.44
C GLU J 107 -47.78 56.70 -1.91
N PHE J 108 -47.62 57.66 -1.01
CA PHE J 108 -48.73 58.48 -0.52
C PHE J 108 -48.57 59.87 -1.11
N VAL J 109 -49.52 60.27 -1.95
CA VAL J 109 -49.53 61.61 -2.51
C VAL J 109 -49.91 62.57 -1.40
N PRO J 110 -49.49 63.84 -1.46
CA PRO J 110 -49.79 64.78 -0.37
C PRO J 110 -51.22 65.32 -0.49
N LYS J 111 -51.62 66.05 0.56
CA LYS J 111 -52.95 66.66 0.54
C LYS J 111 -53.06 67.72 -0.55
N HIS J 112 -51.94 68.32 -0.94
CA HIS J 112 -51.91 69.34 -1.97
C HIS J 112 -50.61 69.23 -2.76
N ALA J 113 -50.47 70.12 -3.74
CA ALA J 113 -49.25 70.18 -4.54
C ALA J 113 -48.27 71.15 -3.88
N ARG J 114 -47.17 70.62 -3.36
CA ARG J 114 -46.14 71.44 -2.72
C ARG J 114 -44.82 70.71 -2.85
N GLN J 115 -43.73 71.46 -2.69
CA GLN J 115 -42.38 70.93 -2.82
C GLN J 115 -41.81 70.65 -1.45
N CYS J 116 -41.37 69.41 -1.24
CA CYS J 116 -40.78 69.00 0.03
C CYS J 116 -39.27 69.20 -0.03
N ASN J 117 -38.77 70.18 0.73
CA ASN J 117 -37.34 70.48 0.74
C ASN J 117 -36.55 69.41 1.48
N THR J 118 -37.06 68.94 2.61
CA THR J 118 -36.39 67.92 3.40
C THR J 118 -37.41 67.17 4.24
N LEU J 119 -37.06 65.95 4.61
CA LEU J 119 -37.87 65.10 5.47
C LEU J 119 -36.98 64.49 6.55
N ALA J 120 -37.55 64.21 7.71
CA ALA J 120 -36.81 63.68 8.84
C ALA J 120 -37.44 62.36 9.31
N TRP J 121 -36.59 61.39 9.62
CA TRP J 121 -37.03 60.09 10.13
C TRP J 121 -36.52 59.91 11.55
N ASN J 122 -37.43 59.59 12.46
CA ASN J 122 -37.05 59.37 13.85
C ASN J 122 -36.21 58.09 13.97
N PRO J 123 -35.11 58.12 14.74
CA PRO J 123 -34.33 56.90 14.94
C PRO J 123 -34.83 56.05 16.09
N LEU J 124 -35.47 56.68 17.09
CA LEU J 124 -35.93 55.96 18.26
C LEU J 124 -37.14 55.09 17.93
N ASP J 125 -37.82 55.38 16.82
CA ASP J 125 -38.90 54.55 16.30
C ASP J 125 -38.60 54.20 14.85
N SER J 126 -38.83 52.94 14.49
CA SER J 126 -38.42 52.46 13.18
C SER J 126 -39.46 52.72 12.09
N ASN J 127 -40.60 53.33 12.41
CA ASN J 127 -41.65 53.61 11.45
C ASN J 127 -42.10 55.07 11.46
N TRP J 128 -41.49 55.91 12.28
CA TRP J 128 -41.85 57.32 12.33
C TRP J 128 -41.08 58.09 11.26
N LEU J 129 -41.80 58.79 10.39
CA LEU J 129 -41.19 59.57 9.32
C LEU J 129 -41.96 60.88 9.18
N ALA J 130 -41.27 61.99 9.37
CA ALA J 130 -41.85 63.32 9.25
C ALA J 130 -41.36 63.95 7.95
N ALA J 131 -42.16 64.83 7.38
CA ALA J 131 -41.82 65.45 6.10
C ALA J 131 -42.01 66.96 6.18
N GLY J 132 -41.14 67.69 5.50
CA GLY J 132 -41.24 69.13 5.44
C GLY J 132 -41.37 69.64 4.02
N LEU J 133 -42.46 70.37 3.75
CA LEU J 133 -42.76 70.88 2.41
C LEU J 133 -42.63 72.40 2.38
N ASP J 134 -42.97 72.97 1.23
CA ASP J 134 -43.01 74.41 1.09
C ASP J 134 -44.22 74.98 1.82
N LYS J 135 -44.14 76.27 2.14
CA LYS J 135 -45.21 76.94 2.88
C LYS J 135 -46.42 77.10 1.98
N HIS J 136 -47.51 76.43 2.33
CA HIS J 136 -48.77 76.56 1.61
C HIS J 136 -49.54 77.76 2.13
N ARG J 137 -50.64 78.09 1.43
CA ARG J 137 -51.47 79.22 1.86
C ARG J 137 -52.26 78.87 3.11
N ALA J 138 -52.87 77.68 3.16
CA ALA J 138 -53.70 77.29 4.29
C ALA J 138 -53.46 75.83 4.69
N ASP J 139 -52.38 75.23 4.21
CA ASP J 139 -52.07 73.84 4.49
C ASP J 139 -50.72 73.74 5.17
N PHE J 140 -50.59 72.75 6.06
CA PHE J 140 -49.37 72.61 6.85
C PHE J 140 -48.21 72.18 5.96
N SER J 141 -47.06 71.96 6.60
CA SER J 141 -45.88 71.43 5.93
C SER J 141 -45.17 70.37 6.75
N VAL J 142 -45.64 70.08 7.97
CA VAL J 142 -45.02 69.11 8.85
C VAL J 142 -46.06 68.04 9.18
N LEU J 143 -46.05 66.96 8.42
CA LEU J 143 -46.92 65.80 8.65
C LEU J 143 -46.04 64.58 8.91
N ILE J 144 -46.49 63.70 9.79
CA ILE J 144 -45.72 62.53 10.22
C ILE J 144 -46.54 61.29 9.93
N TRP J 145 -46.38 60.71 8.73
CA TRP J 145 -47.11 59.52 8.33
C TRP J 145 -46.54 58.29 9.02
N ASP J 146 -47.10 57.12 8.70
CA ASP J 146 -46.66 55.85 9.27
C ASP J 146 -46.73 54.79 8.16
N ILE J 147 -45.62 54.60 7.46
CA ILE J 147 -45.55 53.55 6.44
C ILE J 147 -45.77 52.18 7.08
N CYS J 148 -45.09 51.93 8.20
CA CYS J 148 -45.30 50.73 9.01
C CYS J 148 -45.16 49.46 8.17
N SER J 149 -46.28 48.77 7.97
CA SER J 149 -46.28 47.51 7.24
C SER J 149 -47.53 47.37 6.39
N THR J 175 -52.49 56.72 4.40
CA THR J 175 -53.64 57.44 3.84
C THR J 175 -53.73 58.85 4.42
N LYS J 176 -53.30 58.99 5.66
CA LYS J 176 -53.26 60.26 6.37
C LYS J 176 -52.31 60.17 7.55
N PRO J 177 -51.52 61.21 7.78
CA PRO J 177 -50.57 61.17 8.91
C PRO J 177 -51.27 61.39 10.23
N LEU J 178 -50.47 61.39 11.30
CA LEU J 178 -51.02 61.53 12.64
C LEU J 178 -50.98 62.99 13.12
N TYR J 179 -49.85 63.66 12.94
CA TYR J 179 -49.66 65.02 13.40
C TYR J 179 -49.39 65.94 12.23
N GLU J 180 -50.03 67.10 12.23
CA GLU J 180 -49.87 68.07 11.15
C GLU J 180 -50.11 69.47 11.71
N LEU J 181 -49.04 70.22 11.95
CA LEU J 181 -49.10 71.60 12.40
C LEU J 181 -48.17 72.44 11.52
N GLY J 182 -48.06 73.72 11.87
CA GLY J 182 -47.17 74.61 11.14
C GLY J 182 -47.84 75.36 10.00
N GLN J 183 -48.97 75.99 10.27
CA GLN J 183 -49.68 76.73 9.25
C GLN J 183 -48.87 77.95 8.79
N ASN J 184 -48.87 78.19 7.49
CA ASN J 184 -48.16 79.32 6.88
C ASN J 184 -46.67 79.30 7.25
N ASP J 185 -46.08 78.11 7.26
CA ASP J 185 -44.68 77.94 7.62
C ASP J 185 -43.99 77.05 6.60
N ALA J 186 -42.71 77.36 6.35
CA ALA J 186 -41.87 76.59 5.44
C ALA J 186 -40.85 75.83 6.25
N CYS J 187 -40.85 74.50 6.11
CA CYS J 187 -39.96 73.64 6.88
C CYS J 187 -38.69 73.40 6.08
N LEU J 188 -37.74 74.33 6.19
CA LEU J 188 -36.46 74.17 5.52
C LEU J 188 -35.67 73.00 6.10
N SER J 189 -35.73 72.80 7.42
CA SER J 189 -34.97 71.74 8.05
C SER J 189 -35.68 71.28 9.32
N LEU J 190 -35.56 69.98 9.59
CA LEU J 190 -36.09 69.39 10.81
C LEU J 190 -35.15 68.29 11.26
N CYS J 191 -35.20 67.97 12.54
CA CYS J 191 -34.30 66.97 13.10
C CYS J 191 -35.01 66.17 14.18
N TRP J 192 -34.52 64.95 14.40
CA TRP J 192 -35.04 64.06 15.42
C TRP J 192 -34.09 64.07 16.61
N LEU J 193 -34.66 64.19 17.81
CA LEU J 193 -33.83 64.19 19.01
C LEU J 193 -33.38 62.77 19.34
N PRO J 194 -32.07 62.50 19.36
CA PRO J 194 -31.63 61.12 19.63
C PRO J 194 -31.95 60.64 21.03
N ARG J 195 -32.19 61.53 21.98
CA ARG J 195 -32.47 61.15 23.36
C ARG J 195 -33.96 61.15 23.66
N ASP J 196 -34.66 62.24 23.32
CA ASP J 196 -36.08 62.38 23.63
C ASP J 196 -36.91 61.83 22.48
N GLN J 197 -37.87 60.96 22.81
CA GLN J 197 -38.75 60.38 21.80
C GLN J 197 -39.90 61.30 21.41
N LYS J 198 -40.15 62.35 22.18
CA LYS J 198 -41.30 63.23 21.98
C LYS J 198 -40.88 64.68 21.89
N LEU J 199 -39.83 64.95 21.12
CA LEU J 199 -39.37 66.33 20.91
C LEU J 199 -38.58 66.40 19.61
N LEU J 200 -38.84 67.44 18.83
CA LEU J 200 -38.12 67.67 17.59
C LEU J 200 -38.08 69.16 17.30
N LEU J 201 -37.11 69.56 16.49
CA LEU J 201 -36.93 70.95 16.10
C LEU J 201 -37.21 71.10 14.61
N ALA J 202 -37.88 72.20 14.25
CA ALA J 202 -38.20 72.50 12.87
C ALA J 202 -37.80 73.93 12.55
N GLY J 203 -37.31 74.13 11.33
CA GLY J 203 -36.85 75.44 10.91
C GLY J 203 -37.83 76.18 10.04
N MET J 204 -38.36 77.28 10.56
CA MET J 204 -39.35 78.08 9.85
C MET J 204 -38.63 78.96 8.81
N HIS J 205 -39.40 79.86 8.18
CA HIS J 205 -38.81 80.74 7.18
C HIS J 205 -37.79 81.70 7.79
N ARG J 206 -38.09 82.23 8.97
CA ARG J 206 -37.20 83.19 9.61
C ARG J 206 -37.02 82.92 11.11
N ASN J 207 -37.30 81.71 11.57
CA ASN J 207 -37.15 81.38 12.98
C ASN J 207 -36.99 79.87 13.13
N LEU J 208 -36.51 79.47 14.30
CA LEU J 208 -36.34 78.06 14.64
C LEU J 208 -37.22 77.74 15.84
N ALA J 209 -38.04 76.70 15.72
CA ALA J 209 -38.96 76.29 16.76
C ALA J 209 -38.66 74.84 17.16
N ILE J 210 -38.74 74.57 18.46
CA ILE J 210 -38.48 73.24 19.00
C ILE J 210 -39.82 72.65 19.43
N PHE J 211 -40.32 71.72 18.65
CA PHE J 211 -41.63 71.11 18.88
C PHE J 211 -41.52 69.85 19.74
N ASP J 212 -42.68 69.29 20.08
CA ASP J 212 -42.76 68.11 20.93
C ASP J 212 -43.98 67.31 20.53
N LEU J 213 -43.98 66.02 20.89
CA LEU J 213 -45.08 65.14 20.52
C LEU J 213 -46.22 65.16 21.53
N ARG J 214 -45.93 65.45 22.79
CA ARG J 214 -46.99 65.46 23.81
C ARG J 214 -48.01 66.55 23.53
N ASN J 215 -47.55 67.75 23.16
CA ASN J 215 -48.45 68.87 22.91
C ASN J 215 -47.79 69.78 21.88
N THR J 216 -48.56 70.18 20.86
CA THR J 216 -48.03 71.04 19.83
C THR J 216 -47.92 72.50 20.30
N SER J 217 -48.77 72.91 21.24
CA SER J 217 -48.78 74.30 21.69
C SER J 217 -47.50 74.66 22.43
N GLN J 218 -46.98 73.73 23.24
CA GLN J 218 -45.78 73.99 24.04
C GLN J 218 -44.56 73.96 23.13
N LYS J 219 -43.96 75.13 22.91
CA LYS J 219 -42.76 75.24 22.09
C LYS J 219 -42.02 76.51 22.46
N MET J 220 -40.73 76.55 22.10
CA MET J 220 -39.89 77.72 22.29
C MET J 220 -39.22 78.07 20.96
N PHE J 221 -39.31 79.33 20.56
CA PHE J 221 -38.70 79.81 19.33
C PHE J 221 -37.88 81.06 19.61
N VAL J 222 -36.76 81.21 18.90
CA VAL J 222 -35.89 82.37 19.01
C VAL J 222 -35.51 82.81 17.60
N ASN J 223 -35.55 84.12 17.37
CA ASN J 223 -35.22 84.65 16.04
C ASN J 223 -33.74 84.47 15.75
N THR J 224 -33.43 84.09 14.51
CA THR J 224 -32.06 83.88 14.09
C THR J 224 -31.96 84.06 12.58
N LYS J 225 -30.74 84.30 12.11
CA LYS J 225 -30.48 84.51 10.69
C LYS J 225 -30.04 83.23 9.97
N ALA J 226 -29.65 82.20 10.71
CA ALA J 226 -29.26 80.92 10.12
C ALA J 226 -30.29 79.88 10.50
N VAL J 227 -30.90 79.25 9.50
CA VAL J 227 -31.95 78.27 9.75
C VAL J 227 -31.72 77.01 8.92
N GLN J 228 -30.60 76.95 8.21
CA GLN J 228 -30.28 75.83 7.35
C GLN J 228 -29.33 74.87 8.05
N GLY J 229 -29.50 73.59 7.78
CA GLY J 229 -28.66 72.56 8.38
C GLY J 229 -28.82 72.40 9.88
N VAL J 230 -30.06 72.37 10.37
CA VAL J 230 -30.33 72.13 11.78
C VAL J 230 -29.98 70.68 12.10
N THR J 231 -29.13 70.47 13.09
CA THR J 231 -28.65 69.14 13.43
C THR J 231 -28.20 69.11 14.88
N VAL J 232 -28.08 67.90 15.42
CA VAL J 232 -27.58 67.69 16.78
C VAL J 232 -26.46 66.66 16.72
N ASP J 233 -25.28 67.05 17.17
CA ASP J 233 -24.13 66.16 17.13
C ASP J 233 -24.27 65.07 18.18
N PRO J 234 -23.88 63.83 17.86
CA PRO J 234 -24.05 62.74 18.83
C PRO J 234 -23.28 62.93 20.13
N TYR J 235 -22.10 63.55 20.08
CA TYR J 235 -21.28 63.66 21.28
C TYR J 235 -21.92 64.57 22.32
N PHE J 236 -22.43 65.74 21.89
CA PHE J 236 -23.05 66.72 22.78
C PHE J 236 -24.44 67.02 22.24
N HIS J 237 -25.46 66.61 22.99
CA HIS J 237 -26.84 66.79 22.55
C HIS J 237 -27.28 68.24 22.52
N ASP J 238 -26.60 69.12 23.27
CA ASP J 238 -27.04 70.50 23.41
C ASP J 238 -26.60 71.40 22.27
N ARG J 239 -25.85 70.87 21.32
CA ARG J 239 -25.33 71.68 20.22
C ARG J 239 -26.30 71.65 19.04
N VAL J 240 -26.65 72.84 18.55
CA VAL J 240 -27.52 73.00 17.39
C VAL J 240 -26.78 73.84 16.36
N ALA J 241 -26.68 73.32 15.14
CA ALA J 241 -25.96 73.98 14.06
C ALA J 241 -26.94 74.61 13.08
N SER J 242 -26.53 75.73 12.50
CA SER J 242 -27.34 76.42 11.50
C SER J 242 -26.41 77.27 10.63
N PHE J 243 -26.70 77.32 9.33
CA PHE J 243 -25.84 77.99 8.37
C PHE J 243 -26.62 79.04 7.60
N TYR J 244 -26.00 80.19 7.37
CA TYR J 244 -26.61 81.30 6.63
C TYR J 244 -25.62 81.82 5.61
N GLU J 245 -25.83 81.48 4.35
CA GLU J 245 -24.94 81.84 3.23
C GLU J 245 -23.55 81.34 3.58
N GLY J 246 -22.52 82.17 3.56
CA GLY J 246 -21.17 81.77 3.92
C GLY J 246 -20.84 81.85 5.39
N GLN J 247 -21.79 82.24 6.22
CA GLN J 247 -21.59 82.37 7.65
C GLN J 247 -22.41 81.32 8.39
N VAL J 248 -21.78 80.66 9.36
CA VAL J 248 -22.41 79.59 10.12
C VAL J 248 -22.40 79.98 11.60
N ALA J 249 -23.57 79.89 12.23
CA ALA J 249 -23.73 80.19 13.64
C ALA J 249 -24.18 78.94 14.39
N ILE J 250 -23.48 78.62 15.47
CA ILE J 250 -23.81 77.47 16.31
C ILE J 250 -24.54 77.99 17.54
N TRP J 251 -25.17 77.07 18.27
CA TRP J 251 -25.92 77.43 19.47
C TRP J 251 -25.94 76.26 20.43
N ASP J 252 -26.19 76.57 21.70
CA ASP J 252 -26.33 75.59 22.76
C ASP J 252 -27.78 75.48 23.17
N LEU J 253 -28.23 74.24 23.44
CA LEU J 253 -29.65 74.01 23.71
C LEU J 253 -30.11 74.71 24.98
N ARG J 254 -29.30 74.67 26.04
CA ARG J 254 -29.71 75.24 27.31
C ARG J 254 -29.82 76.76 27.26
N LYS J 255 -28.99 77.42 26.45
CA LYS J 255 -28.97 78.87 26.33
C LYS J 255 -29.10 79.29 24.87
N PHE J 256 -30.07 78.70 24.18
CA PHE J 256 -30.31 79.01 22.76
C PHE J 256 -31.03 80.34 22.65
N GLU J 257 -30.28 81.41 22.86
CA GLU J 257 -30.78 82.77 22.70
C GLU J 257 -29.94 83.61 21.75
N LYS J 258 -28.63 83.43 21.76
CA LYS J 258 -27.71 84.13 20.87
C LYS J 258 -26.66 83.16 20.40
N PRO J 259 -26.02 83.42 19.26
CA PRO J 259 -24.97 82.52 18.78
C PRO J 259 -23.74 82.58 19.68
N VAL J 260 -23.40 81.43 20.26
CA VAL J 260 -22.23 81.37 21.14
C VAL J 260 -20.95 81.66 20.36
N LEU J 261 -20.86 81.13 19.15
CA LEU J 261 -19.70 81.36 18.29
C LEU J 261 -20.16 81.72 16.89
N THR J 262 -19.38 82.58 16.22
CA THR J 262 -19.65 82.99 14.85
C THR J 262 -18.42 82.71 14.00
N LEU J 263 -18.59 81.92 12.94
CA LEU J 263 -17.48 81.58 12.07
C LEU J 263 -17.27 82.65 11.01
N THR J 264 -16.04 82.69 10.48
CA THR J 264 -15.70 83.67 9.46
C THR J 264 -16.45 83.38 8.17
N GLU J 265 -17.07 84.41 7.60
CA GLU J 265 -17.82 84.24 6.37
C GLU J 265 -16.86 83.97 5.20
N GLN J 266 -17.27 83.04 4.34
CA GLN J 266 -16.49 82.65 3.17
C GLN J 266 -17.14 83.16 1.89
N PRO J 267 -16.39 83.26 0.80
CA PRO J 267 -16.96 83.76 -0.46
C PRO J 267 -18.06 82.86 -1.01
N LYS J 268 -17.75 81.59 -1.21
CA LYS J 268 -18.75 80.67 -1.73
C LYS J 268 -19.73 80.27 -0.63
N PRO J 269 -21.03 80.23 -0.92
CA PRO J 269 -21.99 79.84 0.10
C PRO J 269 -21.83 78.38 0.51
N LEU J 270 -22.14 78.09 1.77
CA LEU J 270 -22.03 76.74 2.29
C LEU J 270 -23.16 75.87 1.76
N THR J 271 -22.91 74.56 1.75
CA THR J 271 -23.89 73.58 1.29
C THR J 271 -24.63 72.90 2.45
N LYS J 272 -23.90 72.40 3.44
CA LYS J 272 -24.53 71.70 4.55
C LYS J 272 -23.58 71.73 5.75
N VAL J 273 -24.14 71.40 6.92
CA VAL J 273 -23.40 71.32 8.16
C VAL J 273 -23.66 69.97 8.79
N ALA J 274 -22.60 69.35 9.32
CA ALA J 274 -22.71 68.03 9.92
C ALA J 274 -21.60 67.84 10.94
N TRP J 275 -21.73 66.80 11.74
CA TRP J 275 -20.74 66.45 12.76
C TRP J 275 -20.08 65.13 12.42
N CYS J 276 -18.79 65.02 12.70
CA CYS J 276 -18.07 63.79 12.44
C CYS J 276 -18.51 62.71 13.41
N PRO J 277 -18.97 61.55 12.93
CA PRO J 277 -19.47 60.52 13.84
C PRO J 277 -18.38 59.67 14.49
N THR J 278 -17.21 59.54 13.87
CA THR J 278 -16.15 58.67 14.39
C THR J 278 -15.22 59.37 15.37
N ARG J 279 -15.31 60.68 15.51
CA ARG J 279 -14.49 61.43 16.45
C ARG J 279 -15.35 62.46 17.16
N THR J 280 -14.91 62.87 18.35
CA THR J 280 -15.63 63.82 19.17
C THR J 280 -15.20 65.24 18.86
N GLY J 281 -16.14 66.17 18.95
CA GLY J 281 -15.83 67.59 18.83
C GLY J 281 -15.36 68.03 17.46
N LEU J 282 -15.98 67.51 16.41
CA LEU J 282 -15.63 67.92 15.05
C LEU J 282 -16.88 68.30 14.29
N LEU J 283 -16.86 69.46 13.64
CA LEU J 283 -17.94 69.91 12.76
C LEU J 283 -17.33 70.27 11.41
N ALA J 284 -17.96 69.80 10.34
CA ALA J 284 -17.42 69.96 8.99
C ALA J 284 -18.42 70.70 8.11
N THR J 285 -17.91 71.62 7.28
CA THR J 285 -18.72 72.35 6.32
C THR J 285 -18.02 72.35 4.96
N LEU J 286 -18.82 72.27 3.90
CA LEU J 286 -18.30 72.21 2.53
C LEU J 286 -18.98 73.27 1.67
N THR J 287 -18.21 73.89 0.78
CA THR J 287 -18.67 74.97 -0.07
C THR J 287 -18.80 74.51 -1.51
N ARG J 288 -19.11 75.46 -2.40
CA ARG J 288 -19.29 75.18 -3.81
C ARG J 288 -18.05 75.56 -4.60
N ASP J 289 -17.72 74.73 -5.60
CA ASP J 289 -16.58 74.96 -6.49
C ASP J 289 -15.27 75.09 -5.71
N SER J 290 -15.12 74.28 -4.66
CA SER J 290 -13.93 74.27 -3.82
C SER J 290 -13.45 72.85 -3.64
N ASN J 291 -12.14 72.64 -3.72
CA ASN J 291 -11.54 71.32 -3.59
C ASN J 291 -11.05 71.01 -2.19
N ILE J 292 -11.17 71.95 -1.25
CA ILE J 292 -10.74 71.75 0.13
C ILE J 292 -11.93 72.00 1.05
N ILE J 293 -12.18 71.06 1.95
CA ILE J 293 -13.34 71.13 2.85
C ILE J 293 -12.90 71.82 4.15
N ARG J 294 -13.76 72.70 4.66
CA ARG J 294 -13.46 73.45 5.87
C ARG J 294 -13.94 72.69 7.09
N LEU J 295 -13.03 72.48 8.04
CA LEU J 295 -13.31 71.73 9.27
C LEU J 295 -13.06 72.61 10.48
N TYR J 296 -13.87 72.43 11.51
CA TYR J 296 -13.76 73.18 12.74
C TYR J 296 -13.86 72.22 13.92
N ASP J 297 -13.10 72.51 14.98
CA ASP J 297 -13.12 71.72 16.20
C ASP J 297 -13.83 72.51 17.29
N MET J 298 -14.87 71.91 17.86
CA MET J 298 -15.66 72.56 18.91
C MET J 298 -15.34 72.01 20.30
N GLN J 299 -14.17 71.39 20.46
CA GLN J 299 -13.76 70.83 21.73
C GLN J 299 -12.94 71.80 22.56
N HIS J 300 -12.82 73.06 22.13
CA HIS J 300 -12.02 74.03 22.86
C HIS J 300 -12.59 74.29 24.26
N THR J 301 -13.92 74.38 24.35
CA THR J 301 -14.57 74.62 25.65
C THR J 301 -15.99 74.04 25.66
N THR J 312 -10.53 78.96 21.74
CA THR J 312 -10.23 79.16 20.34
C THR J 312 -10.54 77.90 19.53
N ILE J 313 -11.40 78.06 18.52
CA ILE J 313 -11.78 76.94 17.67
C ILE J 313 -10.71 76.71 16.61
N ILE J 314 -10.14 75.51 16.61
CA ILE J 314 -9.11 75.16 15.63
C ILE J 314 -9.76 75.04 14.26
N GLU J 315 -9.16 75.69 13.27
CA GLU J 315 -9.67 75.68 11.90
C GLU J 315 -8.65 75.02 10.99
N ARG J 316 -9.12 74.08 10.17
CA ARG J 316 -8.26 73.37 9.25
C ARG J 316 -9.03 73.11 7.96
N SER J 317 -8.28 72.80 6.90
CA SER J 317 -8.88 72.49 5.61
C SER J 317 -8.18 71.27 5.02
N VAL J 318 -8.96 70.40 4.40
CA VAL J 318 -8.46 69.16 3.82
C VAL J 318 -8.90 69.10 2.36
N GLN J 319 -7.94 68.88 1.46
CA GLN J 319 -8.24 68.79 0.04
C GLN J 319 -8.29 67.32 -0.36
N PRO J 320 -9.45 66.79 -0.74
CA PRO J 320 -9.50 65.35 -1.09
C PRO J 320 -8.84 65.04 -2.41
N CYS J 321 -8.97 65.93 -3.39
CA CYS J 321 -8.39 65.72 -4.72
C CYS J 321 -8.22 67.08 -5.38
N ASP J 322 -7.97 67.07 -6.69
CA ASP J 322 -7.78 68.29 -7.45
C ASP J 322 -9.06 68.78 -8.13
N ASN J 323 -10.19 68.13 -7.88
CA ASN J 323 -11.46 68.49 -8.50
C ASN J 323 -12.46 68.92 -7.44
N TYR J 324 -13.47 69.67 -7.88
CA TYR J 324 -14.51 70.16 -6.99
C TYR J 324 -15.36 69.00 -6.46
N ILE J 325 -15.90 69.17 -5.26
CA ILE J 325 -16.71 68.16 -4.61
C ILE J 325 -18.17 68.61 -4.62
N ALA J 326 -19.06 67.70 -5.03
CA ALA J 326 -20.49 68.01 -5.04
C ALA J 326 -21.02 68.20 -3.61
N SER J 327 -20.64 67.33 -2.69
CA SER J 327 -21.13 67.40 -1.31
C SER J 327 -20.16 66.68 -0.39
N PHE J 328 -20.60 66.45 0.85
CA PHE J 328 -19.77 65.80 1.85
C PHE J 328 -20.59 64.72 2.55
N ALA J 329 -19.91 63.67 3.00
CA ALA J 329 -20.55 62.60 3.75
C ALA J 329 -19.54 61.99 4.72
N TRP J 330 -20.05 61.39 5.78
CA TRP J 330 -19.22 60.76 6.80
C TRP J 330 -19.75 59.36 7.10
N HIS J 331 -18.95 58.35 6.78
CA HIS J 331 -19.35 56.97 7.06
C HIS J 331 -19.37 56.75 8.56
N PRO J 332 -20.48 56.26 9.13
CA PRO J 332 -20.56 56.15 10.60
C PRO J 332 -19.58 55.17 11.21
N THR J 333 -19.14 54.16 10.47
CA THR J 333 -18.31 53.10 11.02
C THR J 333 -16.82 53.30 10.82
N SER J 334 -16.41 53.84 9.68
CA SER J 334 -14.99 54.05 9.41
C SER J 334 -14.42 55.10 10.35
N GLN J 335 -13.15 54.91 10.74
CA GLN J 335 -12.49 55.80 11.69
C GLN J 335 -11.96 57.03 10.93
N ASN J 336 -12.62 58.16 11.14
CA ASN J 336 -12.21 59.45 10.57
C ASN J 336 -12.07 59.38 9.05
N ARG J 337 -13.00 58.68 8.40
CA ARG J 337 -13.04 58.58 6.95
C ARG J 337 -14.28 59.30 6.42
N MET J 338 -14.08 60.17 5.43
CA MET J 338 -15.15 60.92 4.82
C MET J 338 -15.20 60.61 3.32
N ILE J 339 -16.42 60.63 2.78
CA ILE J 339 -16.66 60.33 1.37
C ILE J 339 -17.35 61.53 0.73
N VAL J 340 -16.81 61.97 -0.41
CA VAL J 340 -17.38 63.07 -1.16
C VAL J 340 -17.57 62.61 -2.61
N VAL J 341 -18.42 63.33 -3.32
CA VAL J 341 -18.82 62.97 -4.68
C VAL J 341 -18.44 64.09 -5.63
N THR J 342 -17.92 63.72 -6.80
CA THR J 342 -17.58 64.68 -7.85
C THR J 342 -18.57 64.57 -9.00
N PRO J 343 -18.79 65.65 -9.75
CA PRO J 343 -19.76 65.59 -10.86
C PRO J 343 -19.34 64.67 -12.00
N ASN J 344 -18.07 64.29 -12.08
CA ASN J 344 -17.56 63.51 -13.18
C ASN J 344 -17.63 62.00 -12.95
N ARG J 345 -18.55 61.54 -12.09
CA ARG J 345 -18.74 60.12 -11.79
C ARG J 345 -17.45 59.46 -11.31
N THR J 346 -16.68 60.21 -10.53
CA THR J 346 -15.47 59.70 -9.90
C THR J 346 -15.51 60.04 -8.42
N MET J 347 -15.37 59.03 -7.57
CA MET J 347 -15.46 59.18 -6.12
C MET J 347 -14.16 58.71 -5.48
N SER J 348 -13.66 59.50 -4.55
CA SER J 348 -12.44 59.17 -3.80
C SER J 348 -12.71 59.34 -2.32
N ASP J 349 -12.38 58.33 -1.53
CA ASP J 349 -12.56 58.35 -0.08
C ASP J 349 -11.31 58.93 0.55
N PHE J 350 -11.40 60.20 0.97
CA PHE J 350 -10.27 60.91 1.55
C PHE J 350 -10.46 61.03 3.05
N THR J 351 -9.41 60.66 3.79
CA THR J 351 -9.45 60.70 5.24
C THR J 351 -8.93 62.03 5.76
N VAL J 352 -9.33 62.35 6.98
CA VAL J 352 -8.86 63.53 7.68
C VAL J 352 -7.91 63.07 8.77
N PHE J 353 -6.64 63.46 8.66
CA PHE J 353 -5.61 62.99 9.58
C PHE J 353 -5.52 63.90 10.79
N GLU J 354 -4.88 63.37 11.84
CA GLU J 354 -4.60 64.17 13.01
C GLU J 354 -3.19 64.74 12.96
N ARG J 355 -3.03 65.90 13.59
CA ARG J 355 -1.85 66.74 13.36
C ARG J 355 -0.65 66.17 14.11
N ILE J 356 0.53 66.24 13.47
CA ILE J 356 1.70 65.45 13.86
C ILE J 356 2.71 66.32 14.61
N SER J 357 3.45 65.69 15.52
CA SER J 357 4.53 66.33 16.28
C SER J 357 5.83 65.55 16.09
N LEU J 358 6.95 66.25 16.21
CA LEU J 358 8.25 65.73 15.80
C LEU J 358 9.27 65.82 16.94
N ALA J 359 10.29 64.95 16.87
CA ALA J 359 11.35 64.90 17.87
C ALA J 359 12.51 64.08 17.33
N TRP J 360 13.72 64.63 17.43
CA TRP J 360 14.93 63.97 16.99
C TRP J 360 15.67 63.34 18.17
N SER J 361 16.76 62.64 17.87
CA SER J 361 17.62 61.99 18.85
C SER J 361 19.06 62.04 18.39
N PRO J 362 20.02 61.97 19.31
CA PRO J 362 21.44 62.04 18.90
C PRO J 362 21.92 60.87 18.06
N ILE J 363 21.18 59.76 18.00
CA ILE J 363 21.57 58.65 17.14
C ILE J 363 21.12 58.85 15.71
N THR J 364 20.61 60.03 15.37
CA THR J 364 20.04 60.33 14.05
C THR J 364 18.84 59.43 13.77
N SER J 365 17.90 59.44 14.69
CA SER J 365 16.60 58.80 14.56
C SER J 365 15.51 59.85 14.77
N LEU J 366 14.36 59.63 14.15
CA LEU J 366 13.28 60.59 14.24
C LEU J 366 12.02 59.90 14.75
N MET J 367 11.39 60.51 15.74
CA MET J 367 10.13 60.03 16.30
C MET J 367 9.02 61.02 15.99
N TRP J 368 7.87 60.50 15.60
CA TRP J 368 6.71 61.34 15.35
C TRP J 368 5.46 60.60 15.80
N ALA J 369 4.54 61.36 16.40
CA ALA J 369 3.30 60.83 16.93
C ALA J 369 2.13 61.38 16.13
N CYS J 370 1.32 60.49 15.57
CA CYS J 370 0.13 60.89 14.83
C CYS J 370 -1.08 60.21 15.46
N GLY J 371 -1.84 60.97 16.24
CA GLY J 371 -3.03 60.42 16.84
C GLY J 371 -2.78 59.72 18.15
N ARG J 372 -2.65 58.39 18.08
CA ARG J 372 -2.55 57.52 19.24
C ARG J 372 -1.42 56.51 19.04
N HIS J 373 -0.41 56.89 18.28
CA HIS J 373 0.59 55.93 17.85
C HIS J 373 1.93 56.63 17.68
N LEU J 374 2.97 56.04 18.25
CA LEU J 374 4.33 56.52 18.10
C LEU J 374 5.07 55.69 17.06
N TYR J 375 5.67 56.37 16.10
CA TYR J 375 6.44 55.74 15.05
C TYR J 375 7.91 56.12 15.18
N GLU J 376 8.76 55.43 14.43
CA GLU J 376 10.19 55.69 14.48
C GLU J 376 10.76 55.49 13.08
N CYS J 377 11.93 56.08 12.85
CA CYS J 377 12.48 56.15 11.51
C CYS J 377 13.99 56.35 11.60
N THR J 378 14.74 55.47 10.95
CA THR J 378 16.20 55.50 10.92
C THR J 378 16.69 55.50 9.48
N GLU J 379 17.99 55.34 9.32
CA GLU J 379 18.60 55.30 8.00
C GLU J 379 18.68 53.86 7.50
N GLU J 387 26.47 58.45 0.86
CA GLU J 387 25.30 59.31 0.80
C GLU J 387 24.68 59.49 2.19
N LYS J 388 25.36 58.97 3.20
CA LYS J 388 24.89 59.09 4.57
C LYS J 388 25.21 60.47 5.13
N ASP J 389 24.40 60.88 6.10
CA ASP J 389 24.62 62.18 6.74
C ASP J 389 25.90 62.15 7.56
N ILE J 390 26.44 63.35 7.83
CA ILE J 390 27.73 63.45 8.49
C ILE J 390 27.65 62.99 9.95
N ALA J 391 26.49 63.15 10.58
CA ALA J 391 26.34 62.75 11.97
C ALA J 391 26.51 61.26 12.18
N THR J 392 26.39 60.45 11.13
CA THR J 392 26.62 59.02 11.20
C THR J 392 28.06 58.65 10.89
N LYS J 393 28.64 59.29 9.88
CA LYS J 393 30.04 59.05 9.55
C LYS J 393 30.95 59.43 10.70
N MET J 394 30.61 60.50 11.43
CA MET J 394 31.42 60.87 12.60
C MET J 394 31.42 59.76 13.64
N ARG J 395 30.26 59.19 13.94
CA ARG J 395 30.20 58.12 14.93
C ARG J 395 30.99 56.90 14.47
N LEU J 396 30.83 56.52 13.20
CA LEU J 396 31.55 55.36 12.71
C LEU J 396 33.06 55.57 12.80
N ARG J 397 33.52 56.76 12.41
CA ARG J 397 34.95 57.06 12.46
C ARG J 397 35.45 57.08 13.91
N ALA J 398 34.65 57.60 14.83
CA ALA J 398 35.04 57.59 16.23
C ALA J 398 35.18 56.17 16.75
N LEU J 399 34.26 55.28 16.37
CA LEU J 399 34.39 53.88 16.74
C LEU J 399 35.59 53.22 16.07
N SER J 400 36.04 53.75 14.94
CA SER J 400 37.17 53.17 14.22
C SER J 400 38.51 53.79 14.60
N ARG J 401 38.54 54.63 15.64
CA ARG J 401 39.77 55.30 16.08
C ARG J 401 40.40 56.11 14.95
N TYR J 402 39.56 56.88 14.26
CA TYR J 402 40.01 57.70 13.15
C TYR J 402 40.82 58.89 13.65
N GLY J 403 41.97 59.12 13.02
CA GLY J 403 42.77 60.30 13.30
C GLY J 403 43.75 60.16 14.43
N LEU J 404 43.72 59.07 15.18
CA LEU J 404 44.61 58.92 16.33
C LEU J 404 45.86 58.11 16.00
N ASP J 405 46.07 57.74 14.75
CA ASP J 405 47.30 57.09 14.33
C ASP J 405 48.39 58.15 14.26
N THR J 406 49.54 57.87 14.88
CA THR J 406 50.63 58.83 14.94
C THR J 406 51.92 58.33 14.33
N GLU J 407 52.22 57.04 14.44
CA GLU J 407 53.48 56.51 13.93
C GLU J 407 53.65 56.84 12.45
N GLN J 408 52.60 56.68 11.67
CA GLN J 408 52.68 56.90 10.23
C GLN J 408 51.28 57.22 9.72
N VAL J 409 51.08 58.48 9.29
CA VAL J 409 49.77 59.12 9.36
C VAL J 409 48.89 59.00 8.12
N TRP J 410 49.39 58.46 7.02
CA TRP J 410 48.56 58.46 5.82
C TRP J 410 47.46 57.41 5.85
N ARG J 411 47.44 56.52 6.84
CA ARG J 411 46.39 55.51 6.88
C ARG J 411 45.08 56.05 7.44
N ASN J 412 45.06 57.28 7.93
CA ASN J 412 43.83 57.86 8.43
C ASN J 412 42.79 57.98 7.31
N HIS J 413 43.23 58.05 6.06
CA HIS J 413 42.27 58.20 4.96
C HIS J 413 41.61 56.87 4.62
N ILE J 414 42.32 55.75 4.79
CA ILE J 414 41.65 54.46 4.65
C ILE J 414 40.94 54.05 5.92
N LEU J 415 41.22 54.74 7.03
CA LEU J 415 40.47 54.51 8.26
C LEU J 415 39.12 55.22 8.25
N ALA J 416 38.90 56.16 7.33
CA ALA J 416 37.64 56.88 7.29
C ALA J 416 36.48 55.96 6.93
N GLY J 417 36.67 55.09 5.95
CA GLY J 417 35.64 54.15 5.57
C GLY J 417 35.16 54.29 4.14
N ASN J 418 35.09 55.52 3.65
CA ASN J 418 34.64 55.81 2.29
C ASN J 418 35.83 56.23 1.44
N GLU J 419 35.53 56.64 0.21
CA GLU J 419 36.55 57.10 -0.73
C GLU J 419 36.33 58.58 -1.00
N ASP J 420 37.05 59.43 -0.30
CA ASP J 420 37.01 60.87 -0.53
C ASP J 420 38.39 61.35 -0.96
N PRO J 421 38.53 61.92 -2.15
CA PRO J 421 39.85 62.40 -2.58
C PRO J 421 40.40 63.51 -1.69
N GLN J 422 39.53 64.33 -1.13
CA GLN J 422 39.96 65.45 -0.30
C GLN J 422 40.73 64.98 0.92
N LEU J 423 40.17 63.98 1.63
CA LEU J 423 40.82 63.48 2.83
C LEU J 423 42.15 62.82 2.49
N LYS J 424 42.20 62.05 1.40
CA LYS J 424 43.44 61.42 1.01
C LYS J 424 44.51 62.46 0.72
N SER J 425 44.14 63.51 -0.02
CA SER J 425 45.11 64.57 -0.31
C SER J 425 45.60 65.24 0.97
N LEU J 426 44.68 65.57 1.88
CA LEU J 426 45.09 66.26 3.10
C LEU J 426 46.03 65.41 3.94
N TRP J 427 45.71 64.13 4.09
CA TRP J 427 46.53 63.29 4.95
C TRP J 427 47.88 62.96 4.32
N TYR J 428 47.94 62.79 3.00
CA TYR J 428 49.23 62.60 2.37
C TYR J 428 50.09 63.85 2.50
N THR J 429 49.48 65.03 2.38
CA THR J 429 50.22 66.26 2.57
C THR J 429 50.80 66.34 3.98
N LEU J 430 49.98 66.02 4.99
CA LEU J 430 50.47 66.09 6.36
C LEU J 430 51.54 65.03 6.62
N HIS J 431 51.45 63.89 5.95
CA HIS J 431 52.52 62.89 6.02
C HIS J 431 53.85 63.46 5.54
N PHE J 432 53.85 64.05 4.34
CA PHE J 432 55.10 64.61 3.83
C PHE J 432 55.64 65.70 4.74
N MET J 433 54.73 66.53 5.26
CA MET J 433 55.15 67.62 6.13
C MET J 433 55.83 67.09 7.38
N LYS J 434 55.25 66.07 8.02
CA LYS J 434 55.86 65.51 9.22
C LYS J 434 57.17 64.79 8.92
N GLN J 435 57.22 64.06 7.81
CA GLN J 435 58.43 63.31 7.48
C GLN J 435 59.61 64.23 7.25
N TYR J 436 59.40 65.34 6.53
CA TYR J 436 60.51 66.26 6.32
C TYR J 436 61.03 66.84 7.63
N THR J 437 60.13 67.24 8.53
CA THR J 437 60.56 67.79 9.81
C THR J 437 61.31 66.75 10.62
N GLU J 438 60.84 65.50 10.61
CA GLU J 438 61.54 64.44 11.33
C GLU J 438 62.92 64.21 10.76
N ASP J 439 63.07 64.26 9.43
CA ASP J 439 64.36 64.01 8.80
C ASP J 439 65.39 65.06 9.19
N MET J 440 64.98 66.33 9.26
CA MET J 440 65.90 67.39 9.64
C MET J 440 66.23 67.30 11.12
N SER J 450 60.09 73.52 10.92
CA SER J 450 59.06 74.50 11.24
C SER J 450 58.73 75.36 10.02
N LEU J 451 59.66 75.41 9.07
CA LEU J 451 59.42 76.19 7.85
C LEU J 451 58.48 75.45 6.90
N VAL J 452 58.52 74.13 6.89
CA VAL J 452 57.70 73.36 5.97
C VAL J 452 56.22 73.56 6.28
N TYR J 453 55.88 73.70 7.56
CA TYR J 453 54.49 73.92 7.94
C TYR J 453 53.97 75.28 7.54
N ALA J 454 54.83 76.20 7.08
CA ALA J 454 54.37 77.51 6.68
C ALA J 454 53.54 77.44 5.40
N GLY J 455 53.86 76.51 4.52
CA GLY J 455 53.16 76.35 3.26
C GLY J 455 54.00 76.76 2.07
N ILE J 456 53.51 76.38 0.89
CA ILE J 456 54.24 76.62 -0.35
C ILE J 456 54.37 78.11 -0.60
N LYS J 457 53.29 78.86 -0.35
CA LYS J 457 53.31 80.30 -0.62
C LYS J 457 54.40 81.00 0.18
N SER J 458 54.50 80.66 1.47
CA SER J 458 55.49 81.33 2.32
C SER J 458 56.91 81.00 1.90
N ILE J 459 57.19 79.73 1.59
CA ILE J 459 58.56 79.36 1.22
C ILE J 459 58.94 79.93 -0.14
N VAL J 460 58.00 79.93 -1.08
CA VAL J 460 58.26 80.49 -2.40
C VAL J 460 58.41 82.00 -2.38
N LYS J 461 57.70 82.70 -1.49
CA LYS J 461 57.78 84.16 -1.47
C LYS J 461 59.16 84.67 -1.10
N SER J 462 60.07 83.81 -0.66
CA SER J 462 61.43 84.21 -0.30
C SER J 462 62.45 83.80 -1.34
N SER J 463 62.03 83.37 -2.53
CA SER J 463 62.97 82.98 -3.56
C SER J 463 63.54 84.21 -4.25
N ARG J 471 62.78 77.28 -26.05
CA ARG J 471 63.19 76.15 -26.86
C ARG J 471 63.67 75.00 -25.99
N HIS J 472 62.74 74.14 -25.59
CA HIS J 472 63.08 72.98 -24.77
C HIS J 472 63.89 72.00 -25.61
N ASN J 473 65.15 71.78 -25.23
CA ASN J 473 66.05 70.90 -25.96
C ASN J 473 65.71 69.44 -25.65
N TRP J 474 64.79 68.92 -26.46
CA TRP J 474 64.33 67.54 -26.31
C TRP J 474 65.47 66.55 -26.55
N ASP J 482 68.51 69.69 -16.19
CA ASP J 482 67.99 68.74 -15.22
C ASP J 482 67.71 69.43 -13.89
N ILE J 483 67.07 68.70 -12.98
CA ILE J 483 66.73 69.28 -11.69
C ILE J 483 67.88 69.08 -10.72
N GLN J 484 68.91 69.91 -10.85
CA GLN J 484 69.96 70.00 -9.85
C GLN J 484 70.42 71.44 -9.73
N ASN J 485 69.76 72.33 -10.48
CA ASN J 485 70.22 73.70 -10.65
C ASN J 485 69.19 74.74 -10.28
N LEU J 486 68.14 74.36 -9.55
CA LEU J 486 67.18 75.33 -9.04
C LEU J 486 67.57 75.72 -7.62
N ASN J 487 66.91 76.75 -7.08
CA ASN J 487 67.20 77.18 -5.72
C ASN J 487 66.71 76.12 -4.74
N GLU J 488 67.21 76.22 -3.50
CA GLU J 488 66.72 75.36 -2.44
C GLU J 488 65.24 75.58 -2.18
N GLU J 489 64.78 76.82 -2.26
CA GLU J 489 63.37 77.14 -2.09
C GLU J 489 62.49 76.52 -3.17
N ARG J 490 63.07 76.05 -4.27
CA ARG J 490 62.33 75.35 -5.31
C ARG J 490 62.45 73.85 -5.23
N ILE J 491 63.52 73.33 -4.61
CA ILE J 491 63.71 71.89 -4.48
C ILE J 491 62.89 71.31 -3.34
N LEU J 492 62.32 72.15 -2.48
CA LEU J 492 61.45 71.72 -1.40
C LEU J 492 60.00 71.62 -1.88
N ALA J 493 59.56 72.57 -2.71
CA ALA J 493 58.22 72.56 -3.25
C ALA J 493 57.98 71.29 -4.05
N LEU J 494 58.93 70.95 -4.92
CA LEU J 494 58.82 69.76 -5.74
C LEU J 494 58.89 68.47 -4.94
N GLN J 495 59.35 68.53 -3.70
CA GLN J 495 59.42 67.35 -2.85
C GLN J 495 58.21 67.21 -1.94
N LEU J 496 57.56 68.31 -1.59
CA LEU J 496 56.27 68.25 -0.92
C LEU J 496 55.15 67.76 -1.83
N CYS J 497 55.28 67.98 -3.14
CA CYS J 497 54.28 67.52 -4.09
C CYS J 497 54.48 66.06 -4.49
N GLY J 498 55.51 65.41 -3.95
CA GLY J 498 55.75 64.02 -4.27
C GLY J 498 56.17 63.74 -5.69
N TRP J 499 57.01 64.59 -6.26
CA TRP J 499 57.64 64.31 -7.54
C TRP J 499 59.02 63.71 -7.41
N ILE J 500 59.76 64.08 -6.37
CA ILE J 500 61.08 63.53 -6.09
C ILE J 500 61.13 63.09 -4.64
N LYS J 501 61.77 61.96 -4.39
CA LYS J 501 61.97 61.51 -3.01
C LYS J 501 62.98 62.41 -2.33
N LYS J 502 63.18 62.18 -1.03
CA LYS J 502 64.06 63.03 -0.26
C LYS J 502 65.50 62.90 -0.73
N GLY J 503 66.26 63.98 -0.58
CA GLY J 503 67.66 63.99 -0.92
C GLY J 503 67.97 65.00 -2.01
N THR J 504 69.26 65.08 -2.33
CA THR J 504 69.74 65.95 -3.39
C THR J 504 69.67 65.28 -4.77
N ASP J 505 69.41 63.98 -4.82
CA ASP J 505 69.32 63.26 -6.09
C ASP J 505 67.93 63.49 -6.67
N VAL J 506 67.80 64.59 -7.41
CA VAL J 506 66.53 64.95 -8.00
C VAL J 506 66.49 64.54 -9.46
N ASP J 507 66.01 63.33 -9.73
CA ASP J 507 65.75 62.86 -11.09
C ASP J 507 64.56 61.93 -11.00
N VAL J 508 63.47 62.29 -11.67
CA VAL J 508 62.16 61.69 -11.37
C VAL J 508 62.10 60.36 -12.13
N GLY J 509 62.69 59.34 -11.53
CA GLY J 509 62.59 58.00 -12.04
C GLY J 509 61.62 57.13 -11.25
N PRO J 510 61.79 57.08 -9.93
CA PRO J 510 60.88 56.26 -9.11
C PRO J 510 59.41 56.67 -9.22
N PHE J 511 59.13 57.97 -9.30
CA PHE J 511 57.74 58.41 -9.40
C PHE J 511 57.12 57.91 -10.70
N LEU J 512 57.86 57.98 -11.80
CA LEU J 512 57.33 57.55 -13.08
C LEU J 512 56.98 56.06 -13.08
N ASN J 513 57.87 55.21 -12.58
CA ASN J 513 57.57 53.78 -12.59
C ASN J 513 56.49 53.44 -11.57
N SER J 514 56.47 54.11 -10.41
CA SER J 514 55.39 53.90 -9.46
C SER J 514 54.06 54.22 -10.11
N LEU J 515 53.99 55.31 -10.87
CA LEU J 515 52.80 55.58 -11.66
C LEU J 515 52.57 54.48 -12.70
N VAL J 516 53.64 53.93 -13.26
CA VAL J 516 53.49 52.99 -14.36
C VAL J 516 52.80 51.71 -13.89
N GLN J 517 53.27 51.09 -12.81
CA GLN J 517 52.50 49.92 -12.38
C GLN J 517 51.43 50.25 -11.36
N GLU J 518 51.22 51.53 -11.04
CA GLU J 518 50.00 51.87 -10.32
C GLU J 518 48.76 51.67 -11.20
N GLY J 519 48.91 51.85 -12.50
CA GLY J 519 47.81 51.69 -13.43
C GLY J 519 47.37 52.99 -14.07
N GLU J 520 48.21 54.02 -14.01
CA GLU J 520 47.90 55.36 -14.52
C GLU J 520 48.89 55.70 -15.62
N TRP J 521 48.49 55.44 -16.87
CA TRP J 521 49.40 55.63 -18.00
C TRP J 521 49.44 57.08 -18.44
N GLU J 522 48.27 57.71 -18.63
CA GLU J 522 48.23 59.05 -19.21
C GLU J 522 48.92 60.06 -18.30
N ARG J 523 48.70 59.98 -16.99
CA ARG J 523 49.37 60.88 -16.07
C ARG J 523 50.88 60.70 -16.11
N ALA J 524 51.33 59.44 -16.22
CA ALA J 524 52.75 59.19 -16.35
C ALA J 524 53.30 59.82 -17.61
N ALA J 525 52.55 59.74 -18.71
CA ALA J 525 52.97 60.40 -19.94
C ALA J 525 53.09 61.90 -19.73
N ALA J 526 52.12 62.49 -19.03
CA ALA J 526 52.15 63.92 -18.81
C ALA J 526 53.36 64.32 -17.99
N VAL J 527 53.67 63.59 -16.92
CA VAL J 527 54.80 63.94 -16.08
C VAL J 527 56.11 63.76 -16.84
N ALA J 528 56.22 62.66 -17.60
CA ALA J 528 57.43 62.42 -18.37
C ALA J 528 57.65 63.52 -19.41
N LEU J 529 56.59 63.94 -20.10
CA LEU J 529 56.74 65.02 -21.06
C LEU J 529 57.10 66.32 -20.36
N PHE J 530 56.48 66.60 -19.21
CA PHE J 530 56.83 67.80 -18.46
C PHE J 530 58.29 67.82 -18.08
N ASN J 531 58.90 66.64 -17.91
CA ASN J 531 60.33 66.56 -17.64
C ASN J 531 61.17 66.56 -18.92
N LEU J 532 60.61 67.01 -20.04
CA LEU J 532 61.32 67.17 -21.31
C LEU J 532 61.91 65.85 -21.82
N ASP J 533 61.02 64.92 -22.15
CA ASP J 533 61.43 63.68 -22.81
C ASP J 533 60.21 63.11 -23.54
N ILE J 534 60.28 63.05 -24.86
CA ILE J 534 59.17 62.50 -25.64
C ILE J 534 59.28 60.99 -25.67
N ARG J 535 60.50 60.49 -25.92
CA ARG J 535 60.67 59.07 -26.19
C ARG J 535 60.20 58.20 -25.02
N ARG J 536 60.45 58.65 -23.79
CA ARG J 536 59.92 57.92 -22.64
C ARG J 536 58.40 57.90 -22.65
N ALA J 537 57.78 59.02 -23.04
CA ALA J 537 56.33 59.05 -23.15
C ALA J 537 55.85 58.07 -24.21
N ILE J 538 56.58 57.94 -25.31
CA ILE J 538 56.23 56.95 -26.32
C ILE J 538 56.32 55.55 -25.74
N GLN J 539 57.37 55.27 -24.97
CA GLN J 539 57.51 53.96 -24.36
C GLN J 539 56.35 53.67 -23.41
N ILE J 540 55.96 54.65 -22.61
CA ILE J 540 54.87 54.47 -21.66
C ILE J 540 53.55 54.23 -22.41
N LEU J 541 53.30 55.03 -23.44
CA LEU J 541 52.05 54.93 -24.19
C LEU J 541 51.93 53.63 -24.97
N ASN J 542 52.97 53.19 -25.67
CA ASN J 542 52.88 51.92 -26.39
C ASN J 542 52.75 50.76 -25.41
N GLU J 543 53.44 50.83 -24.27
CA GLU J 543 53.30 49.79 -23.25
C GLU J 543 51.88 49.73 -22.73
N GLY J 544 51.25 50.88 -22.52
CA GLY J 544 49.85 50.90 -22.15
C GLY J 544 48.97 50.33 -23.25
N ALA J 545 49.30 50.64 -24.51
CA ALA J 545 48.55 50.11 -25.63
C ALA J 545 48.66 48.59 -25.69
N SER J 546 49.74 48.04 -25.15
CA SER J 546 49.87 46.59 -25.09
C SER J 546 48.75 45.97 -24.26
N SER J 547 48.47 46.53 -23.10
CA SER J 547 47.46 46.02 -22.19
C SER J 547 46.09 46.59 -22.50
N GLU J 548 45.06 45.99 -21.91
CA GLU J 548 43.68 46.46 -22.01
C GLU J 548 43.18 46.59 -23.45
N LEU J 552 42.57 50.83 -27.93
CA LEU J 552 43.02 51.02 -29.30
C LEU J 552 43.26 52.49 -29.60
N ASN J 553 43.02 53.34 -28.61
CA ASN J 553 43.16 54.78 -28.79
C ASN J 553 44.53 55.30 -28.40
N LEU J 554 45.31 54.53 -27.63
CA LEU J 554 46.57 55.06 -27.09
C LEU J 554 47.64 55.17 -28.17
N ASN J 555 47.77 54.13 -29.01
CA ASN J 555 48.87 54.08 -29.96
C ASN J 555 48.76 55.17 -31.02
N VAL J 556 47.54 55.43 -31.50
CA VAL J 556 47.35 56.52 -32.46
C VAL J 556 47.72 57.85 -31.82
N VAL J 557 47.41 58.02 -30.53
CA VAL J 557 47.76 59.26 -29.85
C VAL J 557 49.27 59.37 -29.70
N ALA J 558 49.95 58.25 -29.48
CA ALA J 558 51.41 58.29 -29.46
C ALA J 558 51.95 58.75 -30.81
N MET J 559 51.41 58.21 -31.89
CA MET J 559 51.84 58.64 -33.22
C MET J 559 51.52 60.11 -33.45
N ALA J 560 50.42 60.60 -32.87
CA ALA J 560 50.08 62.01 -33.01
C ALA J 560 51.09 62.89 -32.27
N LEU J 561 51.40 62.55 -31.03
CA LEU J 561 52.39 63.30 -30.28
C LEU J 561 53.78 63.14 -30.87
N SER J 562 53.98 62.15 -31.75
CA SER J 562 55.26 62.01 -32.42
C SER J 562 55.60 63.20 -33.30
N GLY J 563 54.62 63.76 -34.00
CA GLY J 563 54.88 64.88 -34.89
C GLY J 563 54.87 66.23 -34.20
N TYR J 564 55.86 66.49 -33.36
CA TYR J 564 56.01 67.81 -32.74
C TYR J 564 56.74 68.74 -33.70
N THR J 565 56.25 69.97 -33.78
CA THR J 565 56.82 70.94 -34.71
C THR J 565 57.02 72.28 -34.00
N ASP J 566 58.00 73.03 -34.47
CA ASP J 566 58.31 74.34 -33.89
C ASP J 566 58.24 75.45 -34.94
N GLU J 567 57.80 75.13 -36.15
CA GLU J 567 57.67 76.12 -37.20
C GLU J 567 56.55 77.10 -36.86
N LYS J 568 56.68 78.32 -37.40
CA LYS J 568 55.71 79.37 -37.11
C LYS J 568 54.38 79.16 -37.83
N ASN J 569 54.29 78.21 -38.75
CA ASN J 569 53.06 77.98 -39.50
C ASN J 569 52.78 76.49 -39.61
N SER J 570 53.21 75.72 -38.62
CA SER J 570 53.08 74.28 -38.67
C SER J 570 51.61 73.87 -38.71
N LEU J 571 51.29 72.89 -39.57
CA LEU J 571 49.93 72.36 -39.59
C LEU J 571 49.61 71.66 -38.28
N TRP J 572 50.59 70.97 -37.69
CA TRP J 572 50.37 70.33 -36.41
C TRP J 572 49.92 71.35 -35.37
N ARG J 573 50.57 72.51 -35.34
CA ARG J 573 50.24 73.52 -34.33
C ARG J 573 48.77 73.90 -34.43
N GLU J 574 48.32 74.31 -35.62
CA GLU J 574 46.95 74.79 -35.75
C GLU J 574 45.94 73.68 -35.52
N MET J 575 46.15 72.52 -36.13
CA MET J 575 45.18 71.43 -35.98
C MET J 575 45.08 70.98 -34.53
N CYS J 576 46.22 70.64 -33.91
CA CYS J 576 46.21 70.15 -32.55
C CYS J 576 45.78 71.23 -31.56
N SER J 577 45.84 72.50 -31.97
CA SER J 577 45.26 73.54 -31.12
C SER J 577 43.74 73.54 -31.21
N THR J 578 43.19 73.39 -32.41
CA THR J 578 41.74 73.47 -32.55
C THR J 578 41.06 72.19 -32.07
N LEU J 579 41.73 71.04 -32.20
CA LEU J 579 41.11 69.76 -31.93
C LEU J 579 41.35 69.25 -30.51
N ARG J 580 42.04 70.04 -29.68
CA ARG J 580 42.36 69.56 -28.34
C ARG J 580 41.12 69.32 -27.49
N LEU J 581 40.13 70.21 -27.59
CA LEU J 581 38.94 70.11 -26.75
C LEU J 581 38.10 68.88 -27.02
N GLN J 582 38.32 68.20 -28.14
CA GLN J 582 37.51 67.03 -28.48
C GLN J 582 37.86 65.79 -27.67
N LEU J 583 39.06 65.71 -27.11
CA LEU J 583 39.47 64.53 -26.37
C LEU J 583 38.80 64.49 -25.00
N ASN J 584 38.88 63.32 -24.36
CA ASN J 584 38.19 63.09 -23.10
C ASN J 584 39.13 62.96 -21.90
N ASN J 585 40.38 62.53 -22.11
CA ASN J 585 41.31 62.37 -21.01
C ASN J 585 42.01 63.70 -20.73
N PRO J 586 41.75 64.32 -19.57
CA PRO J 586 42.26 65.67 -19.31
C PRO J 586 43.77 65.80 -19.40
N TYR J 587 44.49 64.79 -18.89
CA TYR J 587 45.94 64.89 -18.89
C TYR J 587 46.52 64.91 -20.29
N LEU J 588 45.96 64.15 -21.21
CA LEU J 588 46.40 64.25 -22.60
C LEU J 588 46.07 65.61 -23.18
N CYS J 589 44.94 66.20 -22.79
CA CYS J 589 44.60 67.54 -23.25
C CYS J 589 45.65 68.55 -22.81
N VAL J 590 46.03 68.51 -21.53
CA VAL J 590 47.05 69.43 -21.03
C VAL J 590 48.39 69.16 -21.71
N MET J 591 48.72 67.88 -21.91
CA MET J 591 49.98 67.50 -22.53
C MET J 591 50.06 68.05 -23.95
N PHE J 592 48.97 67.92 -24.71
CA PHE J 592 48.96 68.40 -26.08
C PHE J 592 48.88 69.92 -26.15
N ALA J 593 48.28 70.57 -25.16
CA ALA J 593 48.11 72.02 -25.18
C ALA J 593 49.28 72.73 -24.50
N PHE J 594 50.23 71.97 -23.99
CA PHE J 594 51.46 72.56 -23.48
C PHE J 594 52.50 72.81 -24.55
N LEU J 595 52.62 71.92 -25.54
CA LEU J 595 53.59 72.12 -26.60
C LEU J 595 53.19 73.25 -27.54
N THR J 596 51.93 73.26 -27.98
CA THR J 596 51.46 74.24 -28.96
C THR J 596 51.07 75.53 -28.24
N SER J 597 52.07 76.21 -27.71
CA SER J 597 51.84 77.45 -26.98
C SER J 597 53.09 78.30 -27.02
N GLU J 598 52.89 79.61 -27.15
CA GLU J 598 54.00 80.55 -27.19
C GLU J 598 54.81 80.47 -25.91
N THR J 599 56.12 80.67 -26.04
CA THR J 599 57.02 80.58 -24.90
C THR J 599 56.68 81.65 -23.87
N GLY J 600 56.74 81.28 -22.59
CA GLY J 600 56.34 82.18 -21.52
C GLY J 600 54.90 81.98 -21.12
N SER J 601 53.98 82.13 -22.06
CA SER J 601 52.56 81.94 -21.76
C SER J 601 52.25 80.46 -21.71
N TYR J 602 51.57 80.04 -20.63
CA TYR J 602 51.19 78.65 -20.43
C TYR J 602 49.78 78.59 -19.86
N ASP J 603 48.96 79.60 -20.18
CA ASP J 603 47.66 79.72 -19.54
C ASP J 603 46.79 78.50 -19.77
N GLY J 604 47.08 77.73 -20.82
CA GLY J 604 46.31 76.52 -21.06
C GLY J 604 46.53 75.46 -20.00
N VAL J 605 47.76 75.36 -19.49
CA VAL J 605 48.08 74.29 -18.55
C VAL J 605 47.97 74.74 -17.11
N LEU J 606 48.12 76.04 -16.83
CA LEU J 606 48.09 76.51 -15.44
C LEU J 606 46.67 76.58 -14.90
N TYR J 607 45.67 76.80 -15.76
CA TYR J 607 44.30 77.08 -15.33
C TYR J 607 43.33 75.98 -15.73
N GLU J 608 43.76 74.73 -15.75
CA GLU J 608 42.88 73.60 -16.05
C GLU J 608 42.36 73.03 -14.75
N ASN J 609 41.05 73.10 -14.55
CA ASN J 609 40.45 72.64 -13.30
C ASN J 609 40.32 71.13 -13.22
N LYS J 610 40.59 70.41 -14.30
CA LYS J 610 40.46 68.96 -14.30
C LYS J 610 41.75 68.24 -13.93
N VAL J 611 42.79 68.98 -13.58
CA VAL J 611 44.07 68.41 -13.19
C VAL J 611 44.30 68.66 -11.71
N ALA J 612 45.03 67.76 -11.07
CA ALA J 612 45.31 67.89 -9.65
C ALA J 612 46.16 69.13 -9.37
N VAL J 613 45.92 69.75 -8.23
CA VAL J 613 46.64 70.96 -7.82
C VAL J 613 48.09 70.61 -7.57
N ARG J 614 48.35 69.34 -7.32
CA ARG J 614 49.67 68.85 -6.96
C ARG J 614 50.65 68.85 -8.14
N ASP J 615 50.17 68.65 -9.36
CA ASP J 615 51.03 68.66 -10.53
C ASP J 615 51.20 70.04 -11.14
N ARG J 616 50.16 70.87 -11.13
CA ARG J 616 50.27 72.22 -11.66
C ARG J 616 51.26 73.05 -10.85
N VAL J 617 51.30 72.86 -9.53
CA VAL J 617 52.24 73.61 -8.71
C VAL J 617 53.68 73.24 -9.06
N ALA J 618 53.94 71.95 -9.23
CA ALA J 618 55.27 71.52 -9.64
C ALA J 618 55.63 72.08 -11.02
N PHE J 619 54.69 72.01 -11.95
CA PHE J 619 54.94 72.58 -13.28
C PHE J 619 55.25 74.06 -13.19
N ALA J 620 54.56 74.79 -12.31
CA ALA J 620 54.85 76.20 -12.11
C ALA J 620 56.22 76.44 -11.53
N CYS J 621 56.64 75.63 -10.56
CA CYS J 621 57.96 75.81 -9.97
C CYS J 621 59.08 75.43 -10.91
N LYS J 622 58.79 74.59 -11.91
CA LYS J 622 59.84 74.20 -12.85
C LYS J 622 60.06 75.20 -13.97
N PHE J 623 59.02 75.93 -14.39
CA PHE J 623 59.08 76.71 -15.63
C PHE J 623 58.96 78.21 -15.42
N LEU J 624 58.00 78.64 -14.61
CA LEU J 624 57.67 80.06 -14.51
C LEU J 624 58.81 80.87 -13.89
N SER J 625 58.73 82.18 -14.11
CA SER J 625 59.64 83.14 -13.48
C SER J 625 59.10 83.55 -12.12
N ASP J 626 59.99 84.06 -11.27
CA ASP J 626 59.62 84.32 -9.88
C ASP J 626 58.53 85.38 -9.78
N THR J 627 58.66 86.45 -10.55
CA THR J 627 57.65 87.51 -10.52
C THR J 627 56.29 86.97 -10.95
N GLN J 628 56.26 86.11 -11.97
CA GLN J 628 55.01 85.51 -12.40
C GLN J 628 54.57 84.42 -11.45
N LEU J 629 55.52 83.69 -10.86
CA LEU J 629 55.18 82.60 -9.96
C LEU J 629 54.43 83.11 -8.74
N ASN J 630 54.90 84.22 -8.16
CA ASN J 630 54.24 84.76 -6.98
C ASN J 630 52.80 85.17 -7.28
N ARG J 631 52.59 85.83 -8.42
CA ARG J 631 51.23 86.22 -8.78
C ARG J 631 50.35 85.00 -9.00
N TYR J 632 50.89 83.96 -9.64
CA TYR J 632 50.09 82.76 -9.88
C TYR J 632 49.72 82.09 -8.58
N ILE J 633 50.66 81.99 -7.64
CA ILE J 633 50.38 81.35 -6.36
C ILE J 633 49.35 82.15 -5.58
N GLU J 634 49.46 83.48 -5.60
CA GLU J 634 48.48 84.29 -4.90
C GLU J 634 47.08 84.10 -5.48
N LYS J 635 46.97 84.09 -6.82
CA LYS J 635 45.66 83.89 -7.44
C LYS J 635 45.11 82.52 -7.12
N LEU J 636 45.96 81.49 -7.16
CA LEU J 636 45.51 80.14 -6.85
C LEU J 636 45.01 80.04 -5.42
N THR J 637 45.74 80.61 -4.47
CA THR J 637 45.34 80.53 -3.07
C THR J 637 44.04 81.28 -2.83
N ASN J 638 43.90 82.47 -3.43
CA ASN J 638 42.66 83.22 -3.24
C ASN J 638 41.47 82.49 -3.84
N GLU J 639 41.66 81.85 -5.00
CA GLU J 639 40.57 81.11 -5.62
C GLU J 639 40.32 79.78 -4.93
N MET J 640 41.26 79.27 -4.15
CA MET J 640 41.10 78.01 -3.46
C MET J 640 40.55 78.16 -2.05
N LYS J 641 40.72 79.33 -1.43
CA LYS J 641 40.13 79.58 -0.12
C LYS J 641 38.61 79.55 -0.20
N GLU J 642 38.02 80.48 -0.95
CA GLU J 642 36.58 80.68 -0.96
C GLU J 642 35.84 79.44 -1.41
N ALA J 643 36.53 78.56 -2.13
CA ALA J 643 35.91 77.32 -2.58
C ALA J 643 35.69 76.37 -1.41
N GLY J 644 36.60 76.36 -0.46
CA GLY J 644 36.56 75.38 0.61
C GLY J 644 37.30 74.11 0.33
N ASN J 645 38.22 74.10 -0.64
CA ASN J 645 38.85 72.89 -1.11
C ASN J 645 40.02 72.52 -0.21
N LEU J 646 39.99 71.30 0.34
CA LEU J 646 41.02 70.90 1.28
C LEU J 646 42.37 70.72 0.62
N GLU J 647 42.39 70.61 -0.71
CA GLU J 647 43.64 70.37 -1.43
C GLU J 647 44.56 71.58 -1.33
N GLY J 648 44.03 72.70 -0.86
CA GLY J 648 44.77 73.94 -0.77
C GLY J 648 45.67 74.09 0.43
N ILE J 649 45.64 73.13 1.36
CA ILE J 649 46.50 73.22 2.55
C ILE J 649 47.97 73.24 2.13
N LEU J 650 48.30 72.56 1.04
CA LEU J 650 49.67 72.57 0.55
C LEU J 650 50.12 73.99 0.21
N LEU J 651 49.24 74.78 -0.39
CA LEU J 651 49.56 76.18 -0.68
C LEU J 651 49.52 77.02 0.58
N THR J 652 48.50 76.83 1.42
CA THR J 652 48.28 77.70 2.55
C THR J 652 49.10 77.30 3.76
N GLY J 653 48.97 76.05 4.18
CA GLY J 653 49.64 75.60 5.38
C GLY J 653 48.86 75.91 6.63
N LEU J 654 49.48 75.61 7.77
CA LEU J 654 48.85 75.83 9.07
C LEU J 654 49.16 77.25 9.54
N THR J 655 48.42 78.20 8.99
CA THR J 655 48.55 79.60 9.35
C THR J 655 47.15 80.17 9.51
N LYS J 656 47.05 81.50 9.58
CA LYS J 656 45.73 82.12 9.68
C LYS J 656 44.87 81.81 8.46
N ASP J 657 45.49 81.83 7.28
CA ASP J 657 44.75 81.49 6.06
C ASP J 657 44.25 80.05 6.11
N GLY J 658 44.98 79.17 6.80
CA GLY J 658 44.49 77.82 6.99
C GLY J 658 43.21 77.78 7.80
N VAL J 659 43.14 78.61 8.85
CA VAL J 659 41.92 78.70 9.63
C VAL J 659 40.79 79.25 8.77
N ASP J 660 41.09 80.20 7.89
CA ASP J 660 40.06 80.72 6.99
C ASP J 660 39.54 79.62 6.06
N LEU J 661 40.45 78.84 5.47
CA LEU J 661 40.05 77.76 4.59
C LEU J 661 39.20 76.75 5.33
N MET J 662 39.58 76.42 6.57
CA MET J 662 38.85 75.42 7.33
C MET J 662 37.49 75.96 7.76
N GLU J 663 37.40 77.26 8.02
CA GLU J 663 36.12 77.87 8.36
C GLU J 663 35.17 77.70 7.20
N SER J 664 35.66 77.98 5.99
CA SER J 664 34.84 77.79 4.81
C SER J 664 34.45 76.32 4.64
N TYR J 665 35.39 75.40 4.91
CA TYR J 665 35.10 73.98 4.74
C TYR J 665 34.01 73.53 5.71
N VAL J 666 34.11 73.93 6.98
CA VAL J 666 33.10 73.54 7.97
C VAL J 666 31.76 74.16 7.63
N ASP J 667 31.76 75.41 7.16
CA ASP J 667 30.51 76.03 6.72
C ASP J 667 29.89 75.25 5.57
N ARG J 668 30.71 74.71 4.68
CA ARG J 668 30.17 73.95 3.56
C ARG J 668 29.63 72.59 4.01
N THR J 669 30.39 71.87 4.84
CA THR J 669 30.10 70.47 5.11
C THR J 669 29.75 70.15 6.56
N GLY J 670 30.03 71.04 7.51
CA GLY J 670 29.71 70.75 8.90
C GLY J 670 30.44 69.57 9.51
N ASP J 671 31.74 69.46 9.25
CA ASP J 671 32.55 68.35 9.74
C ASP J 671 33.59 68.91 10.69
N VAL J 672 33.29 68.88 11.99
CA VAL J 672 34.19 69.39 13.01
C VAL J 672 35.16 68.34 13.51
N GLN J 673 35.19 67.16 12.88
CA GLN J 673 36.10 66.10 13.31
C GLN J 673 37.43 66.13 12.57
N THR J 674 37.44 66.51 11.30
CA THR J 674 38.68 66.64 10.57
C THR J 674 39.43 67.90 10.96
N ALA J 675 38.70 68.98 11.25
CA ALA J 675 39.33 70.23 11.67
C ALA J 675 40.08 70.05 12.98
N SER J 676 39.48 69.34 13.94
CA SER J 676 40.11 69.18 15.24
C SER J 676 41.38 68.34 15.14
N TYR J 677 41.32 67.22 14.43
CA TYR J 677 42.48 66.36 14.32
C TYR J 677 43.56 66.92 13.40
N CYS J 678 43.20 67.82 12.49
CA CYS J 678 44.16 68.39 11.57
C CYS J 678 44.94 69.53 12.20
N MET J 679 44.25 70.52 12.77
CA MET J 679 44.93 71.67 13.34
C MET J 679 45.76 71.31 14.56
N LEU J 680 45.45 70.22 15.24
CA LEU J 680 46.21 69.76 16.41
C LEU J 680 47.43 68.98 15.98
N GLN J 681 48.21 69.52 15.05
CA GLN J 681 49.36 68.78 14.52
C GLN J 681 50.41 69.79 14.05
N GLY J 682 51.34 70.11 14.94
CA GLY J 682 52.48 70.91 14.56
C GLY J 682 52.20 72.39 14.43
N SER J 683 50.94 72.78 14.54
CA SER J 683 50.57 74.18 14.40
C SER J 683 51.21 74.99 15.50
N PRO J 684 51.61 76.23 15.24
CA PRO J 684 52.18 77.08 16.30
C PRO J 684 51.10 77.50 17.29
N LEU J 685 51.57 78.07 18.41
CA LEU J 685 50.65 78.57 19.41
C LEU J 685 49.78 79.69 18.87
N ASP J 686 50.29 80.45 17.89
CA ASP J 686 49.49 81.53 17.31
C ASP J 686 48.25 80.98 16.61
N VAL J 687 48.40 79.89 15.86
CA VAL J 687 47.25 79.31 15.18
C VAL J 687 46.30 78.66 16.19
N LEU J 688 46.86 77.98 17.19
CA LEU J 688 46.05 77.32 18.20
C LEU J 688 45.38 78.30 19.16
N LYS J 689 45.75 79.57 19.13
CA LYS J 689 45.09 80.56 19.97
C LYS J 689 43.88 81.20 19.31
N ASP J 690 43.60 80.87 18.06
CA ASP J 690 42.43 81.44 17.39
C ASP J 690 41.15 80.82 17.96
N GLU J 691 40.19 81.67 18.30
CA GLU J 691 39.00 81.22 19.01
C GLU J 691 38.23 80.16 18.23
N ARG J 692 38.36 80.17 16.91
CA ARG J 692 37.57 79.24 16.10
C ARG J 692 38.05 77.80 16.27
N VAL J 693 39.36 77.58 16.38
CA VAL J 693 39.88 76.24 16.58
C VAL J 693 39.38 75.67 17.91
N GLN J 694 39.43 76.48 18.95
CA GLN J 694 38.93 76.09 20.26
C GLN J 694 37.42 75.91 20.27
N TYR J 695 36.68 76.60 19.43
CA TYR J 695 35.25 76.34 19.33
C TYR J 695 34.99 74.99 18.67
N TRP J 696 35.75 74.67 17.62
CA TRP J 696 35.56 73.39 16.93
C TRP J 696 35.89 72.22 17.84
N ILE J 697 36.99 72.31 18.59
CA ILE J 697 37.38 71.22 19.47
C ILE J 697 36.32 70.98 20.54
N GLU J 698 35.82 72.06 21.14
CA GLU J 698 34.81 71.93 22.18
C GLU J 698 33.53 71.35 21.63
N ASN J 699 33.14 71.74 20.41
CA ASN J 699 31.94 71.17 19.81
C ASN J 699 32.10 69.68 19.54
N TYR J 700 33.29 69.26 19.09
CA TYR J 700 33.52 67.84 18.90
C TYR J 700 33.42 67.08 20.21
N ARG J 701 33.98 67.64 21.28
CA ARG J 701 33.91 67.00 22.58
C ARG J 701 32.47 66.86 23.06
N ASN J 702 31.67 67.91 22.85
CA ASN J 702 30.25 67.83 23.24
C ASN J 702 29.52 66.77 22.43
N LEU J 703 29.83 66.66 21.14
CA LEU J 703 29.22 65.61 20.34
C LEU J 703 29.59 64.24 20.87
N LEU J 704 30.85 64.05 21.25
CA LEU J 704 31.27 62.76 21.80
C LEU J 704 30.57 62.48 23.13
N ASP J 705 30.31 63.52 23.91
CA ASP J 705 29.61 63.35 25.19
C ASP J 705 28.16 62.98 24.99
N ALA J 706 27.50 63.53 23.97
CA ALA J 706 26.08 63.24 23.75
C ALA J 706 25.85 61.78 23.42
N TRP J 707 26.73 61.17 22.64
CA TRP J 707 26.59 59.76 22.28
C TRP J 707 27.03 58.81 23.38
N ARG J 708 27.48 59.34 24.52
CA ARG J 708 28.01 58.54 25.63
C ARG J 708 29.24 57.75 25.22
N PHE J 709 30.14 58.38 24.49
CA PHE J 709 31.46 57.83 24.19
C PHE J 709 32.51 58.44 25.11
N TRP J 710 32.42 58.08 26.40
CA TRP J 710 33.26 58.71 27.41
C TRP J 710 34.70 58.20 27.35
N HIS J 711 34.87 56.88 27.20
CA HIS J 711 36.21 56.31 27.18
C HIS J 711 37.02 56.76 25.97
N LYS J 712 36.36 57.23 24.92
CA LYS J 712 37.05 57.79 23.76
C LYS J 712 37.32 59.28 23.92
N ARG J 713 36.42 60.00 24.58
CA ARG J 713 36.70 61.39 24.89
C ARG J 713 37.91 61.52 25.79
N ALA J 714 38.08 60.59 26.73
CA ALA J 714 39.27 60.63 27.58
C ALA J 714 40.54 60.43 26.77
N GLU J 715 40.53 59.50 25.81
CA GLU J 715 41.71 59.27 24.99
C GLU J 715 42.02 60.51 24.13
N PHE J 716 40.98 61.12 23.57
CA PHE J 716 41.19 62.35 22.81
C PHE J 716 41.78 63.45 23.69
N ASP J 717 41.32 63.53 24.94
CA ASP J 717 41.84 64.53 25.84
C ASP J 717 43.31 64.30 26.14
N ILE J 718 43.70 63.03 26.33
CA ILE J 718 45.11 62.70 26.54
C ILE J 718 45.94 63.12 25.34
N HIS J 719 45.43 62.86 24.13
CA HIS J 719 46.11 63.26 22.91
C HIS J 719 46.31 64.77 22.84
N ARG J 720 45.24 65.53 23.05
CA ARG J 720 45.33 66.98 22.92
C ARG J 720 46.20 67.61 23.99
N SER J 721 46.08 67.12 25.23
CA SER J 721 46.83 67.73 26.33
C SER J 721 48.34 67.66 26.13
N LYS J 722 48.83 66.75 25.29
CA LYS J 722 50.25 66.66 25.00
C LYS J 722 50.61 67.29 23.66
N LEU J 723 49.71 67.29 22.67
CA LEU J 723 50.05 68.01 21.44
C LEU J 723 49.82 69.50 21.58
N ASP J 724 49.20 69.95 22.67
CA ASP J 724 48.98 71.36 22.93
C ASP J 724 49.16 71.63 24.42
N PRO J 725 50.09 72.53 24.79
CA PRO J 725 50.34 72.82 26.20
C PRO J 725 49.52 73.96 26.78
N SER J 726 48.82 74.75 25.97
CA SER J 726 48.07 75.87 26.50
C SER J 726 46.75 75.42 27.13
N SER J 727 46.30 74.21 26.82
CA SER J 727 45.04 73.73 27.36
C SER J 727 45.16 73.48 28.86
N LYS J 728 44.10 73.82 29.59
CA LYS J 728 44.05 73.62 31.03
C LYS J 728 43.05 72.52 31.37
N PRO J 729 43.47 71.48 32.07
CA PRO J 729 42.55 70.39 32.39
C PRO J 729 41.46 70.85 33.35
N LEU J 730 40.50 69.94 33.57
CA LEU J 730 39.34 70.27 34.39
C LEU J 730 39.76 70.59 35.82
N ALA J 731 39.17 71.64 36.37
CA ALA J 731 39.42 72.08 37.73
C ALA J 731 38.31 71.55 38.64
N GLN J 732 38.71 70.93 39.75
CA GLN J 732 37.79 70.22 40.63
C GLN J 732 38.13 70.57 42.07
N VAL J 733 37.59 69.82 43.01
CA VAL J 733 37.79 70.06 44.43
C VAL J 733 39.15 69.56 44.89
N PHE J 734 39.57 69.97 46.09
CA PHE J 734 40.75 69.43 46.76
C PHE J 734 40.52 69.48 48.27
N VAL J 735 41.13 68.53 48.98
CA VAL J 735 40.93 68.38 50.42
C VAL J 735 42.00 69.15 51.18
N SER J 736 41.63 69.72 52.31
CA SER J 736 42.50 70.63 53.04
C SER J 736 42.76 70.14 54.46
N CYS J 737 43.93 70.48 54.97
CA CYS J 737 44.30 70.16 56.35
C CYS J 737 43.44 70.96 57.31
N ASN J 738 43.06 70.34 58.43
CA ASN J 738 42.07 70.95 59.31
C ASN J 738 42.66 72.14 60.05
N PHE J 739 43.67 71.90 60.87
CA PHE J 739 44.28 72.98 61.64
C PHE J 739 45.10 73.91 60.74
N CYS J 740 45.86 73.32 59.82
CA CYS J 740 46.75 74.07 58.94
C CYS J 740 45.99 75.04 58.06
N GLY J 741 44.88 74.59 57.47
CA GLY J 741 44.11 75.40 56.55
C GLY J 741 44.57 75.33 55.11
N LYS J 742 45.70 74.67 54.84
CA LYS J 742 46.26 74.61 53.50
C LYS J 742 45.88 73.28 52.85
N SER J 743 46.42 73.03 51.67
CA SER J 743 46.13 71.80 50.94
C SER J 743 47.17 70.73 51.27
N ILE J 744 46.83 69.49 50.92
CA ILE J 744 47.71 68.37 51.16
C ILE J 744 48.11 67.67 49.86
N SER J 745 48.15 68.41 48.77
CA SER J 745 48.51 67.84 47.47
C SER J 745 49.75 68.49 46.90
N SER J 770 59.81 63.13 56.75
CA SER J 770 58.39 63.45 56.62
C SER J 770 57.55 62.19 56.50
N LYS J 771 56.73 61.93 57.51
CA LYS J 771 55.89 60.73 57.52
C LYS J 771 54.82 60.82 56.44
N VAL J 772 54.49 59.67 55.84
CA VAL J 772 53.47 59.62 54.81
C VAL J 772 52.08 59.94 55.34
N THR J 773 51.92 59.96 56.65
CA THR J 773 50.61 60.02 57.29
C THR J 773 50.38 61.35 58.01
N SER J 774 51.16 62.37 57.67
CA SER J 774 51.10 63.66 58.35
C SER J 774 50.92 64.78 57.33
N CYS J 775 50.38 65.90 57.80
CA CYS J 775 50.24 67.07 56.94
C CYS J 775 51.62 67.59 56.56
N PRO J 776 51.86 67.87 55.28
CA PRO J 776 53.20 68.27 54.85
C PRO J 776 53.70 69.56 55.49
N GLY J 777 52.81 70.42 55.97
CA GLY J 777 53.24 71.64 56.62
C GLY J 777 53.11 71.61 58.12
N CYS J 778 52.01 71.04 58.61
CA CYS J 778 51.74 71.00 60.04
C CYS J 778 52.58 69.94 60.75
N ARG J 779 52.86 68.83 60.07
CA ARG J 779 53.28 67.59 60.72
C ARG J 779 52.25 67.17 61.78
N LYS J 780 50.98 67.19 61.38
CA LYS J 780 49.83 66.90 62.22
C LYS J 780 49.02 65.76 61.63
N PRO J 781 48.19 65.09 62.42
CA PRO J 781 47.47 63.91 61.91
C PRO J 781 46.50 64.25 60.80
N LEU J 782 46.36 63.32 59.86
CA LEU J 782 45.35 63.38 58.82
C LEU J 782 44.08 62.70 59.29
N PRO J 783 42.98 62.81 58.55
CA PRO J 783 41.78 62.04 58.89
C PRO J 783 42.04 60.55 58.84
N ARG J 784 41.11 59.77 59.39
CA ARG J 784 41.27 58.33 59.43
C ARG J 784 39.99 57.61 59.03
N CYS J 785 40.15 56.40 58.52
CA CYS J 785 39.07 55.59 57.96
C CYS J 785 38.02 55.25 59.02
N ALA J 786 36.76 55.20 58.60
CA ALA J 786 35.66 54.86 59.51
C ALA J 786 35.56 53.36 59.74
N LEU J 787 36.30 52.57 58.97
CA LEU J 787 36.23 51.12 59.06
C LEU J 787 37.43 50.52 59.77
N CYS J 788 38.65 50.86 59.36
CA CYS J 788 39.85 50.34 59.99
C CYS J 788 40.44 51.28 61.03
N LEU J 789 39.96 52.51 61.13
CA LEU J 789 40.38 53.47 62.15
C LEU J 789 41.88 53.74 62.10
N ILE J 790 42.43 53.82 60.89
CA ILE J 790 43.84 54.13 60.68
C ILE J 790 43.91 55.40 59.84
N ASN J 791 44.85 56.28 60.18
CA ASN J 791 44.99 57.55 59.49
C ASN J 791 45.31 57.34 58.03
N MET J 792 44.80 58.24 57.18
CA MET J 792 44.95 58.14 55.75
C MET J 792 46.37 58.50 55.32
N GLY J 793 46.57 58.56 54.01
CA GLY J 793 47.84 58.97 53.47
C GLY J 793 48.39 58.04 52.41
N THR J 794 48.95 58.62 51.35
CA THR J 794 49.57 57.86 50.28
C THR J 794 50.92 58.48 49.95
N PRO J 795 51.89 57.69 49.48
CA PRO J 795 53.23 58.19 49.12
C PRO J 795 53.20 59.35 48.13
N LYS J 815 56.55 48.32 40.15
CA LYS J 815 55.55 48.19 41.20
C LYS J 815 54.77 49.49 41.36
N LYS J 816 53.64 49.41 42.06
CA LYS J 816 52.79 50.58 42.26
C LYS J 816 53.09 51.20 43.62
N LEU J 817 53.51 52.46 43.63
CA LEU J 817 53.78 53.13 44.90
C LEU J 817 52.49 53.45 45.64
N ALA J 818 51.46 53.92 44.92
CA ALA J 818 50.18 54.24 45.51
C ALA J 818 49.09 53.49 44.77
N GLN J 819 48.60 52.42 45.37
CA GLN J 819 47.56 51.61 44.76
C GLN J 819 46.25 52.36 44.75
N PHE J 820 45.22 51.75 44.15
CA PHE J 820 43.91 52.37 44.12
C PHE J 820 43.10 52.10 45.37
N ASN J 821 43.39 51.00 46.08
CA ASN J 821 42.61 50.68 47.27
C ASN J 821 42.91 51.60 48.43
N ASN J 822 43.96 52.41 48.36
CA ASN J 822 44.29 53.30 49.46
C ASN J 822 43.93 54.76 49.20
N TRP J 823 43.24 55.06 48.10
CA TRP J 823 42.91 56.44 47.80
C TRP J 823 41.85 56.97 48.76
N PHE J 824 41.77 58.29 48.83
CA PHE J 824 40.72 58.92 49.63
C PHE J 824 39.35 58.71 48.99
N THR J 825 38.33 58.74 49.83
CA THR J 825 36.95 58.63 49.38
C THR J 825 36.06 59.29 50.43
N TRP J 826 35.07 60.06 49.97
CA TRP J 826 34.17 60.71 50.91
C TRP J 826 32.82 60.93 50.25
N CYS J 827 31.78 60.95 51.08
CA CYS J 827 30.44 61.27 50.63
C CYS J 827 30.28 62.78 50.53
N HIS J 828 29.72 63.23 49.41
CA HIS J 828 29.61 64.66 49.16
C HIS J 828 28.40 65.30 49.84
N ASN J 829 27.69 64.55 50.67
CA ASN J 829 26.55 65.08 51.41
C ASN J 829 26.81 65.22 52.91
N CYS J 830 27.38 64.18 53.55
CA CYS J 830 27.70 64.25 54.96
C CYS J 830 29.19 64.33 55.24
N ARG J 831 30.04 64.18 54.23
CA ARG J 831 31.49 64.37 54.34
C ARG J 831 32.14 63.37 55.28
N HIS J 832 31.60 62.15 55.36
CA HIS J 832 32.27 61.05 56.03
C HIS J 832 32.94 60.18 54.98
N GLY J 833 34.11 59.63 55.31
CA GLY J 833 34.86 58.88 54.32
C GLY J 833 35.91 57.98 54.92
N GLY J 834 36.49 57.17 54.05
CA GLY J 834 37.53 56.22 54.41
C GLY J 834 38.35 55.87 53.19
N HIS J 835 38.93 54.68 53.20
CA HIS J 835 39.67 54.19 52.03
C HIS J 835 38.69 53.76 50.95
N ALA J 836 39.23 53.32 49.81
CA ALA J 836 38.38 52.97 48.68
C ALA J 836 37.89 51.53 48.77
N GLY J 837 38.80 50.58 49.01
CA GLY J 837 38.40 49.20 49.15
C GLY J 837 37.50 48.97 50.34
N HIS J 838 37.79 49.63 51.46
CA HIS J 838 36.95 49.50 52.64
C HIS J 838 35.53 49.97 52.36
N MET J 839 35.39 51.15 51.76
CA MET J 839 34.05 51.67 51.48
C MET J 839 33.32 50.82 50.46
N LEU J 840 34.04 50.32 49.46
CA LEU J 840 33.40 49.45 48.47
C LEU J 840 32.87 48.18 49.11
N SER J 841 33.69 47.55 49.96
CA SER J 841 33.26 46.32 50.63
C SER J 841 32.09 46.58 51.57
N TRP J 842 32.10 47.72 52.26
CA TRP J 842 30.99 48.03 53.15
C TRP J 842 29.70 48.23 52.36
N PHE J 843 29.76 49.02 51.30
CA PHE J 843 28.56 49.41 50.57
C PHE J 843 28.05 48.32 49.65
N ARG J 844 28.84 47.26 49.43
CA ARG J 844 28.29 46.11 48.73
C ARG J 844 27.18 45.44 49.52
N ASP J 845 27.31 45.39 50.84
CA ASP J 845 26.35 44.67 51.69
C ASP J 845 25.28 45.57 52.30
N HIS J 846 25.67 46.71 52.87
CA HIS J 846 24.75 47.60 53.56
C HIS J 846 24.42 48.79 52.69
N ALA J 847 23.48 49.61 53.16
CA ALA J 847 23.01 50.78 52.44
C ALA J 847 22.89 51.98 53.37
N GLU J 848 23.90 52.18 54.21
CA GLU J 848 23.91 53.30 55.12
C GLU J 848 25.34 53.66 55.47
N CYS J 849 25.52 54.86 55.97
CA CYS J 849 26.85 55.37 56.26
C CYS J 849 27.51 54.54 57.35
N PRO J 850 28.79 54.19 57.21
CA PRO J 850 29.47 53.44 58.28
C PRO J 850 29.55 54.19 59.59
N VAL J 851 29.64 55.51 59.56
CA VAL J 851 29.76 56.28 60.80
C VAL J 851 28.46 56.20 61.58
N SER J 852 28.58 56.19 62.91
CA SER J 852 27.41 56.08 63.77
C SER J 852 26.61 57.38 63.78
N ALA J 853 25.31 57.24 64.07
CA ALA J 853 24.38 58.36 64.15
C ALA J 853 24.30 59.15 62.85
N CYS J 854 24.49 58.47 61.72
CA CYS J 854 24.36 59.07 60.40
C CYS J 854 23.31 58.31 59.61
N THR J 855 22.39 59.04 58.98
CA THR J 855 21.25 58.45 58.32
C THR J 855 21.32 58.51 56.80
N CYS J 856 22.41 59.03 56.24
CA CYS J 856 22.54 59.11 54.79
C CYS J 856 22.66 57.72 54.19
N LYS J 857 22.15 57.57 52.98
CA LYS J 857 22.35 56.37 52.16
C LYS J 857 23.29 56.79 51.04
N CYS J 858 24.58 56.77 51.33
CA CYS J 858 25.57 57.50 50.53
C CYS J 858 25.86 56.87 49.19
N MET J 859 25.12 55.88 48.79
CA MET J 859 25.39 55.33 47.47
C MET J 859 24.17 55.36 46.56
N GLN J 860 22.96 55.36 47.13
CA GLN J 860 21.77 55.48 46.32
C GLN J 860 21.60 56.89 45.74
N LEU J 861 22.28 57.88 46.31
CA LEU J 861 22.10 59.26 45.89
C LEU J 861 22.53 59.51 44.45
N ASP J 862 23.40 58.68 43.89
CA ASP J 862 23.89 58.93 42.54
C ASP J 862 23.07 58.19 41.50
N THR J 863 23.02 56.86 41.58
CA THR J 863 22.29 56.06 40.61
C THR J 863 20.79 56.29 40.73
N LYS K 5 28.22 -24.38 -23.08
CA LYS K 5 28.47 -22.95 -23.20
C LYS K 5 27.23 -22.14 -22.83
N PRO K 6 27.45 -20.93 -22.32
CA PRO K 6 26.32 -20.06 -21.96
C PRO K 6 25.40 -19.80 -23.15
N ASP K 7 24.11 -19.68 -22.87
CA ASP K 7 23.10 -19.46 -23.89
C ASP K 7 22.17 -18.34 -23.46
N ILE K 8 21.56 -17.69 -24.44
CA ILE K 8 20.72 -16.52 -24.21
C ILE K 8 19.42 -16.67 -25.01
N LEU K 9 18.30 -16.43 -24.34
CA LEU K 9 16.96 -16.68 -24.88
C LEU K 9 16.06 -15.48 -24.63
N TRP K 10 15.14 -15.20 -25.57
CA TRP K 10 14.22 -14.10 -25.37
C TRP K 10 12.90 -14.62 -24.82
N ALA K 11 12.01 -13.70 -24.51
CA ALA K 11 10.68 -14.03 -24.01
C ALA K 11 9.67 -14.20 -25.14
N PRO K 12 8.92 -15.31 -25.18
CA PRO K 12 7.96 -15.53 -26.26
C PRO K 12 6.73 -14.63 -26.24
N HIS K 13 6.08 -14.53 -25.09
CA HIS K 13 4.89 -13.69 -24.95
C HIS K 13 5.23 -12.41 -24.18
N HIS K 14 6.21 -11.69 -24.69
CA HIS K 14 6.76 -10.51 -24.02
C HIS K 14 7.72 -9.84 -24.98
N VAL K 15 7.98 -8.55 -24.75
CA VAL K 15 8.72 -7.76 -25.71
C VAL K 15 9.98 -7.19 -25.09
N ASP K 16 10.15 -7.39 -23.78
CA ASP K 16 11.25 -6.74 -23.09
C ASP K 16 11.98 -7.63 -22.10
N ARG K 17 11.67 -8.93 -22.06
CA ARG K 17 12.28 -9.83 -21.10
C ARG K 17 13.21 -10.82 -21.79
N PHE K 18 14.32 -11.15 -21.13
CA PHE K 18 15.24 -12.16 -21.63
C PHE K 18 16.08 -12.71 -20.49
N VAL K 19 16.70 -13.87 -20.73
CA VAL K 19 17.40 -14.62 -19.70
C VAL K 19 18.75 -15.08 -20.24
N VAL K 20 19.76 -15.13 -19.37
CA VAL K 20 21.08 -15.66 -19.71
C VAL K 20 21.41 -16.83 -18.79
N CYS K 21 21.69 -17.99 -19.39
CA CYS K 21 22.02 -19.20 -18.64
C CYS K 21 23.53 -19.43 -18.62
N ASP K 22 24.29 -18.46 -18.10
CA ASP K 22 25.73 -18.58 -18.14
C ASP K 22 26.26 -19.46 -17.02
N SER K 23 26.07 -19.03 -15.78
CA SER K 23 26.46 -19.84 -14.62
C SER K 23 25.22 -20.24 -13.83
N GLU K 24 24.38 -19.27 -13.51
CA GLU K 24 23.04 -19.49 -13.00
C GLU K 24 22.05 -18.80 -13.92
N LEU K 25 20.77 -18.94 -13.59
CA LEU K 25 19.74 -18.30 -14.39
C LEU K 25 19.61 -16.83 -13.99
N SER K 26 19.35 -15.98 -14.98
CA SER K 26 19.37 -14.54 -14.74
C SER K 26 18.35 -13.87 -15.67
N LEU K 27 17.21 -13.48 -15.11
CA LEU K 27 16.16 -12.82 -15.88
C LEU K 27 16.44 -11.33 -15.95
N TYR K 28 16.16 -10.74 -17.12
CA TYR K 28 16.43 -9.34 -17.37
C TYR K 28 15.20 -8.67 -17.97
N HIS K 29 15.22 -7.34 -17.96
CA HIS K 29 14.13 -6.55 -18.52
C HIS K 29 14.68 -5.23 -19.04
N VAL K 30 14.57 -5.04 -20.36
CA VAL K 30 15.16 -3.87 -21.00
C VAL K 30 14.36 -2.63 -20.62
N GLU K 31 15.06 -1.57 -20.22
CA GLU K 31 14.43 -0.32 -19.80
C GLU K 31 15.04 0.85 -20.54
N SER K 32 14.19 1.59 -21.26
CA SER K 32 14.63 2.71 -22.09
C SER K 32 15.10 3.83 -21.17
N THR K 33 16.41 3.96 -21.03
CA THR K 33 17.03 4.92 -20.11
C THR K 33 18.05 5.78 -20.85
N VAL K 34 17.76 6.11 -22.10
CA VAL K 34 18.55 7.08 -22.86
C VAL K 34 17.93 8.47 -22.81
N ASN K 35 16.64 8.58 -22.57
CA ASN K 35 15.98 9.86 -22.33
C ASN K 35 16.09 10.30 -20.89
N SER K 36 16.71 9.49 -20.03
CA SER K 36 17.00 9.83 -18.66
C SER K 36 18.50 9.83 -18.46
N GLU K 37 18.97 9.96 -17.21
CA GLU K 37 20.40 10.15 -16.99
C GLU K 37 21.06 8.99 -16.23
N LEU K 38 20.56 8.69 -15.04
CA LEU K 38 21.31 7.83 -14.14
C LEU K 38 20.87 6.38 -14.25
N LYS K 39 21.69 5.50 -13.66
CA LYS K 39 21.43 4.07 -13.58
C LYS K 39 22.42 3.47 -12.60
N ALA K 40 21.93 2.58 -11.75
CA ALA K 40 22.77 1.97 -10.71
C ALA K 40 22.50 0.45 -10.72
N GLY K 41 23.45 -0.30 -11.26
CA GLY K 41 23.32 -1.74 -11.36
C GLY K 41 22.87 -2.24 -12.72
N SER K 42 22.79 -1.39 -13.74
CA SER K 42 22.28 -1.78 -15.05
C SER K 42 23.40 -1.73 -16.08
N LEU K 43 23.39 -2.68 -17.00
CA LEU K 43 24.39 -2.77 -18.05
C LEU K 43 23.96 -1.99 -19.28
N ARG K 44 24.93 -1.64 -20.12
CA ARG K 44 24.72 -0.79 -21.27
C ARG K 44 24.53 -1.70 -22.48
N LEU K 45 23.31 -1.74 -23.02
CA LEU K 45 23.02 -2.71 -24.07
C LEU K 45 23.86 -2.45 -25.32
N SER K 46 23.51 -1.42 -26.10
CA SER K 46 24.45 -0.88 -27.06
C SER K 46 24.62 0.63 -26.86
N GLU K 47 23.55 1.37 -27.10
CA GLU K 47 23.43 2.76 -26.70
C GLU K 47 21.97 3.17 -26.70
N ASP K 48 21.31 3.10 -25.54
CA ASP K 48 19.89 3.42 -25.38
C ASP K 48 19.38 2.95 -24.03
N SER K 49 19.10 1.66 -23.92
CA SER K 49 18.41 1.08 -22.78
C SER K 49 19.37 0.25 -21.95
N ALA K 50 18.85 -0.34 -20.88
CA ALA K 50 19.67 -1.06 -19.91
C ALA K 50 18.88 -2.26 -19.41
N ALA K 51 19.52 -3.05 -18.54
CA ALA K 51 18.96 -4.29 -18.04
C ALA K 51 18.68 -4.20 -16.54
N THR K 52 17.93 -5.18 -16.04
CA THR K 52 17.50 -5.20 -14.64
C THR K 52 17.54 -6.64 -14.15
N LEU K 53 18.24 -6.87 -13.04
CA LEU K 53 18.40 -8.20 -12.48
C LEU K 53 17.19 -8.55 -11.62
N LEU K 54 16.12 -9.06 -12.22
CA LEU K 54 14.89 -9.25 -11.45
C LEU K 54 14.99 -10.44 -10.50
N SER K 55 15.62 -11.53 -10.93
CA SER K 55 15.70 -12.71 -10.07
C SER K 55 16.84 -13.61 -10.52
N ILE K 56 17.50 -14.24 -9.55
CA ILE K 56 18.59 -15.18 -9.78
C ILE K 56 18.18 -16.50 -9.14
N ASN K 57 17.90 -17.51 -9.96
CA ASN K 57 17.55 -18.85 -9.47
C ASN K 57 18.77 -19.76 -9.55
N SER K 58 19.77 -19.46 -8.71
CA SER K 58 20.99 -20.26 -8.69
C SER K 58 20.77 -21.55 -7.89
N ASP K 59 19.74 -22.31 -8.23
CA ASP K 59 19.38 -23.48 -7.45
C ASP K 59 20.22 -24.69 -7.85
N THR K 60 20.12 -25.11 -9.09
CA THR K 60 20.70 -26.39 -9.45
C THR K 60 21.91 -26.18 -10.35
N PRO K 61 23.04 -26.82 -10.05
CA PRO K 61 24.17 -26.81 -10.98
C PRO K 61 24.09 -27.93 -12.00
N TYR K 62 25.13 -28.06 -12.83
CA TYR K 62 25.19 -29.03 -13.92
C TYR K 62 24.04 -28.85 -14.92
N MET K 63 23.78 -27.61 -15.30
CA MET K 63 22.80 -27.34 -16.34
C MET K 63 23.36 -27.70 -17.70
N LYS K 64 22.50 -28.21 -18.59
CA LYS K 64 22.94 -28.62 -19.92
C LYS K 64 22.10 -28.07 -21.06
N CYS K 65 20.80 -27.86 -20.88
CA CYS K 65 19.95 -27.40 -21.96
C CYS K 65 18.73 -26.70 -21.37
N VAL K 66 18.32 -25.60 -21.98
CA VAL K 66 17.26 -24.74 -21.46
C VAL K 66 16.23 -24.49 -22.55
N ALA K 67 14.95 -24.63 -22.19
CA ALA K 67 13.87 -24.35 -23.12
C ALA K 67 12.73 -23.67 -22.35
N TRP K 68 12.05 -22.74 -23.01
CA TRP K 68 10.95 -22.00 -22.39
C TRP K 68 9.57 -22.59 -22.70
N TYR K 69 8.50 -21.89 -22.32
CA TYR K 69 7.18 -22.50 -22.24
C TYR K 69 6.14 -21.58 -22.87
N LEU K 70 5.56 -22.04 -23.98
CA LEU K 70 4.81 -21.14 -24.84
C LEU K 70 3.34 -21.05 -24.47
N ASN K 71 3.04 -20.81 -23.20
CA ASN K 71 1.67 -20.50 -22.77
C ASN K 71 1.74 -19.24 -21.93
N TYR K 72 0.68 -18.43 -21.98
CA TYR K 72 0.63 -17.13 -21.34
C TYR K 72 0.78 -17.19 -19.82
N ASP K 73 0.28 -18.26 -19.20
CA ASP K 73 0.33 -18.40 -17.75
C ASP K 73 1.08 -19.67 -17.40
N PRO K 74 2.18 -19.60 -16.61
CA PRO K 74 2.85 -18.41 -16.10
C PRO K 74 3.68 -17.69 -17.16
N GLU K 75 4.55 -16.76 -16.75
CA GLU K 75 5.42 -16.03 -17.66
C GLU K 75 6.89 -16.28 -17.37
N CYS K 76 7.22 -17.37 -16.69
CA CYS K 76 8.58 -17.63 -16.29
C CYS K 76 9.01 -19.09 -16.43
N LEU K 77 8.14 -19.99 -16.85
CA LEU K 77 8.40 -21.42 -16.73
C LEU K 77 9.50 -21.88 -17.67
N LEU K 78 10.58 -22.39 -17.10
CA LEU K 78 11.72 -22.87 -17.86
C LEU K 78 11.95 -24.35 -17.60
N ALA K 79 12.41 -25.05 -18.63
CA ALA K 79 12.80 -26.45 -18.51
C ALA K 79 14.32 -26.53 -18.55
N VAL K 80 14.90 -27.21 -17.57
CA VAL K 80 16.35 -27.32 -17.43
C VAL K 80 16.75 -28.78 -17.42
N GLY K 81 17.70 -29.13 -18.30
CA GLY K 81 18.22 -30.48 -18.38
C GLY K 81 19.48 -30.64 -17.55
N GLN K 82 19.73 -31.86 -17.11
CA GLN K 82 20.80 -32.16 -16.17
C GLN K 82 21.71 -33.26 -16.71
N ALA K 83 22.89 -33.38 -16.09
CA ALA K 83 23.84 -34.40 -16.46
C ALA K 83 23.39 -35.79 -16.02
N ASN K 84 22.35 -35.89 -15.21
CA ASN K 84 21.79 -37.18 -14.81
C ASN K 84 20.52 -37.55 -15.55
N GLY K 85 20.15 -36.78 -16.58
CA GLY K 85 18.95 -37.05 -17.36
C GLY K 85 17.67 -36.50 -16.77
N ARG K 86 17.73 -35.79 -15.66
CA ARG K 86 16.54 -35.29 -14.99
C ARG K 86 16.23 -33.87 -15.44
N VAL K 87 15.00 -33.63 -15.86
CA VAL K 87 14.54 -32.30 -16.23
C VAL K 87 13.70 -31.79 -15.06
N VAL K 88 13.94 -30.53 -14.68
CA VAL K 88 13.21 -29.89 -13.59
C VAL K 88 12.57 -28.63 -14.16
N LEU K 89 11.34 -28.37 -13.73
CA LEU K 89 10.59 -27.23 -14.26
C LEU K 89 10.73 -26.01 -13.36
N THR K 90 11.89 -25.36 -13.41
CA THR K 90 12.19 -24.22 -12.56
C THR K 90 11.29 -23.03 -12.87
N SER K 91 10.94 -22.27 -11.83
CA SER K 91 10.10 -21.08 -11.96
C SER K 91 10.95 -19.86 -11.70
N LEU K 92 10.46 -18.71 -12.15
CA LEU K 92 11.23 -17.48 -12.09
C LEU K 92 10.30 -16.28 -11.98
N GLY K 93 10.81 -15.10 -12.29
CA GLY K 93 9.95 -13.94 -12.31
C GLY K 93 9.64 -13.46 -10.89
N GLN K 94 8.60 -12.64 -10.79
CA GLN K 94 8.25 -12.04 -9.51
C GLN K 94 7.48 -13.01 -8.62
N ASP K 95 6.30 -13.43 -9.06
CA ASP K 95 5.46 -14.30 -8.25
C ASP K 95 4.40 -15.00 -9.08
N HIS K 96 3.44 -15.62 -8.41
CA HIS K 96 2.31 -16.25 -9.08
C HIS K 96 1.15 -16.34 -8.09
N ASN K 97 -0.06 -16.30 -8.64
CA ASN K 97 -1.28 -16.54 -7.88
C ASN K 97 -1.79 -17.95 -8.20
N SER K 98 -2.69 -18.45 -7.36
CA SER K 98 -3.11 -19.83 -7.45
C SER K 98 -4.05 -20.06 -8.64
N LYS K 99 -3.46 -20.27 -9.82
CA LYS K 99 -4.19 -20.69 -11.00
C LYS K 99 -3.81 -22.08 -11.45
N PHE K 100 -2.51 -22.37 -11.58
CA PHE K 100 -2.00 -23.73 -11.54
C PHE K 100 -0.56 -23.73 -11.02
N LYS K 101 -0.40 -23.91 -9.72
CA LYS K 101 0.90 -23.98 -9.08
C LYS K 101 1.32 -25.41 -8.77
N ASP K 102 0.76 -26.37 -9.49
CA ASP K 102 1.19 -27.76 -9.34
C ASP K 102 2.43 -28.06 -10.18
N LEU K 103 2.82 -27.15 -11.06
CA LEU K 103 3.89 -27.43 -12.00
C LEU K 103 5.25 -27.24 -11.35
N ILE K 104 5.54 -25.99 -11.00
CA ILE K 104 6.72 -25.52 -10.27
C ILE K 104 7.50 -26.61 -9.54
N GLY K 105 7.98 -27.62 -10.26
CA GLY K 105 8.79 -28.60 -9.58
C GLY K 105 8.69 -30.05 -9.97
N LYS K 106 7.88 -30.40 -10.98
CA LYS K 106 7.86 -31.80 -11.38
C LYS K 106 9.17 -32.18 -12.07
N GLU K 107 10.12 -32.69 -11.30
CA GLU K 107 11.35 -33.27 -11.83
C GLU K 107 11.03 -34.61 -12.47
N PHE K 108 11.08 -34.67 -13.79
CA PHE K 108 10.92 -35.95 -14.48
C PHE K 108 12.23 -36.74 -14.40
N VAL K 109 12.12 -38.05 -14.59
CA VAL K 109 13.28 -38.92 -14.38
C VAL K 109 13.24 -40.10 -15.34
N PRO K 110 14.39 -40.50 -15.90
CA PRO K 110 14.45 -41.74 -16.68
C PRO K 110 14.86 -42.92 -15.80
N LYS K 111 14.86 -44.09 -16.42
CA LYS K 111 15.20 -45.32 -15.73
C LYS K 111 16.66 -45.35 -15.35
N HIS K 112 17.54 -45.04 -16.30
CA HIS K 112 18.98 -45.05 -16.10
C HIS K 112 19.55 -43.68 -16.38
N ALA K 113 20.52 -43.27 -15.56
CA ALA K 113 21.02 -41.92 -15.58
C ALA K 113 22.08 -41.74 -16.66
N ARG K 114 21.87 -40.74 -17.52
CA ARG K 114 22.81 -40.37 -18.57
C ARG K 114 22.81 -38.87 -18.76
N GLN K 115 23.45 -38.40 -19.82
CA GLN K 115 23.45 -36.99 -20.19
C GLN K 115 22.17 -36.65 -20.93
N CYS K 116 21.71 -35.42 -20.76
CA CYS K 116 20.57 -34.89 -21.49
C CYS K 116 21.05 -33.77 -22.40
N ASN K 117 20.72 -33.87 -23.69
CA ASN K 117 21.27 -32.99 -24.70
C ASN K 117 20.30 -31.89 -25.10
N THR K 118 19.10 -32.25 -25.55
CA THR K 118 18.16 -31.32 -26.15
C THR K 118 16.81 -31.36 -25.45
N LEU K 119 16.10 -30.23 -25.50
CA LEU K 119 14.70 -30.16 -25.14
C LEU K 119 13.95 -29.46 -26.28
N ALA K 120 12.65 -29.72 -26.36
CA ALA K 120 11.84 -29.13 -27.42
C ALA K 120 10.39 -29.11 -26.96
N TRP K 121 9.79 -27.92 -26.91
CA TRP K 121 8.38 -27.79 -26.63
C TRP K 121 7.57 -27.81 -27.92
N ASN K 122 6.35 -28.33 -27.82
CA ASN K 122 5.55 -28.48 -29.01
C ASN K 122 4.68 -27.24 -29.22
N PRO K 123 4.79 -26.59 -30.38
CA PRO K 123 3.98 -25.38 -30.62
C PRO K 123 2.49 -25.59 -30.50
N LEU K 124 1.94 -26.51 -31.27
CA LEU K 124 0.50 -26.67 -31.35
C LEU K 124 -0.11 -27.37 -30.15
N ASP K 125 0.63 -28.00 -29.24
CA ASP K 125 0.00 -28.67 -28.11
C ASP K 125 0.37 -27.96 -26.82
N SER K 126 1.63 -27.54 -26.70
CA SER K 126 2.12 -26.76 -25.58
C SER K 126 2.01 -27.49 -24.25
N ASN K 127 1.76 -28.80 -24.29
CA ASN K 127 1.82 -29.64 -23.12
C ASN K 127 2.66 -30.89 -23.32
N TRP K 128 3.27 -31.06 -24.49
CA TRP K 128 4.16 -32.18 -24.78
C TRP K 128 5.58 -31.66 -24.83
N LEU K 129 6.48 -32.29 -24.08
CA LEU K 129 7.89 -31.94 -24.06
C LEU K 129 8.73 -33.14 -24.45
N ALA K 130 9.61 -32.95 -25.42
CA ALA K 130 10.48 -33.99 -25.91
C ALA K 130 11.88 -33.84 -25.33
N ALA K 131 12.52 -34.98 -25.09
CA ALA K 131 13.86 -34.99 -24.50
C ALA K 131 14.72 -35.98 -25.26
N GLY K 132 16.01 -35.73 -25.25
CA GLY K 132 16.96 -36.58 -25.93
C GLY K 132 18.17 -36.88 -25.08
N LEU K 133 18.50 -38.15 -24.92
CA LEU K 133 19.57 -38.58 -24.03
C LEU K 133 20.63 -39.36 -24.80
N ASP K 134 21.69 -39.71 -24.07
CA ASP K 134 22.86 -40.40 -24.61
C ASP K 134 22.60 -41.89 -24.76
N LYS K 135 23.67 -42.67 -24.91
CA LYS K 135 23.57 -44.07 -25.30
C LYS K 135 23.49 -44.97 -24.07
N HIS K 136 22.67 -46.01 -24.17
CA HIS K 136 22.61 -47.06 -23.17
C HIS K 136 22.37 -48.39 -23.88
N ARG K 137 22.67 -49.49 -23.17
CA ARG K 137 22.48 -50.82 -23.78
C ARG K 137 21.03 -51.07 -24.11
N ALA K 138 20.16 -51.12 -23.10
CA ALA K 138 18.74 -51.39 -23.34
C ALA K 138 17.94 -50.29 -22.64
N ASP K 139 17.75 -49.17 -23.34
CA ASP K 139 16.95 -48.05 -22.90
C ASP K 139 16.56 -47.19 -24.10
N PHE K 140 15.48 -46.43 -23.98
CA PHE K 140 15.10 -45.53 -25.07
C PHE K 140 15.86 -44.22 -24.96
N SER K 141 16.05 -43.58 -26.12
CA SER K 141 16.86 -42.37 -26.19
C SER K 141 16.02 -41.10 -26.32
N VAL K 142 15.06 -41.07 -27.24
CA VAL K 142 14.15 -39.93 -27.36
C VAL K 142 12.88 -40.25 -26.60
N LEU K 143 12.48 -39.33 -25.72
CA LEU K 143 11.38 -39.54 -24.80
C LEU K 143 10.43 -38.34 -24.84
N ILE K 144 9.15 -38.58 -24.58
CA ILE K 144 8.13 -37.55 -24.69
C ILE K 144 7.27 -37.59 -23.43
N TRP K 145 7.17 -36.44 -22.75
CA TRP K 145 6.49 -36.32 -21.47
C TRP K 145 5.15 -35.60 -21.61
N ASP K 146 4.43 -35.51 -20.49
CA ASP K 146 3.22 -34.69 -20.39
C ASP K 146 3.29 -33.92 -19.09
N ILE K 147 2.89 -32.66 -19.13
CA ILE K 147 3.03 -31.76 -17.99
C ILE K 147 1.81 -31.96 -17.09
N CYS K 148 0.82 -32.68 -17.60
CA CYS K 148 -0.47 -32.80 -16.91
C CYS K 148 -0.31 -33.49 -15.56
N SER K 149 0.10 -34.75 -15.58
CA SER K 149 0.29 -35.51 -14.34
C SER K 149 1.18 -36.72 -14.58
N LEU K 173 7.40 -35.98 -9.03
CA LEU K 173 8.25 -37.01 -9.61
C LEU K 173 7.46 -37.91 -10.56
N VAL K 174 7.70 -37.74 -11.86
CA VAL K 174 7.06 -38.56 -12.88
C VAL K 174 8.06 -39.61 -13.36
N THR K 175 7.52 -40.73 -13.83
CA THR K 175 8.37 -41.86 -14.19
C THR K 175 8.05 -42.47 -15.54
N LYS K 176 6.81 -42.37 -16.04
CA LYS K 176 6.42 -43.06 -17.26
C LYS K 176 6.08 -42.05 -18.35
N PRO K 177 6.83 -42.04 -19.47
CA PRO K 177 6.49 -41.15 -20.57
C PRO K 177 5.41 -41.72 -21.49
N LEU K 178 4.62 -40.87 -22.14
CA LEU K 178 3.55 -41.35 -22.99
C LEU K 178 4.11 -42.02 -24.25
N TYR K 179 5.09 -41.40 -24.87
CA TYR K 179 5.73 -41.96 -26.04
C TYR K 179 7.22 -42.13 -25.76
N GLU K 180 7.76 -43.23 -26.27
CA GLU K 180 9.17 -43.55 -26.08
C GLU K 180 9.67 -44.21 -27.36
N LEU K 181 10.73 -43.66 -27.92
CA LEU K 181 11.31 -44.16 -29.16
C LEU K 181 12.82 -44.18 -29.02
N GLY K 182 13.48 -44.86 -29.96
CA GLY K 182 14.92 -44.76 -30.07
C GLY K 182 15.73 -45.70 -29.19
N GLN K 183 15.53 -47.01 -29.37
CA GLN K 183 16.26 -47.98 -28.57
C GLN K 183 17.73 -48.04 -28.97
N ASN K 184 18.61 -48.03 -27.98
CA ASN K 184 20.05 -48.22 -28.17
C ASN K 184 20.64 -47.22 -29.17
N ASP K 185 20.28 -45.94 -29.02
CA ASP K 185 20.75 -44.90 -29.93
C ASP K 185 21.17 -43.68 -29.13
N ALA K 186 21.74 -42.71 -29.84
CA ALA K 186 22.14 -41.43 -29.26
C ALA K 186 21.50 -40.30 -30.03
N CYS K 187 20.75 -39.46 -29.32
CA CYS K 187 20.06 -38.33 -29.92
C CYS K 187 20.82 -37.05 -29.64
N LEU K 188 20.96 -36.21 -30.66
CA LEU K 188 21.73 -34.98 -30.55
C LEU K 188 20.97 -33.72 -30.91
N SER K 189 19.77 -33.82 -31.47
CA SER K 189 19.03 -32.65 -31.89
C SER K 189 17.57 -33.03 -32.13
N LEU K 190 16.67 -32.09 -31.87
CA LEU K 190 15.24 -32.32 -32.00
C LEU K 190 14.57 -31.08 -32.56
N CYS K 191 13.45 -31.26 -33.25
CA CYS K 191 12.73 -30.15 -33.84
C CYS K 191 11.32 -30.60 -34.22
N TRP K 192 10.32 -29.86 -33.77
CA TRP K 192 8.93 -30.14 -34.14
C TRP K 192 8.59 -29.49 -35.46
N LEU K 193 7.86 -30.21 -36.29
CA LEU K 193 7.40 -29.63 -37.55
C LEU K 193 6.08 -28.89 -37.34
N PRO K 194 5.96 -27.66 -37.83
CA PRO K 194 4.76 -26.86 -37.60
C PRO K 194 3.52 -27.35 -38.32
N ARG K 195 3.64 -28.32 -39.24
CA ARG K 195 2.50 -28.79 -40.04
C ARG K 195 1.56 -29.63 -39.18
N ASP K 196 2.06 -30.73 -38.65
CA ASP K 196 1.26 -31.66 -37.87
C ASP K 196 1.64 -31.57 -36.39
N GLN K 197 0.69 -31.93 -35.52
CA GLN K 197 0.93 -31.99 -34.09
C GLN K 197 1.67 -33.26 -33.68
N LYS K 198 1.83 -34.20 -34.61
CA LYS K 198 2.63 -35.39 -34.32
C LYS K 198 3.55 -35.70 -35.48
N LEU K 199 4.69 -35.01 -35.53
CA LEU K 199 5.73 -35.25 -36.52
C LEU K 199 7.04 -34.68 -36.00
N LEU K 200 7.92 -35.52 -35.50
CA LEU K 200 9.16 -35.06 -34.87
C LEU K 200 10.36 -35.35 -35.74
N LEU K 201 11.13 -34.31 -36.03
CA LEU K 201 12.37 -34.42 -36.78
C LEU K 201 13.52 -34.53 -35.77
N ALA K 202 14.36 -35.55 -35.95
CA ALA K 202 15.40 -35.86 -34.98
C ALA K 202 16.70 -36.19 -35.68
N GLY K 203 17.80 -35.89 -35.02
CA GLY K 203 19.12 -36.16 -35.55
C GLY K 203 19.87 -37.15 -34.70
N MET K 204 20.07 -38.36 -35.22
CA MET K 204 20.68 -39.43 -34.43
C MET K 204 22.19 -39.39 -34.56
N HIS K 205 22.86 -40.43 -34.06
CA HIS K 205 24.30 -40.50 -34.13
C HIS K 205 24.83 -40.59 -35.56
N ARG K 206 24.19 -41.38 -36.41
CA ARG K 206 24.59 -41.48 -37.81
C ARG K 206 23.37 -41.52 -38.72
N ASN K 207 22.39 -40.65 -38.47
CA ASN K 207 21.11 -40.72 -39.17
C ASN K 207 20.44 -39.35 -39.07
N LEU K 208 19.40 -39.15 -39.87
CA LEU K 208 18.59 -37.94 -39.79
C LEU K 208 17.10 -38.27 -39.84
N ALA K 209 16.66 -39.20 -38.99
CA ALA K 209 15.33 -39.78 -39.11
C ALA K 209 14.22 -38.78 -38.82
N ILE K 210 13.03 -39.08 -39.36
CA ILE K 210 11.80 -38.35 -39.09
C ILE K 210 10.79 -39.33 -38.53
N PHE K 211 10.17 -38.98 -37.40
CA PHE K 211 9.29 -39.88 -36.67
C PHE K 211 7.85 -39.39 -36.73
N ASP K 212 6.91 -40.33 -36.73
CA ASP K 212 5.48 -40.02 -36.70
C ASP K 212 4.85 -40.67 -35.47
N LEU K 213 4.16 -39.87 -34.68
CA LEU K 213 3.54 -40.35 -33.45
C LEU K 213 2.11 -40.80 -33.67
N ARG K 214 1.90 -41.58 -34.73
CA ARG K 214 0.67 -42.34 -34.89
C ARG K 214 1.04 -43.81 -35.01
N ASN K 215 1.97 -44.11 -35.91
CA ASN K 215 2.55 -45.44 -36.02
C ASN K 215 4.07 -45.35 -35.84
N THR K 216 4.63 -46.31 -35.12
CA THR K 216 6.01 -46.22 -34.66
C THR K 216 7.00 -46.90 -35.61
N SER K 217 6.65 -48.05 -36.17
CA SER K 217 7.59 -48.81 -36.98
C SER K 217 7.69 -48.27 -38.39
N GLN K 218 7.97 -46.97 -38.51
CA GLN K 218 8.14 -46.31 -39.80
C GLN K 218 9.04 -45.11 -39.60
N LYS K 219 10.24 -45.16 -40.18
CA LYS K 219 11.25 -44.11 -40.00
C LYS K 219 11.93 -43.84 -41.33
N MET K 220 11.51 -42.76 -42.00
CA MET K 220 12.28 -42.28 -43.15
C MET K 220 13.59 -41.71 -42.65
N PHE K 221 14.70 -42.13 -43.25
CA PHE K 221 16.01 -41.89 -42.65
C PHE K 221 17.07 -41.72 -43.74
N VAL K 222 17.97 -40.78 -43.52
CA VAL K 222 19.17 -40.63 -44.32
C VAL K 222 20.38 -40.73 -43.41
N ASN K 223 21.33 -41.57 -43.78
CA ASN K 223 22.52 -41.84 -42.98
C ASN K 223 23.64 -40.86 -43.32
N THR K 224 23.33 -39.58 -43.20
CA THR K 224 24.31 -38.52 -43.42
C THR K 224 25.18 -38.30 -42.20
N LYS K 225 26.03 -37.27 -42.26
CA LYS K 225 26.95 -37.01 -41.16
C LYS K 225 26.82 -35.59 -40.61
N ALA K 226 25.69 -34.91 -40.85
CA ALA K 226 25.47 -33.55 -40.37
C ALA K 226 24.26 -33.57 -39.45
N VAL K 227 24.50 -33.80 -38.16
CA VAL K 227 23.42 -34.12 -37.23
C VAL K 227 23.48 -33.23 -35.98
N GLN K 228 24.36 -32.24 -35.98
CA GLN K 228 24.67 -31.51 -34.76
C GLN K 228 23.74 -30.32 -34.50
N GLY K 229 22.80 -30.05 -35.40
CA GLY K 229 21.82 -29.01 -35.15
C GLY K 229 20.77 -28.99 -36.24
N VAL K 230 19.50 -28.99 -35.87
CA VAL K 230 18.41 -29.16 -36.82
C VAL K 230 17.42 -28.03 -36.62
N THR K 231 17.01 -27.40 -37.71
CA THR K 231 16.07 -26.29 -37.66
C THR K 231 15.16 -26.33 -38.89
N VAL K 232 13.96 -25.78 -38.74
CA VAL K 232 13.00 -25.65 -39.83
C VAL K 232 12.71 -24.16 -40.03
N ASP K 233 12.73 -23.71 -41.27
CA ASP K 233 12.59 -22.29 -41.55
C ASP K 233 11.18 -21.83 -41.19
N PRO K 234 11.03 -20.69 -40.51
CA PRO K 234 9.70 -20.29 -40.02
C PRO K 234 8.66 -20.08 -41.10
N TYR K 235 9.05 -19.54 -42.26
CA TYR K 235 8.10 -19.31 -43.34
C TYR K 235 7.82 -20.58 -44.13
N HIS K 237 7.51 -23.94 -44.97
CA HIS K 237 8.16 -24.73 -43.93
C HIS K 237 8.53 -26.12 -44.45
N ASP K 238 9.37 -26.15 -45.48
CA ASP K 238 9.82 -27.41 -46.06
C ASP K 238 11.34 -27.48 -46.12
N ARG K 239 12.01 -26.39 -45.77
CA ARG K 239 13.46 -26.30 -45.80
C ARG K 239 14.02 -26.52 -44.41
N VAL K 240 14.98 -27.43 -44.29
CA VAL K 240 15.64 -27.70 -43.02
C VAL K 240 17.14 -27.46 -43.18
N ALA K 241 17.76 -26.96 -42.11
CA ALA K 241 19.18 -26.66 -42.08
C ALA K 241 19.86 -27.47 -41.00
N SER K 242 20.95 -28.14 -41.37
CA SER K 242 21.73 -28.94 -40.44
C SER K 242 23.21 -28.67 -40.67
N PHE K 243 24.00 -28.83 -39.63
CA PHE K 243 25.42 -28.53 -39.70
C PHE K 243 26.25 -29.59 -39.00
N TYR K 244 27.50 -29.71 -39.44
CA TYR K 244 28.50 -30.57 -38.81
C TYR K 244 29.85 -29.90 -38.87
N GLU K 245 30.49 -29.78 -37.71
CA GLU K 245 31.83 -29.19 -37.59
C GLU K 245 31.86 -27.77 -38.15
N GLY K 246 32.28 -27.63 -39.40
CA GLY K 246 32.40 -26.33 -40.02
C GLY K 246 31.63 -26.20 -41.31
N GLN K 247 30.74 -27.14 -41.59
CA GLN K 247 29.95 -27.13 -42.81
C GLN K 247 28.47 -27.01 -42.48
N VAL K 248 27.72 -26.40 -43.37
CA VAL K 248 26.27 -26.22 -43.24
C VAL K 248 25.60 -26.85 -44.45
N ALA K 249 24.56 -27.64 -44.21
CA ALA K 249 23.85 -28.34 -45.26
C ALA K 249 22.35 -28.01 -45.22
N ILE K 250 21.77 -27.83 -46.40
CA ILE K 250 20.36 -27.51 -46.56
C ILE K 250 19.69 -28.67 -47.27
N TRP K 251 18.53 -29.08 -46.79
CA TRP K 251 17.79 -30.22 -47.33
C TRP K 251 16.41 -29.76 -47.80
N ASP K 252 15.62 -30.73 -48.28
CA ASP K 252 14.23 -30.49 -48.69
C ASP K 252 13.43 -31.73 -48.32
N LEU K 253 12.28 -31.53 -47.68
CA LEU K 253 11.47 -32.65 -47.21
C LEU K 253 10.78 -33.39 -48.35
N ARG K 254 10.71 -32.77 -49.53
CA ARG K 254 10.06 -33.42 -50.66
C ARG K 254 10.92 -34.55 -51.23
N LYS K 255 12.24 -34.35 -51.31
CA LYS K 255 13.13 -35.35 -51.89
C LYS K 255 13.82 -36.20 -50.82
N PHE K 256 14.59 -35.58 -49.93
CA PHE K 256 15.23 -36.25 -48.81
C PHE K 256 16.05 -37.47 -49.21
N GLU K 257 17.09 -37.26 -50.02
CA GLU K 257 18.06 -38.33 -50.27
C GLU K 257 19.48 -37.77 -50.27
N LYS K 258 19.61 -36.46 -50.39
CA LYS K 258 20.91 -35.80 -50.48
C LYS K 258 20.72 -34.29 -50.32
N PRO K 259 21.76 -33.55 -49.93
CA PRO K 259 21.63 -32.10 -49.78
C PRO K 259 21.31 -31.40 -51.09
N VAL K 260 20.61 -30.28 -51.00
CA VAL K 260 20.29 -29.49 -52.19
C VAL K 260 21.37 -28.43 -52.43
N LEU K 261 21.75 -27.70 -51.39
CA LEU K 261 22.81 -26.71 -51.45
C LEU K 261 23.81 -27.00 -50.35
N THR K 262 24.96 -26.33 -50.42
CA THR K 262 26.03 -26.55 -49.46
C THR K 262 26.90 -25.29 -49.42
N LEU K 263 27.47 -25.01 -48.25
CA LEU K 263 28.16 -23.75 -48.02
C LEU K 263 29.65 -24.00 -47.83
N THR K 264 30.42 -22.91 -47.82
CA THR K 264 31.87 -22.94 -47.68
C THR K 264 32.30 -23.59 -46.38
N GLU K 265 33.34 -24.42 -46.44
CA GLU K 265 33.87 -25.07 -45.25
C GLU K 265 34.79 -24.14 -44.47
N GLN K 266 34.31 -23.63 -43.35
CA GLN K 266 35.10 -22.74 -42.50
C GLN K 266 36.18 -23.52 -41.78
N PRO K 267 37.31 -22.88 -41.45
CA PRO K 267 38.41 -23.63 -40.83
C PRO K 267 38.14 -24.03 -39.39
N LYS K 268 37.31 -23.27 -38.69
CA LYS K 268 37.09 -23.53 -37.28
C LYS K 268 35.66 -24.02 -37.04
N PRO K 269 35.45 -24.87 -36.04
CA PRO K 269 34.14 -25.49 -35.84
C PRO K 269 33.06 -24.46 -35.50
N LEU K 270 31.83 -24.74 -35.96
CA LEU K 270 30.70 -23.87 -35.72
C LEU K 270 30.21 -24.01 -34.29
N THR K 271 29.35 -23.08 -33.88
CA THR K 271 28.81 -23.15 -32.53
C THR K 271 27.31 -22.95 -32.46
N LYS K 272 26.72 -22.24 -33.42
CA LYS K 272 25.28 -22.03 -33.40
C LYS K 272 24.81 -21.56 -34.77
N VAL K 273 23.64 -22.04 -35.18
CA VAL K 273 23.02 -21.69 -36.46
C VAL K 273 21.53 -21.45 -36.20
N ALA K 274 20.98 -20.39 -36.80
CA ALA K 274 19.58 -20.07 -36.59
C ALA K 274 19.04 -19.24 -37.75
N TRP K 275 17.74 -19.39 -38.00
CA TRP K 275 17.06 -18.64 -39.03
C TRP K 275 16.56 -17.30 -38.49
N CYS K 276 16.23 -16.40 -39.41
CA CYS K 276 15.64 -15.13 -39.02
C CYS K 276 14.14 -15.32 -38.82
N PRO K 277 13.59 -14.97 -37.65
CA PRO K 277 12.17 -15.21 -37.41
C PRO K 277 11.25 -14.25 -38.16
N THR K 278 11.78 -13.18 -38.75
CA THR K 278 10.96 -12.24 -39.50
C THR K 278 11.47 -11.96 -40.90
N ARG K 279 12.79 -11.85 -41.09
CA ARG K 279 13.35 -11.60 -42.42
C ARG K 279 13.38 -12.92 -43.18
N THR K 280 12.84 -12.92 -44.38
CA THR K 280 12.73 -14.14 -45.18
C THR K 280 14.11 -14.54 -45.73
N GLY K 281 14.43 -15.82 -45.64
CA GLY K 281 15.66 -16.34 -46.17
C GLY K 281 16.89 -15.69 -45.57
N LEU K 282 17.09 -15.85 -44.26
CA LEU K 282 18.27 -15.29 -43.63
C LEU K 282 18.80 -16.26 -42.59
N LEU K 283 20.07 -16.65 -42.74
CA LEU K 283 20.72 -17.57 -41.82
C LEU K 283 21.57 -16.82 -40.79
N ALA K 284 22.37 -17.57 -40.04
CA ALA K 284 23.31 -17.01 -39.09
C ALA K 284 24.33 -18.08 -38.71
N THR K 285 25.52 -17.66 -38.30
CA THR K 285 26.59 -18.62 -38.04
C THR K 285 27.45 -18.08 -36.91
N LEU K 286 28.10 -18.99 -36.19
CA LEU K 286 28.97 -18.60 -35.08
C LEU K 286 29.97 -19.74 -34.89
N THR K 287 31.25 -19.46 -35.09
CA THR K 287 32.28 -20.43 -34.81
C THR K 287 32.99 -20.11 -33.50
N ARG K 288 33.65 -21.12 -32.94
CA ARG K 288 34.35 -20.93 -31.68
C ARG K 288 35.49 -19.94 -31.85
N ASP K 289 35.71 -19.13 -30.82
CA ASP K 289 36.84 -18.20 -30.77
C ASP K 289 36.82 -17.24 -31.97
N SER K 290 35.70 -16.57 -32.16
CA SER K 290 35.56 -15.56 -33.21
C SER K 290 34.69 -14.44 -32.69
N ASN K 291 34.62 -13.35 -33.46
CA ASN K 291 33.76 -12.22 -33.13
C ASN K 291 33.09 -11.66 -34.38
N ILE K 292 32.89 -12.51 -35.39
CA ILE K 292 32.18 -12.13 -36.60
C ILE K 292 30.98 -13.06 -36.75
N ILE K 293 29.79 -12.47 -36.89
CA ILE K 293 28.57 -13.23 -37.11
C ILE K 293 28.21 -13.11 -38.59
N ARG K 294 28.21 -14.23 -39.30
CA ARG K 294 28.14 -14.24 -40.75
C ARG K 294 26.69 -14.35 -41.19
N LEU K 295 26.18 -13.28 -41.79
CA LEU K 295 24.81 -13.25 -42.29
C LEU K 295 24.79 -13.70 -43.74
N TYR K 296 24.01 -14.74 -44.02
CA TYR K 296 23.92 -15.31 -45.35
C TYR K 296 22.52 -15.10 -45.91
N ASP K 297 22.44 -14.70 -47.17
CA ASP K 297 21.20 -14.32 -47.80
C ASP K 297 20.79 -15.37 -48.82
N MET K 298 19.62 -15.96 -48.63
CA MET K 298 19.06 -16.94 -49.55
C MET K 298 17.72 -16.38 -50.02
N GLN K 299 17.70 -15.87 -51.24
CA GLN K 299 16.49 -15.28 -51.81
C GLN K 299 15.82 -16.25 -52.78
N THR K 312 23.01 -18.75 -55.15
CA THR K 312 23.19 -17.30 -55.11
C THR K 312 23.30 -16.81 -53.67
N ILE K 313 24.18 -17.45 -52.90
CA ILE K 313 24.39 -17.09 -51.52
C ILE K 313 25.19 -15.79 -51.47
N ILE K 314 24.59 -14.75 -50.91
CA ILE K 314 25.26 -13.43 -50.79
C ILE K 314 25.80 -13.36 -49.37
N GLU K 315 27.07 -13.72 -49.23
CA GLU K 315 27.70 -13.79 -47.92
C GLU K 315 28.01 -12.39 -47.39
N ARG K 316 27.82 -12.22 -46.08
CA ARG K 316 28.14 -10.97 -45.39
C ARG K 316 28.83 -11.32 -44.08
N SER K 317 29.36 -10.30 -43.42
CA SER K 317 30.00 -10.48 -42.12
C SER K 317 29.85 -9.20 -41.30
N VAL K 318 29.36 -9.34 -40.08
CA VAL K 318 29.12 -8.22 -39.18
C VAL K 318 29.82 -8.47 -37.85
N GLN K 319 30.44 -7.43 -37.31
CA GLN K 319 31.13 -7.52 -36.04
C GLN K 319 30.37 -6.73 -34.98
N PRO K 320 29.66 -7.39 -34.06
CA PRO K 320 28.87 -6.65 -33.07
C PRO K 320 29.73 -5.96 -32.02
N CYS K 321 30.78 -6.63 -31.56
CA CYS K 321 31.64 -6.11 -30.50
C CYS K 321 33.06 -6.62 -30.69
N ASP K 322 33.99 -6.00 -29.95
CA ASP K 322 35.40 -6.32 -30.04
C ASP K 322 35.82 -7.43 -29.07
N ASN K 323 34.86 -8.13 -28.47
CA ASN K 323 35.14 -9.23 -27.56
C ASN K 323 34.58 -10.53 -28.15
N TYR K 324 35.06 -11.65 -27.61
CA TYR K 324 34.59 -12.94 -28.10
C TYR K 324 33.13 -13.14 -27.71
N ILE K 325 32.49 -14.09 -28.40
CA ILE K 325 31.04 -14.19 -28.43
C ILE K 325 30.64 -15.58 -27.93
N ALA K 326 29.67 -15.62 -27.01
CA ALA K 326 29.18 -16.91 -26.52
C ALA K 326 28.00 -17.41 -27.35
N SER K 327 26.94 -16.61 -27.46
CA SER K 327 25.74 -17.04 -28.18
C SER K 327 24.93 -15.80 -28.57
N PHE K 328 23.83 -16.04 -29.25
CA PHE K 328 22.96 -14.97 -29.73
C PHE K 328 21.54 -15.52 -29.91
N ALA K 329 20.59 -14.61 -30.11
CA ALA K 329 19.19 -14.99 -30.28
C ALA K 329 18.42 -13.80 -30.84
N TRP K 330 17.56 -14.07 -31.83
CA TRP K 330 16.76 -13.01 -32.43
C TRP K 330 15.55 -12.68 -31.54
N HIS K 331 14.72 -11.78 -32.04
CA HIS K 331 13.46 -11.40 -31.44
C HIS K 331 12.35 -11.76 -32.39
N PRO K 332 11.29 -12.41 -31.92
CA PRO K 332 10.20 -12.76 -32.83
C PRO K 332 9.42 -11.57 -33.38
N THR K 333 8.88 -10.72 -32.51
CA THR K 333 7.98 -9.66 -32.98
C THR K 333 8.73 -8.44 -33.52
N SER K 334 9.70 -7.92 -32.77
CA SER K 334 10.41 -6.72 -33.17
C SER K 334 11.17 -6.96 -34.46
N GLN K 335 11.24 -5.93 -35.30
CA GLN K 335 11.78 -6.08 -36.63
C GLN K 335 13.31 -6.07 -36.63
N ASN K 336 13.92 -7.20 -36.96
CA ASN K 336 15.36 -7.32 -37.13
C ASN K 336 16.13 -6.95 -35.88
N ARG K 337 15.99 -7.74 -34.81
CA ARG K 337 16.73 -7.53 -33.58
C ARG K 337 17.83 -8.57 -33.39
N MET K 338 18.59 -8.45 -32.30
CA MET K 338 19.77 -9.26 -32.01
C MET K 338 20.25 -8.90 -30.62
N ILE K 339 20.72 -9.90 -29.87
CA ILE K 339 21.55 -9.65 -28.69
C ILE K 339 22.64 -10.70 -28.63
N VAL K 340 23.78 -10.33 -28.07
CA VAL K 340 24.95 -11.18 -28.02
C VAL K 340 25.49 -11.18 -26.60
N VAL K 341 26.16 -12.27 -26.22
CA VAL K 341 26.73 -12.41 -24.88
C VAL K 341 28.19 -12.82 -25.00
N THR K 342 29.06 -12.11 -24.29
CA THR K 342 30.48 -12.44 -24.26
C THR K 342 30.76 -13.43 -23.13
N PRO K 343 31.90 -14.12 -23.18
CA PRO K 343 32.26 -14.97 -22.03
C PRO K 343 32.50 -14.17 -20.77
N ASN K 344 32.82 -12.88 -20.89
CA ASN K 344 32.86 -12.01 -19.74
C ASN K 344 31.44 -11.63 -19.36
N ARG K 345 31.28 -10.68 -18.44
CA ARG K 345 29.96 -10.24 -18.01
C ARG K 345 29.21 -9.49 -19.11
N THR K 346 29.95 -8.87 -20.04
CA THR K 346 29.36 -7.98 -21.03
C THR K 346 28.32 -8.68 -21.88
N MET K 347 27.15 -8.07 -22.01
CA MET K 347 26.04 -8.57 -22.81
C MET K 347 25.61 -7.45 -23.74
N SER K 348 26.28 -7.34 -24.88
CA SER K 348 25.99 -6.29 -25.83
C SER K 348 24.73 -6.61 -26.63
N ASP K 349 24.07 -5.55 -27.10
CA ASP K 349 22.89 -5.66 -27.95
C ASP K 349 23.22 -5.03 -29.29
N PHE K 350 22.27 -5.13 -30.25
CA PHE K 350 22.35 -4.52 -31.63
C PHE K 350 21.03 -4.63 -32.44
N THR K 351 21.14 -4.65 -33.79
CA THR K 351 20.10 -4.83 -34.89
C THR K 351 20.66 -4.53 -36.31
N VAL K 352 19.78 -4.28 -37.30
CA VAL K 352 20.01 -3.81 -38.72
C VAL K 352 20.04 -4.62 -40.05
N PHE K 353 19.70 -3.87 -41.12
CA PHE K 353 19.62 -4.27 -42.56
C PHE K 353 20.93 -3.95 -43.30
N GLU K 354 20.93 -3.68 -44.62
CA GLU K 354 22.23 -3.34 -45.20
C GLU K 354 22.05 -2.42 -46.40
N ARG K 355 22.10 -1.11 -46.15
CA ARG K 355 22.06 -0.07 -47.18
C ARG K 355 20.70 0.08 -47.84
N ILE K 356 20.32 1.32 -48.12
CA ILE K 356 19.05 1.66 -48.75
C ILE K 356 19.32 2.12 -50.17
N SER K 357 18.24 2.32 -50.92
CA SER K 357 18.31 2.94 -52.24
C SER K 357 18.31 4.45 -52.09
N LEU K 358 18.88 5.15 -53.06
CA LEU K 358 18.94 6.59 -53.06
C LEU K 358 18.59 7.13 -54.43
N ALA K 359 17.95 8.30 -54.47
CA ALA K 359 17.53 8.91 -55.73
C ALA K 359 17.47 10.42 -55.54
N TRP K 360 18.16 11.15 -56.41
CA TRP K 360 18.19 12.61 -56.34
C TRP K 360 17.07 13.19 -57.19
N SER K 361 16.74 14.45 -56.95
CA SER K 361 15.69 15.14 -57.70
C SER K 361 16.23 16.51 -58.10
N PRO K 362 15.68 17.12 -59.16
CA PRO K 362 16.19 18.44 -59.58
C PRO K 362 15.95 19.53 -58.56
N ILE K 363 15.08 19.32 -57.59
CA ILE K 363 14.79 20.31 -56.56
C ILE K 363 15.82 20.15 -55.46
N THR K 364 16.82 19.30 -55.69
CA THR K 364 17.89 19.02 -54.73
C THR K 364 17.31 18.52 -53.41
N SER K 365 16.66 17.36 -53.49
CA SER K 365 16.08 16.71 -52.31
C SER K 365 15.99 15.23 -52.61
N LEU K 366 16.72 14.42 -51.85
CA LEU K 366 16.83 13.00 -52.15
C LEU K 366 15.80 12.18 -51.38
N MET K 367 15.45 11.03 -51.96
CA MET K 367 14.55 10.07 -51.37
C MET K 367 15.28 8.74 -51.22
N TRP K 368 15.06 8.09 -50.07
CA TRP K 368 15.74 6.82 -49.81
C TRP K 368 14.71 5.78 -49.39
N ALA K 369 14.99 4.53 -49.75
CA ALA K 369 14.10 3.41 -49.48
C ALA K 369 14.86 2.35 -48.69
N CYS K 370 14.58 2.27 -47.39
CA CYS K 370 15.22 1.31 -46.50
C CYS K 370 14.18 0.30 -46.06
N GLY K 371 14.18 -0.88 -46.69
CA GLY K 371 13.28 -1.93 -46.30
C GLY K 371 11.88 -1.75 -46.85
N ARG K 372 10.95 -1.30 -45.99
CA ARG K 372 9.58 -1.10 -46.41
C ARG K 372 9.08 0.30 -46.02
N HIS K 373 9.97 1.28 -45.99
CA HIS K 373 9.60 2.66 -45.65
C HIS K 373 10.28 3.62 -46.62
N LEU K 374 9.55 4.68 -46.96
CA LEU K 374 10.04 5.73 -47.85
C LEU K 374 10.05 7.04 -47.11
N TYR K 375 11.18 7.75 -47.16
CA TYR K 375 11.31 9.07 -46.57
C TYR K 375 11.83 10.05 -47.63
N GLU K 376 11.80 11.34 -47.29
CA GLU K 376 12.21 12.37 -48.25
C GLU K 376 12.81 13.53 -47.46
N CYS K 377 14.10 13.78 -47.69
CA CYS K 377 14.77 14.92 -47.07
C CYS K 377 14.48 16.21 -47.84
N THR K 378 14.90 17.34 -47.30
CA THR K 378 14.69 18.63 -47.94
C THR K 378 15.77 19.59 -47.46
N GLU K 379 15.63 20.86 -47.83
CA GLU K 379 16.58 21.89 -47.43
C GLU K 379 16.33 22.35 -45.99
N LYS K 388 24.62 27.88 -48.70
CA LYS K 388 23.71 27.05 -49.49
C LYS K 388 24.40 26.50 -50.74
N ASP K 389 23.85 25.42 -51.28
CA ASP K 389 24.36 24.88 -52.53
C ASP K 389 24.06 25.85 -53.66
N ILE K 390 24.90 25.80 -54.70
CA ILE K 390 24.78 26.77 -55.78
C ILE K 390 23.48 26.58 -56.54
N ALA K 391 23.02 25.33 -56.67
CA ALA K 391 21.78 25.08 -57.41
C ALA K 391 20.59 25.75 -56.74
N THR K 392 20.55 25.79 -55.41
CA THR K 392 19.46 26.46 -54.74
C THR K 392 19.49 27.95 -54.98
N LYS K 393 20.69 28.56 -54.95
CA LYS K 393 20.79 29.99 -55.22
C LYS K 393 20.30 30.33 -56.62
N MET K 394 20.67 29.52 -57.60
CA MET K 394 20.25 29.78 -58.98
C MET K 394 18.73 29.77 -59.12
N ARG K 395 18.05 29.01 -58.26
CA ARG K 395 16.59 28.99 -58.32
C ARG K 395 15.99 30.30 -57.83
N LEU K 396 16.51 30.84 -56.74
CA LEU K 396 15.99 32.11 -56.25
C LEU K 396 16.40 33.28 -57.14
N ARG K 397 17.57 33.21 -57.77
CA ARG K 397 17.97 34.27 -58.69
C ARG K 397 16.98 34.39 -59.85
N ALA K 398 16.58 33.26 -60.42
CA ALA K 398 15.73 33.30 -61.61
C ALA K 398 14.33 33.82 -61.28
N LEU K 399 13.82 33.48 -60.10
CA LEU K 399 12.49 33.93 -59.71
C LEU K 399 12.40 35.44 -59.55
N SER K 400 13.51 36.09 -59.23
CA SER K 400 13.53 37.53 -58.97
C SER K 400 13.96 38.34 -60.18
N ARG K 401 13.87 37.77 -61.38
CA ARG K 401 14.18 38.46 -62.63
C ARG K 401 15.60 39.05 -62.60
N TYR K 402 16.56 38.16 -62.46
CA TYR K 402 17.97 38.53 -62.31
C TYR K 402 18.58 38.65 -63.70
N GLY K 403 19.13 39.82 -64.02
CA GLY K 403 19.91 40.02 -65.22
C GLY K 403 19.20 40.71 -66.37
N LEU K 404 17.89 40.89 -66.30
CA LEU K 404 17.13 41.41 -67.43
C LEU K 404 16.87 42.90 -67.37
N ASP K 405 17.38 43.60 -66.37
CA ASP K 405 17.17 45.04 -66.25
C ASP K 405 18.23 45.77 -67.07
N THR K 406 17.86 46.19 -68.28
CA THR K 406 18.78 46.89 -69.17
C THR K 406 18.66 48.41 -69.06
N GLU K 407 17.74 48.92 -68.26
CA GLU K 407 17.62 50.36 -68.08
C GLU K 407 18.79 50.87 -67.25
N GLN K 408 18.88 50.40 -66.01
CA GLN K 408 20.04 50.65 -65.15
C GLN K 408 20.67 49.29 -64.89
N VAL K 409 21.99 49.21 -65.07
CA VAL K 409 22.65 47.90 -65.09
C VAL K 409 23.04 47.48 -63.68
N TRP K 410 23.63 48.40 -62.92
CA TRP K 410 24.23 48.03 -61.63
C TRP K 410 23.18 47.55 -60.65
N ARG K 411 21.90 47.88 -60.87
CA ARG K 411 20.87 47.53 -59.90
C ARG K 411 20.73 46.01 -59.81
N ASN K 412 21.35 45.32 -60.75
CA ASN K 412 21.35 43.86 -60.72
C ASN K 412 21.98 43.35 -59.43
N HIS K 413 23.06 43.97 -58.97
CA HIS K 413 23.71 43.47 -57.76
C HIS K 413 22.81 43.57 -56.55
N ILE K 414 21.77 44.41 -56.60
CA ILE K 414 20.77 44.45 -55.53
C ILE K 414 19.75 43.33 -55.69
N LEU K 415 19.67 42.70 -56.85
CA LEU K 415 18.77 41.57 -57.05
C LEU K 415 19.43 40.22 -56.80
N ALA K 416 20.75 40.17 -56.73
CA ALA K 416 21.47 38.91 -56.62
C ALA K 416 21.24 38.21 -55.29
N GLY K 417 20.81 38.92 -54.26
CA GLY K 417 20.70 38.32 -52.94
C GLY K 417 21.21 39.22 -51.85
N ASN K 418 22.14 38.73 -51.04
CA ASN K 418 22.54 39.46 -49.85
C ASN K 418 23.82 40.27 -50.06
N GLU K 419 24.93 39.60 -50.34
CA GLU K 419 26.21 40.28 -50.46
C GLU K 419 27.22 39.36 -51.12
N ASP K 420 27.88 39.86 -52.15
CA ASP K 420 28.98 39.17 -52.79
C ASP K 420 29.91 40.22 -53.41
N PRO K 421 31.08 40.44 -52.83
CA PRO K 421 31.97 41.49 -53.35
C PRO K 421 32.27 41.29 -54.81
N GLN K 422 32.33 40.04 -55.24
CA GLN K 422 32.55 39.73 -56.64
C GLN K 422 31.39 40.17 -57.51
N LEU K 423 30.16 39.86 -57.09
CA LEU K 423 28.99 40.14 -57.89
C LEU K 423 28.50 41.57 -57.76
N LYS K 424 29.03 42.33 -56.83
CA LYS K 424 28.77 43.77 -56.71
C LYS K 424 29.89 44.56 -57.37
N SER K 425 30.77 43.86 -58.08
CA SER K 425 31.86 44.51 -58.78
C SER K 425 31.69 44.38 -60.29
N LEU K 426 31.12 43.25 -60.72
CA LEU K 426 30.91 43.03 -62.15
C LEU K 426 29.95 44.06 -62.74
N TRP K 427 28.78 44.21 -62.12
CA TRP K 427 27.75 45.05 -62.71
C TRP K 427 28.18 46.52 -62.72
N TYR K 428 28.82 46.97 -61.64
CA TYR K 428 29.39 48.31 -61.65
C TYR K 428 30.47 48.43 -62.72
N THR K 429 31.26 47.38 -62.91
CA THR K 429 32.26 47.39 -63.97
C THR K 429 31.60 47.36 -65.34
N LEU K 430 30.38 46.84 -65.42
CA LEU K 430 29.67 46.83 -66.69
C LEU K 430 28.93 48.14 -66.94
N HIS K 431 28.40 48.76 -65.87
CA HIS K 431 27.65 49.99 -66.07
C HIS K 431 28.52 51.10 -66.62
N PHE K 432 29.72 51.25 -66.08
CA PHE K 432 30.62 52.31 -66.53
C PHE K 432 31.04 52.09 -67.97
N MET K 433 31.20 50.83 -68.38
CA MET K 433 31.57 50.54 -69.76
C MET K 433 30.43 50.90 -70.71
N LYS K 434 29.19 50.60 -70.31
CA LYS K 434 28.06 50.79 -71.22
C LYS K 434 27.78 52.27 -71.47
N GLN K 435 27.86 53.11 -70.44
CA GLN K 435 27.54 54.52 -70.61
C GLN K 435 28.75 55.32 -71.07
N TYR K 436 29.43 54.80 -72.08
CA TYR K 436 30.44 55.54 -72.81
C TYR K 436 30.35 55.36 -74.32
N THR K 437 29.76 54.27 -74.82
CA THR K 437 29.41 54.15 -76.22
C THR K 437 28.11 54.88 -76.53
N GLU K 438 27.31 55.19 -75.52
CA GLU K 438 26.10 55.98 -75.69
C GLU K 438 26.38 57.47 -75.73
N ASP K 439 27.61 57.89 -75.45
CA ASP K 439 27.97 59.29 -75.50
C ASP K 439 29.12 59.51 -76.46
N SER K 450 33.29 51.86 -78.63
CA SER K 450 33.33 50.45 -78.96
C SER K 450 34.60 49.79 -78.43
N LEU K 451 35.66 50.58 -78.29
CA LEU K 451 36.94 50.09 -77.80
C LEU K 451 36.99 50.04 -76.27
N VAL K 452 35.96 50.55 -75.61
CA VAL K 452 35.91 50.49 -74.15
C VAL K 452 35.86 49.05 -73.67
N TYR K 453 35.29 48.15 -74.47
CA TYR K 453 35.16 46.75 -74.09
C TYR K 453 36.48 46.00 -74.09
N ALA K 454 37.55 46.59 -74.61
CA ALA K 454 38.82 45.89 -74.74
C ALA K 454 39.57 45.72 -73.42
N GLY K 455 39.17 46.41 -72.36
CA GLY K 455 39.91 46.36 -71.12
C GLY K 455 41.05 47.37 -71.08
N ILE K 456 41.48 47.69 -69.86
CA ILE K 456 42.45 48.77 -69.72
C ILE K 456 43.81 48.38 -70.25
N LYS K 457 44.10 47.07 -70.34
CA LYS K 457 45.40 46.64 -70.80
C LYS K 457 45.70 47.13 -72.22
N SER K 458 44.74 46.99 -73.12
CA SER K 458 44.95 47.49 -74.48
C SER K 458 44.91 49.01 -74.51
N ILE K 459 44.22 49.63 -73.55
CA ILE K 459 44.10 51.08 -73.54
C ILE K 459 45.42 51.73 -73.15
N VAL K 460 46.08 51.22 -72.11
CA VAL K 460 47.26 51.86 -71.55
C VAL K 460 48.55 51.22 -72.07
N LYS K 461 48.46 50.32 -73.04
CA LYS K 461 49.66 49.79 -73.69
C LYS K 461 50.11 50.68 -74.84
N SER K 462 49.24 50.89 -75.82
CA SER K 462 49.55 51.76 -76.96
C SER K 462 49.41 53.20 -76.51
N SER K 463 50.47 53.70 -75.88
CA SER K 463 50.48 55.07 -75.37
C SER K 463 51.88 55.67 -75.40
N ASN K 485 46.77 67.67 -67.14
CA ASN K 485 48.12 67.42 -67.64
C ASN K 485 48.35 65.93 -67.85
N LEU K 486 47.36 65.24 -68.41
CA LEU K 486 47.45 63.81 -68.64
C LEU K 486 46.99 63.52 -70.07
N ASN K 487 47.46 62.40 -70.60
CA ASN K 487 47.07 61.97 -71.94
C ASN K 487 45.65 61.43 -71.93
N GLU K 488 45.12 61.09 -73.10
CA GLU K 488 43.77 60.54 -73.17
C GLU K 488 43.67 59.14 -72.59
N GLU K 489 44.74 58.34 -72.69
CA GLU K 489 44.69 56.95 -72.25
C GLU K 489 44.41 56.87 -70.75
N ARG K 490 45.11 57.68 -69.97
CA ARG K 490 44.99 57.59 -68.51
C ARG K 490 43.79 58.35 -67.96
N ILE K 491 43.12 59.17 -68.78
CA ILE K 491 41.86 59.77 -68.36
C ILE K 491 40.73 59.02 -69.05
N LEU K 492 41.04 57.80 -69.49
CA LEU K 492 40.00 56.86 -69.87
C LEU K 492 39.93 55.78 -68.80
N ALA K 493 41.09 55.42 -68.25
CA ALA K 493 41.12 54.46 -67.16
C ALA K 493 40.40 54.99 -65.92
N LEU K 494 40.58 56.27 -65.60
CA LEU K 494 39.90 56.83 -64.45
C LEU K 494 38.39 56.85 -64.67
N GLN K 495 37.95 57.00 -65.93
CA GLN K 495 36.53 57.00 -66.21
C GLN K 495 35.91 55.67 -65.85
N LEU K 496 36.59 54.57 -66.18
CA LEU K 496 36.04 53.24 -65.93
C LEU K 496 35.95 52.96 -64.44
N CYS K 497 36.98 53.35 -63.68
CA CYS K 497 37.05 52.96 -62.27
C CYS K 497 35.99 53.68 -61.46
N GLY K 498 35.80 54.98 -61.70
CA GLY K 498 34.80 55.74 -60.99
C GLY K 498 35.31 57.07 -60.48
N TRP K 499 36.60 57.33 -60.67
CA TRP K 499 37.22 58.57 -60.19
C TRP K 499 36.57 59.78 -60.82
N ILE K 500 36.37 59.76 -62.13
CA ILE K 500 35.93 60.95 -62.86
C ILE K 500 34.56 60.69 -63.49
N LYS K 501 34.03 61.69 -64.18
CA LYS K 501 32.71 61.61 -64.78
C LYS K 501 32.84 61.85 -66.27
N LYS K 502 31.69 61.97 -66.95
CA LYS K 502 31.65 62.12 -68.40
C LYS K 502 32.07 63.54 -68.76
N GLY K 503 33.18 63.65 -69.48
CA GLY K 503 33.70 64.94 -69.89
C GLY K 503 35.11 65.17 -69.41
N THR K 504 35.36 66.30 -68.76
CA THR K 504 36.67 66.53 -68.15
C THR K 504 36.55 66.48 -66.63
N ASP K 505 35.74 67.38 -66.06
CA ASP K 505 35.41 67.40 -64.64
C ASP K 505 36.63 67.06 -63.77
N VAL K 506 37.70 67.84 -63.91
CA VAL K 506 39.02 67.52 -63.35
C VAL K 506 38.92 67.19 -61.87
N ASP K 507 38.05 67.90 -61.14
CA ASP K 507 37.88 67.63 -59.72
C ASP K 507 37.27 66.25 -59.51
N VAL K 508 37.84 65.49 -58.57
CA VAL K 508 37.33 64.17 -58.24
C VAL K 508 36.21 64.31 -57.21
N GLY K 509 35.79 65.55 -56.99
CA GLY K 509 34.72 65.85 -56.07
C GLY K 509 33.42 65.08 -56.32
N PRO K 510 32.89 65.11 -57.55
CA PRO K 510 31.55 64.51 -57.76
C PRO K 510 31.50 63.02 -57.45
N PHE K 511 32.63 62.33 -57.46
CA PHE K 511 32.71 60.97 -56.95
C PHE K 511 33.02 60.94 -55.46
N LEU K 512 33.63 62.00 -54.93
CA LEU K 512 33.88 62.08 -53.49
C LEU K 512 32.58 62.22 -52.70
N ASN K 513 31.82 63.28 -52.99
CA ASN K 513 30.64 63.57 -52.18
C ASN K 513 29.55 62.53 -52.35
N SER K 514 29.67 61.65 -53.34
CA SER K 514 28.75 60.55 -53.51
C SER K 514 29.02 59.41 -52.53
N LEU K 515 30.09 59.54 -51.74
CA LEU K 515 30.41 58.53 -50.74
C LEU K 515 30.23 58.98 -49.31
N VAL K 516 30.28 60.28 -49.01
CA VAL K 516 30.00 60.74 -47.66
C VAL K 516 28.54 60.47 -47.31
N GLN K 517 27.64 60.69 -48.27
CA GLN K 517 26.24 60.38 -48.06
C GLN K 517 26.04 58.88 -47.83
N GLU K 518 26.75 58.05 -48.58
CA GLU K 518 26.64 56.61 -48.45
C GLU K 518 27.19 56.13 -47.10
N GLY K 519 28.10 56.89 -46.51
CA GLY K 519 28.72 56.49 -45.26
C GLY K 519 29.84 55.49 -45.44
N GLU K 520 30.87 55.89 -46.17
CA GLU K 520 32.05 55.08 -46.40
C GLU K 520 33.30 55.89 -46.10
N TRP K 521 33.33 56.49 -44.91
CA TRP K 521 34.26 57.58 -44.59
C TRP K 521 35.72 57.21 -44.79
N GLU K 522 36.13 56.03 -44.31
CA GLU K 522 37.53 55.64 -44.45
C GLU K 522 37.97 55.66 -45.91
N ARG K 523 37.04 55.43 -46.86
CA ARG K 523 37.36 55.71 -48.25
C ARG K 523 37.51 57.21 -48.51
N ALA K 524 36.60 58.02 -47.98
CA ALA K 524 36.53 59.42 -48.37
C ALA K 524 37.88 60.12 -48.17
N ALA K 525 38.57 59.81 -47.08
CA ALA K 525 39.89 60.39 -46.88
C ALA K 525 40.87 59.84 -47.92
N ALA K 526 40.86 58.52 -48.11
CA ALA K 526 41.88 57.89 -48.94
C ALA K 526 41.81 58.38 -50.38
N VAL K 527 40.62 58.44 -50.97
CA VAL K 527 40.53 58.89 -52.35
C VAL K 527 40.86 60.37 -52.44
N ALA K 528 40.57 61.13 -51.38
CA ALA K 528 40.92 62.54 -51.36
C ALA K 528 42.41 62.76 -51.14
N LEU K 529 43.09 61.86 -50.44
CA LEU K 529 44.49 62.08 -50.10
C LEU K 529 45.42 61.91 -51.29
N PHE K 530 45.09 61.02 -52.23
CA PHE K 530 46.02 60.72 -53.32
C PHE K 530 46.20 61.91 -54.23
N ASN K 531 45.31 62.89 -54.15
CA ASN K 531 45.47 64.09 -54.96
C ASN K 531 45.98 65.26 -54.13
N LEU K 532 46.76 64.96 -53.09
CA LEU K 532 47.41 65.98 -52.27
C LEU K 532 46.42 66.94 -51.61
N ASP K 533 45.61 66.44 -50.67
CA ASP K 533 44.56 67.24 -50.06
C ASP K 533 44.59 67.17 -48.53
N ILE K 534 45.75 67.42 -47.93
CA ILE K 534 45.93 67.43 -46.48
C ILE K 534 44.94 68.40 -45.83
N ARG K 535 44.47 69.38 -46.59
CA ARG K 535 43.44 70.29 -46.13
C ARG K 535 42.04 69.75 -46.36
N ARG K 536 41.89 68.65 -47.08
CA ARG K 536 40.61 67.98 -47.20
C ARG K 536 40.53 66.67 -46.43
N ALA K 537 41.64 66.02 -46.14
CA ALA K 537 41.62 64.86 -45.27
C ALA K 537 41.15 65.20 -43.86
N ILE K 538 41.61 66.33 -43.32
CA ILE K 538 41.12 66.81 -42.04
C ILE K 538 39.64 67.12 -42.18
N GLN K 539 39.27 67.80 -43.26
CA GLN K 539 37.90 68.25 -43.43
C GLN K 539 36.92 67.11 -43.53
N ILE K 540 37.33 65.96 -44.03
CA ILE K 540 36.44 64.81 -44.17
C ILE K 540 36.44 63.96 -42.90
N LEU K 541 37.63 63.67 -42.36
CA LEU K 541 37.71 62.86 -41.16
C LEU K 541 37.04 63.55 -39.97
N ASN K 542 37.26 64.85 -39.81
CA ASN K 542 36.60 65.58 -38.74
C ASN K 542 35.09 65.60 -38.89
N GLU K 543 34.58 65.83 -40.09
CA GLU K 543 33.15 65.83 -40.36
C GLU K 543 32.58 64.43 -40.46
N GLY K 544 33.44 63.41 -40.49
CA GLY K 544 32.98 62.04 -40.51
C GLY K 544 33.08 61.41 -39.15
N ALA K 545 33.14 62.26 -38.13
CA ALA K 545 33.31 61.79 -36.76
C ALA K 545 32.28 62.36 -35.79
N SER K 546 31.65 63.48 -36.10
CA SER K 546 30.69 64.08 -35.17
C SER K 546 29.50 63.17 -34.94
N SER K 547 29.05 62.48 -35.98
CA SER K 547 27.82 61.70 -35.92
C SER K 547 27.87 60.64 -34.83
N GLU K 548 28.76 59.67 -34.97
CA GLU K 548 28.85 58.58 -34.00
C GLU K 548 30.11 57.74 -34.24
N LEU K 552 37.12 58.37 -31.87
CA LEU K 552 37.90 57.17 -32.07
C LEU K 552 39.26 57.70 -32.49
N ASN K 553 40.12 56.86 -33.07
CA ASN K 553 41.42 57.31 -33.53
C ASN K 553 41.33 58.35 -34.64
N LEU K 554 40.18 58.45 -35.30
CA LEU K 554 39.96 59.36 -36.41
C LEU K 554 40.27 60.81 -36.09
N ASN K 555 39.96 61.25 -34.86
CA ASN K 555 40.15 62.65 -34.52
C ASN K 555 41.62 62.82 -34.17
N VAL K 556 42.24 61.74 -33.70
CA VAL K 556 43.61 61.83 -33.22
C VAL K 556 44.55 61.47 -34.36
N VAL K 557 44.03 60.73 -35.34
CA VAL K 557 44.77 60.52 -36.57
C VAL K 557 45.05 61.84 -37.25
N ALA K 558 44.07 62.75 -37.24
CA ALA K 558 44.16 64.03 -37.93
C ALA K 558 45.40 64.81 -37.52
N MET K 559 45.67 64.89 -36.22
CA MET K 559 46.84 65.63 -35.75
C MET K 559 48.11 65.03 -36.36
N ALA K 560 48.21 63.70 -36.29
CA ALA K 560 49.30 62.99 -36.96
C ALA K 560 49.29 63.22 -38.46
N LEU K 561 48.13 63.17 -39.09
CA LEU K 561 48.04 63.52 -40.51
C LEU K 561 48.29 64.99 -40.74
N SER K 562 48.03 65.85 -39.77
CA SER K 562 48.34 67.27 -39.92
C SER K 562 49.85 67.46 -40.01
N GLY K 563 50.58 66.87 -39.07
CA GLY K 563 52.03 66.96 -39.09
C GLY K 563 52.67 65.98 -40.05
N TYR K 564 53.35 66.49 -41.08
CA TYR K 564 54.04 65.65 -42.07
C TYR K 564 55.23 66.46 -42.57
N THR K 565 56.43 65.93 -42.33
CA THR K 565 57.65 66.71 -42.54
C THR K 565 58.45 66.25 -43.74
N ASP K 566 58.47 64.95 -44.05
CA ASP K 566 59.24 64.39 -45.15
C ASP K 566 60.74 64.71 -45.02
N GLU K 567 61.26 64.64 -43.80
CA GLU K 567 62.66 64.89 -43.54
C GLU K 567 63.48 63.63 -43.80
N LYS K 568 64.74 63.63 -43.36
CA LYS K 568 65.60 62.47 -43.53
C LYS K 568 65.40 61.43 -42.43
N ASN K 569 65.44 61.86 -41.17
CA ASN K 569 65.31 60.92 -40.05
C ASN K 569 64.43 61.49 -38.94
N SER K 570 63.40 62.24 -39.31
CA SER K 570 62.59 62.95 -38.33
C SER K 570 61.87 62.00 -37.39
N LEU K 571 61.44 62.53 -36.25
CA LEU K 571 60.71 61.73 -35.28
C LEU K 571 59.35 61.27 -35.81
N TRP K 572 58.66 62.10 -36.58
CA TRP K 572 57.39 61.67 -37.14
C TRP K 572 57.58 60.52 -38.11
N ARG K 573 58.67 60.53 -38.87
CA ARG K 573 58.90 59.48 -39.87
C ARG K 573 59.12 58.13 -39.21
N GLU K 574 60.04 58.06 -38.24
CA GLU K 574 60.35 56.78 -37.62
C GLU K 574 59.16 56.22 -36.85
N MET K 575 58.42 57.08 -36.15
CA MET K 575 57.31 56.60 -35.33
C MET K 575 56.18 56.05 -36.19
N CYS K 576 55.74 56.82 -37.19
CA CYS K 576 54.56 56.43 -37.94
C CYS K 576 54.82 55.19 -38.78
N SER K 577 56.09 54.91 -39.08
CA SER K 577 56.41 53.71 -39.85
C SER K 577 56.07 52.44 -39.08
N THR K 578 56.48 52.36 -37.82
CA THR K 578 56.20 51.16 -37.04
C THR K 578 54.74 51.10 -36.61
N LEU K 579 54.18 52.23 -36.16
CA LEU K 579 52.83 52.24 -35.61
C LEU K 579 51.74 52.17 -36.69
N ARG K 580 52.13 51.96 -37.94
CA ARG K 580 51.12 51.74 -38.98
C ARG K 580 50.45 50.39 -38.81
N LEU K 581 51.18 49.39 -38.30
CA LEU K 581 50.71 48.01 -38.32
C LEU K 581 49.64 47.73 -37.27
N GLN K 582 49.50 48.57 -36.25
CA GLN K 582 48.57 48.29 -35.17
C GLN K 582 47.14 48.75 -35.47
N LEU K 583 46.93 49.55 -36.50
CA LEU K 583 45.61 50.07 -36.82
C LEU K 583 44.74 48.98 -37.44
N ASN K 584 43.43 49.21 -37.42
CA ASN K 584 42.48 48.18 -37.84
C ASN K 584 42.06 48.33 -39.30
N ASN K 585 41.45 49.45 -39.66
CA ASN K 585 40.96 49.63 -41.02
C ASN K 585 42.12 49.67 -42.00
N PRO K 586 42.03 48.99 -43.14
CA PRO K 586 43.21 48.85 -44.01
C PRO K 586 43.47 50.11 -44.82
N TYR K 587 42.41 50.84 -45.12
CA TYR K 587 42.53 52.06 -45.91
C TYR K 587 43.40 53.09 -45.22
N LEU K 588 43.50 53.06 -43.90
CA LEU K 588 44.43 53.90 -43.17
C LEU K 588 45.87 53.40 -43.25
N CYS K 589 46.06 52.08 -43.40
CA CYS K 589 47.41 51.56 -43.55
C CYS K 589 48.06 52.08 -44.83
N VAL K 590 47.29 52.18 -45.91
CA VAL K 590 47.81 52.73 -47.14
C VAL K 590 48.09 54.21 -46.99
N MET K 591 47.25 54.92 -46.24
CA MET K 591 47.39 56.36 -46.10
C MET K 591 48.75 56.72 -45.55
N PHE K 592 49.17 56.07 -44.47
CA PHE K 592 50.48 56.33 -43.90
C PHE K 592 51.58 55.86 -44.83
N ALA K 593 51.43 54.67 -45.42
CA ALA K 593 52.51 54.09 -46.21
C ALA K 593 52.84 54.95 -47.41
N PHE K 594 51.84 55.49 -48.09
CA PHE K 594 52.11 56.39 -49.20
C PHE K 594 52.90 57.61 -48.73
N LEU K 595 52.57 58.14 -47.56
CA LEU K 595 53.33 59.24 -47.00
C LEU K 595 54.75 58.84 -46.68
N THR K 596 54.96 57.56 -46.34
CA THR K 596 56.28 57.06 -45.98
C THR K 596 57.02 56.44 -47.16
N SER K 597 56.45 56.46 -48.35
CA SER K 597 57.12 55.91 -49.53
C SER K 597 58.39 56.70 -49.82
N GLU K 598 59.47 55.99 -50.14
CA GLU K 598 60.79 56.61 -50.27
C GLU K 598 61.04 57.09 -51.70
N THR K 599 60.21 58.03 -52.13
CA THR K 599 60.33 58.67 -53.44
C THR K 599 60.41 57.64 -54.56
N GLY K 600 59.34 56.86 -54.69
CA GLY K 600 59.27 55.77 -55.64
C GLY K 600 59.22 54.39 -55.02
N SER K 601 59.38 54.27 -53.70
CA SER K 601 59.27 52.97 -53.02
C SER K 601 57.79 52.63 -52.78
N TYR K 602 57.04 52.61 -53.88
CA TYR K 602 55.61 52.32 -53.84
C TYR K 602 55.42 50.80 -53.90
N ASP K 603 55.59 50.18 -52.74
CA ASP K 603 55.51 48.72 -52.67
C ASP K 603 54.50 48.21 -51.66
N GLY K 604 54.00 49.05 -50.76
CA GLY K 604 53.08 48.58 -49.75
C GLY K 604 51.63 48.82 -50.14
N VAL K 605 51.39 49.97 -50.76
CA VAL K 605 50.03 50.33 -51.13
C VAL K 605 49.60 49.57 -52.39
N LEU K 606 50.52 49.39 -53.35
CA LEU K 606 50.17 48.75 -54.60
C LEU K 606 49.98 47.24 -54.49
N TYR K 607 50.40 46.61 -53.39
CA TYR K 607 50.28 45.17 -53.25
C TYR K 607 49.56 44.78 -51.95
N GLU K 608 48.66 45.62 -51.47
CA GLU K 608 47.82 45.28 -50.32
C GLU K 608 46.49 44.75 -50.84
N ASN K 609 46.28 43.44 -50.69
CA ASN K 609 45.12 42.79 -51.30
C ASN K 609 43.79 43.15 -50.66
N LYS K 610 43.79 43.80 -49.49
CA LYS K 610 42.55 44.08 -48.80
C LYS K 610 41.82 45.30 -49.35
N VAL K 611 42.40 46.01 -50.31
CA VAL K 611 41.77 47.15 -50.95
C VAL K 611 41.24 46.71 -52.31
N ALA K 612 40.08 47.25 -52.70
CA ALA K 612 39.46 46.88 -53.96
C ALA K 612 40.37 47.23 -55.12
N VAL K 613 40.31 46.40 -56.17
CA VAL K 613 41.22 46.52 -57.30
C VAL K 613 41.00 47.82 -58.06
N ARG K 614 39.78 48.35 -58.04
CA ARG K 614 39.49 49.59 -58.76
C ARG K 614 40.35 50.73 -58.25
N ASP K 615 40.39 50.92 -56.92
CA ASP K 615 41.16 52.03 -56.36
C ASP K 615 42.65 51.83 -56.60
N ARG K 616 43.13 50.59 -56.52
CA ARG K 616 44.53 50.35 -56.82
C ARG K 616 44.88 50.69 -58.26
N VAL K 617 44.05 50.26 -59.20
CA VAL K 617 44.34 50.51 -60.61
C VAL K 617 44.35 52.00 -60.91
N ALA K 618 43.40 52.73 -60.33
CA ALA K 618 43.36 54.17 -60.54
C ALA K 618 44.61 54.84 -59.98
N PHE K 619 45.05 54.39 -58.80
CA PHE K 619 46.26 54.92 -58.21
C PHE K 619 47.44 54.75 -59.16
N ALA K 620 47.68 53.52 -59.62
CA ALA K 620 48.87 53.25 -60.41
C ALA K 620 48.86 54.03 -61.72
N CYS K 621 47.68 54.52 -62.11
CA CYS K 621 47.60 55.36 -63.29
C CYS K 621 48.20 56.73 -63.03
N LYS K 622 47.99 57.28 -61.84
CA LYS K 622 48.31 58.69 -61.60
C LYS K 622 49.81 58.91 -61.42
N PHE K 623 50.53 57.98 -60.80
CA PHE K 623 51.89 58.23 -60.39
C PHE K 623 52.92 57.35 -61.07
N LEU K 624 52.64 56.06 -61.26
CA LEU K 624 53.61 55.18 -61.89
C LEU K 624 53.90 55.63 -63.32
N SER K 625 55.16 55.52 -63.73
CA SER K 625 55.59 55.99 -65.04
C SER K 625 55.26 54.96 -66.11
N ASP K 626 55.63 55.30 -67.36
CA ASP K 626 55.29 54.43 -68.49
C ASP K 626 55.93 53.06 -68.36
N THR K 627 57.21 53.01 -67.98
CA THR K 627 57.88 51.73 -67.80
C THR K 627 57.30 50.95 -66.64
N GLN K 628 56.94 51.63 -65.55
CA GLN K 628 56.40 50.95 -64.37
C GLN K 628 54.95 50.53 -64.56
N LEU K 629 54.16 51.30 -65.33
CA LEU K 629 52.73 50.99 -65.45
C LEU K 629 52.50 49.68 -66.17
N ASN K 630 53.13 49.50 -67.33
CA ASN K 630 52.90 48.29 -68.11
C ASN K 630 53.29 47.04 -67.32
N ARG K 631 54.37 47.13 -66.55
CA ARG K 631 54.81 45.98 -65.77
C ARG K 631 53.79 45.62 -64.69
N TYR K 632 53.20 46.62 -64.04
CA TYR K 632 52.27 46.34 -62.95
C TYR K 632 50.95 45.81 -63.48
N ILE K 633 50.41 46.44 -64.53
CA ILE K 633 49.11 46.04 -65.04
C ILE K 633 49.19 44.65 -65.66
N GLU K 634 50.36 44.25 -66.16
CA GLU K 634 50.52 42.91 -66.71
C GLU K 634 50.56 41.87 -65.61
N LYS K 635 51.22 42.18 -64.51
CA LYS K 635 51.38 41.20 -63.44
C LYS K 635 50.10 41.01 -62.64
N LEU K 636 49.23 42.02 -62.62
CA LEU K 636 48.05 41.94 -61.78
C LEU K 636 47.02 40.97 -62.34
N THR K 637 46.80 41.02 -63.65
CA THR K 637 45.79 40.15 -64.26
C THR K 637 46.21 38.69 -64.33
N ASN K 638 47.51 38.40 -64.42
CA ASN K 638 47.99 37.03 -64.33
C ASN K 638 47.78 36.44 -62.95
N GLU K 639 47.89 37.24 -61.89
CA GLU K 639 47.41 36.83 -60.58
C GLU K 639 45.91 36.94 -60.47
N MET K 640 45.25 37.57 -61.44
CA MET K 640 43.80 37.67 -61.49
C MET K 640 43.17 36.57 -62.33
N LYS K 641 43.91 36.08 -63.32
CA LYS K 641 43.38 35.11 -64.28
C LYS K 641 43.18 33.75 -63.63
N GLU K 642 44.24 33.14 -63.13
CA GLU K 642 44.16 31.81 -62.55
C GLU K 642 43.76 31.85 -61.08
N ALA K 643 42.73 32.63 -60.75
CA ALA K 643 42.18 32.63 -59.41
C ALA K 643 40.66 32.65 -59.50
N GLY K 644 40.14 32.75 -60.72
CA GLY K 644 38.72 32.82 -60.93
C GLY K 644 38.12 34.04 -60.28
N ASN K 645 38.73 35.20 -60.48
CA ASN K 645 38.24 36.42 -59.85
C ASN K 645 37.60 37.34 -60.89
N LEU K 646 36.33 37.64 -60.68
CA LEU K 646 35.55 38.41 -61.63
C LEU K 646 35.94 39.88 -61.67
N GLU K 647 36.66 40.37 -60.68
CA GLU K 647 37.07 41.76 -60.66
C GLU K 647 38.12 42.06 -61.71
N GLY K 648 38.69 41.03 -62.34
CA GLY K 648 39.63 41.26 -63.41
C GLY K 648 38.99 41.57 -64.74
N ILE K 649 37.66 41.48 -64.83
CA ILE K 649 36.98 41.84 -66.07
C ILE K 649 37.24 43.30 -66.39
N LEU K 650 37.52 44.10 -65.37
CA LEU K 650 37.86 45.50 -65.58
C LEU K 650 39.14 45.63 -66.37
N LEU K 651 40.05 44.65 -66.25
CA LEU K 651 41.34 44.70 -66.93
C LEU K 651 41.35 43.82 -68.18
N THR K 652 41.02 42.54 -68.03
CA THR K 652 41.08 41.63 -69.18
C THR K 652 40.08 41.99 -70.25
N GLY K 653 38.87 42.35 -69.86
CA GLY K 653 37.84 42.71 -70.82
C GLY K 653 37.09 41.49 -71.35
N LEU K 654 36.16 41.76 -72.27
CA LEU K 654 35.32 40.74 -72.87
C LEU K 654 35.97 40.10 -74.08
N THR K 655 37.30 40.11 -74.15
CA THR K 655 38.02 39.54 -75.27
C THR K 655 38.33 38.07 -74.97
N LYS K 656 39.22 37.47 -75.76
CA LYS K 656 39.55 36.06 -75.59
C LYS K 656 40.08 35.78 -74.18
N ASP K 657 41.01 36.60 -73.70
CA ASP K 657 41.55 36.39 -72.36
C ASP K 657 40.47 36.48 -71.30
N GLY K 658 39.42 37.25 -71.57
CA GLY K 658 38.32 37.34 -70.62
C GLY K 658 37.56 36.04 -70.48
N VAL K 659 37.39 35.31 -71.59
CA VAL K 659 36.72 34.02 -71.52
C VAL K 659 37.54 33.02 -70.71
N ASP K 660 38.85 32.98 -70.94
CA ASP K 660 39.71 32.04 -70.22
C ASP K 660 39.70 32.31 -68.73
N LEU K 661 39.70 33.59 -68.34
CA LEU K 661 39.53 33.91 -66.93
C LEU K 661 38.17 33.45 -66.44
N MET K 662 37.13 33.61 -67.28
CA MET K 662 35.82 33.16 -66.89
C MET K 662 35.77 31.65 -66.77
N GLU K 663 36.55 30.94 -67.58
CA GLU K 663 36.62 29.50 -67.45
C GLU K 663 36.98 29.10 -66.02
N SER K 664 37.88 29.85 -65.39
CA SER K 664 38.25 29.54 -64.02
C SER K 664 37.09 29.81 -63.08
N TYR K 665 36.18 30.71 -63.44
CA TYR K 665 35.05 30.99 -62.57
C TYR K 665 34.13 29.79 -62.45
N VAL K 666 33.72 29.23 -63.59
CA VAL K 666 32.81 28.09 -63.55
C VAL K 666 33.53 26.86 -63.00
N ASP K 667 34.84 26.76 -63.24
CA ASP K 667 35.59 25.62 -62.74
C ASP K 667 35.53 25.52 -61.22
N ARG K 668 35.62 26.64 -60.52
CA ARG K 668 35.72 26.58 -59.06
C ARG K 668 34.37 26.63 -58.36
N THR K 669 33.31 27.09 -59.02
CA THR K 669 32.00 27.09 -58.40
C THR K 669 30.86 26.65 -59.31
N GLY K 670 31.07 26.60 -60.62
CA GLY K 670 30.01 26.12 -61.51
C GLY K 670 28.81 27.04 -61.61
N ASP K 671 29.02 28.34 -61.58
CA ASP K 671 27.97 29.33 -61.78
C ASP K 671 27.94 29.62 -63.28
N VAL K 672 26.95 29.06 -63.97
CA VAL K 672 26.82 29.28 -65.40
C VAL K 672 25.80 30.36 -65.72
N GLN K 673 25.00 30.79 -64.75
CA GLN K 673 24.12 31.92 -64.97
C GLN K 673 24.90 33.18 -65.30
N THR K 674 25.69 33.66 -64.34
CA THR K 674 26.39 34.92 -64.52
C THR K 674 27.40 34.87 -65.65
N ALA K 675 27.98 33.70 -65.91
CA ALA K 675 28.92 33.58 -67.02
C ALA K 675 28.19 33.67 -68.35
N SER K 676 26.87 33.53 -68.34
CA SER K 676 26.10 33.60 -69.58
C SER K 676 25.62 35.03 -69.85
N TYR K 677 24.90 35.62 -68.90
CA TYR K 677 24.40 36.98 -69.07
C TYR K 677 25.53 37.95 -69.36
N CYS K 678 26.61 37.86 -68.57
CA CYS K 678 27.69 38.83 -68.71
C CYS K 678 28.35 38.74 -70.08
N MET K 679 28.42 37.53 -70.65
CA MET K 679 29.06 37.41 -71.95
C MET K 679 28.17 37.89 -73.08
N LEU K 680 26.87 38.04 -72.84
CA LEU K 680 25.96 38.54 -73.86
C LEU K 680 26.04 40.05 -74.03
N GLN K 681 26.58 40.77 -73.05
CA GLN K 681 26.60 42.23 -73.10
C GLN K 681 27.58 42.69 -74.18
N GLY K 682 27.04 43.08 -75.32
CA GLY K 682 27.80 43.70 -76.40
C GLY K 682 29.13 43.05 -76.73
N SER K 683 29.20 41.75 -76.57
CA SER K 683 30.48 41.19 -77.00
C SER K 683 30.54 41.13 -78.52
N PRO K 684 31.70 41.44 -79.10
CA PRO K 684 31.85 41.33 -80.55
C PRO K 684 31.76 39.88 -81.02
N LEU K 685 31.45 39.73 -82.31
CA LEU K 685 31.22 38.42 -82.88
C LEU K 685 32.46 37.53 -82.77
N ASP K 686 33.62 38.15 -82.59
CA ASP K 686 34.85 37.40 -82.38
C ASP K 686 34.90 36.68 -81.04
N VAL K 687 34.00 37.02 -80.12
CA VAL K 687 33.96 36.36 -78.82
C VAL K 687 32.68 35.59 -78.58
N LEU K 688 31.63 35.79 -79.37
CA LEU K 688 30.39 35.05 -79.19
C LEU K 688 30.34 33.79 -80.03
N LYS K 689 31.35 33.53 -80.86
CA LYS K 689 31.41 32.34 -81.69
C LYS K 689 32.28 31.23 -81.09
N ASP K 690 32.72 31.40 -79.86
CA ASP K 690 33.57 30.40 -79.23
C ASP K 690 32.73 29.19 -78.79
N GLU K 691 33.39 28.03 -78.77
CA GLU K 691 32.71 26.81 -78.35
C GLU K 691 32.39 26.84 -76.86
N ARG K 692 33.31 27.38 -76.06
CA ARG K 692 33.11 27.35 -74.61
C ARG K 692 31.91 28.20 -74.19
N VAL K 693 31.79 29.40 -74.76
CA VAL K 693 30.74 30.31 -74.33
C VAL K 693 29.38 29.80 -74.78
N GLN K 694 29.28 29.33 -76.03
CA GLN K 694 28.01 28.81 -76.51
C GLN K 694 27.57 27.58 -75.74
N TYR K 695 28.52 26.73 -75.35
CA TYR K 695 28.16 25.59 -74.53
C TYR K 695 27.61 26.03 -73.17
N TRP K 696 28.12 27.12 -72.63
CA TRP K 696 27.62 27.61 -71.35
C TRP K 696 26.15 28.00 -71.45
N ILE K 697 25.77 28.69 -72.52
CA ILE K 697 24.39 29.09 -72.70
C ILE K 697 23.49 27.87 -72.85
N GLU K 698 23.96 26.88 -73.62
CA GLU K 698 23.16 25.69 -73.85
C GLU K 698 22.87 24.95 -72.55
N ASN K 699 23.86 24.86 -71.67
CA ASN K 699 23.66 24.14 -70.42
C ASN K 699 22.72 24.88 -69.49
N TYR K 700 22.71 26.21 -69.56
CA TYR K 700 21.83 26.97 -68.67
C TYR K 700 20.36 26.76 -69.04
N ARG K 701 20.05 26.83 -70.33
CA ARG K 701 18.69 26.58 -70.77
C ARG K 701 18.26 25.18 -70.37
N ASN K 702 19.10 24.19 -70.63
CA ASN K 702 18.75 22.80 -70.33
C ASN K 702 18.52 22.61 -68.83
N LEU K 703 19.18 23.41 -68.01
CA LEU K 703 18.91 23.37 -66.58
C LEU K 703 17.55 23.97 -66.29
N LEU K 704 17.18 25.04 -66.99
CA LEU K 704 15.95 25.75 -66.70
C LEU K 704 14.73 24.89 -67.01
N ASP K 705 14.82 24.03 -68.02
CA ASP K 705 13.70 23.16 -68.38
C ASP K 705 13.38 22.18 -67.26
N ALA K 706 14.40 21.52 -66.72
CA ALA K 706 14.17 20.51 -65.70
C ALA K 706 13.51 21.11 -64.47
N TRP K 707 13.65 22.42 -64.28
CA TRP K 707 12.98 23.10 -63.19
C TRP K 707 11.51 23.37 -63.47
N ARG K 708 11.03 23.07 -64.68
CA ARG K 708 9.65 23.37 -65.09
C ARG K 708 9.38 24.87 -65.11
N PHE K 709 10.41 25.68 -65.29
CA PHE K 709 10.25 27.13 -65.44
C PHE K 709 10.26 27.50 -66.92
N TRP K 710 9.27 26.97 -67.64
CA TRP K 710 9.25 27.12 -69.09
C TRP K 710 9.07 28.57 -69.49
N HIS K 711 8.23 29.31 -68.77
CA HIS K 711 7.99 30.72 -69.12
C HIS K 711 9.25 31.55 -69.00
N LYS K 712 10.03 31.32 -67.94
CA LYS K 712 11.23 32.13 -67.72
C LYS K 712 12.27 31.86 -68.79
N ARG K 713 12.42 30.61 -69.22
CA ARG K 713 13.40 30.29 -70.24
C ARG K 713 13.08 30.99 -71.56
N ALA K 714 11.80 31.00 -71.94
CA ALA K 714 11.41 31.70 -73.16
C ALA K 714 11.69 33.19 -73.03
N GLU K 715 11.43 33.77 -71.87
CA GLU K 715 11.78 35.17 -71.64
C GLU K 715 13.28 35.40 -71.83
N PHE K 716 14.09 34.40 -71.50
CA PHE K 716 15.51 34.48 -71.81
C PHE K 716 15.74 34.53 -73.30
N ASP K 717 15.01 33.71 -74.06
CA ASP K 717 15.29 33.60 -75.50
C ASP K 717 14.90 34.87 -76.24
N ILE K 718 13.98 35.65 -75.69
CA ILE K 718 13.73 36.98 -76.24
C ILE K 718 14.99 37.84 -76.11
N HIS K 719 15.61 37.78 -74.94
CA HIS K 719 16.78 38.61 -74.67
C HIS K 719 17.96 38.22 -75.56
N ARG K 720 18.20 36.92 -75.72
CA ARG K 720 19.37 36.44 -76.45
C ARG K 720 19.26 36.74 -77.93
N SER K 721 18.06 37.08 -78.40
CA SER K 721 17.85 37.31 -79.82
C SER K 721 18.16 38.71 -80.28
N LYS K 722 17.85 39.74 -79.50
CA LYS K 722 18.10 41.11 -79.93
C LYS K 722 19.60 41.34 -80.13
N LEU K 723 20.37 41.26 -79.05
CA LEU K 723 21.81 41.47 -79.18
C LEU K 723 22.55 40.14 -79.38
N ASP K 724 22.03 39.31 -80.26
CA ASP K 724 22.73 38.16 -80.84
C ASP K 724 21.88 37.70 -82.01
N PRO K 725 21.96 38.36 -83.16
CA PRO K 725 21.13 37.94 -84.30
C PRO K 725 21.64 36.65 -84.92
N SER K 726 22.84 36.22 -84.53
CA SER K 726 23.47 35.06 -85.17
C SER K 726 22.67 33.78 -84.92
N SER K 727 22.33 33.51 -83.66
CA SER K 727 21.62 32.29 -83.30
C SER K 727 20.13 32.56 -83.39
N LYS K 728 19.49 32.04 -84.44
CA LYS K 728 18.06 32.25 -84.64
C LYS K 728 17.36 30.93 -84.95
N PRO K 729 16.08 30.80 -84.62
CA PRO K 729 15.35 29.57 -84.96
C PRO K 729 14.83 29.59 -86.39
N LEU K 730 14.07 28.56 -86.77
CA LEU K 730 13.54 28.43 -88.12
C LEU K 730 12.09 27.99 -88.09
N ALA K 731 11.51 27.86 -89.29
CA ALA K 731 10.15 27.37 -89.41
C ALA K 731 10.09 25.87 -89.13
N GLN K 732 8.92 25.41 -88.67
CA GLN K 732 8.72 24.01 -88.35
C GLN K 732 7.44 23.41 -88.91
N VAL K 733 6.46 24.23 -89.28
CA VAL K 733 5.19 23.74 -89.83
C VAL K 733 4.96 24.41 -91.17
N PHE K 734 4.73 23.60 -92.20
CA PHE K 734 4.54 24.10 -93.55
C PHE K 734 3.24 23.55 -94.12
N VAL K 735 2.68 24.27 -95.08
CA VAL K 735 1.42 23.93 -95.72
C VAL K 735 1.74 23.27 -97.06
N SER K 736 1.22 22.06 -97.27
CA SER K 736 1.41 21.32 -98.51
C SER K 736 0.07 20.78 -98.96
N CYS K 737 -0.38 21.19 -100.14
CA CYS K 737 -1.63 20.69 -100.68
C CYS K 737 -1.48 19.25 -101.14
N ASN K 738 -2.41 18.39 -100.71
CA ASN K 738 -2.35 16.98 -101.06
C ASN K 738 -2.72 16.73 -102.51
N PHE K 739 -3.45 17.65 -103.15
CA PHE K 739 -3.81 17.47 -104.55
C PHE K 739 -2.65 17.86 -105.47
N CYS K 740 -2.19 19.09 -105.37
CA CYS K 740 -1.07 19.56 -106.17
C CYS K 740 0.24 19.45 -105.40
N CYS K 775 -5.18 25.89 -102.21
CA CYS K 775 -4.07 25.54 -103.10
C CYS K 775 -3.98 26.50 -104.27
N PRO K 776 -2.81 27.11 -104.47
CA PRO K 776 -2.64 27.99 -105.64
C PRO K 776 -2.84 27.27 -106.96
N GLY K 777 -2.47 26.00 -107.04
CA GLY K 777 -2.59 25.25 -108.27
C GLY K 777 -3.85 24.41 -108.35
N CYS K 778 -4.13 23.64 -107.29
CA CYS K 778 -5.29 22.77 -107.28
C CYS K 778 -6.59 23.49 -106.97
N ARG K 779 -6.52 24.74 -106.51
CA ARG K 779 -7.71 25.55 -106.21
C ARG K 779 -8.65 24.84 -105.23
N LYS K 780 -8.07 24.25 -104.19
CA LYS K 780 -8.84 23.57 -103.16
C LYS K 780 -8.77 24.34 -101.84
N PRO K 781 -9.89 24.45 -101.13
CA PRO K 781 -9.91 25.22 -99.88
C PRO K 781 -9.45 24.39 -98.69
N LEU K 782 -9.15 25.10 -97.60
CA LEU K 782 -8.65 24.47 -96.39
C LEU K 782 -9.76 23.71 -95.68
N PRO K 783 -9.41 22.83 -94.75
CA PRO K 783 -10.43 21.99 -94.10
C PRO K 783 -11.41 22.83 -93.28
N ARG K 784 -12.63 22.32 -93.17
CA ARG K 784 -13.69 22.94 -92.40
C ARG K 784 -13.64 22.49 -90.94
N CYS K 785 -14.14 23.34 -90.05
CA CYS K 785 -14.19 22.98 -88.64
C CYS K 785 -15.12 21.80 -88.42
N ALA K 786 -14.74 20.93 -87.49
CA ALA K 786 -15.49 19.72 -87.20
C ALA K 786 -16.77 19.98 -86.41
N LEU K 787 -16.97 21.20 -85.94
CA LEU K 787 -18.16 21.54 -85.17
C LEU K 787 -19.04 22.57 -85.86
N CYS K 788 -18.47 23.69 -86.31
CA CYS K 788 -19.24 24.75 -86.95
C CYS K 788 -19.27 24.66 -88.47
N LEU K 789 -18.44 23.81 -89.06
CA LEU K 789 -18.37 23.58 -90.50
C LEU K 789 -17.98 24.81 -91.30
N ILE K 790 -17.62 25.92 -90.64
CA ILE K 790 -17.17 27.11 -91.35
C ILE K 790 -15.73 26.91 -91.80
N ASN K 791 -15.42 27.44 -92.98
CA ASN K 791 -14.13 27.16 -93.60
C ASN K 791 -13.00 27.82 -92.83
N MET K 792 -11.83 27.18 -92.87
CA MET K 792 -10.64 27.68 -92.20
C MET K 792 -10.15 28.93 -92.92
N GLY K 793 -10.31 30.08 -92.30
CA GLY K 793 -9.90 31.32 -92.92
C GLY K 793 -10.96 32.39 -92.87
N THR K 794 -12.22 31.97 -92.80
CA THR K 794 -13.31 32.93 -92.70
C THR K 794 -13.24 33.64 -91.35
N PRO K 795 -13.20 34.97 -91.33
CA PRO K 795 -13.14 35.69 -90.05
C PRO K 795 -14.39 35.45 -89.23
N VAL K 796 -14.22 35.48 -87.91
CA VAL K 796 -15.30 35.24 -86.95
C VAL K 796 -15.92 33.87 -87.19
N LEU K 817 -6.51 38.70 -75.23
CA LEU K 817 -7.90 38.48 -74.85
C LEU K 817 -8.43 37.17 -75.44
N ALA K 818 -9.63 37.23 -76.00
CA ALA K 818 -10.29 36.05 -76.55
C ALA K 818 -9.94 35.82 -78.01
N GLN K 819 -8.99 36.58 -78.56
CA GLN K 819 -8.60 36.40 -79.95
C GLN K 819 -8.00 35.03 -80.21
N PHE K 820 -7.41 34.40 -79.19
CA PHE K 820 -6.85 33.07 -79.35
C PHE K 820 -7.90 32.02 -79.68
N ASN K 821 -9.17 32.29 -79.41
CA ASN K 821 -10.20 31.29 -79.63
C ASN K 821 -10.29 30.90 -81.10
N ASN K 822 -10.04 31.84 -82.00
CA ASN K 822 -10.04 31.53 -83.43
C ASN K 822 -8.61 31.30 -83.93
N TRP K 823 -7.93 30.34 -83.32
CA TRP K 823 -6.56 30.00 -83.70
C TRP K 823 -6.47 28.76 -84.56
N PHE K 824 -7.58 28.06 -84.77
CA PHE K 824 -7.63 26.86 -85.61
C PHE K 824 -6.68 25.76 -85.17
N THR K 825 -6.96 25.14 -84.03
CA THR K 825 -6.20 23.98 -83.58
C THR K 825 -6.22 22.88 -84.64
N TRP K 826 -5.35 21.89 -84.44
CA TRP K 826 -5.18 20.80 -85.40
C TRP K 826 -4.51 19.65 -84.68
N CYS K 827 -4.86 18.43 -85.10
CA CYS K 827 -4.35 17.20 -84.51
C CYS K 827 -3.54 16.46 -85.56
N HIS K 828 -2.24 16.31 -85.31
CA HIS K 828 -1.32 15.74 -86.29
C HIS K 828 -1.51 14.24 -86.48
N ASN K 829 -2.03 13.54 -85.48
CA ASN K 829 -2.23 12.10 -85.55
C ASN K 829 -3.49 11.72 -86.31
N CYS K 830 -4.60 12.38 -86.00
CA CYS K 830 -5.88 12.06 -86.62
C CYS K 830 -6.14 12.84 -87.90
N ARG K 831 -5.39 13.90 -88.15
CA ARG K 831 -5.57 14.78 -89.31
C ARG K 831 -6.96 15.41 -89.29
N HIS K 832 -7.50 15.59 -88.10
CA HIS K 832 -8.81 16.22 -87.91
C HIS K 832 -8.62 17.40 -86.96
N GLY K 833 -9.06 18.58 -87.38
CA GLY K 833 -8.98 19.74 -86.51
C GLY K 833 -9.83 20.87 -87.04
N GLY K 834 -10.23 21.73 -86.12
CA GLY K 834 -11.00 22.90 -86.48
C GLY K 834 -10.60 24.11 -85.68
N HIS K 835 -11.60 24.94 -85.36
CA HIS K 835 -11.38 26.14 -84.57
C HIS K 835 -10.93 25.76 -83.16
N ALA K 836 -10.60 26.76 -82.35
CA ALA K 836 -10.00 26.50 -81.05
C ALA K 836 -10.91 26.78 -79.87
N GLY K 837 -11.76 27.80 -79.96
CA GLY K 837 -12.74 28.01 -78.92
C GLY K 837 -13.74 26.89 -78.90
N HIS K 838 -14.15 26.47 -80.10
CA HIS K 838 -15.09 25.37 -80.31
C HIS K 838 -14.59 24.10 -79.64
N MET K 839 -13.43 23.61 -80.10
CA MET K 839 -12.97 22.27 -79.79
C MET K 839 -12.48 22.12 -78.35
N LEU K 840 -12.34 23.22 -77.63
CA LEU K 840 -12.02 23.12 -76.21
C LEU K 840 -13.24 22.89 -75.34
N SER K 841 -14.42 23.35 -75.77
CA SER K 841 -15.66 23.11 -75.05
C SER K 841 -16.06 21.64 -75.19
N TRP K 842 -15.84 21.09 -76.39
CA TRP K 842 -16.11 19.69 -76.65
C TRP K 842 -15.34 18.80 -75.71
N PHE K 843 -14.04 19.05 -75.59
CA PHE K 843 -13.09 18.14 -74.97
C PHE K 843 -13.08 18.24 -73.44
N ARG K 844 -13.92 19.11 -72.88
CA ARG K 844 -14.01 19.26 -71.43
C ARG K 844 -14.87 18.20 -70.77
N ASP K 845 -15.83 17.63 -71.50
CA ASP K 845 -16.70 16.60 -70.97
C ASP K 845 -16.62 15.28 -71.73
N HIS K 846 -15.87 15.23 -72.83
CA HIS K 846 -15.76 14.03 -73.65
C HIS K 846 -14.31 13.81 -74.05
N ALA K 847 -14.02 12.60 -74.51
CA ALA K 847 -12.66 12.15 -74.73
C ALA K 847 -12.54 11.41 -76.06
N GLU K 848 -13.18 11.92 -77.10
CA GLU K 848 -13.02 11.35 -78.43
C GLU K 848 -13.16 12.43 -79.48
N CYS K 849 -12.62 12.16 -80.65
CA CYS K 849 -12.63 13.16 -81.73
C CYS K 849 -14.07 13.43 -82.17
N PRO K 850 -14.44 14.68 -82.43
CA PRO K 850 -15.81 14.96 -82.87
C PRO K 850 -16.20 14.22 -84.13
N VAL K 851 -15.29 14.12 -85.09
CA VAL K 851 -15.62 13.52 -86.37
C VAL K 851 -15.94 12.05 -86.18
N SER K 852 -17.02 11.60 -86.83
CA SER K 852 -17.44 10.22 -86.69
C SER K 852 -16.41 9.28 -87.30
N ALA K 853 -16.47 8.01 -86.90
CA ALA K 853 -15.56 6.98 -87.37
C ALA K 853 -14.12 7.27 -87.00
N CYS K 854 -13.91 7.96 -85.88
CA CYS K 854 -12.57 8.22 -85.37
C CYS K 854 -12.56 7.93 -83.88
N THR K 855 -11.53 7.21 -83.42
CA THR K 855 -11.40 6.81 -82.03
C THR K 855 -10.19 7.46 -81.35
N CYS K 856 -9.65 8.53 -81.93
CA CYS K 856 -8.47 9.20 -81.40
C CYS K 856 -8.87 10.12 -80.26
N LYS K 857 -8.34 9.86 -79.07
CA LYS K 857 -8.51 10.76 -77.93
C LYS K 857 -7.39 11.79 -78.00
N CYS K 858 -7.66 12.90 -78.69
CA CYS K 858 -6.60 13.82 -79.06
C CYS K 858 -6.06 14.58 -77.85
N MET K 859 -6.93 14.96 -76.91
CA MET K 859 -6.45 15.72 -75.76
C MET K 859 -5.67 14.85 -74.79
N GLN K 860 -6.20 13.67 -74.45
CA GLN K 860 -5.57 12.82 -73.45
C GLN K 860 -4.37 12.05 -74.00
N LEU K 861 -4.10 12.14 -75.30
CA LEU K 861 -3.00 11.41 -75.89
C LEU K 861 -1.65 11.86 -75.34
N ASP K 862 -1.45 13.17 -75.18
CA ASP K 862 -0.15 13.67 -74.73
C ASP K 862 -0.01 13.61 -73.21
N THR K 863 -0.88 14.33 -72.50
CA THR K 863 -0.90 14.35 -71.04
C THR K 863 0.45 14.73 -70.45
N ASN L 533 -14.93 12.22 133.70
CA ASN L 533 -14.31 13.02 132.65
C ASN L 533 -14.89 12.66 131.28
N ILE L 534 -15.75 13.54 130.75
CA ILE L 534 -16.38 13.33 129.46
C ILE L 534 -16.79 14.67 128.87
N PRO L 535 -16.24 15.08 127.73
CA PRO L 535 -16.59 16.39 127.15
C PRO L 535 -18.03 16.47 126.71
N PHE L 536 -18.45 17.66 126.27
CA PHE L 536 -19.82 17.89 125.86
C PHE L 536 -19.99 17.50 124.41
N PRO L 537 -21.07 16.80 124.05
CA PRO L 537 -21.27 16.39 122.65
C PRO L 537 -21.26 17.54 121.67
N ARG L 538 -20.68 17.32 120.49
CA ARG L 538 -20.57 18.33 119.45
C ARG L 538 -21.65 18.14 118.40
N THR L 539 -21.95 19.21 117.66
CA THR L 539 -23.07 19.21 116.73
C THR L 539 -22.69 19.77 115.36
N SER L 540 -21.41 19.76 115.02
CA SER L 540 -20.96 20.17 113.70
C SER L 540 -19.58 19.60 113.45
N GLY L 541 -19.25 19.47 112.16
CA GLY L 541 -17.95 18.97 111.77
C GLY L 541 -17.69 19.08 110.28
N ALA L 542 -16.43 19.05 109.88
CA ALA L 542 -16.08 19.12 108.47
C ALA L 542 -14.78 18.36 108.24
N ARG L 543 -14.80 17.48 107.24
CA ARG L 543 -13.65 16.65 106.91
C ARG L 543 -13.40 16.70 105.41
N PHE L 544 -12.14 16.62 105.03
CA PHE L 544 -11.77 16.43 103.63
C PHE L 544 -11.71 14.95 103.33
N CYS L 545 -12.51 14.51 102.37
CA CYS L 545 -12.62 13.10 102.03
C CYS L 545 -12.36 12.89 100.55
N GLY L 546 -11.97 11.68 100.19
CA GLY L 546 -11.60 11.43 98.81
C GLY L 546 -10.37 12.23 98.47
N ALA L 547 -10.29 12.68 97.22
CA ALA L 547 -9.20 13.55 96.79
C ALA L 547 -9.66 14.95 96.44
N GLY L 548 -10.95 15.16 96.19
CA GLY L 548 -11.45 16.48 95.88
C GLY L 548 -12.80 16.82 96.47
N TYR L 549 -13.11 16.33 97.68
CA TYR L 549 -14.43 16.52 98.27
C TYR L 549 -14.33 17.14 99.65
N LEU L 550 -15.48 17.56 100.15
CA LEU L 550 -15.59 18.17 101.47
C LEU L 550 -16.97 17.86 102.03
N VAL L 551 -17.01 17.24 103.21
CA VAL L 551 -18.25 16.88 103.88
C VAL L 551 -18.38 17.72 105.13
N TYR L 552 -19.61 18.12 105.45
CA TYR L 552 -19.87 18.96 106.61
C TYR L 552 -21.33 18.81 107.02
N PHE L 553 -21.61 19.27 108.24
CA PHE L 553 -22.98 19.26 108.73
C PHE L 553 -23.12 20.32 109.82
N THR L 554 -24.35 20.79 110.01
CA THR L 554 -24.62 21.84 110.98
C THR L 554 -25.97 21.56 111.65
N ARG L 555 -26.13 22.09 112.85
CA ARG L 555 -27.35 21.90 113.63
C ARG L 555 -28.58 22.44 112.92
N GLY L 645 -30.76 16.77 111.32
CA GLY L 645 -30.10 17.59 110.33
C GLY L 645 -29.72 16.84 109.07
N LYS L 646 -29.33 17.58 108.04
CA LYS L 646 -28.93 17.02 106.76
C LYS L 646 -27.44 17.22 106.55
N VAL L 647 -26.87 16.41 105.66
CA VAL L 647 -25.44 16.44 105.36
C VAL L 647 -25.28 16.81 103.89
N ILE L 648 -24.45 17.80 103.62
CA ILE L 648 -24.15 18.22 102.27
C ILE L 648 -22.75 17.74 101.92
N ILE L 649 -22.48 17.62 100.62
CA ILE L 649 -21.20 17.15 100.13
C ILE L 649 -20.70 18.14 99.09
N GLN L 650 -19.51 18.69 99.31
CA GLN L 650 -18.94 19.68 98.42
C GLN L 650 -18.02 19.01 97.41
N ASP L 651 -17.84 19.66 96.27
CA ASP L 651 -16.96 19.20 95.21
C ASP L 651 -15.81 20.17 95.00
N ILE L 652 -15.21 20.64 96.09
CA ILE L 652 -14.27 21.74 96.03
C ILE L 652 -12.94 21.24 95.49
N ALA L 653 -12.78 21.28 94.17
CA ALA L 653 -11.58 20.82 93.49
C ALA L 653 -10.88 21.95 92.75
N CYS L 654 -11.37 23.18 92.86
CA CYS L 654 -10.75 24.33 92.24
C CYS L 654 -9.83 25.07 93.21
N LEU L 655 -9.61 24.49 94.40
CA LEU L 655 -8.75 25.09 95.40
C LEU L 655 -7.50 24.28 95.71
N LEU L 656 -7.25 23.20 94.97
CA LEU L 656 -6.08 22.35 95.14
C LEU L 656 -5.13 22.51 93.97
N PRO L 657 -3.83 22.27 94.18
CA PRO L 657 -2.85 22.42 93.10
C PRO L 657 -2.80 21.26 92.12
N VAL L 658 -3.55 20.20 92.33
CA VAL L 658 -3.56 19.03 91.44
C VAL L 658 -4.86 19.03 90.66
N HIS L 659 -4.78 18.62 89.40
CA HIS L 659 -5.94 18.57 88.51
C HIS L 659 -6.19 17.12 88.10
N LYS L 660 -7.46 16.71 88.14
CA LYS L 660 -7.79 15.33 87.85
C LYS L 660 -7.74 15.01 86.37
N SER L 661 -8.12 15.95 85.51
CA SER L 661 -8.07 15.72 84.07
C SER L 661 -6.66 15.52 83.56
N LEU L 662 -5.70 16.31 84.05
CA LEU L 662 -4.32 16.16 83.64
C LEU L 662 -3.77 14.78 84.00
N GLY L 663 -4.20 14.21 85.11
CA GLY L 663 -3.80 12.87 85.46
C GLY L 663 -4.38 11.79 84.57
N GLU L 664 -5.45 12.11 83.86
CA GLU L 664 -6.03 11.19 82.88
C GLU L 664 -5.48 11.42 81.49
N LEU L 665 -4.89 12.59 81.22
CA LEU L 665 -4.33 12.87 79.91
C LEU L 665 -2.82 12.73 79.83
N TYR L 666 -2.12 12.75 80.96
CA TYR L 666 -0.65 12.69 80.95
C TYR L 666 -0.16 11.31 80.54
N ILE L 667 0.99 11.26 79.87
CA ILE L 667 1.59 10.00 79.46
C ILE L 667 3.05 9.96 79.90
N LEU L 668 3.58 8.75 80.04
CA LEU L 668 5.00 8.52 80.26
C LEU L 668 5.41 7.40 79.32
N ASN L 669 6.53 7.59 78.61
CA ASN L 669 6.98 6.59 77.66
C ASN L 669 8.50 6.70 77.57
N VAL L 670 9.20 5.73 78.17
CA VAL L 670 10.64 5.79 78.30
C VAL L 670 11.36 5.71 76.96
N ASN L 671 10.76 5.06 75.96
CA ASN L 671 11.44 4.83 74.69
C ASN L 671 11.44 6.04 73.78
N ASP L 672 10.62 7.05 74.07
CA ASP L 672 10.62 8.27 73.26
C ASP L 672 10.25 9.48 74.12
N ILE L 673 11.26 10.16 74.65
CA ILE L 673 11.02 11.28 75.56
C ILE L 673 10.44 12.48 74.81
N GLN L 674 10.87 12.70 73.57
CA GLN L 674 10.46 13.87 72.81
C GLN L 674 8.95 13.92 72.65
N GLU L 675 8.33 12.78 72.33
CA GLU L 675 6.89 12.75 72.08
C GLU L 675 6.10 13.08 73.33
N THR L 676 6.55 12.57 74.49
CA THR L 676 5.81 12.80 75.73
C THR L 676 5.74 14.28 76.06
N CYS L 677 6.84 15.00 75.90
CA CYS L 677 6.87 16.41 76.25
C CYS L 677 5.90 17.20 75.39
N GLN L 678 5.91 16.96 74.07
CA GLN L 678 4.98 17.64 73.18
C GLN L 678 3.53 17.28 73.47
N LYS L 679 3.25 16.00 73.70
CA LYS L 679 1.87 15.59 73.98
C LYS L 679 1.35 16.24 75.26
N ASN L 680 2.18 16.25 76.30
CA ASN L 680 1.79 16.90 77.55
C ASN L 680 1.67 18.41 77.39
N ALA L 681 2.51 19.04 76.57
CA ALA L 681 2.36 20.47 76.31
C ALA L 681 1.03 20.76 75.63
N ALA L 682 0.64 19.91 74.68
CA ALA L 682 -0.66 20.06 74.04
C ALA L 682 -1.78 19.88 75.05
N SER L 683 -1.67 18.87 75.91
CA SER L 683 -2.69 18.61 76.91
C SER L 683 -2.80 19.73 77.94
N ALA L 684 -1.72 20.44 78.20
CA ALA L 684 -1.78 21.55 79.15
C ALA L 684 -2.59 22.72 78.61
N LEU L 685 -2.70 22.86 77.29
CA LEU L 685 -3.50 23.93 76.70
C LEU L 685 -4.99 23.66 76.80
N LEU L 686 -5.40 22.40 76.84
CA LEU L 686 -6.80 22.04 77.00
C LEU L 686 -7.35 22.40 78.36
N VAL L 687 -6.48 22.68 79.33
CA VAL L 687 -6.90 23.12 80.66
C VAL L 687 -6.65 24.61 80.86
N GLY L 688 -5.76 25.22 80.09
CA GLY L 688 -5.55 26.65 80.19
C GLY L 688 -4.56 27.07 81.24
N ARG L 689 -3.48 26.33 81.41
CA ARG L 689 -2.42 26.71 82.35
C ARG L 689 -1.23 27.22 81.55
N LYS L 690 -0.97 28.52 81.66
CA LYS L 690 0.13 29.16 80.95
C LYS L 690 1.48 28.63 81.40
N ASP L 691 1.62 28.36 82.69
CA ASP L 691 2.88 27.88 83.27
C ASP L 691 3.36 26.59 82.61
N LEU L 692 2.47 25.61 82.58
CA LEU L 692 2.86 24.26 82.19
C LEU L 692 3.29 24.21 80.73
N VAL L 693 2.68 25.03 79.88
CA VAL L 693 3.03 25.02 78.47
C VAL L 693 4.49 25.44 78.30
N GLN L 694 4.88 26.53 78.96
CA GLN L 694 6.25 27.00 78.89
C GLN L 694 7.22 25.99 79.50
N VAL L 695 6.84 25.39 80.64
CA VAL L 695 7.73 24.44 81.30
C VAL L 695 7.98 23.22 80.41
N TRP L 696 6.90 22.66 79.86
CA TRP L 696 7.04 21.51 78.97
C TRP L 696 7.73 21.86 77.67
N SER L 697 7.63 23.11 77.21
CA SER L 697 8.40 23.52 76.05
C SER L 697 9.89 23.49 76.37
N LEU L 698 10.28 24.08 77.51
CA LEU L 698 11.69 24.07 77.89
C LEU L 698 12.21 22.65 78.10
N ALA L 699 11.36 21.77 78.61
CA ALA L 699 11.79 20.40 78.86
C ALA L 699 12.21 19.69 77.58
N THR L 700 11.49 19.93 76.49
CA THR L 700 11.81 19.33 75.22
C THR L 700 13.24 19.65 74.80
N VAL L 701 13.60 20.93 74.82
CA VAL L 701 14.93 21.32 74.36
C VAL L 701 16.00 20.95 75.37
N ALA L 702 15.65 20.87 76.66
CA ALA L 702 16.64 20.51 77.66
C ALA L 702 16.88 19.01 77.74
N THR L 703 16.01 18.19 77.14
CA THR L 703 16.18 16.74 77.19
C THR L 703 16.39 16.15 75.81
N ASP L 704 17.00 16.92 74.89
CA ASP L 704 17.25 16.40 73.57
C ASP L 704 18.37 15.36 73.60
N LEU L 705 18.45 14.56 72.55
CA LEU L 705 19.42 13.48 72.45
C LEU L 705 20.76 13.95 71.90
N CYS L 706 20.88 15.22 71.54
CA CYS L 706 22.13 15.78 71.06
C CYS L 706 23.02 16.31 72.18
N LEU L 707 22.58 16.19 73.44
CA LEU L 707 23.32 16.70 74.58
C LEU L 707 23.76 15.57 75.51
N GLY L 708 24.09 14.42 74.94
CA GLY L 708 24.50 13.28 75.74
C GLY L 708 25.87 13.45 76.33
N PRO L 709 26.01 13.11 77.61
CA PRO L 709 27.33 13.15 78.26
C PRO L 709 28.29 12.17 77.61
N LYS L 710 29.57 12.52 77.64
CA LYS L 710 30.64 11.67 77.11
C LYS L 710 31.36 10.98 78.27
N SER L 711 32.37 10.19 77.93
CA SER L 711 33.08 9.39 78.91
C SER L 711 34.33 10.06 79.46
N ASP L 712 35.02 10.88 78.66
CA ASP L 712 36.26 11.44 79.18
C ASP L 712 36.04 12.86 79.68
N PRO L 713 36.47 13.16 80.90
CA PRO L 713 36.30 14.53 81.42
C PRO L 713 36.98 15.59 80.59
N ASP L 714 38.15 15.28 80.02
CA ASP L 714 38.93 16.26 79.26
C ASP L 714 38.57 16.21 77.78
N LEU L 715 37.27 16.29 77.50
CA LEU L 715 36.80 16.40 76.12
C LEU L 715 35.74 17.46 75.91
N GLU L 716 34.94 17.81 76.92
CA GLU L 716 33.89 18.81 76.79
C GLU L 716 33.38 19.14 78.18
N THR L 717 32.67 20.21 78.27
CA THR L 717 31.94 20.53 79.49
C THR L 717 30.53 19.97 79.42
N PRO L 718 30.11 19.17 80.41
CA PRO L 718 28.79 18.56 80.36
C PRO L 718 27.68 19.60 80.43
N TRP L 719 26.56 19.25 79.80
CA TRP L 719 25.41 20.16 79.78
C TRP L 719 24.85 20.40 81.17
N ALA L 720 25.12 19.50 82.11
CA ALA L 720 24.61 19.67 83.47
C ALA L 720 25.20 20.89 84.14
N ARG L 721 26.51 21.13 83.97
CA ARG L 721 27.15 22.30 84.56
C ARG L 721 26.71 23.61 83.90
N HIS L 722 26.16 23.55 82.69
CA HIS L 722 25.69 24.75 82.01
C HIS L 722 24.55 25.37 82.81
N PRO L 723 24.51 26.69 82.94
CA PRO L 723 23.49 27.34 83.77
C PRO L 723 22.06 27.14 83.30
N PHE L 724 21.87 26.47 82.17
CA PHE L 724 20.54 26.09 81.69
C PHE L 724 20.28 24.62 81.95
N GLY L 725 21.08 24.01 82.82
CA GLY L 725 20.93 22.60 83.13
C GLY L 725 20.42 22.36 84.54
N ARG L 726 21.33 22.05 85.46
CA ARG L 726 20.91 21.69 86.81
C ARG L 726 20.30 22.86 87.57
N GLN L 727 20.80 24.07 87.34
CA GLN L 727 20.38 25.24 88.09
C GLN L 727 18.98 25.73 87.73
N LEU L 728 18.56 25.58 86.47
CA LEU L 728 17.20 25.90 86.06
C LEU L 728 16.19 24.87 86.55
N LEU L 729 16.57 23.59 86.52
CA LEU L 729 15.74 22.54 87.08
C LEU L 729 15.55 22.75 88.58
N GLU L 730 16.62 23.12 89.28
CA GLU L 730 16.56 23.31 90.72
C GLU L 730 15.87 24.61 91.08
N SER L 731 15.57 25.45 90.09
CA SER L 731 14.78 26.66 90.31
C SER L 731 13.31 26.50 89.95
N LEU L 732 12.99 25.58 89.05
CA LEU L 732 11.60 25.18 88.86
C LEU L 732 11.11 24.31 90.01
N LEU L 733 11.95 23.37 90.46
CA LEU L 733 11.55 22.46 91.54
C LEU L 733 11.30 23.21 92.83
N ALA L 734 12.13 24.21 93.14
CA ALA L 734 11.93 25.03 94.33
C ALA L 734 10.71 25.93 94.22
N HIS L 735 10.34 26.35 93.01
CA HIS L 735 9.13 27.12 92.84
C HIS L 735 7.89 26.27 93.10
N TYR L 736 7.86 25.08 92.50
CA TYR L 736 6.64 24.27 92.59
C TYR L 736 6.49 23.65 93.98
N CYS L 737 7.59 23.54 94.72
CA CYS L 737 7.51 23.02 96.08
C CYS L 737 6.67 23.92 96.96
N ARG L 738 6.82 25.24 96.80
CA ARG L 738 6.08 26.18 97.63
C ARG L 738 4.59 26.14 97.32
N LEU L 739 4.22 25.80 96.09
CA LEU L 739 2.82 25.68 95.69
C LEU L 739 2.22 24.34 96.06
N ARG L 740 3.02 23.40 96.55
CA ARG L 740 2.59 22.06 96.91
C ARG L 740 2.07 21.27 95.72
N ASP L 741 2.62 21.51 94.53
CA ASP L 741 2.15 20.84 93.32
C ASP L 741 2.96 19.55 93.14
N VAL L 742 2.45 18.48 93.75
CA VAL L 742 3.09 17.17 93.61
C VAL L 742 3.04 16.69 92.18
N GLN L 743 1.94 16.99 91.48
CA GLN L 743 1.70 16.39 90.18
C GLN L 743 2.72 16.82 89.15
N THR L 744 3.25 18.04 89.25
CA THR L 744 4.30 18.48 88.35
C THR L 744 5.68 18.04 88.81
N LEU L 745 5.92 18.05 90.12
CA LEU L 745 7.22 17.61 90.63
C LEU L 745 7.49 16.16 90.26
N ALA L 746 6.49 15.29 90.44
CA ALA L 746 6.68 13.87 90.15
C ALA L 746 6.96 13.64 88.67
N MET L 747 6.28 14.37 87.79
CA MET L 747 6.50 14.25 86.35
C MET L 747 7.88 14.76 85.95
N LEU L 748 8.28 15.92 86.47
CA LEU L 748 9.57 16.49 86.12
C LEU L 748 10.70 15.61 86.60
N CYS L 749 10.62 15.13 87.84
CA CYS L 749 11.67 14.27 88.39
C CYS L 749 11.77 12.95 87.65
N SER L 750 10.73 12.55 86.92
CA SER L 750 10.72 11.32 86.16
C SER L 750 11.24 11.49 84.75
N VAL L 751 10.85 12.57 84.07
CA VAL L 751 11.31 12.78 82.70
C VAL L 751 12.83 12.94 82.67
N PHE L 752 13.38 13.69 83.61
CA PHE L 752 14.81 13.99 83.60
C PHE L 752 15.67 12.83 84.12
N GLU L 753 15.05 11.77 84.64
CA GLU L 753 15.83 10.63 85.13
C GLU L 753 16.49 9.90 83.97
N GLU L 838 41.58 7.95 89.32
CA GLU L 838 40.33 7.22 89.40
C GLU L 838 39.28 8.04 90.15
N ARG L 839 39.74 8.86 91.09
CA ARG L 839 38.82 9.72 91.83
C ARG L 839 38.15 10.72 90.90
N GLU L 840 38.92 11.27 89.95
CA GLU L 840 38.35 12.23 89.01
C GLU L 840 37.26 11.59 88.16
N ARG L 841 37.48 10.35 87.72
CA ARG L 841 36.48 9.68 86.89
C ARG L 841 35.17 9.48 87.67
N ASP L 842 35.29 9.11 88.94
CA ASP L 842 34.10 8.97 89.78
C ASP L 842 33.40 10.30 89.98
N GLN L 843 34.17 11.37 90.21
CA GLN L 843 33.59 12.69 90.41
C GLN L 843 32.84 13.14 89.17
N HIS L 844 33.37 12.82 87.99
CA HIS L 844 32.74 13.21 86.74
C HIS L 844 31.34 12.62 86.62
N ASP L 845 31.17 11.34 86.96
CA ASP L 845 29.88 10.69 86.81
C ASP L 845 28.81 11.36 87.65
N LYS L 846 29.17 11.76 88.87
CA LYS L 846 28.25 12.56 89.67
C LYS L 846 28.01 13.93 89.02
N ASN L 847 29.06 14.52 88.45
CA ASN L 847 28.95 15.88 87.93
C ASN L 847 28.06 15.96 86.70
N LYS L 848 27.94 14.88 85.94
CA LYS L 848 27.26 14.91 84.65
C LYS L 848 25.79 14.53 84.72
N ARG L 849 25.17 14.62 85.90
CA ARG L 849 23.78 14.25 86.06
C ARG L 849 22.95 15.47 86.44
N LEU L 850 21.82 15.65 85.77
CA LEU L 850 20.97 16.82 85.96
C LEU L 850 20.23 16.81 87.29
N LEU L 851 20.20 15.68 87.99
CA LEU L 851 19.58 15.57 89.30
C LEU L 851 20.67 15.19 90.29
N ASP L 852 20.73 15.90 91.42
CA ASP L 852 21.81 15.69 92.35
C ASP L 852 21.74 14.29 92.95
N PRO L 853 22.82 13.52 92.89
CA PRO L 853 22.83 12.19 93.51
C PRO L 853 22.74 12.17 95.03
N ALA L 854 22.66 13.33 95.67
CA ALA L 854 22.52 13.41 97.11
C ALA L 854 21.09 13.75 97.54
N ASN L 855 20.12 13.60 96.64
CA ASN L 855 18.73 13.95 96.91
C ASN L 855 17.76 12.93 96.34
N THR L 856 18.16 11.65 96.24
CA THR L 856 17.30 10.65 95.64
C THR L 856 16.05 10.39 96.48
N GLN L 857 16.18 10.53 97.79
CA GLN L 857 15.07 10.21 98.69
C GLN L 857 13.88 11.12 98.46
N GLN L 858 14.13 12.42 98.26
CA GLN L 858 13.04 13.35 98.02
C GLN L 858 12.30 13.02 96.74
N PHE L 859 13.04 12.67 95.68
CA PHE L 859 12.39 12.31 94.42
C PHE L 859 11.54 11.05 94.58
N ASP L 860 12.07 10.05 95.28
CA ASP L 860 11.28 8.85 95.54
C ASP L 860 10.01 9.18 96.33
N ASP L 861 10.11 10.08 97.31
CA ASP L 861 8.94 10.47 98.08
C ASP L 861 7.90 11.15 97.21
N PHE L 862 8.34 12.03 96.32
CA PHE L 862 7.43 12.69 95.38
C PHE L 862 6.66 11.65 94.58
N LYS L 863 7.40 10.70 93.98
CA LYS L 863 6.75 9.71 93.13
C LYS L 863 5.77 8.85 93.93
N LYS L 864 6.16 8.43 95.13
CA LYS L 864 5.28 7.58 95.93
C LYS L 864 3.99 8.29 96.29
N CYS L 865 4.09 9.55 96.73
CA CYS L 865 2.87 10.28 97.09
C CYS L 865 1.97 10.51 95.89
N TYR L 866 2.54 10.84 94.73
CA TYR L 866 1.70 11.00 93.56
C TYR L 866 1.03 9.68 93.17
N GLY L 867 1.73 8.56 93.36
CA GLY L 867 1.12 7.27 93.11
C GLY L 867 -0.06 6.98 94.02
N GLU L 868 0.08 7.32 95.31
CA GLU L 868 -1.05 7.15 96.23
C GLU L 868 -2.23 8.00 95.82
N ILE L 869 -1.97 9.24 95.37
CA ILE L 869 -3.07 10.09 94.90
C ILE L 869 -3.75 9.46 93.69
N LEU L 870 -2.95 8.93 92.76
CA LEU L 870 -3.53 8.34 91.56
C LEU L 870 -4.38 7.13 91.90
N TYR L 871 -3.94 6.34 92.88
CA TYR L 871 -4.79 5.26 93.38
C TYR L 871 -6.09 5.80 93.94
N ARG L 872 -6.02 6.89 94.71
CA ARG L 872 -7.22 7.47 95.30
C ARG L 872 -8.21 7.90 94.23
N TRP L 873 -7.73 8.51 93.15
CA TRP L 873 -8.63 8.96 92.10
C TRP L 873 -9.34 7.79 91.42
N GLY L 874 -8.62 6.71 91.16
CA GLY L 874 -9.22 5.54 90.57
C GLY L 874 -8.47 4.98 89.37
N LEU L 875 -7.36 5.62 89.00
CA LEU L 875 -6.58 5.21 87.85
C LEU L 875 -5.47 4.27 88.31
N ARG L 876 -5.49 3.04 87.79
CA ARG L 876 -4.56 2.00 88.21
C ARG L 876 -3.34 1.90 87.32
N GLU L 877 -3.51 2.00 86.00
CA GLU L 877 -2.38 1.86 85.09
C GLU L 877 -1.37 2.98 85.30
N LYS L 878 -1.86 4.21 85.43
CA LYS L 878 -0.99 5.37 85.54
C LYS L 878 -0.13 5.31 86.80
N ARG L 879 -0.65 4.75 87.88
CA ARG L 879 0.16 4.62 89.09
C ARG L 879 1.36 3.72 88.83
N ALA L 880 1.15 2.62 88.11
CA ALA L 880 2.27 1.74 87.78
C ALA L 880 3.26 2.42 86.86
N GLU L 881 2.75 3.16 85.87
CA GLU L 881 3.64 3.92 84.98
C GLU L 881 4.55 4.84 85.78
N VAL L 882 3.97 5.60 86.71
CA VAL L 882 4.78 6.53 87.51
C VAL L 882 5.76 5.76 88.40
N LEU L 883 5.27 4.71 89.06
CA LEU L 883 6.13 3.98 89.99
C LEU L 883 7.26 3.25 89.30
N LYS L 884 7.17 3.06 87.98
CA LYS L 884 8.24 2.39 87.27
C LYS L 884 9.56 3.16 87.28
N PHE L 885 9.54 4.44 87.67
CA PHE L 885 10.73 5.27 87.64
C PHE L 885 11.45 5.38 88.97
N VAL L 886 10.96 4.72 90.02
CA VAL L 886 11.60 4.82 91.33
C VAL L 886 12.93 4.10 91.31
N SER L 887 13.96 4.74 91.86
CA SER L 887 15.30 4.15 91.86
C SER L 887 15.38 2.97 92.82
N CYS L 888 14.88 3.13 94.03
CA CYS L 888 14.91 2.03 95.00
C CYS L 888 13.80 1.04 94.67
N PRO L 889 14.11 -0.22 94.36
CA PRO L 889 13.11 -1.21 93.95
C PRO L 889 12.14 -1.60 95.07
N GLY L 895 6.11 -16.03 101.22
CA GLY L 895 4.98 -16.81 101.69
C GLY L 895 4.69 -18.03 100.83
N ILE L 896 3.42 -18.22 100.48
CA ILE L 896 2.97 -19.35 99.70
C ILE L 896 2.98 -18.99 98.23
N GLU L 897 3.39 -19.95 97.40
CA GLU L 897 3.44 -19.79 95.96
C GLU L 897 2.88 -21.03 95.28
N PHE L 898 3.07 -21.09 93.96
CA PHE L 898 2.64 -22.24 93.19
C PHE L 898 3.82 -22.91 92.51
N GLY L 899 3.88 -24.24 92.63
CA GLY L 899 4.92 -25.02 91.98
C GLY L 899 4.31 -25.90 90.91
N VAL L 900 5.15 -26.27 89.94
CA VAL L 900 4.70 -27.01 88.76
C VAL L 900 5.16 -28.46 88.92
N TYR L 901 4.25 -29.39 88.68
CA TYR L 901 4.57 -30.82 88.65
C TYR L 901 5.09 -31.18 87.27
N CYS L 902 6.35 -31.59 87.19
CA CYS L 902 7.00 -31.83 85.91
C CYS L 902 6.37 -33.01 85.19
N SER L 903 6.41 -32.96 83.85
CA SER L 903 5.78 -33.97 83.01
C SER L 903 6.66 -35.19 82.77
N HIS L 904 7.94 -35.15 83.16
CA HIS L 904 8.85 -36.25 82.91
C HIS L 904 9.18 -37.04 84.18
N CYS L 905 9.69 -36.37 85.21
CA CYS L 905 10.09 -37.04 86.44
C CYS L 905 8.98 -37.10 87.49
N ARG L 906 7.85 -36.46 87.24
CA ARG L 906 6.73 -36.40 88.18
C ARG L 906 7.18 -35.87 89.55
N SER L 907 7.73 -34.65 89.52
CA SER L 907 8.16 -33.97 90.72
C SER L 907 7.80 -32.48 90.62
N GLU L 908 7.63 -31.85 91.79
CA GLU L 908 7.35 -30.43 91.83
C GLU L 908 8.57 -29.65 91.37
N VAL L 909 8.37 -28.71 90.45
CA VAL L 909 9.45 -27.93 89.85
C VAL L 909 9.21 -26.46 90.14
N ARG L 910 10.23 -25.78 90.66
CA ARG L 910 10.18 -24.35 90.95
C ARG L 910 10.72 -23.62 89.73
N GLY L 911 9.83 -23.30 88.80
CA GLY L 911 10.22 -22.61 87.59
C GLY L 911 9.66 -23.25 86.33
N THR L 912 9.74 -22.54 85.21
CA THR L 912 9.25 -23.08 83.95
C THR L 912 10.14 -24.20 83.41
N GLN L 913 11.36 -24.33 83.93
CA GLN L 913 12.29 -25.38 83.51
C GLN L 913 12.61 -26.28 84.69
N CYS L 914 12.68 -27.58 84.44
CA CYS L 914 12.94 -28.54 85.51
C CYS L 914 14.42 -28.54 85.88
N ALA L 915 14.76 -29.38 86.85
CA ALA L 915 16.13 -29.52 87.34
C ALA L 915 16.73 -30.90 87.12
N ILE L 916 15.96 -31.96 87.36
CA ILE L 916 16.48 -33.32 87.17
C ILE L 916 16.66 -33.62 85.69
N CYS L 917 15.56 -33.58 84.94
CA CYS L 917 15.61 -33.76 83.50
C CYS L 917 15.77 -32.45 82.74
N LYS L 918 15.76 -31.32 83.44
CA LYS L 918 15.98 -29.99 82.87
C LYS L 918 14.97 -29.63 81.79
N GLY L 919 13.85 -30.34 81.73
CA GLY L 919 12.84 -30.11 80.71
C GLY L 919 11.79 -29.10 81.14
N PHE L 920 10.85 -28.86 80.23
CA PHE L 920 9.72 -27.99 80.52
C PHE L 920 8.80 -28.66 81.52
N THR L 921 8.35 -27.90 82.52
CA THR L 921 7.51 -28.45 83.57
C THR L 921 6.02 -28.26 83.30
N PHE L 922 5.65 -27.30 82.47
CA PHE L 922 4.25 -26.97 82.24
C PHE L 922 3.93 -27.16 80.76
N GLN L 923 2.81 -27.81 80.49
CA GLN L 923 2.34 -28.13 79.14
C GLN L 923 0.89 -27.69 79.02
N CYS L 924 0.61 -26.83 78.04
CA CYS L 924 -0.71 -26.24 77.93
C CYS L 924 -1.77 -27.30 77.63
N ALA L 925 -2.94 -27.11 78.24
CA ALA L 925 -4.03 -28.08 78.14
C ALA L 925 -4.97 -27.79 76.98
N ILE L 926 -4.53 -27.05 75.98
CA ILE L 926 -5.33 -26.87 74.77
C ILE L 926 -4.49 -27.20 73.55
N CYS L 927 -3.34 -26.53 73.40
CA CYS L 927 -2.48 -26.74 72.24
C CYS L 927 -1.30 -27.64 72.53
N HIS L 928 -1.16 -28.13 73.76
CA HIS L 928 -0.09 -29.02 74.16
C HIS L 928 1.28 -28.50 73.75
N VAL L 929 1.47 -27.19 73.73
CA VAL L 929 2.78 -26.56 73.53
C VAL L 929 3.25 -26.00 74.86
N ALA L 930 4.55 -26.14 75.14
CA ALA L 930 5.08 -25.73 76.43
C ALA L 930 4.93 -24.23 76.63
N VAL L 931 4.57 -23.84 77.84
CA VAL L 931 4.31 -22.45 78.18
C VAL L 931 5.46 -21.91 79.02
N ARG L 932 5.91 -20.71 78.66
CA ARG L 932 7.06 -20.10 79.34
C ARG L 932 6.78 -18.71 79.88
N GLY L 933 5.63 -18.11 79.58
CA GLY L 933 5.30 -16.80 80.11
C GLY L 933 4.10 -16.82 81.04
N SER L 934 3.04 -16.13 80.63
CA SER L 934 1.83 -16.02 81.43
C SER L 934 1.07 -17.33 81.46
N SER L 935 0.37 -17.59 82.57
CA SER L 935 -0.36 -18.85 82.71
C SER L 935 -1.45 -18.71 83.74
N ASN L 936 -2.58 -19.40 83.52
CA ASN L 936 -3.65 -19.53 84.50
C ASN L 936 -3.91 -21.00 84.80
N PHE L 937 -4.36 -21.27 86.03
CA PHE L 937 -4.51 -22.65 86.49
C PHE L 937 -5.67 -22.75 87.46
N CYS L 938 -6.15 -23.97 87.65
CA CYS L 938 -7.23 -24.27 88.59
C CYS L 938 -6.64 -24.80 89.88
N LEU L 939 -7.15 -24.33 91.01
CA LEU L 939 -6.61 -24.74 92.30
C LEU L 939 -7.04 -26.14 92.70
N THR L 940 -8.22 -26.59 92.28
CA THR L 940 -8.70 -27.91 92.70
C THR L 940 -8.10 -29.02 91.85
N CYS L 941 -8.40 -29.02 90.54
CA CYS L 941 -7.94 -30.11 89.71
C CYS L 941 -6.56 -29.86 89.13
N GLY L 942 -6.22 -28.59 88.84
CA GLY L 942 -4.87 -28.24 88.45
C GLY L 942 -4.50 -28.50 87.01
N HIS L 943 -5.29 -27.98 86.07
CA HIS L 943 -4.99 -28.12 84.65
C HIS L 943 -4.99 -26.74 84.02
N GLY L 944 -3.80 -26.28 83.61
CA GLY L 944 -3.63 -24.91 83.20
C GLY L 944 -2.99 -24.79 81.85
N GLY L 945 -2.92 -23.55 81.37
CA GLY L 945 -2.36 -23.26 80.07
C GLY L 945 -2.23 -21.77 79.82
N HIS L 946 -2.10 -21.40 78.55
CA HIS L 946 -1.98 -20.01 78.18
C HIS L 946 -3.26 -19.26 78.53
N THR L 947 -3.15 -17.95 78.73
CA THR L 947 -4.31 -17.18 79.14
C THR L 947 -5.31 -17.01 78.00
N SER L 948 -4.83 -16.78 76.78
CA SER L 948 -5.76 -16.61 75.66
C SER L 948 -6.44 -17.94 75.29
N HIS L 949 -5.76 -19.06 75.48
CA HIS L 949 -6.40 -20.35 75.23
C HIS L 949 -7.63 -20.52 76.09
N MET L 950 -7.57 -20.11 77.36
CA MET L 950 -8.74 -20.25 78.22
C MET L 950 -9.72 -19.09 78.10
N MET L 951 -9.25 -17.88 77.72
CA MET L 951 -10.13 -16.92 77.07
C MET L 951 -11.08 -17.63 76.12
N GLU L 952 -10.53 -18.34 75.13
CA GLU L 952 -11.36 -18.97 74.12
C GLU L 952 -12.16 -20.14 74.68
N TRP L 953 -11.56 -20.96 75.54
CA TRP L 953 -12.22 -22.20 75.96
C TRP L 953 -13.31 -21.94 76.98
N PHE L 954 -12.96 -21.36 78.14
CA PHE L 954 -13.96 -21.15 79.16
C PHE L 954 -14.95 -20.04 78.80
N ARG L 955 -14.91 -19.54 77.57
CA ARG L 955 -15.90 -18.56 77.14
C ARG L 955 -17.30 -19.15 77.18
N THR L 956 -17.46 -20.40 76.73
CA THR L 956 -18.76 -21.05 76.69
C THR L 956 -18.84 -22.29 77.57
N GLN L 957 -17.93 -23.25 77.43
CA GLN L 957 -18.02 -24.47 78.22
C GLN L 957 -17.69 -24.18 79.69
N GLU L 958 -18.05 -25.15 80.54
CA GLU L 958 -17.85 -25.02 81.97
C GLU L 958 -17.16 -26.25 82.54
N VAL L 959 -16.47 -27.01 81.72
CA VAL L 959 -15.87 -28.25 82.16
C VAL L 959 -14.39 -28.26 81.79
N CYS L 960 -13.64 -29.12 82.47
CA CYS L 960 -12.21 -29.18 82.25
C CYS L 960 -11.91 -29.54 80.81
N PRO L 961 -10.99 -28.83 80.16
CA PRO L 961 -10.64 -29.13 78.76
C PRO L 961 -9.86 -30.43 78.58
N THR L 962 -9.45 -31.08 79.67
CA THR L 962 -8.67 -32.31 79.60
C THR L 962 -9.44 -33.52 80.11
N GLY L 963 -10.76 -33.53 79.96
CA GLY L 963 -11.54 -34.69 80.33
C GLY L 963 -11.52 -34.99 81.81
N CYS L 964 -11.68 -33.98 82.65
CA CYS L 964 -11.46 -34.16 84.08
C CYS L 964 -12.74 -34.13 84.88
N GLY L 965 -13.78 -33.47 84.39
CA GLY L 965 -15.02 -33.32 85.09
C GLY L 965 -15.08 -32.16 86.06
N CYS L 966 -13.98 -31.44 86.25
CA CYS L 966 -13.93 -30.36 87.24
C CYS L 966 -14.44 -29.07 86.61
N HIS L 967 -15.59 -28.59 87.09
CA HIS L 967 -16.12 -27.30 86.67
C HIS L 967 -15.24 -26.21 87.29
N CYS L 968 -14.17 -25.88 86.56
CA CYS L 968 -13.14 -25.02 87.14
C CYS L 968 -13.61 -23.60 87.36
N LEU L 969 -14.56 -23.13 86.55
CA LEU L 969 -15.06 -21.78 86.74
C LEU L 969 -15.66 -21.58 88.12
N LEU L 970 -16.23 -22.62 88.72
CA LEU L 970 -16.87 -22.48 90.03
C LEU L 970 -15.97 -22.85 91.19
N GLU L 971 -14.93 -23.64 90.96
CA GLU L 971 -14.05 -24.08 92.02
C GLU L 971 -12.74 -23.31 92.07
N SER L 972 -12.55 -22.32 91.21
CA SER L 972 -11.32 -21.53 91.18
C SER L 972 -11.53 -20.08 91.52
N THR L 973 -12.53 -19.42 90.94
CA THR L 973 -12.80 -18.01 91.19
C THR L 973 -13.43 -17.87 92.58
N PHE L 974 -12.55 -17.86 93.58
CA PHE L 974 -12.98 -17.69 94.97
C PHE L 974 -13.63 -16.33 95.19
N MET M 1 16.16 57.37 1.92
CA MET M 1 16.91 56.29 2.54
C MET M 1 16.53 56.13 4.01
N PHE M 2 15.24 56.27 4.31
CA PHE M 2 14.74 56.23 5.67
C PHE M 2 13.58 55.24 5.76
N VAL M 3 13.75 54.20 6.56
CA VAL M 3 12.71 53.20 6.82
C VAL M 3 11.78 53.72 7.91
N ALA M 4 10.64 53.05 8.09
CA ALA M 4 9.65 53.49 9.07
C ALA M 4 9.14 52.28 9.84
N ARG M 5 9.45 52.21 11.13
CA ARG M 5 8.97 51.16 12.01
C ARG M 5 7.83 51.71 12.87
N SER M 6 7.36 50.92 13.84
CA SER M 6 6.25 51.33 14.69
C SER M 6 6.58 50.96 16.13
N ILE M 7 6.85 51.97 16.95
CA ILE M 7 7.17 51.78 18.36
C ILE M 7 5.96 51.23 19.08
N ALA M 8 6.19 50.40 20.11
CA ALA M 8 5.12 49.75 20.84
C ALA M 8 4.86 50.48 22.16
N ALA M 9 4.09 51.54 22.08
CA ALA M 9 3.67 52.33 23.24
C ALA M 9 2.21 52.67 23.10
N ASP M 10 1.41 52.30 24.11
CA ASP M 10 -0.04 52.45 24.02
C ASP M 10 -0.48 53.69 24.78
N HIS M 11 -1.44 54.43 24.20
CA HIS M 11 -1.99 55.63 24.81
C HIS M 11 -3.50 55.55 24.82
N LYS M 12 -4.11 56.31 25.74
CA LYS M 12 -5.56 56.33 25.90
C LYS M 12 -6.24 57.56 25.28
N ASP M 13 -5.48 58.62 25.00
CA ASP M 13 -6.00 59.82 24.34
C ASP M 13 -5.02 60.27 23.24
N LEU M 14 -5.42 61.31 22.52
CA LEU M 14 -4.59 61.82 21.44
C LEU M 14 -3.36 62.54 21.98
N ILE M 15 -2.22 62.33 21.33
CA ILE M 15 -0.95 62.93 21.74
C ILE M 15 -0.83 64.31 21.12
N HIS M 16 -0.46 65.28 21.96
CA HIS M 16 -0.30 66.67 21.55
C HIS M 16 1.14 67.05 21.26
N ASP M 17 2.09 66.54 22.04
CA ASP M 17 3.50 66.86 21.85
C ASP M 17 4.36 65.75 22.44
N VAL M 18 5.57 65.61 21.91
CA VAL M 18 6.56 64.66 22.41
C VAL M 18 7.94 65.31 22.34
N SER M 19 8.76 65.08 23.36
CA SER M 19 10.10 65.65 23.44
C SER M 19 11.08 64.61 23.95
N PHE M 20 12.35 64.77 23.58
CA PHE M 20 13.43 63.89 23.99
C PHE M 20 14.32 64.59 25.02
N ASP M 21 15.20 63.82 25.63
CA ASP M 21 16.18 64.36 26.56
C ASP M 21 17.53 64.50 25.83
N PHE M 22 18.56 64.85 26.59
CA PHE M 22 19.86 65.18 25.99
C PHE M 22 20.51 63.95 25.35
N HIS M 23 20.47 62.82 26.06
CA HIS M 23 21.08 61.60 25.54
C HIS M 23 20.14 60.79 24.67
N GLY M 24 18.88 61.20 24.55
CA GLY M 24 17.92 60.41 23.80
C GLY M 24 17.57 59.08 24.42
N ARG M 25 17.34 59.04 25.74
CA ARG M 25 17.03 57.81 26.43
C ARG M 25 15.76 57.91 27.27
N ARG M 26 15.18 59.10 27.38
CA ARG M 26 13.89 59.29 28.04
C ARG M 26 12.99 60.11 27.12
N MET M 27 11.70 60.16 27.46
CA MET M 27 10.71 60.78 26.59
C MET M 27 9.57 61.30 27.47
N ALA M 28 8.85 62.29 26.95
CA ALA M 28 7.71 62.86 27.67
C ALA M 28 6.66 63.30 26.67
N THR M 29 5.44 62.77 26.81
CA THR M 29 4.32 63.09 25.96
C THR M 29 3.16 63.65 26.79
N CYS M 30 2.32 64.44 26.14
CA CYS M 30 1.16 65.06 26.79
C CYS M 30 -0.10 64.73 26.01
N SER M 31 -1.03 64.04 26.66
CA SER M 31 -2.22 63.55 25.98
C SER M 31 -3.38 64.54 26.13
N SER M 32 -4.55 64.13 25.62
CA SER M 32 -5.70 65.02 25.61
C SER M 32 -6.33 65.15 26.99
N ASP M 33 -6.34 64.08 27.77
CA ASP M 33 -6.97 64.15 29.09
C ASP M 33 -5.96 64.60 30.15
N GLN M 34 -5.25 65.69 29.83
CA GLN M 34 -4.45 66.42 30.81
C GLN M 34 -3.39 65.53 31.46
N SER M 35 -2.94 64.51 30.75
CA SER M 35 -2.05 63.50 31.30
C SER M 35 -0.69 63.60 30.63
N VAL M 36 0.36 63.51 31.45
CA VAL M 36 1.74 63.54 30.96
C VAL M 36 2.42 62.24 31.37
N LYS M 37 3.05 61.58 30.42
CA LYS M 37 3.74 60.32 30.66
C LYS M 37 5.24 60.47 30.43
N VAL M 38 6.01 59.63 31.11
CA VAL M 38 7.46 59.59 30.97
C VAL M 38 7.86 58.17 30.65
N TRP M 39 8.59 57.99 29.55
CA TRP M 39 9.02 56.68 29.09
C TRP M 39 10.54 56.57 29.12
N ASP M 40 11.01 55.40 29.55
CA ASP M 40 12.44 55.13 29.65
C ASP M 40 12.74 53.83 28.92
N LYS M 41 13.82 53.82 28.15
CA LYS M 41 14.14 52.72 27.25
C LYS M 41 15.30 51.91 27.80
N SER M 42 15.20 50.59 27.65
CA SER M 42 16.12 49.64 28.26
C SER M 42 17.19 49.22 27.27
N GLU M 43 18.12 48.39 27.76
CA GLU M 43 19.23 47.93 26.93
C GLU M 43 18.76 46.99 25.82
N SER M 44 17.63 46.31 26.02
CA SER M 44 17.09 45.47 24.96
C SER M 44 16.67 46.29 23.76
N GLY M 45 16.05 47.44 24.00
CA GLY M 45 15.61 48.31 22.92
C GLY M 45 14.12 48.57 22.96
N ASP M 46 13.48 48.26 24.08
CA ASP M 46 12.04 48.39 24.23
C ASP M 46 11.73 49.48 25.25
N TRP M 47 10.64 50.21 25.01
CA TRP M 47 10.24 51.30 25.87
C TRP M 47 9.27 50.83 26.95
N HIS M 48 9.36 51.47 28.11
CA HIS M 48 8.47 51.18 29.25
C HIS M 48 7.92 52.51 29.75
N CYS M 49 7.08 52.45 30.76
CA CYS M 49 6.49 53.64 31.37
C CYS M 49 7.01 53.76 32.79
N THR M 50 7.02 54.99 33.31
CA THR M 50 7.56 55.24 34.63
C THR M 50 6.65 56.16 35.44
N ALA M 51 5.84 56.98 34.76
CA ALA M 51 5.00 57.93 35.48
C ALA M 51 3.79 58.30 34.63
N SER M 52 2.76 58.78 35.32
CA SER M 52 1.54 59.30 34.69
C SER M 52 0.78 60.08 35.75
N TRP M 53 0.46 61.34 35.45
CA TRP M 53 -0.18 62.19 36.47
C TRP M 53 -0.85 63.39 35.79
N LYS M 54 -2.08 63.68 36.21
CA LYS M 54 -2.82 64.82 35.67
C LYS M 54 -2.25 66.12 36.22
N THR M 55 -2.18 67.13 35.37
CA THR M 55 -1.37 68.30 35.68
C THR M 55 -2.15 69.61 35.86
N HIS M 56 -2.88 70.04 34.84
CA HIS M 56 -3.43 71.38 34.81
C HIS M 56 -4.95 71.37 34.92
N SER M 57 -5.53 72.56 34.81
CA SER M 57 -6.98 72.75 34.81
C SER M 57 -7.52 73.09 33.42
N GLY M 58 -6.67 73.13 32.41
CA GLY M 58 -7.07 73.45 31.05
C GLY M 58 -6.14 72.73 30.10
N SER M 59 -6.44 72.84 28.81
CA SER M 59 -5.75 72.02 27.80
C SER M 59 -4.24 72.22 27.88
N VAL M 60 -3.51 71.10 27.96
CA VAL M 60 -2.05 71.10 28.03
C VAL M 60 -1.52 70.99 26.60
N TRP M 61 -0.62 71.90 26.23
CA TRP M 61 -0.19 71.99 24.83
C TRP M 61 1.25 71.56 24.60
N ARG M 62 2.17 71.77 25.54
CA ARG M 62 3.57 71.48 25.29
C ARG M 62 4.25 70.97 26.56
N VAL M 63 5.35 70.25 26.35
CA VAL M 63 6.22 69.79 27.44
C VAL M 63 7.65 69.77 26.91
N THR M 64 8.60 70.05 27.79
CA THR M 64 9.98 70.23 27.38
C THR M 64 10.92 69.78 28.49
N TRP M 65 12.18 69.56 28.14
CA TRP M 65 13.21 69.09 29.05
C TRP M 65 14.20 70.21 29.37
N ALA M 66 15.23 69.85 30.13
CA ALA M 66 16.34 70.73 30.48
C ALA M 66 17.62 69.92 30.50
N HIS M 67 18.75 70.63 30.52
CA HIS M 67 20.04 69.94 30.47
C HIS M 67 20.27 69.15 31.75
N PRO M 68 20.91 67.97 31.67
CA PRO M 68 21.03 67.12 32.86
C PRO M 68 22.02 67.64 33.90
N GLU M 69 22.57 68.83 33.69
CA GLU M 69 23.44 69.45 34.67
C GLU M 69 22.65 70.11 35.79
N PHE M 70 21.33 70.17 35.68
CA PHE M 70 20.47 70.78 36.67
C PHE M 70 19.57 69.77 37.35
N GLY M 71 19.69 68.50 37.00
CA GLY M 71 18.84 67.48 37.58
C GLY M 71 18.01 66.79 36.52
N GLN M 72 16.75 66.53 36.82
CA GLN M 72 15.78 65.99 35.87
C GLN M 72 14.56 66.89 35.94
N VAL M 73 14.54 67.93 35.11
CA VAL M 73 13.55 68.99 35.20
C VAL M 73 12.75 69.05 33.92
N LEU M 74 11.45 69.31 34.06
CA LEU M 74 10.52 69.47 32.95
C LEU M 74 9.82 70.81 33.05
N ALA M 75 9.04 71.14 32.02
CA ALA M 75 8.25 72.35 32.02
C ALA M 75 7.07 72.17 31.09
N SER M 76 5.92 72.69 31.48
CA SER M 76 4.69 72.53 30.73
C SER M 76 3.93 73.84 30.67
N CYS M 77 3.12 74.01 29.62
CA CYS M 77 2.28 75.18 29.44
C CYS M 77 0.87 74.73 29.07
N SER M 78 -0.12 75.48 29.53
CA SER M 78 -1.51 75.08 29.42
C SER M 78 -2.36 76.28 29.02
N PHE M 79 -3.64 76.01 28.77
CA PHE M 79 -4.62 77.03 28.41
C PHE M 79 -5.05 77.85 29.62
N ASP M 80 -4.84 77.34 30.84
CA ASP M 80 -5.28 78.01 32.06
C ASP M 80 -4.28 79.04 32.55
N ARG M 81 -3.46 79.60 31.64
CA ARG M 81 -2.64 80.78 31.91
C ARG M 81 -1.53 80.49 32.91
N THR M 82 -1.00 79.28 32.89
CA THR M 82 0.05 78.89 33.82
C THR M 82 1.15 78.13 33.11
N ALA M 83 2.34 78.14 33.72
CA ALA M 83 3.44 77.26 33.35
C ALA M 83 4.02 76.70 34.64
N ALA M 84 4.21 75.38 34.69
CA ALA M 84 4.67 74.70 35.88
C ALA M 84 6.01 74.03 35.63
N VAL M 85 6.78 73.88 36.69
CA VAL M 85 8.11 73.25 36.66
C VAL M 85 8.07 72.03 37.56
N TRP M 86 8.44 70.88 37.02
CA TRP M 86 8.44 69.63 37.75
C TRP M 86 9.86 69.11 37.95
N GLU M 87 10.05 68.41 39.06
CA GLU M 87 11.31 67.74 39.36
C GLU M 87 11.02 66.27 39.60
N GLU M 88 12.04 65.53 40.04
CA GLU M 88 11.91 64.08 40.25
C GLU M 88 12.63 63.72 41.54
N ILE M 89 11.85 63.34 42.56
CA ILE M 89 12.42 62.87 43.80
C ILE M 89 12.32 61.35 43.86
N VAL M 90 13.47 60.68 43.91
CA VAL M 90 13.57 59.23 43.98
C VAL M 90 12.84 58.57 42.82
N SER M 101 9.59 57.04 42.53
CA SER M 101 9.84 57.89 41.39
C SER M 101 8.65 58.78 41.20
N HIS M 102 8.42 59.64 42.15
CA HIS M 102 7.29 60.48 42.04
C HIS M 102 7.59 61.92 41.79
N TRP M 103 7.40 62.34 40.56
CA TRP M 103 7.59 63.73 40.19
C TRP M 103 6.71 64.65 41.03
N VAL M 104 7.27 65.77 41.45
CA VAL M 104 6.57 66.75 42.27
C VAL M 104 6.65 68.11 41.58
N LYS M 105 5.71 68.98 41.94
CA LYS M 105 5.73 70.35 41.46
C LYS M 105 6.67 71.18 42.30
N ARG M 106 7.32 72.15 41.67
CA ARG M 106 8.29 72.98 42.36
C ARG M 106 7.97 74.46 42.32
N THR M 107 7.32 74.95 41.26
CA THR M 107 6.92 76.34 41.17
C THR M 107 5.84 76.47 40.12
N THR M 108 5.12 77.59 40.18
CA THR M 108 4.12 77.92 39.18
C THR M 108 4.32 79.37 38.77
N LEU M 109 3.99 79.68 37.52
CA LEU M 109 4.15 81.01 36.96
C LEU M 109 2.80 81.49 36.45
N VAL M 110 2.21 82.46 37.16
CA VAL M 110 0.85 82.91 36.92
C VAL M 110 0.79 84.39 36.57
N ASP M 111 1.86 84.95 36.00
CA ASP M 111 1.86 86.36 35.65
C ASP M 111 1.14 86.64 34.34
N SER M 112 0.75 85.61 33.60
CA SER M 112 0.10 85.81 32.32
C SER M 112 -1.38 86.14 32.48
N ARG M 113 -1.93 86.81 31.48
CA ARG M 113 -3.34 87.20 31.48
C ARG M 113 -4.15 86.52 30.39
N THR M 114 -3.51 85.84 29.46
CA THR M 114 -4.17 85.07 28.41
C THR M 114 -3.57 83.66 28.36
N SER M 115 -3.92 82.92 27.31
CA SER M 115 -3.39 81.57 27.16
C SER M 115 -1.89 81.60 26.89
N VAL M 116 -1.20 80.57 27.35
CA VAL M 116 0.24 80.42 27.14
C VAL M 116 0.45 79.43 26.03
N THR M 117 1.29 79.81 25.05
CA THR M 117 1.48 79.00 23.86
C THR M 117 2.86 78.38 23.74
N ASP M 118 3.88 78.91 24.40
CA ASP M 118 5.23 78.42 24.25
C ASP M 118 6.02 78.54 25.54
N VAL M 119 6.77 77.50 25.84
CA VAL M 119 7.74 77.49 26.94
C VAL M 119 9.01 76.84 26.43
N LYS M 120 10.14 77.51 26.62
CA LYS M 120 11.43 77.01 26.16
C LYS M 120 12.50 77.26 27.22
N PHE M 121 13.48 76.38 27.26
CA PHE M 121 14.59 76.49 28.21
C PHE M 121 15.80 77.09 27.51
N ALA M 122 16.49 77.98 28.19
CA ALA M 122 17.61 78.67 27.60
C ALA M 122 18.81 77.75 27.46
N PRO M 123 19.68 78.00 26.49
CA PRO M 123 20.91 77.21 26.38
C PRO M 123 21.78 77.34 27.62
N LYS M 124 22.58 76.31 27.85
CA LYS M 124 23.22 76.08 29.15
C LYS M 124 24.08 77.25 29.63
N HIS M 125 24.90 77.82 28.75
CA HIS M 125 25.96 78.71 29.21
C HIS M 125 25.46 79.99 29.87
N MET M 126 24.15 80.24 29.92
CA MET M 126 23.62 81.38 30.65
C MET M 126 22.93 81.00 31.95
N GLY M 127 23.04 79.76 32.38
CA GLY M 127 22.46 79.36 33.64
C GLY M 127 21.20 78.54 33.48
N LEU M 128 20.20 78.79 34.32
CA LEU M 128 18.92 78.09 34.26
C LEU M 128 17.84 79.14 34.05
N MET M 129 17.55 79.43 32.78
CA MET M 129 16.64 80.48 32.37
C MET M 129 15.47 79.86 31.60
N LEU M 130 14.40 80.64 31.45
CA LEU M 130 13.18 80.13 30.86
C LEU M 130 12.44 81.29 30.17
N ALA M 131 11.79 80.96 29.06
CA ALA M 131 11.06 81.96 28.27
C ALA M 131 9.64 81.48 28.07
N THR M 132 8.71 82.43 27.95
CA THR M 132 7.29 82.15 27.84
C THR M 132 6.64 83.24 27.01
N CYS M 133 5.74 82.85 26.12
CA CYS M 133 4.97 83.80 25.31
C CYS M 133 3.48 83.51 25.45
N SER M 134 2.68 84.56 25.34
CA SER M 134 1.25 84.47 25.56
C SER M 134 0.51 84.98 24.33
N ALA M 135 -0.81 84.83 24.36
CA ALA M 135 -1.64 85.07 23.18
C ALA M 135 -2.01 86.55 23.03
N ASP M 136 -1.35 87.44 23.78
CA ASP M 136 -1.63 88.86 23.61
C ASP M 136 -0.38 89.69 23.36
N GLY M 137 0.70 89.08 22.86
CA GLY M 137 1.88 89.82 22.48
C GLY M 137 2.78 90.21 23.63
N ILE M 138 3.12 89.25 24.48
CA ILE M 138 4.05 89.48 25.58
C ILE M 138 5.00 88.29 25.66
N VAL M 139 6.29 88.57 25.86
CA VAL M 139 7.29 87.53 26.08
C VAL M 139 7.93 87.79 27.43
N ARG M 140 8.00 86.76 28.26
CA ARG M 140 8.53 86.86 29.62
C ARG M 140 9.73 85.94 29.79
N ILE M 141 10.69 86.39 30.57
CA ILE M 141 11.94 85.66 30.79
C ILE M 141 12.21 85.57 32.29
N TYR M 142 12.33 84.36 32.80
CA TYR M 142 12.57 84.09 34.21
C TYR M 142 13.97 83.53 34.42
N GLU M 143 14.37 83.48 35.68
CA GLU M 143 15.66 82.93 36.05
C GLU M 143 15.60 82.42 37.48
N ALA M 144 16.55 81.55 37.82
CA ALA M 144 16.67 81.00 39.17
C ALA M 144 18.09 81.22 39.68
N PRO M 145 18.35 82.23 40.50
CA PRO M 145 19.74 82.52 40.91
C PRO M 145 20.41 81.36 41.64
N ASP M 146 19.66 80.58 42.42
CA ASP M 146 20.20 79.42 43.11
C ASP M 146 19.70 78.16 42.43
N VAL M 147 20.63 77.29 42.05
CA VAL M 147 20.30 76.08 41.31
C VAL M 147 19.87 74.96 42.25
N MET M 148 20.23 75.04 43.52
CA MET M 148 19.82 74.02 44.50
C MET M 148 18.44 74.31 45.07
N ASN M 149 17.77 75.37 44.63
CA ASN M 149 16.45 75.69 45.14
C ASN M 149 15.55 76.02 43.93
N LEU M 150 14.91 74.98 43.40
CA LEU M 150 14.07 75.13 42.21
C LEU M 150 12.71 75.72 42.52
N SER M 151 12.51 76.30 43.70
CA SER M 151 11.25 76.92 44.06
C SER M 151 11.27 78.44 43.99
N GLN M 152 12.43 79.04 43.72
CA GLN M 152 12.56 80.50 43.64
C GLN M 152 12.88 80.89 42.21
N TRP M 153 11.94 81.59 41.57
CA TRP M 153 12.09 82.08 40.20
C TRP M 153 11.77 83.57 40.20
N SER M 154 12.59 84.34 39.49
CA SER M 154 12.42 85.79 39.40
C SER M 154 12.18 86.21 37.96
N LEU M 155 11.44 87.31 37.80
CA LEU M 155 11.13 87.86 36.48
C LEU M 155 12.17 88.92 36.14
N GLN M 156 12.88 88.73 35.03
CA GLN M 156 13.97 89.63 34.68
C GLN M 156 13.57 90.62 33.58
N HIS M 157 13.10 90.14 32.45
CA HIS M 157 12.87 91.00 31.30
C HIS M 157 11.43 90.85 30.78
N GLU M 158 10.93 91.93 30.19
CA GLU M 158 9.60 91.97 29.60
C GLU M 158 9.72 92.55 28.20
N ILE M 159 9.12 91.88 27.22
CA ILE M 159 9.16 92.31 25.83
C ILE M 159 7.73 92.34 25.30
N SER M 160 7.37 93.45 24.65
CA SER M 160 6.06 93.61 24.04
C SER M 160 6.18 93.57 22.53
N CYS M 161 5.32 92.78 21.88
CA CYS M 161 5.43 92.51 20.46
C CYS M 161 4.29 93.08 19.62
N LYS M 162 3.18 93.47 20.24
CA LYS M 162 2.06 94.11 19.54
C LYS M 162 1.38 93.17 18.55
N LEU M 163 1.55 91.87 18.71
CA LEU M 163 0.88 90.87 17.89
C LEU M 163 0.81 89.55 18.63
N SER M 164 -0.26 88.79 18.35
CA SER M 164 -0.46 87.52 19.02
C SER M 164 0.68 86.56 18.69
N CYS M 165 1.19 85.90 19.71
CA CYS M 165 2.37 85.05 19.60
C CYS M 165 1.99 83.59 19.44
N SER M 166 2.83 82.83 18.73
CA SER M 166 2.55 81.42 18.50
C SER M 166 3.77 80.54 18.79
N CYS M 167 4.97 81.09 18.68
CA CYS M 167 6.17 80.27 18.85
C CYS M 167 7.36 81.16 19.21
N ILE M 168 8.32 80.57 19.92
CA ILE M 168 9.58 81.21 20.25
C ILE M 168 10.70 80.19 20.12
N SER M 169 11.90 80.68 19.78
CA SER M 169 13.07 79.83 19.71
C SER M 169 14.32 80.62 20.11
N TRP M 170 15.23 79.96 20.81
CA TRP M 170 16.50 80.52 21.24
C TRP M 170 17.57 80.29 20.18
N ASN M 171 18.71 80.96 20.38
CA ASN M 171 19.87 80.78 19.51
C ASN M 171 20.88 79.89 20.21
N PRO M 172 21.15 78.69 19.71
CA PRO M 172 21.97 77.75 20.47
C PRO M 172 23.43 78.11 20.55
N SER M 173 23.92 79.04 19.72
CA SER M 173 25.35 79.31 19.63
C SER M 173 25.90 79.78 20.96
N SER M 174 27.07 79.25 21.32
CA SER M 174 27.70 79.51 22.61
C SER M 174 29.08 80.14 22.46
N SER M 175 29.39 80.73 21.31
CA SER M 175 30.66 81.41 21.16
C SER M 175 30.66 82.72 21.92
N ARG M 176 31.86 83.25 22.17
CA ARG M 176 31.99 84.49 22.92
C ARG M 176 31.67 85.72 22.10
N ALA M 177 31.52 85.59 20.79
CA ALA M 177 31.28 86.72 19.90
C ALA M 177 29.82 86.90 19.52
N HIS M 178 28.92 86.12 20.11
CA HIS M 178 27.50 86.18 19.79
C HIS M 178 26.72 86.55 21.04
N SER M 179 25.81 87.51 20.89
CA SER M 179 24.93 87.93 21.97
C SER M 179 23.67 87.09 21.98
N PRO M 180 23.07 86.88 23.16
CA PRO M 180 21.84 86.08 23.23
C PRO M 180 20.67 86.70 22.49
N MET M 181 20.02 85.94 21.62
CA MET M 181 18.92 86.47 20.83
C MET M 181 17.81 85.43 20.70
N ILE M 182 16.59 85.93 20.55
CA ILE M 182 15.39 85.10 20.52
C ILE M 182 14.51 85.55 19.35
N ALA M 183 13.69 84.64 18.85
CA ALA M 183 12.81 84.89 17.72
C ALA M 183 11.37 84.58 18.10
N VAL M 184 10.44 85.43 17.66
CA VAL M 184 9.04 85.32 18.01
C VAL M 184 8.21 85.38 16.74
N GLY M 185 7.30 84.42 16.59
CA GLY M 185 6.40 84.36 15.46
C GLY M 185 4.96 84.66 15.85
N SER M 186 4.18 85.03 14.85
CA SER M 186 2.78 85.42 15.02
C SER M 186 1.91 84.65 14.04
N ASP M 187 0.63 84.52 14.37
CA ASP M 187 -0.30 83.76 13.55
C ASP M 187 -1.60 84.51 13.29
N ASP M 188 -1.55 85.84 13.30
CA ASP M 188 -2.74 86.62 12.98
C ASP M 188 -3.10 86.46 11.50
N SER M 189 -4.40 86.37 11.23
CA SER M 189 -4.91 86.21 9.87
C SER M 189 -5.62 87.47 9.39
N SER M 190 -5.26 88.62 9.93
CA SER M 190 -5.90 89.87 9.54
C SER M 190 -5.62 90.14 8.07
N PRO M 191 -6.56 90.78 7.35
CA PRO M 191 -6.35 91.04 5.92
C PRO M 191 -5.13 91.91 5.64
N ASN M 192 -4.79 92.84 6.53
CA ASN M 192 -3.64 93.70 6.32
C ASN M 192 -2.36 92.88 6.33
N ALA M 193 -1.42 93.26 5.47
CA ALA M 193 -0.15 92.57 5.35
C ALA M 193 0.88 93.24 6.25
N MET M 194 1.54 92.44 7.09
CA MET M 194 2.52 92.95 8.04
C MET M 194 3.50 91.84 8.37
N ALA M 195 4.64 92.23 8.91
CA ALA M 195 5.67 91.26 9.26
C ALA M 195 5.20 90.36 10.40
N LYS M 196 5.53 89.07 10.30
CA LYS M 196 5.10 88.09 11.29
C LYS M 196 6.23 87.50 12.11
N VAL M 197 7.49 87.70 11.71
CA VAL M 197 8.64 87.16 12.42
C VAL M 197 9.54 88.31 12.83
N GLN M 198 9.87 88.35 14.12
CA GLN M 198 10.67 89.41 14.72
C GLN M 198 11.82 88.80 15.49
N ILE M 199 12.91 89.54 15.62
CA ILE M 199 14.11 89.06 16.30
C ILE M 199 14.61 90.12 17.27
N PHE M 200 14.82 89.72 18.52
CA PHE M 200 15.36 90.59 19.56
C PHE M 200 16.71 90.08 20.02
N GLU M 201 17.62 91.00 20.31
CA GLU M 201 18.97 90.66 20.74
C GLU M 201 19.33 91.45 21.99
N TYR M 202 20.14 90.83 22.85
CA TYR M 202 20.59 91.44 24.09
C TYR M 202 21.62 92.52 23.83
N ASN M 203 21.62 93.54 24.68
CA ASN M 203 22.61 94.61 24.65
C ASN M 203 23.35 94.61 25.97
N GLU M 204 24.66 94.32 25.93
CA GLU M 204 25.42 94.19 27.15
C GLU M 204 25.55 95.52 27.89
N ASN M 205 25.77 96.60 27.15
CA ASN M 205 25.97 97.90 27.78
C ASN M 205 24.69 98.48 28.34
N THR M 206 23.52 97.99 27.91
CA THR M 206 22.24 98.51 28.35
C THR M 206 21.48 97.58 29.27
N ARG M 207 21.72 96.26 29.19
CA ARG M 207 21.01 95.26 29.98
C ARG M 207 19.51 95.28 29.67
N LYS M 208 19.19 95.27 28.37
CA LYS M 208 17.81 95.19 27.91
C LYS M 208 17.79 94.57 26.53
N TYR M 209 16.66 93.95 26.21
CA TYR M 209 16.45 93.35 24.89
C TYR M 209 15.91 94.38 23.92
N ALA M 210 16.49 94.41 22.73
CA ALA M 210 16.12 95.40 21.72
C ALA M 210 15.94 94.72 20.37
N LYS M 211 15.06 95.28 19.56
CA LYS M 211 14.77 94.74 18.24
C LYS M 211 16.01 94.78 17.35
N ALA M 212 16.14 93.75 16.52
CA ALA M 212 17.28 93.65 15.60
C ALA M 212 16.84 93.65 14.14
N GLU M 213 15.92 92.79 13.75
CA GLU M 213 15.50 92.73 12.36
C GLU M 213 14.05 92.24 12.28
N THR M 214 13.34 92.67 11.25
CA THR M 214 12.02 92.17 10.93
C THR M 214 12.03 91.57 9.54
N LEU M 215 11.63 90.30 9.43
CA LEU M 215 11.60 89.59 8.15
C LEU M 215 10.39 90.08 7.37
N MET M 216 10.58 91.19 6.64
CA MET M 216 9.46 91.85 5.99
C MET M 216 8.91 91.05 4.81
N THR M 217 9.65 90.08 4.30
CA THR M 217 9.21 89.28 3.17
C THR M 217 8.31 88.12 3.58
N VAL M 218 8.09 87.93 4.87
CA VAL M 218 7.16 86.92 5.37
C VAL M 218 5.93 87.67 5.88
N THR M 219 4.83 87.56 5.14
CA THR M 219 3.60 88.28 5.47
C THR M 219 2.42 87.30 5.45
N ASP M 220 2.60 86.15 6.09
CA ASP M 220 1.57 85.13 6.18
C ASP M 220 1.64 84.49 7.55
N PRO M 221 0.56 83.84 8.02
CA PRO M 221 0.58 83.22 9.35
C PRO M 221 1.72 82.23 9.54
N VAL M 222 2.43 82.33 10.66
CA VAL M 222 3.55 81.46 10.98
C VAL M 222 3.14 80.55 12.12
N HIS M 223 3.35 79.25 11.95
CA HIS M 223 2.96 78.26 12.94
C HIS M 223 4.10 77.71 13.76
N ASP M 224 5.35 77.83 13.29
CA ASP M 224 6.49 77.36 14.05
C ASP M 224 7.76 78.06 13.57
N ILE M 225 8.73 78.17 14.47
CA ILE M 225 10.04 78.76 14.18
C ILE M 225 11.10 77.92 14.87
N ALA M 226 12.20 77.64 14.18
CA ALA M 226 13.28 76.85 14.75
C ALA M 226 14.62 77.33 14.24
N PHE M 227 15.60 77.39 15.14
CA PHE M 227 16.98 77.66 14.81
C PHE M 227 17.71 76.34 14.63
N ALA M 228 18.97 76.40 14.18
CA ALA M 228 19.74 75.20 13.95
C ALA M 228 21.05 75.25 14.72
N PRO M 229 21.55 74.11 15.19
CA PRO M 229 22.78 74.11 15.97
C PRO M 229 23.94 74.72 15.20
N ASN M 230 24.80 75.45 15.91
CA ASN M 230 25.85 76.22 15.25
C ASN M 230 26.93 75.32 14.67
N LEU M 231 27.60 74.55 15.52
CA LEU M 231 28.64 73.62 15.10
C LEU M 231 29.80 74.33 14.41
N GLY M 232 30.08 75.56 14.86
CA GLY M 232 31.24 76.28 14.38
C GLY M 232 31.09 76.97 13.04
N ARG M 233 29.88 77.34 12.66
CA ARG M 233 29.66 77.98 11.37
C ARG M 233 29.89 79.49 11.48
N SER M 234 29.84 80.17 10.33
CA SER M 234 30.06 81.61 10.27
C SER M 234 28.77 82.41 10.21
N PHE M 235 27.61 81.76 10.22
CA PHE M 235 26.33 82.45 10.14
C PHE M 235 25.30 81.68 10.95
N HIS M 236 24.03 81.98 10.72
CA HIS M 236 22.91 81.33 11.39
C HIS M 236 21.91 80.83 10.37
N ILE M 237 21.14 79.82 10.74
CA ILE M 237 20.12 79.23 9.88
C ILE M 237 18.79 79.29 10.62
N LEU M 238 17.77 79.83 9.96
CA LEU M 238 16.43 79.94 10.53
C LEU M 238 15.43 79.25 9.61
N ALA M 239 14.50 78.52 10.22
CA ALA M 239 13.49 77.78 9.49
C ALA M 239 12.11 78.22 9.94
N ILE M 240 11.28 78.62 8.98
CA ILE M 240 9.95 79.16 9.26
C ILE M 240 8.90 78.21 8.70
N ALA M 241 7.91 77.87 9.52
CA ALA M 241 6.82 76.98 9.15
C ALA M 241 5.57 77.81 8.88
N THR M 242 5.17 77.86 7.62
CA THR M 242 4.02 78.62 7.14
C THR M 242 3.42 77.83 5.99
N LYS M 243 2.64 78.48 5.14
CA LYS M 243 2.01 77.77 4.03
C LYS M 243 3.04 77.09 3.13
N ASP M 244 4.29 77.53 3.17
CA ASP M 244 5.38 76.91 2.44
C ASP M 244 6.64 76.95 3.31
N VAL M 245 7.41 75.87 3.30
CA VAL M 245 8.62 75.79 4.11
C VAL M 245 9.68 76.69 3.53
N ARG M 246 10.27 77.55 4.37
CA ARG M 246 11.31 78.47 3.96
C ARG M 246 12.50 78.38 4.91
N ILE M 247 13.70 78.57 4.37
CA ILE M 247 14.94 78.55 5.14
C ILE M 247 15.67 79.85 4.85
N PHE M 248 16.12 80.52 5.91
CA PHE M 248 16.82 81.79 5.79
C PHE M 248 18.23 81.66 6.32
N THR M 249 19.03 82.70 6.06
CA THR M 249 20.40 82.80 6.55
C THR M 249 20.63 84.21 7.04
N LEU M 250 21.14 84.34 8.26
CA LEU M 250 21.52 85.63 8.83
C LEU M 250 23.02 85.65 9.06
N LYS M 251 23.70 86.65 8.52
CA LYS M 251 25.15 86.77 8.67
C LYS M 251 25.46 88.15 9.25
N PRO M 252 26.19 88.22 10.35
CA PRO M 252 26.58 89.52 10.89
C PRO M 252 27.61 90.21 10.00
N VAL M 253 27.62 91.54 10.06
CA VAL M 253 28.55 92.32 9.25
C VAL M 253 29.51 93.11 10.14
N PRO M 263 22.47 97.11 18.62
CA PRO M 263 22.05 96.04 17.70
C PRO M 263 23.07 95.81 16.60
N THR M 264 23.26 94.55 16.21
CA THR M 264 24.23 94.17 15.18
C THR M 264 23.52 94.09 13.83
N LYS M 265 24.12 94.71 12.83
CA LYS M 265 23.55 94.66 11.49
C LYS M 265 23.64 93.25 10.93
N PHE M 266 22.64 92.88 10.12
CA PHE M 266 22.53 91.53 9.59
C PHE M 266 22.26 91.59 8.08
N GLU M 267 22.77 90.59 7.38
CA GLU M 267 22.52 90.41 5.95
C GLU M 267 21.63 89.18 5.77
N ILE M 268 20.36 89.40 5.45
CA ILE M 268 19.39 88.33 5.35
C ILE M 268 19.39 87.76 3.94
N HIS M 269 19.23 86.45 3.82
CA HIS M 269 19.13 85.80 2.52
C HIS M 269 18.07 84.71 2.59
N ILE M 270 17.49 84.39 1.45
CA ILE M 270 16.67 83.19 1.30
C ILE M 270 17.52 82.16 0.58
N VAL M 271 17.31 80.88 0.90
CA VAL M 271 18.10 79.83 0.28
C VAL M 271 17.21 78.69 -0.20
N ALA M 272 15.97 78.65 0.27
CA ALA M 272 15.10 77.54 -0.08
C ALA M 272 13.65 77.92 0.15
N GLN M 273 12.79 77.42 -0.73
CA GLN M 273 11.35 77.55 -0.57
C GLN M 273 10.66 76.36 -1.22
N PHE M 274 10.31 75.36 -0.41
CA PHE M 274 9.60 74.20 -0.93
C PHE M 274 8.11 74.33 -0.61
N ASP M 275 7.28 73.78 -1.49
CA ASP M 275 5.84 73.78 -1.31
C ASP M 275 5.23 72.41 -1.56
N ASN M 276 6.02 71.35 -1.43
CA ASN M 276 5.52 70.00 -1.72
C ASN M 276 4.69 69.45 -0.58
N HIS M 277 3.72 70.23 -0.10
CA HIS M 277 2.79 69.79 0.92
C HIS M 277 1.34 70.05 0.52
N ASN M 278 1.10 71.01 -0.37
CA ASN M 278 -0.24 71.34 -0.84
C ASN M 278 -1.15 71.74 0.31
N SER M 279 -0.57 72.03 1.47
CA SER M 279 -1.35 72.36 2.65
C SER M 279 -0.56 73.29 3.57
N GLN M 280 -1.00 73.43 4.80
CA GLN M 280 -0.29 74.21 5.80
C GLN M 280 0.76 73.33 6.47
N VAL M 281 1.76 73.97 7.06
CA VAL M 281 2.81 73.27 7.80
C VAL M 281 2.75 73.70 9.26
N TRP M 282 2.70 72.71 10.16
CA TRP M 282 2.68 73.01 11.58
C TRP M 282 4.04 72.95 12.28
N ARG M 283 4.84 71.90 12.06
CA ARG M 283 6.03 71.73 12.86
C ARG M 283 7.26 71.60 11.98
N VAL M 284 8.40 72.02 12.52
CA VAL M 284 9.69 71.92 11.85
C VAL M 284 10.77 71.78 12.91
N SER M 285 11.77 70.93 12.67
CA SER M 285 12.77 70.59 13.67
C SER M 285 14.06 70.14 13.01
N TRP M 286 15.17 70.27 13.74
CA TRP M 286 16.51 70.01 13.24
C TRP M 286 17.14 68.85 13.99
N ASN M 287 18.20 68.30 13.41
CA ASN M 287 18.96 67.25 14.06
C ASN M 287 20.15 67.85 14.80
N ILE M 288 21.02 67.00 15.33
CA ILE M 288 22.06 67.46 16.25
C ILE M 288 23.18 68.22 15.55
N THR M 289 23.43 67.98 14.26
CA THR M 289 24.46 68.68 13.54
C THR M 289 23.93 69.82 12.67
N GLY M 290 22.63 70.01 12.62
CA GLY M 290 22.07 71.07 11.79
C GLY M 290 22.26 70.84 10.31
N THR M 291 21.99 69.63 9.83
CA THR M 291 22.15 69.30 8.43
C THR M 291 20.92 68.66 7.80
N VAL M 292 19.92 68.27 8.59
CA VAL M 292 18.69 67.68 8.08
C VAL M 292 17.51 68.36 8.77
N LEU M 293 16.48 68.69 7.99
CA LEU M 293 15.29 69.36 8.49
C LEU M 293 14.10 68.43 8.33
N ALA M 294 13.27 68.35 9.36
CA ALA M 294 12.04 67.56 9.34
C ALA M 294 10.85 68.49 9.40
N SER M 295 9.83 68.20 8.59
CA SER M 295 8.62 69.01 8.51
C SER M 295 7.39 68.12 8.53
N SER M 296 6.32 68.59 9.16
CA SER M 296 5.05 67.89 9.22
C SER M 296 3.94 68.81 8.74
N GLY M 297 3.15 68.33 7.78
CA GLY M 297 2.09 69.09 7.19
C GLY M 297 0.71 68.60 7.54
N ASP M 298 -0.27 68.99 6.74
CA ASP M 298 -1.66 68.62 6.94
C ASP M 298 -2.11 67.54 5.97
N ASP M 299 -1.18 66.80 5.39
CA ASP M 299 -1.53 65.72 4.48
C ASP M 299 -1.02 64.39 5.02
N GLY M 300 -0.74 64.34 6.32
CA GLY M 300 -0.33 63.11 6.98
C GLY M 300 0.96 62.52 6.46
N CYS M 301 1.89 63.36 6.04
CA CYS M 301 3.19 62.90 5.59
C CYS M 301 4.29 63.74 6.21
N VAL M 302 5.36 63.09 6.63
CA VAL M 302 6.52 63.74 7.21
C VAL M 302 7.64 63.70 6.18
N ARG M 303 8.20 64.86 5.84
CA ARG M 303 9.18 64.98 4.78
C ARG M 303 10.50 65.48 5.34
N LEU M 304 11.58 65.07 4.69
CA LEU M 304 12.95 65.37 5.11
C LEU M 304 13.67 66.13 4.01
N TRP M 305 14.53 67.06 4.39
CA TRP M 305 15.27 67.88 3.45
C TRP M 305 16.76 67.86 3.79
N LYS M 306 17.59 68.14 2.79
CA LYS M 306 19.03 68.03 2.91
C LYS M 306 19.66 68.90 1.84
N ALA M 307 20.97 69.12 1.96
CA ALA M 307 21.73 69.90 1.00
C ALA M 307 22.41 68.97 0.01
N ASN M 308 22.28 69.28 -1.28
CA ASN M 308 22.80 68.45 -2.35
C ASN M 308 24.30 68.65 -2.54
N TYR M 309 24.80 68.22 -3.70
CA TYR M 309 26.25 68.21 -3.96
C TYR M 309 26.87 69.58 -3.68
N MET M 310 26.16 70.65 -4.02
CA MET M 310 26.68 71.99 -3.78
C MET M 310 25.52 72.92 -3.42
N ASP M 311 25.25 73.04 -2.12
CA ASP M 311 24.32 74.04 -1.59
C ASP M 311 22.99 74.09 -2.34
N ASN M 312 22.43 72.93 -2.65
CA ASN M 312 21.14 72.83 -3.34
C ASN M 312 20.20 72.03 -2.44
N TRP M 313 19.32 72.74 -1.74
CA TRP M 313 18.40 72.10 -0.81
C TRP M 313 17.37 71.31 -1.60
N LYS M 314 17.44 69.98 -1.51
CA LYS M 314 16.55 69.10 -2.23
C LYS M 314 15.97 68.05 -1.28
N CYS M 315 14.72 67.67 -1.54
CA CYS M 315 14.03 66.74 -0.66
C CYS M 315 14.72 65.38 -0.66
N THR M 316 14.59 64.67 0.46
CA THR M 316 15.27 63.40 0.64
C THR M 316 14.43 62.36 1.38
N GLY M 317 13.11 62.39 1.20
CA GLY M 317 12.29 61.33 1.77
C GLY M 317 10.91 61.71 2.23
N ILE M 318 9.92 60.90 1.87
CA ILE M 318 8.56 61.04 2.36
C ILE M 318 8.24 59.83 3.23
N LEU M 319 7.41 60.05 4.25
CA LEU M 319 7.03 58.97 5.17
C LEU M 319 5.57 59.16 5.53
N LYS M 320 4.70 58.41 4.86
CA LYS M 320 3.26 58.51 5.13
C LYS M 320 2.90 57.88 6.46
N GLY M 321 3.42 56.69 6.74
CA GLY M 321 3.11 55.99 7.97
C GLY M 321 3.67 54.58 8.01
N MET N 1 -5.81 -33.64 39.71
CA MET N 1 -6.90 -32.79 40.20
C MET N 1 -6.36 -31.66 41.06
N PHE N 2 -5.13 -31.23 40.78
CA PHE N 2 -4.46 -30.17 41.51
C PHE N 2 -4.31 -28.95 40.62
N VAL N 3 -4.63 -27.78 41.17
CA VAL N 3 -4.56 -26.52 40.43
C VAL N 3 -3.32 -25.76 40.92
N ALA N 4 -2.49 -25.33 39.98
CA ALA N 4 -1.27 -24.61 40.32
C ALA N 4 -1.54 -23.13 40.55
N ARG N 5 -0.60 -22.48 41.24
CA ARG N 5 -0.72 -21.06 41.55
C ARG N 5 0.67 -20.51 41.84
N SER N 6 0.76 -19.18 41.83
CA SER N 6 2.00 -18.47 42.07
C SER N 6 1.91 -17.66 43.35
N ILE N 7 2.96 -17.70 44.16
CA ILE N 7 3.02 -16.99 45.42
C ILE N 7 4.01 -15.85 45.30
N ALA N 8 3.68 -14.70 45.87
CA ALA N 8 4.47 -13.47 45.71
C ALA N 8 5.57 -13.44 46.78
N ALA N 9 6.63 -14.19 46.53
CA ALA N 9 7.82 -14.15 47.35
C ALA N 9 9.00 -13.74 46.47
N ASP N 10 9.70 -12.68 46.87
CA ASP N 10 10.78 -12.12 46.07
C ASP N 10 12.13 -12.51 46.68
N HIS N 11 12.98 -13.13 45.87
CA HIS N 11 14.31 -13.52 46.29
C HIS N 11 15.31 -13.12 45.21
N LYS N 12 16.41 -12.50 45.63
CA LYS N 12 17.42 -12.00 44.69
C LYS N 12 18.13 -13.13 43.99
N ASP N 13 18.80 -14.00 44.76
CA ASP N 13 19.61 -15.06 44.18
C ASP N 13 18.83 -16.37 44.10
N LEU N 14 19.52 -17.47 43.79
CA LEU N 14 18.88 -18.76 43.55
C LEU N 14 18.47 -19.42 44.87
N ILE N 15 17.87 -20.61 44.76
CA ILE N 15 17.34 -21.36 45.90
C ILE N 15 17.81 -22.81 45.79
N HIS N 16 18.32 -23.35 46.90
CA HIS N 16 18.81 -24.72 46.95
C HIS N 16 17.90 -25.66 47.75
N ASP N 17 17.20 -25.17 48.78
CA ASP N 17 16.34 -26.03 49.59
C ASP N 17 15.28 -25.24 50.35
N VAL N 18 14.15 -25.88 50.65
CA VAL N 18 13.04 -25.26 51.37
C VAL N 18 12.49 -26.26 52.37
N SER N 19 11.88 -25.76 53.45
CA SER N 19 11.35 -26.61 54.50
C SER N 19 10.27 -25.89 55.29
N PHE N 20 9.19 -26.61 55.60
CA PHE N 20 8.07 -26.10 56.37
C PHE N 20 8.24 -26.44 57.85
N ASP N 21 7.37 -25.87 58.68
CA ASP N 21 7.33 -26.17 60.10
C ASP N 21 6.28 -27.25 60.38
N PHE N 22 6.16 -27.62 61.65
CA PHE N 22 5.19 -28.65 62.04
C PHE N 22 3.77 -28.21 61.75
N HIS N 23 3.42 -26.98 62.09
CA HIS N 23 2.07 -26.48 61.86
C HIS N 23 1.87 -25.96 60.45
N GLY N 24 2.93 -25.78 59.69
CA GLY N 24 2.78 -25.30 58.32
C GLY N 24 2.42 -23.84 58.18
N ARG N 25 2.76 -23.00 59.16
CA ARG N 25 2.52 -21.57 59.06
C ARG N 25 3.83 -20.78 59.14
N ARG N 26 4.94 -21.45 58.88
CA ARG N 26 6.27 -20.80 58.92
C ARG N 26 7.20 -21.61 58.03
N MET N 27 7.92 -20.94 57.16
CA MET N 27 8.77 -21.60 56.18
C MET N 27 10.16 -20.96 56.18
N ALA N 28 11.15 -21.75 55.78
CA ALA N 28 12.53 -21.31 55.74
C ALA N 28 13.16 -21.58 54.38
N THR N 29 13.83 -20.58 53.84
CA THR N 29 14.53 -20.66 52.57
C THR N 29 15.98 -20.25 52.79
N CYS N 30 16.90 -20.96 52.16
CA CYS N 30 18.32 -20.76 52.48
C CYS N 30 19.17 -21.23 51.31
N SER N 31 19.81 -20.30 50.61
CA SER N 31 20.63 -20.68 49.47
C SER N 31 21.45 -19.57 48.83
N SER N 32 22.16 -19.93 47.76
CA SER N 32 22.89 -19.04 46.86
C SER N 32 23.86 -18.12 47.60
N ASP N 33 23.47 -16.86 47.80
CA ASP N 33 24.39 -15.84 48.29
C ASP N 33 24.55 -15.95 49.81
N GLN N 34 24.89 -17.15 50.25
CA GLN N 34 25.23 -17.47 51.63
C GLN N 34 24.29 -16.83 52.66
N SER N 35 23.02 -16.65 52.30
CA SER N 35 22.06 -15.98 53.16
C SER N 35 20.83 -16.85 53.33
N VAL N 36 20.34 -16.93 54.56
CA VAL N 36 19.19 -17.76 54.91
C VAL N 36 18.07 -16.84 55.38
N LYS N 37 16.83 -17.17 55.01
CA LYS N 37 15.69 -16.34 55.35
C LYS N 37 14.52 -17.19 55.85
N VAL N 38 13.77 -16.62 56.77
CA VAL N 38 12.56 -17.27 57.28
C VAL N 38 11.36 -16.39 56.98
N TRP N 39 10.33 -16.97 56.38
CA TRP N 39 9.11 -16.25 56.02
C TRP N 39 7.97 -16.63 56.94
N ASP N 40 6.92 -15.81 56.93
CA ASP N 40 5.74 -15.99 57.74
C ASP N 40 4.49 -15.84 56.88
N LYS N 41 3.33 -16.17 57.42
CA LYS N 41 2.09 -16.13 56.66
C LYS N 41 1.05 -15.24 57.35
N SER N 42 0.75 -14.10 56.74
CA SER N 42 -0.25 -13.20 57.29
C SER N 42 -1.63 -13.85 57.24
N GLU N 43 -2.51 -13.41 58.14
CA GLU N 43 -3.86 -13.94 58.24
C GLU N 43 -4.61 -13.83 56.92
N SER N 44 -4.34 -12.76 56.18
CA SER N 44 -4.93 -12.59 54.85
C SER N 44 -4.34 -13.56 53.82
N GLY N 45 -3.25 -14.25 54.15
CA GLY N 45 -2.61 -15.17 53.24
C GLY N 45 -1.31 -14.67 52.66
N ASP N 46 -0.90 -13.45 52.98
CA ASP N 46 0.32 -12.90 52.43
C ASP N 46 1.56 -13.53 53.09
N TRP N 47 2.68 -13.45 52.39
CA TRP N 47 3.97 -13.91 52.89
C TRP N 47 4.93 -12.73 52.94
N HIS N 48 5.67 -12.63 54.04
CA HIS N 48 6.65 -11.56 54.23
C HIS N 48 7.85 -12.09 54.99
N CYS N 49 9.04 -11.72 54.54
CA CYS N 49 10.26 -12.14 55.23
C CYS N 49 10.37 -11.47 56.59
N THR N 50 10.99 -12.17 57.54
CA THR N 50 11.11 -11.63 58.89
C THR N 50 12.51 -11.82 59.47
N ALA N 51 13.47 -12.23 58.66
CA ALA N 51 14.85 -12.36 59.11
C ALA N 51 15.76 -12.49 57.90
N SER N 52 17.03 -12.17 58.09
CA SER N 52 18.03 -12.30 57.03
C SER N 52 19.40 -12.16 57.66
N TRP N 53 20.28 -13.12 57.38
CA TRP N 53 21.63 -13.09 57.91
C TRP N 53 22.51 -14.01 57.07
N LYS N 54 23.81 -14.00 57.37
CA LYS N 54 24.80 -14.70 56.57
C LYS N 54 25.24 -15.96 57.29
N THR N 55 25.25 -17.08 56.56
CA THR N 55 25.69 -18.36 57.08
C THR N 55 27.22 -18.42 57.05
N HIS N 56 27.75 -19.63 57.21
CA HIS N 56 29.20 -19.84 57.21
C HIS N 56 29.78 -19.58 55.81
N SER N 57 31.09 -19.77 55.70
CA SER N 57 31.78 -19.47 54.44
C SER N 57 31.37 -20.43 53.34
N GLY N 58 31.38 -21.72 53.61
CA GLY N 58 31.03 -22.69 52.59
C GLY N 58 29.58 -22.58 52.17
N SER N 59 29.26 -23.23 51.05
CA SER N 59 27.90 -23.20 50.54
C SER N 59 26.95 -23.88 51.53
N VAL N 60 25.78 -23.28 51.72
CA VAL N 60 24.78 -23.78 52.66
C VAL N 60 23.68 -24.46 51.85
N TRP N 61 23.52 -25.77 52.04
CA TRP N 61 22.53 -26.51 51.26
C TRP N 61 21.15 -26.45 51.90
N ARG N 62 21.01 -26.98 53.11
CA ARG N 62 19.69 -27.31 53.67
C ARG N 62 19.38 -26.49 54.91
N VAL N 63 18.09 -26.48 55.24
CA VAL N 63 17.58 -26.02 56.54
C VAL N 63 16.49 -26.97 56.99
N THR N 64 16.53 -27.35 58.26
CA THR N 64 15.52 -28.22 58.86
C THR N 64 14.99 -27.59 60.13
N TRP N 65 13.68 -27.48 60.24
CA TRP N 65 13.06 -26.96 61.45
C TRP N 65 13.12 -28.00 62.55
N ALA N 66 12.66 -27.61 63.73
CA ALA N 66 12.50 -28.49 64.88
C ALA N 66 11.07 -28.39 65.39
N HIS N 67 10.69 -29.38 66.18
CA HIS N 67 9.32 -29.45 66.65
C HIS N 67 9.04 -28.37 67.68
N PRO N 68 7.82 -27.83 67.72
CA PRO N 68 7.54 -26.69 68.62
C PRO N 68 7.71 -27.02 70.09
N GLU N 69 7.72 -28.29 70.48
CA GLU N 69 7.83 -28.64 71.89
C GLU N 69 9.12 -28.12 72.51
N PHE N 70 10.14 -27.86 71.71
CA PHE N 70 11.39 -27.28 72.20
C PHE N 70 11.61 -25.88 71.66
N GLY N 71 10.55 -25.22 71.23
CA GLY N 71 10.67 -23.88 70.72
C GLY N 71 11.16 -23.84 69.28
N GLN N 72 11.71 -22.67 68.93
CA GLN N 72 12.14 -22.39 67.56
C GLN N 72 13.61 -22.75 67.41
N VAL N 73 13.89 -23.84 66.70
CA VAL N 73 15.25 -24.29 66.45
C VAL N 73 15.40 -24.61 64.97
N LEU N 74 16.50 -24.15 64.37
CA LEU N 74 16.84 -24.47 63.00
C LEU N 74 18.20 -25.17 62.94
N ALA N 75 18.53 -25.70 61.77
CA ALA N 75 19.78 -26.40 61.56
C ALA N 75 20.16 -26.31 60.08
N SER N 76 21.44 -26.09 59.81
CA SER N 76 21.92 -25.86 58.45
C SER N 76 23.27 -26.52 58.25
N CYS N 77 23.43 -27.21 57.12
CA CYS N 77 24.69 -27.82 56.77
C CYS N 77 25.45 -26.94 55.79
N SER N 78 26.77 -26.95 55.89
CA SER N 78 27.63 -26.10 55.08
C SER N 78 28.63 -26.97 54.30
N PHE N 79 29.43 -26.32 53.46
CA PHE N 79 30.44 -27.04 52.67
C PHE N 79 31.69 -27.27 53.52
N ASP N 80 32.35 -26.19 53.94
CA ASP N 80 33.45 -26.32 54.88
C ASP N 80 32.86 -26.85 56.18
N ARG N 81 33.24 -28.08 56.53
CA ARG N 81 32.54 -28.93 57.49
C ARG N 81 32.11 -28.20 58.76
N THR N 82 30.81 -28.14 59.00
CA THR N 82 30.25 -27.56 60.21
C THR N 82 28.76 -27.88 60.25
N ALA N 83 28.24 -28.04 61.46
CA ALA N 83 26.81 -28.17 61.70
C ALA N 83 26.41 -27.08 62.67
N ALA N 84 25.40 -26.28 62.31
CA ALA N 84 25.07 -25.07 63.04
C ALA N 84 23.62 -25.07 63.50
N VAL N 85 23.41 -24.67 64.76
CA VAL N 85 22.10 -24.55 65.36
C VAL N 85 21.84 -23.08 65.64
N TRP N 86 20.65 -22.60 65.27
CA TRP N 86 20.35 -21.16 65.31
C TRP N 86 19.01 -20.88 65.96
N GLU N 87 18.78 -21.40 67.16
CA GLU N 87 17.54 -21.11 67.87
C GLU N 87 17.35 -19.61 68.06
N GLU N 88 16.11 -19.15 67.85
CA GLU N 88 15.77 -17.75 68.04
C GLU N 88 15.72 -17.41 69.53
N ILE N 89 16.18 -16.21 69.85
CA ILE N 89 16.19 -15.74 71.24
C ILE N 89 15.63 -14.32 71.31
N VAL N 90 14.53 -14.16 72.05
CA VAL N 90 13.93 -12.87 72.33
C VAL N 90 13.60 -12.13 71.03
N GLY N 91 12.61 -12.62 70.31
CA GLY N 91 12.15 -11.93 69.11
C GLY N 91 13.20 -11.91 68.02
N GLU N 92 12.88 -11.13 66.99
CA GLU N 92 13.75 -10.98 65.83
C GLU N 92 13.59 -9.61 65.21
N HIS N 102 16.34 -11.34 67.79
CA HIS N 102 17.17 -11.78 66.68
C HIS N 102 17.56 -13.25 66.84
N TRP N 103 18.13 -13.82 65.79
CA TRP N 103 18.56 -15.21 65.81
C TRP N 103 20.04 -15.28 66.16
N VAL N 104 20.36 -16.10 67.17
CA VAL N 104 21.71 -16.18 67.71
C VAL N 104 22.17 -17.63 67.67
N LYS N 105 23.35 -17.86 67.08
CA LYS N 105 23.88 -19.21 67.00
C LYS N 105 24.16 -19.76 68.39
N ARG N 106 24.08 -21.09 68.51
CA ARG N 106 24.13 -21.73 69.82
C ARG N 106 25.08 -22.92 69.88
N THR N 107 25.55 -23.44 68.75
CA THR N 107 26.48 -24.55 68.77
C THR N 107 27.16 -24.64 67.41
N THR N 108 28.18 -25.47 67.32
CA THR N 108 28.88 -25.72 66.07
C THR N 108 29.53 -27.08 66.14
N LEU N 109 29.05 -28.01 65.33
CA LEU N 109 29.59 -29.36 65.27
C LEU N 109 30.52 -29.48 64.07
N VAL N 110 31.80 -29.74 64.32
CA VAL N 110 32.80 -29.73 63.25
C VAL N 110 33.61 -31.01 63.27
N ASP N 111 33.05 -32.08 63.82
CA ASP N 111 33.77 -33.34 63.92
C ASP N 111 33.95 -34.05 62.59
N SER N 112 33.28 -33.57 61.54
CA SER N 112 33.37 -34.19 60.22
C SER N 112 34.60 -33.65 59.49
N ARG N 113 35.37 -34.54 58.87
CA ARG N 113 36.55 -34.12 58.12
C ARG N 113 36.19 -33.54 56.77
N THR N 114 35.15 -34.04 56.12
CA THR N 114 34.74 -33.60 54.80
C THR N 114 33.41 -32.85 54.89
N SER N 115 32.86 -32.53 53.73
CA SER N 115 31.62 -31.75 53.66
C SER N 115 30.47 -32.49 54.31
N VAL N 116 29.51 -31.73 54.84
CA VAL N 116 28.28 -32.29 55.37
C VAL N 116 27.23 -32.30 54.27
N THR N 117 26.66 -33.47 54.00
CA THR N 117 25.71 -33.62 52.91
C THR N 117 24.25 -33.60 53.37
N ASP N 118 23.96 -33.90 54.64
CA ASP N 118 22.59 -33.86 55.12
C ASP N 118 22.59 -33.69 56.63
N VAL N 119 21.56 -32.99 57.12
CA VAL N 119 21.34 -32.78 58.55
C VAL N 119 19.84 -32.82 58.82
N LYS N 120 19.37 -33.89 59.45
CA LYS N 120 17.96 -34.08 59.73
C LYS N 120 17.76 -34.32 61.23
N PHE N 121 16.62 -33.88 61.74
CA PHE N 121 16.32 -34.00 63.17
C PHE N 121 15.83 -35.40 63.50
N ALA N 122 15.27 -35.59 64.70
CA ALA N 122 14.80 -36.90 65.10
C ALA N 122 13.44 -36.79 65.79
N PRO N 123 12.61 -37.84 65.72
CA PRO N 123 11.31 -37.83 66.41
C PRO N 123 11.37 -37.45 67.88
N LYS N 124 10.24 -37.07 68.44
CA LYS N 124 10.24 -36.45 69.76
C LYS N 124 10.53 -37.46 70.87
N HIS N 125 9.86 -38.61 70.84
CA HIS N 125 9.80 -39.47 72.02
C HIS N 125 11.18 -39.90 72.52
N MET N 126 12.22 -39.71 71.71
CA MET N 126 13.59 -39.93 72.18
C MET N 126 14.26 -38.67 72.70
N GLY N 127 13.73 -37.49 72.38
CA GLY N 127 14.30 -36.26 72.89
C GLY N 127 14.69 -35.25 71.83
N LEU N 128 15.92 -34.75 71.89
CA LEU N 128 16.43 -33.76 70.95
C LEU N 128 17.74 -34.29 70.39
N MET N 129 17.65 -34.98 69.25
CA MET N 129 18.81 -35.59 68.62
C MET N 129 19.04 -34.97 67.24
N LEU N 130 20.14 -35.35 66.61
CA LEU N 130 20.47 -34.92 65.26
C LEU N 130 21.14 -36.08 64.54
N ALA N 131 21.35 -35.91 63.24
CA ALA N 131 22.02 -36.93 62.45
C ALA N 131 22.75 -36.24 61.31
N THR N 132 24.06 -36.04 61.47
CA THR N 132 24.88 -35.46 60.44
C THR N 132 25.40 -36.54 59.50
N CYS N 133 25.84 -36.13 58.31
CA CYS N 133 26.29 -37.08 57.31
C CYS N 133 27.43 -36.47 56.52
N SER N 134 28.55 -37.19 56.43
CA SER N 134 29.75 -36.68 55.78
C SER N 134 29.80 -37.17 54.33
N ALA N 135 30.92 -36.91 53.65
CA ALA N 135 31.12 -37.32 52.27
C ALA N 135 31.83 -38.65 52.13
N ASP N 136 32.87 -38.90 52.93
CA ASP N 136 33.50 -40.21 52.97
C ASP N 136 32.50 -41.21 53.54
N GLY N 137 31.70 -40.74 54.49
CA GLY N 137 30.58 -41.48 55.04
C GLY N 137 30.80 -41.91 56.47
N ILE N 138 30.31 -41.10 57.40
CA ILE N 138 30.24 -41.46 58.81
C ILE N 138 29.03 -40.74 59.40
N VAL N 139 28.00 -41.48 59.75
CA VAL N 139 26.80 -40.92 60.34
C VAL N 139 27.02 -40.78 61.84
N ARG N 140 26.82 -39.58 62.36
CA ARG N 140 27.05 -39.29 63.77
C ARG N 140 25.80 -38.72 64.39
N ILE N 141 25.22 -39.45 65.33
CA ILE N 141 24.04 -38.98 66.05
C ILE N 141 24.49 -38.10 67.21
N TYR N 142 23.82 -36.96 67.37
CA TYR N 142 24.21 -35.96 68.36
C TYR N 142 23.05 -35.76 69.32
N GLU N 143 23.32 -35.96 70.61
CA GLU N 143 22.29 -35.79 71.63
C GLU N 143 22.32 -34.35 72.16
N ALA N 144 21.35 -34.01 72.99
CA ALA N 144 21.36 -32.72 73.67
C ALA N 144 20.59 -32.79 74.99
N PRO N 145 21.08 -33.54 75.99
CA PRO N 145 20.35 -33.62 77.27
C PRO N 145 20.43 -32.33 78.08
N ASP N 146 19.86 -31.24 77.57
CA ASP N 146 19.82 -29.98 78.30
C ASP N 146 18.40 -29.44 78.36
N VAL N 147 17.63 -29.65 77.29
CA VAL N 147 16.22 -29.32 77.22
C VAL N 147 15.97 -27.83 77.41
N MET N 148 16.34 -27.30 78.58
CA MET N 148 16.20 -25.87 78.84
C MET N 148 17.37 -25.08 78.27
N ASN N 149 18.60 -25.45 78.62
CA ASN N 149 19.76 -24.94 77.93
C ASN N 149 19.84 -25.58 76.54
N LEU N 150 20.64 -25.00 75.65
CA LEU N 150 20.70 -25.50 74.29
C LEU N 150 22.11 -25.62 73.74
N SER N 151 23.10 -24.99 74.35
CA SER N 151 24.49 -25.05 73.91
C SER N 151 25.20 -26.17 74.67
N GLN N 152 24.69 -27.40 74.54
CA GLN N 152 25.26 -28.51 75.31
C GLN N 152 25.27 -29.82 74.53
N TRP N 153 25.47 -29.75 73.22
CA TRP N 153 25.44 -30.96 72.41
C TRP N 153 26.56 -31.91 72.80
N SER N 154 26.32 -33.20 72.59
CA SER N 154 27.28 -34.24 72.98
C SER N 154 27.15 -35.43 72.03
N LEU N 155 28.26 -35.82 71.42
CA LEU N 155 28.26 -36.94 70.50
C LEU N 155 27.96 -38.24 71.23
N GLN N 156 27.08 -39.06 70.66
CA GLN N 156 26.63 -40.26 71.33
C GLN N 156 27.04 -41.52 70.58
N HIS N 157 26.74 -41.58 69.29
CA HIS N 157 27.06 -42.76 68.50
C HIS N 157 27.74 -42.37 67.19
N GLU N 158 28.22 -43.38 66.48
CA GLU N 158 28.93 -43.16 65.22
C GLU N 158 28.73 -44.36 64.32
N ILE N 159 28.62 -44.10 63.01
CA ILE N 159 28.39 -45.15 62.03
C ILE N 159 29.47 -45.08 60.96
N SER N 160 29.59 -46.15 60.17
CA SER N 160 30.63 -46.21 59.14
C SER N 160 30.11 -47.05 57.98
N CYS N 161 29.91 -46.42 56.83
CA CYS N 161 29.32 -47.08 55.67
C CYS N 161 30.37 -47.51 54.65
N LYS N 162 31.54 -46.88 54.66
CA LYS N 162 32.58 -47.14 53.67
C LYS N 162 32.06 -46.92 52.25
N LEU N 163 31.36 -45.81 52.03
CA LEU N 163 30.89 -45.43 50.72
C LEU N 163 30.41 -43.99 50.74
N SER N 164 30.17 -43.40 49.58
CA SER N 164 29.66 -42.04 49.53
C SER N 164 28.28 -41.96 50.18
N CYS N 165 28.10 -40.96 51.04
CA CYS N 165 26.87 -40.78 51.80
C CYS N 165 26.20 -39.50 51.31
N SER N 166 24.96 -39.63 50.81
CA SER N 166 24.24 -38.53 50.21
C SER N 166 23.03 -38.07 51.02
N CYS N 167 22.18 -38.99 51.46
CA CYS N 167 20.95 -38.61 52.15
C CYS N 167 20.68 -39.57 53.29
N ILE N 168 20.05 -39.04 54.35
CA ILE N 168 19.67 -39.80 55.52
C ILE N 168 18.18 -39.59 55.78
N SER N 169 17.53 -40.63 56.31
CA SER N 169 16.11 -40.58 56.62
C SER N 169 15.84 -41.37 57.89
N TRP N 170 14.91 -40.85 58.69
CA TRP N 170 14.50 -41.45 59.95
C TRP N 170 13.17 -42.17 59.79
N ASN N 171 12.90 -43.08 60.71
CA ASN N 171 11.60 -43.75 60.75
C ASN N 171 10.69 -43.02 61.71
N PRO N 172 9.58 -42.45 61.23
CA PRO N 172 8.71 -41.67 62.11
C PRO N 172 7.76 -42.50 62.96
N SER N 173 7.91 -43.82 62.99
CA SER N 173 7.04 -44.63 63.83
C SER N 173 7.25 -44.29 65.30
N SER N 174 6.15 -44.22 66.04
CA SER N 174 6.18 -43.77 67.42
C SER N 174 5.54 -44.80 68.34
N SER N 175 5.65 -46.07 67.99
CA SER N 175 5.05 -47.13 68.79
C SER N 175 6.00 -47.58 69.88
N ARG N 176 5.49 -48.48 70.73
CA ARG N 176 6.33 -49.06 71.77
C ARG N 176 7.24 -50.16 71.21
N ALA N 177 6.66 -51.09 70.46
CA ALA N 177 7.40 -52.25 69.95
C ALA N 177 7.94 -51.97 68.54
N HIS N 178 8.84 -50.99 68.47
CA HIS N 178 9.53 -50.65 67.24
C HIS N 178 10.84 -49.96 67.58
N SER N 179 11.91 -50.39 66.96
CA SER N 179 13.25 -49.87 67.22
C SER N 179 13.54 -48.69 66.32
N PRO N 180 14.39 -47.76 66.78
CA PRO N 180 14.78 -46.64 65.92
C PRO N 180 15.54 -47.12 64.69
N MET N 181 15.41 -46.37 63.60
CA MET N 181 15.93 -46.83 62.32
C MET N 181 16.49 -45.65 61.54
N ILE N 182 17.55 -45.92 60.77
CA ILE N 182 18.19 -44.93 59.90
C ILE N 182 18.33 -45.55 58.52
N ALA N 183 17.94 -44.81 57.49
CA ALA N 183 18.19 -45.20 56.11
C ALA N 183 19.20 -44.24 55.50
N VAL N 184 20.31 -44.78 55.03
CA VAL N 184 21.41 -43.99 54.49
C VAL N 184 21.58 -44.32 53.02
N GLY N 185 21.43 -43.31 52.16
CA GLY N 185 21.62 -43.48 50.74
C GLY N 185 23.06 -43.37 50.32
N SER N 186 23.31 -43.68 49.05
CA SER N 186 24.67 -43.68 48.51
C SER N 186 24.68 -42.96 47.17
N ASP N 187 25.78 -42.25 46.91
CA ASP N 187 25.94 -41.54 45.64
C ASP N 187 27.36 -41.71 45.11
N LYS N 196 24.41 -50.85 49.34
CA LYS N 196 24.22 -49.76 48.38
C LYS N 196 23.18 -48.77 48.90
N VAL N 197 22.20 -49.27 49.65
CA VAL N 197 21.31 -48.44 50.45
C VAL N 197 21.07 -49.14 51.78
N GLN N 198 21.77 -48.72 52.82
CA GLN N 198 21.76 -49.44 54.09
C GLN N 198 20.57 -49.03 54.95
N ILE N 199 20.21 -49.87 55.92
CA ILE N 199 19.14 -49.58 56.87
C ILE N 199 19.54 -50.08 58.24
N PHE N 200 19.81 -49.17 59.16
CA PHE N 200 20.31 -49.50 60.48
C PHE N 200 19.15 -49.68 61.46
N GLU N 201 19.42 -50.33 62.59
CA GLU N 201 18.39 -50.56 63.60
C GLU N 201 18.99 -50.77 64.98
N TYR N 202 18.89 -49.75 65.84
CA TYR N 202 19.51 -49.79 67.17
C TYR N 202 18.83 -50.82 68.04
N ASN N 203 19.60 -51.39 68.97
CA ASN N 203 19.09 -52.38 69.91
C ASN N 203 18.73 -51.71 71.22
N GLU N 204 18.38 -52.52 72.22
CA GLU N 204 18.00 -52.03 73.53
C GLU N 204 18.94 -52.50 74.63
N ASN N 205 19.80 -53.48 74.38
CA ASN N 205 20.74 -53.97 75.37
C ASN N 205 22.16 -53.55 75.01
N THR N 206 22.62 -53.89 73.80
CA THR N 206 23.93 -53.45 73.32
C THR N 206 23.78 -52.18 72.50
N ARG N 207 23.97 -51.03 73.16
CA ARG N 207 23.71 -49.75 72.52
C ARG N 207 24.60 -49.56 71.30
N LYS N 208 24.02 -49.70 70.12
CA LYS N 208 24.75 -49.64 68.86
C LYS N 208 23.77 -49.57 67.71
N TYR N 209 24.26 -49.74 66.49
CA TYR N 209 23.41 -49.89 65.31
C TYR N 209 23.83 -51.20 64.64
N ALA N 210 23.23 -51.49 63.48
CA ALA N 210 23.53 -52.75 62.81
C ALA N 210 23.36 -52.57 61.31
N LYS N 211 23.33 -53.68 60.58
CA LYS N 211 22.99 -53.65 59.16
C LYS N 211 21.78 -54.54 58.93
N ALA N 212 20.58 -53.99 59.10
CA ALA N 212 19.37 -54.79 59.07
C ALA N 212 19.16 -55.43 57.70
N GLU N 213 19.36 -54.66 56.64
CA GLU N 213 19.12 -55.16 55.30
C GLU N 213 19.88 -54.28 54.31
N THR N 214 19.82 -54.64 53.03
CA THR N 214 20.48 -53.88 51.99
C THR N 214 19.76 -54.07 50.66
N LEU N 215 19.05 -53.04 50.21
CA LEU N 215 18.24 -53.14 48.99
C LEU N 215 19.12 -53.34 47.77
N MET N 216 19.16 -54.57 47.25
CA MET N 216 20.02 -54.93 46.13
C MET N 216 19.21 -54.81 44.84
N THR N 217 18.69 -53.62 44.59
CA THR N 217 17.94 -53.36 43.37
C THR N 217 18.20 -52.00 42.76
N VAL N 218 19.11 -51.20 43.33
CA VAL N 218 19.38 -49.86 42.81
C VAL N 218 20.88 -49.67 42.66
N THR N 219 21.35 -49.57 41.42
CA THR N 219 22.75 -49.33 41.14
C THR N 219 23.04 -47.88 40.76
N ASP N 220 22.11 -47.20 40.12
CA ASP N 220 22.28 -45.80 39.77
C ASP N 220 22.30 -44.95 41.04
N PRO N 221 22.88 -43.75 40.97
CA PRO N 221 22.97 -42.91 42.17
C PRO N 221 21.61 -42.55 42.74
N VAL N 222 21.52 -42.52 44.07
CA VAL N 222 20.31 -42.18 44.78
C VAL N 222 20.52 -40.84 45.47
N HIS N 223 19.59 -39.90 45.29
CA HIS N 223 19.78 -38.55 45.79
C HIS N 223 18.95 -38.23 47.03
N ASP N 224 17.82 -38.91 47.24
CA ASP N 224 16.98 -38.60 48.39
C ASP N 224 16.19 -39.84 48.78
N ILE N 225 16.29 -40.24 50.03
CA ILE N 225 15.54 -41.35 50.59
C ILE N 225 14.57 -40.78 51.62
N ALA N 226 13.29 -41.11 51.49
CA ALA N 226 12.24 -40.57 52.34
C ALA N 226 11.41 -41.69 52.92
N PHE N 227 11.23 -41.69 54.24
CA PHE N 227 10.35 -42.65 54.88
C PHE N 227 8.91 -42.16 54.84
N ALA N 228 8.01 -43.08 54.94
CA ALA N 228 6.61 -42.67 54.96
C ALA N 228 6.04 -42.78 56.36
N PRO N 229 5.18 -41.85 56.75
CA PRO N 229 4.60 -41.88 58.10
C PRO N 229 3.80 -43.14 58.36
N ASN N 230 3.71 -43.51 59.64
CA ASN N 230 3.16 -44.81 60.01
C ASN N 230 1.64 -44.84 60.01
N LEU N 231 1.00 -44.05 60.87
CA LEU N 231 -0.45 -44.15 61.14
C LEU N 231 -0.86 -45.57 61.51
N GLY N 232 -0.07 -46.22 62.35
CA GLY N 232 -0.49 -47.47 62.95
C GLY N 232 -0.61 -48.64 62.02
N ARG N 233 -0.02 -48.58 60.83
CA ARG N 233 -0.06 -49.71 59.91
C ARG N 233 0.76 -50.87 60.47
N SER N 234 0.74 -51.99 59.75
CA SER N 234 1.50 -53.18 60.14
C SER N 234 2.81 -53.32 59.38
N PHE N 235 3.24 -52.29 58.66
CA PHE N 235 4.47 -52.37 57.88
C PHE N 235 5.01 -50.98 57.63
N HIS N 236 6.12 -50.92 56.89
CA HIS N 236 6.85 -49.69 56.62
C HIS N 236 6.94 -49.44 55.13
N ILE N 237 7.29 -48.21 54.77
CA ILE N 237 7.43 -47.78 53.39
C ILE N 237 8.71 -46.96 53.26
N LEU N 238 9.48 -47.23 52.20
CA LEU N 238 10.69 -46.49 51.89
C LEU N 238 10.64 -46.06 50.43
N ALA N 239 11.05 -44.83 50.15
CA ALA N 239 10.97 -44.26 48.81
C ALA N 239 12.36 -43.86 48.34
N ILE N 240 12.71 -44.27 47.12
CA ILE N 240 14.02 -44.01 46.55
C ILE N 240 13.85 -43.11 45.32
N ALA N 241 14.88 -42.29 45.03
CA ALA N 241 14.79 -41.25 44.00
C ALA N 241 15.90 -41.43 42.98
N THR N 242 16.07 -42.67 42.51
CA THR N 242 17.05 -42.99 41.48
C THR N 242 16.48 -42.62 40.11
N LYS N 243 17.10 -43.12 39.04
CA LYS N 243 16.60 -42.86 37.69
C LYS N 243 15.17 -43.37 37.52
N ASP N 244 14.73 -44.29 38.38
CA ASP N 244 13.35 -44.70 38.46
C ASP N 244 12.86 -44.51 39.90
N VAL N 245 11.69 -43.90 40.05
CA VAL N 245 11.12 -43.68 41.38
C VAL N 245 10.54 -44.98 41.90
N ARG N 246 11.04 -45.44 43.04
CA ARG N 246 10.66 -46.72 43.61
C ARG N 246 10.04 -46.52 44.99
N ILE N 247 9.08 -47.37 45.32
CA ILE N 247 8.37 -47.32 46.62
C ILE N 247 8.35 -48.74 47.16
N PHE N 248 9.29 -49.05 48.05
CA PHE N 248 9.41 -50.38 48.60
C PHE N 248 8.35 -50.59 49.68
N THR N 249 8.32 -51.78 50.28
CA THR N 249 7.45 -52.04 51.41
C THR N 249 8.03 -53.10 52.33
N LEU N 250 8.74 -52.68 53.37
CA LEU N 250 9.28 -53.64 54.32
C LEU N 250 8.19 -54.12 55.26
N LYS N 251 8.34 -55.34 55.76
CA LYS N 251 7.34 -55.93 56.64
C LYS N 251 7.99 -56.80 57.71
N PRO N 252 7.85 -56.45 58.99
CA PRO N 252 8.46 -57.26 60.05
C PRO N 252 7.95 -58.69 60.08
N VAL N 253 8.84 -59.64 60.40
CA VAL N 253 8.50 -61.05 60.52
C VAL N 253 8.76 -61.47 61.96
N ARG N 254 7.74 -62.00 62.62
CA ARG N 254 7.86 -62.42 64.01
C ARG N 254 8.78 -63.61 64.16
N THR N 264 15.39 -56.54 63.02
CA THR N 264 14.98 -57.93 63.10
C THR N 264 15.28 -58.68 61.81
N LYS N 265 14.23 -59.10 61.12
CA LYS N 265 14.36 -59.82 59.84
C LYS N 265 13.16 -59.41 58.99
N PHE N 266 13.44 -58.69 57.91
CA PHE N 266 12.41 -58.05 57.11
C PHE N 266 12.27 -58.72 55.76
N GLU N 267 11.04 -58.78 55.26
CA GLU N 267 10.75 -59.30 53.92
C GLU N 267 10.37 -58.12 53.03
N ILE N 268 11.25 -57.80 52.08
CA ILE N 268 11.10 -56.62 51.23
C ILE N 268 10.15 -56.91 50.07
N HIS N 269 9.78 -55.86 49.35
CA HIS N 269 9.02 -55.95 48.11
C HIS N 269 9.26 -54.69 47.28
N ILE N 270 8.87 -54.71 46.00
CA ILE N 270 9.15 -53.61 45.10
C ILE N 270 7.85 -53.07 44.50
N VAL N 271 6.79 -53.02 45.30
CA VAL N 271 5.41 -52.88 44.86
C VAL N 271 5.20 -51.82 43.77
N ALA N 272 6.08 -50.82 43.70
CA ALA N 272 5.94 -49.82 42.66
C ALA N 272 7.29 -49.62 41.97
N GLN N 273 7.23 -49.23 40.69
CA GLN N 273 8.41 -48.91 39.90
C GLN N 273 7.99 -47.92 38.80
N PHE N 274 8.23 -46.64 39.06
CA PHE N 274 7.82 -45.62 38.11
C PHE N 274 9.02 -45.16 37.29
N ASP N 275 8.85 -45.11 35.98
CA ASP N 275 9.91 -44.70 35.06
C ASP N 275 9.36 -43.74 34.01
N ASN N 276 8.60 -42.76 34.45
CA ASN N 276 7.94 -41.82 33.55
C ASN N 276 8.36 -40.39 33.85
N HIS N 277 9.60 -40.22 34.31
CA HIS N 277 10.15 -38.90 34.57
C HIS N 277 11.10 -38.43 33.48
N ASN N 278 11.60 -39.35 32.65
CA ASN N 278 12.43 -39.03 31.49
C ASN N 278 13.75 -38.35 31.87
N SER N 279 14.15 -38.46 33.13
CA SER N 279 15.37 -37.83 33.61
C SER N 279 15.81 -38.53 34.89
N GLN N 280 16.72 -37.89 35.62
CA GLN N 280 17.11 -38.34 36.95
C GLN N 280 16.24 -37.64 37.99
N VAL N 281 15.61 -38.43 38.86
CA VAL N 281 14.74 -37.86 39.90
C VAL N 281 15.60 -37.25 41.00
N TRP N 282 15.26 -36.03 41.40
CA TRP N 282 16.06 -35.30 42.38
C TRP N 282 15.54 -35.42 43.81
N ARG N 283 14.24 -35.25 44.05
CA ARG N 283 13.73 -35.20 45.41
C ARG N 283 12.39 -35.91 45.49
N VAL N 284 12.11 -36.50 46.65
CA VAL N 284 10.82 -37.12 46.95
C VAL N 284 10.41 -36.66 48.35
N SER N 285 9.12 -36.36 48.53
CA SER N 285 8.58 -35.91 49.81
C SER N 285 7.21 -36.52 50.02
N TRP N 286 6.94 -36.94 51.25
CA TRP N 286 5.69 -37.63 51.56
C TRP N 286 4.65 -36.67 52.12
N ASN N 287 3.41 -37.15 52.18
CA ASN N 287 2.27 -36.44 52.73
C ASN N 287 2.14 -36.74 54.23
N ILE N 288 1.34 -35.93 54.91
CA ILE N 288 1.18 -36.03 56.37
C ILE N 288 0.59 -37.39 56.75
N THR N 289 -0.12 -38.03 55.83
CA THR N 289 -0.71 -39.34 56.09
C THR N 289 0.06 -40.50 55.47
N GLY N 290 0.79 -40.27 54.39
CA GLY N 290 1.42 -41.38 53.70
C GLY N 290 0.46 -41.99 52.70
N THR N 291 -0.13 -41.14 51.87
CA THR N 291 -0.99 -41.57 50.78
C THR N 291 -0.67 -40.91 49.46
N VAL N 292 -0.03 -39.74 49.47
CA VAL N 292 0.40 -39.04 48.27
C VAL N 292 1.89 -38.80 48.37
N LEU N 293 2.61 -39.09 47.29
CA LEU N 293 4.04 -38.87 47.20
C LEU N 293 4.34 -37.95 46.03
N ALA N 294 5.18 -36.95 46.24
CA ALA N 294 5.53 -35.96 45.23
C ALA N 294 6.96 -36.21 44.76
N SER N 295 7.16 -36.23 43.45
CA SER N 295 8.46 -36.49 42.86
C SER N 295 8.82 -35.37 41.89
N SER N 296 10.07 -34.93 41.97
CA SER N 296 10.60 -33.87 41.12
C SER N 296 11.95 -34.29 40.56
N GLY N 297 12.28 -33.75 39.39
CA GLY N 297 13.52 -34.06 38.72
C GLY N 297 14.14 -32.84 38.08
N ASP N 298 15.15 -33.10 37.25
CA ASP N 298 15.83 -32.06 36.49
C ASP N 298 15.33 -32.08 35.06
N ASP N 299 14.05 -32.37 34.90
CA ASP N 299 13.41 -32.34 33.58
C ASP N 299 12.10 -31.57 33.64
N GLY N 300 12.03 -30.59 34.54
CA GLY N 300 10.88 -29.70 34.55
C GLY N 300 9.79 -30.04 35.54
N CYS N 301 8.74 -30.70 35.06
CA CYS N 301 7.49 -30.86 35.77
C CYS N 301 7.66 -31.67 37.05
N VAL N 302 6.85 -31.31 38.05
CA VAL N 302 6.69 -32.10 39.25
C VAL N 302 5.46 -32.98 39.08
N ARG N 303 5.48 -34.15 39.69
CA ARG N 303 4.42 -35.12 39.50
C ARG N 303 4.07 -35.80 40.82
N LEU N 304 2.76 -36.00 41.03
CA LEU N 304 2.23 -36.59 42.25
C LEU N 304 1.73 -37.99 41.94
N TRP N 305 1.92 -38.91 42.88
CA TRP N 305 1.45 -40.28 42.74
C TRP N 305 0.64 -40.69 43.97
N LYS N 306 -0.48 -41.35 43.72
CA LYS N 306 -1.35 -41.87 44.77
C LYS N 306 -1.65 -43.33 44.47
N ALA N 307 -2.46 -43.95 45.32
CA ALA N 307 -2.85 -45.34 45.14
C ALA N 307 -4.25 -45.41 44.54
N ASN N 308 -4.57 -46.58 43.98
CA ASN N 308 -5.87 -46.83 43.38
C ASN N 308 -6.68 -47.76 44.28
N TYR N 309 -7.93 -48.02 43.88
CA TYR N 309 -8.77 -48.92 44.64
C TYR N 309 -8.27 -50.36 44.61
N MET N 310 -7.42 -50.70 43.65
CA MET N 310 -6.83 -52.03 43.56
C MET N 310 -5.43 -52.08 44.14
N ASP N 311 -5.05 -51.05 44.91
CA ASP N 311 -3.72 -50.96 45.53
C ASP N 311 -2.62 -51.04 44.48
N ASN N 312 -2.86 -50.39 43.34
CA ASN N 312 -1.88 -50.31 42.26
C ASN N 312 -1.62 -48.83 41.98
N TRP N 313 -0.42 -48.37 42.32
CA TRP N 313 -0.12 -46.95 42.28
C TRP N 313 -0.25 -46.41 40.85
N LYS N 314 -0.87 -45.23 40.75
CA LYS N 314 -1.11 -44.60 39.46
C LYS N 314 -1.01 -43.10 39.61
N CYS N 315 -0.54 -42.43 38.56
CA CYS N 315 -0.29 -41.00 38.63
C CYS N 315 -1.58 -40.23 38.89
N THR N 316 -1.45 -39.07 39.51
CA THR N 316 -2.59 -38.23 39.83
C THR N 316 -2.35 -36.77 39.45
N GLY N 317 -1.32 -36.52 38.64
CA GLY N 317 -1.07 -35.16 38.20
C GLY N 317 0.31 -34.94 37.60
N ILE N 318 0.41 -33.96 36.71
CA ILE N 318 1.68 -33.54 36.14
C ILE N 318 1.66 -32.03 36.03
N LEU N 319 2.37 -31.34 36.93
CA LEU N 319 2.34 -29.89 36.97
C LEU N 319 3.71 -29.31 36.65
N LYS N 320 3.72 -28.22 35.89
CA LYS N 320 4.94 -27.53 35.52
C LYS N 320 4.70 -26.04 35.28
N GLY N 321 5.52 -25.20 35.90
CA GLY N 321 5.37 -23.76 35.76
C GLY N 321 6.69 -23.02 35.71
N PHE O 2 51.12 19.58 63.89
CA PHE O 2 51.62 18.24 63.74
C PHE O 2 52.79 18.19 62.76
N VAL O 3 52.60 18.76 61.57
CA VAL O 3 53.64 18.80 60.55
C VAL O 3 54.68 19.83 60.97
N ALA O 4 55.87 19.76 60.39
CA ALA O 4 56.96 20.64 60.77
C ALA O 4 57.68 21.11 59.51
N ARG O 5 57.63 22.41 59.25
CA ARG O 5 58.37 23.00 58.16
C ARG O 5 59.82 23.19 58.58
N SER O 6 60.64 23.73 57.67
CA SER O 6 62.03 24.03 57.99
C SER O 6 62.51 25.15 57.09
N ILE O 7 63.07 26.19 57.69
CA ILE O 7 63.52 27.38 56.96
C ILE O 7 64.98 27.64 57.32
N ALA O 8 65.77 28.00 56.31
CA ALA O 8 67.20 28.25 56.48
C ALA O 8 67.39 29.72 56.88
N ALA O 9 67.77 29.94 58.15
CA ALA O 9 67.94 31.30 58.64
C ALA O 9 69.19 31.96 58.06
N ASP O 10 70.23 31.19 57.79
CA ASP O 10 71.50 31.69 57.27
C ASP O 10 72.12 32.71 58.22
N HIS O 11 71.92 32.50 59.51
CA HIS O 11 72.58 33.26 60.55
C HIS O 11 73.95 32.65 60.84
N LYS O 12 74.90 33.50 61.24
CA LYS O 12 76.24 33.03 61.53
C LYS O 12 76.46 32.69 62.99
N ASP O 13 75.41 32.74 63.82
CA ASP O 13 75.50 32.38 65.22
C ASP O 13 74.11 31.99 65.72
N LEU O 14 73.98 31.88 67.05
CA LEU O 14 72.75 31.38 67.64
C LEU O 14 71.62 32.40 67.52
N ILE O 15 70.44 31.91 67.17
CA ILE O 15 69.23 32.73 67.17
C ILE O 15 68.74 32.85 68.60
N HIS O 16 68.51 34.08 69.06
CA HIS O 16 68.14 34.32 70.44
C HIS O 16 66.67 34.67 70.64
N ASP O 17 65.93 34.98 69.58
CA ASP O 17 64.53 35.35 69.74
C ASP O 17 63.80 35.21 68.42
N VAL O 18 62.50 34.92 68.51
CA VAL O 18 61.61 34.82 67.37
C VAL O 18 60.29 35.47 67.75
N SER O 19 59.75 36.32 66.89
CA SER O 19 58.53 37.06 67.21
C SER O 19 57.63 37.17 65.99
N PHE O 20 56.34 36.98 66.20
CA PHE O 20 55.32 37.18 65.20
C PHE O 20 54.74 38.58 65.29
N ASP O 21 53.90 38.94 64.32
CA ASP O 21 53.32 40.27 64.30
C ASP O 21 51.84 40.24 64.69
N PHE O 22 51.20 41.41 64.60
CA PHE O 22 49.82 41.56 65.02
C PHE O 22 48.87 40.76 64.14
N HIS O 23 49.09 40.77 62.82
CA HIS O 23 48.19 40.11 61.89
C HIS O 23 48.65 38.72 61.51
N GLY O 24 49.79 38.25 62.02
CA GLY O 24 50.20 36.88 61.85
C GLY O 24 50.87 36.53 60.54
N ARG O 25 51.37 37.50 59.80
CA ARG O 25 51.98 37.22 58.50
C ARG O 25 53.47 37.54 58.42
N ARG O 26 54.02 38.28 59.37
CA ARG O 26 55.44 38.60 59.38
C ARG O 26 56.12 37.99 60.59
N MET O 27 57.44 38.09 60.62
CA MET O 27 58.27 37.31 61.54
C MET O 27 59.67 37.90 61.61
N ALA O 28 60.23 37.99 62.81
CA ALA O 28 61.54 38.59 63.02
C ALA O 28 62.44 37.67 63.83
N THR O 29 63.73 37.68 63.49
CA THR O 29 64.71 36.80 64.12
C THR O 29 66.01 37.55 64.33
N CYS O 30 66.57 37.43 65.54
CA CYS O 30 67.78 38.13 65.94
C CYS O 30 68.81 37.14 66.45
N SER O 31 70.08 37.48 66.30
CA SER O 31 71.16 36.55 66.61
C SER O 31 72.32 37.26 67.25
N SER O 32 73.34 36.47 67.59
CA SER O 32 74.56 36.98 68.19
C SER O 32 75.56 37.49 67.15
N ASP O 33 75.25 37.35 65.86
CA ASP O 33 76.06 37.96 64.83
C ASP O 33 75.67 39.40 64.56
N GLN O 34 74.86 39.99 65.45
CA GLN O 34 74.53 41.41 65.42
C GLN O 34 73.73 41.79 64.17
N SER O 35 72.64 41.07 63.93
CA SER O 35 71.79 41.33 62.79
C SER O 35 70.33 41.04 63.13
N VAL O 36 69.43 41.63 62.36
CA VAL O 36 67.99 41.42 62.49
C VAL O 36 67.43 41.12 61.10
N LYS O 37 66.64 40.07 60.99
CA LYS O 37 66.05 39.68 59.72
C LYS O 37 64.53 39.66 59.83
N VAL O 38 63.87 40.02 58.72
CA VAL O 38 62.41 40.06 58.65
C VAL O 38 61.96 39.11 57.56
N TRP O 39 60.96 38.28 57.88
CA TRP O 39 60.44 37.26 56.97
C TRP O 39 58.98 37.53 56.66
N ASP O 40 58.57 37.24 55.44
CA ASP O 40 57.18 37.37 55.01
C ASP O 40 56.68 36.04 54.45
N LYS O 41 55.36 35.93 54.33
CA LYS O 41 54.71 34.72 53.84
C LYS O 41 54.01 35.03 52.53
N SER O 42 54.19 34.14 51.56
CA SER O 42 53.53 34.28 50.26
C SER O 42 52.29 33.38 50.18
N GLU O 43 51.59 33.48 49.06
CA GLU O 43 50.41 32.64 48.86
C GLU O 43 50.79 31.17 48.75
N SER O 44 52.00 30.87 48.27
CA SER O 44 52.44 29.49 48.19
C SER O 44 52.72 28.87 49.55
N GLY O 45 52.91 29.70 50.59
CA GLY O 45 53.14 29.21 51.92
C GLY O 45 54.58 29.21 52.38
N ASP O 46 55.54 29.43 51.49
CA ASP O 46 56.93 29.49 51.88
C ASP O 46 57.28 30.86 52.43
N TRP O 47 58.29 30.90 53.29
CA TRP O 47 58.77 32.14 53.89
C TRP O 47 60.03 32.61 53.18
N HIS O 48 60.08 33.90 52.87
CA HIS O 48 61.22 34.54 52.25
C HIS O 48 61.75 35.65 53.15
N CYS O 49 63.06 35.89 53.08
CA CYS O 49 63.65 36.99 53.83
C CYS O 49 63.55 38.26 53.01
N THR O 50 62.96 39.30 53.59
CA THR O 50 62.78 40.55 52.87
C THR O 50 63.91 41.54 53.15
N ALA O 51 64.31 41.67 54.41
CA ALA O 51 65.34 42.62 54.80
C ALA O 51 66.32 41.97 55.77
N SER O 52 67.52 42.54 55.83
CA SER O 52 68.55 42.08 56.76
C SER O 52 69.58 43.19 56.88
N TRP O 53 69.77 43.71 58.09
CA TRP O 53 70.67 44.84 58.31
C TRP O 53 71.30 44.76 59.69
N LYS O 54 72.51 45.29 59.79
CA LYS O 54 73.22 45.32 61.06
C LYS O 54 72.62 46.36 62.00
N THR O 55 72.49 45.99 63.28
CA THR O 55 71.81 46.83 64.25
C THR O 55 72.72 47.34 65.36
N HIS O 56 73.40 46.44 66.08
CA HIS O 56 74.22 46.83 67.22
C HIS O 56 75.64 46.37 66.99
N SER O 57 76.49 46.57 67.99
CA SER O 57 77.86 46.09 67.94
C SER O 57 78.09 44.88 68.84
N GLY O 58 77.12 44.53 69.69
CA GLY O 58 77.19 43.33 70.50
C GLY O 58 76.02 42.41 70.20
N SER O 59 75.91 41.37 71.02
CA SER O 59 74.88 40.37 70.81
C SER O 59 73.49 40.97 71.04
N VAL O 60 72.55 40.59 70.18
CA VAL O 60 71.16 41.03 70.28
C VAL O 60 70.35 39.93 70.96
N TRP O 61 69.66 40.28 72.03
CA TRP O 61 68.92 39.29 72.82
C TRP O 61 67.46 39.17 72.38
N ARG O 62 66.74 40.29 72.32
CA ARG O 62 65.30 40.27 72.11
C ARG O 62 64.91 41.27 71.02
N VAL O 63 63.86 40.94 70.27
CA VAL O 63 63.26 41.85 69.31
C VAL O 63 61.74 41.70 69.41
N THR O 64 61.02 42.81 69.24
CA THR O 64 59.58 42.82 69.45
C THR O 64 58.91 43.85 68.55
N TRP O 65 57.63 43.62 68.27
CA TRP O 65 56.84 44.45 67.37
C TRP O 65 56.00 45.46 68.14
N ALA O 66 55.35 46.34 67.40
CA ALA O 66 54.43 47.33 67.96
C ALA O 66 53.11 47.24 67.22
N HIS O 67 52.09 47.86 67.80
CA HIS O 67 50.75 47.79 67.23
C HIS O 67 50.72 48.49 65.87
N PRO O 68 49.98 47.95 64.89
CA PRO O 68 49.94 48.57 63.57
C PRO O 68 49.23 49.91 63.52
N GLU O 69 48.63 50.36 64.62
CA GLU O 69 48.05 51.70 64.65
C GLU O 69 49.11 52.78 64.53
N PHE O 70 50.34 52.50 64.95
CA PHE O 70 51.42 53.48 64.98
C PHE O 70 52.34 53.38 63.77
N GLY O 71 52.33 52.24 63.08
CA GLY O 71 53.23 51.97 61.98
C GLY O 71 53.85 50.60 62.08
N GLN O 72 54.78 50.33 61.19
CA GLN O 72 55.60 49.12 61.25
C GLN O 72 56.85 49.43 62.06
N VAL O 73 56.85 49.05 63.33
CA VAL O 73 57.89 49.42 64.28
C VAL O 73 58.43 48.18 64.97
N LEU O 74 59.74 48.17 65.21
CA LEU O 74 60.41 47.08 65.90
C LEU O 74 61.36 47.68 66.93
N ALA O 75 61.64 46.92 67.99
CA ALA O 75 62.55 47.35 69.03
C ALA O 75 63.50 46.22 69.39
N SER O 76 64.73 46.58 69.73
CA SER O 76 65.78 45.61 69.98
C SER O 76 66.61 46.04 71.18
N CYS O 77 67.23 45.06 71.83
CA CYS O 77 68.13 45.29 72.96
C CYS O 77 69.37 44.44 72.78
N SER O 78 70.49 44.91 73.31
CA SER O 78 71.78 44.31 72.99
C SER O 78 72.72 44.32 74.19
N PHE O 79 73.92 43.80 73.93
CA PHE O 79 75.00 43.69 74.90
C PHE O 79 75.81 44.98 74.88
N ASP O 80 75.40 45.92 74.04
CA ASP O 80 76.03 47.22 73.92
C ASP O 80 75.53 48.22 74.95
N ARG O 81 74.58 47.82 75.79
CA ARG O 81 73.95 48.66 76.78
C ARG O 81 73.07 49.72 76.13
N THR O 82 72.43 49.37 75.00
CA THR O 82 71.57 50.28 74.26
C THR O 82 70.26 49.59 73.89
N ALA O 83 69.33 50.39 73.37
CA ALA O 83 68.07 49.91 72.80
C ALA O 83 67.68 50.85 71.68
N ALA O 84 67.05 50.31 70.64
CA ALA O 84 66.79 51.08 69.43
C ALA O 84 65.36 50.89 68.96
N VAL O 85 64.90 51.81 68.12
CA VAL O 85 63.59 51.75 67.50
C VAL O 85 63.77 51.92 66.00
N TRP O 86 63.18 51.02 65.22
CA TRP O 86 63.28 51.01 63.77
C TRP O 86 61.89 51.10 63.15
N GLU O 87 61.83 51.74 61.98
CA GLU O 87 60.57 51.91 61.25
C GLU O 87 60.78 51.63 59.78
N GLU O 88 59.77 51.04 59.13
CA GLU O 88 59.81 50.74 57.71
C GLU O 88 59.16 51.89 56.95
N ILE O 89 59.88 52.41 55.96
CA ILE O 89 59.43 53.58 55.22
C ILE O 89 59.55 53.29 53.72
N VAL O 90 58.74 53.98 52.94
CA VAL O 90 58.67 53.75 51.50
C VAL O 90 59.37 54.88 50.74
N SER O 101 61.85 50.58 50.27
CA SER O 101 61.36 49.60 51.23
C SER O 101 62.48 49.09 52.13
N HIS O 102 63.05 49.98 52.92
CA HIS O 102 64.09 49.64 53.87
C HIS O 102 63.68 50.14 55.25
N TRP O 103 64.51 49.84 56.26
CA TRP O 103 64.23 50.19 57.64
C TRP O 103 65.24 51.24 58.11
N VAL O 104 64.77 52.22 58.87
CA VAL O 104 65.59 53.32 59.35
C VAL O 104 65.48 53.40 60.85
N LYS O 105 66.55 53.89 61.48
CA LYS O 105 66.60 54.02 62.93
C LYS O 105 66.02 55.36 63.35
N ARG O 106 65.15 55.33 64.35
CA ARG O 106 64.49 56.53 64.81
C ARG O 106 65.06 57.08 66.12
N THR O 107 65.52 56.22 67.02
CA THR O 107 66.04 56.70 68.30
C THR O 107 67.01 55.66 68.86
N THR O 108 67.68 56.04 69.94
CA THR O 108 68.58 55.17 70.67
C THR O 108 68.52 55.54 72.14
N LEU O 109 68.26 54.57 73.00
CA LEU O 109 68.09 54.81 74.43
C LEU O 109 69.33 54.32 75.16
N VAL O 110 70.14 55.25 75.65
CA VAL O 110 71.48 54.96 76.14
C VAL O 110 71.64 55.26 77.62
N ASP O 111 70.56 55.35 78.38
CA ASP O 111 70.68 55.70 79.80
C ASP O 111 71.23 54.54 80.62
N SER O 112 71.33 53.35 80.05
CA SER O 112 71.73 52.17 80.82
C SER O 112 73.22 52.20 81.13
N ARG O 113 73.62 51.33 82.05
CA ARG O 113 75.00 51.23 82.49
C ARG O 113 75.55 49.81 82.43
N THR O 114 74.69 48.80 82.37
CA THR O 114 75.07 47.42 82.14
C THR O 114 74.28 46.90 80.96
N SER O 115 74.42 45.60 80.67
CA SER O 115 73.74 45.01 79.53
C SER O 115 72.23 45.06 79.71
N VAL O 116 71.53 45.37 78.61
CA VAL O 116 70.08 45.39 78.60
C VAL O 116 69.58 44.04 78.13
N THR O 117 68.69 43.43 78.92
CA THR O 117 68.33 42.03 78.72
C THR O 117 66.92 41.80 78.21
N ASP O 118 66.04 42.81 78.26
CA ASP O 118 64.69 42.61 77.75
C ASP O 118 64.08 43.95 77.38
N VAL O 119 63.16 43.91 76.42
CA VAL O 119 62.40 45.08 75.98
C VAL O 119 60.99 44.63 75.61
N LYS O 120 59.99 45.43 75.96
CA LYS O 120 58.61 45.08 75.69
C LYS O 120 57.79 46.35 75.46
N PHE O 121 56.81 46.24 74.57
CA PHE O 121 55.88 47.33 74.29
C PHE O 121 54.64 47.19 75.17
N ALA O 122 54.06 48.31 75.56
CA ALA O 122 52.89 48.31 76.41
C ALA O 122 51.64 48.03 75.61
N PRO O 123 50.56 47.61 76.28
CA PRO O 123 49.28 47.45 75.59
C PRO O 123 48.79 48.75 74.99
N LYS O 124 48.01 48.63 73.91
CA LYS O 124 47.70 49.77 73.06
C LYS O 124 46.93 50.88 73.77
N HIS O 125 46.13 50.55 74.77
CA HIS O 125 45.27 51.55 75.38
C HIS O 125 46.02 52.49 76.32
N MET O 126 47.30 52.23 76.59
CA MET O 126 48.12 53.19 77.32
C MET O 126 48.83 54.19 76.43
N GLY O 127 48.92 53.92 75.12
CA GLY O 127 49.60 54.79 74.18
C GLY O 127 50.76 54.06 73.53
N LEU O 128 51.85 54.80 73.33
CA LEU O 128 53.11 54.24 72.84
C LEU O 128 54.09 54.26 73.99
N MET O 129 54.27 53.12 74.64
CA MET O 129 55.11 53.02 75.83
C MET O 129 56.07 51.85 75.68
N LEU O 130 57.21 51.96 76.34
CA LEU O 130 58.27 50.97 76.28
C LEU O 130 58.78 50.71 77.69
N ALA O 131 59.29 49.51 77.92
CA ALA O 131 59.87 49.14 79.21
C ALA O 131 61.09 48.28 78.97
N THR O 132 62.20 48.62 79.63
CA THR O 132 63.44 47.88 79.51
C THR O 132 63.96 47.51 80.89
N CYS O 133 64.75 46.44 80.92
CA CYS O 133 65.33 45.94 82.16
C CYS O 133 66.81 45.68 81.94
N SER O 134 67.59 45.85 83.01
CA SER O 134 69.04 45.79 82.92
C SER O 134 69.59 44.86 83.98
N ALA O 135 70.81 44.39 83.75
CA ALA O 135 71.43 43.42 84.64
C ALA O 135 71.84 44.02 85.99
N ASP O 136 71.76 45.34 86.14
CA ASP O 136 72.10 45.99 87.40
C ASP O 136 70.90 46.17 88.31
N GLY O 137 69.72 45.73 87.90
CA GLY O 137 68.55 45.81 88.73
C GLY O 137 67.72 47.07 88.58
N ILE O 138 67.64 47.63 87.39
CA ILE O 138 66.84 48.83 87.15
C ILE O 138 65.91 48.58 85.99
N VAL O 139 64.64 48.97 86.16
CA VAL O 139 63.62 48.84 85.14
C VAL O 139 63.12 50.24 84.82
N ARG O 140 63.19 50.62 83.54
CA ARG O 140 62.82 51.97 83.11
C ARG O 140 61.67 51.91 82.12
N ILE O 141 60.85 52.95 82.15
CA ILE O 141 59.67 53.07 81.30
C ILE O 141 59.73 54.39 80.56
N TYR O 142 59.60 54.34 79.24
CA TYR O 142 59.66 55.49 78.36
C TYR O 142 58.27 55.75 77.76
N GLU O 143 58.14 56.88 77.08
CA GLU O 143 56.87 57.25 76.47
C GLU O 143 57.10 58.20 75.30
N ALA O 144 56.26 58.07 74.28
CA ALA O 144 56.27 58.98 73.14
C ALA O 144 55.00 59.81 73.15
N PRO O 145 55.07 61.10 73.51
CA PRO O 145 53.84 61.89 73.62
C PRO O 145 53.15 62.15 72.29
N ASP O 146 53.89 62.50 71.24
CA ASP O 146 53.33 62.69 69.91
C ASP O 146 53.74 61.53 69.01
N VAL O 147 52.74 60.87 68.44
CA VAL O 147 52.97 59.61 67.73
C VAL O 147 53.73 59.82 66.43
N MET O 148 53.40 60.87 65.69
CA MET O 148 53.94 61.08 64.36
C MET O 148 55.36 61.61 64.37
N ASN O 149 56.02 61.61 65.51
CA ASN O 149 57.44 61.92 65.61
C ASN O 149 58.04 60.86 66.53
N LEU O 150 58.58 59.80 65.93
CA LEU O 150 59.08 58.65 66.67
C LEU O 150 60.49 58.86 67.19
N SER O 151 61.11 60.01 66.94
CA SER O 151 62.46 60.29 67.38
C SER O 151 62.51 60.98 68.73
N GLN O 152 61.36 61.18 69.38
CA GLN O 152 61.30 61.90 70.65
C GLN O 152 60.61 61.01 71.68
N TRP O 153 61.40 60.42 72.58
CA TRP O 153 60.89 59.67 73.71
C TRP O 153 61.15 60.47 74.99
N SER O 154 60.65 59.94 76.10
CA SER O 154 60.69 60.69 77.37
C SER O 154 60.67 59.71 78.52
N LEU O 155 61.64 59.83 79.43
CA LEU O 155 61.73 58.92 80.56
C LEU O 155 60.74 59.35 81.64
N GLN O 156 59.90 58.40 82.07
CA GLN O 156 58.81 58.69 82.99
C GLN O 156 59.06 58.09 84.37
N HIS O 157 59.40 56.80 84.45
CA HIS O 157 59.54 56.11 85.72
C HIS O 157 60.85 55.34 85.78
N GLU O 158 61.14 54.81 86.96
CA GLU O 158 62.38 54.08 87.21
C GLU O 158 62.21 53.26 88.48
N ILE O 159 62.53 51.98 88.41
CA ILE O 159 62.30 51.03 89.50
C ILE O 159 63.61 50.31 89.81
N SER O 160 63.92 50.19 91.10
CA SER O 160 65.09 49.45 91.56
C SER O 160 64.61 48.14 92.20
N CYS O 161 65.18 47.02 91.77
CA CYS O 161 64.71 45.71 92.18
C CYS O 161 65.63 45.02 93.19
N LYS O 162 66.81 45.59 93.47
CA LYS O 162 67.72 45.06 94.49
C LYS O 162 68.17 43.63 94.17
N LEU O 163 68.25 43.32 92.87
CA LEU O 163 68.73 42.02 92.39
C LEU O 163 68.88 42.13 90.88
N SER O 164 69.45 41.09 90.28
CA SER O 164 69.56 41.05 88.83
C SER O 164 68.19 40.87 88.19
N CYS O 165 68.10 41.20 86.91
CA CYS O 165 66.86 41.11 86.16
C CYS O 165 67.09 40.33 84.87
N SER O 166 66.10 39.54 84.48
CA SER O 166 66.22 38.75 83.26
C SER O 166 64.99 38.79 82.35
N CYS O 167 63.82 39.18 82.85
CA CYS O 167 62.61 39.14 82.04
C CYS O 167 61.55 40.04 82.65
N ILE O 168 60.66 40.56 81.80
CA ILE O 168 59.54 41.39 82.23
C ILE O 168 58.30 41.00 81.42
N SER O 169 57.15 41.42 81.93
CA SER O 169 55.89 41.20 81.22
C SER O 169 54.84 42.20 81.69
N TRP O 170 53.96 42.58 80.78
CA TRP O 170 52.86 43.49 81.06
C TRP O 170 51.59 42.69 81.29
N ASN O 171 50.58 43.35 81.86
CA ASN O 171 49.26 42.76 81.98
C ASN O 171 48.42 43.16 80.78
N PRO O 172 48.05 42.23 79.91
CA PRO O 172 47.34 42.62 78.69
C PRO O 172 45.86 42.88 78.87
N SER O 173 45.40 42.99 80.12
CA SER O 173 44.00 43.26 80.38
C SER O 173 43.64 44.68 79.94
N SER O 174 42.45 44.85 79.38
CA SER O 174 42.00 46.13 78.86
C SER O 174 40.85 46.70 79.67
N SER O 175 40.61 46.19 80.87
CA SER O 175 39.49 46.64 81.69
C SER O 175 39.83 47.97 82.37
N ARG O 176 38.79 48.67 82.79
CA ARG O 176 38.93 49.93 83.51
C ARG O 176 38.94 49.72 85.01
N ALA O 177 38.89 48.47 85.48
CA ALA O 177 38.99 48.16 86.90
C ALA O 177 40.34 47.55 87.26
N HIS O 178 41.20 47.29 86.28
CA HIS O 178 42.54 46.77 86.52
C HIS O 178 43.55 47.88 86.22
N SER O 179 44.30 48.27 87.23
CA SER O 179 45.37 49.24 87.04
C SER O 179 46.55 48.57 86.32
N PRO O 180 47.42 49.35 85.69
CA PRO O 180 48.57 48.76 85.00
C PRO O 180 49.49 47.95 85.89
N MET O 181 50.08 46.89 85.33
CA MET O 181 50.91 45.96 86.07
C MET O 181 52.19 45.69 85.29
N ILE O 182 53.20 45.22 86.01
CA ILE O 182 54.42 44.70 85.40
C ILE O 182 55.05 43.73 86.40
N ALA O 183 55.60 42.63 85.90
CA ALA O 183 56.22 41.61 86.73
C ALA O 183 57.66 41.39 86.29
N VAL O 184 58.55 41.23 87.26
CA VAL O 184 59.99 41.20 87.00
C VAL O 184 60.58 39.93 87.61
N GLY O 185 61.41 39.24 86.84
CA GLY O 185 62.07 38.04 87.32
C GLY O 185 63.58 38.15 87.39
N SER O 186 64.19 37.46 88.33
CA SER O 186 65.63 37.51 88.56
C SER O 186 66.29 36.22 88.11
N ASP O 187 67.61 36.24 88.04
CA ASP O 187 68.36 35.06 87.63
C ASP O 187 69.60 34.82 88.47
N ASP O 188 69.77 35.54 89.58
CA ASP O 188 70.91 35.33 90.45
C ASP O 188 70.85 33.94 91.09
N SER O 189 72.02 33.35 91.29
CA SER O 189 72.15 32.00 91.81
C SER O 189 72.92 31.97 93.12
N SER O 190 72.76 33.02 93.93
CA SER O 190 73.46 33.08 95.20
C SER O 190 72.95 31.99 96.14
N PRO O 191 73.80 31.48 97.03
CA PRO O 191 73.37 30.39 97.92
C PRO O 191 72.18 30.75 98.79
N ASN O 192 72.07 32.00 99.22
CA ASN O 192 70.93 32.41 100.03
C ASN O 192 69.65 32.35 99.21
N ALA O 193 68.53 32.13 99.90
CA ALA O 193 67.23 31.93 99.25
C ALA O 193 66.38 33.18 99.42
N MET O 194 66.32 33.99 98.37
CA MET O 194 65.43 35.13 98.32
C MET O 194 64.40 34.95 97.21
N ALA O 195 63.37 35.80 97.25
CA ALA O 195 62.34 35.77 96.22
C ALA O 195 62.90 36.27 94.89
N LYS O 196 62.40 35.70 93.80
CA LYS O 196 62.90 36.01 92.48
C LYS O 196 61.87 36.65 91.57
N VAL O 197 60.62 36.78 92.01
CA VAL O 197 59.57 37.41 91.20
C VAL O 197 58.91 38.49 92.04
N GLN O 198 58.79 39.69 91.47
CA GLN O 198 58.15 40.82 92.14
C GLN O 198 57.20 41.52 91.17
N ILE O 199 56.10 42.03 91.70
CA ILE O 199 55.01 42.60 90.91
C ILE O 199 54.78 44.03 91.36
N PHE O 200 54.71 44.94 90.40
CA PHE O 200 54.54 46.37 90.66
C PHE O 200 53.21 46.85 90.10
N GLU O 201 52.60 47.83 90.77
CA GLU O 201 51.30 48.35 90.39
C GLU O 201 51.33 49.87 90.40
N TYR O 202 50.47 50.47 89.59
CA TYR O 202 50.43 51.91 89.38
C TYR O 202 49.24 52.50 90.12
N ASN O 203 49.50 53.51 90.95
CA ASN O 203 48.48 54.17 91.75
C ASN O 203 48.24 55.55 91.17
N GLU O 204 46.99 55.82 90.82
CA GLU O 204 46.67 57.06 90.11
C GLU O 204 46.89 58.28 90.98
N ASN O 205 46.56 58.20 92.27
CA ASN O 205 46.62 59.37 93.13
C ASN O 205 48.04 59.87 93.34
N THR O 206 48.98 58.96 93.56
CA THR O 206 50.37 59.35 93.79
C THR O 206 51.21 59.34 92.52
N ARG O 207 50.72 58.72 91.44
CA ARG O 207 51.40 58.70 90.15
C ARG O 207 52.79 58.06 90.25
N LYS O 208 52.86 56.88 90.87
CA LYS O 208 54.12 56.18 91.01
C LYS O 208 53.87 54.69 91.14
N TYR O 209 54.75 53.88 90.55
CA TYR O 209 54.67 52.43 90.67
C TYR O 209 55.13 52.01 92.06
N ALA O 210 54.40 51.08 92.67
CA ALA O 210 54.70 50.59 94.00
C ALA O 210 54.63 49.08 94.01
N LYS O 211 55.38 48.47 94.93
CA LYS O 211 55.43 47.02 95.04
C LYS O 211 54.10 46.50 95.57
N ALA O 212 53.58 45.44 94.94
CA ALA O 212 52.26 44.90 95.27
C ALA O 212 52.34 43.54 95.94
N GLU O 213 53.13 42.62 95.39
CA GLU O 213 53.24 41.29 95.96
C GLU O 213 54.59 40.70 95.59
N THR O 214 55.01 39.72 96.37
CA THR O 214 56.23 38.97 96.09
C THR O 214 55.94 37.48 96.23
N LEU O 215 56.61 36.69 95.41
CA LEU O 215 56.42 35.24 95.39
C LEU O 215 57.55 34.60 96.17
N MET O 216 57.34 34.46 97.49
CA MET O 216 58.36 33.89 98.35
C MET O 216 58.57 32.40 98.12
N THR O 217 57.63 31.73 97.44
CA THR O 217 57.75 30.31 97.17
C THR O 217 58.74 29.99 96.06
N VAL O 218 59.13 30.96 95.25
CA VAL O 218 60.03 30.76 94.13
C VAL O 218 61.43 31.16 94.58
N THR O 219 62.37 30.23 94.47
CA THR O 219 63.75 30.44 94.88
C THR O 219 64.78 30.06 93.83
N ASP O 220 64.52 29.05 93.02
CA ASP O 220 65.42 28.72 91.93
C ASP O 220 65.43 29.85 90.89
N PRO O 221 66.50 29.97 90.11
CA PRO O 221 66.58 31.05 89.13
C PRO O 221 65.46 30.98 88.10
N VAL O 222 65.03 32.16 87.65
CA VAL O 222 63.95 32.30 86.67
C VAL O 222 64.58 32.56 85.31
N HIS O 223 63.96 32.05 84.25
CA HIS O 223 64.45 32.26 82.89
C HIS O 223 63.47 32.95 81.97
N ASP O 224 62.16 32.88 82.25
CA ASP O 224 61.16 33.56 81.43
C ASP O 224 59.89 33.70 82.24
N ILE O 225 59.09 34.70 81.91
CA ILE O 225 57.86 35.00 82.63
C ILE O 225 56.84 35.55 81.65
N ALA O 226 55.59 35.11 81.77
CA ALA O 226 54.56 35.52 80.84
C ALA O 226 53.19 35.50 81.49
N PHE O 227 52.42 36.59 81.28
CA PHE O 227 51.04 36.64 81.71
C PHE O 227 50.18 35.91 80.68
N ALA O 228 48.86 36.02 80.80
CA ALA O 228 47.97 35.41 79.83
C ALA O 228 46.98 36.45 79.31
N PRO O 229 46.54 36.32 78.06
CA PRO O 229 45.47 37.20 77.57
C PRO O 229 44.21 37.04 78.40
N ASN O 230 43.54 38.17 78.66
CA ASN O 230 42.40 38.14 79.56
C ASN O 230 41.12 37.74 78.84
N LEU O 231 40.67 38.56 77.89
CA LEU O 231 39.50 38.25 77.07
C LEU O 231 38.24 38.01 77.90
N GLY O 232 38.07 38.77 78.98
CA GLY O 232 36.84 38.75 79.73
C GLY O 232 36.92 38.16 81.13
N ARG O 233 38.06 37.62 81.54
CA ARG O 233 38.17 37.05 82.88
C ARG O 233 38.19 38.15 83.93
N SER O 234 38.02 37.75 85.19
CA SER O 234 38.01 38.67 86.31
C SER O 234 39.27 38.58 87.17
N PHE O 235 40.15 37.63 86.91
CA PHE O 235 41.38 37.48 87.66
C PHE O 235 42.55 37.33 86.68
N HIS O 236 43.73 37.10 87.24
CA HIS O 236 44.98 37.10 86.47
C HIS O 236 45.64 35.73 86.55
N ILE O 237 46.40 35.40 85.51
CA ILE O 237 47.13 34.14 85.40
C ILE O 237 48.57 34.44 85.00
N LEU O 238 49.51 33.79 85.65
CA LEU O 238 50.94 34.02 85.43
C LEU O 238 51.65 32.69 85.20
N ALA O 239 52.61 32.69 84.28
CA ALA O 239 53.41 31.52 83.95
C ALA O 239 54.88 31.82 84.17
N ILE O 240 55.60 30.88 84.77
CA ILE O 240 56.99 31.08 85.18
C ILE O 240 57.84 29.93 84.67
N ALA O 241 59.03 30.24 84.17
CA ALA O 241 59.98 29.23 83.70
C ALA O 241 61.16 29.15 84.67
N THR O 242 61.39 27.95 85.19
CA THR O 242 62.37 27.66 86.22
C THR O 242 62.84 26.23 85.97
N LYS O 243 63.39 25.60 87.02
CA LYS O 243 63.67 24.16 86.93
C LYS O 243 62.42 23.38 86.54
N ASP O 244 61.23 23.88 86.89
CA ASP O 244 59.95 23.30 86.53
C ASP O 244 59.07 24.37 85.87
N VAL O 245 57.79 24.04 85.70
CA VAL O 245 56.80 24.96 85.15
C VAL O 245 55.76 25.24 86.22
N ARG O 246 55.60 26.49 86.61
CA ARG O 246 54.62 26.88 87.63
C ARG O 246 53.63 27.87 87.05
N ILE O 247 52.37 27.76 87.47
CA ILE O 247 51.29 28.62 87.03
C ILE O 247 50.55 29.14 88.25
N PHE O 248 50.28 30.44 88.29
CA PHE O 248 49.75 31.10 89.47
C PHE O 248 48.46 31.86 89.13
N THR O 249 47.65 32.10 90.16
CA THR O 249 46.42 32.87 90.03
C THR O 249 46.44 34.01 91.05
N LEU O 250 46.09 35.21 90.61
CA LEU O 250 45.97 36.37 91.49
C LEU O 250 44.56 36.92 91.36
N LYS O 251 43.79 36.87 92.45
CA LYS O 251 42.41 37.30 92.45
C LYS O 251 42.24 38.54 93.31
N PRO O 252 41.92 39.70 92.72
CA PRO O 252 41.83 40.92 93.52
C PRO O 252 40.73 40.85 94.57
N VAL O 253 40.92 41.60 95.65
CA VAL O 253 39.98 41.63 96.75
C VAL O 253 39.19 42.94 96.68
N ARG O 254 38.10 42.98 97.43
CA ARG O 254 37.21 44.15 97.45
C ARG O 254 37.73 45.20 98.42
N GLY O 262 46.32 53.01 98.03
CA GLY O 262 47.33 52.02 98.34
C GLY O 262 47.32 50.83 97.39
N PRO O 263 48.32 49.96 97.51
CA PRO O 263 48.38 48.79 96.63
C PRO O 263 47.20 47.87 96.86
N THR O 264 46.81 47.17 95.79
CA THR O 264 45.68 46.25 95.84
C THR O 264 46.14 44.90 96.37
N LYS O 265 45.34 44.31 97.25
CA LYS O 265 45.69 43.02 97.82
C LYS O 265 45.19 41.87 96.94
N PHE O 266 45.97 40.79 96.91
CA PHE O 266 45.68 39.64 96.07
C PHE O 266 45.77 38.36 96.90
N GLU O 267 44.99 37.36 96.49
CA GLU O 267 45.09 36.02 97.05
C GLU O 267 45.83 35.14 96.05
N ILE O 268 47.07 34.77 96.38
CA ILE O 268 47.96 34.06 95.47
C ILE O 268 47.84 32.57 95.73
N HIS O 269 47.69 31.80 94.66
CA HIS O 269 47.65 30.36 94.73
C HIS O 269 48.53 29.78 93.63
N ILE O 270 48.73 28.46 93.67
CA ILE O 270 49.47 27.75 92.65
C ILE O 270 48.62 26.59 92.16
N VAL O 271 48.51 26.44 90.84
CA VAL O 271 47.60 25.49 90.24
C VAL O 271 48.30 24.56 89.26
N ALA O 272 49.63 24.57 89.21
CA ALA O 272 50.37 23.64 88.37
C ALA O 272 51.83 23.66 88.74
N GLN O 273 52.46 22.48 88.71
CA GLN O 273 53.91 22.35 88.87
C GLN O 273 54.32 21.06 88.18
N PHE O 274 54.92 21.18 87.00
CA PHE O 274 55.17 20.06 86.11
C PHE O 274 56.66 19.90 85.87
N ASP O 275 57.16 18.67 85.98
CA ASP O 275 58.58 18.37 85.81
C ASP O 275 58.81 17.37 84.69
N ASN O 276 57.99 17.40 83.65
CA ASN O 276 58.13 16.41 82.58
C ASN O 276 59.29 16.70 81.66
N HIS O 277 59.93 17.86 81.78
CA HIS O 277 61.11 18.13 80.95
C HIS O 277 62.34 17.43 81.50
N ASN O 278 62.42 17.25 82.81
CA ASN O 278 63.57 16.65 83.48
C ASN O 278 64.85 17.43 83.19
N SER O 279 64.72 18.75 83.07
CA SER O 279 65.83 19.64 82.82
C SER O 279 65.36 21.07 83.06
N GLN O 280 66.19 22.04 82.71
CA GLN O 280 65.82 23.43 82.83
C GLN O 280 64.78 23.81 81.78
N VAL O 281 63.84 24.66 82.16
CA VAL O 281 62.85 25.20 81.24
C VAL O 281 63.26 26.61 80.87
N TRP O 282 63.36 26.89 79.58
CA TRP O 282 63.92 28.13 79.08
C TRP O 282 62.87 29.17 78.70
N ARG O 283 61.87 28.79 77.91
CA ARG O 283 60.90 29.73 77.37
C ARG O 283 59.48 29.26 77.62
N VAL O 284 58.55 30.21 77.65
CA VAL O 284 57.12 29.94 77.77
C VAL O 284 56.38 30.87 76.81
N SER O 285 55.19 30.44 76.38
CA SER O 285 54.37 31.25 75.47
C SER O 285 52.94 30.76 75.52
N TRP O 286 52.00 31.71 75.45
CA TRP O 286 50.57 31.42 75.45
C TRP O 286 50.02 31.58 74.04
N ASN O 287 48.73 31.26 73.89
CA ASN O 287 48.06 31.45 72.62
C ASN O 287 47.21 32.72 72.67
N ILE O 288 46.46 32.98 71.60
CA ILE O 288 45.73 34.24 71.48
C ILE O 288 44.61 34.31 72.50
N THR O 289 43.88 33.22 72.69
CA THR O 289 42.74 33.20 73.59
C THR O 289 43.13 32.96 75.04
N GLY O 290 44.40 32.71 75.32
CA GLY O 290 44.84 32.45 76.68
C GLY O 290 44.31 31.16 77.27
N THR O 291 44.34 30.08 76.50
CA THR O 291 43.86 28.78 76.97
C THR O 291 44.89 27.67 76.91
N VAL O 292 45.93 27.80 76.09
CA VAL O 292 46.96 26.78 75.94
C VAL O 292 48.31 27.42 76.20
N LEU O 293 49.21 26.67 76.83
CA LEU O 293 50.55 27.14 77.16
C LEU O 293 51.58 26.23 76.50
N ALA O 294 52.62 26.84 75.94
CA ALA O 294 53.71 26.11 75.31
C ALA O 294 55.01 26.34 76.07
N SER O 295 55.76 25.27 76.28
CA SER O 295 56.99 25.32 77.05
C SER O 295 58.11 24.64 76.28
N SER O 296 59.32 25.18 76.43
CA SER O 296 60.51 24.66 75.78
C SER O 296 61.57 24.38 76.84
N GLY O 297 62.25 23.24 76.70
CA GLY O 297 63.21 22.80 77.69
C GLY O 297 64.51 22.34 77.07
N ASP O 298 65.43 21.97 77.96
CA ASP O 298 66.79 21.59 77.57
C ASP O 298 66.84 20.29 76.77
N ASP O 299 65.77 19.51 76.75
CA ASP O 299 65.76 18.27 75.98
C ASP O 299 65.50 18.49 74.50
N GLY O 300 65.06 19.67 74.10
CA GLY O 300 64.77 19.92 72.70
C GLY O 300 63.35 19.62 72.29
N CYS O 301 62.41 19.55 73.23
CA CYS O 301 61.02 19.22 72.94
C CYS O 301 60.11 20.34 73.43
N VAL O 302 58.99 20.52 72.75
CA VAL O 302 57.97 21.50 73.11
C VAL O 302 56.74 20.76 73.63
N ARG O 303 56.16 21.28 74.70
CA ARG O 303 55.03 20.65 75.37
C ARG O 303 53.89 21.65 75.51
N LEU O 304 52.66 21.15 75.38
CA LEU O 304 51.47 21.99 75.42
C LEU O 304 50.57 21.57 76.58
N TRP O 305 50.07 22.56 77.32
CA TRP O 305 49.22 22.31 78.49
C TRP O 305 47.87 22.98 78.34
N LYS O 306 46.84 22.34 78.89
CA LYS O 306 45.47 22.83 78.84
C LYS O 306 44.76 22.42 80.12
N ALA O 307 43.70 23.16 80.45
CA ALA O 307 42.93 22.93 81.67
C ALA O 307 41.50 22.58 81.32
N ASN O 308 40.96 21.57 82.01
CA ASN O 308 39.58 21.16 81.81
C ASN O 308 38.67 21.98 82.72
N TYR O 309 37.38 21.64 82.72
CA TYR O 309 36.39 22.40 83.48
C TYR O 309 36.49 22.19 84.97
N MET O 310 37.28 21.20 85.41
CA MET O 310 37.51 20.96 86.84
C MET O 310 38.79 21.62 87.32
N ASP O 311 39.38 22.50 86.51
CA ASP O 311 40.60 23.23 86.87
C ASP O 311 41.76 22.29 87.16
N ASN O 312 41.95 21.29 86.29
CA ASN O 312 43.09 20.40 86.36
C ASN O 312 43.87 20.48 85.05
N TRP O 313 45.13 20.89 85.14
CA TRP O 313 45.95 21.11 83.97
C TRP O 313 46.63 19.81 83.55
N LYS O 314 46.47 19.44 82.28
CA LYS O 314 47.01 18.20 81.74
C LYS O 314 47.68 18.47 80.41
N CYS O 315 48.66 17.65 80.07
CA CYS O 315 49.37 17.83 78.81
C CYS O 315 48.50 17.44 77.62
N THR O 316 48.78 18.04 76.48
CA THR O 316 47.99 17.85 75.27
C THR O 316 48.80 17.50 74.04
N GLY O 317 50.13 17.62 74.08
CA GLY O 317 50.93 17.25 72.93
C GLY O 317 52.41 17.39 73.23
N ILE O 318 53.19 16.64 72.47
CA ILE O 318 54.65 16.71 72.51
C ILE O 318 55.15 16.92 71.10
N LEU O 319 56.01 17.91 70.92
CA LEU O 319 56.57 18.25 69.62
C LEU O 319 58.09 18.27 69.71
N LYS O 320 58.74 17.66 68.73
CA LYS O 320 60.19 17.59 68.72
C LYS O 320 60.76 18.16 67.43
N ILE P 51 -22.54 20.31 94.19
CA ILE P 51 -23.20 20.28 95.49
C ILE P 51 -24.21 19.16 95.55
N ASN P 52 -24.06 18.26 96.52
CA ASN P 52 -24.95 17.13 96.70
C ASN P 52 -25.38 17.05 98.16
N THR P 53 -26.59 16.55 98.39
CA THR P 53 -27.18 16.48 99.72
C THR P 53 -27.75 15.10 99.97
N VAL P 54 -27.70 14.68 101.23
CA VAL P 54 -28.31 13.43 101.67
C VAL P 54 -29.12 13.72 102.92
N ASP P 55 -30.33 13.19 102.99
CA ASP P 55 -31.25 13.42 104.10
C ASP P 55 -31.31 12.14 104.94
N THR P 56 -30.61 12.15 106.06
CA THR P 56 -30.57 10.98 106.95
C THR P 56 -31.90 10.80 107.66
N SER P 57 -32.18 9.58 108.11
CA SER P 57 -33.45 9.27 108.73
C SER P 57 -33.42 9.47 110.25
N HIS P 58 -32.34 9.01 110.88
CA HIS P 58 -32.24 8.93 112.34
C HIS P 58 -32.56 10.25 113.04
N GLU P 59 -33.43 10.16 114.05
CA GLU P 59 -33.98 11.34 114.71
C GLU P 59 -32.91 12.14 115.46
N ASP P 60 -32.11 11.46 116.27
CA ASP P 60 -31.10 12.16 117.07
C ASP P 60 -30.07 12.82 116.18
N MET P 61 -29.53 13.95 116.65
CA MET P 61 -28.64 14.77 115.83
C MET P 61 -27.37 14.00 115.48
N ILE P 62 -26.85 14.27 114.29
CA ILE P 62 -25.63 13.63 113.84
C ILE P 62 -24.43 14.18 114.60
N HIS P 63 -23.47 13.32 114.89
CA HIS P 63 -22.23 13.71 115.57
C HIS P 63 -21.00 13.63 114.70
N ASP P 64 -20.93 12.69 113.77
CA ASP P 64 -19.78 12.56 112.89
C ASP P 64 -20.23 12.04 111.54
N ALA P 65 -19.43 12.31 110.51
CA ALA P 65 -19.71 11.84 109.17
C ALA P 65 -18.41 11.78 108.39
N GLN P 66 -18.19 10.66 107.70
CA GLN P 66 -16.96 10.43 106.97
C GLN P 66 -17.28 9.65 105.70
N MET P 67 -16.43 9.82 104.70
CA MET P 67 -16.58 9.14 103.43
C MET P 67 -15.41 8.18 103.25
N ASP P 68 -15.58 7.22 102.36
CA ASP P 68 -14.57 6.20 102.16
C ASP P 68 -13.40 6.74 101.35
N TYR P 69 -12.48 5.85 101.01
CA TYR P 69 -11.26 6.22 100.32
C TYR P 69 -11.54 6.74 98.91
N TYR P 70 -12.37 6.01 98.16
CA TYR P 70 -12.61 6.35 96.77
C TYR P 70 -13.65 7.45 96.60
N GLY P 71 -14.42 7.76 97.62
CA GLY P 71 -15.52 8.70 97.47
C GLY P 71 -16.76 8.09 96.90
N THR P 72 -17.21 6.97 97.44
CA THR P 72 -18.40 6.28 96.96
C THR P 72 -19.47 6.08 98.02
N ARG P 73 -19.08 5.72 99.25
CA ARG P 73 -20.01 5.44 100.33
C ARG P 73 -19.89 6.50 101.41
N LEU P 74 -20.78 6.44 102.40
CA LEU P 74 -20.86 7.44 103.45
C LEU P 74 -21.28 6.76 104.74
N ALA P 75 -20.61 7.12 105.83
CA ALA P 75 -20.90 6.53 107.14
C ALA P 75 -21.14 7.65 108.14
N THR P 76 -22.33 7.67 108.73
CA THR P 76 -22.75 8.74 109.62
C THR P 76 -23.01 8.18 111.01
N CYS P 77 -22.32 8.74 112.01
CA CYS P 77 -22.57 8.42 113.41
C CYS P 77 -23.69 9.31 113.94
N SER P 78 -24.35 8.83 114.98
CA SER P 78 -25.49 9.56 115.53
C SER P 78 -25.58 9.32 117.03
N SER P 79 -26.62 9.90 117.64
CA SER P 79 -26.81 9.81 119.07
C SER P 79 -27.92 8.84 119.46
N ASP P 80 -28.78 8.43 118.54
CA ASP P 80 -29.85 7.52 118.97
C ASP P 80 -29.29 6.12 119.14
N ARG P 81 -29.01 5.41 118.06
CA ARG P 81 -28.08 4.28 118.09
C ARG P 81 -27.39 4.06 116.75
N SER P 82 -27.94 4.63 115.68
CA SER P 82 -27.69 4.12 114.34
C SER P 82 -26.33 4.55 113.80
N VAL P 83 -25.81 3.74 112.88
CA VAL P 83 -24.55 3.98 112.19
C VAL P 83 -24.80 3.87 110.68
N LYS P 84 -25.98 4.31 110.24
CA LYS P 84 -26.46 4.02 108.89
C LYS P 84 -25.46 4.44 107.81
N ILE P 85 -25.28 3.58 106.82
CA ILE P 85 -24.32 3.79 105.74
C ILE P 85 -25.08 3.91 104.42
N PHE P 86 -24.76 4.94 103.64
CA PHE P 86 -25.42 5.23 102.38
C PHE P 86 -24.52 4.88 101.19
N ASP P 87 -24.98 5.20 99.98
CA ASP P 87 -24.23 4.97 98.75
C ASP P 87 -24.49 6.16 97.82
N VAL P 88 -23.50 7.05 97.73
CA VAL P 88 -23.71 8.36 97.12
C VAL P 88 -23.14 8.40 95.72
N ARG P 89 -23.01 7.24 95.09
CA ARG P 89 -22.50 7.20 93.73
C ARG P 89 -23.48 7.86 92.76
N ASN P 90 -22.95 8.75 91.93
CA ASN P 90 -23.75 9.43 90.89
C ASN P 90 -24.94 10.16 91.51
N GLY P 91 -24.72 10.78 92.67
CA GLY P 91 -25.75 11.54 93.34
C GLY P 91 -26.92 10.70 93.83
N GLY P 92 -26.66 9.77 94.75
CA GLY P 92 -27.69 8.88 95.23
C GLY P 92 -27.87 8.94 96.74
N GLN P 93 -28.79 8.11 97.26
CA GLN P 93 -29.05 8.09 98.70
C GLN P 93 -29.24 6.64 99.16
N ILE P 94 -29.22 5.71 98.20
CA ILE P 94 -29.62 4.32 98.43
C ILE P 94 -28.97 3.73 99.68
N LEU P 95 -29.80 3.30 100.63
CA LEU P 95 -29.34 2.81 101.92
C LEU P 95 -28.76 1.40 101.80
N ILE P 96 -27.43 1.29 101.82
CA ILE P 96 -26.79 -0.01 101.69
C ILE P 96 -27.08 -0.87 102.92
N ALA P 97 -26.93 -0.30 104.11
CA ALA P 97 -27.11 -1.04 105.35
C ALA P 97 -27.62 -0.09 106.43
N ASP P 98 -28.05 -0.69 107.55
CA ASP P 98 -28.43 0.06 108.73
C ASP P 98 -27.92 -0.66 109.97
N LEU P 99 -26.71 -0.30 110.39
CA LEU P 99 -26.03 -1.03 111.45
C LEU P 99 -26.66 -0.72 112.80
N ARG P 100 -26.71 -1.73 113.66
CA ARG P 100 -27.38 -1.60 114.95
C ARG P 100 -26.56 -2.30 116.01
N GLY P 101 -26.74 -1.86 117.26
CA GLY P 101 -26.15 -2.53 118.39
C GLY P 101 -25.06 -1.72 119.07
N HIS P 102 -25.44 -1.03 120.14
CA HIS P 102 -24.54 -0.18 120.91
C HIS P 102 -25.23 0.24 122.19
N GLU P 103 -24.49 0.33 123.29
CA GLU P 103 -25.10 0.73 124.55
C GLU P 103 -25.41 2.22 124.57
N GLY P 104 -24.39 3.07 124.42
CA GLY P 104 -24.58 4.50 124.44
C GLY P 104 -24.45 5.12 123.07
N PRO P 105 -24.46 6.46 123.03
CA PRO P 105 -24.30 7.16 121.75
C PRO P 105 -22.89 7.03 121.20
N VAL P 106 -22.75 7.08 119.88
CA VAL P 106 -21.47 6.83 119.22
C VAL P 106 -20.89 8.16 118.73
N TRP P 107 -19.60 8.37 118.98
CA TRP P 107 -18.97 9.64 118.60
C TRP P 107 -18.39 9.61 117.19
N GLN P 108 -17.43 8.72 116.93
CA GLN P 108 -16.67 8.78 115.69
C GLN P 108 -16.79 7.49 114.90
N VAL P 109 -16.69 7.62 113.57
CA VAL P 109 -16.57 6.49 112.67
C VAL P 109 -15.36 6.71 111.78
N ALA P 110 -14.54 5.68 111.61
CA ALA P 110 -13.31 5.76 110.84
C ALA P 110 -13.20 4.58 109.92
N TRP P 111 -13.03 4.85 108.62
CA TRP P 111 -12.83 3.80 107.64
C TRP P 111 -11.37 3.42 107.57
N ALA P 112 -11.11 2.17 107.19
CA ALA P 112 -9.75 1.72 106.94
C ALA P 112 -9.46 1.72 105.45
N HIS P 113 -8.21 1.42 105.12
CA HIS P 113 -7.78 1.39 103.73
C HIS P 113 -8.55 0.33 102.95
N PRO P 114 -8.85 0.58 101.67
CA PRO P 114 -9.44 -0.49 100.84
C PRO P 114 -8.53 -1.68 100.69
N MET P 115 -7.26 -1.52 101.02
CA MET P 115 -6.30 -2.60 100.99
C MET P 115 -6.75 -3.83 101.76
N TYR P 116 -7.33 -3.65 102.95
CA TYR P 116 -7.64 -4.77 103.80
C TYR P 116 -9.13 -5.05 103.88
N GLY P 117 -9.84 -4.90 102.76
CA GLY P 117 -11.28 -5.11 102.74
C GLY P 117 -12.04 -3.89 103.19
N ASN P 118 -13.30 -4.12 103.53
CA ASN P 118 -14.17 -3.07 104.05
C ASN P 118 -14.23 -3.18 105.57
N ILE P 119 -13.62 -2.21 106.25
CA ILE P 119 -13.58 -2.17 107.71
C ILE P 119 -14.06 -0.80 108.17
N LEU P 120 -14.79 -0.77 109.27
CA LEU P 120 -15.29 0.46 109.85
C LEU P 120 -15.27 0.32 111.37
N ALA P 121 -14.78 1.36 112.05
CA ALA P 121 -14.65 1.36 113.50
C ALA P 121 -15.57 2.39 114.13
N SER P 122 -16.08 2.07 115.31
CA SER P 122 -16.99 2.96 116.02
C SER P 122 -16.62 3.03 117.49
N CYS P 123 -16.72 4.23 118.06
CA CYS P 123 -16.45 4.48 119.47
C CYS P 123 -17.65 5.16 120.11
N SER P 124 -18.11 4.60 121.22
CA SER P 124 -19.37 5.03 121.82
C SER P 124 -19.17 5.34 123.30
N TYR P 125 -20.27 5.61 123.99
CA TYR P 125 -20.25 5.91 125.41
C TYR P 125 -20.35 4.60 126.17
N ASP P 126 -19.31 3.78 126.04
CA ASP P 126 -19.18 2.52 126.74
C ASP P 126 -17.83 1.92 126.34
N ARG P 127 -17.50 0.78 126.93
CA ARG P 127 -16.31 0.05 126.50
C ARG P 127 -16.69 -0.65 125.21
N LYS P 128 -16.51 0.06 124.09
CA LYS P 128 -17.01 -0.45 122.81
C LYS P 128 -16.20 0.15 121.67
N VAL P 129 -15.50 -0.70 120.93
CA VAL P 129 -14.75 -0.27 119.76
C VAL P 129 -15.11 -1.15 118.57
N ILE P 130 -16.37 -1.62 118.54
CA ILE P 130 -16.80 -2.66 117.60
C ILE P 130 -16.30 -2.39 116.19
N ILE P 131 -15.78 -3.45 115.56
CA ILE P 131 -15.43 -3.47 114.14
C ILE P 131 -16.62 -4.03 113.36
N TRP P 132 -16.86 -3.50 112.17
CA TRP P 132 -18.10 -3.75 111.44
C TRP P 132 -17.81 -4.21 110.01
N ARG P 133 -16.97 -5.23 109.88
CA ARG P 133 -16.58 -5.75 108.58
C ARG P 133 -17.78 -6.22 107.78
N GLU P 134 -17.68 -6.12 106.46
CA GLU P 134 -18.70 -6.60 105.54
C GLU P 134 -18.14 -7.79 104.76
N GLU P 135 -18.87 -8.90 104.76
CA GLU P 135 -18.46 -10.12 104.08
C GLU P 135 -19.60 -10.64 103.23
N ASN P 136 -19.27 -11.10 102.02
CA ASN P 136 -20.23 -11.72 101.11
C ASN P 136 -21.42 -10.80 100.82
N GLY P 137 -21.13 -9.52 100.63
CA GLY P 137 -22.16 -8.56 100.27
C GLY P 137 -23.19 -8.28 101.33
N THR P 138 -22.76 -8.19 102.59
CA THR P 138 -23.68 -7.85 103.68
C THR P 138 -22.86 -7.31 104.85
N TRP P 139 -23.38 -6.29 105.52
CA TRP P 139 -22.64 -5.66 106.61
C TRP P 139 -23.08 -6.25 107.95
N GLU P 140 -22.11 -6.57 108.80
CA GLU P 140 -22.40 -7.23 110.06
C GLU P 140 -21.30 -6.94 111.07
N LYS P 141 -21.63 -7.19 112.33
CA LYS P 141 -20.66 -7.19 113.41
C LYS P 141 -19.54 -8.17 113.11
N SER P 142 -18.30 -7.78 113.38
CA SER P 142 -17.15 -8.67 113.21
C SER P 142 -16.35 -8.88 114.48
N HIS P 143 -16.12 -7.84 115.29
CA HIS P 143 -15.33 -8.00 116.50
C HIS P 143 -15.68 -6.90 117.48
N GLU P 144 -15.47 -7.18 118.77
CA GLU P 144 -15.70 -6.23 119.83
C GLU P 144 -14.56 -6.31 120.84
N HIS P 145 -14.28 -5.17 121.49
CA HIS P 145 -13.26 -5.12 122.52
C HIS P 145 -13.68 -4.09 123.55
N ALA P 146 -13.61 -4.46 124.83
CA ALA P 146 -14.17 -3.68 125.92
C ALA P 146 -13.21 -3.58 127.09
N GLY P 147 -11.95 -3.27 126.81
CA GLY P 147 -10.94 -3.21 127.84
C GLY P 147 -10.78 -1.91 128.58
N HIS P 148 -11.59 -0.90 128.29
CA HIS P 148 -11.44 0.43 128.89
C HIS P 148 -12.68 0.76 129.70
N ASP P 149 -12.48 1.16 130.95
CA ASP P 149 -13.58 1.46 131.87
C ASP P 149 -14.41 2.63 131.39
N SER P 150 -13.81 3.81 131.34
CA SER P 150 -14.53 5.00 130.89
C SER P 150 -14.79 4.94 129.39
N SER P 151 -15.57 5.90 128.91
CA SER P 151 -15.92 5.95 127.49
C SER P 151 -14.68 6.26 126.65
N VAL P 152 -14.64 5.66 125.47
CA VAL P 152 -13.57 5.88 124.49
C VAL P 152 -14.08 6.85 123.44
N ASN P 153 -13.33 7.94 123.22
CA ASN P 153 -13.82 9.04 122.41
C ASN P 153 -12.96 9.35 121.19
N SER P 154 -12.06 8.46 120.79
CA SER P 154 -11.27 8.71 119.59
C SER P 154 -10.78 7.40 118.99
N VAL P 155 -10.82 7.33 117.67
CA VAL P 155 -10.26 6.20 116.91
C VAL P 155 -9.50 6.74 115.71
N CYS P 156 -8.38 6.09 115.38
CA CYS P 156 -7.57 6.48 114.23
C CYS P 156 -6.82 5.28 113.70
N TRP P 157 -6.99 4.99 112.42
CA TRP P 157 -6.25 3.91 111.78
C TRP P 157 -4.82 4.36 111.52
N ALA P 158 -3.89 3.41 111.58
CA ALA P 158 -2.49 3.68 111.32
C ALA P 158 -2.24 3.72 109.81
N PRO P 159 -1.12 4.32 109.39
CA PRO P 159 -0.78 4.32 107.96
C PRO P 159 -0.64 2.90 107.43
N HIS P 160 -1.06 2.71 106.18
CA HIS P 160 -1.12 1.37 105.62
C HIS P 160 0.26 0.76 105.40
N ASP P 161 1.33 1.56 105.51
CA ASP P 161 2.66 1.00 105.38
C ASP P 161 2.98 0.06 106.54
N TYR P 162 2.55 0.41 107.75
CA TYR P 162 2.82 -0.45 108.90
C TYR P 162 2.02 -1.75 108.82
N GLY P 163 0.73 -1.65 108.58
CA GLY P 163 -0.15 -2.79 108.60
C GLY P 163 -1.58 -2.35 108.87
N LEU P 164 -2.24 -3.06 109.77
CA LEU P 164 -3.61 -2.77 110.16
C LEU P 164 -3.64 -2.57 111.67
N ILE P 165 -3.44 -1.34 112.10
CA ILE P 165 -3.36 -1.00 113.51
C ILE P 165 -4.36 0.11 113.79
N LEU P 166 -5.07 0.00 114.90
CA LEU P 166 -6.02 1.00 115.34
C LEU P 166 -5.63 1.52 116.71
N ALA P 167 -5.72 2.83 116.89
CA ALA P 167 -5.41 3.47 118.15
C ALA P 167 -6.67 4.14 118.69
N CYS P 168 -6.99 3.86 119.95
CA CYS P 168 -8.15 4.44 120.61
C CYS P 168 -7.74 4.96 121.98
N GLY P 169 -8.16 6.17 122.29
CA GLY P 169 -7.86 6.76 123.58
C GLY P 169 -9.11 6.97 124.40
N SER P 170 -9.19 6.30 125.54
CA SER P 170 -10.38 6.38 126.38
C SER P 170 -10.33 7.62 127.26
N SER P 171 -11.50 7.97 127.82
CA SER P 171 -11.57 9.08 128.76
C SER P 171 -10.85 8.81 130.07
N ASP P 172 -10.59 7.54 130.39
CA ASP P 172 -9.91 7.21 131.63
C ASP P 172 -8.46 7.66 131.63
N GLY P 173 -7.83 7.77 130.47
CA GLY P 173 -6.44 8.19 130.39
C GLY P 173 -5.49 7.09 129.96
N ALA P 174 -5.95 6.23 129.06
CA ALA P 174 -5.15 5.14 128.52
C ALA P 174 -5.38 5.05 127.02
N ILE P 175 -4.40 4.47 126.31
CA ILE P 175 -4.52 4.23 124.88
C ILE P 175 -4.44 2.74 124.64
N SER P 176 -5.30 2.24 123.76
CA SER P 176 -5.32 0.84 123.36
C SER P 176 -4.97 0.73 121.89
N LEU P 177 -4.02 -0.14 121.57
CA LEU P 177 -3.58 -0.38 120.20
C LEU P 177 -4.03 -1.78 119.79
N LEU P 178 -4.94 -1.84 118.82
CA LEU P 178 -5.46 -3.10 118.31
C LEU P 178 -4.65 -3.49 117.08
N THR P 179 -3.86 -4.55 117.20
CA THR P 179 -3.00 -5.01 116.11
C THR P 179 -3.54 -6.33 115.56
N TYR P 180 -3.60 -6.43 114.24
CA TYR P 180 -4.12 -7.62 113.58
C TYR P 180 -3.00 -8.62 113.35
N THR P 181 -3.15 -9.83 113.89
CA THR P 181 -2.14 -10.86 113.75
C THR P 181 -2.54 -11.97 112.79
N GLY P 182 -3.71 -11.89 112.18
CA GLY P 182 -4.16 -12.89 111.24
C GLY P 182 -5.08 -13.91 111.90
N GLU P 183 -5.77 -14.68 111.03
CA GLU P 183 -6.70 -15.71 111.46
C GLU P 183 -7.77 -15.16 112.40
N GLY P 184 -8.22 -13.94 112.13
CA GLY P 184 -9.25 -13.33 112.95
C GLY P 184 -8.87 -13.16 114.40
N GLN P 185 -7.66 -12.68 114.66
CA GLN P 185 -7.17 -12.50 116.02
C GLN P 185 -6.53 -11.12 116.18
N TRP P 186 -6.46 -10.67 117.43
CA TRP P 186 -5.85 -9.40 117.76
C TRP P 186 -4.84 -9.59 118.88
N GLU P 187 -3.91 -8.63 118.96
CA GLU P 187 -2.84 -8.60 119.94
C GLU P 187 -2.88 -7.30 120.72
N VAL P 188 -4.07 -6.95 121.19
CA VAL P 188 -4.35 -5.66 121.82
C VAL P 188 -3.46 -5.43 123.03
N LYS P 189 -2.67 -4.36 122.99
CA LYS P 189 -1.88 -3.91 124.13
C LYS P 189 -2.27 -2.49 124.48
N LYS P 190 -1.95 -2.09 125.71
CA LYS P 190 -2.36 -0.79 126.19
C LYS P 190 -1.32 -0.24 127.17
N ILE P 191 -1.32 1.08 127.31
CA ILE P 191 -0.54 1.77 128.33
C ILE P 191 -1.49 2.67 129.09
N ASN P 192 -1.29 2.78 130.40
CA ASN P 192 -2.18 3.53 131.27
C ASN P 192 -1.45 4.74 131.82
N ASN P 193 -2.17 5.56 132.59
CA ASN P 193 -1.62 6.73 133.27
C ASN P 193 -0.94 7.69 132.31
N ALA P 194 -1.32 7.66 131.04
CA ALA P 194 -0.74 8.57 130.07
C ALA P 194 -1.28 9.98 130.24
N HIS P 195 -2.58 10.11 130.46
CA HIS P 195 -3.20 11.41 130.66
C HIS P 195 -4.02 11.37 131.94
N THR P 196 -3.97 12.48 132.69
CA THR P 196 -4.63 12.57 133.98
C THR P 196 -6.15 12.39 133.85
N ILE P 197 -6.81 13.32 133.15
CA ILE P 197 -8.25 13.25 132.98
C ILE P 197 -8.61 13.38 131.50
N GLY P 198 -7.67 13.07 130.61
CA GLY P 198 -7.85 13.36 129.21
C GLY P 198 -7.75 12.20 128.25
N CYS P 199 -6.86 12.32 127.27
CA CYS P 199 -6.76 11.37 126.16
C CYS P 199 -8.08 11.28 125.41
N ASN P 200 -8.46 12.39 124.77
CA ASN P 200 -9.69 12.45 123.99
C ASN P 200 -9.45 12.81 122.52
N ALA P 201 -8.21 12.69 122.03
CA ALA P 201 -7.92 12.91 120.62
C ALA P 201 -6.54 12.34 120.30
N VAL P 202 -6.47 11.56 119.22
CA VAL P 202 -5.24 10.93 118.79
C VAL P 202 -5.03 11.20 117.30
N SER P 203 -3.77 11.21 116.89
CA SER P 203 -3.40 11.38 115.49
C SER P 203 -2.15 10.58 115.20
N TRP P 204 -2.07 10.05 113.99
CA TRP P 204 -0.91 9.29 113.54
C TRP P 204 -0.01 10.18 112.69
N ALA P 205 1.21 9.83 112.65
CA ALA P 205 2.12 10.64 111.87
C ALA P 205 2.43 9.99 110.53
N PRO P 206 2.67 10.78 109.50
CA PRO P 206 3.00 10.21 108.19
C PRO P 206 4.26 9.36 108.26
N ALA P 207 4.27 8.29 107.49
CA ALA P 207 5.39 7.36 107.48
C ALA P 207 6.56 7.93 106.69
N VAL P 208 7.75 7.89 107.29
CA VAL P 208 8.98 8.33 106.64
C VAL P 208 10.02 7.23 106.80
N VAL P 209 11.07 7.32 105.99
CA VAL P 209 12.14 6.33 106.03
C VAL P 209 13.37 6.89 106.73
N ASN P 223 12.99 -0.96 111.01
CA ASN P 223 12.85 -0.22 109.76
C ASN P 223 12.24 1.15 110.00
N TYR P 224 10.92 1.18 110.20
CA TYR P 224 10.21 2.43 110.39
C TYR P 224 10.25 2.85 111.86
N ILE P 225 9.83 4.09 112.11
CA ILE P 225 9.72 4.60 113.47
C ILE P 225 8.29 5.07 113.69
N LYS P 226 7.48 4.23 114.33
CA LYS P 226 6.07 4.56 114.55
C LYS P 226 5.94 5.72 115.52
N ARG P 227 5.00 6.62 115.22
CA ARG P 227 4.77 7.80 116.04
C ARG P 227 3.28 8.14 116.02
N PHE P 228 2.82 8.77 117.09
CA PHE P 228 1.47 9.31 117.10
C PHE P 228 1.42 10.51 118.03
N ALA P 229 0.39 11.33 117.85
CA ALA P 229 0.23 12.57 118.61
C ALA P 229 -1.11 12.53 119.33
N SER P 230 -1.10 12.86 120.61
CA SER P 230 -2.27 12.77 121.47
C SER P 230 -2.49 14.12 122.17
N GLY P 231 -3.47 14.15 123.06
CA GLY P 231 -3.77 15.35 123.82
C GLY P 231 -5.05 15.21 124.64
N GLY P 232 -5.05 15.74 125.86
CA GLY P 232 -6.20 15.59 126.73
C GLY P 232 -6.45 16.73 127.68
N CYS P 233 -7.15 16.43 128.78
CA CYS P 233 -7.62 17.43 129.73
C CYS P 233 -6.50 18.23 130.40
N ASP P 234 -5.29 17.70 130.43
CA ASP P 234 -4.18 18.36 131.11
C ASP P 234 -3.65 19.56 130.35
N ASN P 235 -4.31 19.96 129.27
CA ASN P 235 -3.85 21.06 128.41
C ASN P 235 -2.42 20.82 127.92
N LEU P 236 -2.12 19.57 127.61
CA LEU P 236 -0.80 19.18 127.13
C LEU P 236 -0.95 18.16 126.01
N ILE P 237 0.02 18.17 125.10
CA ILE P 237 0.06 17.24 123.97
C ILE P 237 1.40 16.51 124.00
N LYS P 238 1.35 15.19 124.05
CA LYS P 238 2.54 14.36 124.18
C LYS P 238 2.75 13.55 122.91
N LEU P 239 4.02 13.36 122.54
CA LEU P 239 4.40 12.56 121.39
C LEU P 239 5.01 11.25 121.88
N TRP P 240 4.57 10.14 121.29
CA TRP P 240 4.94 8.81 121.75
C TRP P 240 5.70 8.08 120.65
N LYS P 241 6.86 7.54 121.00
CA LYS P 241 7.71 6.82 120.06
C LYS P 241 7.88 5.38 120.52
N GLU P 242 7.63 4.43 119.62
CA GLU P 242 7.77 3.02 119.96
C GLU P 242 9.24 2.62 119.94
N GLU P 243 9.71 2.06 121.05
CA GLU P 243 11.09 1.62 121.15
C GLU P 243 11.29 0.35 120.33
N GLU P 244 12.57 0.01 120.11
CA GLU P 244 12.89 -1.19 119.35
C GLU P 244 12.39 -2.44 120.05
N ASP P 245 12.42 -2.45 121.39
CA ASP P 245 11.96 -3.62 122.14
C ASP P 245 10.48 -3.88 121.90
N GLY P 246 9.67 -2.81 121.88
CA GLY P 246 8.23 -2.96 121.70
C GLY P 246 7.47 -2.02 122.61
N GLN P 247 8.09 -1.64 123.73
CA GLN P 247 7.46 -0.72 124.66
C GLN P 247 7.31 0.65 124.02
N TRP P 248 6.15 1.27 124.26
CA TRP P 248 5.87 2.61 123.73
C TRP P 248 6.28 3.63 124.77
N LYS P 249 7.43 4.27 124.55
CA LYS P 249 7.95 5.26 125.48
C LYS P 249 7.23 6.58 125.26
N GLU P 250 7.71 7.63 125.93
CA GLU P 250 7.19 8.98 125.76
C GLU P 250 8.32 9.89 125.33
N GLU P 251 7.96 11.09 124.89
CA GLU P 251 8.93 12.04 124.34
C GLU P 251 8.43 13.44 124.66
N GLN P 252 8.95 14.43 123.94
CA GLN P 252 8.62 15.82 124.21
C GLN P 252 7.12 16.03 124.23
N LYS P 253 6.65 16.73 125.26
CA LYS P 253 5.24 17.02 125.45
C LYS P 253 5.05 18.53 125.46
N LEU P 254 4.40 19.05 124.43
CA LEU P 254 4.22 20.48 124.29
C LEU P 254 3.06 20.96 125.16
N GLU P 255 3.23 22.14 125.75
CA GLU P 255 2.21 22.73 126.61
C GLU P 255 2.18 24.23 126.34
N ALA P 256 1.27 24.66 125.48
CA ALA P 256 1.12 26.08 125.17
C ALA P 256 -0.35 26.46 125.07
N HIS P 257 -1.24 25.58 125.53
CA HIS P 257 -2.67 25.85 125.50
C HIS P 257 -3.12 26.29 126.88
N SER P 258 -4.39 26.69 127.02
CA SER P 258 -4.82 27.13 128.34
C SER P 258 -5.89 26.24 128.98
N ASP P 259 -7.04 26.11 128.34
CA ASP P 259 -8.16 25.47 129.02
C ASP P 259 -8.33 23.97 128.75
N TRP P 260 -8.64 23.60 127.51
CA TRP P 260 -9.13 22.24 127.24
C TRP P 260 -8.92 21.91 125.76
N VAL P 261 -7.90 21.11 125.47
CA VAL P 261 -7.69 20.64 124.10
C VAL P 261 -8.81 19.69 123.70
N ARG P 262 -9.17 19.69 122.42
CA ARG P 262 -10.23 18.82 121.95
C ARG P 262 -9.79 17.88 120.83
N ASP P 263 -9.08 18.38 119.80
CA ASP P 263 -8.67 17.53 118.69
C ASP P 263 -7.25 17.88 118.27
N VAL P 264 -6.61 16.93 117.59
CA VAL P 264 -5.25 17.09 117.09
C VAL P 264 -5.15 16.39 115.75
N ALA P 265 -4.51 17.05 114.78
CA ALA P 265 -4.31 16.50 113.45
C ALA P 265 -2.88 16.75 113.00
N TRP P 266 -2.34 15.79 112.26
CA TRP P 266 -0.97 15.82 111.78
C TRP P 266 -0.99 15.81 110.26
N ALA P 267 -0.08 16.57 109.64
CA ALA P 267 -0.20 16.84 108.22
C ALA P 267 0.27 15.67 107.38
N PRO P 268 -0.35 15.44 106.23
CA PRO P 268 0.19 14.51 105.25
C PRO P 268 1.53 14.99 104.73
N SER P 269 2.37 14.04 104.35
CA SER P 269 3.72 14.36 103.89
C SER P 269 3.80 14.30 102.38
N ILE P 270 4.70 15.12 101.82
CA ILE P 270 4.93 15.19 100.39
C ILE P 270 6.39 14.93 100.09
N GLY P 271 7.25 15.27 101.03
CA GLY P 271 8.68 15.16 100.81
C GLY P 271 9.41 16.35 101.39
N LEU P 272 8.66 17.41 101.66
CA LEU P 272 9.24 18.58 102.30
C LEU P 272 9.68 18.22 103.71
N PRO P 273 10.89 18.57 104.13
CA PRO P 273 11.41 18.20 105.45
C PRO P 273 10.89 19.07 106.58
N THR P 274 9.58 19.32 106.58
CA THR P 274 8.91 20.05 107.66
C THR P 274 7.69 19.24 108.09
N SER P 275 7.42 19.23 109.39
CA SER P 275 6.25 18.57 109.94
C SER P 275 5.37 19.60 110.65
N THR P 276 4.07 19.56 110.38
CA THR P 276 3.12 20.52 110.94
C THR P 276 1.99 19.79 111.63
N ILE P 277 1.53 20.35 112.75
CA ILE P 277 0.42 19.81 113.53
C ILE P 277 -0.53 20.94 113.88
N ALA P 278 -1.82 20.72 113.71
CA ALA P 278 -2.83 21.66 114.15
C ALA P 278 -3.46 21.20 115.45
N SER P 279 -3.95 22.16 116.24
CA SER P 279 -4.57 21.85 117.51
C SER P 279 -5.71 22.83 117.75
N CYS P 280 -6.69 22.39 118.53
CA CYS P 280 -7.87 23.20 118.84
C CYS P 280 -8.23 23.00 120.30
N SER P 281 -8.96 23.96 120.87
CA SER P 281 -9.28 23.91 122.28
C SER P 281 -10.54 24.74 122.53
N GLN P 282 -11.01 24.69 123.78
CA GLN P 282 -12.12 25.53 124.22
C GLN P 282 -11.75 27.00 124.30
N ASP P 283 -10.46 27.32 124.21
CA ASP P 283 -10.04 28.72 124.13
C ASP P 283 -10.60 29.38 122.89
N GLY P 284 -10.60 28.66 121.77
CA GLY P 284 -10.80 29.25 120.47
C GLY P 284 -9.52 29.50 119.72
N ARG P 285 -8.38 29.24 120.34
CA ARG P 285 -7.07 29.46 119.72
C ARG P 285 -6.64 28.20 118.99
N VAL P 286 -6.33 28.33 117.70
CA VAL P 286 -5.84 27.25 116.88
C VAL P 286 -4.36 27.49 116.65
N PHE P 287 -3.53 26.52 117.01
CA PHE P 287 -2.08 26.63 116.89
C PHE P 287 -1.59 25.69 115.80
N ILE P 288 -0.87 26.24 114.83
CA ILE P 288 -0.26 25.45 113.76
C ILE P 288 1.21 25.31 114.13
N TRP P 289 1.52 24.24 114.87
CA TRP P 289 2.89 23.94 115.25
C TRP P 289 3.70 23.51 114.04
N THR P 290 5.02 23.68 114.12
CA THR P 290 5.92 23.39 113.02
C THR P 290 7.28 22.97 113.55
N CYS P 291 7.99 22.19 112.75
CA CYS P 291 9.33 21.71 113.09
C CYS P 291 10.11 21.55 111.79
N ASP P 292 11.18 22.32 111.64
CA ASP P 292 11.91 22.40 110.38
C ASP P 292 13.18 21.55 110.37
N ASP P 293 13.39 20.70 111.36
CA ASP P 293 14.57 19.85 111.39
C ASP P 293 14.23 18.55 112.09
N ALA P 294 14.52 17.43 111.43
CA ALA P 294 14.21 16.13 112.01
C ALA P 294 15.03 15.88 113.27
N SER P 295 16.28 16.32 113.28
CA SER P 295 17.13 16.07 114.44
C SER P 295 16.78 16.99 115.60
N SER P 296 16.32 18.21 115.31
CA SER P 296 16.14 19.22 116.35
C SER P 296 15.07 18.81 117.36
N ASN P 297 13.96 18.26 116.88
CA ASN P 297 12.82 17.91 117.73
C ASN P 297 12.31 19.12 118.50
N THR P 298 12.21 20.26 117.83
CA THR P 298 11.72 21.50 118.41
C THR P 298 10.48 21.96 117.66
N TRP P 299 9.47 22.41 118.40
CA TRP P 299 8.24 22.91 117.80
C TRP P 299 7.96 24.31 118.31
N SER P 300 7.73 25.24 117.37
CA SER P 300 7.48 26.63 117.70
C SER P 300 6.01 26.96 117.47
N PRO P 301 5.22 27.18 118.52
CA PRO P 301 3.80 27.45 118.33
C PRO P 301 3.55 28.76 117.63
N LYS P 302 2.40 28.83 116.96
CA LYS P 302 1.96 30.01 116.24
C LYS P 302 0.43 30.06 116.32
N LEU P 303 -0.13 31.27 116.29
CA LEU P 303 -1.56 31.43 116.40
C LEU P 303 -2.14 31.80 115.05
N LEU P 304 -3.36 31.31 114.80
CA LEU P 304 -4.09 31.66 113.59
C LEU P 304 -5.22 32.64 113.86
N HIS P 305 -6.06 32.37 114.86
CA HIS P 305 -7.20 33.20 115.17
C HIS P 305 -7.78 32.73 116.49
N LYS P 306 -8.23 33.67 117.32
CA LYS P 306 -8.88 33.36 118.59
C LYS P 306 -10.39 33.44 118.36
N PHE P 307 -11.02 32.28 118.24
CA PHE P 307 -12.45 32.22 117.96
C PHE P 307 -13.25 32.67 119.18
N ASN P 308 -14.49 33.07 118.93
CA ASN P 308 -15.36 33.54 120.01
C ASN P 308 -16.02 32.39 120.76
N ASP P 309 -15.96 31.17 120.24
CA ASP P 309 -16.59 30.02 120.86
C ASP P 309 -15.60 28.86 120.91
N VAL P 310 -16.10 27.68 121.30
CA VAL P 310 -15.25 26.50 121.37
C VAL P 310 -15.03 25.96 119.97
N VAL P 311 -13.81 25.49 119.70
CA VAL P 311 -13.45 25.00 118.38
C VAL P 311 -13.32 23.49 118.44
N TRP P 312 -14.12 22.79 117.63
CA TRP P 312 -14.31 21.35 117.75
C TRP P 312 -13.30 20.55 116.92
N HIS P 313 -13.30 20.74 115.61
CA HIS P 313 -12.64 19.83 114.68
C HIS P 313 -11.73 20.59 113.74
N VAL P 314 -10.56 20.02 113.46
CA VAL P 314 -9.64 20.54 112.46
C VAL P 314 -9.25 19.39 111.53
N SER P 315 -9.16 19.67 110.24
CA SER P 315 -8.85 18.67 109.24
C SER P 315 -8.00 19.28 108.15
N TRP P 316 -6.88 18.64 107.83
CA TRP P 316 -6.02 19.11 106.77
C TRP P 316 -6.63 18.79 105.41
N SER P 317 -5.91 19.15 104.36
CA SER P 317 -6.30 18.82 103.00
C SER P 317 -5.43 17.68 102.50
N ILE P 318 -5.58 17.36 101.22
CA ILE P 318 -4.81 16.26 100.66
C ILE P 318 -3.35 16.65 100.51
N THR P 319 -3.08 17.89 100.10
CA THR P 319 -1.72 18.37 99.92
C THR P 319 -1.27 19.29 101.04
N ALA P 320 -2.02 19.34 102.15
CA ALA P 320 -1.63 20.09 103.34
C ALA P 320 -1.44 21.57 103.06
N ASN P 321 -2.36 22.16 102.28
CA ASN P 321 -2.34 23.59 102.02
C ASN P 321 -3.59 24.31 102.51
N ILE P 322 -4.66 23.60 102.79
CA ILE P 322 -5.89 24.17 103.33
C ILE P 322 -6.26 23.45 104.61
N LEU P 323 -6.71 24.19 105.61
CA LEU P 323 -7.21 23.64 106.86
C LEU P 323 -8.61 24.16 107.11
N ALA P 324 -9.53 23.25 107.39
CA ALA P 324 -10.92 23.59 107.66
C ALA P 324 -11.22 23.42 109.13
N VAL P 325 -11.78 24.47 109.73
CA VAL P 325 -12.00 24.54 111.17
C VAL P 325 -13.48 24.71 111.44
N SER P 326 -14.01 23.88 112.34
CA SER P 326 -15.40 23.96 112.76
C SER P 326 -15.44 23.91 114.27
N GLY P 327 -16.44 24.56 114.86
CA GLY P 327 -16.53 24.67 116.30
C GLY P 327 -17.92 24.98 116.78
N GLY P 328 -18.00 25.56 117.98
CA GLY P 328 -19.28 25.81 118.62
C GLY P 328 -20.12 26.88 117.97
N ASP P 329 -19.49 27.81 117.27
CA ASP P 329 -20.21 28.94 116.65
C ASP P 329 -21.14 28.50 115.52
N ASN P 330 -21.21 27.21 115.24
CA ASN P 330 -22.09 26.67 114.20
C ASN P 330 -21.77 27.30 112.84
N LYS P 331 -20.53 27.11 112.42
CA LYS P 331 -20.07 27.62 111.14
C LYS P 331 -18.89 26.76 110.68
N VAL P 332 -18.52 26.90 109.41
CA VAL P 332 -17.32 26.26 108.88
C VAL P 332 -16.45 27.31 108.21
N THR P 333 -15.16 27.32 108.55
CA THR P 333 -14.23 28.28 108.00
C THR P 333 -13.09 27.54 107.33
N LEU P 334 -12.60 28.12 106.23
CA LEU P 334 -11.44 27.60 105.51
C LEU P 334 -10.30 28.61 105.63
N TRP P 335 -9.08 28.10 105.76
CA TRP P 335 -7.91 28.94 105.98
C TRP P 335 -6.77 28.48 105.09
N LYS P 336 -5.89 29.42 104.76
CA LYS P 336 -4.76 29.15 103.88
C LYS P 336 -3.61 30.07 104.24
N GLU P 337 -2.39 29.53 104.23
CA GLU P 337 -1.21 30.29 104.59
C GLU P 337 -0.83 31.25 103.48
N SER P 338 -0.56 32.49 103.84
CA SER P 338 -0.13 33.49 102.87
C SER P 338 1.38 33.42 102.68
N VAL P 339 1.89 34.18 101.70
CA VAL P 339 3.31 34.16 101.42
C VAL P 339 4.10 34.76 102.57
N ASP P 340 3.56 35.79 103.22
CA ASP P 340 4.23 36.43 104.33
C ASP P 340 4.25 35.59 105.60
N GLY P 341 3.52 34.48 105.62
CA GLY P 341 3.45 33.62 106.79
C GLY P 341 2.22 33.78 107.64
N GLN P 342 1.28 34.63 107.24
CA GLN P 342 0.03 34.79 107.96
C GLN P 342 -1.03 33.88 107.38
N TRP P 343 -1.96 33.45 108.23
CA TRP P 343 -3.05 32.58 107.83
C TRP P 343 -4.32 33.39 107.65
N VAL P 344 -4.87 33.37 106.44
CA VAL P 344 -6.04 34.17 106.11
C VAL P 344 -7.18 33.25 105.69
N CYS P 345 -8.41 33.72 105.86
CA CYS P 345 -9.57 32.97 105.45
C CYS P 345 -9.74 33.06 103.94
N ILE P 346 -10.65 32.22 103.41
CA ILE P 346 -11.01 32.21 102.01
C ILE P 346 -12.51 32.40 101.82
N SER P 347 -13.31 31.59 102.50
CA SER P 347 -14.76 31.72 102.44
C SER P 347 -15.29 32.26 103.77
N MET Q 1 65.38 -15.19 20.04
CA MET Q 1 66.81 -15.31 20.32
C MET Q 1 67.14 -16.70 20.80
N GLU Q 2 66.37 -17.69 20.34
CA GLU Q 2 66.50 -19.07 20.79
C GLU Q 2 66.72 -20.00 19.62
N LEU Q 3 67.56 -21.01 19.85
CA LEU Q 3 67.86 -22.05 18.87
C LEU Q 3 67.13 -23.32 19.28
N HIS Q 4 66.46 -23.95 18.33
CA HIS Q 4 65.82 -25.23 18.54
C HIS Q 4 66.46 -26.29 17.66
N ILE Q 5 66.76 -27.41 18.25
CA ILE Q 5 67.06 -28.61 17.50
C ILE Q 5 65.77 -29.42 17.41
N LEU Q 6 65.48 -29.95 16.23
CA LEU Q 6 64.28 -30.74 16.05
C LEU Q 6 64.64 -32.23 15.95
N GLU Q 7 63.60 -33.06 15.99
CA GLU Q 7 63.76 -34.50 16.10
C GLU Q 7 63.89 -35.20 14.76
N HIS Q 8 63.71 -34.50 13.65
CA HIS Q 8 63.82 -35.14 12.34
C HIS Q 8 65.25 -35.59 12.07
N ARG Q 9 65.40 -36.73 11.42
CA ARG Q 9 66.71 -37.24 10.98
C ARG Q 9 66.61 -37.51 9.49
N VAL Q 10 67.30 -36.69 8.69
CA VAL Q 10 67.03 -36.66 7.26
C VAL Q 10 68.12 -37.41 6.48
N ARG Q 11 67.81 -37.66 5.21
CA ARG Q 11 68.67 -38.36 4.27
C ARG Q 11 68.58 -37.67 2.91
N VAL Q 12 69.73 -37.36 2.32
CA VAL Q 12 69.80 -36.55 1.11
C VAL Q 12 70.18 -37.44 -0.07
N LEU Q 13 69.36 -37.43 -1.12
CA LEU Q 13 69.50 -38.33 -2.25
C LEU Q 13 69.44 -37.56 -3.56
N SER Q 14 70.16 -38.07 -4.56
CA SER Q 14 70.16 -37.52 -5.91
C SER Q 14 69.70 -38.59 -6.88
N VAL Q 15 68.72 -38.25 -7.71
CA VAL Q 15 68.11 -39.19 -8.66
C VAL Q 15 68.43 -38.70 -10.07
N ALA Q 16 68.81 -39.64 -10.93
CA ALA Q 16 69.11 -39.31 -12.32
C ALA Q 16 67.83 -39.02 -13.10
N ARG Q 17 67.97 -38.23 -14.17
CA ARG Q 17 66.79 -37.76 -14.88
C ARG Q 17 65.99 -38.87 -15.55
N PRO Q 18 66.57 -39.76 -16.37
CA PRO Q 18 65.74 -40.77 -17.05
C PRO Q 18 65.13 -41.79 -16.10
N GLY Q 19 65.70 -41.99 -14.92
CA GLY Q 19 65.28 -43.05 -14.02
C GLY Q 19 64.19 -42.66 -13.06
N LEU Q 20 63.44 -41.60 -13.42
CA LEU Q 20 62.35 -41.11 -12.58
C LEU Q 20 61.20 -42.11 -12.51
N TRP Q 21 60.90 -42.79 -13.62
CA TRP Q 21 59.77 -43.71 -13.66
C TRP Q 21 59.94 -44.87 -12.69
N LEU Q 22 61.18 -45.27 -12.39
CA LEU Q 22 61.41 -46.34 -11.43
C LEU Q 22 60.90 -45.95 -10.05
N TYR Q 23 61.19 -44.73 -9.62
CA TYR Q 23 60.85 -44.26 -8.28
C TYR Q 23 59.57 -43.45 -8.25
N THR Q 24 58.84 -43.39 -9.37
CA THR Q 24 57.55 -42.72 -9.39
C THR Q 24 56.64 -43.14 -8.25
N HIS Q 25 56.47 -44.45 -8.05
CA HIS Q 25 55.45 -44.96 -7.13
C HIS Q 25 55.62 -44.39 -5.72
N PRO Q 26 56.78 -44.53 -5.06
CA PRO Q 26 56.92 -43.91 -3.74
C PRO Q 26 56.79 -42.41 -3.78
N LEU Q 27 57.20 -41.77 -4.88
CA LEU Q 27 57.12 -40.31 -4.95
C LEU Q 27 55.68 -39.83 -4.81
N ILE Q 28 54.79 -40.34 -5.66
CA ILE Q 28 53.40 -39.91 -5.59
C ILE Q 28 52.77 -40.34 -4.28
N LYS Q 29 53.15 -41.53 -3.79
CA LYS Q 29 52.60 -41.99 -2.52
C LYS Q 29 52.93 -41.00 -1.41
N LEU Q 30 54.18 -40.53 -1.36
CA LEU Q 30 54.58 -39.60 -0.32
C LEU Q 30 53.97 -38.23 -0.53
N LEU Q 31 53.80 -37.82 -1.78
CA LEU Q 31 53.24 -36.48 -2.05
C LEU Q 31 51.78 -36.40 -1.65
N PHE Q 32 50.95 -37.34 -2.09
CA PHE Q 32 49.50 -37.14 -2.02
C PHE Q 32 48.77 -38.00 -1.02
N LEU Q 33 49.41 -39.01 -0.43
CA LEU Q 33 48.72 -39.97 0.45
C LEU Q 33 49.44 -40.01 1.80
N PRO Q 34 49.22 -39.00 2.64
CA PRO Q 34 49.92 -38.98 3.94
C PRO Q 34 49.57 -40.14 4.85
N ARG Q 35 48.33 -40.63 4.81
CA ARG Q 35 47.92 -41.71 5.70
C ARG Q 35 48.70 -43.00 5.46
N ARG Q 36 49.34 -43.15 4.32
CA ARG Q 36 50.05 -44.38 3.98
C ARG Q 36 51.52 -44.35 4.38
N SER Q 37 52.00 -43.27 4.99
CA SER Q 37 53.40 -43.18 5.35
C SER Q 37 53.54 -42.44 6.67
N ARG Q 38 54.66 -42.70 7.34
CA ARG Q 38 55.02 -42.01 8.58
C ARG Q 38 55.94 -40.82 8.32
N CYS Q 39 56.06 -40.38 7.07
CA CYS Q 39 56.90 -39.24 6.75
C CYS Q 39 56.35 -37.97 7.38
N LYS Q 40 57.26 -37.13 7.87
CA LYS Q 40 56.90 -35.81 8.37
C LYS Q 40 57.86 -34.73 7.89
N PHE Q 41 58.91 -35.11 7.15
CA PHE Q 41 59.83 -34.16 6.54
C PHE Q 41 60.11 -34.63 5.12
N PHE Q 42 59.51 -33.95 4.15
CA PHE Q 42 59.68 -34.33 2.76
C PHE Q 42 59.85 -33.06 1.93
N SER Q 43 60.84 -33.06 1.04
CA SER Q 43 61.12 -31.90 0.20
C SER Q 43 61.80 -32.37 -1.07
N LEU Q 44 61.44 -31.73 -2.20
CA LEU Q 44 61.89 -32.15 -3.52
C LEU Q 44 62.22 -30.93 -4.34
N THR Q 45 63.36 -30.98 -5.04
CA THR Q 45 63.80 -29.90 -5.94
C THR Q 45 64.28 -30.51 -7.24
N GLU Q 46 63.88 -29.90 -8.36
CA GLU Q 46 64.20 -30.40 -9.68
C GLU Q 46 65.18 -29.46 -10.36
N THR Q 47 66.26 -29.99 -10.90
CA THR Q 47 67.27 -29.23 -11.61
C THR Q 47 67.64 -29.95 -12.91
N PRO Q 48 68.14 -29.22 -13.91
CA PRO Q 48 68.57 -29.88 -15.15
C PRO Q 48 69.64 -30.93 -14.93
N GLU Q 49 70.52 -30.74 -13.93
CA GLU Q 49 71.54 -31.74 -13.68
C GLU Q 49 70.93 -33.03 -13.13
N ASP Q 50 70.07 -32.92 -12.12
CA ASP Q 50 69.49 -34.11 -11.48
C ASP Q 50 68.32 -33.69 -10.60
N TYR Q 51 67.82 -34.64 -9.83
CA TYR Q 51 66.75 -34.43 -8.85
C TYR Q 51 67.33 -34.49 -7.46
N THR Q 52 66.64 -33.91 -6.49
CA THR Q 52 67.04 -34.00 -5.10
C THR Q 52 65.83 -34.23 -4.20
N LEU Q 53 65.96 -35.19 -3.30
CA LEU Q 53 64.92 -35.55 -2.35
C LEU Q 53 65.50 -35.54 -0.95
N MET Q 54 64.92 -34.74 -0.07
CA MET Q 54 65.25 -34.78 1.35
C MET Q 54 64.08 -35.45 2.09
N VAL Q 55 64.36 -36.61 2.68
CA VAL Q 55 63.32 -37.41 3.30
C VAL Q 55 63.91 -38.03 4.56
N ASP Q 56 63.07 -38.23 5.56
CA ASP Q 56 63.52 -38.84 6.81
C ASP Q 56 63.68 -40.35 6.63
N GLU Q 57 63.98 -41.05 7.73
CA GLU Q 57 64.28 -42.47 7.64
C GLU Q 57 63.06 -43.29 7.25
N GLU Q 58 61.91 -43.00 7.87
CA GLU Q 58 60.70 -43.77 7.57
C GLU Q 58 60.36 -43.70 6.09
N GLY Q 59 60.53 -42.54 5.47
CA GLY Q 59 60.39 -42.46 4.03
C GLY Q 59 61.54 -43.07 3.27
N PHE Q 60 62.72 -43.15 3.87
CA PHE Q 60 63.86 -43.72 3.18
C PHE Q 60 63.69 -45.22 3.00
N LYS Q 61 62.99 -45.88 3.92
CA LYS Q 61 62.79 -47.32 3.78
C LYS Q 61 61.92 -47.69 2.58
N GLU Q 62 61.25 -46.72 1.96
CA GLU Q 62 60.32 -46.98 0.88
C GLU Q 62 60.94 -46.89 -0.51
N LEU Q 63 62.22 -46.56 -0.61
CA LEU Q 63 62.85 -46.34 -1.90
C LEU Q 63 63.68 -47.57 -2.26
N PRO Q 64 63.37 -48.28 -3.34
CA PRO Q 64 64.14 -49.48 -3.69
C PRO Q 64 65.50 -49.12 -4.26
N PRO Q 65 66.57 -49.71 -3.74
CA PRO Q 65 67.91 -49.38 -4.23
C PRO Q 65 68.10 -49.76 -5.69
N SER Q 66 68.90 -48.95 -6.37
CA SER Q 66 69.26 -49.18 -7.77
C SER Q 66 70.47 -48.31 -8.08
N GLU Q 67 70.83 -48.24 -9.37
CA GLU Q 67 72.06 -47.53 -9.74
C GLU Q 67 71.80 -46.06 -10.04
N PHE Q 68 70.58 -45.70 -10.43
CA PHE Q 68 70.20 -44.31 -10.60
C PHE Q 68 70.21 -43.51 -9.30
N LEU Q 69 70.19 -44.16 -8.15
CA LEU Q 69 70.05 -43.50 -6.86
C LEU Q 69 71.39 -43.44 -6.14
N GLN Q 70 71.82 -42.23 -5.79
CA GLN Q 70 73.02 -42.01 -5.00
C GLN Q 70 72.63 -41.51 -3.63
N VAL Q 71 73.25 -42.07 -2.60
CA VAL Q 71 72.96 -41.74 -1.21
C VAL Q 71 74.21 -41.16 -0.57
N ALA Q 72 74.05 -40.04 0.13
CA ALA Q 72 75.16 -39.42 0.85
C ALA Q 72 75.29 -40.05 2.23
N GLU Q 73 76.54 -40.26 2.65
CA GLU Q 73 76.84 -40.97 3.91
C GLU Q 73 76.87 -39.98 5.08
N ALA Q 74 75.68 -39.58 5.52
CA ALA Q 74 75.52 -38.70 6.66
C ALA Q 74 74.07 -38.71 7.08
N THR Q 75 73.81 -38.38 8.34
CA THR Q 75 72.44 -38.22 8.85
C THR Q 75 72.31 -36.79 9.37
N TRP Q 76 71.77 -35.92 8.53
CA TRP Q 76 71.70 -34.51 8.86
C TRP Q 76 70.63 -34.25 9.92
N LEU Q 77 70.77 -33.13 10.62
CA LEU Q 77 69.85 -32.69 11.65
C LEU Q 77 69.19 -31.39 11.23
N VAL Q 78 68.13 -31.02 11.93
CA VAL Q 78 67.32 -29.85 11.61
C VAL Q 78 67.40 -28.87 12.77
N LEU Q 79 67.73 -27.62 12.45
CA LEU Q 79 67.78 -26.54 13.43
C LEU Q 79 66.81 -25.44 13.01
N ASN Q 80 66.15 -24.83 13.98
CA ASN Q 80 65.20 -23.76 13.75
C ASN Q 80 65.43 -22.65 14.76
N VAL Q 81 65.04 -21.43 14.40
CA VAL Q 81 65.28 -20.24 15.19
C VAL Q 81 63.96 -19.53 15.43
N SER Q 82 63.67 -19.23 16.69
CA SER Q 82 62.46 -18.51 17.06
C SER Q 82 62.83 -17.30 17.91
N SER Q 83 62.07 -16.23 17.75
CA SER Q 83 62.31 -15.00 18.51
C SER Q 83 61.05 -14.57 19.23
N ALA Q 92 64.34 -10.49 12.88
CA ALA Q 92 64.88 -11.82 12.62
C ALA Q 92 64.63 -12.23 11.16
N GLY Q 93 64.90 -11.30 10.24
CA GLY Q 93 64.76 -11.55 8.83
C GLY Q 93 65.90 -12.40 8.30
N VAL Q 94 65.92 -12.55 6.96
CA VAL Q 94 66.89 -13.42 6.32
C VAL Q 94 68.31 -12.94 6.60
N THR Q 95 68.53 -11.63 6.53
CA THR Q 95 69.86 -11.09 6.79
C THR Q 95 70.30 -11.41 8.22
N LYS Q 96 69.40 -11.28 9.19
CA LYS Q 96 69.76 -11.53 10.58
C LYS Q 96 70.20 -12.97 10.77
N ILE Q 97 69.40 -13.93 10.32
CA ILE Q 97 69.73 -15.33 10.53
C ILE Q 97 71.01 -15.70 9.77
N ALA Q 98 71.15 -15.21 8.54
CA ALA Q 98 72.34 -15.49 7.76
C ALA Q 98 73.59 -15.00 8.49
N ARG Q 99 73.60 -13.73 8.89
CA ARG Q 99 74.75 -13.14 9.57
C ARG Q 99 75.03 -13.86 10.88
N SER Q 100 73.99 -14.19 11.64
CA SER Q 100 74.15 -14.76 12.97
C SER Q 100 74.58 -16.22 12.95
N VAL Q 101 74.27 -16.98 11.90
CA VAL Q 101 74.58 -18.41 11.94
C VAL Q 101 75.62 -18.80 10.91
N ILE Q 102 75.38 -18.45 9.64
CA ILE Q 102 76.15 -19.07 8.55
C ILE Q 102 77.62 -18.71 8.65
N ALA Q 103 77.93 -17.41 8.84
CA ALA Q 103 79.33 -17.00 8.87
C ALA Q 103 80.10 -17.63 10.03
N PRO Q 104 79.64 -17.57 11.29
CA PRO Q 104 80.42 -18.18 12.37
C PRO Q 104 80.69 -19.65 12.18
N LEU Q 105 79.71 -20.40 11.70
CA LEU Q 105 79.91 -21.83 11.49
C LEU Q 105 80.92 -22.09 10.38
N ALA Q 106 80.87 -21.30 9.31
CA ALA Q 106 81.83 -21.45 8.22
C ALA Q 106 83.25 -21.09 8.65
N GLU Q 107 83.40 -20.20 9.64
CA GLU Q 107 84.73 -19.95 10.17
C GLU Q 107 85.37 -21.22 10.69
N HIS Q 108 84.58 -22.11 11.28
CA HIS Q 108 85.11 -23.35 11.84
C HIS Q 108 85.05 -24.51 10.88
N HIS Q 109 85.17 -24.22 9.58
CA HIS Q 109 85.27 -25.20 8.51
C HIS Q 109 84.31 -26.38 8.64
N VAL Q 110 83.00 -26.09 8.68
CA VAL Q 110 81.97 -27.12 8.65
C VAL Q 110 80.94 -26.73 7.60
N SER Q 111 80.28 -27.73 7.03
CA SER Q 111 79.35 -27.52 5.92
C SER Q 111 77.93 -27.44 6.42
N VAL Q 112 77.16 -26.54 5.82
CA VAL Q 112 75.77 -26.29 6.20
C VAL Q 112 74.92 -26.25 4.93
N LEU Q 113 73.75 -26.89 4.97
CA LEU Q 113 72.81 -26.85 3.87
C LEU Q 113 71.54 -26.12 4.29
N MET Q 114 71.04 -25.26 3.41
CA MET Q 114 69.93 -24.35 3.68
C MET Q 114 68.73 -24.78 2.85
N LEU Q 115 67.57 -24.89 3.50
CA LEU Q 115 66.29 -25.06 2.85
C LEU Q 115 65.33 -24.01 3.42
N SER Q 116 64.70 -23.24 2.54
CA SER Q 116 63.74 -22.24 2.97
C SER Q 116 62.32 -22.69 2.62
N THR Q 117 61.35 -22.00 3.20
CA THR Q 117 59.95 -22.37 3.06
C THR Q 117 59.10 -21.12 3.24
N TYR Q 118 57.97 -21.09 2.54
CA TYR Q 118 57.06 -19.95 2.60
C TYR Q 118 56.67 -19.59 4.03
N GLN Q 119 56.83 -20.51 4.97
CA GLN Q 119 56.54 -20.25 6.37
C GLN Q 119 57.78 -19.97 7.19
N THR Q 120 58.81 -20.80 7.09
CA THR Q 120 59.98 -20.70 7.95
C THR Q 120 61.22 -21.02 7.14
N ASP Q 121 62.36 -21.15 7.83
CA ASP Q 121 63.64 -21.51 7.22
C ASP Q 121 64.25 -22.63 8.05
N PHE Q 122 64.89 -23.57 7.38
CA PHE Q 122 65.52 -24.70 8.04
C PHE Q 122 67.00 -24.79 7.67
N ILE Q 123 67.79 -25.31 8.60
CA ILE Q 123 69.24 -25.37 8.50
C ILE Q 123 69.66 -26.80 8.78
N LEU Q 124 70.53 -27.35 7.94
CA LEU Q 124 70.94 -28.75 8.03
C LEU Q 124 72.44 -28.86 8.30
N VAL Q 125 72.80 -29.60 9.34
CA VAL Q 125 74.18 -29.83 9.74
C VAL Q 125 74.39 -31.31 9.95
N ARG Q 126 75.65 -31.73 9.95
CA ARG Q 126 75.99 -33.13 10.07
C ARG Q 126 75.89 -33.60 11.51
N GLU Q 127 75.68 -34.90 11.70
CA GLU Q 127 75.38 -35.42 13.03
C GLU Q 127 76.63 -35.48 13.90
N GLN Q 128 77.79 -35.76 13.32
CA GLN Q 128 79.02 -35.85 14.09
C GLN Q 128 79.62 -34.48 14.37
N ASP Q 129 79.00 -33.41 13.91
CA ASP Q 129 79.50 -32.05 14.08
C ASP Q 129 78.56 -31.25 14.96
N LEU Q 130 77.88 -31.92 15.88
CA LEU Q 130 76.94 -31.24 16.75
C LEU Q 130 77.62 -30.52 17.91
N SER Q 131 78.73 -31.07 18.42
CA SER Q 131 79.45 -30.41 19.51
C SER Q 131 79.95 -29.04 19.08
N VAL Q 132 80.45 -28.91 17.84
CA VAL Q 132 80.97 -27.62 17.39
C VAL Q 132 79.84 -26.60 17.31
N VAL Q 133 78.62 -27.04 16.96
CA VAL Q 133 77.50 -26.12 16.88
C VAL Q 133 77.12 -25.62 18.27
N ILE Q 134 77.07 -26.54 19.25
CA ILE Q 134 76.78 -26.15 20.62
C ILE Q 134 77.85 -25.23 21.17
N HIS Q 135 79.10 -25.43 20.77
CA HIS Q 135 80.20 -24.56 21.20
C HIS Q 135 80.04 -23.15 20.64
N THR Q 136 79.88 -23.04 19.31
CA THR Q 136 79.92 -21.72 18.70
C THR Q 136 78.63 -20.93 18.88
N LEU Q 137 77.47 -21.59 18.94
CA LEU Q 137 76.20 -20.87 19.03
C LEU Q 137 75.63 -20.87 20.45
N ALA Q 138 76.48 -20.81 21.46
CA ALA Q 138 76.00 -20.76 22.83
C ALA Q 138 76.08 -19.36 23.44
N GLN Q 139 76.63 -18.39 22.71
CA GLN Q 139 76.82 -17.05 23.26
C GLN Q 139 75.69 -16.10 22.89
N GLU Q 140 74.85 -16.47 21.92
CA GLU Q 140 73.69 -15.67 21.56
C GLU Q 140 72.39 -16.41 21.79
N PHE Q 141 72.26 -17.61 21.23
CA PHE Q 141 71.00 -18.35 21.29
C PHE Q 141 70.98 -19.27 22.51
N ASP Q 142 69.80 -19.35 23.14
CA ASP Q 142 69.54 -20.30 24.21
C ASP Q 142 69.14 -21.62 23.56
N ILE Q 143 70.05 -22.59 23.54
CA ILE Q 143 69.83 -23.84 22.83
C ILE Q 143 68.85 -24.70 23.61
N TYR Q 144 67.72 -25.03 23.00
CA TYR Q 144 66.81 -26.04 23.52
C TYR Q 144 66.72 -27.18 22.53
N ARG Q 145 66.57 -28.40 23.06
CA ARG Q 145 66.41 -29.59 22.25
C ARG Q 145 65.03 -30.16 22.48
N GLU Q 146 64.36 -30.54 21.39
CA GLU Q 146 63.00 -31.04 21.45
C GLU Q 146 63.05 -32.56 21.60
N VAL Q 147 62.75 -33.06 22.79
CA VAL Q 147 62.65 -34.49 23.07
C VAL Q 147 61.23 -34.79 23.52
N GLY Q 148 60.56 -35.68 22.80
CA GLY Q 148 59.21 -36.07 23.15
C GLY Q 148 58.23 -34.91 23.17
N GLY Q 149 58.40 -33.95 22.26
CA GLY Q 149 57.51 -32.80 22.22
C GLY Q 149 57.65 -31.88 23.42
N GLU Q 150 58.86 -31.67 23.91
CA GLU Q 150 59.08 -30.75 25.01
C GLU Q 150 60.51 -30.24 24.98
N PRO Q 151 60.73 -28.93 24.96
CA PRO Q 151 62.09 -28.41 24.88
C PRO Q 151 62.84 -28.52 26.20
N VAL Q 152 63.75 -29.49 26.28
CA VAL Q 152 64.62 -29.63 27.45
C VAL Q 152 65.79 -28.67 27.28
N PRO Q 153 65.96 -27.70 28.17
CA PRO Q 153 67.06 -26.75 28.00
C PRO Q 153 68.41 -27.45 28.04
N VAL Q 154 69.25 -27.13 27.06
CA VAL Q 154 70.60 -27.67 26.98
C VAL Q 154 71.52 -26.70 27.70
N THR Q 155 71.94 -27.08 28.91
CA THR Q 155 72.90 -26.27 29.63
C THR Q 155 74.23 -26.24 28.89
N ARG Q 156 74.91 -25.11 28.96
CA ARG Q 156 76.17 -24.95 28.25
C ARG Q 156 77.24 -25.80 28.92
N ASP Q 157 77.41 -27.03 28.46
CA ASP Q 157 78.39 -27.93 29.04
C ASP Q 157 79.79 -27.40 28.79
N ASP Q 158 80.66 -27.57 29.79
CA ASP Q 158 82.04 -27.06 29.72
C ASP Q 158 82.88 -27.93 28.79
N SER Q 159 82.53 -27.89 27.51
CA SER Q 159 83.23 -28.64 26.47
C SER Q 159 84.39 -27.79 25.96
N SER Q 160 85.56 -28.01 26.54
CA SER Q 160 86.76 -27.27 26.16
C SER Q 160 87.69 -28.12 25.30
N VAL Q 174 87.29 -19.49 -6.91
CA VAL Q 174 85.87 -19.15 -6.90
C VAL Q 174 85.17 -19.83 -8.07
N HIS Q 175 83.84 -19.97 -7.95
CA HIS Q 175 83.02 -20.64 -8.94
C HIS Q 175 82.27 -19.63 -9.81
N PRO Q 176 82.05 -19.94 -11.09
CA PRO Q 176 81.38 -18.98 -11.97
C PRO Q 176 79.94 -18.75 -11.57
N ILE Q 177 79.48 -17.52 -11.79
CA ILE Q 177 78.13 -17.09 -11.44
C ILE Q 177 77.31 -17.04 -12.71
N GLN Q 178 76.11 -17.63 -12.67
CA GLN Q 178 75.20 -17.59 -13.80
C GLN Q 178 73.82 -17.18 -13.29
N SER Q 179 73.15 -16.33 -14.05
CA SER Q 179 71.81 -15.86 -13.68
C SER Q 179 70.83 -16.11 -14.80
N PRO Q 180 69.85 -17.00 -14.62
CA PRO Q 180 68.79 -17.17 -15.61
C PRO Q 180 68.01 -15.88 -15.81
N GLN Q 181 67.07 -15.93 -16.76
CA GLN Q 181 66.30 -14.75 -17.13
C GLN Q 181 64.79 -15.01 -17.12
N ASN Q 182 64.31 -15.86 -16.23
CA ASN Q 182 62.88 -16.07 -16.04
C ASN Q 182 62.47 -15.70 -14.62
N ARG Q 183 61.16 -15.57 -14.42
CA ARG Q 183 60.60 -15.07 -13.17
C ARG Q 183 59.85 -16.18 -12.44
N PHE Q 184 59.81 -16.09 -11.11
CA PHE Q 184 59.35 -17.18 -10.27
C PHE Q 184 58.30 -16.70 -9.27
N CYS Q 185 57.36 -17.58 -8.97
CA CYS Q 185 56.23 -17.27 -8.09
C CYS Q 185 56.22 -18.25 -6.92
N VAL Q 186 56.24 -17.72 -5.71
CA VAL Q 186 56.31 -18.51 -4.49
C VAL Q 186 54.95 -18.46 -3.81
N LEU Q 187 54.39 -19.63 -3.52
CA LEU Q 187 53.03 -19.68 -3.03
C LEU Q 187 52.82 -20.95 -2.21
N THR Q 188 51.72 -20.96 -1.47
CA THR Q 188 51.30 -22.12 -0.69
C THR Q 188 49.93 -22.59 -1.14
N LEU Q 189 49.43 -23.61 -0.45
CA LEU Q 189 48.22 -24.30 -0.86
C LEU Q 189 47.41 -24.70 0.37
N ASP Q 190 46.12 -24.88 0.18
CA ASP Q 190 45.28 -25.43 1.23
C ASP Q 190 45.42 -26.96 1.20
N PRO Q 191 45.81 -27.60 2.30
CA PRO Q 191 46.12 -29.04 2.22
C PRO Q 191 44.92 -29.91 1.94
N GLU Q 192 43.71 -29.34 1.99
CA GLU Q 192 42.50 -30.05 1.61
C GLU Q 192 42.27 -29.99 0.10
N THR Q 193 42.79 -28.97 -0.57
CA THR Q 193 42.52 -28.74 -1.98
C THR Q 193 43.39 -29.56 -2.91
N LEU Q 194 44.54 -30.06 -2.45
CA LEU Q 194 45.46 -30.82 -3.29
C LEU Q 194 44.78 -31.93 -4.11
N PRO Q 195 43.71 -32.59 -3.64
CA PRO Q 195 43.00 -33.52 -4.53
C PRO Q 195 42.50 -32.90 -5.83
N ALA Q 196 42.05 -31.65 -5.80
CA ALA Q 196 41.55 -31.03 -7.02
C ALA Q 196 42.67 -30.57 -7.95
N ILE Q 197 43.93 -30.77 -7.57
CA ILE Q 197 45.08 -30.28 -8.32
C ILE Q 197 46.03 -31.39 -8.71
N ALA Q 198 45.92 -32.56 -8.05
CA ALA Q 198 46.93 -33.61 -8.18
C ALA Q 198 47.24 -33.95 -9.63
N THR Q 199 46.22 -34.00 -10.49
CA THR Q 199 46.46 -34.36 -11.88
C THR Q 199 47.34 -33.32 -12.58
N THR Q 200 46.95 -32.05 -12.49
CA THR Q 200 47.76 -31.00 -13.11
C THR Q 200 49.17 -30.97 -12.53
N LEU Q 201 49.31 -31.33 -11.26
CA LEU Q 201 50.64 -31.36 -10.67
C LEU Q 201 51.49 -32.49 -11.26
N ILE Q 202 50.87 -33.66 -11.46
CA ILE Q 202 51.61 -34.84 -11.90
C ILE Q 202 52.22 -34.63 -13.28
N ASP Q 203 51.52 -33.91 -14.16
CA ASP Q 203 52.13 -33.59 -15.45
C ASP Q 203 53.43 -32.85 -15.29
N VAL Q 204 53.42 -31.75 -14.54
CA VAL Q 204 54.61 -30.93 -14.38
C VAL Q 204 55.73 -31.75 -13.74
N LEU Q 205 55.38 -32.63 -12.81
CA LEU Q 205 56.44 -33.40 -12.15
C LEU Q 205 57.01 -34.50 -13.04
N PHE Q 206 56.18 -35.17 -13.86
CA PHE Q 206 56.58 -36.43 -14.45
C PHE Q 206 56.59 -36.48 -15.96
N TYR Q 207 55.68 -35.77 -16.63
CA TYR Q 207 55.47 -35.95 -18.07
C TYR Q 207 55.95 -34.80 -18.93
N SER Q 208 56.21 -33.63 -18.34
CA SER Q 208 56.72 -32.52 -19.13
C SER Q 208 58.20 -32.70 -19.47
N HIS Q 209 58.98 -33.27 -18.56
CA HIS Q 209 60.43 -33.35 -18.72
C HIS Q 209 60.89 -34.46 -19.65
N SER Q 210 59.98 -35.33 -20.09
CA SER Q 210 60.35 -36.41 -20.99
C SER Q 210 60.49 -35.91 -22.42
N PRO Q 222 70.21 -21.80 -22.89
CA PRO Q 222 71.32 -21.31 -22.07
C PRO Q 222 70.88 -20.19 -21.14
N SER Q 223 70.06 -19.28 -21.67
CA SER Q 223 69.53 -18.16 -20.89
C SER Q 223 68.14 -18.49 -20.36
N SER Q 224 67.93 -19.75 -20.01
CA SER Q 224 66.68 -20.19 -19.39
C SER Q 224 66.96 -21.41 -18.54
N ILE Q 225 66.18 -21.54 -17.47
CA ILE Q 225 66.31 -22.64 -16.53
C ILE Q 225 64.92 -23.20 -16.28
N THR Q 226 64.85 -24.51 -16.07
CA THR Q 226 63.62 -25.17 -15.62
C THR Q 226 63.84 -25.49 -14.15
N PHE Q 227 63.06 -24.86 -13.28
CA PHE Q 227 63.23 -24.98 -11.84
C PHE Q 227 61.89 -25.24 -11.18
N PHE Q 228 61.85 -26.23 -10.29
CA PHE Q 228 60.64 -26.54 -9.54
C PHE Q 228 61.03 -26.98 -8.14
N ALA Q 229 60.22 -26.59 -7.15
CA ALA Q 229 60.51 -26.91 -5.76
C ALA Q 229 59.22 -27.20 -5.01
N PHE Q 230 59.15 -28.39 -4.42
CA PHE Q 230 57.99 -28.84 -3.66
C PHE Q 230 58.48 -29.39 -2.33
N SER Q 231 57.85 -28.95 -1.23
CA SER Q 231 58.27 -29.38 0.10
C SER Q 231 57.05 -29.45 0.99
N LEU Q 232 56.99 -30.51 1.80
CA LEU Q 232 55.90 -30.75 2.75
C LEU Q 232 56.53 -31.02 4.11
N ILE Q 233 56.45 -30.04 5.01
CA ILE Q 233 57.08 -30.14 6.32
C ILE Q 233 56.03 -29.89 7.38
N GLU Q 234 55.78 -30.90 8.21
CA GLU Q 234 54.90 -30.80 9.37
C GLU Q 234 53.52 -30.27 9.00
N GLY Q 235 52.97 -30.73 7.89
CA GLY Q 235 51.63 -30.34 7.50
C GLY Q 235 51.52 -29.02 6.79
N TYR Q 236 52.57 -28.54 6.13
CA TYR Q 236 52.54 -27.27 5.41
C TYR Q 236 53.10 -27.46 4.00
N ILE Q 237 52.55 -26.73 3.04
CA ILE Q 237 52.94 -26.82 1.64
C ILE Q 237 53.63 -25.54 1.22
N SER Q 238 54.79 -25.66 0.58
CA SER Q 238 55.46 -24.54 -0.07
C SER Q 238 55.86 -24.98 -1.47
N ILE Q 239 55.61 -24.12 -2.46
CA ILE Q 239 55.92 -24.41 -3.85
C ILE Q 239 56.66 -23.24 -4.48
N VAL Q 240 57.67 -23.55 -5.28
CA VAL Q 240 58.38 -22.58 -6.10
C VAL Q 240 58.27 -23.01 -7.56
N MET Q 241 57.72 -22.12 -8.40
CA MET Q 241 57.60 -22.41 -9.82
C MET Q 241 57.66 -21.10 -10.59
N ASP Q 242 58.01 -21.22 -11.87
CA ASP Q 242 58.12 -20.05 -12.72
C ASP Q 242 56.74 -19.60 -13.19
N ALA Q 243 56.68 -18.37 -13.68
CA ALA Q 243 55.41 -17.80 -14.11
C ALA Q 243 54.87 -18.53 -15.33
N GLU Q 244 55.74 -19.16 -16.12
CA GLU Q 244 55.26 -19.92 -17.27
C GLU Q 244 54.35 -21.04 -16.84
N THR Q 245 54.78 -21.85 -15.86
CA THR Q 245 53.97 -22.97 -15.40
C THR Q 245 52.73 -22.51 -14.64
N GLN Q 246 52.63 -21.22 -14.33
CA GLN Q 246 51.59 -20.78 -13.40
C GLN Q 246 50.22 -20.65 -14.06
N LYS Q 247 50.15 -20.32 -15.36
CA LYS Q 247 48.82 -20.15 -15.95
C LYS Q 247 48.06 -21.45 -16.01
N LYS Q 248 48.76 -22.58 -15.97
CA LYS Q 248 48.09 -23.87 -16.11
C LYS Q 248 47.09 -24.09 -14.99
N PHE Q 249 47.42 -23.65 -13.78
CA PHE Q 249 46.56 -23.86 -12.62
C PHE Q 249 45.49 -22.78 -12.53
N PRO Q 250 44.32 -23.12 -11.99
CA PRO Q 250 43.34 -22.08 -11.67
C PRO Q 250 43.87 -21.12 -10.61
N SER Q 251 43.52 -19.84 -10.77
CA SER Q 251 44.13 -18.79 -9.97
C SER Q 251 43.59 -18.74 -8.54
N ASP Q 252 42.30 -19.02 -8.36
CA ASP Q 252 41.66 -18.80 -7.07
C ASP Q 252 42.13 -19.75 -5.98
N LEU Q 253 42.68 -20.92 -6.36
CA LEU Q 253 43.12 -21.90 -5.39
C LEU Q 253 44.60 -21.78 -5.04
N LEU Q 254 45.28 -20.74 -5.53
CA LEU Q 254 46.67 -20.51 -5.19
C LEU Q 254 46.80 -19.28 -4.30
N LEU Q 255 47.60 -19.41 -3.24
CA LEU Q 255 47.71 -18.42 -2.19
C LEU Q 255 49.08 -17.76 -2.27
N THR Q 256 49.12 -16.58 -2.88
CA THR Q 256 50.36 -15.84 -3.08
C THR Q 256 50.17 -14.39 -2.68
N SER Q 257 51.27 -13.63 -2.70
CA SER Q 257 51.23 -12.23 -2.33
C SER Q 257 50.25 -11.47 -3.22
N SER Q 258 49.46 -10.59 -2.59
CA SER Q 258 48.41 -9.87 -3.30
C SER Q 258 48.95 -8.94 -4.37
N SER Q 259 50.03 -8.22 -4.08
CA SER Q 259 50.58 -7.28 -5.06
C SER Q 259 51.06 -7.96 -6.34
N GLY Q 260 51.38 -9.25 -6.27
CA GLY Q 260 51.79 -9.98 -7.46
C GLY Q 260 53.27 -9.93 -7.76
N GLU Q 261 54.12 -9.70 -6.76
CA GLU Q 261 55.55 -9.60 -6.99
C GLU Q 261 56.12 -10.93 -7.44
N LEU Q 262 57.17 -10.87 -8.25
CA LEU Q 262 57.89 -12.01 -8.77
C LEU Q 262 59.33 -11.99 -8.23
N TRP Q 263 60.07 -13.05 -8.50
CA TRP Q 263 61.44 -13.17 -8.03
C TRP Q 263 62.36 -13.50 -9.20
N ARG Q 264 63.66 -13.44 -8.94
CA ARG Q 264 64.68 -13.81 -9.91
C ARG Q 264 65.77 -14.63 -9.23
N MET Q 265 66.45 -15.45 -10.02
CA MET Q 265 67.36 -16.46 -9.50
C MET Q 265 68.82 -16.05 -9.69
N VAL Q 266 69.67 -16.48 -8.76
CA VAL Q 266 71.12 -16.46 -8.91
C VAL Q 266 71.62 -17.83 -8.48
N ARG Q 267 72.56 -18.40 -9.23
CA ARG Q 267 73.02 -19.75 -8.94
C ARG Q 267 74.51 -19.88 -9.23
N ILE Q 268 75.19 -20.63 -8.36
CA ILE Q 268 76.61 -20.92 -8.50
C ILE Q 268 76.80 -22.43 -8.37
N GLY Q 269 77.65 -23.00 -9.22
CA GLY Q 269 77.82 -24.43 -9.29
C GLY Q 269 79.10 -24.90 -8.67
N GLY Q 270 79.28 -26.23 -8.69
CA GLY Q 270 80.47 -26.82 -8.14
C GLY Q 270 80.33 -28.33 -8.01
N GLN Q 271 81.16 -28.89 -7.12
CA GLN Q 271 81.32 -30.29 -6.75
C GLN Q 271 80.12 -30.80 -5.98
N PRO Q 272 79.78 -32.08 -6.13
CA PRO Q 272 78.64 -32.64 -5.40
C PRO Q 272 79.01 -33.00 -3.97
N LEU Q 273 77.98 -33.14 -3.14
CA LEU Q 273 78.18 -33.52 -1.74
C LEU Q 273 78.53 -35.00 -1.62
N CYS Q 278 83.95 -26.64 2.17
CA CYS Q 278 83.40 -25.92 3.32
C CYS Q 278 82.02 -25.36 3.00
N GLY Q 279 81.26 -26.09 2.20
CA GLY Q 279 79.93 -25.66 1.81
C GLY Q 279 79.99 -24.61 0.72
N ILE Q 280 78.83 -24.41 0.08
CA ILE Q 280 78.74 -23.46 -1.02
C ILE Q 280 77.74 -22.35 -0.75
N VAL Q 281 76.81 -22.51 0.20
CA VAL Q 281 75.91 -21.42 0.54
C VAL Q 281 76.67 -20.28 1.19
N ALA Q 282 77.87 -20.57 1.71
CA ALA Q 282 78.67 -19.51 2.31
C ALA Q 282 79.03 -18.45 1.27
N GLN Q 283 79.49 -18.87 0.09
CA GLN Q 283 80.00 -17.95 -0.89
C GLN Q 283 78.90 -17.07 -1.50
N ILE Q 284 77.64 -17.38 -1.23
CA ILE Q 284 76.52 -16.51 -1.58
C ILE Q 284 76.07 -15.69 -0.38
N ALA Q 285 75.86 -16.34 0.76
CA ALA Q 285 75.25 -15.66 1.91
C ALA Q 285 76.20 -14.61 2.50
N GLY Q 286 77.47 -14.95 2.65
CA GLY Q 286 78.44 -14.04 3.23
C GLY Q 286 78.47 -12.71 2.52
N PRO Q 287 78.83 -12.73 1.23
CA PRO Q 287 78.83 -11.47 0.47
C PRO Q 287 77.48 -10.78 0.46
N LEU Q 288 76.38 -11.53 0.57
CA LEU Q 288 75.08 -10.89 0.67
C LEU Q 288 74.75 -10.45 2.08
N ALA Q 289 75.54 -10.87 3.07
CA ALA Q 289 75.31 -10.44 4.45
C ALA Q 289 75.83 -9.04 4.72
N ALA Q 290 76.56 -8.44 3.79
CA ALA Q 290 77.01 -7.06 3.91
C ALA Q 290 75.98 -6.06 3.39
N ALA Q 291 74.71 -6.47 3.36
CA ALA Q 291 73.61 -5.59 3.00
C ALA Q 291 72.35 -6.05 3.70
N ASP Q 292 71.19 -5.58 3.27
CA ASP Q 292 69.92 -6.07 3.80
C ASP Q 292 68.98 -6.47 2.67
N ILE Q 293 69.05 -7.72 2.26
CA ILE Q 293 68.22 -8.25 1.16
C ILE Q 293 67.62 -9.57 1.61
N SER Q 294 66.35 -9.78 1.29
CA SER Q 294 65.64 -10.99 1.70
C SER Q 294 65.89 -12.10 0.70
N ALA Q 295 66.74 -13.05 1.07
CA ALA Q 295 67.10 -14.17 0.20
C ALA Q 295 66.26 -15.40 0.54
N TYR Q 296 66.35 -16.39 -0.34
CA TYR Q 296 65.51 -17.57 -0.29
C TYR Q 296 66.33 -18.83 -0.58
N TYR Q 297 67.44 -18.97 0.14
CA TYR Q 297 68.44 -19.98 -0.19
C TYR Q 297 67.83 -21.37 -0.28
N ILE Q 298 68.13 -22.06 -1.37
CA ILE Q 298 67.80 -23.46 -1.55
C ILE Q 298 69.05 -24.18 -2.02
N SER Q 299 69.45 -25.21 -1.29
CA SER Q 299 70.66 -25.95 -1.58
C SER Q 299 70.31 -27.27 -2.24
N THR Q 300 71.15 -27.70 -3.16
CA THR Q 300 70.97 -28.89 -3.97
C THR Q 300 72.21 -29.76 -3.85
N PHE Q 301 72.17 -30.94 -4.48
CA PHE Q 301 73.32 -31.84 -4.46
C PHE Q 301 74.56 -31.16 -5.03
N ASN Q 302 74.39 -30.31 -6.04
CA ASN Q 302 75.50 -29.68 -6.72
C ASN Q 302 75.39 -28.16 -6.80
N PHE Q 303 74.20 -27.61 -7.05
CA PHE Q 303 74.02 -26.16 -7.10
C PHE Q 303 73.83 -25.56 -5.70
N ALA Q 304 73.67 -24.23 -5.69
CA ALA Q 304 73.38 -23.46 -4.47
C ALA Q 304 72.63 -22.21 -4.94
N HIS Q 305 71.35 -22.13 -4.61
CA HIS Q 305 70.51 -21.12 -5.22
C HIS Q 305 70.26 -19.95 -4.27
N ALA Q 306 69.53 -18.96 -4.78
CA ALA Q 306 69.16 -17.77 -4.04
C ALA Q 306 68.14 -16.98 -4.85
N LEU Q 307 67.09 -16.49 -4.19
CA LEU Q 307 66.08 -15.69 -4.86
C LEU Q 307 66.04 -14.28 -4.28
N VAL Q 308 65.90 -13.30 -5.18
CA VAL Q 308 65.79 -11.89 -4.83
C VAL Q 308 64.50 -11.36 -5.45
N PRO Q 309 63.91 -10.29 -4.92
CA PRO Q 309 62.60 -9.85 -5.43
C PRO Q 309 62.66 -8.81 -6.54
N GLU Q 310 63.16 -9.24 -7.71
CA GLU Q 310 62.95 -8.53 -8.97
C GLU Q 310 63.49 -7.10 -8.98
N ASP Q 311 62.94 -6.24 -8.12
CA ASP Q 311 63.37 -4.85 -8.10
C ASP Q 311 64.83 -4.72 -7.69
N GLY Q 312 65.31 -5.66 -6.88
CA GLY Q 312 66.62 -5.55 -6.31
C GLY Q 312 67.73 -6.24 -7.08
N ILE Q 313 67.50 -6.60 -8.34
CA ILE Q 313 68.58 -7.24 -9.08
C ILE Q 313 69.13 -6.24 -10.10
N GLY Q 314 69.99 -5.36 -9.59
CA GLY Q 314 70.97 -4.62 -10.36
C GLY Q 314 72.08 -4.39 -9.37
N SER Q 315 71.91 -5.04 -8.21
CA SER Q 315 72.72 -4.79 -7.03
C SER Q 315 73.34 -6.10 -6.56
N VAL Q 316 72.62 -7.20 -6.83
CA VAL Q 316 73.11 -8.53 -6.48
C VAL Q 316 73.93 -9.08 -7.64
N ILE Q 317 73.94 -8.34 -8.75
CA ILE Q 317 74.92 -8.56 -9.81
C ILE Q 317 76.09 -7.60 -9.65
N GLU Q 318 75.95 -6.66 -8.71
CA GLU Q 318 76.99 -5.73 -8.32
C GLU Q 318 77.86 -6.29 -7.21
N VAL Q 319 77.26 -6.63 -6.07
CA VAL Q 319 78.05 -7.12 -4.94
C VAL Q 319 78.70 -8.45 -5.27
N LEU Q 320 78.02 -9.31 -6.04
CA LEU Q 320 78.53 -10.62 -6.36
C LEU Q 320 79.71 -10.54 -7.33
N GLN Q 321 79.50 -9.86 -8.46
CA GLN Q 321 80.56 -9.71 -9.45
C GLN Q 321 81.74 -8.95 -8.85
N ARG Q 322 81.49 -7.81 -8.18
CA ARG Q 322 82.57 -7.04 -7.59
C ARG Q 322 83.30 -7.79 -6.49
N ARG Q 323 82.69 -8.82 -5.89
CA ARG Q 323 83.38 -9.71 -4.99
C ARG Q 323 83.98 -10.91 -5.72
N GLN Q 324 83.68 -11.07 -7.01
CA GLN Q 324 84.26 -12.12 -7.85
C GLN Q 324 85.49 -11.59 -8.59
N GLU Q 325 86.07 -10.50 -8.10
CA GLU Q 325 87.30 -9.97 -8.70
C GLU Q 325 88.30 -9.51 -7.65
N GLY Q 326 88.14 -9.90 -6.39
CA GLY Q 326 89.03 -9.48 -5.33
C GLY Q 326 88.34 -9.46 -3.98
N MET R 1 19.33 -56.36 -39.67
CA MET R 1 20.37 -56.48 -38.65
C MET R 1 21.75 -56.48 -39.30
N GLU R 2 22.61 -55.59 -38.82
CA GLU R 2 23.91 -55.35 -39.44
C GLU R 2 25.04 -55.57 -38.44
N LEU R 3 26.14 -56.16 -38.93
CA LEU R 3 27.36 -56.35 -38.17
C LEU R 3 28.42 -55.38 -38.67
N HIS R 4 29.32 -54.97 -37.76
CA HIS R 4 30.37 -54.02 -38.07
C HIS R 4 31.71 -54.56 -37.59
N ILE R 5 32.72 -54.43 -38.43
CA ILE R 5 34.11 -54.72 -38.07
C ILE R 5 34.82 -53.39 -37.91
N LEU R 6 35.25 -53.10 -36.68
CA LEU R 6 35.85 -51.82 -36.39
C LEU R 6 37.33 -51.79 -36.79
N GLU R 7 37.97 -50.66 -36.54
CA GLU R 7 39.33 -50.41 -36.99
C GLU R 7 40.41 -50.80 -35.98
N HIS R 8 40.02 -51.31 -34.82
CA HIS R 8 40.96 -51.46 -33.71
C HIS R 8 41.66 -52.81 -33.77
N ARG R 9 42.95 -52.81 -33.48
CA ARG R 9 43.72 -54.04 -33.33
C ARG R 9 44.30 -54.09 -31.91
N VAL R 10 43.99 -55.17 -31.18
CA VAL R 10 44.15 -55.22 -29.74
C VAL R 10 45.13 -56.32 -29.36
N ARG R 11 45.95 -56.05 -28.36
CA ARG R 11 46.79 -57.05 -27.71
C ARG R 11 46.34 -57.24 -26.27
N VAL R 12 46.28 -58.50 -25.84
CA VAL R 12 45.77 -58.87 -24.52
C VAL R 12 46.95 -59.26 -23.64
N LEU R 13 47.10 -58.58 -22.50
CA LEU R 13 48.24 -58.76 -21.63
C LEU R 13 47.78 -59.04 -20.20
N SER R 14 48.63 -59.78 -19.47
CA SER R 14 48.42 -60.06 -18.05
C SER R 14 49.69 -59.73 -17.30
N VAL R 15 49.56 -59.03 -16.17
CA VAL R 15 50.71 -58.63 -15.35
C VAL R 15 50.57 -59.25 -13.97
N ALA R 16 51.68 -59.72 -13.43
CA ALA R 16 51.68 -60.35 -12.12
C ALA R 16 51.49 -59.32 -11.02
N ARG R 17 50.87 -59.76 -9.92
CA ARG R 17 50.52 -58.83 -8.85
C ARG R 17 51.73 -58.21 -8.16
N PRO R 18 52.78 -58.96 -7.78
CA PRO R 18 53.96 -58.32 -7.20
C PRO R 18 54.59 -57.24 -8.07
N GLY R 19 54.60 -57.41 -9.38
CA GLY R 19 55.34 -56.52 -10.25
C GLY R 19 54.57 -55.39 -10.89
N LEU R 20 53.40 -55.04 -10.33
CA LEU R 20 52.59 -53.97 -10.90
C LEU R 20 53.30 -52.63 -10.86
N TRP R 21 54.01 -52.34 -9.76
CA TRP R 21 54.53 -51.01 -9.51
C TRP R 21 55.42 -50.50 -10.64
N LEU R 22 56.10 -51.38 -11.37
CA LEU R 22 56.91 -50.96 -12.51
C LEU R 22 56.07 -50.35 -13.62
N TYR R 23 54.83 -50.78 -13.77
CA TYR R 23 53.97 -50.37 -14.87
C TYR R 23 52.97 -49.30 -14.47
N THR R 24 53.18 -48.66 -13.32
CA THR R 24 52.28 -47.60 -12.91
C THR R 24 52.33 -46.43 -13.88
N HIS R 25 53.53 -45.92 -14.16
CA HIS R 25 53.70 -44.77 -15.05
C HIS R 25 52.98 -44.94 -16.38
N PRO R 26 53.18 -46.03 -17.14
CA PRO R 26 52.37 -46.19 -18.35
C PRO R 26 50.88 -46.30 -18.09
N LEU R 27 50.49 -46.96 -17.00
CA LEU R 27 49.07 -47.15 -16.73
C LEU R 27 48.38 -45.83 -16.42
N ILE R 28 48.96 -45.04 -15.52
CA ILE R 28 48.39 -43.73 -15.22
C ILE R 28 48.43 -42.84 -16.45
N LYS R 29 49.53 -42.89 -17.20
CA LYS R 29 49.62 -42.16 -18.46
C LYS R 29 48.43 -42.46 -19.36
N LEU R 30 48.10 -43.75 -19.52
CA LEU R 30 46.98 -44.10 -20.40
C LEU R 30 45.65 -43.72 -19.78
N LEU R 31 45.52 -43.86 -18.47
CA LEU R 31 44.18 -43.88 -17.90
C LEU R 31 43.68 -42.48 -17.56
N PHE R 32 44.59 -41.54 -17.29
CA PHE R 32 44.17 -40.25 -16.75
C PHE R 32 44.40 -39.07 -17.68
N LEU R 33 45.41 -39.12 -18.55
CA LEU R 33 45.75 -37.97 -19.39
C LEU R 33 45.51 -38.29 -20.85
N PRO R 34 44.43 -37.78 -21.45
CA PRO R 34 44.11 -38.13 -22.83
C PRO R 34 44.97 -37.40 -23.86
N ARG R 35 45.30 -36.14 -23.58
CA ARG R 35 46.02 -35.33 -24.54
C ARG R 35 47.47 -35.78 -24.71
N ARG R 36 47.96 -36.69 -23.88
CA ARG R 36 49.36 -37.07 -23.94
C ARG R 36 49.56 -38.33 -24.77
N SER R 37 48.62 -39.27 -24.72
CA SER R 37 48.76 -40.56 -25.40
C SER R 37 47.67 -40.69 -26.45
N ARG R 38 48.01 -41.28 -27.59
CA ARG R 38 47.07 -41.48 -28.69
C ARG R 38 46.52 -42.90 -28.60
N CYS R 39 45.47 -43.06 -27.81
CA CYS R 39 44.85 -44.37 -27.59
C CYS R 39 43.34 -44.21 -27.64
N LYS R 40 42.66 -45.27 -28.09
CA LYS R 40 41.22 -45.25 -28.19
C LYS R 40 40.55 -46.51 -27.67
N PHE R 41 41.29 -47.46 -27.12
CA PHE R 41 40.73 -48.72 -26.61
C PHE R 41 41.58 -49.16 -25.41
N PHE R 42 41.11 -48.86 -24.20
CA PHE R 42 41.80 -49.22 -22.98
C PHE R 42 40.84 -49.84 -21.98
N SER R 43 41.26 -50.92 -21.33
CA SER R 43 40.45 -51.59 -20.33
C SER R 43 41.32 -52.45 -19.44
N LEU R 44 40.96 -52.54 -18.16
CA LEU R 44 41.77 -53.19 -17.15
C LEU R 44 40.87 -53.82 -16.11
N THR R 45 41.22 -55.05 -15.68
CA THR R 45 40.39 -55.83 -14.76
C THR R 45 41.27 -56.39 -13.65
N GLU R 46 40.78 -56.31 -12.41
CA GLU R 46 41.50 -56.78 -11.24
C GLU R 46 40.95 -58.14 -10.81
N THR R 47 41.84 -59.11 -10.68
CA THR R 47 41.54 -60.49 -10.36
C THR R 47 42.67 -61.07 -9.51
N PRO R 48 42.35 -61.94 -8.55
CA PRO R 48 43.41 -62.48 -7.68
C PRO R 48 44.53 -63.19 -8.43
N GLU R 49 44.24 -63.82 -9.56
CA GLU R 49 45.31 -64.45 -10.32
C GLU R 49 46.27 -63.41 -10.88
N ASP R 50 45.75 -62.38 -11.53
CA ASP R 50 46.57 -61.33 -12.12
C ASP R 50 45.67 -60.20 -12.58
N TYR R 51 46.28 -59.18 -13.19
CA TYR R 51 45.57 -58.10 -13.85
C TYR R 51 45.48 -58.41 -15.33
N THR R 52 44.37 -58.05 -15.96
CA THR R 52 44.17 -58.26 -17.38
C THR R 52 44.17 -56.92 -18.09
N LEU R 53 44.97 -56.82 -19.15
CA LEU R 53 45.17 -55.56 -19.86
C LEU R 53 45.01 -55.81 -21.35
N MET R 54 44.03 -55.15 -21.96
CA MET R 54 43.82 -55.22 -23.40
C MET R 54 43.79 -53.81 -23.98
N VAL R 55 44.82 -53.48 -24.78
CA VAL R 55 45.00 -52.16 -25.37
C VAL R 55 45.34 -52.32 -26.84
N ASP R 56 45.29 -51.21 -27.57
CA ASP R 56 45.58 -51.22 -28.99
C ASP R 56 47.07 -51.14 -29.24
N GLU R 57 47.45 -50.92 -30.50
CA GLU R 57 48.85 -51.00 -30.90
C GLU R 57 49.61 -49.75 -30.48
N GLU R 58 48.98 -48.58 -30.54
CA GLU R 58 49.67 -47.35 -30.17
C GLU R 58 50.07 -47.37 -28.70
N GLY R 59 49.22 -47.91 -27.84
CA GLY R 59 49.56 -48.01 -26.43
C GLY R 59 50.48 -49.16 -26.09
N PHE R 60 50.69 -50.10 -27.01
CA PHE R 60 51.54 -51.24 -26.71
C PHE R 60 53.01 -50.84 -26.59
N LYS R 61 53.43 -49.79 -27.30
CA LYS R 61 54.84 -49.41 -27.31
C LYS R 61 55.26 -48.79 -25.98
N GLU R 62 54.29 -48.35 -25.17
CA GLU R 62 54.63 -47.71 -23.91
C GLU R 62 55.09 -48.73 -22.87
N LEU R 63 54.47 -49.90 -22.85
CA LEU R 63 54.78 -50.90 -21.84
C LEU R 63 56.12 -51.57 -22.14
N PRO R 64 57.11 -51.49 -21.26
CA PRO R 64 58.37 -52.16 -21.49
C PRO R 64 58.33 -53.61 -21.04
N PRO R 65 59.07 -54.50 -21.69
CA PRO R 65 59.06 -55.90 -21.27
C PRO R 65 59.76 -56.07 -19.93
N SER R 66 59.37 -57.12 -19.21
CA SER R 66 59.94 -57.42 -17.90
C SER R 66 59.72 -58.90 -17.62
N GLU R 67 59.96 -59.30 -16.38
CA GLU R 67 59.80 -60.69 -15.96
C GLU R 67 58.43 -60.97 -15.38
N PHE R 68 57.55 -59.98 -15.31
CA PHE R 68 56.20 -60.17 -14.79
C PHE R 68 55.13 -59.83 -15.84
N LEU R 69 55.45 -59.99 -17.12
CA LEU R 69 54.55 -59.63 -18.21
C LEU R 69 54.48 -60.78 -19.21
N GLN R 70 53.26 -61.21 -19.53
CA GLN R 70 53.03 -62.20 -20.58
C GLN R 70 52.13 -61.59 -21.65
N VAL R 71 52.43 -61.89 -22.90
CA VAL R 71 51.72 -61.34 -24.05
C VAL R 71 51.22 -62.49 -24.91
N ALA R 72 49.96 -62.43 -25.31
CA ALA R 72 49.42 -63.40 -26.27
C ALA R 72 50.09 -63.22 -27.63
N GLU R 73 50.34 -64.34 -28.30
CA GLU R 73 51.09 -64.32 -29.55
C GLU R 73 50.31 -63.75 -30.73
N ALA R 74 49.00 -63.61 -30.64
CA ALA R 74 48.18 -63.25 -31.77
C ALA R 74 47.59 -61.86 -31.61
N THR R 75 46.88 -61.41 -32.64
CA THR R 75 46.27 -60.09 -32.68
C THR R 75 44.77 -60.24 -32.87
N TRP R 76 44.00 -59.55 -32.03
CA TRP R 76 42.54 -59.59 -32.08
C TRP R 76 41.99 -58.39 -32.83
N LEU R 77 40.71 -58.45 -33.17
CA LEU R 77 40.02 -57.32 -33.75
C LEU R 77 38.57 -57.31 -33.25
N VAL R 78 37.99 -56.11 -33.22
CA VAL R 78 36.77 -55.84 -32.49
C VAL R 78 35.59 -55.87 -33.45
N LEU R 79 34.53 -56.56 -33.07
CA LEU R 79 33.30 -56.66 -33.83
C LEU R 79 32.13 -56.15 -32.99
N ASN R 80 31.23 -55.43 -33.64
CA ASN R 80 30.10 -54.80 -32.95
C ASN R 80 28.83 -55.05 -33.75
N VAL R 81 27.72 -55.19 -33.05
CA VAL R 81 26.42 -55.44 -33.64
C VAL R 81 25.53 -54.23 -33.40
N SER R 82 24.96 -53.70 -34.48
CA SER R 82 24.09 -52.54 -34.38
C SER R 82 23.00 -52.64 -35.44
N SER R 83 21.76 -52.42 -35.03
CA SER R 83 20.63 -52.50 -35.95
C SER R 83 19.46 -51.67 -35.45
N THR R 95 20.77 -61.39 -24.49
CA THR R 95 19.83 -62.44 -24.85
C THR R 95 19.99 -62.84 -26.30
N LYS R 96 19.68 -61.91 -27.20
CA LYS R 96 19.77 -62.20 -28.64
C LYS R 96 21.21 -62.39 -29.07
N ILE R 97 22.14 -61.72 -28.39
CA ILE R 97 23.54 -61.76 -28.81
C ILE R 97 24.10 -63.16 -28.66
N ALA R 98 23.82 -63.83 -27.54
CA ALA R 98 24.34 -65.17 -27.33
C ALA R 98 23.73 -66.15 -28.32
N ARG R 99 22.43 -66.02 -28.59
CA ARG R 99 21.74 -66.90 -29.52
C ARG R 99 22.04 -66.58 -30.98
N SER R 100 22.70 -65.45 -31.26
CA SER R 100 22.94 -65.04 -32.63
C SER R 100 24.40 -65.10 -33.06
N VAL R 101 25.35 -64.82 -32.18
CA VAL R 101 26.74 -64.76 -32.59
C VAL R 101 27.58 -65.86 -31.94
N ILE R 102 27.34 -66.13 -30.65
CA ILE R 102 28.26 -67.01 -29.93
C ILE R 102 27.98 -68.47 -30.25
N ALA R 103 26.73 -68.90 -30.10
CA ALA R 103 26.40 -70.30 -30.34
C ALA R 103 26.79 -70.77 -31.74
N PRO R 104 26.43 -70.06 -32.83
CA PRO R 104 26.97 -70.46 -34.13
C PRO R 104 28.48 -70.40 -34.22
N LEU R 105 29.12 -69.40 -33.58
CA LEU R 105 30.57 -69.30 -33.63
C LEU R 105 31.22 -70.47 -32.90
N ALA R 106 30.71 -70.80 -31.72
CA ALA R 106 31.25 -71.92 -30.96
C ALA R 106 30.99 -73.25 -31.65
N GLU R 107 29.91 -73.35 -32.44
CA GLU R 107 29.63 -74.60 -33.12
C GLU R 107 30.69 -74.95 -34.16
N HIS R 108 31.51 -73.98 -34.56
CA HIS R 108 32.52 -74.18 -35.59
C HIS R 108 33.94 -73.96 -35.09
N HIS R 109 34.19 -74.11 -33.80
CA HIS R 109 35.53 -74.18 -33.22
C HIS R 109 36.31 -72.88 -33.43
N VAL R 110 35.71 -71.77 -33.01
CA VAL R 110 36.32 -70.45 -33.07
C VAL R 110 36.33 -69.86 -31.67
N SER R 111 37.53 -69.55 -31.18
CA SER R 111 37.65 -68.93 -29.85
C SER R 111 37.20 -67.49 -29.90
N VAL R 112 36.36 -67.09 -28.95
CA VAL R 112 35.77 -65.76 -28.92
C VAL R 112 35.96 -65.18 -27.51
N LEU R 113 36.42 -63.93 -27.44
CA LEU R 113 36.56 -63.20 -26.19
C LEU R 113 35.50 -62.11 -26.13
N MET R 114 34.89 -61.92 -24.97
CA MET R 114 33.73 -61.05 -24.85
C MET R 114 33.98 -60.02 -23.77
N LEU R 115 33.81 -58.74 -24.11
CA LEU R 115 33.89 -57.64 -23.16
C LEU R 115 32.62 -56.80 -23.28
N SER R 116 31.99 -56.51 -22.15
CA SER R 116 30.75 -55.77 -22.11
C SER R 116 30.93 -54.42 -21.41
N THR R 117 30.18 -53.42 -21.88
CA THR R 117 30.26 -52.08 -21.34
C THR R 117 28.87 -51.57 -21.03
N TYR R 118 28.83 -50.51 -20.21
CA TYR R 118 27.57 -49.86 -19.84
C TYR R 118 26.84 -49.30 -21.04
N GLN R 119 27.53 -49.11 -22.17
CA GLN R 119 26.92 -48.60 -23.38
C GLN R 119 26.66 -49.69 -24.41
N THR R 120 27.65 -50.53 -24.70
CA THR R 120 27.52 -51.52 -25.76
C THR R 120 28.21 -52.81 -25.33
N ASP R 121 28.09 -53.81 -26.20
CA ASP R 121 28.84 -55.05 -26.09
C ASP R 121 29.92 -55.10 -27.15
N PHE R 122 31.03 -55.75 -26.84
CA PHE R 122 32.12 -55.94 -27.78
C PHE R 122 32.50 -57.41 -27.86
N ILE R 123 32.73 -57.87 -29.07
CA ILE R 123 33.06 -59.27 -29.35
C ILE R 123 34.44 -59.29 -30.00
N LEU R 124 35.35 -60.06 -29.43
CA LEU R 124 36.75 -60.06 -29.86
C LEU R 124 37.10 -61.41 -30.46
N VAL R 125 37.16 -61.47 -31.78
CA VAL R 125 37.57 -62.66 -32.50
C VAL R 125 39.01 -62.51 -32.93
N ARG R 126 39.63 -63.61 -33.34
CA ARG R 126 41.01 -63.63 -33.80
C ARG R 126 41.12 -63.04 -35.21
N GLU R 127 42.30 -62.58 -35.59
CA GLU R 127 42.54 -62.01 -36.90
C GLU R 127 42.91 -63.04 -37.97
N GLN R 128 43.50 -64.16 -37.58
CA GLN R 128 43.71 -65.25 -38.52
C GLN R 128 42.43 -65.95 -38.94
N ASP R 129 41.33 -65.69 -38.24
CA ASP R 129 40.06 -66.40 -38.43
C ASP R 129 38.98 -65.51 -39.04
N LEU R 130 39.37 -64.59 -39.92
CA LEU R 130 38.41 -63.66 -40.50
C LEU R 130 37.46 -64.37 -41.47
N SER R 131 37.99 -65.24 -42.32
CA SER R 131 37.14 -65.94 -43.29
C SER R 131 36.15 -66.86 -42.59
N VAL R 132 36.61 -67.59 -41.57
CA VAL R 132 35.69 -68.45 -40.84
C VAL R 132 34.67 -67.63 -40.08
N VAL R 133 35.09 -66.54 -39.44
CA VAL R 133 34.15 -65.78 -38.62
C VAL R 133 33.11 -65.10 -39.49
N ILE R 134 33.50 -64.62 -40.68
CA ILE R 134 32.47 -64.19 -41.61
C ILE R 134 32.56 -65.00 -42.89
N HIS R 135 32.12 -66.25 -42.81
CA HIS R 135 31.45 -66.97 -43.88
C HIS R 135 30.19 -67.56 -43.26
N THR R 136 30.30 -67.96 -41.99
CA THR R 136 29.21 -68.51 -41.21
C THR R 136 28.17 -67.46 -40.80
N LEU R 137 28.64 -66.31 -40.32
CA LEU R 137 27.75 -65.33 -39.70
C LEU R 137 27.07 -64.43 -40.70
N ALA R 138 27.39 -64.56 -41.99
CA ALA R 138 26.89 -63.63 -42.99
C ALA R 138 25.50 -63.99 -43.50
N GLN R 139 24.98 -65.18 -43.18
CA GLN R 139 23.67 -65.56 -43.67
C GLN R 139 22.57 -64.77 -42.98
N GLU R 140 22.79 -64.37 -41.73
CA GLU R 140 21.80 -63.67 -40.94
C GLU R 140 22.14 -62.22 -40.66
N PHE R 141 23.34 -61.77 -41.03
CA PHE R 141 23.80 -60.42 -40.72
C PHE R 141 24.32 -59.75 -41.98
N ASP R 142 24.10 -58.44 -42.09
CA ASP R 142 24.73 -57.64 -43.13
C ASP R 142 26.08 -57.15 -42.63
N ILE R 143 27.13 -57.41 -43.40
CA ILE R 143 28.51 -57.23 -42.95
C ILE R 143 29.05 -55.93 -43.53
N TYR R 144 29.59 -55.08 -42.66
CA TYR R 144 30.19 -53.82 -43.06
C TYR R 144 31.56 -53.71 -42.42
N ARG R 145 32.46 -53.03 -43.11
CA ARG R 145 33.80 -52.79 -42.61
C ARG R 145 34.05 -51.30 -42.58
N GLU R 146 34.56 -50.80 -41.46
CA GLU R 146 34.81 -49.38 -41.28
C GLU R 146 36.22 -49.05 -41.75
N VAL R 147 36.32 -48.23 -42.80
CA VAL R 147 37.59 -47.76 -43.34
C VAL R 147 37.55 -46.23 -43.34
N GLY R 148 38.60 -45.62 -42.81
CA GLY R 148 38.68 -44.18 -42.76
C GLY R 148 37.54 -43.52 -42.02
N GLY R 149 36.89 -44.23 -41.12
CA GLY R 149 35.74 -43.69 -40.41
C GLY R 149 34.43 -43.77 -41.16
N GLU R 150 34.40 -44.39 -42.33
CA GLU R 150 33.18 -44.48 -43.14
C GLU R 150 32.85 -45.95 -43.35
N PRO R 151 31.64 -46.39 -43.02
CA PRO R 151 31.28 -47.79 -43.28
C PRO R 151 31.28 -48.11 -44.77
N VAL R 152 31.74 -49.31 -45.08
CA VAL R 152 31.81 -49.78 -46.47
C VAL R 152 31.21 -51.18 -46.56
N PRO R 153 30.34 -51.44 -47.52
CA PRO R 153 29.80 -52.80 -47.68
C PRO R 153 30.88 -53.76 -48.14
N VAL R 154 30.68 -55.03 -47.84
CA VAL R 154 31.63 -56.07 -48.20
C VAL R 154 30.91 -57.40 -48.45
N THR R 173 35.30 -80.81 -20.83
CA THR R 173 35.91 -80.77 -19.50
C THR R 173 35.22 -79.66 -18.71
N VAL R 174 34.08 -79.94 -18.13
CA VAL R 174 33.36 -78.88 -17.43
C VAL R 174 33.96 -78.46 -16.10
N HIS R 175 34.16 -77.17 -15.91
CA HIS R 175 34.67 -76.75 -14.66
C HIS R 175 33.50 -76.48 -13.75
N PRO R 176 33.74 -76.47 -12.45
CA PRO R 176 32.70 -76.22 -11.51
C PRO R 176 32.39 -74.78 -11.49
N ILE R 177 31.15 -74.43 -11.19
CA ILE R 177 30.65 -73.09 -11.06
C ILE R 177 30.81 -72.51 -9.68
N GLN R 178 31.51 -71.40 -9.55
CA GLN R 178 31.72 -70.72 -8.27
C GLN R 178 30.82 -69.50 -8.17
N SER R 179 30.21 -69.32 -7.00
CA SER R 179 29.29 -68.21 -6.77
C SER R 179 29.78 -67.36 -5.60
N PRO R 180 30.54 -66.29 -5.89
CA PRO R 180 30.98 -65.38 -4.82
C PRO R 180 29.79 -64.69 -4.16
N GLN R 181 29.99 -64.33 -2.89
CA GLN R 181 28.93 -63.75 -2.07
C GLN R 181 28.89 -62.23 -2.13
N ASN R 182 29.82 -61.60 -2.85
CA ASN R 182 29.91 -60.15 -2.87
C ASN R 182 28.75 -59.55 -3.65
N ARG R 183 28.73 -58.23 -3.72
CA ARG R 183 27.76 -57.49 -4.51
C ARG R 183 28.50 -56.55 -5.46
N PHE R 184 27.80 -56.04 -6.46
CA PHE R 184 28.44 -55.25 -7.50
C PHE R 184 27.49 -54.19 -8.04
N CYS R 185 28.08 -53.17 -8.67
CA CYS R 185 27.34 -52.05 -9.22
C CYS R 185 27.96 -51.63 -10.55
N VAL R 186 27.13 -51.37 -11.55
CA VAL R 186 27.61 -50.90 -12.85
C VAL R 186 27.34 -49.40 -12.98
N LEU R 187 28.24 -48.71 -13.68
CA LEU R 187 28.47 -47.29 -13.45
C LEU R 187 28.85 -46.58 -14.74
N THR R 188 28.84 -45.26 -14.69
CA THR R 188 29.52 -44.43 -15.67
C THR R 188 29.71 -43.03 -15.10
N LEU R 189 30.62 -42.27 -15.70
CA LEU R 189 30.95 -40.93 -15.26
C LEU R 189 30.95 -39.98 -16.45
N ASP R 190 31.19 -38.71 -16.18
CA ASP R 190 31.44 -37.70 -17.19
C ASP R 190 32.92 -37.36 -17.23
N PRO R 191 33.53 -37.28 -18.41
CA PRO R 191 35.00 -37.16 -18.47
C PRO R 191 35.55 -35.89 -17.86
N GLU R 192 34.75 -34.83 -17.77
CA GLU R 192 35.25 -33.58 -17.22
C GLU R 192 35.61 -33.71 -15.74
N THR R 193 35.04 -34.69 -15.06
CA THR R 193 35.17 -34.81 -13.61
C THR R 193 36.19 -35.85 -13.18
N LEU R 194 37.00 -36.37 -14.10
CA LEU R 194 37.96 -37.40 -13.72
C LEU R 194 38.97 -36.94 -12.67
N PRO R 195 39.66 -35.80 -12.81
CA PRO R 195 40.68 -35.45 -11.81
C PRO R 195 40.12 -35.20 -10.43
N ALA R 196 38.81 -34.91 -10.32
CA ALA R 196 38.20 -34.73 -9.01
C ALA R 196 38.10 -36.03 -8.23
N ILE R 197 38.36 -37.17 -8.87
CA ILE R 197 38.30 -38.48 -8.24
C ILE R 197 39.56 -39.29 -8.50
N ALA R 198 40.48 -38.74 -9.31
CA ALA R 198 41.66 -39.48 -9.73
C ALA R 198 42.45 -39.98 -8.53
N THR R 199 42.53 -39.19 -7.46
CA THR R 199 43.29 -39.62 -6.29
C THR R 199 42.69 -40.87 -5.67
N THR R 200 41.36 -40.91 -5.56
CA THR R 200 40.71 -42.11 -5.01
C THR R 200 40.93 -43.31 -5.92
N LEU R 201 40.83 -43.09 -7.23
CA LEU R 201 41.12 -44.18 -8.17
C LEU R 201 42.54 -44.71 -7.97
N ILE R 202 43.51 -43.80 -7.87
CA ILE R 202 44.90 -44.22 -7.71
C ILE R 202 45.06 -44.99 -6.40
N ASP R 203 44.43 -44.51 -5.33
CA ASP R 203 44.50 -45.22 -4.06
C ASP R 203 44.01 -46.65 -4.22
N VAL R 204 42.80 -46.80 -4.78
CA VAL R 204 42.20 -48.13 -4.89
C VAL R 204 43.08 -49.05 -5.72
N LEU R 205 43.58 -48.56 -6.85
CA LEU R 205 44.30 -49.45 -7.77
C LEU R 205 45.69 -49.78 -7.26
N PHE R 206 46.48 -48.78 -6.86
CA PHE R 206 47.90 -48.98 -6.64
C PHE R 206 48.33 -48.94 -5.17
N TYR R 207 47.42 -48.70 -4.24
CA TYR R 207 47.82 -48.60 -2.84
C TYR R 207 46.94 -49.40 -1.88
N SER R 208 45.64 -49.49 -2.14
CA SER R 208 44.76 -50.24 -1.25
C SER R 208 44.72 -51.70 -1.64
N HIS R 209 45.89 -52.32 -1.79
CA HIS R 209 45.98 -53.72 -2.21
C HIS R 209 46.84 -54.57 -1.29
N SER R 210 47.92 -54.02 -0.75
CA SER R 210 48.79 -54.77 0.13
C SER R 210 49.07 -54.01 1.42
N PRO R 222 36.20 -69.13 0.97
CA PRO R 222 35.55 -69.43 -0.30
C PRO R 222 34.60 -68.31 -0.75
N SER R 223 34.94 -67.07 -0.40
CA SER R 223 34.14 -65.91 -0.75
C SER R 223 35.05 -64.68 -0.72
N SER R 224 34.43 -63.51 -0.73
CA SER R 224 35.14 -62.23 -0.65
C SER R 224 36.15 -62.08 -1.79
N ILE R 225 35.62 -62.06 -2.99
CA ILE R 225 36.43 -61.92 -4.20
C ILE R 225 36.73 -60.44 -4.41
N THR R 226 37.89 -60.16 -5.00
CA THR R 226 38.28 -58.81 -5.38
C THR R 226 38.10 -58.65 -6.89
N PHE R 227 37.19 -57.78 -7.29
CA PHE R 227 36.89 -57.59 -8.70
C PHE R 227 36.71 -56.11 -8.98
N PHE R 228 37.37 -55.61 -10.03
CA PHE R 228 37.29 -54.21 -10.44
C PHE R 228 37.43 -54.14 -11.95
N ALA R 229 36.54 -53.39 -12.60
CA ALA R 229 36.52 -53.28 -14.05
C ALA R 229 36.51 -51.81 -14.47
N PHE R 230 37.41 -51.45 -15.37
CA PHE R 230 37.55 -50.11 -15.89
C PHE R 230 37.88 -50.20 -17.38
N SER R 231 37.17 -49.42 -18.19
CA SER R 231 37.34 -49.46 -19.63
C SER R 231 37.13 -48.08 -20.21
N LEU R 232 37.93 -47.73 -21.22
CA LEU R 232 37.87 -46.43 -21.88
C LEU R 232 37.87 -46.69 -23.39
N ILE R 233 36.68 -46.73 -23.97
CA ILE R 233 36.51 -47.03 -25.40
C ILE R 233 35.81 -45.85 -26.05
N GLU R 234 36.43 -45.30 -27.08
CA GLU R 234 35.88 -44.21 -27.87
C GLU R 234 35.44 -43.04 -26.99
N GLY R 235 36.19 -42.76 -25.93
CA GLY R 235 35.83 -41.68 -25.04
C GLY R 235 34.66 -41.97 -24.14
N TYR R 236 34.49 -43.22 -23.69
CA TYR R 236 33.42 -43.58 -22.77
C TYR R 236 33.98 -44.32 -21.57
N ILE R 237 33.30 -44.21 -20.45
CA ILE R 237 33.76 -44.72 -19.17
C ILE R 237 32.76 -45.74 -18.64
N SER R 238 33.24 -46.92 -18.28
CA SER R 238 32.44 -47.94 -17.62
C SER R 238 33.22 -48.45 -16.41
N ILE R 239 32.53 -48.56 -15.27
CA ILE R 239 33.13 -49.05 -14.04
C ILE R 239 32.24 -50.12 -13.42
N VAL R 240 32.85 -51.20 -12.95
CA VAL R 240 32.20 -52.22 -12.15
C VAL R 240 32.98 -52.38 -10.86
N MET R 241 32.33 -52.12 -9.73
CA MET R 241 32.99 -52.23 -8.44
C MET R 241 31.98 -52.60 -7.38
N ASP R 242 32.48 -53.24 -6.32
CA ASP R 242 31.63 -53.72 -5.24
C ASP R 242 31.11 -52.57 -4.39
N ALA R 243 29.98 -52.83 -3.73
CA ALA R 243 29.29 -51.79 -2.99
C ALA R 243 30.10 -51.28 -1.81
N GLU R 244 30.98 -52.12 -1.25
CA GLU R 244 31.81 -51.68 -0.15
C GLU R 244 32.72 -50.53 -0.56
N THR R 245 33.38 -50.65 -1.72
CA THR R 245 34.24 -49.59 -2.20
C THR R 245 33.46 -48.41 -2.76
N GLN R 246 32.17 -48.58 -3.04
CA GLN R 246 31.37 -47.50 -3.59
C GLN R 246 31.17 -46.38 -2.57
N LYS R 247 31.22 -46.71 -1.29
CA LYS R 247 30.96 -45.73 -0.25
C LYS R 247 32.04 -44.65 -0.18
N LYS R 248 33.24 -44.95 -0.68
CA LYS R 248 34.33 -43.98 -0.58
C LYS R 248 34.12 -42.79 -1.51
N PHE R 249 33.47 -43.01 -2.65
CA PHE R 249 33.30 -41.96 -3.64
C PHE R 249 32.08 -41.11 -3.27
N PRO R 250 32.00 -39.88 -3.75
CA PRO R 250 30.86 -39.03 -3.46
C PRO R 250 29.64 -39.43 -4.29
N SER R 251 28.62 -39.93 -3.60
CA SER R 251 27.48 -40.56 -4.26
C SER R 251 26.47 -39.55 -4.77
N ASP R 252 26.96 -38.60 -5.55
CA ASP R 252 26.13 -37.72 -6.35
C ASP R 252 26.77 -37.41 -7.69
N LEU R 253 27.97 -37.92 -7.94
CA LEU R 253 28.71 -37.70 -9.17
C LEU R 253 28.80 -38.95 -10.03
N LEU R 254 28.79 -40.12 -9.41
CA LEU R 254 28.76 -41.36 -10.17
C LEU R 254 27.34 -41.62 -10.65
N LEU R 255 27.21 -41.99 -11.92
CA LEU R 255 25.92 -42.14 -12.58
C LEU R 255 25.62 -43.62 -12.77
N THR R 256 24.49 -44.07 -12.24
CA THR R 256 24.11 -45.47 -12.27
C THR R 256 22.60 -45.55 -12.39
N SER R 257 22.07 -46.75 -12.18
CA SER R 257 20.63 -46.96 -12.23
C SER R 257 19.95 -46.21 -11.10
N SER R 258 18.80 -45.60 -11.42
CA SER R 258 18.06 -44.82 -10.43
C SER R 258 17.03 -45.67 -9.71
N SER R 259 17.42 -46.84 -9.27
CA SER R 259 16.66 -47.71 -8.37
C SER R 259 17.50 -48.21 -7.21
N GLY R 260 18.78 -48.46 -7.42
CA GLY R 260 19.63 -49.10 -6.46
C GLY R 260 19.90 -50.57 -6.73
N GLU R 261 19.57 -51.06 -7.93
CA GLU R 261 19.77 -52.48 -8.24
C GLU R 261 21.26 -52.82 -8.28
N LEU R 262 21.59 -54.00 -7.78
CA LEU R 262 22.96 -54.50 -7.74
C LEU R 262 22.99 -55.88 -8.36
N TRP R 263 24.17 -56.28 -8.84
CA TRP R 263 24.35 -57.52 -9.57
C TRP R 263 24.97 -58.60 -8.69
N ARG R 264 25.14 -59.79 -9.28
CA ARG R 264 25.78 -60.92 -8.63
C ARG R 264 26.67 -61.62 -9.65
N MET R 265 27.55 -62.49 -9.13
CA MET R 265 28.73 -62.95 -9.85
C MET R 265 28.71 -64.46 -10.00
N VAL R 266 29.00 -64.95 -11.20
CA VAL R 266 29.18 -66.37 -11.48
C VAL R 266 30.47 -66.54 -12.25
N ARG R 267 31.29 -67.51 -11.85
CA ARG R 267 32.66 -67.68 -12.33
C ARG R 267 32.83 -69.09 -12.86
N ILE R 268 33.72 -69.26 -13.85
CA ILE R 268 34.11 -70.57 -14.35
C ILE R 268 35.61 -70.57 -14.62
N GLY R 269 36.28 -71.66 -14.21
CA GLY R 269 37.71 -71.79 -14.34
C GLY R 269 38.17 -72.11 -15.75
N GLY R 270 39.47 -71.99 -15.96
CA GLY R 270 40.06 -72.26 -17.27
C GLY R 270 41.57 -72.13 -17.32
N GLN R 271 42.23 -73.10 -17.94
CA GLN R 271 43.67 -73.10 -18.11
C GLN R 271 44.19 -72.24 -19.27
N PRO R 272 43.57 -72.25 -20.48
CA PRO R 272 44.30 -71.78 -21.67
C PRO R 272 44.51 -70.28 -21.72
N LEU R 273 45.29 -69.84 -22.72
CA LEU R 273 45.65 -68.44 -22.91
C LEU R 273 46.31 -67.86 -21.67
N GLY R 279 37.71 -72.28 -26.08
CA GLY R 279 36.41 -71.65 -25.94
C GLY R 279 35.76 -71.94 -24.59
N ILE R 280 35.86 -70.99 -23.68
CA ILE R 280 35.31 -71.16 -22.34
C ILE R 280 34.07 -70.31 -22.08
N VAL R 281 33.90 -69.19 -22.79
CA VAL R 281 32.77 -68.32 -22.54
C VAL R 281 31.46 -68.98 -22.96
N ALA R 282 31.49 -69.84 -23.97
CA ALA R 282 30.27 -70.48 -24.44
C ALA R 282 29.66 -71.36 -23.36
N GLN R 283 30.47 -71.93 -22.48
CA GLN R 283 29.95 -72.81 -21.44
C GLN R 283 29.04 -72.09 -20.46
N ILE R 284 29.07 -70.75 -20.43
CA ILE R 284 28.11 -70.00 -19.62
C ILE R 284 26.98 -69.56 -20.52
N ALA R 285 27.32 -68.93 -21.64
CA ALA R 285 26.33 -68.27 -22.48
C ALA R 285 25.32 -69.26 -23.06
N GLY R 286 25.81 -70.34 -23.66
CA GLY R 286 24.95 -71.33 -24.27
C GLY R 286 23.92 -71.88 -23.32
N PRO R 287 24.37 -72.51 -22.23
CA PRO R 287 23.42 -73.04 -21.24
C PRO R 287 22.61 -71.98 -20.51
N LEU R 288 22.85 -70.70 -20.77
CA LEU R 288 22.12 -69.63 -20.10
C LEU R 288 21.26 -68.81 -21.05
N ALA R 289 21.50 -68.92 -22.35
CA ALA R 289 20.62 -68.31 -23.33
C ALA R 289 19.30 -69.06 -23.45
N ALA R 290 19.28 -70.35 -23.10
CA ALA R 290 18.04 -71.12 -23.17
C ALA R 290 16.98 -70.57 -22.24
N ALA R 291 17.36 -70.19 -21.02
CA ALA R 291 16.42 -69.61 -20.07
C ALA R 291 16.05 -68.17 -20.41
N ASP R 292 16.73 -67.54 -21.36
CA ASP R 292 16.47 -66.17 -21.78
C ASP R 292 16.58 -65.19 -20.61
N ILE R 293 17.80 -65.09 -20.08
CA ILE R 293 18.10 -64.20 -18.97
C ILE R 293 19.11 -63.15 -19.43
N SER R 294 19.00 -61.94 -18.88
CA SER R 294 19.91 -60.87 -19.22
C SER R 294 21.23 -61.05 -18.48
N ALA R 295 22.35 -60.97 -19.21
CA ALA R 295 23.66 -61.22 -18.65
C ALA R 295 24.58 -60.04 -18.93
N TYR R 296 25.80 -60.15 -18.41
CA TYR R 296 26.82 -59.11 -18.55
C TYR R 296 28.16 -59.82 -18.46
N TYR R 297 28.75 -60.14 -19.61
CA TYR R 297 29.92 -61.00 -19.66
C TYR R 297 31.20 -60.18 -19.64
N ILE R 298 32.15 -60.62 -18.82
CA ILE R 298 33.51 -60.09 -18.83
C ILE R 298 34.46 -61.29 -18.86
N SER R 299 35.40 -61.27 -19.79
CA SER R 299 36.36 -62.34 -19.94
C SER R 299 37.75 -61.84 -19.58
N THR R 300 38.55 -62.72 -18.98
CA THR R 300 39.89 -62.37 -18.56
C THR R 300 40.91 -63.34 -19.12
N PHE R 301 42.15 -63.25 -18.65
CA PHE R 301 43.21 -64.09 -19.21
C PHE R 301 42.93 -65.57 -19.01
N ASN R 302 42.48 -65.94 -17.82
CA ASN R 302 42.28 -67.35 -17.50
C ASN R 302 40.86 -67.68 -17.04
N PHE R 303 40.04 -66.68 -16.77
CA PHE R 303 38.70 -66.93 -16.24
C PHE R 303 37.64 -66.21 -17.05
N ALA R 304 36.40 -66.67 -16.93
CA ALA R 304 35.24 -66.09 -17.59
C ALA R 304 34.23 -65.68 -16.53
N HIS R 305 33.61 -64.52 -16.71
CA HIS R 305 32.71 -63.95 -15.72
C HIS R 305 31.35 -63.64 -16.34
N ALA R 306 30.31 -63.75 -15.52
CA ALA R 306 28.96 -63.39 -15.92
C ALA R 306 28.28 -62.67 -14.76
N LEU R 307 27.52 -61.64 -15.09
CA LEU R 307 26.80 -60.85 -14.09
C LEU R 307 25.30 -60.93 -14.36
N VAL R 308 24.53 -61.24 -13.32
CA VAL R 308 23.09 -61.45 -13.38
C VAL R 308 22.47 -60.60 -12.28
N PRO R 309 21.28 -60.04 -12.47
CA PRO R 309 20.72 -59.17 -11.44
C PRO R 309 20.41 -59.92 -10.15
N GLU R 310 20.42 -59.17 -9.03
CA GLU R 310 20.25 -59.77 -7.71
C GLU R 310 18.89 -60.40 -7.52
N ASP R 311 17.88 -59.94 -8.25
CA ASP R 311 16.53 -60.44 -8.05
C ASP R 311 16.39 -61.91 -8.44
N GLY R 312 17.08 -62.34 -9.50
CA GLY R 312 16.91 -63.69 -9.99
C GLY R 312 18.18 -64.51 -10.01
N ILE R 313 19.04 -64.29 -9.00
CA ILE R 313 20.26 -65.07 -8.89
C ILE R 313 19.93 -66.53 -8.62
N GLY R 314 18.76 -66.81 -8.05
CA GLY R 314 18.43 -68.15 -7.64
C GLY R 314 17.96 -69.06 -8.76
N SER R 315 18.12 -68.60 -9.99
CA SER R 315 17.79 -69.43 -11.15
C SER R 315 18.98 -69.69 -12.05
N VAL R 316 19.91 -68.74 -12.14
CA VAL R 316 21.10 -68.96 -12.95
C VAL R 316 21.94 -70.10 -12.37
N ILE R 317 21.99 -70.19 -11.04
CA ILE R 317 22.73 -71.29 -10.40
C ILE R 317 22.10 -72.63 -10.76
N GLU R 318 20.76 -72.70 -10.68
CA GLU R 318 20.05 -73.92 -11.03
C GLU R 318 20.25 -74.29 -12.50
N VAL R 319 20.23 -73.31 -13.39
CA VAL R 319 20.29 -73.61 -14.82
C VAL R 319 21.57 -74.36 -15.17
N LEU R 320 22.67 -74.00 -14.52
CA LEU R 320 23.92 -74.74 -14.68
C LEU R 320 24.06 -75.91 -13.72
N GLN R 321 23.19 -76.01 -12.71
CA GLN R 321 23.11 -77.24 -11.93
C GLN R 321 22.35 -78.34 -12.68
N ARG R 322 21.47 -77.97 -13.61
CA ARG R 322 20.72 -78.97 -14.36
C ARG R 322 21.64 -79.85 -15.18
N ARG R 323 22.66 -79.27 -15.80
CA ARG R 323 23.63 -80.03 -16.56
C ARG R 323 24.49 -80.92 -15.68
N ARG S 42 -97.47 -83.51 -51.69
CA ARG S 42 -97.63 -82.44 -50.70
C ARG S 42 -96.28 -81.79 -50.40
N GLY S 43 -95.21 -82.58 -50.51
CA GLY S 43 -93.89 -82.10 -50.23
C GLY S 43 -93.16 -81.64 -51.48
N PRO S 44 -91.92 -82.12 -51.66
CA PRO S 44 -91.09 -81.66 -52.77
C PRO S 44 -91.68 -81.93 -54.15
N SER S 45 -91.93 -83.20 -54.46
CA SER S 45 -92.27 -83.60 -55.81
C SER S 45 -93.66 -84.23 -55.87
N ALA S 46 -94.38 -83.92 -56.94
CA ALA S 46 -95.74 -84.43 -57.09
C ALA S 46 -95.74 -85.89 -57.54
N PHE S 47 -94.61 -86.40 -58.02
CA PHE S 47 -94.52 -87.77 -58.48
C PHE S 47 -93.87 -88.67 -57.44
N ILE S 48 -92.67 -88.31 -56.99
CA ILE S 48 -92.03 -89.07 -55.92
C ILE S 48 -92.80 -88.85 -54.63
N PRO S 49 -93.21 -89.89 -53.91
CA PRO S 49 -93.93 -89.70 -52.66
C PRO S 49 -93.06 -89.01 -51.61
N VAL S 50 -93.70 -88.20 -50.76
CA VAL S 50 -92.99 -87.39 -49.78
C VAL S 50 -92.20 -88.27 -48.82
N GLU S 51 -92.77 -89.42 -48.46
CA GLU S 51 -92.07 -90.35 -47.57
C GLU S 51 -90.78 -90.85 -48.20
N GLU S 52 -90.81 -91.11 -49.51
CA GLU S 52 -89.60 -91.57 -50.20
C GLU S 52 -88.51 -90.50 -50.19
N VAL S 53 -88.89 -89.24 -50.45
CA VAL S 53 -87.91 -88.16 -50.44
C VAL S 53 -87.34 -87.97 -49.04
N LEU S 54 -88.21 -88.01 -48.02
CA LEU S 54 -87.73 -87.88 -46.65
C LEU S 54 -86.80 -89.02 -46.27
N ARG S 55 -87.12 -90.24 -46.69
CA ARG S 55 -86.28 -91.39 -46.37
C ARG S 55 -85.00 -91.36 -47.20
N GLU S 56 -85.11 -91.05 -48.48
CA GLU S 56 -83.95 -91.02 -49.36
C GLU S 56 -83.31 -89.63 -49.39
N VAL S 76 -84.82 -71.66 -54.90
CA VAL S 76 -85.03 -72.97 -55.50
C VAL S 76 -84.70 -74.07 -54.50
N ASP S 77 -85.60 -74.29 -53.53
CA ASP S 77 -85.44 -75.30 -52.50
C ASP S 77 -86.55 -76.33 -52.68
N ASN S 78 -86.29 -77.31 -53.54
CA ASN S 78 -87.23 -78.35 -53.95
C ASN S 78 -86.52 -79.18 -55.00
N LEU S 79 -86.09 -78.50 -56.07
CA LEU S 79 -85.17 -79.09 -57.03
C LEU S 79 -83.91 -79.58 -56.34
N ALA S 80 -83.36 -78.77 -55.42
CA ALA S 80 -82.16 -79.14 -54.70
C ALA S 80 -82.35 -80.34 -53.78
N VAL S 81 -83.57 -80.57 -53.29
CA VAL S 81 -83.79 -81.70 -52.40
C VAL S 81 -84.17 -82.94 -53.19
N VAL S 82 -84.73 -82.76 -54.39
CA VAL S 82 -85.05 -83.92 -55.22
C VAL S 82 -83.82 -84.41 -55.97
N MET S 83 -82.85 -83.52 -56.22
CA MET S 83 -81.63 -83.87 -56.90
C MET S 83 -80.52 -84.29 -55.94
N GLY S 84 -80.76 -84.15 -54.63
CA GLY S 84 -79.73 -84.46 -53.66
C GLY S 84 -79.56 -85.94 -53.39
N LEU S 85 -80.43 -86.76 -53.96
CA LEU S 85 -80.37 -88.21 -53.71
C LEU S 85 -79.12 -88.84 -54.29
N HIS S 86 -78.37 -88.13 -55.13
CA HIS S 86 -77.09 -88.61 -55.67
C HIS S 86 -76.02 -87.57 -55.36
N PRO S 87 -75.41 -87.64 -54.17
CA PRO S 87 -74.55 -86.55 -53.69
C PRO S 87 -73.40 -86.18 -54.60
N ASP S 88 -72.76 -87.16 -55.22
CA ASP S 88 -71.55 -86.89 -56.00
C ASP S 88 -71.81 -86.07 -57.25
N TYR S 89 -73.07 -85.89 -57.65
CA TYR S 89 -73.44 -85.13 -58.85
C TYR S 89 -73.95 -83.74 -58.51
N PHE S 90 -74.59 -83.60 -57.36
CA PHE S 90 -75.14 -82.33 -56.89
C PHE S 90 -74.04 -81.29 -56.72
N THR S 91 -72.91 -81.70 -56.15
CA THR S 91 -71.81 -80.76 -55.91
C THR S 91 -71.32 -80.19 -57.23
N SER S 92 -71.10 -81.04 -58.22
CA SER S 92 -70.62 -80.58 -59.51
C SER S 92 -71.64 -79.66 -60.18
N PHE S 93 -72.92 -80.03 -60.12
CA PHE S 93 -73.93 -79.19 -60.74
C PHE S 93 -74.00 -77.82 -60.09
N TRP S 94 -73.93 -77.77 -58.75
CA TRP S 94 -73.97 -76.49 -58.06
C TRP S 94 -72.74 -75.66 -58.37
N ARG S 95 -71.58 -76.29 -58.48
CA ARG S 95 -70.37 -75.55 -58.85
C ARG S 95 -70.53 -74.90 -60.21
N LEU S 96 -71.02 -75.65 -61.19
CA LEU S 96 -71.19 -75.08 -62.53
C LEU S 96 -72.23 -73.96 -62.51
N HIS S 97 -73.30 -74.13 -61.76
CA HIS S 97 -74.32 -73.08 -61.69
C HIS S 97 -73.75 -71.80 -61.06
N TYR S 98 -72.98 -71.94 -59.99
CA TYR S 98 -72.37 -70.78 -59.35
C TYR S 98 -71.41 -70.07 -60.29
N LEU S 99 -70.61 -70.81 -61.03
CA LEU S 99 -69.72 -70.18 -62.00
C LEU S 99 -70.52 -69.46 -63.08
N LEU S 100 -71.56 -70.10 -63.59
CA LEU S 100 -72.25 -69.57 -64.77
C LEU S 100 -73.08 -68.35 -64.44
N LEU S 101 -73.60 -68.26 -63.21
CA LEU S 101 -74.59 -67.25 -62.93
C LEU S 101 -74.18 -66.21 -61.88
N HIS S 102 -73.17 -66.48 -61.07
CA HIS S 102 -72.84 -65.56 -59.98
C HIS S 102 -71.44 -64.97 -60.08
N THR S 103 -70.45 -65.73 -60.51
CA THR S 103 -69.10 -65.21 -60.62
C THR S 103 -69.00 -64.17 -61.73
N ASP S 104 -68.09 -63.21 -61.54
CA ASP S 104 -67.92 -62.14 -62.53
C ASP S 104 -67.32 -62.71 -63.81
N GLY S 105 -67.75 -62.14 -64.94
CA GLY S 105 -67.34 -62.64 -66.23
C GLY S 105 -67.64 -61.66 -67.35
N PRO S 106 -67.51 -62.14 -68.59
CA PRO S 106 -67.63 -61.25 -69.74
C PRO S 106 -68.97 -60.54 -69.88
N LEU S 107 -70.06 -61.12 -69.39
CA LEU S 107 -71.37 -60.51 -69.49
C LEU S 107 -71.80 -59.97 -68.13
N ALA S 108 -72.69 -58.98 -68.15
CA ALA S 108 -73.26 -58.45 -66.91
C ALA S 108 -74.22 -59.47 -66.31
N SER S 109 -74.44 -59.34 -65.00
CA SER S 109 -75.29 -60.29 -64.30
C SER S 109 -76.73 -60.19 -64.77
N SER S 110 -77.26 -58.97 -64.89
CA SER S 110 -78.65 -58.80 -65.29
C SER S 110 -78.89 -59.39 -66.67
N TRP S 111 -77.94 -59.20 -67.59
CA TRP S 111 -78.06 -59.82 -68.90
C TRP S 111 -78.09 -61.34 -68.79
N ARG S 112 -77.30 -61.89 -67.86
CA ARG S 112 -77.29 -63.34 -67.69
C ARG S 112 -78.64 -63.85 -67.19
N HIS S 113 -79.25 -63.15 -66.25
CA HIS S 113 -80.55 -63.59 -65.76
C HIS S 113 -81.63 -63.43 -66.82
N TYR S 114 -81.53 -62.38 -67.65
CA TYR S 114 -82.46 -62.25 -68.76
C TYR S 114 -82.30 -63.38 -69.78
N ILE S 115 -81.05 -63.78 -70.05
CA ILE S 115 -80.81 -64.92 -70.93
C ILE S 115 -81.43 -66.17 -70.35
N ALA S 116 -81.29 -66.36 -69.04
CA ALA S 116 -81.92 -67.52 -68.40
C ALA S 116 -83.44 -67.48 -68.53
N ILE S 117 -84.04 -66.30 -68.38
CA ILE S 117 -85.48 -66.15 -68.54
C ILE S 117 -85.89 -66.53 -69.96
N MET S 118 -85.16 -66.01 -70.95
CA MET S 118 -85.51 -66.30 -72.34
C MET S 118 -85.38 -67.78 -72.65
N ALA S 119 -84.35 -68.43 -72.12
CA ALA S 119 -84.15 -69.84 -72.41
C ALA S 119 -85.18 -70.73 -71.72
N ALA S 120 -85.55 -70.41 -70.48
CA ALA S 120 -86.51 -71.26 -69.78
C ALA S 120 -87.92 -71.11 -70.31
N ALA S 121 -88.22 -70.00 -70.99
CA ALA S 121 -89.56 -69.76 -71.49
C ALA S 121 -89.84 -70.51 -72.80
N ARG S 122 -88.84 -71.15 -73.40
CA ARG S 122 -89.11 -71.93 -74.60
C ARG S 122 -89.95 -73.15 -74.26
N HIS S 123 -89.62 -73.85 -73.18
CA HIS S 123 -90.32 -75.05 -72.76
C HIS S 123 -91.48 -74.76 -71.81
N GLN S 124 -91.73 -73.48 -71.53
CA GLN S 124 -92.83 -73.04 -70.66
C GLN S 124 -92.68 -73.63 -69.25
N CYS S 125 -91.58 -73.28 -68.61
CA CYS S 125 -91.30 -73.69 -67.23
C CYS S 125 -91.54 -72.48 -66.32
N SER S 126 -92.60 -72.56 -65.52
CA SER S 126 -92.94 -71.46 -64.62
C SER S 126 -91.96 -71.32 -63.47
N TYR S 127 -91.50 -72.45 -62.92
CA TYR S 127 -90.58 -72.45 -61.80
C TYR S 127 -89.35 -71.60 -62.07
N LEU S 128 -88.59 -71.96 -63.10
CA LEU S 128 -87.35 -71.28 -63.41
C LEU S 128 -87.59 -69.83 -63.78
N VAL S 129 -88.64 -69.55 -64.55
CA VAL S 129 -88.90 -68.19 -64.99
C VAL S 129 -89.19 -67.29 -63.80
N GLY S 130 -90.01 -67.78 -62.87
CA GLY S 130 -90.29 -66.99 -61.69
C GLY S 130 -89.05 -66.74 -60.86
N SER S 131 -88.25 -67.79 -60.62
CA SER S 131 -87.05 -67.61 -59.81
C SER S 131 -86.09 -66.63 -60.44
N HIS S 132 -85.90 -66.74 -61.76
CA HIS S 132 -84.91 -65.90 -62.43
C HIS S 132 -85.38 -64.47 -62.56
N MET S 133 -86.68 -64.22 -62.74
CA MET S 133 -87.14 -62.83 -62.74
C MET S 133 -87.05 -62.21 -61.36
N ALA S 134 -87.30 -63.01 -60.31
CA ALA S 134 -87.10 -62.52 -58.95
C ALA S 134 -85.65 -62.12 -58.73
N GLU S 135 -84.72 -62.95 -59.20
CA GLU S 135 -83.30 -62.62 -59.06
C GLU S 135 -82.92 -61.41 -59.90
N PHE S 136 -83.45 -61.31 -61.12
CA PHE S 136 -83.10 -60.22 -62.02
C PHE S 136 -83.55 -58.88 -61.47
N LEU S 137 -84.69 -58.83 -60.78
CA LEU S 137 -85.17 -57.55 -60.26
C LEU S 137 -84.23 -56.99 -59.20
N GLN S 138 -83.52 -57.85 -58.46
CA GLN S 138 -82.76 -57.42 -57.29
C GLN S 138 -81.27 -57.23 -57.58
N THR S 139 -80.84 -57.44 -58.83
CA THR S 139 -79.44 -57.21 -59.18
C THR S 139 -79.22 -55.89 -59.90
N GLY S 140 -80.26 -55.10 -60.13
CA GLY S 140 -80.10 -53.84 -60.82
C GLY S 140 -80.62 -53.87 -62.24
N GLY S 141 -81.64 -54.69 -62.48
CA GLY S 141 -82.24 -54.74 -63.78
C GLY S 141 -83.22 -53.61 -64.02
N ASP S 142 -83.58 -53.45 -65.29
CA ASP S 142 -84.57 -52.44 -65.65
C ASP S 142 -85.96 -53.05 -65.58
N PRO S 143 -86.86 -52.55 -64.73
CA PRO S 143 -88.21 -53.13 -64.67
C PRO S 143 -88.96 -53.00 -65.97
N GLU S 144 -88.59 -52.03 -66.82
CA GLU S 144 -89.22 -51.87 -68.12
C GLU S 144 -88.96 -53.07 -69.02
N TRP S 145 -87.84 -53.77 -68.82
CA TRP S 145 -87.48 -54.87 -69.69
C TRP S 145 -88.44 -56.04 -69.57
N LEU S 146 -89.20 -56.13 -68.48
CA LEU S 146 -90.06 -57.26 -68.22
C LEU S 146 -91.42 -57.16 -68.88
N LEU S 147 -91.64 -56.15 -69.71
CA LEU S 147 -92.89 -56.04 -70.45
C LEU S 147 -92.88 -56.91 -71.70
N GLY S 148 -91.72 -57.21 -72.24
CA GLY S 148 -91.65 -58.05 -73.43
C GLY S 148 -90.27 -57.99 -74.05
N LEU S 149 -90.10 -58.82 -75.08
CA LEU S 149 -88.82 -58.86 -75.79
C LEU S 149 -88.58 -57.57 -76.57
N HIS S 150 -89.66 -56.89 -76.97
CA HIS S 150 -89.54 -55.74 -77.85
C HIS S 150 -89.04 -54.50 -77.12
N ARG S 151 -88.88 -54.57 -75.80
CA ARG S 151 -88.35 -53.47 -75.02
C ARG S 151 -86.87 -53.60 -74.71
N ALA S 152 -86.27 -54.75 -75.00
CA ALA S 152 -84.86 -55.01 -74.75
C ALA S 152 -84.02 -54.46 -75.88
N PRO S 153 -82.73 -54.22 -75.65
CA PRO S 153 -81.88 -53.62 -76.69
C PRO S 153 -81.61 -54.60 -77.83
N GLU S 154 -81.18 -54.03 -78.95
CA GLU S 154 -80.88 -54.85 -80.13
C GLU S 154 -79.47 -55.44 -80.04
N LYS S 155 -79.20 -56.12 -78.93
CA LYS S 155 -78.09 -57.04 -78.84
C LYS S 155 -78.49 -58.35 -78.20
N LEU S 156 -79.56 -58.36 -77.41
CA LEU S 156 -80.16 -59.59 -76.91
C LEU S 156 -81.22 -60.13 -77.86
N ARG S 157 -81.74 -59.31 -78.76
CA ARG S 157 -82.73 -59.76 -79.75
C ARG S 157 -82.00 -60.20 -81.02
N LYS S 158 -80.94 -60.98 -80.81
CA LYS S 158 -80.22 -61.59 -81.90
C LYS S 158 -80.03 -63.06 -81.56
N LEU S 159 -79.97 -63.35 -80.27
CA LEU S 159 -79.83 -64.70 -79.76
C LEU S 159 -81.14 -65.46 -79.92
N SER S 160 -82.21 -64.73 -80.25
CA SER S 160 -83.55 -65.32 -80.34
C SER S 160 -83.70 -66.29 -81.50
N GLU S 161 -82.80 -66.25 -82.49
CA GLU S 161 -82.86 -67.21 -83.57
C GLU S 161 -82.09 -68.49 -83.22
N ILE S 162 -80.93 -68.35 -82.59
CA ILE S 162 -80.17 -69.53 -82.19
C ILE S 162 -80.86 -70.25 -81.04
N ASN S 163 -81.71 -69.52 -80.30
CA ASN S 163 -82.45 -70.11 -79.20
C ASN S 163 -83.32 -71.28 -79.67
N LYS S 164 -84.14 -71.04 -80.69
CA LYS S 164 -85.05 -72.07 -81.18
C LYS S 164 -84.28 -73.29 -81.65
N LEU S 165 -83.24 -73.07 -82.44
CA LEU S 165 -82.50 -74.18 -83.02
C LEU S 165 -81.79 -75.00 -81.95
N LEU S 166 -81.21 -74.34 -80.95
CA LEU S 166 -80.60 -75.11 -79.88
C LEU S 166 -81.63 -75.85 -79.04
N ALA S 167 -82.83 -75.29 -78.91
CA ALA S 167 -83.83 -75.92 -78.06
C ALA S 167 -84.59 -77.03 -78.79
N HIS S 168 -84.90 -76.84 -80.07
CA HIS S 168 -85.82 -77.72 -80.78
C HIS S 168 -85.13 -78.56 -81.85
N ARG S 169 -84.39 -77.95 -82.77
CA ARG S 169 -83.78 -78.64 -83.89
C ARG S 169 -82.30 -78.30 -83.97
N PRO S 170 -81.46 -78.98 -83.19
CA PRO S 170 -80.03 -78.64 -83.18
C PRO S 170 -79.33 -78.84 -84.52
N TRP S 171 -79.80 -79.79 -85.34
CA TRP S 171 -79.05 -80.18 -86.53
C TRP S 171 -79.06 -79.14 -87.64
N LEU S 172 -79.83 -78.06 -87.49
CA LEU S 172 -79.92 -77.03 -88.51
C LEU S 172 -78.97 -75.86 -88.27
N ILE S 173 -78.18 -75.89 -87.20
CA ILE S 173 -77.26 -74.80 -86.91
C ILE S 173 -76.07 -74.88 -87.86
N THR S 174 -75.76 -73.77 -88.52
CA THR S 174 -74.69 -73.70 -89.50
C THR S 174 -73.82 -72.49 -89.17
N LYS S 175 -72.77 -72.30 -89.97
CA LYS S 175 -71.82 -71.23 -89.73
C LYS S 175 -72.36 -69.85 -90.10
N GLU S 176 -73.39 -69.79 -90.93
CA GLU S 176 -74.01 -68.50 -91.27
C GLU S 176 -74.66 -67.83 -90.08
N HIS S 177 -75.22 -68.61 -89.15
CA HIS S 177 -75.77 -68.01 -87.93
C HIS S 177 -74.68 -67.36 -87.10
N ILE S 178 -73.54 -68.04 -86.95
CA ILE S 178 -72.41 -67.47 -86.23
C ILE S 178 -71.92 -66.21 -86.91
N GLN S 179 -71.82 -66.24 -88.25
CA GLN S 179 -71.39 -65.06 -88.98
C GLN S 179 -72.37 -63.90 -88.81
N ALA S 180 -73.66 -64.20 -88.79
CA ALA S 180 -74.65 -63.15 -88.55
C ALA S 180 -74.49 -62.55 -87.17
N LEU S 181 -74.21 -63.39 -86.18
CA LEU S 181 -74.02 -62.88 -84.82
C LEU S 181 -72.76 -62.05 -84.66
N LEU S 182 -71.67 -62.43 -85.34
CA LEU S 182 -70.39 -61.74 -85.18
C LEU S 182 -70.10 -60.72 -86.28
N LYS S 183 -71.07 -60.40 -87.12
CA LYS S 183 -70.85 -59.45 -88.20
C LYS S 183 -70.72 -58.03 -87.66
N THR S 184 -69.80 -57.27 -88.24
CA THR S 184 -69.49 -55.91 -87.79
C THR S 184 -70.72 -54.99 -87.97
N GLY S 185 -70.90 -54.10 -87.00
CA GLY S 185 -72.00 -53.16 -87.04
C GLY S 185 -71.99 -52.24 -85.85
N GLU S 186 -73.19 -51.82 -85.44
CA GLU S 186 -73.35 -50.92 -84.30
C GLU S 186 -73.64 -51.66 -82.99
N HIS S 187 -74.02 -52.94 -83.07
CA HIS S 187 -74.24 -53.73 -81.86
C HIS S 187 -73.79 -55.16 -82.18
N THR S 188 -72.59 -55.50 -81.74
CA THR S 188 -71.95 -56.75 -82.14
C THR S 188 -71.71 -57.61 -80.90
N TRP S 189 -71.14 -58.78 -81.15
CA TRP S 189 -70.74 -59.70 -80.09
C TRP S 189 -69.27 -60.03 -80.23
N SER S 190 -68.66 -60.38 -79.11
CA SER S 190 -67.33 -60.96 -79.09
C SER S 190 -67.43 -62.47 -78.90
N LEU S 191 -66.31 -63.17 -79.11
CA LEU S 191 -66.34 -64.61 -79.03
C LEU S 191 -66.60 -65.11 -77.61
N ALA S 192 -65.95 -64.50 -76.61
CA ALA S 192 -66.18 -64.92 -75.24
C ALA S 192 -67.60 -64.60 -74.78
N GLU S 193 -68.07 -63.40 -75.08
CA GLU S 193 -69.42 -62.97 -74.76
C GLU S 193 -70.48 -63.89 -75.33
N LEU S 194 -70.19 -64.55 -76.45
CA LEU S 194 -71.14 -65.44 -77.08
C LEU S 194 -71.00 -66.89 -76.66
N ILE S 195 -69.76 -67.35 -76.41
CA ILE S 195 -69.58 -68.70 -75.92
C ILE S 195 -70.15 -68.85 -74.51
N GLN S 196 -70.16 -67.76 -73.72
CA GLN S 196 -70.84 -67.86 -72.43
C GLN S 196 -72.35 -68.00 -72.59
N ALA S 197 -72.93 -67.21 -73.49
CA ALA S 197 -74.38 -67.24 -73.70
C ALA S 197 -74.84 -68.60 -74.21
N LEU S 198 -74.07 -69.21 -75.10
CA LEU S 198 -74.45 -70.54 -75.62
C LEU S 198 -74.57 -71.55 -74.48
N VAL S 199 -73.54 -71.63 -73.63
CA VAL S 199 -73.55 -72.56 -72.52
C VAL S 199 -74.71 -72.26 -71.58
N LEU S 200 -74.98 -70.98 -71.34
CA LEU S 200 -76.09 -70.60 -70.46
C LEU S 200 -77.42 -71.09 -71.02
N LEU S 201 -77.64 -70.89 -72.31
CA LEU S 201 -78.90 -71.32 -72.93
C LEU S 201 -79.08 -72.83 -72.83
N THR S 202 -78.03 -73.60 -73.13
CA THR S 202 -78.13 -75.04 -73.03
C THR S 202 -78.43 -75.49 -71.61
N HIS S 203 -77.76 -74.85 -70.64
CA HIS S 203 -77.97 -75.19 -69.23
C HIS S 203 -79.41 -74.97 -68.82
N CYS S 204 -79.98 -73.83 -69.22
CA CYS S 204 -81.38 -73.55 -68.85
C CYS S 204 -82.34 -74.53 -69.52
N HIS S 205 -82.11 -74.87 -70.78
CA HIS S 205 -82.97 -75.83 -71.45
C HIS S 205 -82.98 -77.17 -70.72
N SER S 206 -81.79 -77.71 -70.42
CA SER S 206 -81.71 -79.00 -69.77
C SER S 206 -82.35 -78.96 -68.38
N LEU S 207 -82.14 -77.87 -67.64
CA LEU S 207 -82.75 -77.74 -66.33
C LEU S 207 -84.27 -77.77 -66.43
N SER S 208 -84.83 -77.07 -67.42
CA SER S 208 -86.28 -77.09 -67.59
C SER S 208 -86.76 -78.50 -67.86
N SER S 209 -86.04 -79.23 -68.72
CA SER S 209 -86.43 -80.60 -69.03
C SER S 209 -86.47 -81.46 -67.79
N PHE S 210 -85.43 -81.37 -66.95
CA PHE S 210 -85.39 -82.17 -65.73
C PHE S 210 -86.51 -81.78 -64.77
N VAL S 211 -86.74 -80.47 -64.62
CA VAL S 211 -87.76 -80.00 -63.68
C VAL S 211 -89.12 -80.54 -64.08
N PHE S 212 -89.45 -80.49 -65.37
CA PHE S 212 -90.72 -81.06 -65.79
C PHE S 212 -90.73 -82.57 -65.64
N GLY S 213 -89.60 -83.22 -65.90
CA GLY S 213 -89.54 -84.68 -65.82
C GLY S 213 -89.80 -85.24 -64.44
N CYS S 214 -89.27 -84.60 -63.41
CA CYS S 214 -89.47 -85.09 -62.05
C CYS S 214 -90.74 -84.56 -61.39
N GLY S 215 -91.43 -83.62 -62.02
CA GLY S 215 -92.68 -83.14 -61.48
C GLY S 215 -92.56 -82.40 -60.17
N ILE S 216 -91.96 -81.21 -60.21
CA ILE S 216 -91.69 -80.44 -59.01
C ILE S 216 -92.76 -79.37 -58.83
N LEU S 217 -93.24 -79.23 -57.59
CA LEU S 217 -94.28 -78.26 -57.25
C LEU S 217 -93.68 -76.90 -56.96
N PRO S 218 -94.44 -75.83 -57.13
CA PRO S 218 -93.92 -74.48 -56.90
C PRO S 218 -93.54 -74.25 -55.45
N GLU S 219 -93.00 -73.06 -55.20
CA GLU S 219 -92.50 -72.65 -53.89
C GLU S 219 -91.41 -73.57 -53.38
N ASP S 311 -97.88 -63.90 -69.89
CA ASP S 311 -96.61 -64.07 -69.21
C ASP S 311 -95.51 -64.51 -70.16
N MET S 312 -95.33 -65.82 -70.27
CA MET S 312 -94.23 -66.39 -71.05
C MET S 312 -94.31 -66.04 -72.52
N LEU S 313 -95.53 -65.85 -73.04
CA LEU S 313 -95.71 -65.61 -74.47
C LEU S 313 -95.14 -64.26 -74.89
N CYS S 314 -94.84 -63.41 -73.92
CA CYS S 314 -94.27 -62.09 -74.18
C CYS S 314 -92.76 -62.11 -74.31
N PHE S 315 -92.13 -63.25 -74.10
CA PHE S 315 -90.68 -63.37 -74.07
C PHE S 315 -90.12 -64.19 -75.21
N VAL S 316 -90.92 -64.50 -76.23
CA VAL S 316 -90.55 -65.48 -77.23
C VAL S 316 -91.07 -65.06 -78.59
N GLU S 317 -90.30 -65.39 -79.63
CA GLU S 317 -90.72 -65.22 -81.01
C GLU S 317 -90.89 -66.58 -81.65
N ASP S 318 -91.88 -66.69 -82.54
CA ASP S 318 -92.28 -67.93 -83.19
C ASP S 318 -92.65 -68.98 -82.13
N PRO S 319 -93.78 -68.82 -81.45
CA PRO S 319 -94.14 -69.75 -80.37
C PRO S 319 -94.57 -71.13 -80.81
N THR S 320 -94.80 -71.37 -82.09
CA THR S 320 -95.32 -72.66 -82.56
C THR S 320 -94.31 -73.41 -83.42
N PHE S 321 -93.02 -73.33 -83.09
CA PHE S 321 -92.01 -74.04 -83.86
C PHE S 321 -92.00 -75.53 -83.50
N GLY S 322 -91.68 -75.85 -82.25
CA GLY S 322 -91.75 -77.21 -81.81
C GLY S 322 -90.67 -78.10 -82.41
N TYR S 323 -90.83 -79.40 -82.14
CA TYR S 323 -89.88 -80.41 -82.57
C TYR S 323 -90.49 -81.21 -83.71
N GLU S 324 -89.66 -81.55 -84.69
CA GLU S 324 -90.04 -82.43 -85.78
C GLU S 324 -89.02 -83.56 -85.87
N ASP S 325 -89.51 -84.78 -86.14
CA ASP S 325 -88.63 -85.94 -86.14
C ASP S 325 -87.54 -85.79 -87.20
N PHE S 326 -86.39 -86.39 -86.91
CA PHE S 326 -85.22 -86.25 -87.77
C PHE S 326 -85.46 -86.89 -89.13
N THR S 327 -86.02 -88.11 -89.15
CA THR S 327 -86.16 -88.84 -90.40
C THR S 327 -87.22 -88.25 -91.31
N ARG S 328 -88.06 -87.36 -90.80
CA ARG S 328 -89.10 -86.74 -91.63
C ARG S 328 -88.49 -85.76 -92.62
N PRO S 334 -80.96 -84.81 -94.38
CA PRO S 334 -79.85 -84.23 -93.61
C PRO S 334 -78.76 -85.25 -93.29
N PRO S 335 -77.51 -84.89 -93.54
CA PRO S 335 -76.41 -85.83 -93.29
C PRO S 335 -76.30 -86.22 -91.83
N THR S 336 -75.82 -87.43 -91.60
CA THR S 336 -75.65 -87.94 -90.25
C THR S 336 -74.33 -87.47 -89.64
N PHE S 337 -74.37 -87.19 -88.34
CA PHE S 337 -73.22 -86.76 -87.57
C PHE S 337 -72.52 -87.99 -87.03
N ARG S 338 -71.41 -88.38 -87.66
CA ARG S 338 -70.62 -89.49 -87.18
C ARG S 338 -69.88 -89.07 -85.92
N ALA S 339 -70.03 -89.86 -84.87
CA ALA S 339 -69.51 -89.48 -83.56
C ALA S 339 -68.04 -89.83 -83.40
N GLN S 340 -67.35 -90.04 -84.51
CA GLN S 340 -65.90 -90.21 -84.48
C GLN S 340 -65.15 -89.13 -85.23
N ASP S 341 -65.82 -88.33 -86.04
CA ASP S 341 -65.19 -87.19 -86.70
C ASP S 341 -65.13 -85.95 -85.82
N TYR S 342 -65.99 -85.85 -84.80
CA TYR S 342 -65.98 -84.69 -83.92
C TYR S 342 -66.46 -85.16 -82.54
N THR S 343 -65.50 -85.48 -81.68
CA THR S 343 -65.79 -85.99 -80.35
C THR S 343 -65.55 -84.90 -79.31
N TRP S 344 -66.33 -84.95 -78.23
CA TRP S 344 -66.14 -83.97 -77.17
C TRP S 344 -64.73 -84.02 -76.63
N GLU S 345 -64.30 -85.21 -76.21
CA GLU S 345 -63.08 -85.40 -75.47
C GLU S 345 -61.84 -84.99 -76.26
N ASP S 346 -61.83 -85.19 -77.57
CA ASP S 346 -60.66 -84.90 -78.37
C ASP S 346 -60.75 -83.52 -79.05
N HIS S 347 -61.95 -83.12 -79.43
CA HIS S 347 -62.10 -81.91 -80.25
C HIS S 347 -62.76 -80.76 -79.48
N GLY S 348 -63.89 -81.02 -78.82
CA GLY S 348 -64.63 -79.92 -78.23
C GLY S 348 -63.99 -79.37 -76.97
N TYR S 349 -63.35 -80.24 -76.20
CA TYR S 349 -62.71 -79.80 -74.96
C TYR S 349 -61.66 -78.74 -75.24
N SER S 350 -60.83 -78.96 -76.26
CA SER S 350 -59.73 -78.05 -76.53
C SER S 350 -60.25 -76.67 -76.92
N LEU S 351 -61.24 -76.61 -77.81
CA LEU S 351 -61.77 -75.33 -78.24
C LEU S 351 -62.45 -74.59 -77.08
N ILE S 352 -63.29 -75.30 -76.33
CA ILE S 352 -64.00 -74.64 -75.24
C ILE S 352 -63.03 -74.22 -74.15
N GLN S 353 -61.89 -74.91 -74.04
CA GLN S 353 -60.91 -74.52 -73.04
C GLN S 353 -60.14 -73.29 -73.48
N ARG S 354 -59.83 -73.18 -74.77
CA ARG S 354 -59.13 -72.00 -75.24
C ARG S 354 -60.03 -70.77 -75.19
N LEU S 355 -61.32 -70.91 -75.49
CA LEU S 355 -62.20 -69.75 -75.51
C LEU S 355 -62.84 -69.42 -74.16
N TYR S 356 -62.94 -70.38 -73.25
CA TYR S 356 -63.60 -70.19 -71.95
C TYR S 356 -63.13 -71.27 -70.99
N PRO S 357 -62.00 -71.08 -70.32
CA PRO S 357 -61.31 -72.21 -69.66
C PRO S 357 -62.05 -72.82 -68.47
N GLU S 358 -62.44 -72.00 -67.51
CA GLU S 358 -63.04 -72.51 -66.28
C GLU S 358 -64.34 -73.25 -66.57
N GLY S 359 -65.15 -72.72 -67.48
CA GLY S 359 -66.37 -73.40 -67.87
C GLY S 359 -66.09 -74.76 -68.47
N GLY S 360 -65.06 -74.86 -69.31
CA GLY S 360 -64.71 -76.14 -69.90
C GLY S 360 -64.28 -77.15 -68.85
N GLN S 361 -63.47 -76.72 -67.89
CA GLN S 361 -63.05 -77.61 -66.82
C GLN S 361 -64.25 -78.11 -66.02
N LEU S 362 -65.17 -77.21 -65.68
CA LEU S 362 -66.32 -77.61 -64.89
C LEU S 362 -67.25 -78.54 -65.67
N LEU S 363 -67.46 -78.26 -66.96
CA LEU S 363 -68.28 -79.17 -67.75
C LEU S 363 -67.66 -80.54 -67.89
N ASP S 364 -66.34 -80.62 -68.07
CA ASP S 364 -65.72 -81.93 -68.16
C ASP S 364 -65.77 -82.68 -66.84
N GLU S 365 -65.70 -81.97 -65.70
CA GLU S 365 -65.87 -82.61 -64.41
C GLU S 365 -67.30 -83.05 -64.17
N LYS S 366 -68.29 -82.35 -64.72
CA LYS S 366 -69.70 -82.73 -64.60
C LYS S 366 -70.08 -83.88 -65.52
N PHE S 367 -69.43 -84.00 -66.68
CA PHE S 367 -69.68 -85.13 -67.57
C PHE S 367 -69.21 -86.45 -67.01
N GLN S 368 -68.19 -86.45 -66.17
CA GLN S 368 -67.62 -87.68 -65.62
C GLN S 368 -68.31 -88.11 -64.33
N ALA S 369 -69.21 -87.30 -63.78
CA ALA S 369 -70.00 -87.69 -62.64
C ALA S 369 -71.29 -88.39 -63.01
N ALA S 370 -71.79 -88.18 -64.22
CA ALA S 370 -72.96 -88.87 -64.72
C ALA S 370 -72.61 -90.16 -65.45
N TYR S 371 -71.34 -90.50 -65.54
CA TYR S 371 -70.92 -91.79 -66.08
C TYR S 371 -70.67 -92.82 -64.99
N SER S 372 -70.04 -92.41 -63.88
CA SER S 372 -69.78 -93.31 -62.78
C SER S 372 -70.92 -93.27 -61.76
N LEU S 373 -72.11 -93.68 -62.17
CA LEU S 373 -73.30 -93.70 -61.31
C LEU S 373 -73.95 -95.06 -61.49
N THR S 374 -73.74 -95.96 -60.51
CA THR S 374 -74.12 -97.35 -60.67
C THR S 374 -75.63 -97.54 -60.52
N PHE S 375 -76.13 -98.62 -61.11
CA PHE S 375 -77.51 -99.06 -60.97
C PHE S 375 -77.56 -100.25 -60.02
N ASN S 376 -78.43 -100.16 -59.02
CA ASN S 376 -78.47 -101.18 -57.97
C ASN S 376 -79.14 -102.45 -58.46
N THR S 377 -80.42 -102.37 -58.79
CA THR S 377 -81.18 -103.56 -59.20
C THR S 377 -81.32 -103.62 -60.72
N ILE S 378 -80.36 -104.27 -61.38
CA ILE S 378 -80.45 -104.41 -62.84
C ILE S 378 -81.24 -105.67 -63.20
N ALA S 379 -81.03 -106.75 -62.46
CA ALA S 379 -81.75 -108.00 -62.67
C ALA S 379 -81.55 -108.91 -61.47
N VAL S 384 -77.35 -106.81 -68.50
CA VAL S 384 -76.09 -107.38 -68.02
C VAL S 384 -75.54 -106.50 -66.90
N ASP S 385 -74.36 -105.92 -67.13
CA ASP S 385 -73.75 -105.02 -66.16
C ASP S 385 -74.34 -103.63 -66.29
N THR S 386 -74.00 -102.74 -65.36
CA THR S 386 -74.55 -101.39 -65.38
C THR S 386 -74.06 -100.62 -66.59
N SER S 387 -72.85 -100.92 -67.06
CA SER S 387 -72.22 -100.17 -68.13
C SER S 387 -72.90 -100.40 -69.47
N VAL S 388 -73.77 -101.40 -69.56
CA VAL S 388 -74.39 -101.78 -70.84
C VAL S 388 -75.67 -101.01 -71.10
N LEU S 389 -76.63 -101.07 -70.17
CA LEU S 389 -77.89 -100.38 -70.40
C LEU S 389 -77.72 -98.87 -70.32
N ARG S 390 -76.72 -98.39 -69.57
CA ARG S 390 -76.38 -96.98 -69.59
C ARG S 390 -75.94 -96.56 -70.99
N ARG S 391 -75.08 -97.36 -71.62
CA ARG S 391 -74.69 -97.12 -73.00
C ARG S 391 -75.90 -97.13 -73.91
N ALA S 392 -76.83 -98.06 -73.68
CA ALA S 392 -78.00 -98.16 -74.54
C ALA S 392 -78.87 -96.90 -74.48
N ILE S 393 -79.17 -96.44 -73.27
CA ILE S 393 -80.02 -95.25 -73.13
C ILE S 393 -79.30 -94.03 -73.71
N TRP S 394 -78.00 -93.90 -73.43
CA TRP S 394 -77.23 -92.77 -73.94
C TRP S 394 -77.23 -92.76 -75.47
N ASN S 395 -76.96 -93.90 -76.09
CA ASN S 395 -76.92 -93.97 -77.54
C ASN S 395 -78.29 -93.71 -78.14
N TYR S 396 -79.35 -94.20 -77.50
CA TYR S 396 -80.69 -93.97 -78.03
C TYR S 396 -81.02 -92.48 -78.03
N ILE S 397 -80.76 -91.80 -76.92
CA ILE S 397 -81.13 -90.38 -76.87
C ILE S 397 -80.25 -89.57 -77.82
N HIS S 398 -78.98 -89.96 -77.99
CA HIS S 398 -78.17 -89.28 -79.00
C HIS S 398 -78.70 -89.52 -80.40
N CYS S 399 -79.13 -90.75 -80.69
CA CYS S 399 -79.65 -91.07 -82.01
C CYS S 399 -80.94 -90.34 -82.31
N VAL S 400 -81.71 -90.01 -81.28
CA VAL S 400 -82.93 -89.22 -81.50
C VAL S 400 -82.58 -87.89 -82.14
N PHE S 401 -81.47 -87.27 -81.72
CA PHE S 401 -81.09 -85.95 -82.20
C PHE S 401 -80.24 -85.98 -83.46
N GLY S 402 -79.80 -87.15 -83.91
CA GLY S 402 -79.14 -87.24 -85.20
C GLY S 402 -77.67 -87.59 -85.17
N ILE S 403 -77.22 -88.31 -84.15
CA ILE S 403 -75.82 -88.69 -84.02
C ILE S 403 -75.76 -90.21 -83.93
N ARG S 404 -74.94 -90.83 -84.76
CA ARG S 404 -74.84 -92.29 -84.85
C ARG S 404 -73.40 -92.70 -84.58
N TYR S 405 -73.22 -93.66 -83.67
CA TYR S 405 -71.89 -94.18 -83.37
C TYR S 405 -71.55 -95.33 -84.31
N ASP S 406 -70.28 -95.46 -84.64
CA ASP S 406 -69.84 -96.44 -85.63
C ASP S 406 -69.64 -97.83 -85.02
N ASP S 407 -69.17 -97.87 -83.77
CA ASP S 407 -68.84 -99.15 -83.15
C ASP S 407 -70.06 -99.85 -82.58
N TYR S 408 -71.10 -99.09 -82.25
CA TYR S 408 -72.23 -99.64 -81.50
C TYR S 408 -73.18 -100.39 -82.43
N ASP S 409 -73.56 -101.59 -82.01
CA ASP S 409 -74.60 -102.35 -82.72
C ASP S 409 -75.94 -101.93 -82.16
N TYR S 410 -76.82 -101.43 -83.03
CA TYR S 410 -78.05 -100.79 -82.57
C TYR S 410 -79.18 -101.76 -82.31
N GLY S 411 -78.99 -103.05 -82.56
CA GLY S 411 -80.03 -104.02 -82.32
C GLY S 411 -80.37 -104.20 -80.86
N GLU S 412 -79.38 -104.09 -79.99
CA GLU S 412 -79.53 -104.37 -78.57
C GLU S 412 -80.44 -103.36 -77.88
N VAL S 413 -80.76 -102.26 -78.55
CA VAL S 413 -81.57 -101.22 -77.94
C VAL S 413 -82.92 -101.78 -77.50
N ASN S 414 -83.58 -102.52 -78.40
CA ASN S 414 -84.87 -103.08 -78.05
C ASN S 414 -84.72 -104.20 -77.02
N GLN S 415 -83.71 -105.04 -77.17
CA GLN S 415 -83.51 -106.17 -76.27
C GLN S 415 -83.13 -105.73 -74.87
N LEU S 416 -82.74 -104.46 -74.70
CA LEU S 416 -82.36 -103.97 -73.39
C LEU S 416 -83.29 -102.91 -72.83
N LEU S 417 -84.15 -102.30 -73.63
CA LEU S 417 -85.03 -101.24 -73.16
C LEU S 417 -86.48 -101.65 -73.35
N GLU S 418 -87.26 -101.59 -72.27
CA GLU S 418 -88.69 -101.84 -72.37
C GLU S 418 -89.36 -100.76 -73.20
N ARG S 419 -90.44 -101.13 -73.87
CA ARG S 419 -91.12 -100.22 -74.78
C ARG S 419 -91.82 -99.09 -74.04
N ASN S 420 -92.08 -99.26 -72.75
CA ASN S 420 -92.65 -98.21 -71.92
C ASN S 420 -91.66 -97.12 -71.57
N LEU S 421 -90.40 -97.46 -71.36
CA LEU S 421 -89.37 -96.49 -71.03
C LEU S 421 -89.03 -95.63 -72.24
N LYS S 422 -89.11 -96.23 -73.43
CA LYS S 422 -88.74 -95.60 -74.69
C LYS S 422 -89.62 -94.41 -74.99
N VAL S 423 -90.86 -94.42 -74.50
CA VAL S 423 -91.76 -93.29 -74.66
C VAL S 423 -91.57 -92.24 -73.57
N TYR S 424 -91.29 -92.64 -72.34
CA TYR S 424 -91.01 -91.66 -71.28
C TYR S 424 -89.81 -90.81 -71.64
N ILE S 425 -88.75 -91.44 -72.17
CA ILE S 425 -87.55 -90.69 -72.54
C ILE S 425 -87.88 -89.63 -73.57
N LYS S 426 -88.57 -90.04 -74.65
CA LYS S 426 -88.88 -89.10 -75.72
C LYS S 426 -89.79 -87.99 -75.25
N THR S 427 -90.80 -88.31 -74.44
CA THR S 427 -91.69 -87.27 -73.94
C THR S 427 -90.93 -86.27 -73.10
N VAL S 428 -90.08 -86.75 -72.19
CA VAL S 428 -89.43 -85.82 -71.28
C VAL S 428 -88.39 -84.98 -72.02
N ALA S 429 -87.73 -85.55 -73.04
CA ALA S 429 -86.73 -84.79 -73.79
C ALA S 429 -87.37 -83.82 -74.78
N CYS S 430 -88.12 -84.35 -75.76
CA CYS S 430 -88.54 -83.52 -76.89
C CYS S 430 -89.66 -82.57 -76.52
N TYR S 431 -90.67 -83.04 -75.78
CA TYR S 431 -91.82 -82.22 -75.37
C TYR S 431 -92.02 -82.36 -73.87
N PRO S 432 -91.19 -81.70 -73.06
CA PRO S 432 -91.27 -81.90 -71.60
C PRO S 432 -92.51 -81.27 -70.97
N GLU S 433 -93.33 -80.52 -71.70
CA GLU S 433 -94.52 -79.94 -71.09
C GLU S 433 -95.70 -80.89 -71.06
N LYS S 434 -95.59 -82.06 -71.69
CA LYS S 434 -96.70 -83.00 -71.76
C LYS S 434 -96.51 -84.23 -70.89
N THR S 435 -95.53 -84.24 -70.00
CA THR S 435 -95.28 -85.41 -69.16
C THR S 435 -96.28 -85.46 -68.01
N THR S 436 -96.72 -86.66 -67.63
CA THR S 436 -97.76 -86.83 -66.64
C THR S 436 -97.45 -88.00 -65.73
N ARG S 437 -98.26 -88.14 -64.68
CA ARG S 437 -98.05 -89.13 -63.63
C ARG S 437 -98.17 -90.56 -64.14
N ARG S 438 -99.18 -90.82 -64.97
CA ARG S 438 -99.37 -92.17 -65.50
C ARG S 438 -98.15 -92.61 -66.30
N MET S 439 -97.61 -91.72 -67.12
CA MET S 439 -96.36 -92.01 -67.81
C MET S 439 -95.25 -92.34 -66.83
N TYR S 440 -95.15 -91.56 -65.74
CA TYR S 440 -94.11 -91.81 -64.76
C TYR S 440 -94.24 -93.18 -64.14
N ASN S 441 -95.47 -93.67 -63.99
CA ASN S 441 -95.67 -94.92 -63.28
C ASN S 441 -95.72 -96.13 -64.20
N LEU S 442 -95.90 -95.94 -65.50
CA LEU S 442 -96.02 -97.07 -66.41
C LEU S 442 -94.75 -97.91 -66.46
N PHE S 443 -93.59 -97.26 -66.50
CA PHE S 443 -92.34 -97.96 -66.72
C PHE S 443 -91.67 -98.28 -65.39
N TRP S 444 -90.99 -99.43 -65.34
CA TRP S 444 -90.26 -99.90 -64.18
C TRP S 444 -91.13 -99.89 -62.93
N ARG S 445 -92.22 -100.65 -63.01
CA ARG S 445 -93.23 -100.62 -61.95
C ARG S 445 -92.65 -101.04 -60.61
N HIS S 446 -91.90 -102.14 -60.57
CA HIS S 446 -91.48 -102.75 -59.33
C HIS S 446 -90.06 -102.37 -58.90
N PHE S 447 -89.58 -101.19 -59.31
CA PHE S 447 -88.21 -100.77 -59.01
C PHE S 447 -88.19 -99.61 -58.04
N ARG S 448 -87.00 -99.37 -57.48
CA ARG S 448 -86.83 -98.32 -56.49
C ARG S 448 -87.07 -96.95 -57.10
N HIS S 449 -87.44 -95.99 -56.27
CA HIS S 449 -87.79 -94.65 -56.72
C HIS S 449 -86.58 -93.77 -57.02
N SER S 450 -85.37 -94.24 -56.72
CA SER S 450 -84.17 -93.43 -56.91
C SER S 450 -83.45 -93.78 -58.21
N GLU S 451 -84.11 -94.49 -59.10
CA GLU S 451 -83.57 -94.82 -60.41
C GLU S 451 -84.22 -93.99 -61.51
N LYS S 452 -85.48 -93.61 -61.31
CA LYS S 452 -86.18 -92.77 -62.27
C LYS S 452 -85.68 -91.34 -62.19
N VAL S 453 -84.83 -91.06 -61.20
CA VAL S 453 -84.07 -89.82 -61.14
C VAL S 453 -82.74 -89.95 -61.87
N HIS S 454 -82.08 -91.11 -61.74
CA HIS S 454 -80.83 -91.33 -62.46
C HIS S 454 -81.07 -91.30 -63.96
N VAL S 455 -82.19 -91.86 -64.42
CA VAL S 455 -82.51 -91.79 -65.84
C VAL S 455 -82.64 -90.34 -66.30
N ASN S 456 -83.30 -89.51 -65.49
CA ASN S 456 -83.46 -88.10 -65.84
C ASN S 456 -82.10 -87.40 -65.91
N LEU S 457 -81.21 -87.70 -64.97
CA LEU S 457 -79.88 -87.08 -64.99
C LEU S 457 -79.11 -87.48 -66.26
N LEU S 458 -79.16 -88.75 -66.62
CA LEU S 458 -78.52 -89.18 -67.87
C LEU S 458 -79.10 -88.43 -69.06
N LEU S 459 -80.42 -88.29 -69.11
CA LEU S 459 -81.04 -87.61 -70.25
C LEU S 459 -80.58 -86.16 -70.34
N LEU S 460 -80.52 -85.49 -69.19
CA LEU S 460 -80.10 -84.09 -69.16
C LEU S 460 -78.69 -83.95 -69.71
N GLU S 461 -77.79 -84.82 -69.26
CA GLU S 461 -76.40 -84.77 -69.73
C GLU S 461 -76.32 -85.00 -71.23
N ALA S 462 -77.10 -85.96 -71.74
CA ALA S 462 -77.04 -86.27 -73.17
C ALA S 462 -77.53 -85.09 -74.01
N ARG S 463 -78.63 -84.46 -73.61
CA ARG S 463 -79.13 -83.31 -74.35
C ARG S 463 -78.10 -82.18 -74.38
N MET S 464 -77.51 -81.89 -73.22
CA MET S 464 -76.45 -80.89 -73.15
C MET S 464 -75.33 -81.20 -74.13
N GLN S 465 -74.84 -82.45 -74.12
CA GLN S 465 -73.69 -82.77 -74.95
C GLN S 465 -74.01 -82.65 -76.42
N ALA S 466 -75.20 -83.09 -76.84
CA ALA S 466 -75.56 -82.99 -78.24
C ALA S 466 -75.60 -81.54 -78.71
N ALA S 467 -76.30 -80.68 -77.96
CA ALA S 467 -76.40 -79.28 -78.37
C ALA S 467 -75.03 -78.61 -78.41
N LEU S 468 -74.20 -78.87 -77.39
CA LEU S 468 -72.88 -78.24 -77.35
C LEU S 468 -72.02 -78.69 -78.53
N LEU S 469 -72.08 -79.99 -78.86
CA LEU S 469 -71.26 -80.47 -79.98
C LEU S 469 -71.68 -79.81 -81.28
N TYR S 470 -72.98 -79.67 -81.51
CA TYR S 470 -73.41 -79.02 -82.75
C TYR S 470 -72.94 -77.57 -82.81
N ALA S 471 -73.12 -76.82 -81.72
CA ALA S 471 -72.69 -75.41 -81.73
C ALA S 471 -71.19 -75.29 -81.92
N LEU S 472 -70.40 -76.13 -81.25
CA LEU S 472 -68.96 -76.07 -81.38
C LEU S 472 -68.49 -76.41 -82.79
N ARG S 473 -69.11 -77.41 -83.43
CA ARG S 473 -68.77 -77.69 -84.82
C ARG S 473 -69.06 -76.49 -85.70
N ALA S 474 -70.17 -75.80 -85.45
CA ALA S 474 -70.46 -74.61 -86.24
C ALA S 474 -69.38 -73.55 -86.06
N ILE S 475 -68.95 -73.32 -84.82
CA ILE S 475 -67.94 -72.29 -84.57
C ILE S 475 -66.61 -72.67 -85.23
N THR S 476 -66.24 -73.95 -85.14
CA THR S 476 -65.00 -74.40 -85.75
C THR S 476 -65.03 -74.25 -87.26
N ARG S 477 -66.17 -74.56 -87.88
CA ARG S 477 -66.30 -74.35 -89.32
C ARG S 477 -66.20 -72.87 -89.66
N TYR S 478 -66.72 -72.00 -88.80
CA TYR S 478 -66.63 -70.57 -89.05
C TYR S 478 -65.19 -70.08 -88.99
N MET S 479 -64.43 -70.56 -87.99
CA MET S 479 -63.11 -70.00 -87.75
C MET S 479 -62.04 -70.58 -88.68
N THR S 480 -62.31 -71.72 -89.31
CA THR S 480 -61.29 -72.35 -90.15
C THR S 480 -61.16 -71.63 -91.48
N ASP T 77 71.74 86.85 54.78
CA ASP T 77 72.29 87.07 56.11
C ASP T 77 73.69 87.66 56.03
N ASN T 78 73.95 88.69 56.84
CA ASN T 78 75.28 89.27 56.89
C ASN T 78 76.32 88.30 57.45
N LEU T 79 75.93 87.44 58.38
CA LEU T 79 76.83 86.46 58.96
C LEU T 79 77.41 85.53 57.91
N ALA T 80 76.57 85.03 57.00
CA ALA T 80 77.05 84.15 55.96
C ALA T 80 78.07 84.83 55.07
N VAL T 81 77.81 86.09 54.68
CA VAL T 81 78.69 86.78 53.75
C VAL T 81 80.00 87.16 54.44
N VAL T 82 79.96 87.41 55.75
CA VAL T 82 81.21 87.79 56.42
C VAL T 82 82.03 86.57 56.76
N MET T 83 81.39 85.39 56.85
CA MET T 83 82.13 84.16 57.07
C MET T 83 82.49 83.44 55.78
N GLY T 84 81.98 83.90 54.65
CA GLY T 84 82.23 83.24 53.40
C GLY T 84 83.60 83.43 52.78
N LEU T 85 84.49 84.17 53.44
CA LEU T 85 85.85 84.37 52.94
C LEU T 85 86.73 83.14 53.17
N HIS T 86 86.14 82.04 53.65
CA HIS T 86 86.86 80.79 53.87
C HIS T 86 85.89 79.64 53.60
N PRO T 87 85.62 79.33 52.33
CA PRO T 87 84.57 78.35 52.01
C PRO T 87 84.80 76.97 52.61
N ASP T 88 86.06 76.55 52.71
CA ASP T 88 86.35 75.24 53.30
C ASP T 88 85.84 75.14 54.72
N TYR T 89 85.88 76.25 55.47
CA TYR T 89 85.34 76.29 56.82
C TYR T 89 83.86 76.60 56.85
N PHE T 90 83.37 77.40 55.92
CA PHE T 90 81.96 77.76 55.87
C PHE T 90 81.07 76.58 55.49
N THR T 91 81.57 75.64 54.70
CA THR T 91 80.76 74.50 54.30
C THR T 91 80.59 73.50 55.44
N SER T 92 81.55 73.44 56.36
CA SER T 92 81.53 72.46 57.44
C SER T 92 80.93 73.00 58.72
N PHE T 93 80.39 74.22 58.69
CA PHE T 93 79.72 74.81 59.84
C PHE T 93 78.21 74.79 59.71
N TRP T 94 77.69 75.07 58.53
CA TRP T 94 76.26 75.03 58.33
C TRP T 94 75.70 73.61 58.29
N ARG T 95 76.54 72.62 57.99
CA ARG T 95 76.11 71.24 58.20
C ARG T 95 75.79 70.97 59.67
N LEU T 96 76.69 71.38 60.56
CA LEU T 96 76.43 71.23 61.99
C LEU T 96 75.23 72.06 62.43
N HIS T 97 75.09 73.27 61.90
CA HIS T 97 73.93 74.08 62.25
C HIS T 97 72.62 73.41 61.82
N TYR T 98 72.58 72.88 60.59
CA TYR T 98 71.39 72.20 60.10
C TYR T 98 71.08 70.97 60.93
N LEU T 99 72.10 70.19 61.27
CA LEU T 99 71.88 69.01 62.12
C LEU T 99 71.33 69.40 63.48
N LEU T 100 71.87 70.45 64.07
CA LEU T 100 71.53 70.78 65.45
C LEU T 100 70.15 71.41 65.52
N LEU T 101 69.72 72.15 64.49
CA LEU T 101 68.53 72.96 64.62
C LEU T 101 67.38 72.60 63.68
N HIS T 102 67.60 71.76 62.66
CA HIS T 102 66.52 71.49 61.72
C HIS T 102 66.26 70.00 61.54
N THR T 103 67.27 69.16 61.71
CA THR T 103 67.09 67.73 61.54
C THR T 103 66.36 67.13 62.73
N ASP T 104 65.48 66.17 62.45
CA ASP T 104 64.71 65.52 63.50
C ASP T 104 65.62 64.78 64.48
N GLY T 105 65.34 64.92 65.77
CA GLY T 105 66.17 64.35 66.80
C GLY T 105 65.45 64.22 68.13
N PRO T 106 66.23 64.11 69.21
CA PRO T 106 65.62 63.76 70.51
C PRO T 106 64.84 64.89 71.16
N LEU T 107 64.93 66.12 70.68
CA LEU T 107 64.17 67.23 71.25
C LEU T 107 63.28 67.85 70.18
N ALA T 108 62.21 68.49 70.61
CA ALA T 108 61.33 69.17 69.68
C ALA T 108 61.99 70.44 69.15
N SER T 109 61.56 70.87 67.96
CA SER T 109 62.18 72.03 67.32
C SER T 109 61.96 73.30 68.12
N SER T 110 60.74 73.50 68.62
CA SER T 110 60.45 74.70 69.42
C SER T 110 61.33 74.74 70.65
N TRP T 111 61.54 73.59 71.29
CA TRP T 111 62.42 73.54 72.45
C TRP T 111 63.84 73.90 72.08
N ARG T 112 64.33 73.46 70.92
CA ARG T 112 65.68 73.81 70.50
C ARG T 112 65.81 75.31 70.28
N HIS T 113 64.83 75.93 69.63
CA HIS T 113 64.91 77.36 69.39
C HIS T 113 64.83 78.14 70.71
N TYR T 114 63.99 77.69 71.64
CA TYR T 114 63.94 78.33 72.95
C TYR T 114 65.28 78.21 73.67
N ILE T 115 65.90 77.03 73.59
CA ILE T 115 67.22 76.84 74.17
C ILE T 115 68.20 77.84 73.60
N ALA T 116 68.13 78.05 72.28
CA ALA T 116 69.04 78.97 71.62
C ALA T 116 68.82 80.41 72.10
N ILE T 117 67.58 80.85 72.17
CA ILE T 117 67.34 82.23 72.58
C ILE T 117 67.73 82.44 74.04
N MET T 118 67.54 81.43 74.88
CA MET T 118 67.96 81.58 76.27
C MET T 118 69.47 81.44 76.44
N ALA T 119 70.17 80.82 75.50
CA ALA T 119 71.62 80.77 75.53
C ALA T 119 72.29 82.01 74.97
N ALA T 120 71.67 82.69 74.01
CA ALA T 120 72.27 83.89 73.45
C ALA T 120 71.95 85.14 74.26
N ALA T 121 71.18 85.03 75.34
CA ALA T 121 70.79 86.16 76.17
C ALA T 121 71.71 86.34 77.37
N ARG T 122 72.77 85.55 77.48
CA ARG T 122 73.81 85.80 78.46
C ARG T 122 74.83 86.82 77.98
N HIS T 123 75.28 86.68 76.74
CA HIS T 123 76.24 87.59 76.14
C HIS T 123 75.57 88.84 75.60
N GLN T 124 74.24 88.93 75.68
CA GLN T 124 73.49 90.15 75.39
C GLN T 124 73.59 90.51 73.91
N CYS T 125 73.22 89.56 73.07
CA CYS T 125 73.38 89.68 71.63
C CYS T 125 72.01 89.74 70.96
N SER T 126 71.67 90.91 70.41
CA SER T 126 70.34 91.12 69.83
C SER T 126 70.14 90.41 68.50
N TYR T 127 71.20 90.25 67.73
CA TYR T 127 71.07 89.70 66.39
C TYR T 127 70.56 88.26 66.44
N LEU T 128 71.22 87.41 67.24
CA LEU T 128 70.84 86.01 67.31
C LEU T 128 69.49 85.84 68.01
N VAL T 129 69.24 86.60 69.07
CA VAL T 129 67.97 86.47 69.79
C VAL T 129 66.81 86.85 68.89
N GLY T 130 66.94 87.93 68.14
CA GLY T 130 65.91 88.28 67.18
C GLY T 130 65.75 87.24 66.09
N SER T 131 66.86 86.70 65.57
CA SER T 131 66.77 85.72 64.51
C SER T 131 66.06 84.45 64.98
N HIS T 132 66.36 84.00 66.19
CA HIS T 132 65.79 82.78 66.74
C HIS T 132 64.41 83.00 67.34
N MET T 133 64.00 84.25 67.53
CA MET T 133 62.68 84.52 68.08
C MET T 133 61.58 84.31 67.06
N ALA T 134 61.89 84.45 65.76
CA ALA T 134 60.87 84.28 64.73
C ALA T 134 60.71 82.82 64.33
N GLU T 135 61.82 82.09 64.24
CA GLU T 135 61.72 80.66 63.91
C GLU T 135 61.02 79.88 65.00
N PHE T 136 61.11 80.33 66.24
CA PHE T 136 60.36 79.69 67.33
C PHE T 136 58.87 79.84 67.11
N LEU T 137 58.43 81.00 66.64
CA LEU T 137 57.01 81.22 66.43
C LEU T 137 56.51 80.53 65.16
N GLN T 138 57.34 80.47 64.12
CA GLN T 138 56.93 79.80 62.90
C GLN T 138 56.85 78.29 63.04
N THR T 139 57.42 77.71 64.10
CA THR T 139 57.45 76.28 64.30
C THR T 139 56.28 75.83 65.17
N GLY T 140 55.51 76.78 65.68
CA GLY T 140 54.35 76.44 66.48
C GLY T 140 54.55 76.52 67.98
N GLY T 141 55.58 77.22 68.44
CA GLY T 141 55.78 77.39 69.85
C GLY T 141 54.71 78.26 70.49
N ASP T 142 54.47 78.01 71.76
CA ASP T 142 53.48 78.79 72.49
C ASP T 142 53.94 80.23 72.61
N PRO T 143 53.10 81.20 72.24
CA PRO T 143 53.52 82.61 72.30
C PRO T 143 53.56 83.17 73.71
N GLU T 144 52.97 82.49 74.69
CA GLU T 144 53.06 82.93 76.07
C GLU T 144 54.41 82.65 76.70
N TRP T 145 55.24 81.82 76.04
CA TRP T 145 56.56 81.54 76.58
C TRP T 145 57.51 82.70 76.42
N LEU T 146 57.24 83.62 75.50
CA LEU T 146 58.15 84.70 75.18
C LEU T 146 58.01 85.88 76.13
N LEU T 147 57.35 85.70 77.27
CA LEU T 147 57.27 86.77 78.26
C LEU T 147 58.41 86.67 79.25
N GLY T 148 58.81 85.45 79.63
CA GLY T 148 59.92 85.27 80.53
C GLY T 148 60.09 83.81 80.87
N LEU T 149 61.17 83.53 81.60
CA LEU T 149 61.47 82.17 82.01
C LEU T 149 60.45 81.66 83.02
N HIS T 150 59.74 82.56 83.70
CA HIS T 150 58.77 82.13 84.71
C HIS T 150 57.57 81.43 84.11
N ARG T 151 57.32 81.62 82.82
CA ARG T 151 56.18 81.02 82.14
C ARG T 151 56.61 79.83 81.28
N ALA T 152 57.79 79.30 81.52
CA ALA T 152 58.35 78.18 80.78
C ALA T 152 58.15 76.89 81.54
N PRO T 153 58.18 75.75 80.85
CA PRO T 153 58.05 74.46 81.55
C PRO T 153 59.20 74.25 82.54
N GLU T 154 58.87 73.55 83.62
CA GLU T 154 59.81 73.33 84.71
C GLU T 154 60.96 72.46 84.34
N LYS T 155 60.90 71.73 83.23
CA LYS T 155 62.05 70.95 82.78
C LYS T 155 63.12 71.81 82.13
N LEU T 156 62.73 72.89 81.46
CA LEU T 156 63.66 73.83 80.87
C LEU T 156 64.32 74.75 81.88
N ARG T 157 63.67 75.00 83.01
CA ARG T 157 64.22 75.94 83.99
C ARG T 157 65.35 75.32 84.79
N LYS T 158 65.43 73.99 84.86
CA LYS T 158 66.53 73.34 85.55
C LYS T 158 67.85 73.50 84.83
N LEU T 159 67.85 74.00 83.61
CA LEU T 159 69.05 74.10 82.80
C LEU T 159 69.79 75.43 82.97
N SER T 160 69.29 76.33 83.82
CA SER T 160 69.91 77.64 83.95
C SER T 160 71.20 77.59 84.77
N GLU T 161 71.23 76.78 85.82
CA GLU T 161 72.40 76.75 86.69
C GLU T 161 73.64 76.29 85.95
N ILE T 162 73.47 75.46 84.93
CA ILE T 162 74.60 75.02 84.11
C ILE T 162 74.82 75.90 82.89
N ASN T 163 73.76 76.52 82.38
CA ASN T 163 73.92 77.52 81.32
C ASN T 163 74.81 78.66 81.80
N LYS T 164 74.63 79.10 83.03
CA LYS T 164 75.46 80.15 83.60
C LYS T 164 76.93 79.73 83.62
N LEU T 165 77.20 78.51 84.06
CA LEU T 165 78.57 78.08 84.27
C LEU T 165 79.29 77.82 82.95
N LEU T 166 78.58 77.25 81.97
CA LEU T 166 79.23 76.91 80.71
C LEU T 166 79.70 78.14 79.94
N ALA T 167 79.15 79.32 80.23
CA ALA T 167 79.49 80.53 79.52
C ALA T 167 80.58 81.35 80.19
N HIS T 168 80.57 81.42 81.53
CA HIS T 168 81.45 82.32 82.25
C HIS T 168 82.59 81.60 82.97
N ARG T 169 82.28 80.62 83.81
CA ARG T 169 83.29 79.90 84.57
C ARG T 169 83.08 78.39 84.40
N PRO T 170 83.58 77.82 83.30
CA PRO T 170 83.37 76.39 83.07
C PRO T 170 84.23 75.48 83.92
N TRP T 171 85.16 76.01 84.72
CA TRP T 171 86.00 75.15 85.54
C TRP T 171 85.32 74.75 86.84
N LEU T 172 84.11 75.22 87.09
CA LEU T 172 83.36 74.94 88.31
C LEU T 172 82.29 73.86 88.12
N ILE T 173 82.36 73.11 87.03
CA ILE T 173 81.36 72.08 86.73
C ILE T 173 81.82 70.77 87.35
N THR T 174 80.95 70.15 88.15
CA THR T 174 81.22 68.89 88.80
C THR T 174 80.13 67.88 88.44
N LYS T 175 80.26 66.67 88.97
CA LYS T 175 79.25 65.65 88.72
C LYS T 175 77.97 65.90 89.50
N GLU T 176 78.00 66.80 90.48
CA GLU T 176 76.80 67.11 91.24
C GLU T 176 75.72 67.74 90.36
N HIS T 177 76.12 68.65 89.46
CA HIS T 177 75.15 69.23 88.54
C HIS T 177 74.52 68.18 87.65
N ILE T 178 75.33 67.27 87.12
CA ILE T 178 74.81 66.22 86.26
C ILE T 178 73.84 65.33 87.03
N GLN T 179 74.16 65.02 88.29
CA GLN T 179 73.25 64.25 89.11
C GLN T 179 71.95 65.00 89.34
N ALA T 180 72.03 66.31 89.52
CA ALA T 180 70.83 67.12 89.70
C ALA T 180 69.94 67.07 88.46
N LEU T 181 70.54 67.13 87.28
CA LEU T 181 69.74 67.14 86.05
C LEU T 181 69.11 65.77 85.77
N LEU T 182 69.74 64.70 86.22
CA LEU T 182 69.36 63.34 85.82
C LEU T 182 68.82 62.52 86.99
N LYS T 183 68.10 63.15 87.91
CA LYS T 183 67.56 62.46 89.07
C LYS T 183 66.09 62.13 88.86
N THR T 184 65.63 61.06 89.52
CA THR T 184 64.27 60.60 89.33
C THR T 184 63.27 61.62 89.85
N GLY T 185 62.17 61.77 89.12
CA GLY T 185 61.17 62.76 89.47
C GLY T 185 60.12 62.84 88.41
N GLU T 186 59.41 63.97 88.40
CA GLU T 186 58.35 64.18 87.42
C GLU T 186 58.81 64.96 86.19
N HIS T 187 60.06 65.45 86.18
CA HIS T 187 60.57 66.19 85.03
C HIS T 187 62.01 65.80 84.71
N THR T 188 62.37 64.55 84.93
CA THR T 188 63.74 64.11 84.74
C THR T 188 64.15 64.21 83.27
N TRP T 189 65.39 64.62 83.05
CA TRP T 189 65.97 64.57 81.72
C TRP T 189 66.45 63.16 81.41
N SER T 190 66.87 62.95 80.17
CA SER T 190 67.53 61.74 79.75
C SER T 190 68.95 62.06 79.28
N LEU T 191 69.76 61.02 79.17
CA LEU T 191 71.14 61.19 78.75
C LEU T 191 71.27 61.37 77.24
N ALA T 192 70.19 61.18 76.48
CA ALA T 192 70.19 61.45 75.05
C ALA T 192 69.56 62.79 74.69
N GLU T 193 68.85 63.43 75.61
CA GLU T 193 68.42 64.81 75.43
C GLU T 193 69.38 65.79 76.05
N LEU T 194 70.04 65.40 77.15
CA LEU T 194 71.02 66.27 77.78
C LEU T 194 72.21 66.51 76.86
N ILE T 195 72.66 65.47 76.15
CA ILE T 195 73.84 65.60 75.29
C ILE T 195 73.62 66.56 74.13
N GLN T 196 72.43 66.62 73.56
CA GLN T 196 72.12 67.58 72.51
C GLN T 196 71.97 68.99 73.03
N ALA T 197 71.32 69.17 74.18
CA ALA T 197 71.21 70.49 74.77
C ALA T 197 72.58 71.05 75.13
N LEU T 198 73.48 70.20 75.62
CA LEU T 198 74.83 70.65 75.95
C LEU T 198 75.55 71.18 74.71
N VAL T 199 75.46 70.45 73.60
CA VAL T 199 76.12 70.91 72.39
C VAL T 199 75.46 72.18 71.86
N LEU T 200 74.14 72.30 72.00
CA LEU T 200 73.47 73.53 71.58
C LEU T 200 73.94 74.73 72.40
N LEU T 201 74.07 74.57 73.71
CA LEU T 201 74.42 75.70 74.56
C LEU T 201 75.80 76.26 74.23
N THR T 202 76.80 75.40 74.03
CA THR T 202 78.14 75.84 73.71
C THR T 202 78.29 76.30 72.27
N HIS T 203 77.28 76.07 71.44
CA HIS T 203 77.27 76.54 70.06
C HIS T 203 76.74 77.96 69.95
N CYS T 204 75.64 78.26 70.62
CA CYS T 204 75.09 79.62 70.61
C CYS T 204 75.94 80.58 71.42
N HIS T 205 76.78 80.07 72.32
CA HIS T 205 77.66 80.94 73.08
C HIS T 205 78.80 81.46 72.22
N SER T 206 79.55 80.55 71.60
CA SER T 206 80.73 80.89 70.81
C SER T 206 80.39 81.68 69.56
N LEU T 207 79.21 81.48 68.97
CA LEU T 207 78.81 82.25 67.82
C LEU T 207 78.45 83.68 68.16
N SER T 208 78.02 83.93 69.40
CA SER T 208 77.81 85.31 69.84
C SER T 208 79.11 86.10 69.83
N SER T 209 80.21 85.47 70.23
CA SER T 209 81.51 86.15 70.21
C SER T 209 81.88 86.54 68.78
N PHE T 210 81.67 85.65 67.82
CA PHE T 210 81.95 85.98 66.43
C PHE T 210 81.05 87.09 65.93
N VAL T 211 79.78 87.07 66.31
CA VAL T 211 78.86 88.12 65.89
C VAL T 211 79.30 89.47 66.43
N PHE T 212 79.67 89.52 67.70
CA PHE T 212 79.98 90.77 68.36
C PHE T 212 81.39 91.28 68.10
N GLY T 213 82.30 90.41 67.67
CA GLY T 213 83.67 90.82 67.48
C GLY T 213 83.99 91.18 66.04
N CYS T 214 83.08 90.88 65.13
CA CYS T 214 83.21 91.27 63.73
C CYS T 214 82.26 92.39 63.35
N GLY T 215 81.53 92.94 64.31
CA GLY T 215 80.67 94.09 64.05
C GLY T 215 79.55 93.86 63.07
N ILE T 216 78.75 92.82 63.30
CA ILE T 216 77.67 92.50 62.37
C ILE T 216 76.51 93.47 62.56
N LEU T 217 76.02 94.02 61.46
CA LEU T 217 74.98 95.04 61.50
C LEU T 217 73.61 94.38 61.48
N PRO T 218 72.59 94.99 62.10
CA PRO T 218 71.30 94.30 62.29
C PRO T 218 70.57 93.92 61.01
N GLU T 219 71.04 94.39 59.86
CA GLU T 219 70.40 94.10 58.58
C GLU T 219 68.92 94.49 58.58
N PRO T 233 76.43 98.21 54.00
CA PRO T 233 77.50 97.25 54.25
C PRO T 233 77.05 96.11 55.17
N PRO T 234 77.73 94.97 55.11
CA PRO T 234 77.39 93.88 56.03
C PRO T 234 77.99 94.05 57.41
N SER T 235 79.18 94.61 57.53
CA SER T 235 79.87 94.71 58.80
C SER T 235 80.29 96.14 59.06
N GLU T 236 80.16 96.57 60.32
CA GLU T 236 80.51 97.92 60.72
C GLU T 236 82.00 98.14 60.82
N GLN T 237 82.81 97.07 60.79
CA GLN T 237 84.23 97.19 61.00
C GLN T 237 85.06 96.80 59.78
N SER T 238 84.49 96.04 58.86
CA SER T 238 85.16 95.69 57.61
C SER T 238 84.31 96.18 56.45
N SER T 239 84.94 96.90 55.51
CA SER T 239 84.20 97.41 54.37
C SER T 239 84.94 97.07 53.07
N PRO T 240 84.27 96.44 52.10
CA PRO T 240 84.87 96.05 50.82
C PRO T 240 85.16 97.24 49.92
N ASP T 311 63.49 93.18 77.63
CA ASP T 311 63.27 92.01 76.79
C ASP T 311 64.30 90.93 77.06
N MET T 312 65.58 91.28 76.90
CA MET T 312 66.65 90.30 77.14
C MET T 312 66.73 89.89 78.60
N LEU T 313 66.58 90.85 79.52
CA LEU T 313 66.75 90.56 80.93
C LEU T 313 65.73 89.56 81.45
N CYS T 314 64.62 89.39 80.73
CA CYS T 314 63.57 88.46 81.15
C CYS T 314 63.95 87.00 80.94
N PHE T 315 65.06 86.71 80.25
CA PHE T 315 65.41 85.35 79.88
C PHE T 315 66.66 84.86 80.61
N VAL T 316 67.05 85.54 81.68
CA VAL T 316 68.29 85.23 82.38
C VAL T 316 68.04 85.12 83.87
N GLU T 317 68.96 84.43 84.54
CA GLU T 317 68.96 84.30 86.00
C GLU T 317 70.31 84.76 86.50
N ASP T 318 70.30 85.63 87.53
CA ASP T 318 71.50 86.25 88.07
C ASP T 318 72.31 86.93 86.98
N PRO T 319 71.83 88.04 86.41
CA PRO T 319 72.57 88.71 85.34
C PRO T 319 73.89 89.31 85.77
N THR T 320 74.10 89.54 87.07
CA THR T 320 75.32 90.20 87.52
C THR T 320 76.53 89.27 87.42
N PHE T 321 76.31 87.99 87.14
CA PHE T 321 77.41 87.05 87.07
C PHE T 321 78.28 87.34 85.85
N GLY T 322 79.54 86.93 85.94
CA GLY T 322 80.49 87.22 84.88
C GLY T 322 81.77 86.46 85.08
N TYR T 323 82.76 86.81 84.26
CA TYR T 323 84.02 86.10 84.23
C TYR T 323 84.99 86.65 85.27
N GLU T 324 85.46 85.78 86.16
CA GLU T 324 86.58 86.09 87.03
C GLU T 324 87.86 85.52 86.41
N ASP T 325 88.99 85.84 86.98
CA ASP T 325 90.26 85.45 86.39
C ASP T 325 90.66 84.06 86.86
N PHE T 326 91.90 83.66 86.56
CA PHE T 326 92.51 82.41 87.01
C PHE T 326 91.88 81.19 86.34
N THR T 327 92.35 80.01 86.71
CA THR T 327 91.92 78.77 86.07
C THR T 327 90.53 78.38 86.52
N PRO T 334 90.85 75.63 92.05
CA PRO T 334 91.53 75.70 90.75
C PRO T 334 92.76 74.79 90.66
N PRO T 335 92.54 73.47 90.57
CA PRO T 335 93.66 72.52 90.51
C PRO T 335 94.20 72.27 89.11
N THR T 336 93.87 73.13 88.14
CA THR T 336 94.38 73.05 86.78
C THR T 336 93.87 71.81 86.05
N PHE T 337 94.08 71.75 84.74
CA PHE T 337 93.52 70.72 83.86
C PHE T 337 94.64 70.34 82.90
N ARG T 338 95.38 69.29 83.24
CA ARG T 338 96.45 68.84 82.36
C ARG T 338 95.85 68.31 81.07
N ALA T 339 96.29 68.85 79.94
CA ALA T 339 95.62 68.57 78.67
C ALA T 339 95.73 67.11 78.27
N GLN T 340 96.84 66.46 78.60
CA GLN T 340 97.09 65.10 78.13
C GLN T 340 96.47 64.03 79.03
N ASP T 341 95.77 64.42 80.10
CA ASP T 341 95.04 63.45 80.89
C ASP T 341 93.61 63.24 80.38
N TYR T 342 93.10 64.15 79.55
CA TYR T 342 91.76 64.01 78.98
C TYR T 342 91.73 64.86 77.71
N THR T 343 91.75 64.20 76.56
CA THR T 343 91.97 64.84 75.27
C THR T 343 90.80 64.56 74.32
N TRP T 344 90.61 65.47 73.36
CA TRP T 344 89.65 65.26 72.27
C TRP T 344 90.44 64.72 71.09
N GLU T 345 90.44 63.40 70.96
CA GLU T 345 91.02 62.63 69.87
C GLU T 345 91.13 61.20 70.36
N ASP T 346 91.10 61.04 71.67
CA ASP T 346 91.35 59.77 72.32
C ASP T 346 90.31 59.47 73.38
N HIS T 347 89.72 60.51 73.97
CA HIS T 347 88.84 60.35 75.11
C HIS T 347 87.43 60.86 74.88
N GLY T 348 87.27 62.12 74.45
CA GLY T 348 85.93 62.68 74.28
C GLY T 348 85.20 62.24 73.04
N TYR T 349 85.94 61.96 71.95
CA TYR T 349 85.33 61.48 70.73
C TYR T 349 84.62 60.17 70.96
N SER T 350 85.24 59.25 71.70
CA SER T 350 84.68 57.94 71.95
C SER T 350 83.42 57.97 72.80
N LEU T 351 83.21 59.04 73.57
CA LEU T 351 81.98 59.16 74.35
C LEU T 351 80.89 59.86 73.54
N ILE T 352 81.21 60.88 72.80
CA ILE T 352 80.17 61.49 72.03
C ILE T 352 79.78 60.67 70.87
N GLN T 353 80.61 59.76 70.42
CA GLN T 353 80.19 58.88 69.34
C GLN T 353 79.11 57.91 69.80
N ARG T 354 79.17 57.46 71.05
CA ARG T 354 78.20 56.51 71.54
C ARG T 354 77.00 57.16 72.22
N LEU T 355 77.09 58.43 72.60
CA LEU T 355 75.92 59.11 73.15
C LEU T 355 75.12 59.89 72.10
N TYR T 356 75.80 60.57 71.19
CA TYR T 356 75.16 61.38 70.14
C TYR T 356 75.90 61.10 68.84
N PRO T 357 75.64 59.95 68.21
CA PRO T 357 76.54 59.47 67.13
C PRO T 357 76.65 60.41 65.95
N GLU T 358 75.55 61.02 65.52
CA GLU T 358 75.59 61.82 64.30
C GLU T 358 76.24 63.17 64.51
N GLY T 359 76.33 63.63 65.76
CA GLY T 359 76.89 64.93 66.04
C GLY T 359 78.27 64.88 66.66
N GLY T 360 79.03 63.85 66.35
CA GLY T 360 80.42 63.79 66.75
C GLY T 360 81.31 63.84 65.55
N GLN T 361 80.86 63.24 64.45
CA GLN T 361 81.58 63.28 63.20
C GLN T 361 81.66 64.69 62.64
N LEU T 362 80.53 65.39 62.63
CA LEU T 362 80.52 66.77 62.17
C LEU T 362 81.37 67.66 63.06
N LEU T 363 81.35 67.42 64.37
CA LEU T 363 82.19 68.20 65.28
C LEU T 363 83.66 67.98 64.97
N ASP T 364 84.04 66.73 64.72
CA ASP T 364 85.43 66.44 64.39
C ASP T 364 85.84 67.11 63.09
N GLU T 365 84.95 67.08 62.08
CA GLU T 365 85.27 67.75 60.82
C GLU T 365 85.41 69.26 61.01
N LYS T 366 84.55 69.86 61.83
CA LYS T 366 84.66 71.28 62.10
C LYS T 366 85.97 71.61 62.80
N PHE T 367 86.35 70.82 63.80
CA PHE T 367 87.62 71.06 64.48
C PHE T 367 88.81 70.87 63.56
N GLN T 368 88.75 69.90 62.65
CA GLN T 368 89.87 69.62 61.77
C GLN T 368 89.99 70.60 60.61
N ALA T 369 88.88 71.18 60.16
CA ALA T 369 88.97 72.21 59.12
C ALA T 369 89.09 73.59 59.73
N ALA T 370 89.97 73.70 60.72
CA ALA T 370 90.46 74.98 61.21
C ALA T 370 91.91 74.80 61.64
N TYR T 371 92.42 73.59 61.48
CA TYR T 371 93.81 73.27 61.73
C TYR T 371 94.58 73.24 60.42
N SER T 372 93.87 73.48 59.32
CA SER T 372 94.47 73.69 58.02
C SER T 372 93.88 74.95 57.41
N LEU T 373 94.49 76.09 57.72
CA LEU T 373 93.98 77.39 57.28
C LEU T 373 95.15 78.36 57.34
N THR T 374 95.61 78.84 56.19
CA THR T 374 96.93 79.43 56.06
C THR T 374 96.99 80.85 56.60
N PHE T 375 98.21 81.25 56.97
CA PHE T 375 98.57 82.61 57.31
C PHE T 375 99.65 83.08 56.35
N ASN T 376 99.48 84.30 55.81
CA ASN T 376 100.52 84.79 54.91
C ASN T 376 101.67 85.43 55.66
N THR T 377 101.43 86.61 56.26
CA THR T 377 102.41 87.39 57.01
C THR T 377 103.85 87.29 56.47
N ILE T 378 104.82 87.57 57.35
CA ILE T 378 106.24 87.28 57.13
C ILE T 378 106.91 87.11 58.49
N VAL T 384 108.53 82.16 61.78
CA VAL T 384 107.20 82.00 62.37
C VAL T 384 106.59 80.68 61.92
N ASP T 385 106.99 80.22 60.73
CA ASP T 385 106.63 78.91 60.19
C ASP T 385 105.16 78.78 59.88
N THR T 386 104.37 79.83 60.15
CA THR T 386 102.96 79.96 59.78
C THR T 386 102.05 78.96 60.49
N SER T 387 102.58 78.15 61.40
CA SER T 387 101.75 77.26 62.21
C SER T 387 102.12 77.38 63.68
N VAL T 388 103.38 77.72 63.94
CA VAL T 388 103.79 78.03 65.29
C VAL T 388 102.98 79.19 65.86
N LEU T 389 102.65 80.16 65.01
CA LEU T 389 101.77 81.25 65.44
C LEU T 389 100.36 80.75 65.69
N ARG T 390 99.90 79.76 64.92
CA ARG T 390 98.59 79.18 65.17
C ARG T 390 98.52 78.52 66.54
N ARG T 391 99.56 77.77 66.91
CA ARG T 391 99.56 77.07 68.19
C ARG T 391 99.50 78.06 69.36
N ALA T 392 100.13 79.22 69.20
CA ALA T 392 100.21 80.19 70.28
C ALA T 392 98.83 80.71 70.68
N ILE T 393 97.98 81.04 69.70
CA ILE T 393 96.64 81.53 70.01
C ILE T 393 95.83 80.47 70.74
N TRP T 394 95.87 79.24 70.24
CA TRP T 394 95.17 78.13 70.86
C TRP T 394 95.58 77.96 72.32
N ASN T 395 96.89 77.90 72.55
CA ASN T 395 97.39 77.68 73.90
C ASN T 395 97.09 78.86 74.80
N TYR T 396 97.12 80.08 74.27
CA TYR T 396 96.82 81.26 75.08
C TYR T 396 95.36 81.23 75.55
N ILE T 397 94.44 80.92 74.64
CA ILE T 397 93.03 80.87 75.04
C ILE T 397 92.80 79.75 76.06
N HIS T 398 93.37 78.56 75.81
CA HIS T 398 93.15 77.47 76.74
C HIS T 398 93.79 77.76 78.10
N CYS T 399 94.89 78.50 78.11
CA CYS T 399 95.48 78.93 79.37
C CYS T 399 94.59 79.94 80.08
N VAL T 400 93.97 80.85 79.33
CA VAL T 400 93.02 81.78 79.90
C VAL T 400 91.82 81.09 80.49
N PHE T 401 91.47 79.90 80.01
CA PHE T 401 90.32 79.18 80.55
C PHE T 401 90.69 78.08 81.54
N GLY T 402 91.98 77.80 81.76
CA GLY T 402 92.44 76.94 82.83
C GLY T 402 93.26 75.74 82.38
N ILE T 403 93.16 75.37 81.12
CA ILE T 403 93.82 74.16 80.61
C ILE T 403 95.25 74.50 80.21
N ARG T 404 96.19 73.68 80.67
CA ARG T 404 97.60 73.87 80.41
C ARG T 404 98.20 72.62 79.79
N TYR T 405 98.93 72.79 78.69
CA TYR T 405 99.64 71.67 78.08
C TYR T 405 100.99 71.48 78.77
N ASP T 406 101.65 70.39 78.41
CA ASP T 406 102.90 70.00 79.07
C ASP T 406 104.13 70.19 78.22
N ASP T 407 104.05 69.92 76.92
CA ASP T 407 105.20 70.07 76.02
C ASP T 407 105.21 71.44 75.34
N TYR T 408 105.06 72.49 76.13
CA TYR T 408 105.02 73.85 75.59
C TYR T 408 105.95 74.74 76.38
N ASP T 409 106.70 75.59 75.69
CA ASP T 409 107.49 76.62 76.33
C ASP T 409 106.67 77.90 76.31
N TYR T 410 106.08 78.24 77.46
CA TYR T 410 105.11 79.33 77.51
C TYR T 410 105.77 80.69 77.38
N GLY T 411 107.09 80.73 77.38
CA GLY T 411 107.81 81.94 77.08
C GLY T 411 107.58 82.38 75.65
N GLU T 412 107.28 81.41 74.78
CA GLU T 412 107.03 81.67 73.37
C GLU T 412 105.84 82.59 73.16
N VAL T 413 104.91 82.61 74.12
CA VAL T 413 103.68 83.38 73.94
C VAL T 413 103.98 84.86 73.78
N ASN T 414 104.88 85.39 74.60
CA ASN T 414 105.17 86.82 74.54
C ASN T 414 105.85 87.20 73.23
N GLN T 415 107.02 86.64 72.94
CA GLN T 415 107.71 87.03 71.72
C GLN T 415 107.22 86.24 70.52
N LEU T 416 105.90 86.10 70.38
CA LEU T 416 105.29 85.70 69.12
C LEU T 416 103.96 86.42 68.95
N LEU T 417 103.55 87.18 69.96
CA LEU T 417 102.22 87.76 70.03
C LEU T 417 102.35 89.20 70.48
N GLU T 418 101.93 90.13 69.63
CA GLU T 418 102.00 91.54 70.00
C GLU T 418 101.09 91.83 71.18
N ARG T 419 101.48 92.81 71.98
CA ARG T 419 100.73 93.17 73.18
C ARG T 419 99.37 93.78 72.88
N ASN T 420 99.11 94.13 71.63
CA ASN T 420 97.80 94.64 71.23
C ASN T 420 96.83 93.53 70.85
N LEU T 421 97.30 92.30 70.69
CA LEU T 421 96.40 91.17 70.44
C LEU T 421 95.83 90.65 71.76
N LYS T 422 96.68 90.40 72.74
CA LYS T 422 96.26 89.83 74.01
C LYS T 422 95.16 90.64 74.70
N VAL T 423 94.96 91.90 74.28
CA VAL T 423 93.86 92.69 74.80
C VAL T 423 92.60 92.59 73.96
N TYR T 424 92.70 92.05 72.74
CA TYR T 424 91.54 91.87 71.87
C TYR T 424 91.01 90.45 71.91
N ILE T 425 91.92 89.48 71.92
CA ILE T 425 91.53 88.08 72.10
C ILE T 425 90.82 87.90 73.43
N LYS T 426 91.39 88.48 74.50
CA LYS T 426 90.80 88.33 75.82
C LYS T 426 89.46 89.05 75.93
N THR T 427 89.30 90.17 75.24
CA THR T 427 88.04 90.89 75.32
C THR T 427 86.96 90.27 74.45
N VAL T 428 87.34 89.54 73.40
CA VAL T 428 86.35 88.89 72.56
C VAL T 428 85.84 87.59 73.17
N ALA T 429 86.69 86.87 73.89
CA ALA T 429 86.34 85.56 74.43
C ALA T 429 85.75 85.61 75.83
N CYS T 430 86.03 86.66 76.61
CA CYS T 430 85.56 86.71 77.98
C CYS T 430 84.42 87.71 78.18
N TYR T 431 84.50 88.88 77.55
CA TYR T 431 83.44 89.88 77.60
C TYR T 431 83.12 90.37 76.20
N PRO T 432 82.41 89.56 75.40
CA PRO T 432 82.15 89.97 74.01
C PRO T 432 81.31 91.23 73.88
N GLU T 433 80.62 91.66 74.92
CA GLU T 433 79.72 92.81 74.81
C GLU T 433 80.49 94.10 74.55
N LYS T 434 81.56 94.33 75.30
CA LYS T 434 82.26 95.62 75.24
C LYS T 434 83.49 95.54 74.33
N THR T 435 83.22 95.44 73.03
CA THR T 435 84.25 95.48 72.01
C THR T 435 83.93 96.66 71.09
N THR T 436 84.91 97.54 70.89
CA THR T 436 84.71 98.79 70.18
C THR T 436 85.48 98.78 68.85
N ARG T 437 85.06 99.66 67.95
CA ARG T 437 85.66 99.74 66.62
C ARG T 437 87.11 100.21 66.71
N ARG T 438 87.49 100.83 67.83
CA ARG T 438 88.88 101.23 68.01
C ARG T 438 89.78 100.02 68.12
N MET T 439 89.44 99.09 69.03
CA MET T 439 90.28 97.93 69.31
C MET T 439 90.58 97.12 68.07
N TYR T 440 89.65 97.14 67.10
CA TYR T 440 89.80 96.37 65.87
C TYR T 440 90.89 96.93 64.96
N ASN T 441 91.31 98.17 65.17
CA ASN T 441 92.22 98.83 64.24
C ASN T 441 93.56 99.22 64.85
N LEU T 442 94.07 98.50 65.86
CA LEU T 442 95.44 98.78 66.28
C LEU T 442 96.25 97.50 66.49
N PHE T 443 95.81 96.39 65.92
CA PHE T 443 96.62 95.19 65.91
C PHE T 443 96.63 94.64 64.50
N TRP T 444 97.80 94.18 64.05
CA TRP T 444 97.98 93.77 62.66
C TRP T 444 97.57 94.90 61.72
N ARG T 445 97.99 96.12 62.05
CA ARG T 445 97.44 97.32 61.42
C ARG T 445 97.73 97.36 59.93
N HIS T 446 98.78 96.68 59.48
CA HIS T 446 99.20 96.78 58.09
C HIS T 446 98.71 95.65 57.20
N PHE T 447 98.17 94.57 57.77
CA PHE T 447 97.81 93.40 56.98
C PHE T 447 96.32 93.36 56.68
N ARG T 448 95.96 92.49 55.73
CA ARG T 448 94.63 92.45 55.15
C ARG T 448 93.55 92.05 56.14
N HIS T 449 92.30 92.32 55.80
CA HIS T 449 91.17 91.94 56.64
C HIS T 449 90.89 90.45 56.61
N SER T 450 91.27 89.76 55.53
CA SER T 450 91.07 88.32 55.47
C SER T 450 91.85 87.60 56.55
N GLU T 451 93.08 88.04 56.80
CA GLU T 451 93.88 87.40 57.84
C GLU T 451 93.29 87.64 59.23
N LYS T 452 92.67 88.81 59.42
CA LYS T 452 92.22 89.19 60.75
C LYS T 452 90.79 88.73 61.04
N VAL T 453 90.02 88.33 60.03
CA VAL T 453 88.80 87.55 60.25
C VAL T 453 89.11 86.07 60.38
N HIS T 454 90.38 85.70 60.26
CA HIS T 454 90.80 84.32 60.32
C HIS T 454 91.32 84.06 61.73
N VAL T 455 91.09 85.02 62.62
CA VAL T 455 91.49 84.91 64.02
C VAL T 455 90.24 84.72 64.87
N ASN T 456 89.13 85.33 64.44
CA ASN T 456 87.86 85.02 65.07
C ASN T 456 87.43 83.59 64.81
N LEU T 457 87.68 83.07 63.60
CA LEU T 457 87.40 81.68 63.29
C LEU T 457 88.23 80.72 64.12
N LEU T 458 89.44 81.11 64.51
CA LEU T 458 90.33 80.30 65.32
C LEU T 458 90.06 80.44 66.80
N LEU T 459 89.12 81.32 67.18
CA LEU T 459 88.81 81.55 68.57
C LEU T 459 87.49 80.91 68.99
N LEU T 460 86.58 80.66 68.06
CA LEU T 460 85.34 79.96 68.37
C LEU T 460 85.63 78.57 68.91
N GLU T 461 86.47 77.82 68.20
CA GLU T 461 86.69 76.42 68.54
C GLU T 461 87.60 76.26 69.74
N ALA T 462 88.60 77.12 69.90
CA ALA T 462 89.40 77.11 71.10
C ALA T 462 88.60 77.45 72.34
N ARG T 463 87.43 78.05 72.16
CA ARG T 463 86.50 78.33 73.25
C ARG T 463 85.49 77.22 73.45
N MET T 464 85.05 76.59 72.36
CA MET T 464 84.05 75.53 72.42
C MET T 464 84.65 74.25 72.99
N GLN T 465 85.89 73.94 72.59
CA GLN T 465 86.52 72.69 72.99
C GLN T 465 86.71 72.63 74.50
N ALA T 466 87.05 73.76 75.12
CA ALA T 466 87.26 73.78 76.55
C ALA T 466 85.96 73.46 77.30
N ALA T 467 84.87 74.12 76.92
CA ALA T 467 83.59 73.86 77.56
C ALA T 467 83.12 72.43 77.33
N LEU T 468 83.28 71.92 76.11
CA LEU T 468 82.89 70.54 75.84
C LEU T 468 83.70 69.56 76.68
N LEU T 469 85.01 69.78 76.78
CA LEU T 469 85.85 68.89 77.58
C LEU T 469 85.46 68.92 79.04
N TYR T 470 85.19 70.10 79.58
CA TYR T 470 84.78 70.20 80.98
C TYR T 470 83.44 69.51 81.24
N ALA T 471 82.49 69.62 80.33
CA ALA T 471 81.22 68.92 80.51
C ALA T 471 81.39 67.40 80.38
N LEU T 472 82.16 66.95 79.38
CA LEU T 472 82.38 65.53 79.17
C LEU T 472 83.10 64.89 80.34
N ARG T 473 84.02 65.60 80.99
CA ARG T 473 84.65 65.08 82.20
C ARG T 473 83.63 64.82 83.31
N ALA T 474 82.70 65.76 83.51
CA ALA T 474 81.68 65.55 84.53
C ALA T 474 80.80 64.36 84.19
N ILE T 475 80.43 64.23 82.91
CA ILE T 475 79.59 63.11 82.51
C ILE T 475 80.31 61.79 82.74
N THR T 476 81.59 61.71 82.35
CA THR T 476 82.34 60.47 82.51
C THR T 476 82.70 60.18 83.95
N ARG T 477 82.71 61.18 84.83
CA ARG T 477 82.87 60.93 86.25
C ARG T 477 81.58 60.51 86.92
N TYR T 478 80.43 60.91 86.38
CA TYR T 478 79.15 60.47 86.91
C TYR T 478 78.84 59.02 86.57
N MET T 479 79.39 58.51 85.47
CA MET T 479 79.13 57.15 85.03
C MET T 479 80.17 56.15 85.50
N THR T 480 81.15 56.60 86.27
CA THR T 480 82.20 55.72 86.75
C THR T 480 82.06 55.46 88.25
#